data_4ZX9
#
_entry.id   4ZX9
#
_cell.length_a   173.849
_cell.length_b   176.970
_cell.length_c   229.862
_cell.angle_alpha   90.000
_cell.angle_beta   90.000
_cell.angle_gamma   90.000
#
_symmetry.space_group_name_H-M   'P 21 21 21'
#
loop_
_entity.id
_entity.type
_entity.pdbx_description
1 polymer 'Probable M17 family aminopeptidase'
2 non-polymer N-[(1R)-1-(4-bromophenyl)-2-(hydroxyamino)-2-oxoethyl]-2,2-dimethylpropanamide
3 non-polymer 'ZINC ION'
4 non-polymer 'CARBONATE ION'
5 non-polymer GLYCEROL
6 non-polymer 'PENTAETHYLENE GLYCOL'
7 non-polymer 'SULFATE ION'
8 non-polymer 'DIMETHYL SULFOXIDE'
9 water water
#
_entity_poly.entity_id   1
_entity_poly.type   'polypeptide(L)'
_entity_poly.pdbx_seq_one_letter_code
;RKMASEVPQVVSLDPTSIPIEYNTPIHDIKVQVYDIKGGCNVEEGLTIFLVNNPGKENGPVKISSKVNDKQVSEFLKDEN
MEKFNVKLGTSKHFYMFNDNKNSVAVGYVGCGSVADLSEADMKRVVLSLVTMLHDNKLSKLTVVFEINVDKNLFRFFLET
LFYEYMTDERFKSTDKNVNMEYIKHLGVYINNADTYKEEVEKARVYYFGTYYASQLIAAPSNYCNPVSLSNAAVELAQKL
NLEYKILGVKELEELKMGAYLSVGKGSMYPNKFIHLTYKSKGDVKKKIALVGKGITFDSGGYNLKAAPGSMIDLMKFDMS
GCAAVLGCAYCVGTLKPENVEIHFLSAVCENMVSKNSYRPGDIITASNGKTIEVGNTDAEGRLTLADALVYAEKLGVDYI
VDIATLTGAMLYSLGTSYAGVFGNNEELINKILQSSKTSNEPVWWLPIINEYRATLNSKYADINQISSSVKASSIVASLF
LKEFVQNTAWAHIDIAGVSWNFKARKPKGFGVRLLTEFVLND
;
_entity_poly.pdbx_strand_id   A,B,C,D,E,F,G,H,I,J,K,L
#
# COMPACT_ATOMS: atom_id res chain seq x y z
N ALA A 4 37.06 62.89 9.99
CA ALA A 4 36.03 62.72 11.01
C ALA A 4 35.29 64.03 11.26
N SER A 5 34.03 63.92 11.68
CA SER A 5 33.22 65.11 11.96
C SER A 5 33.18 65.38 13.47
N GLU A 6 32.94 66.62 13.84
CA GLU A 6 32.83 67.00 15.24
C GLU A 6 31.42 66.77 15.76
N VAL A 7 31.30 65.97 16.80
CA VAL A 7 30.01 65.64 17.39
C VAL A 7 29.41 66.84 18.12
N PRO A 8 28.23 67.28 17.68
CA PRO A 8 27.53 68.41 18.31
C PRO A 8 27.11 68.09 19.74
N GLN A 9 27.00 69.12 20.59
CA GLN A 9 26.63 68.93 21.98
C GLN A 9 25.60 69.94 22.43
N VAL A 10 24.71 69.52 23.32
CA VAL A 10 23.78 70.45 23.96
C VAL A 10 24.45 71.05 25.19
N VAL A 11 25.13 70.19 25.96
CA VAL A 11 25.97 70.64 27.05
C VAL A 11 27.35 69.99 26.91
N SER A 12 28.36 70.55 27.58
CA SER A 12 29.72 70.08 27.46
C SER A 12 29.89 68.65 27.98
N LEU A 13 28.99 68.24 28.85
CA LEU A 13 29.05 66.90 29.44
C LEU A 13 28.56 65.82 28.49
N ASP A 14 27.98 66.22 27.36
CA ASP A 14 27.57 65.28 26.33
C ASP A 14 28.81 64.62 25.73
N PRO A 15 28.85 63.27 25.72
CA PRO A 15 29.97 62.53 25.15
C PRO A 15 30.16 62.81 23.66
N THR A 16 31.40 62.77 23.20
CA THR A 16 31.71 63.10 21.81
C THR A 16 32.31 61.92 21.04
N SER A 17 32.26 60.74 21.64
CA SER A 17 32.74 59.54 20.96
C SER A 17 32.21 58.27 21.64
N ILE A 18 32.16 57.20 20.87
CA ILE A 18 31.81 55.88 21.41
C ILE A 18 33.04 55.23 21.99
N PRO A 19 33.00 54.89 23.28
CA PRO A 19 34.12 54.15 23.87
C PRO A 19 34.22 52.76 23.26
N ILE A 20 35.37 52.45 22.65
CA ILE A 20 35.56 51.17 22.00
C ILE A 20 36.78 50.44 22.54
N GLU A 21 36.59 49.19 22.95
CA GLU A 21 37.68 48.35 23.40
C GLU A 21 38.08 47.37 22.30
N TYR A 22 39.27 47.58 21.74
CA TYR A 22 39.76 46.72 20.67
C TYR A 22 40.54 45.54 21.22
N ASN A 23 41.42 45.80 22.17
CA ASN A 23 42.22 44.74 22.78
C ASN A 23 41.55 44.19 24.04
N THR A 24 40.77 43.13 23.86
CA THR A 24 40.06 42.50 24.96
C THR A 24 40.93 41.44 25.61
N PRO A 25 40.68 41.12 26.89
CA PRO A 25 41.40 40.05 27.59
C PRO A 25 41.39 38.72 26.84
N ILE A 26 40.36 38.51 26.02
CA ILE A 26 40.26 37.32 25.18
C ILE A 26 41.43 37.24 24.19
N HIS A 27 41.86 38.40 23.71
CA HIS A 27 42.96 38.47 22.75
C HIS A 27 44.31 38.12 23.38
N ASP A 28 44.37 38.13 24.72
CA ASP A 28 45.60 37.80 25.42
C ASP A 28 45.65 36.32 25.79
N ILE A 29 44.57 35.60 25.50
CA ILE A 29 44.49 34.18 25.81
C ILE A 29 45.22 33.32 24.79
N LYS A 30 46.24 32.60 25.23
CA LYS A 30 46.91 31.63 24.39
C LYS A 30 46.06 30.36 24.30
N VAL A 31 45.78 29.91 23.08
CA VAL A 31 44.97 28.72 22.88
C VAL A 31 45.80 27.55 22.37
N GLN A 32 45.81 26.47 23.14
CA GLN A 32 46.57 25.27 22.76
C GLN A 32 45.61 24.11 22.51
N VAL A 33 45.81 23.42 21.39
CA VAL A 33 44.95 22.29 21.04
C VAL A 33 45.74 20.99 21.02
N TYR A 34 45.25 20.00 21.76
CA TYR A 34 45.93 18.71 21.84
C TYR A 34 45.03 17.58 21.35
N ASP A 35 45.64 16.49 20.90
CA ASP A 35 44.88 15.31 20.53
C ASP A 35 44.61 14.46 21.77
N ILE A 36 43.38 14.00 21.90
CA ILE A 36 42.97 13.24 23.08
C ILE A 36 43.71 11.91 23.19
N LYS A 37 44.03 11.31 22.05
CA LYS A 37 44.75 10.03 22.02
C LYS A 37 46.13 10.12 22.68
N GLY A 38 46.63 11.34 22.84
CA GLY A 38 47.90 11.56 23.48
C GLY A 38 47.81 11.57 25.00
N GLY A 39 46.58 11.54 25.51
CA GLY A 39 46.35 11.57 26.94
C GLY A 39 46.20 12.99 27.46
N CYS A 40 45.51 13.14 28.58
CA CYS A 40 45.24 14.46 29.13
C CYS A 40 46.14 14.79 30.32
N ASN A 41 46.68 16.00 30.32
CA ASN A 41 47.46 16.50 31.45
C ASN A 41 46.61 17.41 32.33
N VAL A 42 46.56 17.10 33.62
CA VAL A 42 45.76 17.88 34.55
C VAL A 42 46.64 18.60 35.56
N GLU A 43 46.81 19.91 35.37
CA GLU A 43 47.66 20.69 36.25
C GLU A 43 46.94 21.93 36.78
N GLU A 44 47.55 23.10 36.60
CA GLU A 44 47.02 24.32 37.19
C GLU A 44 45.68 24.72 36.59
N GLY A 45 44.92 25.53 37.32
CA GLY A 45 43.65 26.03 36.85
C GLY A 45 42.52 25.01 36.92
N LEU A 46 41.54 25.16 36.05
CA LEU A 46 40.37 24.28 36.03
C LEU A 46 40.32 23.45 34.76
N THR A 47 40.17 22.14 34.92
CA THR A 47 40.08 21.24 33.78
C THR A 47 38.66 20.66 33.69
N ILE A 48 37.98 20.94 32.57
CA ILE A 48 36.59 20.56 32.42
C ILE A 48 36.36 19.58 31.28
N PHE A 49 35.65 18.49 31.58
CA PHE A 49 35.30 17.48 30.58
C PHE A 49 33.89 17.70 30.04
N LEU A 50 33.74 17.65 28.72
CA LEU A 50 32.42 17.74 28.10
C LEU A 50 31.90 16.34 27.80
N VAL A 51 30.99 15.85 28.64
CA VAL A 51 30.53 14.47 28.51
C VAL A 51 29.04 14.36 28.19
N ASN A 52 28.67 13.26 27.55
CA ASN A 52 27.28 12.93 27.32
C ASN A 52 27.02 11.44 27.49
N ASN A 53 25.77 11.03 27.40
CA ASN A 53 25.43 9.62 27.42
C ASN A 53 24.31 9.35 26.41
N PRO A 54 24.69 8.98 25.19
CA PRO A 54 23.76 8.80 24.06
C PRO A 54 22.65 7.80 24.35
N GLY A 55 21.40 8.26 24.26
CA GLY A 55 20.26 7.39 24.43
C GLY A 55 19.80 7.26 25.88
N LYS A 56 20.69 7.61 26.81
CA LYS A 56 20.38 7.49 28.24
C LYS A 56 20.09 8.85 28.86
N GLU A 57 18.82 9.19 28.96
CA GLU A 57 18.40 10.46 29.57
C GLU A 57 18.85 10.54 31.03
N ASN A 58 19.56 11.61 31.36
CA ASN A 58 20.18 11.78 32.68
C ASN A 58 21.01 10.57 33.07
N GLY A 59 21.75 10.03 32.10
CA GLY A 59 22.59 8.87 32.33
C GLY A 59 23.84 9.23 33.11
N PRO A 60 24.56 8.20 33.59
CA PRO A 60 25.75 8.39 34.42
C PRO A 60 26.93 8.98 33.65
N VAL A 61 27.83 9.67 34.36
CA VAL A 61 29.01 10.25 33.74
C VAL A 61 30.11 9.19 33.59
N LYS A 62 30.70 9.12 32.40
CA LYS A 62 31.82 8.22 32.15
C LYS A 62 32.92 8.92 31.37
N ILE A 63 34.11 8.99 31.97
CA ILE A 63 35.26 9.61 31.32
C ILE A 63 36.02 8.57 30.51
N SER A 64 36.03 8.77 29.19
CA SER A 64 36.64 7.80 28.27
C SER A 64 38.10 8.13 27.97
N SER A 65 38.43 9.41 27.97
CA SER A 65 39.77 9.87 27.61
C SER A 65 40.83 9.38 28.59
N LYS A 66 42.03 9.11 28.06
CA LYS A 66 43.15 8.70 28.89
C LYS A 66 43.72 9.90 29.65
N VAL A 67 43.86 9.75 30.96
CA VAL A 67 44.46 10.79 31.78
C VAL A 67 45.86 10.38 32.22
N ASN A 68 46.84 11.19 31.85
CA ASN A 68 48.24 10.86 32.13
C ASN A 68 48.65 11.13 33.58
N ASP A 69 47.78 10.75 34.51
CA ASP A 69 48.05 10.90 35.93
C ASP A 69 47.37 9.76 36.70
N LYS A 70 48.15 9.03 37.49
CA LYS A 70 47.66 7.86 38.20
C LYS A 70 46.57 8.20 39.22
N GLN A 71 46.79 9.29 39.95
CA GLN A 71 45.85 9.73 40.97
C GLN A 71 44.52 10.20 40.37
N VAL A 72 44.61 11.02 39.33
CA VAL A 72 43.42 11.58 38.70
C VAL A 72 42.60 10.49 38.01
N SER A 73 43.28 9.54 37.37
CA SER A 73 42.61 8.44 36.69
C SER A 73 41.80 7.60 37.68
N GLU A 74 42.33 7.43 38.89
CA GLU A 74 41.62 6.71 39.95
C GLU A 74 40.39 7.50 40.39
N PHE A 75 40.54 8.81 40.51
CA PHE A 75 39.44 9.68 40.90
C PHE A 75 38.31 9.62 39.89
N LEU A 76 38.67 9.60 38.61
CA LEU A 76 37.70 9.69 37.53
C LEU A 76 37.27 8.33 36.99
N LYS A 77 37.49 7.27 37.78
CA LYS A 77 37.06 5.94 37.36
C LYS A 77 35.53 5.87 37.44
N ASP A 78 34.95 4.93 36.68
CA ASP A 78 33.50 4.87 36.49
C ASP A 78 32.71 4.74 37.78
N GLU A 79 33.27 4.03 38.75
CA GLU A 79 32.58 3.81 40.02
C GLU A 79 32.33 5.12 40.76
N ASN A 80 33.28 6.04 40.64
CA ASN A 80 33.18 7.33 41.31
C ASN A 80 32.28 8.32 40.56
N MET A 81 32.25 8.21 39.24
CA MET A 81 31.52 9.17 38.41
C MET A 81 30.05 8.79 38.21
N GLU A 82 29.69 7.58 38.61
CA GLU A 82 28.33 7.07 38.45
C GLU A 82 27.29 7.95 39.16
N LYS A 83 27.66 8.43 40.34
CA LYS A 83 26.77 9.24 41.16
C LYS A 83 26.34 10.55 40.48
N PHE A 84 27.09 10.95 39.46
CA PHE A 84 26.77 12.15 38.71
C PHE A 84 26.09 11.80 37.38
N ASN A 85 25.29 12.71 36.85
CA ASN A 85 24.59 12.48 35.60
C ASN A 85 24.93 13.49 34.51
N VAL A 86 24.49 13.22 33.29
CA VAL A 86 24.89 14.00 32.13
C VAL A 86 23.82 14.99 31.65
N LYS A 87 22.89 15.34 32.53
CA LYS A 87 21.81 16.27 32.18
C LYS A 87 22.38 17.58 31.62
N LEU A 88 21.82 18.02 30.50
CA LEU A 88 22.34 19.19 29.78
C LEU A 88 22.42 20.43 30.67
N GLY A 89 23.63 20.95 30.83
CA GLY A 89 23.85 22.15 31.62
C GLY A 89 24.35 21.87 33.02
N THR A 90 24.19 20.64 33.48
CA THR A 90 24.65 20.25 34.80
C THR A 90 26.18 20.26 34.85
N SER A 91 26.73 20.79 35.93
CA SER A 91 28.17 20.88 36.08
C SER A 91 28.60 20.56 37.52
N LYS A 92 29.82 20.03 37.66
CA LYS A 92 30.35 19.67 38.98
C LYS A 92 31.83 20.01 39.10
N HIS A 93 32.27 20.31 40.32
CA HIS A 93 33.67 20.64 40.59
C HIS A 93 34.34 19.55 41.43
N PHE A 94 35.53 19.13 41.01
CA PHE A 94 36.28 18.12 41.75
C PHE A 94 37.60 18.69 42.28
N TYR A 95 37.97 18.28 43.49
CA TYR A 95 39.24 18.69 44.08
C TYR A 95 40.06 17.46 44.48
N MET A 96 41.32 17.42 44.06
CA MET A 96 42.17 16.27 44.33
C MET A 96 43.65 16.62 44.20
N PHE A 97 44.50 15.70 44.64
CA PHE A 97 45.95 15.84 44.51
C PHE A 97 46.47 14.89 43.44
N ASN A 98 47.34 15.38 42.56
CA ASN A 98 47.87 14.55 41.49
C ASN A 98 49.16 13.82 41.88
N ASP A 99 49.82 13.21 40.91
CA ASP A 99 51.00 12.40 41.14
C ASP A 99 52.15 13.19 41.75
N ASN A 100 52.32 14.44 41.33
CA ASN A 100 53.37 15.29 41.85
C ASN A 100 52.95 16.00 43.14
N LYS A 101 51.93 15.44 43.80
CA LYS A 101 51.41 15.95 45.06
C LYS A 101 50.93 17.40 44.96
N ASN A 102 50.44 17.79 43.79
CA ASN A 102 49.86 19.11 43.59
C ASN A 102 48.35 19.05 43.53
N SER A 103 47.69 20.07 44.09
CA SER A 103 46.23 20.14 44.06
C SER A 103 45.74 20.64 42.72
N VAL A 104 44.85 19.88 42.09
CA VAL A 104 44.30 20.26 40.80
C VAL A 104 42.78 20.35 40.86
N ALA A 105 42.22 21.18 39.98
CA ALA A 105 40.76 21.33 39.88
C ALA A 105 40.26 20.65 38.61
N VAL A 106 39.31 19.74 38.77
CA VAL A 106 38.75 18.99 37.65
C VAL A 106 37.21 19.10 37.72
N GLY A 107 36.55 18.93 36.58
CA GLY A 107 35.11 18.96 36.55
C GLY A 107 34.52 18.57 35.21
N TYR A 108 33.19 18.58 35.12
CA TYR A 108 32.53 18.25 33.86
C TYR A 108 31.30 19.12 33.63
N VAL A 109 30.87 19.19 32.37
CA VAL A 109 29.62 19.83 32.00
C VAL A 109 28.78 18.83 31.21
N GLY A 110 27.56 18.58 31.68
CA GLY A 110 26.66 17.65 31.03
C GLY A 110 26.22 18.11 29.65
N CYS A 111 26.32 17.22 28.67
CA CYS A 111 25.96 17.55 27.30
C CYS A 111 24.75 16.75 26.83
N GLY A 112 23.90 16.35 27.77
CA GLY A 112 22.66 15.67 27.44
C GLY A 112 22.83 14.25 26.91
N SER A 113 21.86 13.80 26.14
CA SER A 113 21.84 12.43 25.64
C SER A 113 21.79 12.35 24.11
N VAL A 114 21.69 13.50 23.45
CA VAL A 114 21.72 13.53 22.00
C VAL A 114 23.16 13.59 21.50
N ALA A 115 23.48 12.76 20.51
CA ALA A 115 24.86 12.67 20.02
C ALA A 115 25.24 13.89 19.20
N ASP A 116 24.27 14.48 18.51
CA ASP A 116 24.50 15.68 17.73
C ASP A 116 23.86 16.89 18.42
N LEU A 117 24.70 17.73 19.02
CA LEU A 117 24.23 18.90 19.73
C LEU A 117 23.79 20.00 18.76
N SER A 118 22.64 20.60 19.04
CA SER A 118 22.17 21.74 18.27
C SER A 118 22.94 22.99 18.69
N GLU A 119 22.76 24.08 17.95
CA GLU A 119 23.41 25.34 18.27
C GLU A 119 22.87 25.89 19.60
N ALA A 120 21.59 25.70 19.84
CA ALA A 120 20.96 26.17 21.07
C ALA A 120 21.44 25.38 22.29
N ASP A 121 21.64 24.08 22.10
CA ASP A 121 22.14 23.22 23.17
C ASP A 121 23.56 23.61 23.55
N MET A 122 24.37 23.90 22.54
CA MET A 122 25.77 24.25 22.73
C MET A 122 25.92 25.53 23.56
N LYS A 123 25.01 26.47 23.35
CA LYS A 123 25.04 27.73 24.08
C LYS A 123 24.73 27.49 25.57
N ARG A 124 23.85 26.53 25.84
CA ARG A 124 23.54 26.17 27.22
C ARG A 124 24.74 25.50 27.88
N VAL A 125 25.48 24.71 27.10
CA VAL A 125 26.69 24.07 27.58
C VAL A 125 27.74 25.13 27.94
N VAL A 126 27.94 26.06 27.01
CA VAL A 126 28.91 27.14 27.19
C VAL A 126 28.54 28.04 28.37
N LEU A 127 27.27 28.45 28.44
CA LEU A 127 26.78 29.27 29.55
C LEU A 127 27.02 28.57 30.88
N SER A 128 26.87 27.25 30.89
CA SER A 128 27.14 26.46 32.08
C SER A 128 28.63 26.46 32.39
N LEU A 129 29.44 26.48 31.34
CA LEU A 129 30.90 26.48 31.47
C LEU A 129 31.40 27.84 31.96
N VAL A 130 30.72 28.90 31.54
CA VAL A 130 31.11 30.26 31.91
C VAL A 130 30.87 30.52 33.40
N THR A 131 29.81 29.93 33.94
CA THR A 131 29.51 30.06 35.37
C THR A 131 30.67 29.56 36.21
N MET A 132 31.36 28.54 35.71
CA MET A 132 32.52 27.99 36.39
C MET A 132 33.71 28.94 36.30
N LEU A 133 33.76 29.74 35.24
CA LEU A 133 34.85 30.70 35.06
C LEU A 133 34.61 31.95 35.89
N HIS A 134 33.34 32.28 36.12
CA HIS A 134 32.98 33.45 36.91
C HIS A 134 33.17 33.18 38.40
N ASP A 135 33.51 34.23 39.13
CA ASP A 135 33.71 34.17 40.58
C ASP A 135 34.76 33.14 41.00
N ASN A 136 35.67 32.84 40.08
CA ASN A 136 36.81 31.98 40.37
C ASN A 136 38.05 32.54 39.66
N LYS A 137 39.10 32.80 40.42
CA LYS A 137 40.30 33.40 39.87
C LYS A 137 41.23 32.33 39.30
N LEU A 138 40.85 31.79 38.15
CA LEU A 138 41.65 30.77 37.47
C LEU A 138 42.65 31.42 36.52
N SER A 139 43.78 30.75 36.32
CA SER A 139 44.79 31.24 35.38
C SER A 139 44.74 30.45 34.09
N LYS A 140 44.13 29.27 34.14
CA LYS A 140 44.04 28.39 32.98
C LYS A 140 42.76 27.57 32.99
N LEU A 141 42.15 27.45 31.81
CA LEU A 141 41.01 26.56 31.63
C LEU A 141 41.37 25.45 30.64
N THR A 142 41.02 24.22 30.98
CA THR A 142 41.24 23.10 30.07
C THR A 142 39.94 22.40 29.76
N VAL A 143 39.59 22.36 28.48
CA VAL A 143 38.34 21.74 28.04
C VAL A 143 38.61 20.46 27.27
N VAL A 144 38.06 19.35 27.75
CA VAL A 144 38.24 18.05 27.10
C VAL A 144 36.95 17.63 26.40
N PHE A 145 37.00 17.52 25.08
CA PHE A 145 35.82 17.18 24.28
C PHE A 145 35.57 15.68 24.19
N GLU A 146 34.63 15.19 24.98
CA GLU A 146 34.20 13.79 24.86
C GLU A 146 32.83 13.74 24.18
N ILE A 147 32.58 14.72 23.31
CA ILE A 147 31.37 14.76 22.49
C ILE A 147 31.77 15.00 21.04
N ASN A 148 30.90 14.62 20.11
CA ASN A 148 31.18 14.78 18.69
C ASN A 148 30.74 16.14 18.16
N VAL A 149 31.68 16.87 17.57
CA VAL A 149 31.40 18.17 16.96
C VAL A 149 32.08 18.27 15.60
N ASP A 150 31.42 18.93 14.65
CA ASP A 150 32.07 19.20 13.38
C ASP A 150 32.94 20.44 13.52
N LYS A 151 33.66 20.80 12.47
CA LYS A 151 34.58 21.93 12.52
C LYS A 151 33.85 23.24 12.82
N ASN A 152 32.65 23.38 12.28
CA ASN A 152 31.84 24.57 12.52
C ASN A 152 31.34 24.66 13.96
N LEU A 153 30.88 23.53 14.50
CA LEU A 153 30.36 23.51 15.86
C LEU A 153 31.47 23.72 16.89
N PHE A 154 32.66 23.22 16.56
CA PHE A 154 33.82 23.44 17.41
C PHE A 154 34.18 24.91 17.45
N ARG A 155 34.11 25.57 16.30
CA ARG A 155 34.39 26.99 16.21
C ARG A 155 33.33 27.80 16.94
N PHE A 156 32.08 27.37 16.82
CA PHE A 156 30.96 28.04 17.48
C PHE A 156 31.12 28.00 19.00
N PHE A 157 31.67 26.89 19.50
CA PHE A 157 31.93 26.74 20.93
C PHE A 157 32.90 27.82 21.41
N LEU A 158 33.99 28.00 20.69
CA LEU A 158 35.01 28.98 21.06
C LEU A 158 34.49 30.41 20.97
N GLU A 159 33.71 30.70 19.93
CA GLU A 159 33.12 32.02 19.76
C GLU A 159 32.18 32.37 20.90
N THR A 160 31.28 31.45 21.24
CA THR A 160 30.30 31.65 22.29
C THR A 160 30.98 31.73 23.65
N LEU A 161 32.00 30.91 23.84
CA LEU A 161 32.76 30.93 25.09
C LEU A 161 33.42 32.28 25.29
N PHE A 162 34.14 32.74 24.26
CA PHE A 162 34.81 34.03 24.29
C PHE A 162 33.82 35.18 24.52
N TYR A 163 32.68 35.11 23.84
CA TYR A 163 31.70 36.19 23.88
C TYR A 163 31.04 36.35 25.24
N GLU A 164 30.65 35.23 25.85
CA GLU A 164 29.94 35.27 27.14
C GLU A 164 30.90 35.49 28.30
N TYR A 165 32.12 35.01 28.16
CA TYR A 165 33.16 35.19 29.17
C TYR A 165 33.49 36.67 29.32
N MET A 166 33.50 37.38 28.19
CA MET A 166 33.82 38.80 28.16
C MET A 166 32.73 39.64 28.86
N THR A 167 33.14 40.68 29.56
CA THR A 167 32.22 41.57 30.25
C THR A 167 32.47 43.02 29.86
N ASP A 168 31.40 43.71 29.45
CA ASP A 168 31.49 45.09 29.01
C ASP A 168 31.38 46.06 30.20
N GLU A 169 32.48 46.73 30.52
CA GLU A 169 32.50 47.68 31.63
C GLU A 169 32.86 49.09 31.16
N ARG A 170 32.58 49.39 29.91
CA ARG A 170 32.90 50.70 29.34
C ARG A 170 32.17 51.84 30.05
N PHE A 171 30.98 51.54 30.56
CA PHE A 171 30.13 52.57 31.15
C PHE A 171 30.01 52.43 32.65
N LYS A 172 30.85 51.57 33.22
CA LYS A 172 30.96 51.45 34.67
C LYS A 172 31.90 52.53 35.20
N SER A 173 31.65 52.97 36.43
CA SER A 173 32.49 53.99 37.04
C SER A 173 32.81 53.62 38.49
N THR A 174 31.79 53.64 39.34
CA THR A 174 31.97 53.31 40.75
C THR A 174 31.52 51.88 41.04
N ASP A 175 31.13 51.16 40.00
CA ASP A 175 30.66 49.79 40.16
C ASP A 175 31.43 48.82 39.26
N LYS A 176 32.72 49.09 39.09
CA LYS A 176 33.59 48.17 38.36
C LYS A 176 33.84 46.92 39.20
N ASN A 177 33.71 45.75 38.59
CA ASN A 177 33.91 44.49 39.29
C ASN A 177 35.37 44.35 39.74
N VAL A 178 35.60 44.40 41.05
CA VAL A 178 36.95 44.32 41.59
C VAL A 178 37.52 42.91 41.54
N ASN A 179 36.68 41.95 41.18
CA ASN A 179 37.08 40.54 41.19
C ASN A 179 37.28 39.94 39.80
N MET A 180 37.33 40.79 38.78
CA MET A 180 37.50 40.33 37.41
C MET A 180 38.95 39.97 37.11
N GLU A 181 39.18 38.73 36.70
CA GLU A 181 40.52 38.25 36.39
C GLU A 181 40.45 37.09 35.39
N TYR A 182 40.62 37.42 34.11
CA TYR A 182 40.48 36.44 33.04
C TYR A 182 41.66 35.46 33.01
N ILE A 183 41.39 34.25 32.52
CA ILE A 183 42.43 33.27 32.30
C ILE A 183 43.40 33.74 31.23
N LYS A 184 44.59 33.18 31.20
CA LYS A 184 45.60 33.57 30.22
C LYS A 184 45.85 32.43 29.24
N HIS A 185 45.41 31.24 29.60
CA HIS A 185 45.64 30.05 28.78
C HIS A 185 44.38 29.23 28.62
N LEU A 186 44.18 28.70 27.43
CA LEU A 186 43.07 27.81 27.15
C LEU A 186 43.55 26.54 26.45
N GLY A 187 43.42 25.41 27.13
CA GLY A 187 43.78 24.14 26.55
C GLY A 187 42.57 23.39 26.06
N VAL A 188 42.68 22.83 24.86
CA VAL A 188 41.58 22.06 24.27
C VAL A 188 42.06 20.68 23.84
N TYR A 189 41.47 19.64 24.43
CA TYR A 189 41.75 18.27 24.04
C TYR A 189 40.61 17.75 23.18
N ILE A 190 40.94 17.31 21.97
CA ILE A 190 39.93 16.82 21.04
C ILE A 190 40.54 15.81 20.06
N ASN A 191 39.73 14.87 19.59
CA ASN A 191 40.18 13.90 18.61
C ASN A 191 40.45 14.57 17.27
N ASN A 192 41.49 14.12 16.57
CA ASN A 192 41.91 14.71 15.30
C ASN A 192 42.14 16.22 15.45
N ALA A 193 43.06 16.58 16.33
CA ALA A 193 43.24 17.96 16.76
C ALA A 193 43.66 18.91 15.64
N ASP A 194 44.57 18.46 14.77
CA ASP A 194 45.10 19.32 13.71
C ASP A 194 44.01 19.82 12.76
N THR A 195 42.92 19.07 12.65
CA THR A 195 41.81 19.47 11.79
C THR A 195 41.00 20.61 12.41
N TYR A 196 41.09 20.75 13.73
CA TYR A 196 40.32 21.75 14.44
C TYR A 196 41.13 23.00 14.78
N LYS A 197 42.45 22.89 14.70
CA LYS A 197 43.35 23.98 15.07
C LYS A 197 43.17 25.20 14.17
N GLU A 198 42.84 24.95 12.90
CA GLU A 198 42.64 26.04 11.94
C GLU A 198 41.42 26.88 12.28
N GLU A 199 40.50 26.30 13.05
CA GLU A 199 39.27 26.98 13.43
C GLU A 199 39.48 27.99 14.56
N VAL A 200 40.60 27.85 15.27
CA VAL A 200 40.84 28.64 16.48
C VAL A 200 40.91 30.13 16.23
N GLU A 201 41.83 30.56 15.36
CA GLU A 201 41.99 31.99 15.09
C GLU A 201 40.82 32.55 14.30
N LYS A 202 40.13 31.69 13.56
CA LYS A 202 38.92 32.09 12.87
C LYS A 202 37.84 32.44 13.90
N ALA A 203 37.84 31.68 14.99
CA ALA A 203 36.90 31.90 16.08
C ALA A 203 37.20 33.19 16.84
N ARG A 204 38.48 33.49 17.01
CA ARG A 204 38.89 34.69 17.73
C ARG A 204 38.57 35.94 16.91
N VAL A 205 38.65 35.82 15.59
CA VAL A 205 38.28 36.90 14.69
C VAL A 205 36.76 37.06 14.65
N TYR A 206 36.07 35.93 14.56
CA TYR A 206 34.61 35.94 14.58
C TYR A 206 34.07 36.44 15.91
N TYR A 207 34.80 36.14 17.00
CA TYR A 207 34.42 36.60 18.32
C TYR A 207 34.38 38.12 18.40
N PHE A 208 35.49 38.76 18.06
CA PHE A 208 35.59 40.21 18.21
C PHE A 208 34.66 40.93 17.24
N GLY A 209 34.53 40.38 16.03
CA GLY A 209 33.61 40.93 15.06
C GLY A 209 32.20 40.98 15.63
N THR A 210 31.85 39.95 16.38
CA THR A 210 30.56 39.89 17.04
C THR A 210 30.53 40.82 18.25
N TYR A 211 31.61 40.82 19.02
CA TYR A 211 31.67 41.64 20.22
C TYR A 211 31.80 43.14 19.88
N TYR A 212 32.47 43.44 18.77
CA TYR A 212 32.58 44.82 18.31
C TYR A 212 31.21 45.39 17.96
N ALA A 213 30.42 44.59 17.25
CA ALA A 213 29.04 44.98 16.92
C ALA A 213 28.25 45.15 18.22
N SER A 214 28.44 44.20 19.13
CA SER A 214 27.76 44.24 20.42
C SER A 214 28.11 45.50 21.21
N GLN A 215 29.38 45.90 21.16
CA GLN A 215 29.83 47.12 21.84
C GLN A 215 29.10 48.35 21.32
N LEU A 216 28.92 48.42 20.01
CA LEU A 216 28.21 49.53 19.39
C LEU A 216 26.74 49.53 19.78
N ILE A 217 26.09 48.39 19.61
CA ILE A 217 24.66 48.25 19.93
C ILE A 217 24.36 48.58 21.39
N ALA A 218 25.14 48.02 22.30
CA ALA A 218 24.95 48.26 23.72
C ALA A 218 25.20 49.72 24.10
N ALA A 219 26.05 50.38 23.32
CA ALA A 219 26.35 51.79 23.55
C ALA A 219 25.11 52.65 23.35
N PRO A 220 24.77 53.48 24.35
CA PRO A 220 23.57 54.32 24.37
C PRO A 220 23.57 55.34 23.24
N SER A 221 22.42 55.95 22.99
CA SER A 221 22.23 56.84 21.84
C SER A 221 22.93 58.19 22.01
N ASN A 222 23.22 58.57 23.25
CA ASN A 222 23.94 59.82 23.49
C ASN A 222 25.44 59.63 23.26
N TYR A 223 25.89 58.39 23.38
CA TYR A 223 27.26 58.04 23.02
C TYR A 223 27.33 57.70 21.55
N CYS A 224 26.44 56.81 21.12
CA CYS A 224 26.38 56.39 19.73
C CYS A 224 25.32 57.19 18.97
N ASN A 225 25.76 58.22 18.26
CA ASN A 225 24.90 59.05 17.43
C ASN A 225 25.39 58.95 15.98
N PRO A 226 24.64 59.49 15.01
CA PRO A 226 25.07 59.38 13.61
C PRO A 226 26.50 59.88 13.34
N VAL A 227 26.95 60.88 14.08
CA VAL A 227 28.30 61.40 13.89
C VAL A 227 29.35 60.51 14.53
N SER A 228 29.09 60.11 15.78
CA SER A 228 30.04 59.29 16.52
C SER A 228 30.12 57.87 15.96
N LEU A 229 28.99 57.37 15.45
CA LEU A 229 28.96 56.03 14.88
C LEU A 229 29.72 55.97 13.56
N SER A 230 29.57 56.99 12.74
CA SER A 230 30.29 57.05 11.46
C SER A 230 31.78 57.22 11.70
N ASN A 231 32.13 57.96 12.75
CA ASN A 231 33.54 58.14 13.14
C ASN A 231 34.19 56.81 13.50
N ALA A 232 33.41 55.93 14.14
CA ALA A 232 33.90 54.62 14.52
C ALA A 232 34.19 53.78 13.29
N ALA A 233 33.36 53.93 12.26
CA ALA A 233 33.54 53.21 11.01
C ALA A 233 34.83 53.63 10.31
N VAL A 234 35.11 54.93 10.35
CA VAL A 234 36.35 55.46 9.79
C VAL A 234 37.55 54.88 10.52
N GLU A 235 37.52 54.93 11.84
CA GLU A 235 38.59 54.40 12.67
C GLU A 235 38.83 52.93 12.41
N LEU A 236 37.76 52.16 12.28
CA LEU A 236 37.86 50.73 12.01
C LEU A 236 38.46 50.47 10.63
N ALA A 237 37.97 51.20 9.63
CA ALA A 237 38.45 51.06 8.27
C ALA A 237 39.94 51.39 8.17
N GLN A 238 40.36 52.41 8.92
CA GLN A 238 41.75 52.83 8.94
C GLN A 238 42.65 51.76 9.54
N LYS A 239 42.17 51.10 10.59
CA LYS A 239 42.94 50.05 11.24
C LYS A 239 43.06 48.80 10.36
N LEU A 240 42.10 48.64 9.46
CA LEU A 240 42.06 47.47 8.58
C LEU A 240 42.47 47.80 7.16
N ASN A 241 42.79 49.08 6.92
CA ASN A 241 43.12 49.59 5.59
C ASN A 241 42.00 49.32 4.59
N LEU A 242 40.77 49.58 5.00
CA LEU A 242 39.63 49.54 4.10
C LEU A 242 39.39 50.94 3.54
N GLU A 243 39.00 51.01 2.28
CA GLU A 243 38.59 52.29 1.70
C GLU A 243 37.31 52.74 2.39
N TYR A 244 37.19 54.03 2.65
CA TYR A 244 35.97 54.55 3.28
C TYR A 244 35.55 55.90 2.72
N LYS A 245 34.24 56.14 2.75
CA LYS A 245 33.68 57.42 2.35
C LYS A 245 32.45 57.71 3.21
N ILE A 246 32.47 58.85 3.89
CA ILE A 246 31.34 59.27 4.70
C ILE A 246 30.63 60.47 4.07
N LEU A 247 29.42 60.24 3.58
CA LEU A 247 28.67 61.28 2.89
C LEU A 247 27.82 62.11 3.84
N GLY A 248 27.99 63.43 3.78
CA GLY A 248 27.21 64.34 4.60
C GLY A 248 25.99 64.84 3.86
N VAL A 249 25.24 65.72 4.51
CA VAL A 249 23.97 66.21 3.97
C VAL A 249 24.11 66.80 2.56
N LYS A 250 25.09 67.67 2.37
CA LYS A 250 25.31 68.33 1.08
C LYS A 250 25.45 67.32 -0.06
N GLU A 251 26.22 66.27 0.19
CA GLU A 251 26.43 65.22 -0.81
C GLU A 251 25.17 64.37 -0.97
N LEU A 252 24.46 64.14 0.13
CA LEU A 252 23.22 63.39 0.11
C LEU A 252 22.13 64.15 -0.63
N GLU A 253 22.13 65.47 -0.47
CA GLU A 253 21.19 66.34 -1.18
C GLU A 253 21.42 66.27 -2.68
N GLU A 254 22.69 66.21 -3.07
CA GLU A 254 23.07 66.18 -4.48
C GLU A 254 22.69 64.84 -5.11
N LEU A 255 22.64 63.80 -4.30
CA LEU A 255 22.24 62.47 -4.77
C LEU A 255 20.73 62.29 -4.64
N LYS A 256 20.06 63.32 -4.14
CA LYS A 256 18.60 63.37 -4.06
C LYS A 256 18.00 62.22 -3.25
N MET A 257 18.62 61.89 -2.14
CA MET A 257 18.11 60.85 -1.25
C MET A 257 17.07 61.42 -0.29
N GLY A 258 15.87 61.70 -0.82
CA GLY A 258 14.82 62.31 -0.04
C GLY A 258 14.25 61.45 1.06
N ALA A 259 14.21 60.14 0.82
CA ALA A 259 13.65 59.21 1.81
C ALA A 259 14.53 59.12 3.04
N TYR A 260 15.84 58.98 2.82
CA TYR A 260 16.82 58.86 3.90
C TYR A 260 16.97 60.18 4.66
N LEU A 261 16.98 61.29 3.93
CA LEU A 261 17.16 62.60 4.55
C LEU A 261 15.96 63.04 5.38
N SER A 262 14.76 62.57 5.00
CA SER A 262 13.53 62.97 5.68
C SER A 262 13.44 62.42 7.09
N VAL A 263 13.95 61.21 7.29
CA VAL A 263 13.95 60.58 8.60
C VAL A 263 14.79 61.38 9.59
N GLY A 264 15.94 61.86 9.14
CA GLY A 264 16.89 62.53 10.02
C GLY A 264 16.66 64.01 10.20
N LYS A 265 15.63 64.55 9.55
CA LYS A 265 15.34 65.99 9.60
C LYS A 265 15.19 66.52 11.02
N GLY A 266 14.56 65.73 11.88
CA GLY A 266 14.24 66.16 13.23
C GLY A 266 15.34 65.93 14.23
N SER A 267 16.52 65.53 13.75
CA SER A 267 17.64 65.22 14.65
C SER A 267 18.63 66.38 14.73
N MET A 268 19.29 66.50 15.89
CA MET A 268 20.34 67.51 16.07
C MET A 268 21.63 67.02 15.42
N TYR A 269 21.69 65.73 15.14
CA TYR A 269 22.85 65.14 14.49
C TYR A 269 22.63 65.02 12.98
N PRO A 270 23.54 65.60 12.19
CA PRO A 270 23.49 65.52 10.73
C PRO A 270 23.59 64.09 10.23
N ASN A 271 22.94 63.80 9.10
CA ASN A 271 22.99 62.46 8.52
C ASN A 271 24.38 62.11 8.01
N LYS A 272 24.79 60.87 8.26
CA LYS A 272 26.06 60.38 7.78
C LYS A 272 25.89 59.04 7.08
N PHE A 273 26.30 58.96 5.82
CA PHE A 273 26.20 57.72 5.06
C PHE A 273 27.54 56.99 5.05
N ILE A 274 27.56 55.79 5.62
CA ILE A 274 28.78 55.01 5.73
C ILE A 274 29.00 54.12 4.51
N HIS A 275 30.17 54.23 3.91
CA HIS A 275 30.54 53.39 2.76
C HIS A 275 31.96 52.85 2.93
N LEU A 276 32.06 51.59 3.32
CA LEU A 276 33.35 50.92 3.43
C LEU A 276 33.53 49.94 2.28
N THR A 277 34.77 49.76 1.84
CA THR A 277 35.04 48.87 0.72
C THR A 277 36.27 48.01 0.95
N TYR A 278 36.11 46.70 0.76
CA TYR A 278 37.24 45.78 0.74
C TYR A 278 37.43 45.24 -0.66
N LYS A 279 38.64 45.40 -1.21
CA LYS A 279 38.95 44.86 -2.51
C LYS A 279 40.13 43.89 -2.42
N SER A 280 40.00 42.75 -3.08
CA SER A 280 41.09 41.77 -3.13
C SER A 280 42.21 42.29 -4.04
N LYS A 281 43.43 41.88 -3.75
CA LYS A 281 44.59 42.32 -4.52
C LYS A 281 44.69 41.57 -5.85
N GLY A 282 43.82 40.58 -6.04
CA GLY A 282 43.78 39.83 -7.28
C GLY A 282 42.54 40.17 -8.07
N ASP A 283 42.35 39.48 -9.19
CA ASP A 283 41.19 39.71 -10.05
C ASP A 283 39.88 39.51 -9.30
N VAL A 284 39.01 40.51 -9.33
CA VAL A 284 37.74 40.45 -8.63
C VAL A 284 36.70 39.67 -9.44
N LYS A 285 36.15 38.63 -8.83
CA LYS A 285 35.21 37.76 -9.51
C LYS A 285 33.78 37.92 -8.96
N LYS A 286 33.68 38.42 -7.74
CA LYS A 286 32.39 38.58 -7.08
C LYS A 286 32.28 39.92 -6.37
N LYS A 287 31.17 40.61 -6.59
CA LYS A 287 30.94 41.91 -5.95
C LYS A 287 29.68 41.88 -5.08
N ILE A 288 29.83 42.20 -3.81
CA ILE A 288 28.74 42.11 -2.86
C ILE A 288 28.55 43.41 -2.08
N ALA A 289 27.28 43.81 -1.93
CA ALA A 289 26.95 44.98 -1.12
C ALA A 289 26.18 44.56 0.13
N LEU A 290 26.66 45.00 1.29
CA LEU A 290 26.00 44.69 2.55
C LEU A 290 25.41 45.96 3.15
N VAL A 291 24.10 45.96 3.33
CA VAL A 291 23.40 47.17 3.79
C VAL A 291 22.82 46.98 5.19
N GLY A 292 23.17 47.88 6.10
CA GLY A 292 22.68 47.80 7.46
C GLY A 292 21.88 49.01 7.90
N LYS A 293 20.72 48.76 8.49
CA LYS A 293 19.90 49.83 9.05
C LYS A 293 20.64 50.49 10.21
N GLY A 294 20.73 51.82 10.19
CA GLY A 294 21.51 52.53 11.18
C GLY A 294 20.79 53.68 11.84
N ILE A 295 19.71 53.37 12.56
CA ILE A 295 19.01 54.38 13.34
C ILE A 295 19.55 54.37 14.76
N THR A 296 20.32 55.40 15.10
CA THR A 296 21.01 55.44 16.40
C THR A 296 20.02 55.55 17.56
N PHE A 297 18.88 56.18 17.30
CA PHE A 297 17.76 56.13 18.23
C PHE A 297 16.44 56.31 17.50
N ASP A 298 15.47 55.46 17.84
CA ASP A 298 14.16 55.50 17.19
C ASP A 298 13.07 55.86 18.20
N SER A 299 12.75 57.14 18.29
CA SER A 299 11.65 57.57 19.14
C SER A 299 10.32 57.27 18.46
N GLY A 300 10.38 56.99 17.17
CA GLY A 300 9.20 56.70 16.38
C GLY A 300 8.73 57.88 15.58
N GLY A 301 9.29 59.05 15.88
CA GLY A 301 8.86 60.29 15.25
C GLY A 301 7.55 60.77 15.85
N TYR A 302 6.76 61.50 15.08
CA TYR A 302 5.47 61.98 15.56
C TYR A 302 4.51 60.82 15.82
N ASN A 303 4.82 59.67 15.23
CA ASN A 303 4.19 58.41 15.65
C ASN A 303 4.97 57.84 16.81
N LEU A 304 5.03 58.62 17.89
CA LEU A 304 5.81 58.31 19.07
C LEU A 304 5.55 56.91 19.61
N LYS A 305 6.62 56.25 20.06
CA LYS A 305 6.48 54.95 20.70
C LYS A 305 5.94 55.13 22.11
N ALA A 306 4.63 55.31 22.22
CA ALA A 306 4.00 55.59 23.51
C ALA A 306 3.07 54.46 23.93
N ALA A 307 2.80 53.53 23.02
CA ALA A 307 1.97 52.37 23.34
C ALA A 307 2.73 51.43 24.26
N PRO A 308 2.00 50.74 25.16
CA PRO A 308 2.65 49.79 26.08
C PRO A 308 3.38 48.67 25.34
N GLY A 309 4.60 48.38 25.77
CA GLY A 309 5.39 47.31 25.17
C GLY A 309 6.07 47.72 23.88
N SER A 310 6.15 49.01 23.63
CA SER A 310 6.79 49.53 22.42
C SER A 310 8.32 49.59 22.57
N MET A 311 8.79 49.39 23.80
CA MET A 311 10.22 49.25 24.09
C MET A 311 11.07 50.42 23.59
N ILE A 312 10.65 51.64 23.92
CA ILE A 312 11.36 52.83 23.47
C ILE A 312 12.71 52.98 24.19
N ASP A 313 12.82 52.36 25.37
CA ASP A 313 14.06 52.44 26.16
C ASP A 313 15.13 51.54 25.56
N LEU A 314 14.73 50.68 24.63
CA LEU A 314 15.63 49.74 23.98
C LEU A 314 16.11 50.29 22.64
N MET A 315 15.45 51.33 22.16
CA MET A 315 15.60 51.80 20.78
C MET A 315 16.98 52.37 20.41
N LYS A 316 17.98 52.09 21.22
CA LYS A 316 19.37 52.28 20.81
C LYS A 316 19.77 51.09 19.96
N PHE A 317 19.03 49.99 20.14
CA PHE A 317 19.30 48.71 19.47
C PHE A 317 18.98 48.75 17.99
N ASP A 318 18.36 49.84 17.53
CA ASP A 318 17.96 49.99 16.12
C ASP A 318 19.19 50.12 15.23
N MET A 319 20.34 49.85 15.82
CA MET A 319 21.66 49.96 15.21
C MET A 319 22.13 48.63 14.64
N SER A 320 21.56 47.54 15.16
CA SER A 320 22.05 46.18 14.96
C SER A 320 22.46 45.81 13.53
N GLY A 321 21.69 46.26 12.54
CA GLY A 321 22.00 45.95 11.15
C GLY A 321 23.31 46.58 10.73
N CYS A 322 23.47 47.86 11.04
CA CYS A 322 24.69 48.59 10.75
C CYS A 322 25.87 48.03 11.53
N ALA A 323 25.62 47.69 12.80
CA ALA A 323 26.66 47.15 13.66
C ALA A 323 27.13 45.78 13.16
N ALA A 324 26.19 44.96 12.70
CA ALA A 324 26.52 43.64 12.18
C ALA A 324 27.36 43.76 10.91
N VAL A 325 27.05 44.78 10.10
CA VAL A 325 27.77 45.01 8.86
C VAL A 325 29.19 45.51 9.13
N LEU A 326 29.32 46.40 10.11
CA LEU A 326 30.63 46.89 10.53
C LEU A 326 31.45 45.77 11.17
N GLY A 327 30.78 44.90 11.93
CA GLY A 327 31.44 43.76 12.53
C GLY A 327 31.91 42.79 11.47
N CYS A 328 31.11 42.67 10.41
CA CYS A 328 31.48 41.86 9.25
C CYS A 328 32.70 42.44 8.56
N ALA A 329 32.76 43.77 8.49
CA ALA A 329 33.88 44.45 7.86
C ALA A 329 35.18 44.14 8.57
N TYR A 330 35.11 43.97 9.89
CA TYR A 330 36.29 43.62 10.67
C TYR A 330 36.79 42.24 10.30
N CYS A 331 35.88 41.27 10.29
CA CYS A 331 36.22 39.88 9.98
C CYS A 331 36.78 39.76 8.56
N VAL A 332 36.14 40.45 7.63
CA VAL A 332 36.56 40.41 6.23
C VAL A 332 37.91 41.11 6.05
N GLY A 333 38.07 42.26 6.70
CA GLY A 333 39.31 43.01 6.63
C GLY A 333 40.46 42.30 7.29
N THR A 334 40.15 41.41 8.23
CA THR A 334 41.18 40.68 8.97
C THR A 334 41.53 39.35 8.30
N LEU A 335 40.50 38.61 7.88
CA LEU A 335 40.71 37.32 7.25
C LEU A 335 41.12 37.47 5.78
N LYS A 336 40.74 38.60 5.19
CA LYS A 336 41.13 38.95 3.82
C LYS A 336 40.83 37.86 2.79
N PRO A 337 39.56 37.76 2.37
CA PRO A 337 39.14 36.79 1.36
C PRO A 337 39.67 37.13 -0.04
N GLU A 338 39.68 36.14 -0.92
CA GLU A 338 40.24 36.30 -2.27
C GLU A 338 39.17 36.49 -3.34
N ASN A 339 39.57 37.15 -4.43
CA ASN A 339 38.74 37.28 -5.63
C ASN A 339 37.35 37.87 -5.38
N VAL A 340 37.25 38.75 -4.38
CA VAL A 340 35.96 39.31 -4.01
C VAL A 340 36.09 40.77 -3.56
N GLU A 341 35.08 41.57 -3.86
CA GLU A 341 35.03 42.95 -3.40
C GLU A 341 33.72 43.24 -2.66
N ILE A 342 33.84 43.67 -1.41
CA ILE A 342 32.65 43.89 -0.58
C ILE A 342 32.43 45.37 -0.30
N HIS A 343 31.17 45.79 -0.43
CA HIS A 343 30.79 47.15 -0.07
C HIS A 343 29.95 47.13 1.20
N PHE A 344 30.45 47.78 2.25
CA PHE A 344 29.73 47.84 3.51
C PHE A 344 28.99 49.17 3.61
N LEU A 345 27.67 49.11 3.53
CA LEU A 345 26.86 50.32 3.43
C LEU A 345 25.91 50.48 4.62
N SER A 346 25.67 51.73 5.01
CA SER A 346 24.70 52.03 6.06
C SER A 346 24.31 53.50 6.04
N ALA A 347 23.02 53.77 5.84
CA ALA A 347 22.49 55.12 5.89
C ALA A 347 22.12 55.47 7.33
N VAL A 348 23.03 56.14 8.02
CA VAL A 348 22.87 56.40 9.45
C VAL A 348 22.17 57.72 9.74
N CYS A 349 21.19 57.68 10.63
CA CYS A 349 20.49 58.88 11.08
C CYS A 349 19.75 58.62 12.39
N GLU A 350 18.98 59.60 12.85
CA GLU A 350 18.26 59.50 14.11
C GLU A 350 16.83 59.99 13.95
N ASN A 351 15.87 59.18 14.39
CA ASN A 351 14.46 59.52 14.26
C ASN A 351 13.90 60.20 15.50
N MET A 352 13.74 61.52 15.44
CA MET A 352 13.36 62.30 16.61
C MET A 352 12.11 63.16 16.37
N VAL A 353 11.60 63.74 17.45
CA VAL A 353 10.45 64.64 17.38
C VAL A 353 10.89 66.09 17.53
N SER A 354 10.57 66.90 16.53
CA SER A 354 11.02 68.28 16.50
C SER A 354 10.12 69.15 15.62
N LYS A 355 10.41 70.45 15.59
CA LYS A 355 9.74 71.36 14.67
C LYS A 355 10.18 71.08 13.25
N ASN A 356 11.38 70.50 13.13
CA ASN A 356 11.98 70.22 11.83
C ASN A 356 11.69 68.80 11.37
N SER A 357 10.97 68.05 12.20
CA SER A 357 10.69 66.65 11.91
C SER A 357 9.78 66.47 10.70
N TYR A 358 9.88 65.32 10.05
CA TYR A 358 8.97 64.95 8.98
C TYR A 358 7.63 64.54 9.58
N ARG A 359 6.56 64.78 8.84
CA ARG A 359 5.21 64.54 9.34
C ARG A 359 4.56 63.31 8.73
N PRO A 360 3.62 62.70 9.46
CA PRO A 360 2.74 61.69 8.87
C PRO A 360 1.88 62.32 7.78
N GLY A 361 1.89 61.74 6.58
CA GLY A 361 1.18 62.30 5.46
C GLY A 361 2.10 62.93 4.44
N ASP A 362 3.32 63.24 4.87
CA ASP A 362 4.33 63.83 4.00
C ASP A 362 4.63 62.93 2.81
N ILE A 363 4.76 63.55 1.64
CA ILE A 363 5.18 62.83 0.44
C ILE A 363 6.62 63.17 0.09
N ILE A 364 7.47 62.16 0.08
CA ILE A 364 8.90 62.36 -0.16
C ILE A 364 9.36 61.57 -1.38
N THR A 365 10.45 62.03 -1.99
CA THR A 365 10.95 61.40 -3.21
C THR A 365 12.26 60.67 -2.99
N ALA A 366 12.29 59.38 -3.31
CA ALA A 366 13.51 58.59 -3.21
C ALA A 366 14.46 58.95 -4.34
N SER A 367 15.71 58.48 -4.22
CA SER A 367 16.75 58.83 -5.19
C SER A 367 16.54 58.18 -6.55
N ASN A 368 15.59 57.25 -6.64
CA ASN A 368 15.31 56.59 -7.90
C ASN A 368 14.05 57.15 -8.57
N GLY A 369 13.51 58.22 -8.00
CA GLY A 369 12.39 58.92 -8.60
C GLY A 369 11.03 58.58 -8.03
N LYS A 370 10.93 57.43 -7.35
CA LYS A 370 9.65 57.02 -6.78
C LYS A 370 9.23 57.91 -5.62
N THR A 371 8.00 58.38 -5.66
CA THR A 371 7.45 59.21 -4.58
C THR A 371 6.77 58.33 -3.54
N ILE A 372 6.94 58.69 -2.26
CA ILE A 372 6.45 57.88 -1.16
C ILE A 372 5.57 58.70 -0.22
N GLU A 373 4.38 58.19 0.09
CA GLU A 373 3.51 58.85 1.05
C GLU A 373 3.69 58.25 2.44
N VAL A 374 4.17 59.07 3.37
CA VAL A 374 4.43 58.61 4.73
C VAL A 374 3.13 58.46 5.53
N GLY A 375 2.86 57.23 5.96
CA GLY A 375 1.67 56.94 6.74
C GLY A 375 1.98 56.72 8.20
N ASN A 376 3.25 56.46 8.49
CA ASN A 376 3.70 56.23 9.85
C ASN A 376 5.20 56.53 9.98
N THR A 377 5.53 57.51 10.80
CA THR A 377 6.92 57.94 10.96
C THR A 377 7.78 56.89 11.65
N ASP A 378 7.13 55.93 12.32
CA ASP A 378 7.86 54.89 13.04
C ASP A 378 8.32 53.77 12.10
N ALA A 379 7.91 53.86 10.84
CA ALA A 379 8.39 52.93 9.83
C ALA A 379 9.53 53.57 9.05
N GLU A 380 10.47 54.14 9.78
CA GLU A 380 11.53 54.96 9.18
C GLU A 380 12.63 54.12 8.57
N GLY A 381 12.77 52.87 9.02
CA GLY A 381 13.83 52.00 8.58
C GLY A 381 13.82 51.72 7.09
N ARG A 382 12.62 51.40 6.57
CA ARG A 382 12.48 51.06 5.17
C ARG A 382 12.73 52.27 4.26
N LEU A 383 12.50 53.45 4.80
CA LEU A 383 12.74 54.68 4.06
C LEU A 383 14.23 54.91 3.88
N THR A 384 14.99 54.73 4.95
CA THR A 384 16.44 54.87 4.88
C THR A 384 17.04 53.76 4.01
N LEU A 385 16.50 52.55 4.16
CA LEU A 385 16.98 51.41 3.38
C LEU A 385 16.66 51.59 1.89
N ALA A 386 15.57 52.30 1.60
CA ALA A 386 15.16 52.51 0.22
C ALA A 386 16.24 53.23 -0.59
N ASP A 387 16.77 54.31 -0.03
CA ASP A 387 17.83 55.07 -0.69
C ASP A 387 19.14 54.29 -0.67
N ALA A 388 19.37 53.51 0.38
CA ALA A 388 20.58 52.71 0.51
C ALA A 388 20.61 51.57 -0.49
N LEU A 389 19.43 51.04 -0.82
CA LEU A 389 19.32 49.95 -1.80
C LEU A 389 19.55 50.47 -3.22
N VAL A 390 19.09 51.70 -3.48
CA VAL A 390 19.33 52.33 -4.77
C VAL A 390 20.81 52.63 -4.93
N TYR A 391 21.41 53.18 -3.88
CA TYR A 391 22.86 53.44 -3.84
C TYR A 391 23.63 52.15 -4.07
N ALA A 392 23.19 51.07 -3.43
CA ALA A 392 23.84 49.78 -3.53
C ALA A 392 23.80 49.23 -4.95
N GLU A 393 22.65 49.39 -5.60
CA GLU A 393 22.47 48.85 -6.95
C GLU A 393 23.25 49.66 -7.98
N LYS A 394 23.49 50.93 -7.68
CA LYS A 394 24.25 51.79 -8.58
C LYS A 394 25.74 51.42 -8.57
N LEU A 395 26.16 50.68 -7.55
CA LEU A 395 27.55 50.26 -7.43
C LEU A 395 27.90 49.16 -8.42
N GLY A 396 26.87 48.54 -9.01
CA GLY A 396 27.08 47.47 -9.97
C GLY A 396 27.60 46.21 -9.31
N VAL A 397 26.85 45.68 -8.35
CA VAL A 397 27.26 44.49 -7.62
C VAL A 397 26.47 43.27 -8.07
N ASP A 398 26.93 42.10 -7.62
CA ASP A 398 26.27 40.84 -7.95
C ASP A 398 25.17 40.52 -6.94
N TYR A 399 25.45 40.77 -5.67
CA TYR A 399 24.48 40.52 -4.61
C TYR A 399 24.28 41.75 -3.72
N ILE A 400 23.04 42.01 -3.34
CA ILE A 400 22.75 42.99 -2.30
C ILE A 400 22.05 42.30 -1.14
N VAL A 401 22.71 42.28 0.02
CA VAL A 401 22.09 41.71 1.20
C VAL A 401 21.95 42.77 2.28
N ASP A 402 20.73 43.04 2.69
CA ASP A 402 20.49 44.00 3.76
C ASP A 402 20.12 43.26 5.03
N ILE A 403 20.49 43.85 6.17
CA ILE A 403 20.16 43.29 7.47
C ILE A 403 19.64 44.42 8.36
N ALA A 404 18.52 44.19 9.01
CA ALA A 404 17.85 45.28 9.73
C ALA A 404 16.90 44.81 10.82
N THR A 405 16.82 45.60 11.88
CA THR A 405 15.78 45.44 12.89
C THR A 405 14.55 46.21 12.41
N LEU A 406 13.87 45.67 11.41
CA LEU A 406 12.88 46.42 10.67
C LEU A 406 11.49 46.42 11.30
N THR A 407 10.95 45.24 11.59
CA THR A 407 9.58 45.13 12.07
C THR A 407 9.45 44.32 13.35
N GLY A 408 8.66 44.83 14.29
CA GLY A 408 8.43 44.16 15.56
C GLY A 408 7.56 42.92 15.41
N ALA A 409 6.99 42.75 14.23
CA ALA A 409 6.16 41.58 13.94
C ALA A 409 6.98 40.30 13.91
N MET A 410 8.30 40.45 13.84
CA MET A 410 9.21 39.29 13.85
C MET A 410 9.13 38.56 15.18
N LEU A 411 8.87 39.29 16.25
CA LEU A 411 8.71 38.70 17.57
C LEU A 411 7.47 37.79 17.59
N TYR A 412 6.50 38.12 16.74
CA TYR A 412 5.25 37.35 16.68
C TYR A 412 5.32 36.22 15.66
N SER A 413 6.29 36.29 14.76
CA SER A 413 6.40 35.30 13.69
C SER A 413 7.44 34.23 14.01
N LEU A 414 8.69 34.64 14.15
CA LEU A 414 9.78 33.69 14.37
C LEU A 414 10.30 33.72 15.81
N GLY A 415 10.01 34.80 16.53
CA GLY A 415 10.41 34.90 17.92
C GLY A 415 11.78 35.53 18.13
N THR A 416 12.51 35.04 19.12
CA THR A 416 13.75 35.67 19.54
C THR A 416 15.00 34.90 19.13
N SER A 417 14.83 33.75 18.49
CA SER A 417 15.97 32.90 18.16
C SER A 417 16.28 32.85 16.66
N TYR A 418 15.24 32.85 15.84
CA TYR A 418 15.42 32.74 14.39
C TYR A 418 15.12 34.05 13.68
N ALA A 419 16.05 34.49 12.83
CA ALA A 419 15.83 35.66 12.00
C ALA A 419 15.14 35.24 10.70
N GLY A 420 14.46 36.19 10.07
CA GLY A 420 13.76 35.91 8.82
C GLY A 420 14.50 36.47 7.62
N VAL A 421 14.51 35.73 6.53
CA VAL A 421 15.14 36.22 5.30
C VAL A 421 14.14 36.28 4.15
N PHE A 422 14.09 37.43 3.49
CA PHE A 422 13.23 37.66 2.33
C PHE A 422 14.12 37.98 1.14
N GLY A 423 13.62 37.77 -0.08
CA GLY A 423 14.43 38.04 -1.25
C GLY A 423 13.69 38.00 -2.57
N ASN A 424 14.38 38.42 -3.63
CA ASN A 424 13.83 38.37 -4.98
C ASN A 424 14.57 37.36 -5.85
N ASN A 425 15.52 36.66 -5.23
CA ASN A 425 16.36 35.70 -5.93
C ASN A 425 16.57 34.45 -5.09
N GLU A 426 16.09 33.32 -5.59
CA GLU A 426 16.06 32.08 -4.83
C GLU A 426 17.46 31.53 -4.53
N GLU A 427 18.37 31.66 -5.49
CA GLU A 427 19.72 31.14 -5.33
C GLU A 427 20.49 31.87 -4.23
N LEU A 428 20.29 33.19 -4.16
CA LEU A 428 20.92 34.00 -3.13
C LEU A 428 20.37 33.65 -1.74
N ILE A 429 19.07 33.40 -1.68
CA ILE A 429 18.41 33.05 -0.42
C ILE A 429 18.98 31.75 0.14
N ASN A 430 19.21 30.77 -0.75
CA ASN A 430 19.77 29.50 -0.32
C ASN A 430 21.22 29.62 0.13
N LYS A 431 21.95 30.57 -0.45
CA LYS A 431 23.33 30.82 -0.04
C LYS A 431 23.37 31.35 1.39
N ILE A 432 22.42 32.23 1.71
CA ILE A 432 22.31 32.78 3.05
C ILE A 432 21.92 31.70 4.04
N LEU A 433 21.02 30.81 3.61
CA LEU A 433 20.59 29.71 4.46
C LEU A 433 21.75 28.78 4.79
N GLN A 434 22.63 28.57 3.81
CA GLN A 434 23.82 27.75 4.05
C GLN A 434 24.78 28.46 4.99
N SER A 435 24.84 29.78 4.87
CA SER A 435 25.65 30.59 5.76
C SER A 435 25.08 30.53 7.17
N SER A 436 23.78 30.36 7.26
CA SER A 436 23.11 30.21 8.55
C SER A 436 23.53 28.91 9.22
N LYS A 437 23.73 27.87 8.41
CA LYS A 437 24.17 26.57 8.92
C LYS A 437 25.60 26.63 9.45
N THR A 438 26.50 27.17 8.64
CA THR A 438 27.93 27.15 8.95
C THR A 438 28.30 28.13 10.06
N SER A 439 27.52 29.19 10.20
CA SER A 439 27.79 30.19 11.23
C SER A 439 27.02 29.88 12.52
N ASN A 440 26.08 28.95 12.41
CA ASN A 440 25.18 28.60 13.51
C ASN A 440 24.39 29.80 14.01
N GLU A 441 24.10 30.74 13.12
CA GLU A 441 23.17 31.82 13.41
C GLU A 441 21.87 31.58 12.66
N PRO A 442 20.86 31.07 13.37
CA PRO A 442 19.58 30.59 12.82
C PRO A 442 18.82 31.62 11.98
N VAL A 443 18.50 31.24 10.75
CA VAL A 443 17.75 32.09 9.85
C VAL A 443 16.66 31.26 9.16
N TRP A 444 15.46 31.82 9.04
CA TRP A 444 14.37 31.12 8.36
C TRP A 444 13.88 31.89 7.15
N TRP A 445 13.56 31.16 6.09
CA TRP A 445 13.08 31.77 4.85
C TRP A 445 11.60 32.14 4.96
N LEU A 446 11.30 33.41 4.74
CA LEU A 446 9.92 33.88 4.76
C LEU A 446 9.53 34.46 3.39
N PRO A 447 8.26 34.30 3.00
CA PRO A 447 7.84 34.64 1.64
C PRO A 447 7.50 36.12 1.42
N ILE A 448 7.79 36.60 0.22
CA ILE A 448 7.28 37.91 -0.21
C ILE A 448 6.01 37.67 -1.02
N ILE A 449 4.87 37.80 -0.36
CA ILE A 449 3.57 37.52 -0.97
C ILE A 449 3.10 38.69 -1.83
N ASN A 450 3.11 38.49 -3.14
CA ASN A 450 2.81 39.55 -4.10
C ASN A 450 1.36 40.04 -4.06
N GLU A 451 0.48 39.22 -3.49
CA GLU A 451 -0.93 39.59 -3.39
C GLU A 451 -1.11 40.84 -2.52
N TYR A 452 -0.13 41.10 -1.66
CA TYR A 452 -0.21 42.24 -0.76
C TYR A 452 0.31 43.53 -1.39
N ARG A 453 0.89 43.45 -2.58
CA ARG A 453 1.48 44.62 -3.22
C ARG A 453 0.46 45.74 -3.44
N ALA A 454 -0.77 45.35 -3.77
CA ALA A 454 -1.82 46.31 -4.08
C ALA A 454 -2.19 47.22 -2.92
N THR A 455 -1.87 46.80 -1.70
CA THR A 455 -2.18 47.59 -0.51
C THR A 455 -1.19 48.75 -0.33
N LEU A 456 -0.15 48.76 -1.16
CA LEU A 456 0.84 49.82 -1.14
C LEU A 456 0.55 50.87 -2.21
N ASN A 457 -0.58 50.70 -2.89
CA ASN A 457 -1.00 51.65 -3.92
C ASN A 457 -1.48 52.96 -3.30
N SER A 458 -0.69 54.01 -3.47
CA SER A 458 -1.06 55.32 -2.94
C SER A 458 -1.97 56.06 -3.91
N LYS A 459 -2.91 56.83 -3.36
CA LYS A 459 -3.84 57.60 -4.17
C LYS A 459 -3.14 58.77 -4.85
N TYR A 460 -2.11 59.31 -4.20
CA TYR A 460 -1.45 60.52 -4.69
C TYR A 460 0.03 60.31 -5.01
N ALA A 461 0.73 59.55 -4.17
CA ALA A 461 2.13 59.25 -4.41
C ALA A 461 2.27 57.98 -5.25
N ASP A 462 3.50 57.67 -5.66
CA ASP A 462 3.77 56.47 -6.42
C ASP A 462 3.53 55.22 -5.59
N ILE A 463 3.87 55.29 -4.30
CA ILE A 463 3.79 54.13 -3.44
C ILE A 463 3.60 54.54 -1.98
N ASN A 464 2.89 53.72 -1.22
CA ASN A 464 2.73 53.93 0.21
C ASN A 464 3.94 53.41 0.99
N GLN A 465 4.30 54.15 2.04
CA GLN A 465 5.35 53.70 2.95
C GLN A 465 4.92 52.43 3.66
N ILE A 466 3.70 52.45 4.19
CA ILE A 466 3.15 51.31 4.90
C ILE A 466 1.79 50.90 4.34
N SER A 467 1.31 49.75 4.79
CA SER A 467 0.00 49.26 4.42
C SER A 467 -1.05 49.68 5.43
N SER A 468 -2.24 49.11 5.30
CA SER A 468 -3.31 49.35 6.26
C SER A 468 -4.09 48.06 6.53
N SER A 469 -4.28 47.26 5.50
CA SER A 469 -5.18 46.11 5.57
C SER A 469 -4.49 44.76 5.74
N VAL A 470 -3.18 44.77 5.95
CA VAL A 470 -2.43 43.51 6.00
C VAL A 470 -2.11 43.02 7.41
N LYS A 471 -1.49 43.89 8.20
CA LYS A 471 -1.03 43.59 9.56
C LYS A 471 0.17 42.63 9.57
N ALA A 472 0.57 42.15 8.39
CA ALA A 472 1.79 41.37 8.26
C ALA A 472 2.92 42.32 7.85
N SER A 473 3.32 43.18 8.78
CA SER A 473 4.23 44.29 8.51
C SER A 473 5.55 43.86 7.90
N SER A 474 6.07 42.72 8.34
CA SER A 474 7.38 42.24 7.89
C SER A 474 7.38 41.92 6.40
N ILE A 475 6.31 41.29 5.93
CA ILE A 475 6.20 40.95 4.52
C ILE A 475 5.94 42.21 3.69
N VAL A 476 5.08 43.08 4.19
CA VAL A 476 4.78 44.35 3.54
C VAL A 476 6.02 45.21 3.42
N ALA A 477 6.82 45.25 4.48
CA ALA A 477 8.06 46.02 4.50
C ALA A 477 9.02 45.52 3.42
N SER A 478 9.03 44.20 3.21
CA SER A 478 9.85 43.60 2.17
C SER A 478 9.35 43.99 0.78
N LEU A 479 8.03 44.00 0.62
CA LEU A 479 7.40 44.41 -0.64
C LEU A 479 7.78 45.84 -0.98
N PHE A 480 7.90 46.68 0.04
CA PHE A 480 8.30 48.06 -0.15
C PHE A 480 9.75 48.12 -0.64
N LEU A 481 10.62 47.38 0.04
CA LEU A 481 12.05 47.37 -0.29
C LEU A 481 12.33 46.79 -1.68
N LYS A 482 11.53 45.80 -2.08
CA LYS A 482 11.72 45.15 -3.37
C LYS A 482 11.53 46.13 -4.52
N GLU A 483 10.72 47.16 -4.27
CA GLU A 483 10.44 48.19 -5.27
C GLU A 483 11.63 49.09 -5.55
N PHE A 484 12.69 48.96 -4.74
CA PHE A 484 13.85 49.82 -4.87
C PHE A 484 15.10 49.03 -5.27
N VAL A 485 14.90 47.79 -5.70
CA VAL A 485 15.97 47.00 -6.30
C VAL A 485 15.48 46.49 -7.66
N GLN A 486 16.05 47.04 -8.72
CA GLN A 486 15.52 46.81 -10.07
C GLN A 486 15.97 45.50 -10.71
N ASN A 487 17.28 45.27 -10.77
CA ASN A 487 17.78 44.11 -11.51
C ASN A 487 19.02 43.47 -10.90
N THR A 488 19.08 43.38 -9.57
CA THR A 488 20.14 42.65 -8.91
C THR A 488 19.57 41.71 -7.85
N ALA A 489 20.23 40.58 -7.64
CA ALA A 489 19.84 39.64 -6.61
C ALA A 489 19.88 40.33 -5.25
N TRP A 490 18.75 40.36 -4.56
CA TRP A 490 18.65 41.07 -3.29
C TRP A 490 17.97 40.24 -2.21
N ALA A 491 18.49 40.34 -0.99
CA ALA A 491 17.90 39.63 0.14
C ALA A 491 17.80 40.54 1.35
N HIS A 492 16.78 40.30 2.17
CA HIS A 492 16.51 41.12 3.34
C HIS A 492 16.43 40.27 4.60
N ILE A 493 17.32 40.53 5.56
CA ILE A 493 17.33 39.79 6.81
C ILE A 493 16.80 40.64 7.96
N ASP A 494 15.60 40.31 8.43
CA ASP A 494 14.98 41.05 9.53
C ASP A 494 15.40 40.44 10.87
N ILE A 495 16.17 41.21 11.65
CA ILE A 495 16.72 40.72 12.89
C ILE A 495 16.16 41.45 14.11
N ALA A 496 14.97 42.03 13.95
CA ALA A 496 14.35 42.81 15.02
C ALA A 496 14.05 41.96 16.25
N GLY A 497 13.81 40.67 16.03
CA GLY A 497 13.45 39.78 17.12
C GLY A 497 14.64 39.09 17.79
N VAL A 498 15.70 38.88 17.03
CA VAL A 498 16.83 38.09 17.51
C VAL A 498 18.04 38.93 17.92
N SER A 499 18.01 40.22 17.63
CA SER A 499 19.16 41.07 17.90
C SER A 499 19.47 41.20 19.38
N TRP A 500 18.44 41.49 20.18
CA TRP A 500 18.64 41.74 21.60
C TRP A 500 18.30 40.52 22.46
N ASN A 501 19.23 40.20 23.36
CA ASN A 501 19.01 39.12 24.33
C ASN A 501 18.32 39.69 25.57
N PHE A 502 17.02 39.48 25.66
CA PHE A 502 16.22 40.07 26.72
C PHE A 502 16.54 39.48 28.09
N LYS A 503 16.79 38.18 28.13
CA LYS A 503 17.12 37.51 29.38
C LYS A 503 18.46 37.99 29.93
N ALA A 504 19.43 38.14 29.04
CA ALA A 504 20.78 38.54 29.44
C ALA A 504 20.93 40.07 29.48
N ARG A 505 19.90 40.76 29.00
CA ARG A 505 19.90 42.23 28.96
C ARG A 505 21.11 42.78 28.20
N LYS A 506 21.41 42.18 27.05
CA LYS A 506 22.57 42.59 26.26
C LYS A 506 22.38 42.21 24.78
N PRO A 507 23.17 42.84 23.89
CA PRO A 507 23.09 42.48 22.46
C PRO A 507 23.66 41.10 22.16
N LYS A 508 23.32 40.56 21.00
CA LYS A 508 23.88 39.29 20.55
C LYS A 508 25.01 39.50 19.55
N GLY A 509 24.98 40.64 18.85
CA GLY A 509 25.89 40.87 17.75
C GLY A 509 25.49 39.99 16.59
N PHE A 510 24.19 39.71 16.49
CA PHE A 510 23.64 38.84 15.45
C PHE A 510 23.89 39.41 14.06
N GLY A 511 24.34 38.56 13.15
CA GLY A 511 24.52 38.94 11.76
C GLY A 511 25.97 38.95 11.31
N VAL A 512 26.88 39.26 12.24
CA VAL A 512 28.30 39.36 11.92
C VAL A 512 28.84 38.08 11.31
N ARG A 513 28.67 36.97 12.04
CA ARG A 513 29.18 35.69 11.59
C ARG A 513 28.42 35.18 10.37
N LEU A 514 27.12 35.45 10.31
CA LEU A 514 26.29 35.05 9.18
C LEU A 514 26.74 35.71 7.89
N LEU A 515 26.92 37.03 7.94
CA LEU A 515 27.31 37.79 6.76
C LEU A 515 28.73 37.45 6.32
N THR A 516 29.61 37.17 7.29
CA THR A 516 31.00 36.86 6.99
C THR A 516 31.13 35.49 6.33
N GLU A 517 30.41 34.51 6.86
CA GLU A 517 30.38 33.18 6.27
C GLU A 517 29.81 33.23 4.85
N PHE A 518 28.88 34.16 4.63
CA PHE A 518 28.29 34.37 3.32
C PHE A 518 29.31 34.91 2.32
N VAL A 519 30.13 35.85 2.78
CA VAL A 519 31.15 36.45 1.94
C VAL A 519 32.30 35.48 1.67
N LEU A 520 32.67 34.70 2.68
CA LEU A 520 33.84 33.83 2.59
C LEU A 520 33.65 32.65 1.65
N ASN A 521 32.54 31.93 1.81
CA ASN A 521 32.31 30.69 1.05
C ASN A 521 31.69 30.93 -0.32
N ASP A 522 31.80 32.15 -0.83
CA ASP A 522 31.20 32.49 -2.12
C ASP A 522 32.27 32.68 -3.20
N SER B 5 7.15 84.98 2.75
CA SER B 5 7.04 84.57 1.36
C SER B 5 8.07 83.49 1.02
N GLU B 6 9.22 83.54 1.67
CA GLU B 6 10.25 82.53 1.48
C GLU B 6 10.00 81.35 2.42
N VAL B 7 9.81 80.17 1.84
CA VAL B 7 9.54 78.97 2.61
C VAL B 7 10.82 78.39 3.20
N PRO B 8 10.89 78.30 4.54
CA PRO B 8 12.06 77.72 5.20
C PRO B 8 12.22 76.24 4.88
N GLN B 9 13.45 75.75 4.99
CA GLN B 9 13.76 74.36 4.67
C GLN B 9 14.68 73.75 5.72
N VAL B 10 14.57 72.45 5.93
CA VAL B 10 15.53 71.74 6.76
C VAL B 10 16.65 71.21 5.88
N VAL B 11 16.26 70.64 4.74
CA VAL B 11 17.20 70.22 3.71
C VAL B 11 16.79 70.83 2.38
N SER B 12 17.70 70.79 1.40
CA SER B 12 17.44 71.41 0.11
C SER B 12 16.32 70.72 -0.66
N LEU B 13 16.00 69.49 -0.27
CA LEU B 13 14.99 68.71 -0.96
C LEU B 13 13.58 69.03 -0.48
N ASP B 14 13.49 69.84 0.57
CA ASP B 14 12.20 70.29 1.07
C ASP B 14 11.53 71.21 0.05
N PRO B 15 10.27 70.93 -0.29
CA PRO B 15 9.53 71.74 -1.27
C PRO B 15 9.31 73.17 -0.79
N THR B 16 9.19 74.10 -1.73
CA THR B 16 9.04 75.51 -1.39
C THR B 16 7.72 76.08 -1.90
N SER B 17 6.87 75.23 -2.47
CA SER B 17 5.58 75.66 -2.97
C SER B 17 4.63 74.50 -3.18
N ILE B 18 3.33 74.79 -3.12
CA ILE B 18 2.31 73.79 -3.41
C ILE B 18 2.06 73.72 -4.91
N PRO B 19 2.26 72.54 -5.51
CA PRO B 19 1.91 72.40 -6.93
C PRO B 19 0.41 72.57 -7.14
N ILE B 20 0.03 73.50 -8.00
CA ILE B 20 -1.38 73.78 -8.25
C ILE B 20 -1.68 73.75 -9.74
N GLU B 21 -2.60 72.88 -10.14
CA GLU B 21 -3.06 72.85 -11.53
C GLU B 21 -4.29 73.73 -11.68
N TYR B 22 -4.16 74.80 -12.46
CA TYR B 22 -5.25 75.75 -12.66
C TYR B 22 -6.11 75.37 -13.85
N ASN B 23 -5.47 75.08 -14.98
CA ASN B 23 -6.18 74.61 -16.15
C ASN B 23 -6.24 73.09 -16.19
N THR B 24 -7.35 72.54 -15.72
CA THR B 24 -7.55 71.10 -15.70
C THR B 24 -8.11 70.64 -17.05
N PRO B 25 -7.92 69.36 -17.39
CA PRO B 25 -8.50 68.78 -18.61
C PRO B 25 -10.02 68.98 -18.70
N ILE B 26 -10.67 69.14 -17.56
CA ILE B 26 -12.11 69.42 -17.52
C ILE B 26 -12.41 70.75 -18.21
N HIS B 27 -11.50 71.71 -18.06
CA HIS B 27 -11.66 73.02 -18.69
C HIS B 27 -11.57 72.93 -20.21
N ASP B 28 -10.96 71.86 -20.71
CA ASP B 28 -10.79 71.68 -22.15
C ASP B 28 -11.98 70.97 -22.77
N ILE B 29 -12.91 70.50 -21.93
CA ILE B 29 -14.13 69.89 -22.43
C ILE B 29 -15.15 70.95 -22.81
N LYS B 30 -15.44 71.04 -24.11
CA LYS B 30 -16.47 71.98 -24.56
C LYS B 30 -17.84 71.32 -24.42
N VAL B 31 -18.73 72.01 -23.71
CA VAL B 31 -20.03 71.44 -23.36
C VAL B 31 -21.17 72.11 -24.13
N GLN B 32 -21.94 71.30 -24.86
CA GLN B 32 -23.10 71.81 -25.59
C GLN B 32 -24.37 71.14 -25.10
N VAL B 33 -25.39 71.95 -24.83
CA VAL B 33 -26.68 71.45 -24.37
C VAL B 33 -27.72 71.55 -25.46
N TYR B 34 -28.34 70.43 -25.81
CA TYR B 34 -29.39 70.41 -26.82
C TYR B 34 -30.75 70.16 -26.16
N ASP B 35 -31.81 70.61 -26.81
CA ASP B 35 -33.16 70.34 -26.31
C ASP B 35 -33.59 68.94 -26.74
N ILE B 36 -34.15 68.19 -25.81
CA ILE B 36 -34.54 66.81 -26.07
C ILE B 36 -35.67 66.74 -27.10
N LYS B 37 -36.42 67.83 -27.21
CA LYS B 37 -37.45 67.95 -28.24
C LYS B 37 -36.79 68.34 -29.56
N GLY B 38 -36.63 67.37 -30.44
CA GLY B 38 -35.93 67.57 -31.69
C GLY B 38 -35.12 66.35 -32.03
N GLY B 39 -35.02 65.44 -31.07
CA GLY B 39 -34.34 64.18 -31.28
C GLY B 39 -32.88 64.19 -30.87
N CYS B 40 -32.37 63.01 -30.52
CA CYS B 40 -30.95 62.86 -30.19
C CYS B 40 -30.22 62.21 -31.35
N ASN B 41 -29.04 62.72 -31.69
CA ASN B 41 -28.23 62.11 -32.73
C ASN B 41 -27.04 61.37 -32.15
N VAL B 42 -26.86 60.13 -32.59
CA VAL B 42 -25.80 59.27 -32.07
C VAL B 42 -24.72 59.06 -33.13
N GLU B 43 -23.62 59.82 -33.02
CA GLU B 43 -22.57 59.78 -34.03
C GLU B 43 -21.30 59.08 -33.53
N GLU B 44 -20.51 59.78 -32.73
CA GLU B 44 -19.25 59.22 -32.25
C GLU B 44 -19.18 59.13 -30.73
N GLY B 45 -18.20 58.39 -30.23
CA GLY B 45 -17.96 58.30 -28.80
C GLY B 45 -18.98 57.46 -28.05
N LEU B 46 -19.23 57.84 -26.80
CA LEU B 46 -20.16 57.11 -25.95
C LEU B 46 -21.43 57.91 -25.69
N THR B 47 -22.58 57.29 -25.95
CA THR B 47 -23.87 57.93 -25.71
C THR B 47 -24.62 57.21 -24.59
N ILE B 48 -24.91 57.94 -23.51
CA ILE B 48 -25.52 57.34 -22.33
C ILE B 48 -26.89 57.94 -22.00
N PHE B 49 -27.89 57.09 -21.85
CA PHE B 49 -29.23 57.51 -21.45
C PHE B 49 -29.42 57.34 -19.95
N LEU B 50 -29.85 58.42 -19.28
CA LEU B 50 -30.20 58.34 -17.87
C LEU B 50 -31.67 57.98 -17.74
N VAL B 51 -31.95 56.72 -17.41
CA VAL B 51 -33.32 56.20 -17.45
C VAL B 51 -33.80 55.76 -16.07
N ASN B 52 -35.08 56.03 -15.79
CA ASN B 52 -35.73 55.54 -14.58
C ASN B 52 -37.03 54.83 -14.92
N ASN B 53 -37.69 54.27 -13.90
CA ASN B 53 -39.00 53.65 -14.08
C ASN B 53 -39.83 53.83 -12.82
N PRO B 54 -40.65 54.90 -12.79
CA PRO B 54 -41.51 55.22 -11.64
C PRO B 54 -42.45 54.08 -11.28
N GLY B 55 -42.44 53.68 -10.01
CA GLY B 55 -43.32 52.64 -9.53
C GLY B 55 -42.65 51.28 -9.40
N LYS B 56 -42.29 50.70 -10.55
CA LYS B 56 -41.65 49.39 -10.58
C LYS B 56 -40.30 49.43 -9.87
N GLU B 57 -40.09 48.49 -8.94
CA GLU B 57 -38.85 48.41 -8.16
C GLU B 57 -37.62 48.40 -9.07
N ASN B 58 -37.48 47.33 -9.85
CA ASN B 58 -36.44 47.26 -10.87
C ASN B 58 -37.06 46.98 -12.24
N GLY B 59 -37.88 47.91 -12.70
CA GLY B 59 -38.59 47.75 -13.97
C GLY B 59 -37.67 47.88 -15.16
N PRO B 60 -38.17 47.49 -16.35
CA PRO B 60 -37.39 47.49 -17.58
C PRO B 60 -37.04 48.91 -18.04
N VAL B 61 -35.94 49.05 -18.78
CA VAL B 61 -35.57 50.36 -19.31
C VAL B 61 -36.36 50.65 -20.59
N LYS B 62 -36.75 51.92 -20.75
CA LYS B 62 -37.51 52.33 -21.93
C LYS B 62 -37.08 53.73 -22.38
N ILE B 63 -36.49 53.81 -23.56
CA ILE B 63 -36.05 55.08 -24.10
C ILE B 63 -37.19 55.81 -24.80
N SER B 64 -37.63 56.91 -24.20
CA SER B 64 -38.75 57.68 -24.73
C SER B 64 -38.32 58.68 -25.80
N SER B 65 -37.09 59.19 -25.65
CA SER B 65 -36.57 60.23 -26.54
C SER B 65 -36.48 59.76 -27.99
N LYS B 66 -36.71 60.68 -28.91
CA LYS B 66 -36.60 60.38 -30.33
C LYS B 66 -35.13 60.35 -30.74
N VAL B 67 -34.74 59.34 -31.51
CA VAL B 67 -33.38 59.23 -32.00
C VAL B 67 -33.35 59.39 -33.52
N ASN B 68 -32.61 60.40 -33.99
CA ASN B 68 -32.54 60.71 -35.41
C ASN B 68 -31.70 59.71 -36.20
N ASP B 69 -31.88 58.42 -35.90
CA ASP B 69 -31.17 57.36 -36.59
C ASP B 69 -32.03 56.10 -36.62
N LYS B 70 -32.33 55.61 -37.81
CA LYS B 70 -33.22 54.47 -37.99
C LYS B 70 -32.69 53.21 -37.31
N GLN B 71 -31.41 52.91 -37.54
CA GLN B 71 -30.81 51.71 -36.99
C GLN B 71 -30.68 51.78 -35.47
N VAL B 72 -30.24 52.92 -34.96
CA VAL B 72 -30.08 53.11 -33.52
C VAL B 72 -31.42 53.04 -32.80
N SER B 73 -32.45 53.56 -33.45
CA SER B 73 -33.80 53.54 -32.90
C SER B 73 -34.36 52.12 -32.88
N GLU B 74 -33.97 51.34 -33.89
CA GLU B 74 -34.39 49.94 -33.98
C GLU B 74 -33.75 49.11 -32.87
N PHE B 75 -32.48 49.40 -32.58
CA PHE B 75 -31.77 48.72 -31.51
C PHE B 75 -32.40 49.03 -30.16
N LEU B 76 -32.83 50.27 -30.00
CA LEU B 76 -33.35 50.75 -28.71
C LEU B 76 -34.86 50.55 -28.57
N LYS B 77 -35.43 49.69 -29.42
CA LYS B 77 -36.84 49.36 -29.31
C LYS B 77 -37.12 48.68 -27.98
N ASP B 78 -38.32 48.87 -27.45
CA ASP B 78 -38.70 48.35 -26.14
C ASP B 78 -38.53 46.84 -26.02
N GLU B 79 -38.76 46.13 -27.13
CA GLU B 79 -38.63 44.68 -27.15
C GLU B 79 -37.19 44.25 -26.88
N ASN B 80 -36.24 45.07 -27.31
CA ASN B 80 -34.82 44.77 -27.12
C ASN B 80 -34.29 45.19 -25.76
N MET B 81 -34.84 46.29 -25.22
CA MET B 81 -34.33 46.88 -24.00
C MET B 81 -34.94 46.29 -22.73
N GLU B 82 -35.96 45.46 -22.90
CA GLU B 82 -36.75 44.96 -21.78
C GLU B 82 -35.95 44.08 -20.80
N LYS B 83 -34.87 43.47 -21.29
CA LYS B 83 -34.08 42.57 -20.45
C LYS B 83 -33.20 43.33 -19.45
N PHE B 84 -33.06 44.63 -19.66
CA PHE B 84 -32.29 45.47 -18.75
C PHE B 84 -33.22 46.26 -17.83
N ASN B 85 -32.78 46.53 -16.60
CA ASN B 85 -33.61 47.24 -15.65
C ASN B 85 -32.98 48.57 -15.19
N VAL B 86 -33.76 49.35 -14.44
CA VAL B 86 -33.37 50.72 -14.09
C VAL B 86 -32.81 50.87 -12.68
N LYS B 87 -32.35 49.77 -12.09
CA LYS B 87 -31.81 49.80 -10.74
C LYS B 87 -30.74 50.87 -10.59
N LEU B 88 -30.82 51.65 -9.52
CA LEU B 88 -29.91 52.75 -9.26
C LEU B 88 -28.45 52.29 -9.23
N GLY B 89 -27.66 52.78 -10.18
CA GLY B 89 -26.24 52.45 -10.23
C GLY B 89 -25.88 51.52 -11.36
N THR B 90 -26.89 50.84 -11.91
CA THR B 90 -26.66 49.88 -12.98
C THR B 90 -26.27 50.57 -14.29
N SER B 91 -25.28 50.01 -14.98
CA SER B 91 -24.85 50.52 -16.27
C SER B 91 -24.69 49.40 -17.28
N LYS B 92 -24.88 49.72 -18.57
CA LYS B 92 -24.71 48.76 -19.65
C LYS B 92 -24.06 49.39 -20.86
N HIS B 93 -23.48 48.56 -21.72
CA HIS B 93 -22.81 49.02 -22.94
C HIS B 93 -23.35 48.32 -24.18
N PHE B 94 -23.62 49.10 -25.23
CA PHE B 94 -24.15 48.56 -26.48
C PHE B 94 -23.26 48.94 -27.66
N TYR B 95 -23.13 48.04 -28.63
CA TYR B 95 -22.37 48.29 -29.85
C TYR B 95 -23.24 48.09 -31.07
N MET B 96 -23.21 49.04 -32.00
CA MET B 96 -24.05 48.96 -33.20
C MET B 96 -23.59 49.90 -34.31
N PHE B 97 -24.17 49.74 -35.49
CA PHE B 97 -23.89 50.61 -36.63
C PHE B 97 -25.05 51.54 -36.90
N ASN B 98 -24.74 52.79 -37.27
CA ASN B 98 -25.79 53.77 -37.57
C ASN B 98 -26.19 53.78 -39.04
N ASP B 99 -26.92 54.80 -39.45
CA ASP B 99 -27.43 54.91 -40.82
C ASP B 99 -26.32 54.95 -41.87
N ASN B 100 -25.21 55.60 -41.53
CA ASN B 100 -24.09 55.70 -42.46
C ASN B 100 -23.13 54.52 -42.34
N LYS B 101 -23.62 53.42 -41.77
CA LYS B 101 -22.83 52.21 -41.56
C LYS B 101 -21.57 52.48 -40.74
N ASN B 102 -21.66 53.43 -39.82
CA ASN B 102 -20.56 53.73 -38.90
C ASN B 102 -20.84 53.15 -37.51
N SER B 103 -19.79 52.66 -36.85
CA SER B 103 -19.93 52.06 -35.54
C SER B 103 -20.10 53.10 -34.44
N VAL B 104 -21.11 52.91 -33.60
CA VAL B 104 -21.36 53.82 -32.48
C VAL B 104 -21.46 53.06 -31.16
N ALA B 105 -21.25 53.76 -30.06
CA ALA B 105 -21.33 53.14 -28.73
C ALA B 105 -22.43 53.79 -27.89
N VAL B 106 -23.38 52.98 -27.45
CA VAL B 106 -24.53 53.47 -26.68
C VAL B 106 -24.68 52.66 -25.39
N GLY B 107 -25.30 53.25 -24.38
CA GLY B 107 -25.56 52.57 -23.13
C GLY B 107 -26.49 53.36 -22.23
N TYR B 108 -26.70 52.87 -21.01
CA TYR B 108 -27.58 53.57 -20.07
C TYR B 108 -27.08 53.47 -18.64
N VAL B 109 -27.60 54.36 -17.79
CA VAL B 109 -27.36 54.29 -16.35
C VAL B 109 -28.68 54.31 -15.60
N GLY B 110 -28.90 53.30 -14.77
CA GLY B 110 -30.14 53.18 -14.01
C GLY B 110 -30.30 54.29 -12.98
N CYS B 111 -31.47 54.92 -12.98
CA CYS B 111 -31.75 56.03 -12.07
C CYS B 111 -32.85 55.68 -11.08
N GLY B 112 -33.02 54.40 -10.81
CA GLY B 112 -33.97 53.94 -9.80
C GLY B 112 -35.42 54.06 -10.22
N SER B 113 -36.29 54.14 -9.21
CA SER B 113 -37.74 54.19 -9.43
C SER B 113 -38.36 55.45 -8.84
N VAL B 114 -37.57 56.19 -8.08
CA VAL B 114 -38.05 57.43 -7.46
C VAL B 114 -37.95 58.60 -8.44
N ALA B 115 -39.03 59.38 -8.55
CA ALA B 115 -39.09 60.48 -9.50
C ALA B 115 -38.16 61.63 -9.11
N ASP B 116 -37.93 61.78 -7.81
CA ASP B 116 -37.06 62.85 -7.31
C ASP B 116 -35.76 62.29 -6.73
N LEU B 117 -34.67 62.46 -7.46
CA LEU B 117 -33.38 61.93 -7.04
C LEU B 117 -32.72 62.83 -6.00
N SER B 118 -32.21 62.20 -4.94
CA SER B 118 -31.52 62.92 -3.87
C SER B 118 -30.08 63.26 -4.26
N GLU B 119 -29.39 63.96 -3.36
CA GLU B 119 -28.00 64.34 -3.57
C GLU B 119 -27.10 63.10 -3.60
N ALA B 120 -27.40 62.13 -2.74
CA ALA B 120 -26.61 60.90 -2.67
C ALA B 120 -26.91 59.98 -3.85
N ASP B 121 -28.18 59.96 -4.27
CA ASP B 121 -28.60 59.13 -5.39
C ASP B 121 -27.95 59.58 -6.68
N MET B 122 -28.06 60.87 -6.98
CA MET B 122 -27.45 61.46 -8.16
C MET B 122 -25.93 61.29 -8.13
N LYS B 123 -25.37 61.31 -6.92
CA LYS B 123 -23.93 61.13 -6.74
C LYS B 123 -23.50 59.73 -7.19
N ARG B 124 -24.35 58.75 -6.92
CA ARG B 124 -24.07 57.38 -7.35
C ARG B 124 -24.31 57.23 -8.85
N VAL B 125 -25.28 57.99 -9.37
CA VAL B 125 -25.55 58.00 -10.80
C VAL B 125 -24.33 58.51 -11.55
N VAL B 126 -23.75 59.59 -11.05
CA VAL B 126 -22.54 60.18 -11.63
C VAL B 126 -21.38 59.19 -11.61
N LEU B 127 -21.19 58.53 -10.48
CA LEU B 127 -20.11 57.55 -10.32
C LEU B 127 -20.20 56.41 -11.34
N SER B 128 -21.41 56.08 -11.75
CA SER B 128 -21.62 55.05 -12.76
C SER B 128 -21.11 55.53 -14.12
N LEU B 129 -21.34 56.81 -14.41
CA LEU B 129 -20.85 57.41 -15.66
C LEU B 129 -19.33 57.43 -15.69
N VAL B 130 -18.72 57.86 -14.59
CA VAL B 130 -17.28 57.97 -14.49
C VAL B 130 -16.60 56.61 -14.68
N THR B 131 -17.22 55.57 -14.15
CA THR B 131 -16.73 54.20 -14.30
C THR B 131 -16.58 53.83 -15.77
N MET B 132 -17.55 54.25 -16.58
CA MET B 132 -17.53 53.96 -18.00
C MET B 132 -16.56 54.88 -18.74
N LEU B 133 -16.33 56.05 -18.18
CA LEU B 133 -15.35 56.98 -18.73
C LEU B 133 -13.93 56.51 -18.47
N HIS B 134 -13.73 55.91 -17.29
CA HIS B 134 -12.44 55.33 -16.94
C HIS B 134 -12.17 54.07 -17.76
N ASP B 135 -10.90 53.83 -18.05
CA ASP B 135 -10.46 52.66 -18.82
C ASP B 135 -11.08 52.60 -20.21
N ASN B 136 -11.50 53.74 -20.72
CA ASN B 136 -12.04 53.84 -22.08
C ASN B 136 -11.52 55.10 -22.78
N LYS B 137 -10.98 54.93 -23.98
CA LYS B 137 -10.40 56.05 -24.71
C LYS B 137 -11.44 56.76 -25.57
N LEU B 138 -12.39 57.42 -24.93
CA LEU B 138 -13.45 58.14 -25.62
C LEU B 138 -13.05 59.57 -25.95
N SER B 139 -13.54 60.07 -27.07
CA SER B 139 -13.25 61.44 -27.49
C SER B 139 -14.40 62.38 -27.10
N LYS B 140 -15.60 61.82 -26.98
CA LYS B 140 -16.77 62.62 -26.63
C LYS B 140 -17.79 61.80 -25.84
N LEU B 141 -18.38 62.43 -24.83
CA LEU B 141 -19.45 61.81 -24.05
C LEU B 141 -20.76 62.54 -24.25
N THR B 142 -21.82 61.79 -24.54
CA THR B 142 -23.14 62.38 -24.68
C THR B 142 -24.10 61.79 -23.66
N VAL B 143 -24.68 62.64 -22.83
CA VAL B 143 -25.60 62.20 -21.79
C VAL B 143 -27.01 62.72 -22.04
N VAL B 144 -27.95 61.80 -22.22
CA VAL B 144 -29.34 62.17 -22.46
C VAL B 144 -30.19 61.99 -21.20
N PHE B 145 -30.75 63.09 -20.71
CA PHE B 145 -31.54 63.06 -19.49
C PHE B 145 -33.00 62.66 -19.76
N GLU B 146 -33.33 61.42 -19.42
CA GLU B 146 -34.72 60.97 -19.49
C GLU B 146 -35.30 60.88 -18.08
N ILE B 147 -34.76 61.68 -17.18
CA ILE B 147 -35.27 61.79 -15.81
C ILE B 147 -35.46 63.27 -15.46
N ASN B 148 -36.19 63.52 -14.38
CA ASN B 148 -36.50 64.90 -13.99
C ASN B 148 -35.52 65.48 -12.99
N VAL B 149 -34.90 66.61 -13.37
CA VAL B 149 -33.97 67.32 -12.50
C VAL B 149 -34.21 68.82 -12.60
N ASP B 150 -34.17 69.53 -11.48
CA ASP B 150 -34.29 70.98 -11.53
C ASP B 150 -32.95 71.60 -11.89
N LYS B 151 -32.90 72.92 -11.95
CA LYS B 151 -31.69 73.63 -12.35
C LYS B 151 -30.52 73.33 -11.41
N ASN B 152 -30.80 73.22 -10.11
CA ASN B 152 -29.76 72.96 -9.12
C ASN B 152 -29.20 71.54 -9.21
N LEU B 153 -30.07 70.56 -9.41
CA LEU B 153 -29.64 69.17 -9.48
C LEU B 153 -28.87 68.88 -10.76
N PHE B 154 -29.24 69.59 -11.84
CA PHE B 154 -28.52 69.47 -13.10
C PHE B 154 -27.11 70.05 -12.95
N ARG B 155 -27.02 71.19 -12.27
CA ARG B 155 -25.73 71.82 -12.00
C ARG B 155 -24.90 70.92 -11.09
N PHE B 156 -25.55 70.32 -10.10
CA PHE B 156 -24.88 69.42 -9.17
C PHE B 156 -24.36 68.18 -9.88
N PHE B 157 -25.09 67.75 -10.91
CA PHE B 157 -24.68 66.61 -11.73
C PHE B 157 -23.34 66.88 -12.39
N LEU B 158 -23.22 68.05 -13.02
CA LEU B 158 -22.01 68.43 -13.73
C LEU B 158 -20.82 68.59 -12.78
N GLU B 159 -21.05 69.25 -11.65
CA GLU B 159 -20.03 69.43 -10.63
C GLU B 159 -19.43 68.10 -10.20
N THR B 160 -20.32 67.18 -9.82
CA THR B 160 -19.90 65.86 -9.36
C THR B 160 -19.26 65.08 -10.50
N LEU B 161 -19.79 65.24 -11.71
CA LEU B 161 -19.21 64.61 -12.88
C LEU B 161 -17.78 65.10 -13.09
N PHE B 162 -17.62 66.42 -13.11
CA PHE B 162 -16.32 67.04 -13.31
C PHE B 162 -15.33 66.66 -12.22
N TYR B 163 -15.76 66.74 -10.96
CA TYR B 163 -14.88 66.51 -9.82
C TYR B 163 -14.37 65.07 -9.72
N GLU B 164 -15.29 64.11 -9.89
CA GLU B 164 -14.92 62.70 -9.80
C GLU B 164 -14.12 62.26 -11.03
N TYR B 165 -14.41 62.86 -12.17
CA TYR B 165 -13.70 62.54 -13.41
C TYR B 165 -12.23 62.95 -13.32
N MET B 166 -12.00 64.10 -12.71
CA MET B 166 -10.65 64.65 -12.57
C MET B 166 -9.78 63.82 -11.64
N THR B 167 -8.52 63.64 -12.02
CA THR B 167 -7.57 62.88 -11.21
C THR B 167 -6.36 63.73 -10.85
N ASP B 168 -6.03 63.77 -9.55
CA ASP B 168 -4.91 64.55 -9.05
C ASP B 168 -3.62 63.73 -9.13
N GLU B 169 -2.73 64.12 -10.04
CA GLU B 169 -1.46 63.41 -10.22
C GLU B 169 -0.26 64.33 -10.03
N ARG B 170 -0.43 65.37 -9.23
CA ARG B 170 0.64 66.32 -8.95
C ARG B 170 1.82 65.64 -8.26
N PHE B 171 1.54 64.60 -7.50
CA PHE B 171 2.58 63.94 -6.70
C PHE B 171 2.95 62.57 -7.22
N LYS B 172 2.47 62.24 -8.43
CA LYS B 172 2.88 61.03 -9.11
C LYS B 172 4.17 61.28 -9.89
N SER B 173 4.97 60.24 -10.07
CA SER B 173 6.24 60.36 -10.80
C SER B 173 6.61 59.04 -11.46
N THR B 174 6.65 57.98 -10.66
CA THR B 174 6.99 56.63 -11.11
C THR B 174 8.37 56.58 -11.74
N LYS B 176 2.30 57.74 -12.90
CA LYS B 176 1.19 58.32 -13.67
C LYS B 176 0.52 57.27 -14.54
N ASN B 177 -0.82 57.28 -14.53
CA ASN B 177 -1.59 56.37 -15.38
C ASN B 177 -1.24 56.60 -16.85
N VAL B 178 -0.75 55.56 -17.50
CA VAL B 178 -0.24 55.66 -18.87
C VAL B 178 -1.35 55.94 -19.89
N ASN B 179 -2.52 55.36 -19.66
CA ASN B 179 -3.61 55.46 -20.62
C ASN B 179 -4.73 56.41 -20.19
N MET B 180 -4.39 57.42 -19.40
CA MET B 180 -5.36 58.43 -18.98
C MET B 180 -5.54 59.49 -20.07
N GLU B 181 -6.75 59.56 -20.62
CA GLU B 181 -7.05 60.52 -21.68
C GLU B 181 -8.49 61.03 -21.56
N TYR B 182 -8.62 62.30 -21.20
CA TYR B 182 -9.93 62.91 -20.99
C TYR B 182 -10.66 63.19 -22.30
N ILE B 183 -11.98 63.22 -22.24
CA ILE B 183 -12.80 63.59 -23.38
C ILE B 183 -12.62 65.09 -23.68
N LYS B 184 -13.01 65.50 -24.88
CA LYS B 184 -12.87 66.89 -25.29
C LYS B 184 -14.22 67.55 -25.56
N HIS B 185 -15.26 66.72 -25.71
CA HIS B 185 -16.61 67.23 -25.94
C HIS B 185 -17.62 66.54 -25.03
N LEU B 186 -18.57 67.32 -24.53
CA LEU B 186 -19.66 66.78 -23.72
C LEU B 186 -21.01 67.26 -24.23
N GLY B 187 -21.84 66.33 -24.67
CA GLY B 187 -23.17 66.66 -25.15
C GLY B 187 -24.24 66.33 -24.13
N VAL B 188 -25.17 67.26 -23.92
CA VAL B 188 -26.24 67.05 -22.96
C VAL B 188 -27.62 67.27 -23.59
N TYR B 189 -28.42 66.22 -23.61
CA TYR B 189 -29.80 66.32 -24.10
C TYR B 189 -30.77 66.33 -22.93
N ILE B 190 -31.56 67.39 -22.83
CA ILE B 190 -32.48 67.54 -21.70
C ILE B 190 -33.68 68.42 -22.09
N ASN B 191 -34.82 68.17 -21.45
CA ASN B 191 -36.04 68.91 -21.73
C ASN B 191 -35.96 70.36 -21.23
N ASN B 192 -36.46 71.28 -22.05
CA ASN B 192 -36.39 72.72 -21.76
C ASN B 192 -34.94 73.12 -21.49
N ALA B 193 -34.08 72.89 -22.46
CA ALA B 193 -32.64 73.05 -22.30
C ALA B 193 -32.22 74.51 -22.13
N ASP B 194 -33.03 75.44 -22.65
CA ASP B 194 -32.67 76.85 -22.63
C ASP B 194 -32.52 77.41 -21.21
N THR B 195 -33.24 76.82 -20.26
CA THR B 195 -33.15 77.25 -18.87
C THR B 195 -31.94 76.65 -18.17
N TYR B 196 -31.41 75.57 -18.73
CA TYR B 196 -30.31 74.85 -18.10
C TYR B 196 -28.93 75.31 -18.57
N LYS B 197 -28.89 75.98 -19.73
CA LYS B 197 -27.62 76.39 -20.32
C LYS B 197 -26.83 77.33 -19.42
N GLU B 198 -27.54 78.11 -18.61
CA GLU B 198 -26.89 79.05 -17.70
C GLU B 198 -26.12 78.33 -16.59
N GLU B 199 -26.54 77.10 -16.30
CA GLU B 199 -25.96 76.33 -15.21
C GLU B 199 -24.59 75.75 -15.57
N VAL B 200 -24.30 75.68 -16.87
CA VAL B 200 -23.10 75.02 -17.35
C VAL B 200 -21.81 75.67 -16.85
N GLU B 201 -21.62 76.95 -17.13
CA GLU B 201 -20.39 77.62 -16.74
C GLU B 201 -20.36 77.88 -15.23
N LYS B 202 -21.54 77.96 -14.61
CA LYS B 202 -21.62 78.08 -13.17
C LYS B 202 -21.16 76.78 -12.52
N ALA B 203 -21.49 75.67 -13.16
CA ALA B 203 -21.08 74.35 -12.70
C ALA B 203 -19.57 74.17 -12.82
N ARG B 204 -19.01 74.71 -13.90
CA ARG B 204 -17.58 74.61 -14.15
C ARG B 204 -16.78 75.43 -13.13
N VAL B 205 -17.33 76.60 -12.78
CA VAL B 205 -16.71 77.45 -11.77
C VAL B 205 -16.78 76.79 -10.40
N TYR B 206 -17.96 76.29 -10.05
CA TYR B 206 -18.15 75.59 -8.78
C TYR B 206 -17.24 74.38 -8.68
N TYR B 207 -17.00 73.73 -9.81
CA TYR B 207 -16.14 72.55 -9.85
C TYR B 207 -14.72 72.87 -9.45
N PHE B 208 -14.12 73.87 -10.09
CA PHE B 208 -12.73 74.18 -9.82
C PHE B 208 -12.55 74.77 -8.43
N GLY B 209 -13.54 75.54 -7.98
CA GLY B 209 -13.50 76.11 -6.65
C GLY B 209 -13.41 74.99 -5.62
N THR B 210 -14.19 73.94 -5.85
CA THR B 210 -14.15 72.75 -5.02
C THR B 210 -12.84 71.99 -5.20
N TYR B 211 -12.42 71.85 -6.46
CA TYR B 211 -11.21 71.10 -6.77
C TYR B 211 -9.95 71.84 -6.32
N TYR B 212 -10.00 73.16 -6.37
CA TYR B 212 -8.90 73.98 -5.87
C TYR B 212 -8.68 73.71 -4.38
N ALA B 213 -9.78 73.62 -3.64
CA ALA B 213 -9.72 73.27 -2.24
C ALA B 213 -9.16 71.87 -2.07
N SER B 214 -9.64 70.95 -2.89
CA SER B 214 -9.20 69.57 -2.85
C SER B 214 -7.69 69.44 -3.11
N GLN B 215 -7.18 70.28 -4.01
CA GLN B 215 -5.75 70.28 -4.33
C GLN B 215 -4.93 70.68 -3.11
N LEU B 216 -5.39 71.71 -2.41
CA LEU B 216 -4.72 72.19 -1.21
C LEU B 216 -4.78 71.14 -0.10
N ILE B 217 -5.92 70.47 0.01
CA ILE B 217 -6.12 69.49 1.07
C ILE B 217 -5.34 68.20 0.82
N ALA B 218 -5.33 67.72 -0.42
CA ALA B 218 -4.59 66.52 -0.78
C ALA B 218 -3.09 66.75 -0.63
N ALA B 219 -2.67 68.01 -0.77
CA ALA B 219 -1.27 68.38 -0.62
C ALA B 219 -0.80 68.13 0.80
N PRO B 220 0.30 67.37 0.95
CA PRO B 220 0.89 67.02 2.24
C PRO B 220 1.39 68.26 3.00
N SER B 221 1.75 68.07 4.26
CA SER B 221 2.07 69.19 5.13
C SER B 221 3.48 69.73 4.92
N ASN B 222 4.33 68.96 4.25
CA ASN B 222 5.65 69.47 3.88
C ASN B 222 5.56 70.33 2.64
N TYR B 223 4.56 70.05 1.80
CA TYR B 223 4.27 70.88 0.64
C TYR B 223 3.41 72.08 1.03
N CYS B 224 2.38 71.81 1.82
CA CYS B 224 1.46 72.86 2.25
C CYS B 224 1.74 73.27 3.70
N ASN B 225 2.44 74.38 3.86
CA ASN B 225 2.78 74.92 5.17
C ASN B 225 2.23 76.35 5.29
N PRO B 226 2.25 76.93 6.52
CA PRO B 226 1.74 78.30 6.69
C PRO B 226 2.30 79.32 5.70
N VAL B 227 3.54 79.14 5.26
CA VAL B 227 4.14 80.07 4.31
C VAL B 227 3.70 79.76 2.88
N SER B 228 3.78 78.49 2.49
CA SER B 228 3.44 78.08 1.12
C SER B 228 1.96 78.27 0.82
N LEU B 229 1.12 78.04 1.82
CA LEU B 229 -0.32 78.19 1.66
C LEU B 229 -0.68 79.66 1.49
N SER B 230 -0.07 80.51 2.31
CA SER B 230 -0.29 81.95 2.24
C SER B 230 0.21 82.51 0.92
N ASN B 231 1.29 81.93 0.39
CA ASN B 231 1.80 82.32 -0.92
C ASN B 231 0.85 81.88 -2.03
N ALA B 232 0.22 80.73 -1.84
CA ALA B 232 -0.73 80.21 -2.81
C ALA B 232 -1.99 81.06 -2.84
N ALA B 233 -2.39 81.56 -1.67
CA ALA B 233 -3.55 82.42 -1.56
C ALA B 233 -3.31 83.76 -2.25
N VAL B 234 -2.09 84.27 -2.16
CA VAL B 234 -1.71 85.51 -2.82
C VAL B 234 -1.71 85.33 -4.34
N GLU B 235 -1.13 84.23 -4.80
CA GLU B 235 -1.12 83.90 -6.21
C GLU B 235 -2.54 83.80 -6.76
N LEU B 236 -3.43 83.24 -5.95
CA LEU B 236 -4.84 83.15 -6.31
C LEU B 236 -5.48 84.54 -6.31
N ALA B 237 -5.20 85.32 -5.27
CA ALA B 237 -5.78 86.65 -5.13
C ALA B 237 -5.32 87.59 -6.26
N GLN B 238 -4.08 87.41 -6.70
CA GLN B 238 -3.53 88.23 -7.78
C GLN B 238 -4.21 87.95 -9.11
N LYS B 239 -4.57 86.69 -9.32
CA LYS B 239 -5.23 86.28 -10.57
C LYS B 239 -6.69 86.75 -10.62
N LEU B 240 -7.28 86.96 -9.46
CA LEU B 240 -8.70 87.29 -9.39
C LEU B 240 -8.94 88.78 -9.13
N ASN B 241 -7.87 89.54 -9.05
CA ASN B 241 -7.92 90.96 -8.71
C ASN B 241 -8.63 91.22 -7.39
N LEU B 242 -8.26 90.45 -6.37
CA LEU B 242 -8.78 90.67 -5.03
C LEU B 242 -7.77 91.43 -4.20
N GLU B 243 -8.24 92.37 -3.38
CA GLU B 243 -7.37 93.01 -2.42
C GLU B 243 -6.89 91.96 -1.44
N TYR B 244 -5.59 91.95 -1.14
CA TYR B 244 -5.03 90.93 -0.28
C TYR B 244 -4.06 91.52 0.73
N LYS B 245 -3.98 90.88 1.89
CA LYS B 245 -3.06 91.30 2.94
C LYS B 245 -2.63 90.08 3.75
N ILE B 246 -1.33 89.82 3.79
CA ILE B 246 -0.81 88.73 4.58
C ILE B 246 -0.13 89.27 5.83
N LEU B 247 -0.71 88.97 6.99
CA LEU B 247 -0.19 89.47 8.25
C LEU B 247 0.88 88.53 8.80
N GLY B 248 2.07 89.08 9.04
CA GLY B 248 3.17 88.30 9.59
C GLY B 248 3.25 88.44 11.10
N VAL B 249 4.22 87.77 11.70
CA VAL B 249 4.36 87.71 13.16
C VAL B 249 4.45 89.10 13.79
N LYS B 250 5.16 90.02 13.14
CA LYS B 250 5.33 91.37 13.65
C LYS B 250 3.99 92.11 13.78
N GLU B 251 3.17 92.02 12.76
CA GLU B 251 1.86 92.66 12.77
C GLU B 251 0.94 91.99 13.79
N LEU B 252 1.01 90.67 13.86
CA LEU B 252 0.18 89.89 14.77
C LEU B 252 0.49 90.20 16.22
N GLU B 253 1.77 90.46 16.51
CA GLU B 253 2.19 90.84 17.86
C GLU B 253 1.61 92.19 18.24
N GLU B 254 1.54 93.10 17.28
CA GLU B 254 1.01 94.44 17.52
C GLU B 254 -0.51 94.38 17.67
N LEU B 255 -1.14 93.41 17.01
CA LEU B 255 -2.58 93.19 17.14
C LEU B 255 -2.88 92.30 18.36
N LYS B 256 -1.81 91.84 19.01
CA LYS B 256 -1.90 91.09 20.27
C LYS B 256 -2.69 89.79 20.15
N MET B 257 -2.52 89.07 19.06
CA MET B 257 -3.20 87.80 18.86
C MET B 257 -2.45 86.66 19.53
N GLY B 258 -2.52 86.62 20.86
CA GLY B 258 -1.76 85.66 21.64
C GLY B 258 -2.20 84.21 21.49
N ALA B 259 -3.49 83.99 21.34
CA ALA B 259 -4.02 82.63 21.21
C ALA B 259 -3.53 81.99 19.91
N TYR B 260 -3.61 82.76 18.83
CA TYR B 260 -3.19 82.29 17.52
C TYR B 260 -1.67 82.10 17.46
N LEU B 261 -0.92 83.03 18.04
CA LEU B 261 0.54 82.95 18.01
C LEU B 261 1.08 81.80 18.85
N SER B 262 0.38 81.48 19.95
CA SER B 262 0.83 80.42 20.85
C SER B 262 0.76 79.04 20.23
N VAL B 263 -0.21 78.84 19.34
CA VAL B 263 -0.39 77.55 18.68
C VAL B 263 0.77 77.25 17.74
N GLY B 264 1.27 78.28 17.06
CA GLY B 264 2.33 78.11 16.09
C GLY B 264 3.73 78.29 16.64
N LYS B 265 3.82 78.48 17.96
CA LYS B 265 5.11 78.72 18.61
C LYS B 265 6.11 77.58 18.38
N GLY B 266 5.61 76.36 18.32
CA GLY B 266 6.47 75.20 18.15
C GLY B 266 6.76 74.85 16.71
N SER B 267 6.32 75.69 15.79
CA SER B 267 6.48 75.42 14.36
C SER B 267 7.71 76.10 13.79
N MET B 268 8.29 75.49 12.76
CA MET B 268 9.44 76.07 12.06
C MET B 268 8.95 77.11 11.07
N TYR B 269 7.66 77.07 10.76
CA TYR B 269 7.05 78.03 9.85
C TYR B 269 6.38 79.15 10.63
N PRO B 270 6.72 80.41 10.31
CA PRO B 270 6.09 81.57 10.95
C PRO B 270 4.59 81.62 10.66
N ASN B 271 3.82 82.13 11.62
CA ASN B 271 2.37 82.26 11.43
C ASN B 271 2.05 83.25 10.32
N LYS B 272 1.05 82.91 9.51
CA LYS B 272 0.63 83.77 8.41
C LYS B 272 -0.89 83.90 8.37
N PHE B 273 -1.39 85.12 8.57
CA PHE B 273 -2.84 85.34 8.53
C PHE B 273 -3.24 85.82 7.14
N ILE B 274 -4.12 85.05 6.50
CA ILE B 274 -4.61 85.36 5.17
C ILE B 274 -5.80 86.30 5.23
N HIS B 275 -5.72 87.40 4.48
CA HIS B 275 -6.82 88.36 4.42
C HIS B 275 -7.07 88.81 2.98
N LEU B 276 -8.10 88.23 2.36
CA LEU B 276 -8.51 88.59 1.02
C LEU B 276 -9.81 89.40 1.07
N THR B 277 -10.04 90.23 0.07
CA THR B 277 -11.26 91.04 0.04
C THR B 277 -11.85 91.19 -1.36
N TYR B 278 -13.13 90.86 -1.48
CA TYR B 278 -13.88 91.14 -2.70
C TYR B 278 -14.90 92.24 -2.44
N LYS B 279 -14.89 93.27 -3.28
CA LYS B 279 -15.83 94.37 -3.14
C LYS B 279 -16.55 94.62 -4.44
N SER B 280 -17.87 94.77 -4.37
CA SER B 280 -18.67 95.05 -5.54
C SER B 280 -18.45 96.49 -6.02
N LYS B 281 -18.66 96.72 -7.31
CA LYS B 281 -18.51 98.05 -7.87
C LYS B 281 -19.69 98.94 -7.48
N GLY B 282 -20.85 98.32 -7.32
CA GLY B 282 -22.05 99.05 -6.94
C GLY B 282 -22.22 99.19 -5.44
N ASP B 283 -23.37 99.73 -5.02
CA ASP B 283 -23.65 99.96 -3.61
C ASP B 283 -23.65 98.67 -2.80
N VAL B 284 -22.87 98.64 -1.73
CA VAL B 284 -22.73 97.44 -0.90
C VAL B 284 -23.84 97.34 0.14
N LYS B 285 -24.58 96.23 0.10
CA LYS B 285 -25.72 96.03 1.00
C LYS B 285 -25.41 95.04 2.12
N LYS B 286 -24.43 94.17 1.89
CA LYS B 286 -24.06 93.18 2.90
C LYS B 286 -22.54 93.00 2.99
N LYS B 287 -22.05 92.96 4.23
CA LYS B 287 -20.62 92.72 4.47
C LYS B 287 -20.44 91.38 5.17
N ILE B 288 -19.63 90.50 4.57
CA ILE B 288 -19.50 89.13 5.05
C ILE B 288 -18.05 88.74 5.32
N ALA B 289 -17.81 88.15 6.48
CA ALA B 289 -16.49 87.61 6.81
C ALA B 289 -16.52 86.09 6.81
N LEU B 290 -15.68 85.49 5.97
CA LEU B 290 -15.55 84.04 5.91
C LEU B 290 -14.24 83.61 6.55
N VAL B 291 -14.33 82.83 7.62
CA VAL B 291 -13.14 82.44 8.38
C VAL B 291 -12.88 80.94 8.27
N GLY B 292 -11.69 80.58 7.77
CA GLY B 292 -11.33 79.18 7.65
C GLY B 292 -10.25 78.75 8.62
N LYS B 293 -10.43 77.58 9.24
CA LYS B 293 -9.39 77.03 10.09
C LYS B 293 -8.21 76.58 9.24
N GLY B 294 -7.04 77.14 9.51
CA GLY B 294 -5.87 76.87 8.70
C GLY B 294 -4.72 76.23 9.46
N ILE B 295 -4.96 75.03 10.01
CA ILE B 295 -3.90 74.26 10.62
C ILE B 295 -3.32 73.29 9.58
N THR B 296 -2.17 73.65 9.03
CA THR B 296 -1.58 72.89 7.92
C THR B 296 -1.20 71.48 8.35
N PHE B 297 -0.87 71.32 9.62
CA PHE B 297 -0.73 69.99 10.21
C PHE B 297 -1.01 70.03 11.70
N ASP B 298 -1.77 69.06 12.18
CA ASP B 298 -2.14 68.99 13.59
C ASP B 298 -1.54 67.75 14.24
N SER B 299 -0.40 67.93 14.90
CA SER B 299 0.24 66.86 15.64
C SER B 299 -0.44 66.70 16.99
N GLY B 300 -1.08 67.78 17.45
CA GLY B 300 -1.75 67.80 18.74
C GLY B 300 -0.95 68.56 19.77
N GLY B 301 0.27 68.94 19.42
CA GLY B 301 1.18 69.55 20.36
C GLY B 301 1.60 68.53 21.41
N TYR B 302 1.85 69.00 22.64
CA TYR B 302 2.26 68.09 23.70
C TYR B 302 1.14 67.15 24.11
N ASN B 303 -0.10 67.49 23.74
CA ASN B 303 -1.19 66.54 23.78
C ASN B 303 -1.19 65.72 22.49
N LEU B 304 -0.08 65.03 22.25
CA LEU B 304 0.16 64.34 21.00
C LEU B 304 -0.96 63.36 20.62
N LYS B 305 -1.25 63.28 19.33
CA LYS B 305 -2.21 62.32 18.82
C LYS B 305 -1.57 60.94 18.78
N ALA B 306 -1.54 60.27 19.93
CA ALA B 306 -0.92 58.95 20.03
C ALA B 306 -1.95 57.85 20.26
N ALA B 307 -3.14 58.25 20.69
CA ALA B 307 -4.22 57.30 20.93
C ALA B 307 -4.67 56.65 19.63
N PRO B 308 -5.09 55.38 19.70
CA PRO B 308 -5.60 54.68 18.53
C PRO B 308 -6.82 55.37 17.94
N GLY B 309 -6.80 55.62 16.64
CA GLY B 309 -7.92 56.26 15.96
C GLY B 309 -7.86 57.77 15.99
N SER B 310 -6.73 58.31 16.41
CA SER B 310 -6.55 59.77 16.46
C SER B 310 -6.27 60.33 15.07
N MET B 311 -6.03 59.44 14.11
CA MET B 311 -5.89 59.80 12.70
C MET B 311 -4.84 60.88 12.45
N ILE B 312 -3.65 60.72 13.02
CA ILE B 312 -2.61 61.73 12.88
C ILE B 312 -2.05 61.77 11.46
N ASP B 313 -2.12 60.65 10.76
CA ASP B 313 -1.53 60.54 9.42
C ASP B 313 -2.38 61.27 8.38
N LEU B 314 -3.60 61.62 8.77
CA LEU B 314 -4.50 62.32 7.86
C LEU B 314 -4.61 63.78 8.23
N MET B 315 -4.02 64.17 9.36
CA MET B 315 -4.16 65.50 9.92
C MET B 315 -3.58 66.63 9.05
N LYS B 316 -3.21 66.29 7.81
CA LYS B 316 -2.93 67.33 6.83
C LYS B 316 -4.23 68.05 6.51
N PHE B 317 -5.33 67.30 6.46
CA PHE B 317 -6.62 67.83 6.02
C PHE B 317 -7.22 68.82 7.03
N ASP B 318 -6.44 69.17 8.06
CA ASP B 318 -6.89 70.10 9.09
C ASP B 318 -6.81 71.55 8.61
N MET B 319 -6.68 71.72 7.30
CA MET B 319 -6.62 73.03 6.66
C MET B 319 -7.89 73.27 5.85
N SER B 320 -8.75 72.24 5.85
CA SER B 320 -9.90 72.17 4.95
C SER B 320 -10.86 73.35 5.04
N GLY B 321 -10.91 74.00 6.20
CA GLY B 321 -11.73 75.18 6.37
C GLY B 321 -11.17 76.32 5.55
N CYS B 322 -9.85 76.51 5.65
CA CYS B 322 -9.16 77.53 4.88
C CYS B 322 -9.23 77.24 3.38
N ALA B 323 -9.11 75.97 3.03
CA ALA B 323 -9.20 75.54 1.64
C ALA B 323 -10.60 75.81 1.09
N ALA B 324 -11.60 75.59 1.93
CA ALA B 324 -12.99 75.85 1.55
C ALA B 324 -13.22 77.34 1.34
N VAL B 325 -12.64 78.15 2.22
CA VAL B 325 -12.77 79.60 2.13
C VAL B 325 -12.05 80.14 0.89
N LEU B 326 -10.84 79.67 0.65
CA LEU B 326 -10.09 80.07 -0.54
C LEU B 326 -10.78 79.59 -1.81
N GLY B 327 -11.38 78.39 -1.74
CA GLY B 327 -12.11 77.84 -2.86
C GLY B 327 -13.33 78.67 -3.18
N CYS B 328 -13.94 79.24 -2.13
CA CYS B 328 -15.06 80.14 -2.29
C CYS B 328 -14.63 81.45 -2.93
N ALA B 329 -13.43 81.91 -2.55
CA ALA B 329 -12.88 83.15 -3.07
C ALA B 329 -12.72 83.08 -4.58
N TYR B 330 -12.38 81.91 -5.10
CA TYR B 330 -12.26 81.70 -6.53
C TYR B 330 -13.61 81.90 -7.22
N CYS B 331 -14.63 81.22 -6.71
CA CYS B 331 -15.97 81.27 -7.30
C CYS B 331 -16.54 82.68 -7.26
N VAL B 332 -16.43 83.31 -6.11
CA VAL B 332 -16.90 84.68 -5.93
C VAL B 332 -16.12 85.65 -6.82
N GLY B 333 -14.81 85.46 -6.88
CA GLY B 333 -13.95 86.31 -7.69
C GLY B 333 -14.17 86.11 -9.18
N THR B 334 -14.75 84.97 -9.54
CA THR B 334 -15.03 84.66 -10.94
C THR B 334 -16.42 85.13 -11.34
N LEU B 335 -17.41 84.76 -10.53
CA LEU B 335 -18.80 85.10 -10.82
C LEU B 335 -19.09 86.58 -10.56
N LYS B 336 -18.31 87.16 -9.65
CA LYS B 336 -18.40 88.59 -9.33
C LYS B 336 -19.82 89.04 -9.00
N PRO B 337 -20.34 88.63 -7.82
CA PRO B 337 -21.67 89.05 -7.39
C PRO B 337 -21.71 90.54 -7.05
N GLU B 338 -22.91 91.12 -7.04
CA GLU B 338 -23.05 92.56 -6.81
C GLU B 338 -23.55 92.88 -5.40
N ASN B 339 -23.37 94.14 -5.01
CA ASN B 339 -23.86 94.67 -3.74
C ASN B 339 -23.34 93.93 -2.50
N VAL B 340 -22.10 93.46 -2.56
CA VAL B 340 -21.55 92.70 -1.45
C VAL B 340 -20.05 92.96 -1.25
N GLU B 341 -19.62 92.98 0.00
CA GLU B 341 -18.21 93.07 0.34
C GLU B 341 -17.83 91.88 1.22
N ILE B 342 -16.89 91.07 0.76
CA ILE B 342 -16.54 89.84 1.45
C ILE B 342 -15.07 89.79 1.87
N HIS B 343 -14.85 89.41 3.12
CA HIS B 343 -13.49 89.24 3.63
C HIS B 343 -13.19 87.76 3.87
N PHE B 344 -12.20 87.25 3.14
CA PHE B 344 -11.79 85.86 3.30
C PHE B 344 -10.62 85.78 4.29
N LEU B 345 -10.88 85.22 5.46
CA LEU B 345 -9.91 85.22 6.56
C LEU B 345 -9.47 83.82 6.95
N SER B 346 -8.21 83.70 7.36
CA SER B 346 -7.70 82.44 7.89
C SER B 346 -6.43 82.66 8.70
N ALA B 347 -6.46 82.26 9.97
CA ALA B 347 -5.28 82.30 10.82
C ALA B 347 -4.50 81.01 10.64
N VAL B 348 -3.50 81.04 9.76
CA VAL B 348 -2.79 79.83 9.37
C VAL B 348 -1.54 79.59 10.21
N CYS B 349 -1.39 78.36 10.71
CA CYS B 349 -0.21 77.96 11.44
C CYS B 349 -0.09 76.43 11.52
N GLU B 350 0.93 75.96 12.21
CA GLU B 350 1.16 74.52 12.34
C GLU B 350 1.32 74.14 13.81
N ASN B 351 0.65 73.08 14.23
CA ASN B 351 0.66 72.65 15.62
C ASN B 351 1.63 71.48 15.84
N MET B 352 2.85 71.80 16.28
CA MET B 352 3.92 70.81 16.35
C MET B 352 4.46 70.61 17.76
N VAL B 353 5.32 69.61 17.93
CA VAL B 353 5.98 69.35 19.20
C VAL B 353 7.42 69.84 19.16
N SER B 354 7.74 70.81 20.02
CA SER B 354 9.04 71.45 20.01
C SER B 354 9.39 71.94 21.41
N LYS B 355 10.60 72.46 21.56
CA LYS B 355 10.98 73.10 22.81
C LYS B 355 10.29 74.45 22.93
N ASN B 356 9.84 74.96 21.80
CA ASN B 356 9.19 76.27 21.74
C ASN B 356 7.68 76.18 21.78
N SER B 357 7.15 74.95 21.79
CA SER B 357 5.71 74.73 21.79
C SER B 357 5.05 75.27 23.05
N TYR B 358 3.76 75.59 22.95
CA TYR B 358 3.00 75.97 24.13
C TYR B 358 2.56 74.69 24.85
N ARG B 359 2.43 74.77 26.17
CA ARG B 359 2.18 73.59 26.98
C ARG B 359 0.75 73.54 27.51
N PRO B 360 0.28 72.33 27.83
CA PRO B 360 -0.98 72.20 28.56
C PRO B 360 -0.88 72.90 29.92
N GLY B 361 -1.83 73.77 30.24
CA GLY B 361 -1.79 74.51 31.48
C GLY B 361 -1.45 75.97 31.26
N ASP B 362 -0.88 76.27 30.10
CA ASP B 362 -0.51 77.64 29.74
C ASP B 362 -1.71 78.57 29.71
N ILE B 363 -1.51 79.80 30.18
CA ILE B 363 -2.54 80.82 30.09
C ILE B 363 -2.14 81.88 29.07
N ILE B 364 -2.94 82.00 28.01
CA ILE B 364 -2.64 82.92 26.92
C ILE B 364 -3.70 84.00 26.82
N THR B 365 -3.33 85.14 26.25
CA THR B 365 -4.25 86.27 26.14
C THR B 365 -4.64 86.55 24.70
N ALA B 366 -5.94 86.46 24.42
CA ALA B 366 -6.46 86.72 23.08
C ALA B 366 -6.42 88.20 22.75
N SER B 367 -6.71 88.54 21.50
CA SER B 367 -6.63 89.92 21.04
C SER B 367 -7.78 90.79 21.56
N ASN B 368 -8.74 90.16 22.23
CA ASN B 368 -9.85 90.90 22.83
C ASN B 368 -9.65 91.07 24.33
N GLY B 369 -8.48 90.67 24.82
CA GLY B 369 -8.13 90.86 26.21
C GLY B 369 -8.44 89.69 27.13
N LYS B 370 -9.23 88.75 26.64
CA LYS B 370 -9.60 87.59 27.45
C LYS B 370 -8.45 86.61 27.61
N THR B 371 -8.18 86.21 28.85
CA THR B 371 -7.14 85.24 29.15
C THR B 371 -7.70 83.83 29.08
N ILE B 372 -6.94 82.93 28.46
CA ILE B 372 -7.41 81.58 28.20
C ILE B 372 -6.47 80.53 28.80
N GLU B 373 -7.02 79.67 29.65
CA GLU B 373 -6.23 78.57 30.21
C GLU B 373 -6.29 77.35 29.30
N VAL B 374 -5.14 76.99 28.73
CA VAL B 374 -5.06 75.85 27.83
C VAL B 374 -5.08 74.53 28.59
N GLY B 375 -6.08 73.69 28.31
CA GLY B 375 -6.20 72.41 28.96
C GLY B 375 -5.80 71.28 28.03
N ASN B 376 -5.77 71.58 26.74
CA ASN B 376 -5.42 70.59 25.73
C ASN B 376 -4.86 71.28 24.48
N THR B 377 -3.59 71.02 24.19
CA THR B 377 -2.95 71.65 23.04
C THR B 377 -3.50 71.13 21.71
N ASP B 378 -4.26 70.04 21.76
CA ASP B 378 -4.82 69.43 20.56
C ASP B 378 -6.18 70.06 20.23
N ALA B 379 -6.63 70.96 21.11
CA ALA B 379 -7.81 71.76 20.83
C ALA B 379 -7.37 73.14 20.37
N GLU B 380 -6.47 73.16 19.39
CA GLU B 380 -5.81 74.38 18.96
C GLU B 380 -6.62 75.17 17.95
N GLY B 381 -7.57 74.50 17.30
CA GLY B 381 -8.38 75.12 16.27
C GLY B 381 -9.16 76.32 16.79
N ARG B 382 -9.84 76.13 17.92
CA ARG B 382 -10.66 77.19 18.51
C ARG B 382 -9.80 78.35 19.00
N LEU B 383 -8.53 78.08 19.29
CA LEU B 383 -7.61 79.12 19.73
C LEU B 383 -7.26 80.05 18.57
N THR B 384 -6.91 79.46 17.43
CA THR B 384 -6.62 80.24 16.23
C THR B 384 -7.88 80.94 15.75
N LEU B 385 -9.01 80.23 15.81
CA LEU B 385 -10.29 80.79 15.39
C LEU B 385 -10.70 81.96 16.27
N ALA B 386 -10.36 81.88 17.56
CA ALA B 386 -10.73 82.93 18.52
C ALA B 386 -10.19 84.29 18.08
N ASP B 387 -8.88 84.37 17.85
CA ASP B 387 -8.26 85.60 17.40
C ASP B 387 -8.75 86.00 16.01
N ALA B 388 -9.00 85.01 15.18
CA ALA B 388 -9.50 85.24 13.83
C ALA B 388 -10.90 85.84 13.87
N LEU B 389 -11.73 85.36 14.80
CA LEU B 389 -13.09 85.86 14.94
C LEU B 389 -13.11 87.27 15.52
N VAL B 390 -12.18 87.56 16.42
CA VAL B 390 -12.06 88.90 16.98
C VAL B 390 -11.67 89.90 15.91
N TYR B 391 -10.71 89.51 15.08
CA TYR B 391 -10.26 90.31 13.95
C TYR B 391 -11.39 90.52 12.95
N ALA B 392 -12.20 89.49 12.78
CA ALA B 392 -13.32 89.54 11.84
C ALA B 392 -14.37 90.56 12.27
N GLU B 393 -14.66 90.60 13.57
CA GLU B 393 -15.68 91.50 14.09
C GLU B 393 -15.23 92.96 14.01
N LYS B 394 -13.92 93.17 14.08
CA LYS B 394 -13.35 94.50 13.99
C LYS B 394 -13.52 95.11 12.59
N LEU B 395 -13.82 94.25 11.62
CA LEU B 395 -14.03 94.70 10.25
C LEU B 395 -15.41 95.34 10.09
N GLY B 396 -16.29 95.10 11.06
CA GLY B 396 -17.64 95.64 11.03
C GLY B 396 -18.48 95.02 9.93
N VAL B 397 -18.65 93.71 10.00
CA VAL B 397 -19.42 92.99 8.99
C VAL B 397 -20.80 92.61 9.50
N ASP B 398 -21.66 92.18 8.58
CA ASP B 398 -23.01 91.79 8.93
C ASP B 398 -23.06 90.34 9.37
N TYR B 399 -22.27 89.49 8.70
CA TYR B 399 -22.23 88.07 9.03
C TYR B 399 -20.80 87.58 9.20
N ILE B 400 -20.58 86.81 10.26
CA ILE B 400 -19.32 86.11 10.45
C ILE B 400 -19.56 84.60 10.40
N VAL B 401 -19.05 83.95 9.36
CA VAL B 401 -19.21 82.51 9.24
C VAL B 401 -17.86 81.82 9.20
N ASP B 402 -17.59 80.98 10.18
CA ASP B 402 -16.36 80.21 10.18
C ASP B 402 -16.65 78.77 9.78
N ILE B 403 -15.64 78.10 9.23
CA ILE B 403 -15.76 76.70 8.84
C ILE B 403 -14.47 75.98 9.22
N ALA B 404 -14.60 74.86 9.93
CA ALA B 404 -13.44 74.25 10.57
C ALA B 404 -13.56 72.75 10.77
N THR B 405 -12.43 72.06 10.67
CA THR B 405 -12.33 70.66 11.07
C THR B 405 -12.04 70.60 12.56
N LEU B 406 -13.02 71.00 13.36
CA LEU B 406 -12.78 71.30 14.77
C LEU B 406 -12.78 70.08 15.68
N THR B 407 -13.86 69.31 15.67
CA THR B 407 -14.02 68.22 16.64
C THR B 407 -14.25 66.86 15.99
N GLY B 408 -13.53 65.85 16.47
CA GLY B 408 -13.71 64.48 16.02
C GLY B 408 -15.03 63.89 16.47
N ALA B 409 -15.72 64.59 17.36
CA ALA B 409 -17.01 64.13 17.88
C ALA B 409 -18.10 64.21 16.81
N MET B 410 -17.84 64.95 15.74
CA MET B 410 -18.78 65.06 14.64
C MET B 410 -18.99 63.71 13.97
N LEU B 411 -17.97 62.86 14.02
CA LEU B 411 -18.06 61.52 13.48
C LEU B 411 -19.05 60.66 14.27
N TYR B 412 -19.28 61.04 15.52
CA TYR B 412 -20.19 60.30 16.40
C TYR B 412 -21.60 60.87 16.38
N SER B 413 -21.74 62.11 15.90
CA SER B 413 -23.02 62.80 15.92
C SER B 413 -23.74 62.74 14.57
N LEU B 414 -23.15 63.36 13.56
CA LEU B 414 -23.77 63.43 12.24
C LEU B 414 -23.13 62.46 11.24
N GLY B 415 -21.87 62.12 11.48
CA GLY B 415 -21.18 61.18 10.63
C GLY B 415 -20.36 61.84 9.53
N THR B 416 -20.31 61.17 8.38
CA THR B 416 -19.43 61.60 7.29
C THR B 416 -20.16 62.30 6.15
N SER B 417 -21.48 62.43 6.27
CA SER B 417 -22.27 63.04 5.21
C SER B 417 -22.73 64.45 5.58
N TYR B 418 -23.20 64.63 6.81
CA TYR B 418 -23.78 65.91 7.22
C TYR B 418 -22.84 66.71 8.11
N ALA B 419 -22.63 67.97 7.73
CA ALA B 419 -21.86 68.88 8.56
C ALA B 419 -22.78 69.54 9.58
N GLY B 420 -22.22 69.99 10.69
CA GLY B 420 -23.00 70.63 11.72
C GLY B 420 -22.80 72.14 11.72
N VAL B 421 -23.89 72.88 11.90
CA VAL B 421 -23.80 74.33 11.98
C VAL B 421 -24.30 74.85 13.33
N PHE B 422 -23.51 75.71 13.95
CA PHE B 422 -23.86 76.34 15.20
C PHE B 422 -23.92 77.84 14.98
N GLY B 423 -24.66 78.56 15.82
CA GLY B 423 -24.78 80.00 15.64
C GLY B 423 -25.41 80.75 16.80
N ASN B 424 -25.31 82.07 16.74
CA ASN B 424 -25.90 82.94 17.74
C ASN B 424 -27.06 83.73 17.16
N ASN B 425 -27.39 83.44 15.90
CA ASN B 425 -28.41 84.17 15.17
C ASN B 425 -29.24 83.22 14.30
N GLU B 426 -30.54 83.14 14.59
CA GLU B 426 -31.43 82.21 13.90
C GLU B 426 -31.55 82.52 12.41
N GLU B 427 -31.54 83.80 12.07
CA GLU B 427 -31.66 84.22 10.67
C GLU B 427 -30.45 83.75 9.85
N LEU B 428 -29.26 83.90 10.43
CA LEU B 428 -28.04 83.47 9.75
C LEU B 428 -28.01 81.96 9.60
N ILE B 429 -28.48 81.25 10.61
CA ILE B 429 -28.58 79.79 10.57
C ILE B 429 -29.48 79.37 9.42
N ASN B 430 -30.63 80.04 9.30
CA ASN B 430 -31.57 79.79 8.23
C ASN B 430 -30.95 79.99 6.86
N LYS B 431 -30.10 81.01 6.74
CA LYS B 431 -29.43 81.31 5.47
C LYS B 431 -28.44 80.22 5.10
N ILE B 432 -27.67 79.76 6.09
CA ILE B 432 -26.69 78.70 5.89
C ILE B 432 -27.39 77.40 5.44
N LEU B 433 -28.49 77.07 6.10
CA LEU B 433 -29.26 75.87 5.76
C LEU B 433 -29.88 76.00 4.37
N GLN B 434 -30.30 77.21 4.02
CA GLN B 434 -30.84 77.48 2.69
C GLN B 434 -29.78 77.23 1.63
N SER B 435 -28.57 77.70 1.91
CA SER B 435 -27.44 77.52 1.00
C SER B 435 -27.08 76.06 0.87
N SER B 436 -27.32 75.29 1.94
CA SER B 436 -27.04 73.86 1.94
C SER B 436 -27.95 73.13 0.96
N LYS B 437 -29.21 73.57 0.88
CA LYS B 437 -30.19 72.94 0.01
C LYS B 437 -29.86 73.19 -1.46
N THR B 438 -29.51 74.42 -1.79
CA THR B 438 -29.27 74.81 -3.18
C THR B 438 -27.89 74.38 -3.67
N SER B 439 -26.92 74.27 -2.76
CA SER B 439 -25.57 73.86 -3.12
C SER B 439 -25.43 72.34 -3.04
N ASN B 440 -26.41 71.70 -2.42
CA ASN B 440 -26.42 70.25 -2.21
C ASN B 440 -25.24 69.76 -1.38
N GLU B 441 -24.72 70.63 -0.52
CA GLU B 441 -23.77 70.22 0.50
C GLU B 441 -24.49 70.17 1.83
N PRO B 442 -24.84 68.95 2.28
CA PRO B 442 -25.73 68.71 3.43
C PRO B 442 -25.18 69.23 4.76
N VAL B 443 -25.99 70.02 5.44
CA VAL B 443 -25.64 70.58 6.75
C VAL B 443 -26.82 70.49 7.69
N TRP B 444 -26.57 70.14 8.96
CA TRP B 444 -27.63 70.04 9.95
C TRP B 444 -27.42 70.98 11.13
N TRP B 445 -28.50 71.61 11.59
CA TRP B 445 -28.42 72.57 12.68
C TRP B 445 -28.30 71.89 14.05
N LEU B 446 -27.22 72.20 14.75
CA LEU B 446 -26.99 71.69 16.11
C LEU B 446 -27.01 72.85 17.11
N PRO B 447 -27.40 72.56 18.37
CA PRO B 447 -27.61 73.61 19.36
C PRO B 447 -26.37 74.04 20.14
N ILE B 448 -26.33 75.31 20.52
CA ILE B 448 -25.35 75.80 21.46
C ILE B 448 -25.97 75.84 22.84
N ILE B 449 -25.76 74.78 23.61
CA ILE B 449 -26.40 74.61 24.90
C ILE B 449 -25.68 75.39 26.00
N ASN B 450 -26.33 76.44 26.49
CA ASN B 450 -25.70 77.36 27.44
C ASN B 450 -25.44 76.77 28.82
N GLU B 451 -26.05 75.63 29.12
CA GLU B 451 -25.85 75.00 30.42
C GLU B 451 -24.42 74.47 30.56
N TYR B 452 -23.77 74.19 29.43
CA TYR B 452 -22.42 73.63 29.44
C TYR B 452 -21.37 74.72 29.59
N ARG B 453 -21.78 75.98 29.50
CA ARG B 453 -20.85 77.11 29.55
C ARG B 453 -20.11 77.20 30.88
N ALA B 454 -20.78 76.79 31.96
CA ALA B 454 -20.18 76.85 33.29
C ALA B 454 -18.96 75.95 33.41
N THR B 455 -18.86 74.95 32.54
CA THR B 455 -17.73 74.03 32.54
C THR B 455 -16.50 74.68 31.92
N LEU B 456 -16.66 75.89 31.39
CA LEU B 456 -15.54 76.64 30.83
C LEU B 456 -15.07 77.71 31.80
N ASN B 457 -15.56 77.67 33.02
CA ASN B 457 -15.15 78.62 34.04
C ASN B 457 -13.79 78.26 34.63
N SER B 458 -12.80 79.12 34.39
CA SER B 458 -11.44 78.87 34.85
C SER B 458 -11.20 79.50 36.21
N LYS B 459 -10.37 78.83 37.02
CA LYS B 459 -10.04 79.31 38.35
C LYS B 459 -9.09 80.51 38.30
N TYR B 460 -8.25 80.56 37.26
CA TYR B 460 -7.24 81.60 37.19
C TYR B 460 -7.38 82.49 35.95
N ALA B 461 -7.64 81.88 34.80
CA ALA B 461 -7.85 82.65 33.58
C ALA B 461 -9.29 83.15 33.50
N ASP B 462 -9.60 83.89 32.44
CA ASP B 462 -10.96 84.35 32.23
C ASP B 462 -11.87 83.19 31.83
N ILE B 463 -11.30 82.22 31.13
CA ILE B 463 -12.06 81.11 30.59
C ILE B 463 -11.16 79.90 30.31
N ASN B 464 -11.74 78.70 30.39
CA ASN B 464 -11.03 77.50 29.99
C ASN B 464 -11.14 77.25 28.49
N GLN B 465 -10.06 76.75 27.91
CA GLN B 465 -10.06 76.36 26.50
C GLN B 465 -11.02 75.21 26.26
N ILE B 466 -10.96 74.21 27.14
CA ILE B 466 -11.81 73.03 27.04
C ILE B 466 -12.58 72.79 28.33
N SER B 467 -13.51 71.84 28.28
CA SER B 467 -14.27 71.48 29.47
C SER B 467 -13.71 70.21 30.10
N SER B 468 -13.91 70.09 31.41
CA SER B 468 -13.57 68.86 32.12
C SER B 468 -14.80 67.98 32.24
N SER B 469 -15.91 68.60 32.67
CA SER B 469 -17.14 67.89 33.00
C SER B 469 -17.85 67.26 31.80
N VAL B 470 -18.10 68.05 30.77
CA VAL B 470 -18.96 67.63 29.67
C VAL B 470 -18.19 67.06 28.48
N LYS B 471 -18.67 65.94 27.95
CA LYS B 471 -18.20 65.41 26.68
C LYS B 471 -18.82 66.22 25.55
N ALA B 472 -19.11 65.56 24.43
CA ALA B 472 -19.75 66.20 23.28
C ALA B 472 -19.04 67.49 22.89
N SER B 473 -17.77 67.38 22.54
CA SER B 473 -16.87 68.53 22.38
C SER B 473 -17.37 69.62 21.43
N SER B 474 -18.22 69.23 20.46
CA SER B 474 -18.65 70.16 19.42
C SER B 474 -19.44 71.36 19.95
N ILE B 475 -20.24 71.12 20.98
CA ILE B 475 -21.07 72.19 21.56
C ILE B 475 -20.24 73.12 22.45
N VAL B 476 -19.36 72.53 23.25
CA VAL B 476 -18.47 73.32 24.11
C VAL B 476 -17.53 74.18 23.27
N ALA B 477 -17.03 73.60 22.17
CA ALA B 477 -16.17 74.33 21.25
C ALA B 477 -16.90 75.53 20.66
N SER B 478 -18.19 75.36 20.37
CA SER B 478 -19.00 76.45 19.87
C SER B 478 -19.23 77.51 20.95
N LEU B 479 -19.38 77.03 22.19
CA LEU B 479 -19.56 77.92 23.34
C LEU B 479 -18.33 78.79 23.56
N PHE B 480 -17.16 78.25 23.25
CA PHE B 480 -15.91 78.99 23.39
C PHE B 480 -15.80 80.08 22.34
N LEU B 481 -16.07 79.73 21.09
CA LEU B 481 -16.00 80.66 19.97
C LEU B 481 -16.98 81.81 20.14
N LYS B 482 -18.14 81.51 20.72
CA LYS B 482 -19.20 82.49 20.91
C LYS B 482 -18.75 83.63 21.84
N GLU B 483 -17.78 83.33 22.70
CA GLU B 483 -17.25 84.31 23.63
C GLU B 483 -16.39 85.36 22.94
N PHE B 484 -16.10 85.14 21.67
CA PHE B 484 -15.24 86.05 20.91
C PHE B 484 -16.00 86.76 19.80
N VAL B 485 -17.32 86.65 19.83
CA VAL B 485 -18.20 87.43 18.96
C VAL B 485 -19.18 88.19 19.85
N GLN B 486 -18.96 89.49 20.01
CA GLN B 486 -19.67 90.25 21.03
C GLN B 486 -21.06 90.71 20.59
N ASN B 487 -21.17 91.30 19.40
CA ASN B 487 -22.47 91.75 18.91
C ASN B 487 -22.57 91.69 17.39
N THR B 488 -22.30 90.52 16.83
CA THR B 488 -22.43 90.32 15.40
C THR B 488 -23.03 88.95 15.12
N ALA B 489 -23.89 88.86 14.11
CA ALA B 489 -24.46 87.59 13.70
C ALA B 489 -23.35 86.64 13.27
N TRP B 490 -23.29 85.49 13.92
CA TRP B 490 -22.19 84.55 13.69
C TRP B 490 -22.65 83.10 13.62
N ALA B 491 -22.11 82.37 12.65
CA ALA B 491 -22.40 80.95 12.51
C ALA B 491 -21.10 80.16 12.40
N HIS B 492 -21.13 78.92 12.88
CA HIS B 492 -19.95 78.06 12.89
C HIS B 492 -20.27 76.72 12.25
N ILE B 493 -19.55 76.37 11.19
CA ILE B 493 -19.79 75.12 10.50
C ILE B 493 -18.65 74.11 10.76
N ASP B 494 -18.97 73.07 11.51
CA ASP B 494 -17.99 72.03 11.83
C ASP B 494 -17.98 70.95 10.75
N ILE B 495 -16.90 70.90 9.99
CA ILE B 495 -16.79 69.97 8.87
C ILE B 495 -15.75 68.88 9.13
N ALA B 496 -15.43 68.64 10.40
CA ALA B 496 -14.39 67.69 10.77
C ALA B 496 -14.71 66.27 10.31
N GLY B 497 -15.99 65.94 10.25
CA GLY B 497 -16.41 64.60 9.87
C GLY B 497 -16.64 64.42 8.38
N VAL B 498 -16.92 65.50 7.68
CA VAL B 498 -17.30 65.41 6.27
C VAL B 498 -16.22 65.85 5.30
N SER B 499 -15.13 66.40 5.83
CA SER B 499 -14.08 66.95 4.98
C SER B 499 -13.36 65.90 4.14
N TRP B 500 -13.05 64.76 4.74
CA TRP B 500 -12.31 63.71 4.04
C TRP B 500 -13.21 62.56 3.61
N ASN B 501 -13.15 62.19 2.33
CA ASN B 501 -13.83 61.02 1.84
C ASN B 501 -12.99 59.78 2.11
N PHE B 502 -13.27 59.11 3.23
CA PHE B 502 -12.49 57.96 3.67
C PHE B 502 -12.57 56.79 2.69
N LYS B 503 -13.71 56.65 2.03
CA LYS B 503 -13.92 55.57 1.06
C LYS B 503 -13.11 55.83 -0.21
N ALA B 504 -13.15 57.07 -0.70
CA ALA B 504 -12.47 57.43 -1.94
C ALA B 504 -11.03 57.89 -1.67
N ARG B 505 -10.67 57.99 -0.39
CA ARG B 505 -9.33 58.38 0.03
C ARG B 505 -8.91 59.73 -0.56
N LYS B 506 -9.84 60.67 -0.57
CA LYS B 506 -9.57 62.00 -1.13
C LYS B 506 -10.45 63.05 -0.47
N PRO B 507 -10.04 64.32 -0.53
CA PRO B 507 -10.88 65.39 0.02
C PRO B 507 -12.19 65.55 -0.75
N LYS B 508 -13.17 66.22 -0.16
CA LYS B 508 -14.42 66.50 -0.84
C LYS B 508 -14.46 67.93 -1.35
N GLY B 509 -13.63 68.79 -0.76
CA GLY B 509 -13.71 70.21 -1.02
C GLY B 509 -15.01 70.74 -0.43
N PHE B 510 -15.44 70.12 0.67
CA PHE B 510 -16.69 70.45 1.32
C PHE B 510 -16.69 71.90 1.79
N GLY B 511 -17.76 72.62 1.46
CA GLY B 511 -17.93 73.98 1.94
C GLY B 511 -17.83 75.02 0.85
N VAL B 512 -17.10 74.71 -0.22
CA VAL B 512 -16.88 75.66 -1.31
C VAL B 512 -18.19 76.11 -1.93
N ARG B 513 -18.99 75.15 -2.40
CA ARG B 513 -20.26 75.45 -3.03
C ARG B 513 -21.27 76.04 -2.04
N LEU B 514 -21.19 75.59 -0.79
CA LEU B 514 -22.08 76.07 0.26
C LEU B 514 -21.86 77.55 0.54
N LEU B 515 -20.62 77.94 0.75
CA LEU B 515 -20.29 79.32 1.10
C LEU B 515 -20.54 80.28 -0.07
N THR B 516 -20.32 79.82 -1.29
CA THR B 516 -20.56 80.65 -2.47
C THR B 516 -22.05 80.92 -2.65
N GLU B 517 -22.85 79.87 -2.56
CA GLU B 517 -24.30 79.99 -2.63
C GLU B 517 -24.82 80.93 -1.55
N PHE B 518 -24.18 80.89 -0.38
CA PHE B 518 -24.53 81.78 0.72
C PHE B 518 -24.22 83.21 0.35
N VAL B 519 -23.12 83.41 -0.36
CA VAL B 519 -22.69 84.72 -0.81
C VAL B 519 -23.58 85.24 -1.94
N LEU B 520 -23.83 84.38 -2.91
CA LEU B 520 -24.58 84.76 -4.11
C LEU B 520 -26.04 85.08 -3.79
N ASN B 521 -26.68 84.21 -3.01
CA ASN B 521 -28.09 84.38 -2.68
C ASN B 521 -28.28 85.16 -1.39
N SER C 5 19.50 85.49 33.49
CA SER C 5 18.58 86.39 34.16
C SER C 5 17.51 86.91 33.19
N GLU C 6 17.88 87.04 31.91
CA GLU C 6 16.94 87.49 30.90
C GLU C 6 16.15 86.31 30.32
N VAL C 7 14.84 86.35 30.48
CA VAL C 7 13.97 85.26 30.03
C VAL C 7 13.81 85.28 28.51
N PRO C 8 14.16 84.16 27.86
CA PRO C 8 14.02 84.02 26.40
C PRO C 8 12.57 83.97 25.96
N GLN C 9 12.30 84.35 24.72
CA GLN C 9 10.94 84.38 24.18
C GLN C 9 10.84 83.74 22.80
N VAL C 10 9.67 83.19 22.49
CA VAL C 10 9.39 82.70 21.14
C VAL C 10 8.67 83.80 20.36
N VAL C 11 7.73 84.46 21.03
CA VAL C 11 7.07 85.65 20.48
C VAL C 11 7.10 86.75 21.53
N SER C 12 6.84 87.99 21.11
CA SER C 12 6.92 89.12 22.01
C SER C 12 5.85 89.06 23.10
N LEU C 13 4.78 88.30 22.85
CA LEU C 13 3.68 88.21 23.78
C LEU C 13 3.96 87.27 24.94
N ASP C 14 5.05 86.49 24.83
CA ASP C 14 5.47 85.62 25.92
C ASP C 14 5.87 86.44 27.14
N PRO C 15 5.30 86.10 28.31
CA PRO C 15 5.63 86.78 29.56
C PRO C 15 7.09 86.60 29.95
N THR C 16 7.68 87.63 30.56
CA THR C 16 9.10 87.57 30.91
C THR C 16 9.32 87.59 32.43
N SER C 17 8.23 87.43 33.18
CA SER C 17 8.32 87.37 34.64
C SER C 17 7.04 86.82 35.25
N ILE C 18 7.16 86.23 36.44
CA ILE C 18 6.01 85.73 37.16
C ILE C 18 5.33 86.86 37.93
N PRO C 19 4.06 87.14 37.62
CA PRO C 19 3.32 88.13 38.40
C PRO C 19 3.16 87.66 39.85
N ILE C 20 3.69 88.43 40.79
CA ILE C 20 3.62 88.06 42.20
C ILE C 20 3.08 89.19 43.05
N GLU C 21 2.03 88.90 43.82
CA GLU C 21 1.45 89.87 44.73
C GLU C 21 2.04 89.69 46.12
N TYR C 22 2.85 90.64 46.56
CA TYR C 22 3.45 90.58 47.89
C TYR C 22 2.51 91.20 48.91
N ASN C 23 1.94 92.35 48.58
CA ASN C 23 0.98 93.01 49.44
C ASN C 23 -0.44 92.52 49.17
N THR C 24 -0.85 91.49 49.91
CA THR C 24 -2.18 90.91 49.75
C THR C 24 -3.17 91.62 50.65
N PRO C 25 -4.47 91.56 50.31
CA PRO C 25 -5.54 92.15 51.13
C PRO C 25 -5.52 91.66 52.58
N ILE C 26 -4.99 90.47 52.82
CA ILE C 26 -4.91 89.92 54.17
C ILE C 26 -3.98 90.76 55.05
N HIS C 27 -2.92 91.30 54.44
CA HIS C 27 -1.95 92.09 55.17
C HIS C 27 -2.53 93.44 55.62
N ASP C 28 -3.64 93.83 55.02
CA ASP C 28 -4.28 95.10 55.37
C ASP C 28 -5.32 94.92 56.47
N ILE C 29 -5.47 93.69 56.94
CA ILE C 29 -6.44 93.39 57.99
C ILE C 29 -5.86 93.66 59.39
N LYS C 30 -6.50 94.56 60.13
CA LYS C 30 -6.10 94.81 61.51
C LYS C 30 -6.71 93.74 62.41
N VAL C 31 -5.85 93.00 63.10
CA VAL C 31 -6.31 91.89 63.92
C VAL C 31 -6.14 92.17 65.42
N GLN C 32 -7.25 92.10 66.15
CA GLN C 32 -7.23 92.31 67.60
C GLN C 32 -7.73 91.06 68.32
N VAL C 33 -7.04 90.70 69.40
CA VAL C 33 -7.44 89.57 70.22
C VAL C 33 -7.86 90.03 71.61
N TYR C 34 -9.10 89.72 71.99
CA TYR C 34 -9.61 90.08 73.29
C TYR C 34 -9.82 88.85 74.16
N ASP C 35 -9.89 89.04 75.47
CA ASP C 35 -10.21 87.95 76.37
C ASP C 35 -11.71 87.75 76.45
N ILE C 36 -12.16 86.51 76.31
CA ILE C 36 -13.58 86.20 76.21
C ILE C 36 -14.30 86.38 77.54
N LYS C 37 -13.55 86.41 78.65
CA LYS C 37 -14.14 86.57 79.97
C LYS C 37 -14.55 88.01 80.23
N GLY C 38 -14.06 88.92 79.38
CA GLY C 38 -14.37 90.33 79.54
C GLY C 38 -15.67 90.74 78.87
N GLY C 39 -16.27 89.80 78.13
CA GLY C 39 -17.53 90.08 77.45
C GLY C 39 -17.30 90.49 76.00
N CYS C 40 -18.32 90.25 75.17
CA CYS C 40 -18.22 90.56 73.74
C CYS C 40 -18.98 91.82 73.35
N ASN C 41 -18.37 92.63 72.49
CA ASN C 41 -19.06 93.76 71.89
C ASN C 41 -19.53 93.40 70.49
N VAL C 42 -20.84 93.52 70.26
CA VAL C 42 -21.40 93.23 68.95
C VAL C 42 -21.92 94.53 68.32
N GLU C 43 -21.06 95.18 67.54
CA GLU C 43 -21.37 96.50 67.02
C GLU C 43 -21.47 96.54 65.50
N GLU C 44 -20.36 96.29 64.82
CA GLU C 44 -20.33 96.39 63.36
C GLU C 44 -19.91 95.07 62.71
N GLY C 45 -20.27 94.91 61.45
CA GLY C 45 -19.87 93.74 60.68
C GLY C 45 -20.58 92.46 61.09
N LEU C 46 -19.90 91.34 60.88
CA LEU C 46 -20.46 90.02 61.18
C LEU C 46 -19.75 89.38 62.37
N THR C 47 -20.53 88.87 63.31
CA THR C 47 -19.97 88.21 64.49
C THR C 47 -20.31 86.72 64.50
N ILE C 48 -19.29 85.88 64.46
CA ILE C 48 -19.49 84.43 64.37
C ILE C 48 -18.97 83.70 65.61
N PHE C 49 -19.84 82.88 66.19
CA PHE C 49 -19.47 82.06 67.34
C PHE C 49 -19.10 80.64 66.89
N LEU C 50 -17.97 80.14 67.39
CA LEU C 50 -17.60 78.76 67.15
C LEU C 50 -18.06 77.90 68.31
N VAL C 51 -19.16 77.17 68.11
CA VAL C 51 -19.77 76.41 69.19
C VAL C 51 -19.83 74.91 68.90
N ASN C 52 -19.90 74.13 69.98
CA ASN C 52 -20.03 72.68 69.88
C ASN C 52 -20.91 72.13 70.99
N ASN C 53 -21.22 70.84 70.92
CA ASN C 53 -21.95 70.17 71.98
C ASN C 53 -21.36 68.80 72.23
N PRO C 54 -20.39 68.71 73.15
CA PRO C 54 -19.65 67.48 73.45
C PRO C 54 -20.55 66.31 73.86
N GLY C 55 -20.37 65.18 73.20
CA GLY C 55 -21.10 63.97 73.54
C GLY C 55 -22.46 63.84 72.89
N LYS C 56 -23.10 64.98 72.62
CA LYS C 56 -24.42 64.98 72.01
C LYS C 56 -24.33 65.37 70.53
N GLU C 57 -24.26 64.35 69.67
CA GLU C 57 -24.18 64.55 68.22
C GLU C 57 -25.39 65.33 67.71
N ASN C 58 -25.13 66.34 66.89
CA ASN C 58 -26.16 67.24 66.39
C ASN C 58 -26.93 67.90 67.54
N GLY C 59 -26.22 68.21 68.62
CA GLY C 59 -26.83 68.83 69.79
C GLY C 59 -27.18 70.29 69.54
N PRO C 60 -28.04 70.86 70.39
CA PRO C 60 -28.50 72.23 70.23
C PRO C 60 -27.40 73.27 70.46
N VAL C 61 -27.59 74.46 69.92
CA VAL C 61 -26.64 75.55 70.08
C VAL C 61 -26.90 76.32 71.36
N LYS C 62 -25.86 76.50 72.16
CA LYS C 62 -25.95 77.31 73.37
C LYS C 62 -24.77 78.28 73.45
N ILE C 63 -25.08 79.58 73.47
CA ILE C 63 -24.04 80.61 73.56
C ILE C 63 -23.67 80.89 75.01
N SER C 64 -22.47 80.48 75.39
CA SER C 64 -22.02 80.59 76.78
C SER C 64 -21.39 81.95 77.09
N SER C 65 -20.78 82.56 76.09
CA SER C 65 -20.06 83.82 76.26
C SER C 65 -20.98 84.95 76.71
N LYS C 66 -20.46 85.81 77.58
CA LYS C 66 -21.22 86.99 78.01
C LYS C 66 -21.15 88.06 76.93
N VAL C 67 -22.30 88.58 76.54
CA VAL C 67 -22.37 89.60 75.50
C VAL C 67 -22.72 90.95 76.09
N ASN C 68 -21.87 91.94 75.85
CA ASN C 68 -22.04 93.28 76.41
C ASN C 68 -23.11 94.09 75.69
N ASP C 69 -24.23 93.45 75.37
CA ASP C 69 -25.36 94.12 74.74
C ASP C 69 -26.67 93.47 75.19
N LYS C 70 -27.55 94.26 75.78
CA LYS C 70 -28.81 93.75 76.31
C LYS C 70 -29.69 93.14 75.22
N GLN C 71 -29.73 93.79 74.06
CA GLN C 71 -30.56 93.33 72.96
C GLN C 71 -30.01 92.08 72.29
N VAL C 72 -28.70 92.06 72.06
CA VAL C 72 -28.06 90.90 71.43
C VAL C 72 -28.10 89.70 72.37
N SER C 73 -27.91 89.94 73.66
CA SER C 73 -27.92 88.87 74.65
C SER C 73 -29.29 88.19 74.71
N GLU C 74 -30.36 88.97 74.51
CA GLU C 74 -31.71 88.43 74.52
C GLU C 74 -31.98 87.59 73.27
N PHE C 75 -31.42 88.02 72.15
CA PHE C 75 -31.55 87.27 70.91
C PHE C 75 -30.88 85.91 71.05
N LEU C 76 -29.78 85.88 71.81
CA LEU C 76 -28.95 84.69 71.91
C LEU C 76 -29.28 83.82 73.12
N LYS C 77 -30.49 83.96 73.65
CA LYS C 77 -30.94 83.09 74.74
C LYS C 77 -31.06 81.65 74.23
N ASP C 78 -30.94 80.70 75.15
CA ASP C 78 -30.99 79.28 74.80
C ASP C 78 -32.30 78.90 74.12
N GLU C 79 -33.38 79.55 74.54
CA GLU C 79 -34.70 79.29 73.97
C GLU C 79 -34.74 79.64 72.49
N ASN C 80 -34.02 80.70 72.12
CA ASN C 80 -33.97 81.14 70.73
C ASN C 80 -33.02 80.29 69.89
N MET C 81 -31.96 79.79 70.52
CA MET C 81 -30.91 79.06 69.81
C MET C 81 -31.18 77.56 69.72
N GLU C 82 -32.19 77.09 70.42
CA GLU C 82 -32.49 75.65 70.49
C GLU C 82 -32.86 75.07 69.13
N LYS C 83 -33.42 75.92 68.26
CA LYS C 83 -33.84 75.46 66.94
C LYS C 83 -32.67 75.10 66.03
N PHE C 84 -31.46 75.55 66.40
CA PHE C 84 -30.27 75.25 65.61
C PHE C 84 -29.38 74.21 66.30
N ASN C 85 -28.67 73.41 65.50
CA ASN C 85 -27.77 72.40 66.04
C ASN C 85 -26.32 72.66 65.66
N VAL C 86 -25.41 71.87 66.22
CA VAL C 86 -23.98 72.15 66.14
C VAL C 86 -23.21 71.21 65.21
N LYS C 87 -23.91 70.59 64.26
CA LYS C 87 -23.26 69.67 63.32
C LYS C 87 -22.10 70.35 62.60
N LEU C 88 -20.96 69.65 62.53
CA LEU C 88 -19.75 70.21 61.96
C LEU C 88 -19.95 70.75 60.55
N GLY C 89 -19.74 72.04 60.37
CA GLY C 89 -19.87 72.68 59.07
C GLY C 89 -21.13 73.50 58.93
N THR C 90 -22.07 73.31 59.85
CA THR C 90 -23.34 74.02 59.83
C THR C 90 -23.13 75.49 60.20
N SER C 91 -23.79 76.39 59.46
CA SER C 91 -23.69 77.81 59.72
C SER C 91 -25.06 78.47 59.58
N LYS C 92 -25.28 79.54 60.34
CA LYS C 92 -26.53 80.31 60.26
C LYS C 92 -26.25 81.80 60.38
N HIS C 93 -27.07 82.60 59.71
CA HIS C 93 -26.97 84.05 59.79
C HIS C 93 -28.12 84.62 60.60
N PHE C 94 -27.82 85.55 61.52
CA PHE C 94 -28.85 86.23 62.29
C PHE C 94 -28.82 87.73 62.03
N TYR C 95 -30.00 88.33 61.95
CA TYR C 95 -30.11 89.77 61.79
C TYR C 95 -30.90 90.36 62.95
N MET C 96 -30.36 91.40 63.59
CA MET C 96 -31.00 91.98 64.75
C MET C 96 -30.52 93.40 65.02
N PHE C 97 -31.18 94.06 65.98
CA PHE C 97 -30.77 95.38 66.41
C PHE C 97 -30.17 95.32 67.82
N ASN C 98 -29.09 96.06 68.03
CA ASN C 98 -28.45 96.09 69.34
C ASN C 98 -29.00 97.19 70.23
N ASP C 99 -28.36 97.39 71.39
CA ASP C 99 -28.83 98.37 72.37
C ASP C 99 -28.85 99.79 71.81
N ASN C 100 -27.88 100.11 70.97
CA ASN C 100 -27.75 101.45 70.41
C ASN C 100 -28.58 101.63 69.14
N LYS C 101 -29.55 100.75 68.96
CA LYS C 101 -30.50 100.80 67.84
C LYS C 101 -29.81 100.73 66.47
N ASN C 102 -28.72 99.97 66.39
CA ASN C 102 -28.04 99.73 65.13
C ASN C 102 -28.27 98.31 64.64
N SER C 103 -28.40 98.15 63.33
CA SER C 103 -28.57 96.82 62.74
C SER C 103 -27.25 96.07 62.72
N VAL C 104 -27.22 94.88 63.31
CA VAL C 104 -26.00 94.08 63.37
C VAL C 104 -26.23 92.67 62.83
N ALA C 105 -25.14 92.02 62.46
CA ALA C 105 -25.20 90.65 61.94
C ALA C 105 -24.44 89.70 62.85
N VAL C 106 -25.11 88.62 63.25
CA VAL C 106 -24.53 87.62 64.14
C VAL C 106 -24.76 86.24 63.54
N GLY C 107 -23.90 85.28 63.89
CA GLY C 107 -24.07 83.92 63.41
C GLY C 107 -23.21 82.92 64.17
N TYR C 108 -23.23 81.67 63.73
CA TYR C 108 -22.41 80.64 64.36
C TYR C 108 -21.92 79.62 63.34
N VAL C 109 -20.91 78.85 63.72
CA VAL C 109 -20.44 77.74 62.92
C VAL C 109 -20.33 76.48 63.76
N GLY C 110 -20.99 75.41 63.33
CA GLY C 110 -21.00 74.16 64.07
C GLY C 110 -19.64 73.47 64.08
N CYS C 111 -19.23 73.03 65.26
CA CYS C 111 -17.93 72.40 65.43
C CYS C 111 -18.04 70.96 65.91
N GLY C 112 -19.20 70.35 65.67
CA GLY C 112 -19.40 68.94 65.97
C GLY C 112 -19.60 68.62 67.44
N SER C 113 -19.31 67.37 67.81
CA SER C 113 -19.53 66.89 69.16
C SER C 113 -18.24 66.39 69.80
N VAL C 114 -17.16 66.37 69.03
CA VAL C 114 -15.86 65.97 69.54
C VAL C 114 -15.13 67.17 70.13
N ALA C 115 -14.64 67.02 71.36
CA ALA C 115 -13.98 68.13 72.06
C ALA C 115 -12.66 68.51 71.40
N ASP C 116 -12.01 67.54 70.76
CA ASP C 116 -10.75 67.79 70.08
C ASP C 116 -10.91 67.73 68.56
N LEU C 117 -10.89 68.90 67.92
CA LEU C 117 -11.06 68.98 66.47
C LEU C 117 -9.80 68.52 65.73
N SER C 118 -10.00 67.70 64.71
CA SER C 118 -8.91 67.30 63.82
C SER C 118 -8.51 68.47 62.95
N GLU C 119 -7.40 68.33 62.23
CA GLU C 119 -6.96 69.39 61.33
C GLU C 119 -7.90 69.47 60.13
N ALA C 120 -8.56 68.35 59.82
CA ALA C 120 -9.51 68.28 58.73
C ALA C 120 -10.84 68.89 59.15
N ASP C 121 -11.20 68.69 60.41
CA ASP C 121 -12.43 69.25 60.97
C ASP C 121 -12.31 70.78 61.08
N MET C 122 -11.16 71.25 61.56
CA MET C 122 -10.92 72.67 61.66
C MET C 122 -10.89 73.31 60.28
N LYS C 123 -10.42 72.55 59.29
CA LYS C 123 -10.43 72.99 57.90
C LYS C 123 -11.87 73.10 57.42
N ARG C 124 -12.72 72.18 57.87
CA ARG C 124 -14.12 72.19 57.51
C ARG C 124 -14.83 73.38 58.15
N VAL C 125 -14.47 73.70 59.39
CA VAL C 125 -15.01 74.86 60.08
C VAL C 125 -14.65 76.16 59.37
N VAL C 126 -13.36 76.30 59.04
CA VAL C 126 -12.87 77.50 58.36
C VAL C 126 -13.49 77.67 56.98
N LEU C 127 -13.53 76.58 56.21
CA LEU C 127 -14.13 76.62 54.88
C LEU C 127 -15.61 77.02 54.97
N SER C 128 -16.28 76.60 56.03
CA SER C 128 -17.66 76.97 56.26
C SER C 128 -17.76 78.45 56.63
N LEU C 129 -16.78 78.93 57.39
CA LEU C 129 -16.73 80.33 57.80
C LEU C 129 -16.48 81.25 56.60
N VAL C 130 -15.66 80.78 55.66
CA VAL C 130 -15.32 81.56 54.47
C VAL C 130 -16.54 81.75 53.56
N THR C 131 -17.41 80.74 53.51
CA THR C 131 -18.63 80.83 52.73
C THR C 131 -19.49 82.01 53.20
N MET C 132 -19.42 82.31 54.49
CA MET C 132 -20.16 83.42 55.07
C MET C 132 -19.47 84.74 54.73
N LEU C 133 -18.17 84.66 54.42
CA LEU C 133 -17.39 85.84 54.05
C LEU C 133 -17.55 86.17 52.57
N HIS C 134 -17.78 85.14 51.77
CA HIS C 134 -18.00 85.32 50.34
C HIS C 134 -19.40 85.86 50.07
N ASP C 135 -19.53 86.62 48.98
CA ASP C 135 -20.81 87.17 48.54
C ASP C 135 -21.47 88.07 49.59
N ASN C 136 -20.66 88.60 50.49
CA ASN C 136 -21.10 89.56 51.49
C ASN C 136 -20.05 90.65 51.63
N LYS C 137 -20.47 91.90 51.51
CA LYS C 137 -19.53 93.02 51.58
C LYS C 137 -19.41 93.55 52.99
N LEU C 138 -18.78 92.75 53.85
CA LEU C 138 -18.56 93.12 55.24
C LEU C 138 -17.24 93.87 55.41
N SER C 139 -17.19 94.75 56.39
CA SER C 139 -15.99 95.54 56.65
C SER C 139 -15.20 94.98 57.83
N LYS C 140 -15.90 94.25 58.70
CA LYS C 140 -15.28 93.71 59.91
C LYS C 140 -15.83 92.33 60.27
N LEU C 141 -14.95 91.42 60.66
CA LEU C 141 -15.36 90.10 61.13
C LEU C 141 -14.91 89.87 62.56
N THR C 142 -15.81 89.32 63.37
CA THR C 142 -15.49 88.97 64.74
C THR C 142 -15.75 87.49 64.99
N VAL C 143 -14.73 86.80 65.49
CA VAL C 143 -14.85 85.37 65.77
C VAL C 143 -14.74 85.10 67.27
N VAL C 144 -15.79 84.52 67.84
CA VAL C 144 -15.82 84.23 69.27
C VAL C 144 -15.63 82.73 69.51
N PHE C 145 -14.51 82.38 70.13
CA PHE C 145 -14.17 80.98 70.36
C PHE C 145 -14.87 80.41 71.59
N GLU C 146 -15.92 79.62 71.37
CA GLU C 146 -16.58 78.91 72.44
C GLU C 146 -16.23 77.44 72.42
N ILE C 147 -15.04 77.16 71.87
CA ILE C 147 -14.47 75.82 71.92
C ILE C 147 -13.05 75.90 72.45
N ASN C 148 -12.53 74.80 72.98
CA ASN C 148 -11.17 74.76 73.48
C ASN C 148 -10.19 74.48 72.36
N VAL C 149 -9.18 75.35 72.21
CA VAL C 149 -8.21 75.22 71.14
C VAL C 149 -6.81 75.58 71.67
N ASP C 150 -5.78 74.88 71.23
CA ASP C 150 -4.43 75.18 71.67
C ASP C 150 -3.79 76.21 70.76
N LYS C 151 -2.56 76.61 71.07
CA LYS C 151 -1.87 77.66 70.34
C LYS C 151 -1.60 77.29 68.89
N ASN C 152 -1.25 76.03 68.66
CA ASN C 152 -0.96 75.56 67.30
C ASN C 152 -2.19 75.52 66.42
N LEU C 153 -3.30 75.03 66.96
CA LEU C 153 -4.54 74.91 66.20
C LEU C 153 -5.22 76.26 66.05
N PHE C 154 -5.00 77.15 67.02
CA PHE C 154 -5.48 78.52 66.90
C PHE C 154 -4.75 79.23 65.76
N ARG C 155 -3.45 79.02 65.70
CA ARG C 155 -2.64 79.58 64.64
C ARG C 155 -3.04 78.96 63.30
N PHE C 156 -3.33 77.65 63.33
CA PHE C 156 -3.78 76.93 62.14
C PHE C 156 -5.11 77.48 61.63
N PHE C 157 -5.97 77.88 62.56
CA PHE C 157 -7.25 78.48 62.22
C PHE C 157 -7.03 79.74 61.39
N LEU C 158 -6.16 80.62 61.87
CA LEU C 158 -5.87 81.88 61.20
C LEU C 158 -5.20 81.67 59.85
N GLU C 159 -4.20 80.79 59.79
CA GLU C 159 -3.52 80.46 58.55
C GLU C 159 -4.50 80.01 57.48
N THR C 160 -5.33 79.04 57.85
CA THR C 160 -6.31 78.49 56.93
C THR C 160 -7.34 79.54 56.54
N LEU C 161 -7.77 80.34 57.51
CA LEU C 161 -8.73 81.41 57.23
C LEU C 161 -8.17 82.38 56.21
N PHE C 162 -6.94 82.81 56.41
CA PHE C 162 -6.29 83.74 55.48
C PHE C 162 -6.15 83.14 54.09
N TYR C 163 -5.63 81.91 54.03
CA TYR C 163 -5.37 81.24 52.76
C TYR C 163 -6.63 81.03 51.94
N GLU C 164 -7.70 80.59 52.57
CA GLU C 164 -8.95 80.30 51.88
C GLU C 164 -9.71 81.58 51.51
N TYR C 165 -9.57 82.61 52.33
CA TYR C 165 -10.23 83.88 52.10
C TYR C 165 -9.70 84.55 50.83
N MET C 166 -8.39 84.47 50.63
CA MET C 166 -7.76 85.14 49.50
C MET C 166 -8.06 84.47 48.17
N THR C 167 -8.27 85.29 47.15
CA THR C 167 -8.57 84.82 45.81
C THR C 167 -7.52 85.31 44.82
N ASP C 168 -6.86 84.38 44.15
CA ASP C 168 -5.80 84.71 43.21
C ASP C 168 -6.36 85.18 41.87
N GLU C 169 -6.19 86.46 41.59
CA GLU C 169 -6.71 87.04 40.34
C GLU C 169 -5.60 87.60 39.47
N ARG C 170 -4.39 87.05 39.60
CA ARG C 170 -3.25 87.51 38.81
C ARG C 170 -3.46 87.33 37.31
N PHE C 171 -4.21 86.29 36.94
CA PHE C 171 -4.37 85.95 35.53
C PHE C 171 -5.77 86.24 35.01
N LYS C 172 -6.56 86.95 35.82
CA LYS C 172 -7.87 87.42 35.38
C LYS C 172 -7.71 88.74 34.63
N SER C 173 -8.52 88.95 33.60
CA SER C 173 -8.45 90.17 32.81
C SER C 173 -9.83 90.80 32.65
N THR C 174 -10.70 90.14 31.90
CA THR C 174 -12.05 90.64 31.69
C THR C 174 -13.03 89.92 32.61
N ASP C 175 -12.51 89.10 33.52
CA ASP C 175 -13.34 88.32 34.42
C ASP C 175 -12.91 88.51 35.89
N LYS C 176 -12.40 89.70 36.21
CA LYS C 176 -12.09 90.03 37.59
C LYS C 176 -13.38 90.15 38.38
N ASN C 177 -13.43 89.54 39.56
CA ASN C 177 -14.64 89.57 40.38
C ASN C 177 -15.00 91.00 40.78
N VAL C 178 -16.14 91.46 40.26
CA VAL C 178 -16.59 92.83 40.54
C VAL C 178 -17.10 92.99 41.97
N ASN C 179 -17.26 91.87 42.66
CA ASN C 179 -17.85 91.88 44.00
C ASN C 179 -16.85 91.57 45.11
N MET C 180 -15.60 91.29 44.75
CA MET C 180 -14.57 90.97 45.73
C MET C 180 -14.25 92.16 46.62
N GLU C 181 -14.50 92.01 47.91
CA GLU C 181 -14.25 93.07 48.88
C GLU C 181 -13.85 92.47 50.23
N TYR C 182 -12.58 92.64 50.59
CA TYR C 182 -12.04 92.03 51.80
C TYR C 182 -12.31 92.87 53.03
N ILE C 183 -12.43 92.20 54.18
CA ILE C 183 -12.63 92.87 55.46
C ILE C 183 -11.39 93.69 55.82
N LYS C 184 -11.58 94.66 56.71
CA LYS C 184 -10.47 95.54 57.10
C LYS C 184 -10.07 95.33 58.56
N HIS C 185 -10.97 94.75 59.35
CA HIS C 185 -10.70 94.50 60.76
C HIS C 185 -11.08 93.08 61.15
N LEU C 186 -10.28 92.49 62.04
CA LEU C 186 -10.57 91.16 62.55
C LEU C 186 -10.50 91.14 64.07
N GLY C 187 -11.63 90.87 64.71
CA GLY C 187 -11.67 90.76 66.15
C GLY C 187 -11.80 89.32 66.60
N VAL C 188 -11.01 88.93 67.59
CA VAL C 188 -11.06 87.57 68.10
C VAL C 188 -11.22 87.52 69.61
N TYR C 189 -12.34 86.97 70.06
CA TYR C 189 -12.57 86.76 71.48
C TYR C 189 -12.24 85.31 71.83
N ILE C 190 -11.34 85.11 72.79
CA ILE C 190 -10.88 83.77 73.11
C ILE C 190 -10.43 83.65 74.57
N ASN C 191 -10.47 82.42 75.07
CA ASN C 191 -9.95 82.08 76.39
C ASN C 191 -8.45 82.37 76.51
N ASN C 192 -8.05 82.98 77.62
CA ASN C 192 -6.65 83.34 77.88
C ASN C 192 -6.00 84.05 76.70
N ALA C 193 -6.49 85.23 76.39
CA ALA C 193 -6.12 85.95 75.16
C ALA C 193 -4.64 86.25 75.05
N ASP C 194 -3.99 86.56 76.17
CA ASP C 194 -2.60 86.97 76.17
C ASP C 194 -1.66 85.88 75.63
N THR C 195 -2.04 84.63 75.78
CA THR C 195 -1.19 83.53 75.32
C THR C 195 -1.33 83.31 73.82
N TYR C 196 -2.39 83.84 73.23
CA TYR C 196 -2.69 83.62 71.82
C TYR C 196 -2.27 84.79 70.92
N LYS C 197 -2.04 85.95 71.53
CA LYS C 197 -1.75 87.16 70.77
C LYS C 197 -0.49 87.05 69.92
N GLU C 198 0.45 86.24 70.37
CA GLU C 198 1.72 86.07 69.65
C GLU C 198 1.55 85.19 68.41
N GLU C 199 0.50 84.38 68.41
CA GLU C 199 0.26 83.45 67.30
C GLU C 199 -0.30 84.16 66.08
N VAL C 200 -0.80 85.37 66.28
CA VAL C 200 -1.45 86.14 65.22
C VAL C 200 -0.49 86.46 64.08
N GLU C 201 0.60 87.15 64.39
CA GLU C 201 1.53 87.58 63.36
C GLU C 201 2.36 86.42 62.82
N LYS C 202 2.51 85.38 63.63
CA LYS C 202 3.18 84.17 63.16
C LYS C 202 2.31 83.48 62.11
N ALA C 203 1.00 83.52 62.34
CA ALA C 203 0.03 82.97 61.40
C ALA C 203 0.07 83.74 60.10
N ARG C 204 0.19 85.06 60.19
CA ARG C 204 0.21 85.91 59.00
C ARG C 204 1.47 85.65 58.17
N VAL C 205 2.56 85.30 58.84
CA VAL C 205 3.80 84.95 58.18
C VAL C 205 3.67 83.59 57.50
N TYR C 206 3.24 82.60 58.26
CA TYR C 206 2.99 81.26 57.73
C TYR C 206 2.00 81.31 56.58
N TYR C 207 1.05 82.24 56.68
CA TYR C 207 0.06 82.41 55.63
C TYR C 207 0.72 82.80 54.30
N PHE C 208 1.46 83.90 54.31
CA PHE C 208 2.05 84.39 53.06
C PHE C 208 3.09 83.43 52.52
N GLY C 209 3.81 82.77 53.42
CA GLY C 209 4.78 81.77 53.02
C GLY C 209 4.09 80.68 52.21
N THR C 210 2.93 80.24 52.69
CA THR C 210 2.14 79.23 52.00
C THR C 210 1.55 79.79 50.71
N TYR C 211 1.04 81.01 50.77
CA TYR C 211 0.40 81.62 49.61
C TYR C 211 1.42 82.06 48.56
N TYR C 212 2.62 82.43 48.99
CA TYR C 212 3.69 82.77 48.07
C TYR C 212 4.05 81.54 47.24
N ALA C 213 4.13 80.40 47.93
CA ALA C 213 4.35 79.12 47.25
C ALA C 213 3.21 78.83 46.30
N SER C 214 2.00 79.12 46.76
CA SER C 214 0.78 78.91 45.98
C SER C 214 0.80 79.74 44.69
N GLN C 215 1.21 81.00 44.79
CA GLN C 215 1.32 81.87 43.63
C GLN C 215 2.30 81.31 42.62
N LEU C 216 3.41 80.75 43.13
CA LEU C 216 4.43 80.17 42.27
C LEU C 216 3.91 78.92 41.55
N ILE C 217 3.13 78.11 42.26
CA ILE C 217 2.61 76.88 41.69
C ILE C 217 1.49 77.13 40.68
N ALA C 218 0.56 77.99 41.05
CA ALA C 218 -0.61 78.29 40.22
C ALA C 218 -0.23 78.90 38.87
N ALA C 219 0.89 79.61 38.84
CA ALA C 219 1.36 80.23 37.61
C ALA C 219 1.72 79.17 36.57
N PRO C 220 1.17 79.32 35.35
CA PRO C 220 1.41 78.37 34.26
C PRO C 220 2.88 78.29 33.86
N SER C 221 3.20 77.34 32.99
CA SER C 221 4.60 77.06 32.66
C SER C 221 5.20 78.04 31.67
N ASN C 222 4.37 78.88 31.05
CA ASN C 222 4.87 79.92 30.17
C ASN C 222 5.21 81.17 30.97
N TYR C 223 4.58 81.31 32.14
CA TYR C 223 4.92 82.39 33.07
C TYR C 223 6.05 81.95 33.98
N CYS C 224 5.87 80.80 34.61
CA CYS C 224 6.86 80.25 35.53
C CYS C 224 7.80 79.29 34.80
N ASN C 225 8.96 79.79 34.41
CA ASN C 225 9.96 79.00 33.70
C ASN C 225 11.25 78.92 34.53
N PRO C 226 12.18 78.02 34.14
CA PRO C 226 13.44 77.89 34.90
C PRO C 226 14.16 79.21 35.15
N VAL C 227 14.06 80.16 34.22
CA VAL C 227 14.70 81.45 34.36
C VAL C 227 13.87 82.38 35.27
N SER C 228 12.58 82.49 34.95
CA SER C 228 11.70 83.40 35.69
C SER C 228 11.54 82.98 37.14
N LEU C 229 11.58 81.68 37.40
CA LEU C 229 11.50 81.16 38.75
C LEU C 229 12.76 81.53 39.54
N SER C 230 13.91 81.44 38.88
CA SER C 230 15.18 81.78 39.49
C SER C 230 15.27 83.27 39.78
N ASN C 231 14.74 84.07 38.88
CA ASN C 231 14.72 85.52 39.06
C ASN C 231 13.83 85.92 40.24
N ALA C 232 12.78 85.16 40.47
CA ALA C 232 11.87 85.40 41.58
C ALA C 232 12.53 85.06 42.91
N ALA C 233 13.29 83.97 42.93
CA ALA C 233 14.00 83.55 44.13
C ALA C 233 15.03 84.59 44.56
N VAL C 234 15.69 85.19 43.57
CA VAL C 234 16.64 86.27 43.82
C VAL C 234 15.95 87.47 44.45
N GLU C 235 14.88 87.91 43.80
CA GLU C 235 14.08 89.05 44.27
C GLU C 235 13.58 88.83 45.69
N LEU C 236 13.20 87.59 46.00
CA LEU C 236 12.77 87.23 47.34
C LEU C 236 13.93 87.34 48.32
N ALA C 237 15.07 86.79 47.92
CA ALA C 237 16.27 86.82 48.76
C ALA C 237 16.72 88.25 49.02
N GLN C 238 16.64 89.08 47.99
CA GLN C 238 17.01 90.49 48.10
C GLN C 238 16.14 91.22 49.13
N LYS C 239 14.86 90.86 49.15
CA LYS C 239 13.91 91.49 50.08
C LYS C 239 14.11 91.01 51.51
N LEU C 240 14.65 89.81 51.67
CA LEU C 240 14.81 89.21 52.98
C LEU C 240 16.25 89.33 53.49
N ASN C 241 17.09 89.99 52.71
CA ASN C 241 18.53 90.10 53.01
C ASN C 241 19.18 88.73 53.21
N LEU C 242 18.77 87.77 52.39
CA LEU C 242 19.39 86.46 52.39
C LEU C 242 20.51 86.43 51.35
N GLU C 243 21.60 85.73 51.67
CA GLU C 243 22.64 85.49 50.69
C GLU C 243 22.07 84.58 49.60
N TYR C 244 22.34 84.91 48.35
CA TYR C 244 21.79 84.13 47.25
C TYR C 244 22.82 83.87 46.16
N LYS C 245 22.66 82.76 45.46
CA LYS C 245 23.57 82.37 44.38
C LYS C 245 22.82 81.52 43.36
N ILE C 246 22.86 81.95 42.10
CA ILE C 246 22.21 81.21 41.03
C ILE C 246 23.26 80.66 40.07
N LEU C 247 23.33 79.34 39.99
CA LEU C 247 24.32 78.69 39.14
C LEU C 247 23.77 78.44 37.74
N GLY C 248 24.50 78.92 36.74
CA GLY C 248 24.12 78.74 35.35
C GLY C 248 24.72 77.48 34.76
N VAL C 249 24.52 77.29 33.46
CA VAL C 249 24.95 76.07 32.77
C VAL C 249 26.46 75.83 32.88
N LYS C 250 27.26 76.86 32.66
CA LYS C 250 28.71 76.73 32.68
C LYS C 250 29.24 76.23 34.03
N GLU C 251 28.66 76.75 35.12
CA GLU C 251 29.08 76.35 36.45
C GLU C 251 28.62 74.93 36.77
N LEU C 252 27.44 74.57 36.28
CA LEU C 252 26.91 73.22 36.46
C LEU C 252 27.77 72.21 35.71
N GLU C 253 28.27 72.62 34.55
CA GLU C 253 29.14 71.78 33.75
C GLU C 253 30.46 71.51 34.45
N GLU C 254 30.96 72.53 35.16
CA GLU C 254 32.21 72.38 35.91
C GLU C 254 32.01 71.43 37.09
N LEU C 255 30.80 71.46 37.66
CA LEU C 255 30.47 70.59 38.78
C LEU C 255 30.05 69.21 38.29
N LYS C 256 30.06 69.04 36.97
CA LYS C 256 29.78 67.75 36.33
C LYS C 256 28.42 67.18 36.73
N MET C 257 27.41 68.03 36.82
CA MET C 257 26.05 67.58 37.13
C MET C 257 25.35 67.10 35.86
N GLY C 258 25.78 65.93 35.37
CA GLY C 258 25.27 65.40 34.12
C GLY C 258 23.82 64.95 34.16
N ALA C 259 23.38 64.49 35.33
CA ALA C 259 22.01 64.04 35.50
C ALA C 259 21.04 65.22 35.44
N TYR C 260 21.34 66.26 36.21
CA TYR C 260 20.53 67.47 36.25
C TYR C 260 20.56 68.20 34.90
N LEU C 261 21.74 68.30 34.30
CA LEU C 261 21.88 69.01 33.02
C LEU C 261 21.19 68.28 31.88
N SER C 262 21.17 66.94 31.94
CA SER C 262 20.54 66.15 30.88
C SER C 262 19.05 66.43 30.80
N VAL C 263 18.41 66.55 31.96
CA VAL C 263 16.96 66.78 32.03
C VAL C 263 16.55 68.06 31.31
N GLY C 264 17.39 69.09 31.39
CA GLY C 264 17.08 70.38 30.78
C GLY C 264 17.58 70.54 29.36
N LYS C 265 18.20 69.51 28.81
CA LYS C 265 18.79 69.56 27.47
C LYS C 265 17.78 69.94 26.39
N GLY C 266 16.54 69.46 26.54
CA GLY C 266 15.53 69.69 25.53
C GLY C 266 14.72 70.95 25.71
N SER C 267 15.12 71.78 26.67
CA SER C 267 14.38 73.00 26.98
C SER C 267 14.98 74.22 26.31
N MET C 268 14.12 75.21 26.03
CA MET C 268 14.58 76.48 25.47
C MET C 268 15.07 77.38 26.59
N TYR C 269 14.76 77.01 27.83
CA TYR C 269 15.20 77.75 29.00
C TYR C 269 16.43 77.09 29.62
N PRO C 270 17.49 77.86 29.83
CA PRO C 270 18.73 77.36 30.46
C PRO C 270 18.48 76.88 31.89
N ASN C 271 19.16 75.81 32.29
CA ASN C 271 19.05 75.32 33.66
C ASN C 271 19.50 76.36 34.66
N LYS C 272 18.80 76.42 35.80
CA LYS C 272 19.15 77.35 36.86
C LYS C 272 19.11 76.66 38.21
N PHE C 273 20.23 76.68 38.93
CA PHE C 273 20.27 76.10 40.27
C PHE C 273 20.11 77.19 41.32
N ILE C 274 19.03 77.11 42.07
CA ILE C 274 18.75 78.08 43.11
C ILE C 274 19.48 77.74 44.41
N HIS C 275 20.20 78.72 44.96
CA HIS C 275 20.87 78.54 46.23
C HIS C 275 20.67 79.77 47.11
N LEU C 276 19.75 79.65 48.06
CA LEU C 276 19.51 80.69 49.05
C LEU C 276 20.08 80.23 50.39
N THR C 277 20.57 81.18 51.18
CA THR C 277 21.15 80.84 52.48
C THR C 277 20.74 81.82 53.56
N TYR C 278 20.27 81.30 54.69
CA TYR C 278 20.02 82.08 55.88
C TYR C 278 20.98 81.66 56.98
N LYS C 279 21.69 82.61 57.56
CA LYS C 279 22.55 82.32 58.70
C LYS C 279 22.20 83.20 59.88
N SER C 280 22.07 82.58 61.06
CA SER C 280 21.72 83.30 62.27
C SER C 280 22.91 84.09 62.80
N LYS C 281 22.61 85.14 63.57
CA LYS C 281 23.65 85.86 64.29
C LYS C 281 24.07 85.05 65.51
N GLY C 282 25.37 84.97 65.75
CA GLY C 282 25.88 84.19 66.86
C GLY C 282 26.20 82.76 66.46
N ASP C 283 26.49 81.93 67.45
CA ASP C 283 26.92 80.55 67.22
C ASP C 283 25.87 79.70 66.50
N VAL C 284 26.29 79.01 65.46
CA VAL C 284 25.42 78.10 64.72
C VAL C 284 25.49 76.70 65.29
N LYS C 285 24.34 76.18 65.72
CA LYS C 285 24.28 74.85 66.32
C LYS C 285 23.80 73.80 65.33
N LYS C 286 23.04 74.23 64.32
CA LYS C 286 22.50 73.33 63.31
C LYS C 286 22.63 73.89 61.90
N LYS C 287 23.16 73.09 60.99
CA LYS C 287 23.25 73.45 59.59
C LYS C 287 22.33 72.55 58.76
N ILE C 288 21.37 73.17 58.07
CA ILE C 288 20.33 72.41 57.38
C ILE C 288 20.20 72.80 55.91
N ALA C 289 20.07 71.79 55.05
CA ALA C 289 19.81 72.04 53.63
C ALA C 289 18.43 71.54 53.25
N LEU C 290 17.61 72.43 52.71
CA LEU C 290 16.29 72.07 52.21
C LEU C 290 16.30 72.07 50.68
N VAL C 291 16.05 70.90 50.10
CA VAL C 291 16.08 70.75 48.65
C VAL C 291 14.69 70.60 48.06
N GLY C 292 14.34 71.46 47.11
CA GLY C 292 13.04 71.39 46.47
C GLY C 292 13.10 71.05 45.00
N LYS C 293 12.35 70.04 44.58
CA LYS C 293 12.27 69.68 43.17
C LYS C 293 11.60 70.80 42.38
N GLY C 294 12.32 71.32 41.39
CA GLY C 294 11.84 72.45 40.62
C GLY C 294 11.74 72.19 39.13
N ILE C 295 10.84 71.29 38.75
CA ILE C 295 10.54 71.09 37.33
C ILE C 295 9.38 72.01 36.96
N THR C 296 9.66 73.06 36.19
CA THR C 296 8.66 74.06 35.86
C THR C 296 7.54 73.48 35.00
N PHE C 297 7.88 72.55 34.12
CA PHE C 297 6.87 71.77 33.42
C PHE C 297 7.38 70.36 33.11
N ASP C 298 6.49 69.38 33.30
CA ASP C 298 6.84 67.99 33.05
C ASP C 298 5.98 67.38 31.94
N SER C 299 6.52 67.36 30.73
CA SER C 299 5.85 66.73 29.60
C SER C 299 6.08 65.22 29.66
N GLY C 300 7.13 64.82 30.36
CA GLY C 300 7.50 63.42 30.47
C GLY C 300 8.71 63.09 29.61
N GLY C 301 9.09 64.03 28.75
CA GLY C 301 10.15 63.80 27.80
C GLY C 301 9.65 62.89 26.69
N TYR C 302 10.55 62.09 26.12
CA TYR C 302 10.17 61.18 25.06
C TYR C 302 9.25 60.07 25.57
N ASN C 303 9.35 59.76 26.87
CA ASN C 303 8.32 58.97 27.52
C ASN C 303 7.13 59.87 27.85
N LEU C 304 6.55 60.45 26.81
CA LEU C 304 5.55 61.50 26.92
C LEU C 304 4.35 61.08 27.75
N LYS C 305 3.82 62.00 28.53
CA LYS C 305 2.59 61.77 29.28
C LYS C 305 1.39 61.82 28.34
N ALA C 306 1.15 60.72 27.64
CA ALA C 306 0.07 60.65 26.67
C ALA C 306 -1.00 59.66 27.10
N ALA C 307 -0.65 58.75 28.00
CA ALA C 307 -1.58 57.76 28.51
C ALA C 307 -2.72 58.42 29.29
N PRO C 308 -3.91 57.82 29.28
CA PRO C 308 -5.06 58.39 30.01
C PRO C 308 -4.81 58.49 31.50
N GLY C 309 -5.01 59.68 32.06
CA GLY C 309 -4.86 59.89 33.49
C GLY C 309 -3.48 60.35 33.91
N SER C 310 -2.67 60.78 32.94
CA SER C 310 -1.32 61.24 33.24
C SER C 310 -1.31 62.68 33.76
N MET C 311 -2.44 63.38 33.58
CA MET C 311 -2.64 64.72 34.09
C MET C 311 -1.59 65.73 33.60
N ILE C 312 -1.32 65.74 32.30
CA ILE C 312 -0.28 66.59 31.75
C ILE C 312 -0.63 68.07 31.83
N ASP C 313 -1.93 68.39 31.83
CA ASP C 313 -2.38 69.76 31.90
C ASP C 313 -2.11 70.38 33.26
N LEU C 314 -1.86 69.52 34.25
CA LEU C 314 -1.59 69.98 35.61
C LEU C 314 -0.10 70.07 35.87
N MET C 315 0.69 69.30 35.13
CA MET C 315 2.13 69.14 35.35
C MET C 315 2.96 70.42 35.46
N LYS C 316 2.30 71.57 35.57
CA LYS C 316 2.97 72.82 35.86
C LYS C 316 3.31 72.90 37.35
N PHE C 317 2.68 72.03 38.14
CA PHE C 317 2.89 72.03 39.59
C PHE C 317 4.14 71.22 39.97
N ASP C 318 4.89 70.76 38.99
CA ASP C 318 6.01 69.87 39.23
C ASP C 318 7.21 70.62 39.84
N MET C 319 6.97 71.85 40.25
CA MET C 319 7.97 72.64 40.95
C MET C 319 7.46 73.01 42.35
N SER C 320 6.45 72.28 42.81
CA SER C 320 5.85 72.50 44.13
C SER C 320 6.86 72.27 45.24
N GLY C 321 7.79 71.35 45.03
CA GLY C 321 8.85 71.10 45.97
C GLY C 321 9.70 72.34 46.14
N CYS C 322 10.05 72.96 45.02
CA CYS C 322 10.82 74.19 45.02
C CYS C 322 10.04 75.32 45.66
N ALA C 323 8.73 75.36 45.37
CA ALA C 323 7.86 76.41 45.87
C ALA C 323 7.76 76.36 47.39
N ALA C 324 7.69 75.16 47.94
CA ALA C 324 7.62 74.98 49.39
C ALA C 324 8.88 75.50 50.06
N VAL C 325 10.02 75.25 49.42
CA VAL C 325 11.31 75.66 49.94
C VAL C 325 11.45 77.19 49.93
N LEU C 326 11.02 77.81 48.84
CA LEU C 326 11.06 79.26 48.72
C LEU C 326 10.09 79.91 49.69
N GLY C 327 8.94 79.27 49.90
CA GLY C 327 7.96 79.76 50.86
C GLY C 327 8.52 79.66 52.27
N CYS C 328 9.22 78.57 52.54
CA CYS C 328 9.90 78.38 53.82
C CYS C 328 10.98 79.43 54.00
N ALA C 329 11.70 79.73 52.92
CA ALA C 329 12.74 80.76 52.94
C ALA C 329 12.17 82.11 53.39
N TYR C 330 10.97 82.42 52.92
CA TYR C 330 10.30 83.65 53.33
C TYR C 330 10.03 83.63 54.83
N CYS C 331 9.49 82.52 55.32
CA CYS C 331 9.14 82.41 56.74
C CYS C 331 10.38 82.43 57.63
N VAL C 332 11.40 81.67 57.25
CA VAL C 332 12.66 81.65 58.01
C VAL C 332 13.34 83.02 57.94
N GLY C 333 13.33 83.63 56.76
CA GLY C 333 13.94 84.94 56.58
C GLY C 333 13.19 86.07 57.26
N THR C 334 11.94 85.82 57.63
CA THR C 334 11.11 86.83 58.28
C THR C 334 11.17 86.69 59.80
N LEU C 335 10.98 85.46 60.28
CA LEU C 335 10.95 85.20 61.72
C LEU C 335 12.35 85.17 62.33
N LYS C 336 13.35 84.89 61.49
CA LYS C 336 14.75 84.89 61.88
C LYS C 336 15.07 84.02 63.09
N PRO C 337 15.06 82.68 62.91
CA PRO C 337 15.42 81.77 64.00
C PRO C 337 16.89 81.88 64.37
N GLU C 338 17.23 81.43 65.57
CA GLU C 338 18.61 81.56 66.06
C GLU C 338 19.35 80.22 66.07
N ASN C 339 20.67 80.30 66.02
CA ASN C 339 21.55 79.13 66.10
C ASN C 339 21.30 78.12 64.99
N VAL C 340 20.87 78.60 63.82
CA VAL C 340 20.65 77.73 62.67
C VAL C 340 21.24 78.33 61.40
N GLU C 341 21.65 77.47 60.49
CA GLU C 341 22.07 77.90 59.15
C GLU C 341 21.32 77.07 58.11
N ILE C 342 20.52 77.74 57.29
CA ILE C 342 19.67 77.04 56.34
C ILE C 342 20.08 77.30 54.90
N HIS C 343 20.22 76.22 54.13
CA HIS C 343 20.49 76.31 52.70
C HIS C 343 19.27 75.90 51.89
N PHE C 344 18.73 76.85 51.13
CA PHE C 344 17.57 76.58 50.29
C PHE C 344 18.02 76.26 48.87
N LEU C 345 17.85 75.00 48.47
CA LEU C 345 18.38 74.54 47.19
C LEU C 345 17.28 74.05 46.26
N SER C 346 17.51 74.23 44.96
CA SER C 346 16.58 73.73 43.94
C SER C 346 17.25 73.65 42.58
N ALA C 347 17.35 72.44 42.04
CA ALA C 347 17.87 72.22 40.70
C ALA C 347 16.75 72.41 39.68
N VAL C 348 16.58 73.64 39.21
CA VAL C 348 15.43 73.99 38.38
C VAL C 348 15.68 73.79 36.89
N CYS C 349 14.73 73.14 36.22
CA CYS C 349 14.77 72.98 34.77
C CYS C 349 13.39 72.60 34.25
N GLU C 350 13.30 72.32 32.95
CA GLU C 350 12.04 71.96 32.32
C GLU C 350 12.20 70.69 31.50
N ASN C 351 11.28 69.75 31.65
CA ASN C 351 11.36 68.48 30.94
C ASN C 351 10.50 68.49 29.68
N MET C 352 11.14 68.72 28.54
CA MET C 352 10.42 68.91 27.28
C MET C 352 10.85 67.91 26.20
N VAL C 353 10.12 67.92 25.08
CA VAL C 353 10.43 67.06 23.95
C VAL C 353 11.08 67.85 22.83
N SER C 354 12.29 67.45 22.44
CA SER C 354 13.05 68.19 21.44
C SER C 354 14.07 67.30 20.75
N LYS C 355 14.77 67.86 19.76
CA LYS C 355 15.87 67.16 19.12
C LYS C 355 17.07 67.16 20.05
N ASN C 356 17.02 68.02 21.07
CA ASN C 356 18.12 68.16 22.02
C ASN C 356 17.88 67.40 23.31
N SER C 357 16.68 66.87 23.49
CA SER C 357 16.31 66.16 24.71
C SER C 357 17.13 64.89 24.92
N TYR C 358 17.19 64.42 26.16
CA TYR C 358 17.85 63.17 26.46
C TYR C 358 16.89 62.01 26.19
N ARG C 359 17.44 60.88 25.75
CA ARG C 359 16.63 59.76 25.31
C ARG C 359 16.57 58.65 26.35
N PRO C 360 15.52 57.82 26.29
CA PRO C 360 15.50 56.60 27.10
C PRO C 360 16.65 55.68 26.69
N GLY C 361 17.49 55.28 27.64
CA GLY C 361 18.63 54.44 27.33
C GLY C 361 19.95 55.17 27.48
N ASP C 362 19.88 56.50 27.45
CA ASP C 362 21.07 57.32 27.62
C ASP C 362 21.72 57.08 28.97
N ILE C 363 23.05 57.01 28.99
CA ILE C 363 23.79 56.86 30.24
C ILE C 363 24.45 58.17 30.60
N ILE C 364 24.09 58.69 31.77
CA ILE C 364 24.55 59.99 32.22
C ILE C 364 25.36 59.87 33.51
N THR C 365 26.23 60.84 33.74
CA THR C 365 27.10 60.80 34.91
C THR C 365 26.74 61.88 35.93
N ALA C 366 26.41 61.47 37.14
CA ALA C 366 26.07 62.41 38.20
C ALA C 366 27.33 63.13 38.68
N SER C 367 27.14 64.15 39.52
CA SER C 367 28.26 64.94 40.01
C SER C 367 29.08 64.18 41.06
N ASN C 368 28.61 63.00 41.44
CA ASN C 368 29.34 62.17 42.40
C ASN C 368 30.06 61.01 41.69
N GLY C 369 30.03 61.02 40.36
CA GLY C 369 30.78 60.06 39.58
C GLY C 369 30.02 58.83 39.13
N LYS C 370 28.83 58.62 39.69
CA LYS C 370 28.03 57.44 39.35
C LYS C 370 27.36 57.58 37.98
N THR C 371 27.49 56.54 37.16
CA THR C 371 26.82 56.49 35.87
C THR C 371 25.40 55.96 36.02
N ILE C 372 24.46 56.58 35.32
CA ILE C 372 23.05 56.23 35.46
C ILE C 372 22.42 55.88 34.12
N GLU C 373 21.80 54.70 34.03
CA GLU C 373 21.09 54.29 32.83
C GLU C 373 19.64 54.75 32.89
N VAL C 374 19.29 55.66 31.99
CA VAL C 374 17.93 56.20 31.94
C VAL C 374 16.96 55.21 31.29
N GLY C 375 15.99 54.74 32.07
CA GLY C 375 15.00 53.80 31.57
C GLY C 375 13.67 54.47 31.27
N ASN C 376 13.50 55.69 31.79
CA ASN C 376 12.28 56.44 31.59
C ASN C 376 12.54 57.94 31.77
N THR C 377 12.32 58.72 30.72
CA THR C 377 12.61 60.14 30.75
C THR C 377 11.64 60.92 31.63
N ASP C 378 10.56 60.28 32.05
CA ASP C 378 9.58 60.94 32.91
C ASP C 378 9.91 60.76 34.39
N ALA C 379 10.98 60.02 34.66
CA ALA C 379 11.49 59.92 36.02
C ALA C 379 12.65 60.90 36.18
N GLU C 380 12.42 62.13 35.76
CA GLU C 380 13.48 63.13 35.69
C GLU C 380 13.74 63.79 37.04
N GLY C 381 12.76 63.72 37.94
CA GLY C 381 12.87 64.35 39.24
C GLY C 381 14.01 63.79 40.06
N ARG C 382 14.12 62.46 40.08
CA ARG C 382 15.17 61.79 40.84
C ARG C 382 16.55 62.06 40.25
N LEU C 383 16.59 62.42 38.97
CA LEU C 383 17.84 62.74 38.30
C LEU C 383 18.32 64.13 38.71
N THR C 384 17.40 65.08 38.75
CA THR C 384 17.75 66.44 39.15
C THR C 384 18.04 66.48 40.65
N LEU C 385 17.30 65.69 41.42
CA LEU C 385 17.51 65.60 42.85
C LEU C 385 18.83 64.90 43.19
N ALA C 386 19.23 63.97 42.33
CA ALA C 386 20.48 63.23 42.52
C ALA C 386 21.66 64.18 42.62
N ASP C 387 21.80 65.07 41.64
CA ASP C 387 22.87 66.06 41.65
C ASP C 387 22.64 67.09 42.75
N ALA C 388 21.38 67.36 43.05
CA ALA C 388 21.04 68.35 44.07
C ALA C 388 21.42 67.87 45.46
N LEU C 389 21.23 66.58 45.71
CA LEU C 389 21.59 66.00 47.00
C LEU C 389 23.10 65.96 47.18
N VAL C 390 23.82 65.69 46.09
CA VAL C 390 25.28 65.67 46.11
C VAL C 390 25.83 67.05 46.43
N TYR C 391 25.28 68.06 45.76
CA TYR C 391 25.62 69.46 46.04
C TYR C 391 25.33 69.79 47.49
N ALA C 392 24.18 69.35 47.96
CA ALA C 392 23.74 69.62 49.33
C ALA C 392 24.71 69.04 50.35
N GLU C 393 25.14 67.81 50.13
CA GLU C 393 26.04 67.12 51.05
C GLU C 393 27.41 67.77 51.09
N LYS C 394 27.84 68.35 49.98
CA LYS C 394 29.12 69.04 49.91
C LYS C 394 29.13 70.33 50.72
N LEU C 395 27.95 70.80 51.11
CA LEU C 395 27.84 72.01 51.93
C LEU C 395 28.21 71.70 53.38
N GLY C 396 28.34 70.41 53.69
CA GLY C 396 28.68 69.98 55.03
C GLY C 396 27.59 70.33 56.02
N VAL C 397 26.39 69.80 55.80
CA VAL C 397 25.25 70.08 56.64
C VAL C 397 24.95 68.91 57.58
N ASP C 398 24.16 69.19 58.62
CA ASP C 398 23.76 68.17 59.57
C ASP C 398 22.57 67.38 59.05
N TYR C 399 21.65 68.08 58.39
CA TYR C 399 20.43 67.46 57.87
C TYR C 399 20.17 67.83 56.41
N ILE C 400 19.81 66.82 55.62
CA ILE C 400 19.35 67.05 54.25
C ILE C 400 17.90 66.62 54.11
N VAL C 401 17.02 67.56 53.83
CA VAL C 401 15.62 67.25 53.64
C VAL C 401 15.14 67.71 52.26
N ASP C 402 14.73 66.77 51.43
CA ASP C 402 14.20 67.12 50.12
C ASP C 402 12.68 66.95 50.07
N ILE C 403 12.02 67.73 49.24
CA ILE C 403 10.58 67.67 49.09
C ILE C 403 10.23 67.74 47.60
N ALA C 404 9.40 66.81 47.13
CA ALA C 404 9.21 66.64 45.70
C ALA C 404 7.89 65.99 45.32
N THR C 405 7.35 66.39 44.17
CA THR C 405 6.25 65.69 43.53
C THR C 405 6.82 64.55 42.71
N LEU C 406 7.41 63.58 43.39
CA LEU C 406 8.26 62.60 42.73
C LEU C 406 7.50 61.51 42.00
N THR C 407 6.56 60.84 42.67
CA THR C 407 5.89 59.69 42.08
C THR C 407 4.37 59.77 42.16
N GLY C 408 3.70 59.43 41.07
CA GLY C 408 2.25 59.39 41.03
C GLY C 408 1.71 58.21 41.83
N ALA C 409 2.60 57.33 42.26
CA ALA C 409 2.21 56.16 43.04
C ALA C 409 1.71 56.54 44.43
N MET C 410 1.99 57.78 44.84
CA MET C 410 1.54 58.26 46.14
C MET C 410 0.01 58.36 46.21
N LEU C 411 -0.62 58.53 45.05
CA LEU C 411 -2.07 58.60 44.96
C LEU C 411 -2.72 57.25 45.25
N TYR C 412 -1.93 56.18 45.12
CA TYR C 412 -2.42 54.83 45.35
C TYR C 412 -2.05 54.31 46.74
N SER C 413 -1.13 55.00 47.41
CA SER C 413 -0.67 54.58 48.72
C SER C 413 -1.32 55.40 49.84
N LEU C 414 -1.11 56.71 49.82
CA LEU C 414 -1.62 57.57 50.89
C LEU C 414 -2.79 58.43 50.42
N GLY C 415 -2.89 58.67 49.12
CA GLY C 415 -3.97 59.45 48.57
C GLY C 415 -3.65 60.93 48.50
N THR C 416 -4.67 61.76 48.72
CA THR C 416 -4.54 63.20 48.51
C THR C 416 -4.39 64.00 49.79
N SER C 417 -4.38 63.32 50.94
CA SER C 417 -4.35 64.01 52.22
C SER C 417 -3.00 63.91 52.93
N TYR C 418 -2.39 62.73 52.89
CA TYR C 418 -1.12 62.51 53.60
C TYR C 418 0.07 62.43 52.66
N ALA C 419 1.12 63.16 52.98
CA ALA C 419 2.38 63.05 52.25
C ALA C 419 3.18 61.88 52.82
N GLY C 420 4.09 61.35 52.02
CA GLY C 420 4.93 60.25 52.46
C GLY C 420 6.35 60.71 52.71
N VAL C 421 6.96 60.20 53.79
CA VAL C 421 8.34 60.54 54.09
C VAL C 421 9.21 59.28 54.11
N PHE C 422 10.37 59.38 53.47
CA PHE C 422 11.36 58.31 53.48
C PHE C 422 12.66 58.88 54.04
N GLY C 423 13.54 58.01 54.54
CA GLY C 423 14.79 58.48 55.10
C GLY C 423 15.82 57.41 55.40
N ASN C 424 17.02 57.85 55.75
CA ASN C 424 18.08 56.94 56.14
C ASN C 424 18.41 57.08 57.63
N ASN C 425 17.67 57.96 58.29
CA ASN C 425 17.94 58.29 59.69
C ASN C 425 16.64 58.53 60.46
N GLU C 426 16.35 57.66 61.43
CA GLU C 426 15.08 57.69 62.14
C GLU C 426 14.90 58.95 62.98
N GLU C 427 16.00 59.50 63.48
CA GLU C 427 15.94 60.72 64.29
C GLU C 427 15.39 61.88 63.47
N LEU C 428 15.91 62.06 62.27
CA LEU C 428 15.45 63.13 61.38
C LEU C 428 14.01 62.90 60.95
N ILE C 429 13.66 61.64 60.71
CA ILE C 429 12.29 61.27 60.33
C ILE C 429 11.31 61.67 61.43
N ASN C 430 11.67 61.38 62.67
CA ASN C 430 10.83 61.75 63.81
C ASN C 430 10.67 63.26 63.95
N LYS C 431 11.73 64.00 63.60
CA LYS C 431 11.68 65.45 63.63
C LYS C 431 10.69 65.97 62.59
N ILE C 432 10.66 65.32 61.43
CA ILE C 432 9.73 65.68 60.38
C ILE C 432 8.30 65.41 60.82
N LEU C 433 8.09 64.27 61.47
CA LEU C 433 6.77 63.88 61.93
C LEU C 433 6.25 64.81 63.02
N GLN C 434 7.15 65.24 63.90
CA GLN C 434 6.78 66.18 64.95
C GLN C 434 6.39 67.52 64.33
N SER C 435 7.12 67.90 63.29
CA SER C 435 6.84 69.12 62.55
C SER C 435 5.48 69.01 61.87
N SER C 436 5.15 67.81 61.39
CA SER C 436 3.87 67.56 60.74
C SER C 436 2.72 67.75 61.72
N LYS C 437 2.93 67.37 62.97
CA LYS C 437 1.92 67.50 64.01
C LYS C 437 1.66 68.97 64.35
N THR C 438 2.74 69.73 64.48
CA THR C 438 2.65 71.13 64.91
C THR C 438 2.26 72.06 63.76
N SER C 439 2.62 71.68 62.54
CA SER C 439 2.28 72.48 61.37
C SER C 439 0.92 72.07 60.79
N ASN C 440 0.41 70.93 61.26
CA ASN C 440 -0.85 70.36 60.80
C ASN C 440 -0.87 70.08 59.29
N GLU C 441 0.31 69.81 58.73
CA GLU C 441 0.42 69.26 57.39
C GLU C 441 0.80 67.80 57.50
N PRO C 442 -0.19 66.91 57.37
CA PRO C 442 -0.08 65.47 57.67
C PRO C 442 0.93 64.72 56.80
N VAL C 443 1.80 63.96 57.46
CA VAL C 443 2.83 63.18 56.78
C VAL C 443 2.91 61.78 57.40
N TRP C 444 2.98 60.75 56.56
CA TRP C 444 3.08 59.38 57.05
C TRP C 444 4.43 58.76 56.68
N TRP C 445 5.00 57.99 57.61
CA TRP C 445 6.31 57.37 57.41
C TRP C 445 6.19 56.12 56.54
N LEU C 446 6.94 56.11 55.45
CA LEU C 446 6.96 54.97 54.54
C LEU C 446 8.36 54.37 54.49
N PRO C 447 8.47 53.05 54.25
CA PRO C 447 9.77 52.36 54.34
C PRO C 447 10.60 52.41 53.05
N ILE C 448 11.92 52.42 53.23
CA ILE C 448 12.83 52.18 52.12
C ILE C 448 13.24 50.71 52.15
N ILE C 449 12.62 49.91 51.28
CA ILE C 449 12.82 48.47 51.30
C ILE C 449 14.05 48.07 50.50
N ASN C 450 15.10 47.68 51.21
CA ASN C 450 16.40 47.40 50.59
C ASN C 450 16.40 46.18 49.66
N GLU C 451 15.38 45.34 49.78
CA GLU C 451 15.30 44.15 48.94
C GLU C 451 15.06 44.53 47.47
N TYR C 452 14.54 45.74 47.25
CA TYR C 452 14.25 46.20 45.90
C TYR C 452 15.46 46.80 45.20
N ARG C 453 16.54 47.01 45.94
CA ARG C 453 17.74 47.65 45.41
C ARG C 453 18.35 46.87 44.25
N ALA C 454 18.20 45.56 44.27
CA ALA C 454 18.77 44.70 43.24
C ALA C 454 18.14 44.94 41.87
N THR C 455 16.94 45.53 41.85
CA THR C 455 16.26 45.82 40.59
C THR C 455 16.81 47.07 39.93
N LEU C 456 17.66 47.80 40.65
CA LEU C 456 18.26 49.01 40.11
C LEU C 456 19.68 48.75 39.60
N ASN C 457 20.09 47.49 39.65
CA ASN C 457 21.40 47.10 39.15
C ASN C 457 21.44 47.09 37.63
N SER C 458 22.22 48.00 37.07
CA SER C 458 22.31 48.14 35.61
C SER C 458 23.38 47.23 35.03
N LYS C 459 23.13 46.75 33.82
CA LYS C 459 24.05 45.84 33.14
C LYS C 459 25.30 46.56 32.66
N TYR C 460 25.16 47.85 32.33
CA TYR C 460 26.28 48.61 31.77
C TYR C 460 26.65 49.82 32.61
N ALA C 461 25.65 50.50 33.17
CA ALA C 461 25.91 51.64 34.04
C ALA C 461 26.09 51.16 35.48
N ASP C 462 26.41 52.09 36.37
CA ASP C 462 26.54 51.74 37.79
C ASP C 462 25.19 51.44 38.40
N ILE C 463 24.15 52.14 37.93
CA ILE C 463 22.83 51.99 38.50
C ILE C 463 21.73 52.38 37.51
N ASN C 464 20.59 51.72 37.61
CA ASN C 464 19.43 52.06 36.80
C ASN C 464 18.65 53.24 37.38
N GLN C 465 18.02 54.01 36.51
CA GLN C 465 17.16 55.09 36.94
C GLN C 465 15.86 54.53 37.52
N ILE C 466 15.35 53.49 36.88
CA ILE C 466 14.09 52.87 37.31
C ILE C 466 14.22 51.36 37.42
N SER C 467 13.18 50.72 37.93
CA SER C 467 13.13 49.26 38.02
C SER C 467 12.46 48.68 36.77
N SER C 468 12.77 47.41 36.48
CA SER C 468 12.18 46.73 35.34
C SER C 468 12.26 45.21 35.52
N VAL C 470 9.84 45.73 40.14
CA VAL C 470 8.98 46.23 41.20
C VAL C 470 8.16 47.43 40.75
N LYS C 471 6.90 47.50 41.17
CA LYS C 471 6.01 48.58 40.78
C LYS C 471 5.80 49.58 41.91
N ALA C 472 6.47 49.35 43.04
CA ALA C 472 6.43 50.29 44.15
C ALA C 472 7.33 51.48 43.87
N SER C 473 6.84 52.40 43.05
CA SER C 473 7.65 53.50 42.52
C SER C 473 8.21 54.43 43.59
N SER C 474 7.40 54.76 44.59
CA SER C 474 7.81 55.69 45.64
C SER C 474 9.00 55.16 46.42
N ILE C 475 8.99 53.85 46.69
CA ILE C 475 10.06 53.22 47.44
C ILE C 475 11.32 53.06 46.59
N VAL C 476 11.13 52.67 45.33
CA VAL C 476 12.24 52.49 44.42
C VAL C 476 12.93 53.82 44.13
N ALA C 477 12.14 54.89 44.03
CA ALA C 477 12.68 56.23 43.82
C ALA C 477 13.53 56.65 45.00
N SER C 478 13.07 56.31 46.20
CA SER C 478 13.79 56.62 47.43
C SER C 478 15.12 55.86 47.49
N LEU C 479 15.09 54.63 47.01
CA LEU C 479 16.31 53.81 46.93
C LEU C 479 17.35 54.46 46.03
N PHE C 480 16.88 55.06 44.95
CA PHE C 480 17.74 55.75 44.01
C PHE C 480 18.39 56.96 44.67
N LEU C 481 17.57 57.81 45.28
CA LEU C 481 18.04 59.03 45.93
C LEU C 481 18.98 58.72 47.09
N LYS C 482 18.76 57.58 47.74
CA LYS C 482 19.57 57.17 48.88
C LYS C 482 21.02 56.91 48.45
N GLU C 483 21.19 56.52 47.19
CA GLU C 483 22.52 56.22 46.65
C GLU C 483 23.37 57.47 46.46
N PHE C 484 22.78 58.64 46.66
CA PHE C 484 23.48 59.89 46.44
C PHE C 484 23.68 60.69 47.73
N VAL C 485 23.40 60.04 48.86
CA VAL C 485 23.75 60.58 50.16
C VAL C 485 24.61 59.55 50.90
N GLN C 486 25.92 59.79 50.92
CA GLN C 486 26.87 58.79 51.40
C GLN C 486 26.88 58.63 52.93
N ASN C 487 27.01 59.74 53.64
CA ASN C 487 27.13 59.68 55.09
C ASN C 487 26.50 60.86 55.80
N THR C 488 25.26 61.19 55.42
CA THR C 488 24.56 62.32 56.01
C THR C 488 23.10 61.96 56.30
N ALA C 489 22.57 62.46 57.41
CA ALA C 489 21.17 62.28 57.73
C ALA C 489 20.30 62.90 56.64
N TRP C 490 19.42 62.10 56.05
CA TRP C 490 18.63 62.56 54.91
C TRP C 490 17.20 62.05 54.93
N ALA C 491 16.27 62.93 54.57
CA ALA C 491 14.85 62.57 54.51
C ALA C 491 14.23 63.03 53.20
N HIS C 492 13.29 62.24 52.70
CA HIS C 492 12.66 62.51 51.40
C HIS C 492 11.14 62.55 51.52
N ILE C 493 10.56 63.72 51.27
CA ILE C 493 9.12 63.90 51.37
C ILE C 493 8.47 63.96 50.00
N ASP C 494 7.65 62.95 49.68
CA ASP C 494 6.96 62.88 48.40
C ASP C 494 5.59 63.53 48.53
N ILE C 495 5.38 64.63 47.81
CA ILE C 495 4.13 65.39 47.92
C ILE C 495 3.36 65.41 46.60
N ALA C 496 3.60 64.40 45.76
CA ALA C 496 2.98 64.37 44.43
C ALA C 496 1.46 64.24 44.51
N GLY C 497 0.96 63.64 45.60
CA GLY C 497 -0.45 63.39 45.74
C GLY C 497 -1.20 64.46 46.51
N VAL C 498 -0.51 65.19 47.36
CA VAL C 498 -1.15 66.14 48.25
C VAL C 498 -0.96 67.59 47.83
N SER C 499 -0.04 67.84 46.91
CA SER C 499 0.28 69.22 46.53
C SER C 499 -0.90 69.95 45.91
N TRP C 500 -1.62 69.28 45.01
CA TRP C 500 -2.71 69.91 44.30
C TRP C 500 -4.08 69.57 44.88
N ASN C 501 -4.84 70.60 45.23
CA ASN C 501 -6.21 70.43 45.69
C ASN C 501 -7.14 70.28 44.49
N PHE C 502 -7.47 69.03 44.16
CA PHE C 502 -8.29 68.75 42.99
C PHE C 502 -9.72 69.26 43.14
N LYS C 503 -10.23 69.21 44.36
CA LYS C 503 -11.58 69.67 44.64
C LYS C 503 -11.72 71.18 44.44
N ALA C 504 -10.72 71.93 44.92
CA ALA C 504 -10.76 73.39 44.86
C ALA C 504 -10.10 73.93 43.59
N ARG C 505 -9.48 73.04 42.81
CA ARG C 505 -8.78 73.41 41.57
C ARG C 505 -7.70 74.44 41.82
N LYS C 506 -6.94 74.27 42.90
CA LYS C 506 -5.88 75.21 43.25
C LYS C 506 -4.81 74.53 44.10
N PRO C 507 -3.59 75.10 44.15
CA PRO C 507 -2.53 74.48 44.96
C PRO C 507 -2.82 74.59 46.45
N LYS C 508 -2.15 73.74 47.24
CA LYS C 508 -2.23 73.82 48.69
C LYS C 508 -1.05 74.58 49.25
N GLY C 509 0.04 74.60 48.49
CA GLY C 509 1.28 75.18 48.96
C GLY C 509 1.82 74.35 50.10
N PHE C 510 1.61 73.04 50.00
CA PHE C 510 2.04 72.09 51.02
C PHE C 510 3.55 72.13 51.21
N GLY C 511 3.99 72.13 52.47
CA GLY C 511 5.40 72.03 52.77
C GLY C 511 5.98 73.24 53.51
N VAL C 512 5.46 74.42 53.21
CA VAL C 512 5.97 75.66 53.80
C VAL C 512 5.95 75.60 55.33
N ARG C 513 4.78 75.34 55.89
CA ARG C 513 4.62 75.28 57.33
C ARG C 513 5.36 74.09 57.94
N LEU C 514 5.35 72.97 57.23
CA LEU C 514 6.02 71.75 57.69
C LEU C 514 7.53 71.96 57.84
N LEU C 515 8.14 72.53 56.80
CA LEU C 515 9.58 72.75 56.80
C LEU C 515 9.98 73.87 57.77
N THR C 516 9.12 74.88 57.90
CA THR C 516 9.42 76.00 58.77
C THR C 516 9.38 75.58 60.24
N GLU C 517 8.36 74.82 60.61
CA GLU C 517 8.25 74.29 61.96
C GLU C 517 9.43 73.38 62.27
N PHE C 518 9.92 72.69 61.24
CA PHE C 518 11.08 71.83 61.38
C PHE C 518 12.34 72.62 61.70
N VAL C 519 12.51 73.74 60.99
CA VAL C 519 13.68 74.59 61.18
C VAL C 519 13.63 75.33 62.51
N LEU C 520 12.44 75.82 62.86
CA LEU C 520 12.27 76.63 64.06
C LEU C 520 12.30 75.81 65.34
N ASN C 521 11.62 74.67 65.34
CA ASN C 521 11.51 73.85 66.54
C ASN C 521 12.59 72.77 66.64
N ASP C 522 13.71 72.99 65.98
CA ASP C 522 14.83 72.07 66.05
C ASP C 522 15.84 72.50 67.12
N ALA D 4 -18.54 15.83 55.96
CA ALA D 4 -18.10 16.56 54.76
C ALA D 4 -19.22 16.65 53.74
N SER D 5 -19.18 17.69 52.91
CA SER D 5 -20.17 17.88 51.87
C SER D 5 -19.67 17.34 50.53
N GLU D 6 -20.60 16.96 49.66
CA GLU D 6 -20.25 16.44 48.35
C GLU D 6 -19.98 17.57 47.36
N VAL D 7 -18.76 17.60 46.83
CA VAL D 7 -18.37 18.60 45.84
C VAL D 7 -19.06 18.34 44.50
N PRO D 8 -19.80 19.35 43.99
CA PRO D 8 -20.48 19.21 42.70
C PRO D 8 -19.50 19.09 41.55
N GLN D 9 -19.93 18.46 40.45
CA GLN D 9 -19.10 18.27 39.29
C GLN D 9 -19.85 18.66 38.01
N VAL D 10 -19.10 19.08 36.99
CA VAL D 10 -19.68 19.28 35.67
C VAL D 10 -19.47 18.01 34.85
N VAL D 11 -18.25 17.48 34.93
CA VAL D 11 -17.92 16.20 34.30
C VAL D 11 -17.31 15.27 35.34
N SER D 12 -17.31 13.97 35.06
CA SER D 12 -16.83 12.97 36.01
C SER D 12 -15.32 13.11 36.25
N LEU D 13 -14.63 13.73 35.32
CA LEU D 13 -13.19 13.90 35.41
C LEU D 13 -12.81 15.05 36.35
N ASP D 14 -13.79 15.87 36.71
CA ASP D 14 -13.56 16.96 37.66
C ASP D 14 -13.15 16.39 39.02
N PRO D 15 -12.01 16.87 39.55
CA PRO D 15 -11.49 16.40 40.84
C PRO D 15 -12.47 16.67 41.97
N THR D 16 -12.47 15.79 42.98
CA THR D 16 -13.42 15.90 44.07
C THR D 16 -12.75 16.14 45.42
N SER D 17 -11.43 16.34 45.40
CA SER D 17 -10.68 16.59 46.62
C SER D 17 -9.42 17.38 46.34
N ILE D 18 -8.95 18.12 47.34
CA ILE D 18 -7.64 18.76 47.26
C ILE D 18 -6.58 17.80 47.77
N PRO D 19 -5.61 17.46 46.91
CA PRO D 19 -4.50 16.61 47.35
C PRO D 19 -3.65 17.29 48.41
N ILE D 20 -3.42 16.62 49.53
CA ILE D 20 -2.64 17.18 50.62
C ILE D 20 -1.56 16.20 51.08
N GLU D 21 -0.32 16.67 51.15
CA GLU D 21 0.78 15.87 51.68
C GLU D 21 1.10 16.30 53.10
N TYR D 22 0.86 15.41 54.07
CA TYR D 22 1.13 15.71 55.46
C TYR D 22 2.55 15.27 55.85
N ASN D 23 2.93 14.08 55.41
CA ASN D 23 4.26 13.55 55.68
C ASN D 23 5.26 13.95 54.60
N THR D 24 5.94 15.07 54.82
CA THR D 24 6.93 15.57 53.87
C THR D 24 8.32 15.04 54.23
N PRO D 25 9.21 14.95 53.23
CA PRO D 25 10.60 14.52 53.45
C PRO D 25 11.32 15.35 54.51
N ILE D 26 10.89 16.60 54.68
CA ILE D 26 11.47 17.49 55.67
C ILE D 26 11.28 16.95 57.09
N HIS D 27 10.13 16.33 57.34
CA HIS D 27 9.84 15.76 58.65
C HIS D 27 10.73 14.58 58.98
N ASP D 28 11.41 14.04 57.97
CA ASP D 28 12.27 12.87 58.15
C ASP D 28 13.73 13.26 58.33
N ILE D 29 14.01 14.56 58.29
CA ILE D 29 15.38 15.06 58.42
C ILE D 29 15.77 15.20 59.89
N LYS D 30 16.78 14.43 60.31
CA LYS D 30 17.29 14.52 61.67
C LYS D 30 18.23 15.71 61.82
N VAL D 31 17.89 16.63 62.71
CA VAL D 31 18.64 17.87 62.85
C VAL D 31 19.39 17.96 64.17
N GLN D 32 20.71 18.12 64.09
CA GLN D 32 21.53 18.28 65.27
C GLN D 32 22.36 19.56 65.20
N VAL D 33 22.43 20.29 66.31
CA VAL D 33 23.17 21.53 66.37
C VAL D 33 24.40 21.41 67.25
N TYR D 34 25.56 21.67 66.68
CA TYR D 34 26.83 21.60 67.40
C TYR D 34 27.40 22.99 67.63
N ASP D 35 28.20 23.15 68.68
CA ASP D 35 28.83 24.43 68.95
C ASP D 35 30.08 24.56 68.10
N ILE D 36 30.28 25.73 67.52
CA ILE D 36 31.34 25.95 66.54
C ILE D 36 32.71 26.08 67.19
N LYS D 37 32.74 26.24 68.51
CA LYS D 37 34.01 26.39 69.22
C LYS D 37 34.83 25.10 69.23
N GLY D 38 34.15 23.96 69.10
CA GLY D 38 34.82 22.67 69.15
C GLY D 38 35.42 22.22 67.83
N GLY D 39 35.21 23.00 66.79
CA GLY D 39 35.68 22.63 65.47
C GLY D 39 34.67 21.76 64.74
N CYS D 40 34.80 21.68 63.42
CA CYS D 40 33.83 20.97 62.60
C CYS D 40 34.33 19.60 62.16
N ASN D 41 33.44 18.61 62.23
CA ASN D 41 33.73 17.28 61.69
C ASN D 41 33.12 17.12 60.31
N VAL D 42 33.98 16.92 59.32
CA VAL D 42 33.53 16.80 57.94
C VAL D 42 33.84 15.40 57.39
N GLU D 43 32.96 14.45 57.71
CA GLU D 43 33.17 13.06 57.30
C GLU D 43 32.12 12.60 56.30
N GLU D 44 30.91 13.14 56.40
CA GLU D 44 29.80 12.70 55.55
C GLU D 44 29.10 13.85 54.82
N GLY D 45 28.58 13.56 53.64
CA GLY D 45 27.71 14.46 52.92
C GLY D 45 28.30 15.78 52.48
N LEU D 46 27.46 16.81 52.45
CA LEU D 46 27.83 18.13 51.97
C LEU D 46 28.04 19.11 53.12
N THR D 47 29.18 19.80 53.11
CA THR D 47 29.46 20.81 54.13
C THR D 47 29.57 22.20 53.50
N ILE D 48 28.71 23.11 53.94
CA ILE D 48 28.71 24.47 53.41
C ILE D 48 28.97 25.49 54.51
N PHE D 49 29.96 26.35 54.28
CA PHE D 49 30.30 27.40 55.23
C PHE D 49 29.63 28.71 54.84
N LEU D 50 28.93 29.32 55.79
CA LEU D 50 28.35 30.65 55.57
C LEU D 50 29.35 31.72 56.00
N VAL D 51 30.00 32.34 55.02
CA VAL D 51 31.07 33.28 55.31
C VAL D 51 30.80 34.69 54.77
N ASN D 52 31.43 35.67 55.39
CA ASN D 52 31.34 37.05 54.93
C ASN D 52 32.69 37.75 55.03
N ASN D 53 32.74 39.00 54.57
CA ASN D 53 33.94 39.81 54.69
C ASN D 53 33.57 41.26 54.97
N PRO D 54 33.38 41.61 56.26
CA PRO D 54 32.95 42.94 56.69
C PRO D 54 33.91 44.05 56.27
N GLY D 55 33.37 45.11 55.68
CA GLY D 55 34.16 46.26 55.28
C GLY D 55 34.80 46.10 53.91
N LYS D 56 35.03 44.85 53.50
CA LYS D 56 35.61 44.56 52.20
C LYS D 56 34.55 44.02 51.24
N GLU D 57 33.92 44.92 50.50
CA GLU D 57 32.86 44.54 49.55
C GLU D 57 33.38 43.56 48.51
N ASN D 58 32.61 42.50 48.29
CA ASN D 58 33.01 41.40 47.40
C ASN D 58 34.39 40.85 47.73
N GLY D 59 34.74 40.90 49.02
CA GLY D 59 36.04 40.45 49.48
C GLY D 59 36.24 38.96 49.34
N PRO D 60 37.47 38.48 49.54
CA PRO D 60 37.81 37.07 49.41
C PRO D 60 37.20 36.21 50.53
N VAL D 61 37.10 34.91 50.28
CA VAL D 61 36.60 33.97 51.26
C VAL D 61 37.71 33.48 52.16
N LYS D 62 37.48 33.49 53.47
CA LYS D 62 38.43 32.95 54.43
C LYS D 62 37.72 32.11 55.47
N ILE D 63 38.03 30.81 55.50
CA ILE D 63 37.43 29.89 56.46
C ILE D 63 38.22 29.89 57.77
N SER D 64 37.56 30.33 58.84
CA SER D 64 38.22 30.46 60.13
C SER D 64 38.19 29.17 60.95
N SER D 65 37.06 28.47 60.90
CA SER D 65 36.85 27.28 61.71
C SER D 65 37.86 26.18 61.38
N LYS D 66 38.27 25.46 62.42
CA LYS D 66 39.15 24.31 62.25
C LYS D 66 38.33 23.07 61.94
N VAL D 67 38.67 22.36 60.87
CA VAL D 67 37.97 21.14 60.51
C VAL D 67 38.85 19.93 60.80
N ASN D 68 38.26 18.91 61.42
CA ASN D 68 39.02 17.74 61.86
C ASN D 68 39.31 16.75 60.74
N ASP D 69 39.74 17.27 59.60
CA ASP D 69 40.09 16.43 58.46
C ASP D 69 41.23 17.07 57.67
N LYS D 70 42.32 16.33 57.49
CA LYS D 70 43.51 16.85 56.84
C LYS D 70 43.24 17.22 55.37
N GLN D 71 42.52 16.35 54.68
CA GLN D 71 42.22 16.57 53.26
C GLN D 71 41.37 17.81 53.04
N VAL D 72 40.38 18.01 53.90
CA VAL D 72 39.49 19.17 53.79
C VAL D 72 40.22 20.44 54.24
N SER D 73 41.10 20.30 55.23
CA SER D 73 41.87 21.44 55.74
C SER D 73 42.77 22.03 54.66
N GLU D 74 43.37 21.16 53.85
CA GLU D 74 44.21 21.61 52.75
C GLU D 74 43.38 22.35 51.70
N PHE D 75 42.15 21.89 51.53
CA PHE D 75 41.22 22.52 50.58
C PHE D 75 40.79 23.90 51.08
N LEU D 76 40.58 24.01 52.38
CA LEU D 76 40.03 25.23 52.97
C LEU D 76 41.09 26.26 53.37
N LYS D 77 42.33 26.04 52.95
CA LYS D 77 43.39 26.99 53.28
C LYS D 77 43.16 28.32 52.54
N ASP D 78 43.66 29.39 53.13
CA ASP D 78 43.36 30.75 52.66
C ASP D 78 43.76 31.01 51.22
N GLU D 79 44.86 30.40 50.78
CA GLU D 79 45.37 30.60 49.42
C GLU D 79 44.40 30.06 48.37
N ASN D 80 43.66 29.02 48.74
CA ASN D 80 42.68 28.41 47.83
C ASN D 80 41.34 29.13 47.88
N MET D 81 40.95 29.58 49.07
CA MET D 81 39.64 30.16 49.28
C MET D 81 39.57 31.63 48.85
N GLU D 82 40.72 32.27 48.72
CA GLU D 82 40.76 33.69 48.35
C GLU D 82 40.46 33.89 46.87
N LYS D 83 40.39 32.79 46.12
CA LYS D 83 40.05 32.84 44.71
C LYS D 83 38.54 32.99 44.53
N PHE D 84 37.82 32.75 45.62
CA PHE D 84 36.37 32.93 45.65
C PHE D 84 36.04 34.20 46.44
N ASN D 85 34.88 34.80 46.15
CA ASN D 85 34.49 36.02 46.86
C ASN D 85 33.15 35.87 47.58
N VAL D 86 32.86 36.82 48.46
CA VAL D 86 31.72 36.71 49.37
C VAL D 86 30.48 37.48 48.92
N LYS D 87 30.39 37.78 47.62
CA LYS D 87 29.22 38.45 47.08
C LYS D 87 27.96 37.68 47.46
N LEU D 88 26.98 38.38 48.02
CA LEU D 88 25.79 37.75 48.59
C LEU D 88 25.07 36.83 47.61
N GLY D 89 25.05 35.54 47.93
CA GLY D 89 24.38 34.55 47.10
C GLY D 89 25.33 33.70 46.29
N THR D 90 26.57 34.15 46.15
CA THR D 90 27.58 33.42 45.39
C THR D 90 27.93 32.11 46.08
N SER D 91 27.99 31.03 45.29
CA SER D 91 28.26 29.71 45.83
C SER D 91 29.29 28.93 45.04
N LYS D 92 30.08 28.13 45.76
CA LYS D 92 30.99 27.17 45.15
C LYS D 92 30.96 25.91 46.00
N HIS D 93 31.06 24.75 45.37
CA HIS D 93 31.22 23.51 46.13
C HIS D 93 31.99 22.47 45.30
N PHE D 94 32.90 21.78 45.97
CA PHE D 94 33.79 20.82 45.32
C PHE D 94 33.61 19.42 45.91
N TYR D 95 33.77 18.40 45.08
CA TYR D 95 33.75 17.03 45.55
C TYR D 95 35.18 16.50 45.72
N MET D 96 35.42 15.82 46.84
CA MET D 96 36.75 15.32 47.14
C MET D 96 36.68 14.13 48.10
N PHE D 97 37.82 13.50 48.33
CA PHE D 97 37.92 12.43 49.31
C PHE D 97 38.53 12.94 50.61
N ASN D 98 37.95 12.55 51.73
CA ASN D 98 38.48 12.94 53.03
C ASN D 98 39.59 11.99 53.49
N ASP D 99 39.99 12.12 54.74
CA ASP D 99 41.07 11.30 55.29
C ASP D 99 40.74 9.82 55.24
N ASN D 100 39.46 9.48 55.40
CA ASN D 100 39.03 8.10 55.40
C ASN D 100 38.69 7.58 54.00
N LYS D 101 39.16 8.30 52.98
CA LYS D 101 38.91 7.97 51.58
C LYS D 101 37.42 7.88 51.25
N ASN D 102 36.62 8.68 51.96
CA ASN D 102 35.19 8.77 51.68
C ASN D 102 34.87 9.98 50.83
N SER D 103 33.89 9.85 49.94
CA SER D 103 33.51 10.94 49.05
C SER D 103 32.68 11.99 49.79
N VAL D 104 33.20 13.21 49.85
CA VAL D 104 32.50 14.31 50.48
C VAL D 104 32.39 15.51 49.56
N ALA D 105 31.56 16.47 49.93
CA ALA D 105 31.44 17.72 49.20
C ALA D 105 31.58 18.90 50.16
N VAL D 106 32.42 19.86 49.80
CA VAL D 106 32.67 21.02 50.63
C VAL D 106 32.51 22.31 49.83
N GLY D 107 31.91 23.33 50.44
CA GLY D 107 31.72 24.59 49.77
C GLY D 107 31.29 25.73 50.68
N TYR D 108 30.83 26.82 50.07
CA TYR D 108 30.45 28.01 50.81
C TYR D 108 29.32 28.77 50.13
N VAL D 109 28.64 29.61 50.90
CA VAL D 109 27.72 30.60 50.36
C VAL D 109 28.08 31.99 50.87
N GLY D 110 28.31 32.93 49.97
CA GLY D 110 28.66 34.27 50.34
C GLY D 110 27.53 34.99 51.05
N CYS D 111 27.83 35.63 52.17
CA CYS D 111 26.82 36.34 52.95
C CYS D 111 27.07 37.84 52.97
N GLY D 112 27.79 38.32 51.97
CA GLY D 112 28.00 39.76 51.79
C GLY D 112 29.07 40.35 52.69
N SER D 113 28.93 41.63 52.98
CA SER D 113 29.89 42.34 53.81
C SER D 113 29.21 43.02 55.00
N VAL D 114 27.89 42.90 55.08
CA VAL D 114 27.15 43.44 56.20
C VAL D 114 27.11 42.45 57.36
N ALA D 115 27.41 42.95 58.57
CA ALA D 115 27.49 42.10 59.74
C ALA D 115 26.11 41.62 60.18
N ASP D 116 25.10 42.45 59.96
CA ASP D 116 23.73 42.11 60.34
C ASP D 116 22.89 41.82 59.11
N LEU D 117 22.61 40.53 58.88
CA LEU D 117 21.81 40.12 57.74
C LEU D 117 20.34 40.39 57.93
N SER D 118 19.70 40.92 56.88
CA SER D 118 18.26 41.05 56.87
C SER D 118 17.65 39.68 56.59
N GLU D 119 16.33 39.59 56.72
CA GLU D 119 15.62 38.35 56.43
C GLU D 119 15.61 38.10 54.93
N ALA D 120 15.72 39.19 54.17
CA ALA D 120 15.73 39.12 52.72
C ALA D 120 17.10 38.64 52.23
N ASP D 121 18.14 39.06 52.94
CA ASP D 121 19.49 38.60 52.66
C ASP D 121 19.61 37.11 52.97
N MET D 122 18.99 36.68 54.07
CA MET D 122 19.01 35.29 54.47
C MET D 122 18.28 34.42 53.46
N LYS D 123 17.25 34.98 52.82
CA LYS D 123 16.52 34.29 51.76
C LYS D 123 17.44 33.94 50.59
N ARG D 124 18.25 34.91 50.17
CA ARG D 124 19.18 34.69 49.06
C ARG D 124 20.23 33.67 49.43
N VAL D 125 20.68 33.69 50.69
CA VAL D 125 21.66 32.72 51.18
C VAL D 125 21.08 31.32 51.14
N VAL D 126 19.83 31.19 51.60
CA VAL D 126 19.14 29.91 51.60
C VAL D 126 18.90 29.40 50.18
N LEU D 127 18.44 30.29 49.31
CA LEU D 127 18.16 29.94 47.92
C LEU D 127 19.42 29.41 47.23
N SER D 128 20.55 30.03 47.51
CA SER D 128 21.82 29.57 46.98
C SER D 128 22.15 28.19 47.52
N LEU D 129 21.83 27.99 48.80
CA LEU D 129 22.06 26.72 49.46
C LEU D 129 21.16 25.62 48.89
N VAL D 130 19.90 25.97 48.65
CA VAL D 130 18.91 25.02 48.15
C VAL D 130 19.25 24.54 46.73
N THR D 131 19.78 25.46 45.92
CA THR D 131 20.20 25.12 44.57
C THR D 131 21.25 24.02 44.58
N MET D 132 22.14 24.05 45.56
CA MET D 132 23.15 23.01 45.72
C MET D 132 22.49 21.70 46.17
N LEU D 133 21.42 21.82 46.95
CA LEU D 133 20.72 20.64 47.48
C LEU D 133 19.87 19.95 46.42
N HIS D 134 19.25 20.72 45.52
CA HIS D 134 18.44 20.16 44.45
C HIS D 134 19.31 19.47 43.40
N ASP D 135 20.63 19.52 43.60
CA ASP D 135 21.58 18.88 42.72
C ASP D 135 22.42 17.88 43.51
N ASN D 136 21.96 17.55 44.71
CA ASN D 136 22.73 16.71 45.62
C ASN D 136 22.05 15.38 45.92
N LYS D 137 22.82 14.30 45.84
CA LYS D 137 22.32 12.97 46.15
C LYS D 137 22.73 12.53 47.55
N LEU D 138 23.68 13.25 48.14
CA LEU D 138 24.22 12.91 49.45
C LEU D 138 23.15 12.94 50.54
N SER D 139 23.44 12.25 51.65
CA SER D 139 22.44 12.04 52.70
C SER D 139 22.50 13.07 53.83
N LYS D 140 23.60 13.80 53.91
CA LYS D 140 23.80 14.74 55.01
C LYS D 140 24.23 16.13 54.54
N LEU D 141 23.60 17.15 55.11
CA LEU D 141 24.01 18.53 54.89
C LEU D 141 24.48 19.16 56.19
N THR D 142 25.65 19.78 56.16
CA THR D 142 26.18 20.46 57.33
C THR D 142 26.40 21.94 57.03
N VAL D 143 25.75 22.80 57.82
CA VAL D 143 25.86 24.24 57.64
C VAL D 143 26.65 24.88 58.77
N VAL D 144 27.77 25.50 58.43
CA VAL D 144 28.64 26.12 59.42
C VAL D 144 28.49 27.64 59.43
N PHE D 145 27.92 28.18 60.50
CA PHE D 145 27.69 29.61 60.62
C PHE D 145 28.93 30.37 61.07
N GLU D 146 29.64 30.97 60.12
CA GLU D 146 30.73 31.87 60.47
C GLU D 146 30.24 33.31 60.37
N ILE D 147 28.96 33.49 60.66
CA ILE D 147 28.32 34.81 60.70
C ILE D 147 27.47 34.91 61.96
N ASN D 148 27.00 36.12 62.25
CA ASN D 148 26.17 36.32 63.44
C ASN D 148 24.67 36.33 63.12
N VAL D 149 23.95 35.41 63.74
CA VAL D 149 22.49 35.38 63.65
C VAL D 149 21.90 35.11 65.02
N ASP D 150 20.80 35.80 65.34
CA ASP D 150 20.11 35.56 66.60
C ASP D 150 19.14 34.40 66.44
N LYS D 151 18.45 34.04 67.52
CA LYS D 151 17.57 32.87 67.54
C LYS D 151 16.46 32.95 66.50
N ASN D 152 15.85 34.13 66.39
CA ASN D 152 14.77 34.33 65.43
C ASN D 152 15.22 34.18 63.98
N LEU D 153 16.40 34.72 63.67
CA LEU D 153 16.92 34.65 62.31
C LEU D 153 17.40 33.22 61.99
N PHE D 154 17.88 32.53 63.02
CA PHE D 154 18.29 31.14 62.85
C PHE D 154 17.08 30.24 62.61
N ARG D 155 16.01 30.49 63.36
CA ARG D 155 14.78 29.75 63.15
C ARG D 155 14.20 30.09 61.79
N PHE D 156 14.31 31.35 61.41
CA PHE D 156 13.88 31.80 60.10
C PHE D 156 14.69 31.11 59.02
N PHE D 157 15.98 30.94 59.28
CA PHE D 157 16.86 30.22 58.37
C PHE D 157 16.38 28.79 58.16
N LEU D 158 16.00 28.14 59.26
CA LEU D 158 15.53 26.76 59.20
C LEU D 158 14.16 26.67 58.52
N GLU D 159 13.26 27.59 58.88
CA GLU D 159 11.94 27.66 58.26
C GLU D 159 12.06 27.81 56.76
N THR D 160 12.87 28.79 56.34
CA THR D 160 13.03 29.10 54.93
C THR D 160 13.71 27.98 54.17
N LEU D 161 14.78 27.44 54.76
CA LEU D 161 15.51 26.32 54.13
C LEU D 161 14.57 25.16 53.87
N PHE D 162 13.86 24.72 54.90
CA PHE D 162 12.90 23.64 54.78
C PHE D 162 11.88 23.90 53.68
N TYR D 163 11.30 25.11 53.69
CA TYR D 163 10.26 25.48 52.75
C TYR D 163 10.74 25.47 51.30
N GLU D 164 11.84 26.14 51.03
CA GLU D 164 12.37 26.23 49.67
C GLU D 164 12.89 24.89 49.17
N TYR D 165 13.43 24.09 50.09
CA TYR D 165 13.93 22.75 49.78
C TYR D 165 12.82 21.88 49.22
N MET D 166 11.64 21.97 49.82
CA MET D 166 10.50 21.13 49.46
C MET D 166 9.86 21.55 48.13
N THR D 167 9.55 20.56 47.31
CA THR D 167 8.91 20.81 46.01
C THR D 167 7.56 20.10 45.90
N ASP D 168 6.54 20.86 45.52
CA ASP D 168 5.18 20.34 45.40
C ASP D 168 4.98 19.59 44.09
N GLU D 169 4.80 18.27 44.18
CA GLU D 169 4.61 17.45 42.99
C GLU D 169 3.27 16.73 42.96
N ARG D 170 2.27 17.29 43.65
CA ARG D 170 0.94 16.70 43.71
C ARG D 170 0.28 16.63 42.34
N PHE D 171 0.57 17.60 41.48
CA PHE D 171 -0.07 17.70 40.19
C PHE D 171 0.86 17.28 39.05
N LYS D 172 2.00 16.70 39.42
CA LYS D 172 2.93 16.14 38.46
C LYS D 172 2.55 14.69 38.16
N SER D 173 2.96 14.19 37.00
CA SER D 173 2.69 12.79 36.64
C SER D 173 3.94 12.13 36.07
N ASN D 179 18.90 13.26 39.20
CA ASN D 179 18.43 14.47 39.86
C ASN D 179 18.96 14.57 41.29
N MET D 180 18.13 14.14 42.25
CA MET D 180 18.49 14.24 43.66
C MET D 180 17.63 13.34 44.55
N GLU D 181 17.98 13.33 45.83
CA GLU D 181 17.16 12.71 46.86
C GLU D 181 17.25 13.58 48.11
N TYR D 182 16.20 13.58 48.92
CA TYR D 182 16.18 14.40 50.12
C TYR D 182 17.14 13.88 51.18
N ILE D 183 17.82 14.80 51.85
CA ILE D 183 18.77 14.45 52.90
C ILE D 183 18.07 13.83 54.10
N LYS D 184 18.84 13.08 54.90
CA LYS D 184 18.30 12.45 56.10
C LYS D 184 18.81 13.15 57.36
N HIS D 185 19.89 13.91 57.21
CA HIS D 185 20.52 14.58 58.35
C HIS D 185 20.92 16.02 58.04
N LEU D 186 20.71 16.89 59.02
CA LEU D 186 21.12 18.29 58.91
C LEU D 186 21.96 18.69 60.11
N GLY D 187 23.22 19.02 59.86
CA GLY D 187 24.13 19.45 60.92
C GLY D 187 24.32 20.95 60.90
N VAL D 188 24.26 21.57 62.07
CA VAL D 188 24.44 23.01 62.17
C VAL D 188 25.50 23.40 63.19
N TYR D 189 26.58 24.01 62.71
CA TYR D 189 27.62 24.53 63.60
C TYR D 189 27.42 26.03 63.80
N ILE D 190 27.17 26.42 65.05
CA ILE D 190 26.88 27.80 65.37
C ILE D 190 27.33 28.11 66.80
N ASN D 191 27.63 29.37 67.08
CA ASN D 191 27.97 29.78 68.43
C ASN D 191 26.75 29.65 69.34
N ASN D 192 26.96 29.16 70.56
CA ASN D 192 25.88 28.88 71.51
C ASN D 192 24.86 27.90 70.97
N ALA D 193 25.32 26.71 70.60
CA ALA D 193 24.46 25.69 70.01
C ALA D 193 23.26 25.35 70.89
N ASP D 194 23.49 25.29 72.20
CA ASP D 194 22.46 24.91 73.15
C ASP D 194 21.29 25.90 73.15
N THR D 195 21.58 27.15 72.86
CA THR D 195 20.56 28.20 72.85
C THR D 195 19.65 28.07 71.62
N TYR D 196 20.20 27.58 70.52
CA TYR D 196 19.45 27.49 69.27
C TYR D 196 18.73 26.16 69.09
N LYS D 197 19.04 25.19 69.93
CA LYS D 197 18.45 23.86 69.83
C LYS D 197 16.92 23.89 69.97
N GLU D 198 16.42 24.82 70.77
CA GLU D 198 14.99 24.93 71.02
C GLU D 198 14.23 25.42 69.79
N GLU D 199 14.95 26.09 68.88
CA GLU D 199 14.33 26.67 67.69
C GLU D 199 14.09 25.64 66.60
N VAL D 200 14.74 24.48 66.71
CA VAL D 200 14.70 23.48 65.65
C VAL D 200 13.30 22.92 65.40
N GLU D 201 12.67 22.41 66.45
CA GLU D 201 11.35 21.81 66.30
C GLU D 201 10.24 22.84 66.17
N LYS D 202 10.50 24.07 66.61
CA LYS D 202 9.56 25.16 66.39
C LYS D 202 9.60 25.55 64.92
N ALA D 203 10.79 25.52 64.34
CA ALA D 203 10.96 25.83 62.93
C ALA D 203 10.26 24.81 62.05
N ARG D 204 10.29 23.55 62.48
CA ARG D 204 9.69 22.46 61.71
C ARG D 204 8.17 22.57 61.72
N VAL D 205 7.62 23.11 62.81
CA VAL D 205 6.18 23.33 62.91
C VAL D 205 5.78 24.54 62.08
N TYR D 206 6.52 25.62 62.22
CA TYR D 206 6.30 26.81 61.40
C TYR D 206 6.48 26.49 59.93
N TYR D 207 7.33 25.51 59.65
CA TYR D 207 7.53 25.03 58.30
C TYR D 207 6.25 24.54 57.66
N PHE D 208 5.67 23.49 58.23
CA PHE D 208 4.52 22.84 57.62
C PHE D 208 3.31 23.76 57.62
N GLY D 209 3.17 24.57 58.66
CA GLY D 209 2.10 25.54 58.73
C GLY D 209 2.13 26.46 57.54
N THR D 210 3.34 26.89 57.17
CA THR D 210 3.53 27.73 56.00
C THR D 210 3.35 26.93 54.72
N TYR D 211 3.89 25.71 54.70
CA TYR D 211 3.83 24.88 53.51
C TYR D 211 2.42 24.34 53.28
N TYR D 212 1.69 24.06 54.35
CA TYR D 212 0.31 23.62 54.23
C TYR D 212 -0.53 24.71 53.57
N ALA D 213 -0.34 25.94 54.02
CA ALA D 213 -0.99 27.09 53.41
C ALA D 213 -0.58 27.19 51.94
N SER D 214 0.69 26.96 51.68
CA SER D 214 1.21 26.99 50.32
C SER D 214 0.55 25.92 49.45
N GLN D 215 0.30 24.76 50.02
CA GLN D 215 -0.33 23.66 49.29
C GLN D 215 -1.76 24.01 48.87
N LEU D 216 -2.46 24.71 49.75
CA LEU D 216 -3.84 25.10 49.48
C LEU D 216 -3.91 26.17 48.39
N ILE D 217 -3.06 27.19 48.53
CA ILE D 217 -3.01 28.29 47.58
C ILE D 217 -2.60 27.81 46.19
N ALA D 218 -1.56 27.00 46.13
CA ALA D 218 -1.05 26.49 44.86
C ALA D 218 -2.07 25.59 44.15
N ALA D 219 -2.90 24.93 44.94
CA ALA D 219 -3.95 24.08 44.40
C ALA D 219 -4.93 24.92 43.57
N PRO D 220 -5.04 24.59 42.27
CA PRO D 220 -5.91 25.32 41.33
C PRO D 220 -7.37 25.33 41.75
N SER D 221 -8.16 26.19 41.12
CA SER D 221 -9.54 26.40 41.56
C SER D 221 -10.49 25.29 41.14
N ASN D 222 -10.06 24.40 40.25
CA ASN D 222 -10.85 23.23 39.92
C ASN D 222 -10.64 22.14 40.97
N TYR D 223 -9.49 22.21 41.63
CA TYR D 223 -9.23 21.33 42.77
C TYR D 223 -9.69 21.98 44.06
N CYS D 224 -9.30 23.24 44.26
CA CYS D 224 -9.66 23.97 45.46
C CYS D 224 -10.89 24.84 45.25
N ASN D 225 -12.04 24.33 45.68
CA ASN D 225 -13.31 25.05 45.60
C ASN D 225 -13.87 25.24 47.02
N PRO D 226 -14.90 26.09 47.19
CA PRO D 226 -15.47 26.36 48.52
C PRO D 226 -15.79 25.11 49.34
N VAL D 227 -16.30 24.07 48.70
CA VAL D 227 -16.68 22.86 49.42
C VAL D 227 -15.46 22.03 49.78
N SER D 228 -14.57 21.83 48.81
CA SER D 228 -13.37 21.02 49.03
C SER D 228 -12.40 21.67 50.01
N LEU D 229 -12.38 23.00 50.01
CA LEU D 229 -11.54 23.74 50.94
C LEU D 229 -12.07 23.62 52.36
N SER D 230 -13.39 23.66 52.50
CA SER D 230 -14.03 23.52 53.80
C SER D 230 -13.85 22.09 54.31
N ASN D 231 -13.87 21.12 53.39
CA ASN D 231 -13.64 19.73 53.74
C ASN D 231 -12.22 19.52 54.25
N ALA D 232 -11.27 20.22 53.64
CA ALA D 232 -9.87 20.15 54.04
C ALA D 232 -9.68 20.74 55.42
N ALA D 233 -10.40 21.82 55.70
CA ALA D 233 -10.36 22.46 57.01
C ALA D 233 -10.90 21.52 58.09
N VAL D 234 -11.90 20.73 57.73
CA VAL D 234 -12.49 19.76 58.65
C VAL D 234 -11.50 18.63 58.95
N GLU D 235 -10.91 18.09 57.89
CA GLU D 235 -9.94 17.01 58.02
C GLU D 235 -8.75 17.45 58.87
N LEU D 236 -8.31 18.69 58.66
CA LEU D 236 -7.22 19.26 59.45
C LEU D 236 -7.62 19.38 60.91
N ALA D 237 -8.86 19.81 61.14
CA ALA D 237 -9.39 19.99 62.49
C ALA D 237 -9.47 18.67 63.25
N GLN D 238 -9.85 17.62 62.53
CA GLN D 238 -9.97 16.29 63.13
C GLN D 238 -8.61 15.74 63.53
N LYS D 239 -7.58 16.11 62.77
CA LYS D 239 -6.22 15.66 63.05
C LYS D 239 -5.61 16.40 64.23
N LEU D 240 -6.09 17.61 64.48
CA LEU D 240 -5.52 18.46 65.52
C LEU D 240 -6.40 18.52 66.76
N ASN D 241 -7.44 17.70 66.77
CA ASN D 241 -8.42 17.69 67.87
C ASN D 241 -8.99 19.08 68.12
N LEU D 242 -9.31 19.78 67.05
CA LEU D 242 -9.92 21.11 67.14
C LEU D 242 -11.43 21.01 66.97
N GLU D 243 -12.16 21.84 67.70
CA GLU D 243 -13.61 21.94 67.51
C GLU D 243 -13.88 22.65 66.20
N TYR D 244 -14.84 22.15 65.43
CA TYR D 244 -15.11 22.74 64.13
C TYR D 244 -16.59 22.80 63.79
N LYS D 245 -16.95 23.76 62.95
CA LYS D 245 -18.32 23.95 62.49
C LYS D 245 -18.32 24.61 61.12
N ILE D 246 -18.93 23.93 60.13
CA ILE D 246 -19.02 24.48 58.79
C ILE D 246 -20.44 24.94 58.49
N LEU D 247 -20.61 26.25 58.33
CA LEU D 247 -21.93 26.81 58.09
C LEU D 247 -22.30 26.69 56.62
N GLY D 248 -23.49 26.15 56.35
CA GLY D 248 -23.97 25.98 54.99
C GLY D 248 -24.86 27.13 54.55
N VAL D 249 -25.32 27.06 53.31
CA VAL D 249 -26.13 28.13 52.72
C VAL D 249 -27.38 28.45 53.54
N LYS D 250 -28.14 27.41 53.90
CA LYS D 250 -29.38 27.59 54.64
C LYS D 250 -29.16 28.33 55.96
N GLU D 251 -28.06 28.01 56.64
CA GLU D 251 -27.76 28.61 57.93
C GLU D 251 -27.19 30.02 57.79
N LEU D 252 -26.46 30.25 56.70
CA LEU D 252 -25.94 31.58 56.39
C LEU D 252 -27.10 32.52 56.06
N GLU D 253 -28.14 31.97 55.44
CA GLU D 253 -29.35 32.72 55.16
C GLU D 253 -30.07 33.07 56.46
N GLU D 254 -30.05 32.13 57.40
CA GLU D 254 -30.65 32.34 58.72
C GLU D 254 -29.88 33.38 59.51
N LEU D 255 -28.57 33.45 59.28
CA LEU D 255 -27.72 34.45 59.91
C LEU D 255 -27.72 35.75 59.11
N LYS D 256 -28.42 35.72 57.97
CA LYS D 256 -28.64 36.89 57.13
C LYS D 256 -27.34 37.51 56.58
N MET D 257 -26.40 36.66 56.18
CA MET D 257 -25.15 37.14 55.60
C MET D 257 -25.31 37.48 54.12
N GLY D 258 -26.05 38.53 53.83
CA GLY D 258 -26.38 38.90 52.47
C GLY D 258 -25.20 39.34 51.63
N ALA D 259 -24.27 40.07 52.24
CA ALA D 259 -23.08 40.54 51.53
C ALA D 259 -22.22 39.37 51.11
N TYR D 260 -22.07 38.40 52.00
CA TYR D 260 -21.25 37.22 51.74
C TYR D 260 -21.94 36.30 50.73
N LEU D 261 -23.25 36.10 50.90
CA LEU D 261 -23.99 35.22 50.02
C LEU D 261 -24.12 35.76 48.60
N SER D 262 -24.05 37.08 48.45
CA SER D 262 -24.21 37.72 47.16
C SER D 262 -23.01 37.47 46.25
N VAL D 263 -21.83 37.37 46.84
CA VAL D 263 -20.61 37.13 46.08
C VAL D 263 -20.63 35.72 45.46
N GLY D 264 -21.14 34.76 46.19
CA GLY D 264 -21.14 33.38 45.73
C GLY D 264 -22.36 32.94 44.94
N LYS D 265 -23.27 33.87 44.70
CA LYS D 265 -24.50 33.57 43.96
C LYS D 265 -24.24 32.99 42.58
N GLY D 266 -23.23 33.51 41.90
CA GLY D 266 -22.93 33.09 40.53
C GLY D 266 -22.08 31.84 40.45
N SER D 267 -21.76 31.25 41.59
CA SER D 267 -20.91 30.06 41.61
C SER D 267 -21.73 28.78 41.63
N MET D 268 -21.16 27.71 41.07
CA MET D 268 -21.79 26.39 41.11
C MET D 268 -21.53 25.73 42.46
N TYR D 269 -20.62 26.32 43.23
CA TYR D 269 -20.28 25.82 44.56
C TYR D 269 -20.95 26.66 45.62
N PRO D 270 -21.70 26.00 46.53
CA PRO D 270 -22.39 26.69 47.63
C PRO D 270 -21.41 27.38 48.58
N ASN D 271 -21.80 28.54 49.11
CA ASN D 271 -20.99 29.25 50.08
C ASN D 271 -20.76 28.43 51.35
N LYS D 272 -19.53 28.43 51.84
CA LYS D 272 -19.17 27.67 53.02
C LYS D 272 -18.38 28.53 54.01
N PHE D 273 -18.89 28.65 55.23
CA PHE D 273 -18.22 29.43 56.26
C PHE D 273 -17.46 28.51 57.22
N ILE D 274 -16.14 28.67 57.27
CA ILE D 274 -15.30 27.83 58.12
C ILE D 274 -15.12 28.43 59.50
N HIS D 275 -15.39 27.64 60.53
CA HIS D 275 -15.17 28.06 61.90
C HIS D 275 -14.42 26.99 62.70
N LEU D 276 -13.12 27.17 62.83
CA LEU D 276 -12.30 26.30 63.68
C LEU D 276 -12.06 26.98 65.02
N THR D 277 -11.88 26.18 66.07
CA THR D 277 -11.67 26.73 67.40
C THR D 277 -10.57 25.98 68.16
N TYR D 278 -9.63 26.74 68.71
CA TYR D 278 -8.67 26.19 69.66
C TYR D 278 -8.94 26.77 71.05
N LYS D 279 -9.16 25.89 72.02
CA LYS D 279 -9.38 26.33 73.38
C LYS D 279 -8.35 25.69 74.31
N SER D 280 -7.82 26.49 75.24
CA SER D 280 -6.82 26.00 76.17
C SER D 280 -7.44 25.07 77.21
N LYS D 281 -6.62 24.23 77.81
CA LYS D 281 -7.08 23.31 78.86
C LYS D 281 -7.27 24.07 80.16
N GLY D 282 -6.49 25.12 80.36
CA GLY D 282 -6.56 25.94 81.56
C GLY D 282 -7.55 27.08 81.40
N ASP D 283 -7.52 28.00 82.36
CA ASP D 283 -8.40 29.17 82.32
C ASP D 283 -8.07 30.07 81.13
N VAL D 284 -9.10 30.49 80.40
CA VAL D 284 -8.91 31.32 79.21
C VAL D 284 -8.84 32.79 79.59
N LYS D 285 -7.76 33.46 79.17
CA LYS D 285 -7.54 34.85 79.54
C LYS D 285 -7.59 35.79 78.34
N LYS D 286 -7.53 35.24 77.13
CA LYS D 286 -7.60 36.06 75.92
C LYS D 286 -8.31 35.31 74.79
N LYS D 287 -9.30 35.97 74.20
CA LYS D 287 -10.00 35.41 73.04
C LYS D 287 -9.62 36.17 71.78
N ILE D 288 -9.19 35.43 70.76
CA ILE D 288 -8.78 36.04 69.49
C ILE D 288 -9.53 35.42 68.31
N ALA D 289 -9.95 36.26 67.38
CA ALA D 289 -10.53 35.77 66.13
C ALA D 289 -9.61 36.08 64.96
N LEU D 290 -9.23 35.04 64.22
CA LEU D 290 -8.43 35.23 63.02
C LEU D 290 -9.30 35.01 61.77
N VAL D 291 -9.42 36.04 60.94
CA VAL D 291 -10.31 36.01 59.80
C VAL D 291 -9.56 35.99 58.47
N GLY D 292 -9.85 34.99 57.64
CA GLY D 292 -9.18 34.85 56.37
C GLY D 292 -10.08 35.02 55.16
N LYS D 293 -9.59 35.76 54.18
CA LYS D 293 -10.30 35.92 52.91
C LYS D 293 -10.28 34.60 52.15
N GLY D 294 -11.46 34.14 51.73
CA GLY D 294 -11.57 32.82 51.13
C GLY D 294 -12.22 32.76 49.77
N ILE D 295 -11.70 33.52 48.82
CA ILE D 295 -12.19 33.45 47.45
C ILE D 295 -11.36 32.44 46.66
N THR D 296 -11.90 31.25 46.45
CA THR D 296 -11.17 30.17 45.80
C THR D 296 -10.78 30.54 44.37
N PHE D 297 -11.62 31.31 43.70
CA PHE D 297 -11.25 31.91 42.43
C PHE D 297 -11.98 33.24 42.23
N ASP D 298 -11.26 34.23 41.74
CA ASP D 298 -11.81 35.56 41.53
C ASP D 298 -11.72 35.96 40.06
N SER D 299 -12.82 35.79 39.32
CA SER D 299 -12.88 36.22 37.93
C SER D 299 -13.08 37.72 37.87
N GLY D 300 -13.49 38.30 38.99
CA GLY D 300 -13.79 39.71 39.07
C GLY D 300 -15.29 39.96 39.01
N GLY D 301 -16.03 38.92 38.60
CA GLY D 301 -17.46 39.04 38.43
C GLY D 301 -17.77 39.74 37.12
N TYR D 302 -18.91 40.44 37.08
CA TYR D 302 -19.30 41.16 35.86
C TYR D 302 -18.35 42.33 35.61
N ASN D 303 -17.70 42.81 36.66
CA ASN D 303 -16.53 43.66 36.49
C ASN D 303 -15.31 42.78 36.25
N LEU D 304 -15.36 42.05 35.14
CA LEU D 304 -14.38 41.02 34.81
C LEU D 304 -12.95 41.55 34.76
N LYS D 305 -12.00 40.74 35.23
CA LYS D 305 -10.60 41.04 35.09
C LYS D 305 -10.16 40.84 33.65
N ALA D 306 -10.35 41.86 32.82
CA ALA D 306 -10.05 41.76 31.40
C ALA D 306 -8.90 42.68 31.00
N ALA D 307 -8.66 43.70 31.81
CA ALA D 307 -7.58 44.65 31.55
C ALA D 307 -6.22 43.97 31.70
N PRO D 308 -5.24 44.41 30.92
CA PRO D 308 -3.88 43.85 31.01
C PRO D 308 -3.27 44.04 32.40
N GLY D 309 -2.70 42.98 32.95
CA GLY D 309 -2.08 43.05 34.25
C GLY D 309 -3.04 42.80 35.40
N SER D 310 -4.27 42.41 35.06
CA SER D 310 -5.26 42.08 36.07
C SER D 310 -4.98 40.71 36.69
N MET D 311 -4.07 39.97 36.06
CA MET D 311 -3.53 38.73 36.60
C MET D 311 -4.61 37.69 36.92
N ILE D 312 -5.50 37.45 35.96
CA ILE D 312 -6.63 36.55 36.17
C ILE D 312 -6.19 35.09 36.30
N ASP D 313 -5.03 34.76 35.75
CA ASP D 313 -4.55 33.38 35.76
C ASP D 313 -3.94 32.99 37.10
N LEU D 314 -3.77 33.98 37.98
CA LEU D 314 -3.21 33.74 39.30
C LEU D 314 -4.28 33.81 40.39
N MET D 315 -5.51 34.06 39.97
CA MET D 315 -6.60 34.38 40.91
C MET D 315 -7.07 33.19 41.76
N LYS D 316 -6.33 32.09 41.73
CA LYS D 316 -6.54 31.03 42.70
C LYS D 316 -5.92 31.47 44.04
N PHE D 317 -5.02 32.45 43.96
CA PHE D 317 -4.32 32.97 45.13
C PHE D 317 -5.24 33.75 46.06
N ASP D 318 -6.45 34.04 45.60
CA ASP D 318 -7.36 34.94 46.30
C ASP D 318 -7.93 34.32 47.57
N MET D 319 -7.33 33.21 47.99
CA MET D 319 -7.76 32.47 49.17
C MET D 319 -6.69 32.55 50.25
N SER D 320 -5.55 33.13 49.90
CA SER D 320 -4.35 33.15 50.74
C SER D 320 -4.60 33.54 52.19
N GLY D 321 -5.58 34.40 52.41
CA GLY D 321 -5.97 34.77 53.76
C GLY D 321 -6.51 33.57 54.51
N CYS D 322 -7.32 32.76 53.84
CA CYS D 322 -7.86 31.55 54.44
C CYS D 322 -6.77 30.53 54.72
N ALA D 323 -5.85 30.38 53.77
CA ALA D 323 -4.76 29.42 53.91
C ALA D 323 -3.83 29.79 55.05
N ALA D 324 -3.60 31.09 55.21
CA ALA D 324 -2.74 31.58 56.28
C ALA D 324 -3.35 31.33 57.65
N VAL D 325 -4.66 31.50 57.75
CA VAL D 325 -5.38 31.27 58.99
C VAL D 325 -5.40 29.78 59.33
N LEU D 326 -5.66 28.95 58.32
CA LEU D 326 -5.68 27.50 58.50
C LEU D 326 -4.29 26.97 58.82
N GLY D 327 -3.28 27.59 58.24
CA GLY D 327 -1.90 27.23 58.51
C GLY D 327 -1.53 27.57 59.94
N CYS D 328 -2.07 28.69 60.43
CA CYS D 328 -1.86 29.10 61.80
C CYS D 328 -2.54 28.14 62.75
N ALA D 329 -3.72 27.65 62.35
CA ALA D 329 -4.47 26.70 63.14
C ALA D 329 -3.66 25.43 63.38
N TYR D 330 -2.90 25.03 62.36
CA TYR D 330 -2.01 23.88 62.51
C TYR D 330 -0.94 24.14 63.56
N CYS D 331 -0.25 25.27 63.41
CA CYS D 331 0.81 25.65 64.33
C CYS D 331 0.30 25.79 65.76
N VAL D 332 -0.85 26.43 65.91
CA VAL D 332 -1.46 26.62 67.22
C VAL D 332 -1.94 25.29 67.81
N GLY D 333 -2.57 24.47 66.98
CA GLY D 333 -3.07 23.18 67.42
C GLY D 333 -1.96 22.20 67.76
N THR D 334 -0.76 22.45 67.23
CA THR D 334 0.38 21.58 67.46
C THR D 334 1.19 22.05 68.66
N LEU D 335 1.49 23.35 68.70
CA LEU D 335 2.28 23.92 69.78
C LEU D 335 1.45 24.09 71.05
N LYS D 336 0.14 24.21 70.86
CA LYS D 336 -0.83 24.24 71.96
C LYS D 336 -0.52 25.28 73.04
N PRO D 337 -0.71 26.57 72.73
CA PRO D 337 -0.50 27.64 73.70
C PRO D 337 -1.51 27.59 74.85
N GLU D 338 -1.18 28.24 75.96
CA GLU D 338 -2.04 28.18 77.15
C GLU D 338 -2.76 29.51 77.39
N ASN D 339 -3.88 29.42 78.12
CA ASN D 339 -4.66 30.59 78.54
C ASN D 339 -5.19 31.47 77.41
N VAL D 340 -5.36 30.88 76.23
CA VAL D 340 -5.91 31.62 75.09
C VAL D 340 -6.96 30.80 74.33
N GLU D 341 -7.96 31.49 73.80
CA GLU D 341 -8.97 30.85 72.95
C GLU D 341 -9.01 31.51 71.59
N ILE D 342 -8.70 30.75 70.54
CA ILE D 342 -8.58 31.30 69.21
C ILE D 342 -9.64 30.74 68.25
N HIS D 343 -10.32 31.64 67.55
CA HIS D 343 -11.31 31.25 66.55
C HIS D 343 -10.79 31.52 65.14
N PHE D 344 -10.72 30.46 64.35
CA PHE D 344 -10.26 30.58 62.97
C PHE D 344 -11.44 30.65 62.00
N LEU D 345 -11.63 31.82 61.38
CA LEU D 345 -12.80 32.08 60.56
C LEU D 345 -12.46 32.31 59.10
N SER D 346 -13.34 31.87 58.21
CA SER D 346 -13.20 32.14 56.79
C SER D 346 -14.51 31.97 56.03
N ALA D 347 -14.97 33.05 55.42
CA ALA D 347 -16.15 33.01 54.57
C ALA D 347 -15.73 32.64 53.15
N VAL D 348 -15.81 31.35 52.84
CA VAL D 348 -15.29 30.83 51.58
C VAL D 348 -16.36 30.76 50.48
N CYS D 349 -16.04 31.32 49.32
CA CYS D 349 -16.90 31.23 48.15
C CYS D 349 -16.10 31.41 46.88
N GLU D 350 -16.79 31.42 45.73
CA GLU D 350 -16.13 31.57 44.44
C GLU D 350 -16.74 32.74 43.67
N ASN D 351 -15.89 33.48 42.97
CA ASN D 351 -16.30 34.70 42.29
C ASN D 351 -16.44 34.49 40.79
N MET D 352 -17.68 34.29 40.32
CA MET D 352 -17.90 33.89 38.93
C MET D 352 -18.92 34.74 38.18
N VAL D 353 -18.96 34.53 36.87
CA VAL D 353 -19.92 35.22 36.00
C VAL D 353 -21.01 34.25 35.57
N SER D 354 -22.26 34.62 35.85
CA SER D 354 -23.39 33.73 35.60
C SER D 354 -24.68 34.53 35.49
N LYS D 355 -25.78 33.83 35.19
CA LYS D 355 -27.09 34.46 35.20
C LYS D 355 -27.51 34.71 36.63
N ASN D 356 -26.99 33.88 37.53
CA ASN D 356 -27.32 33.98 38.95
C ASN D 356 -26.41 34.93 39.67
N SER D 357 -25.50 35.56 38.93
CA SER D 357 -24.49 36.43 39.54
C SER D 357 -25.05 37.76 40.02
N TYR D 358 -24.54 38.17 41.16
CA TYR D 358 -24.56 39.54 41.64
C TYR D 358 -24.16 40.54 40.53
N ARG D 359 -24.80 41.71 40.52
CA ARG D 359 -24.52 42.73 39.51
C ARG D 359 -23.96 44.03 40.09
N PRO D 360 -23.19 44.77 39.29
CA PRO D 360 -22.76 46.12 39.69
C PRO D 360 -23.97 47.02 39.89
N GLY D 361 -24.03 47.71 41.03
CA GLY D 361 -25.15 48.58 41.33
C GLY D 361 -26.11 47.96 42.33
N ASP D 362 -26.01 46.64 42.49
CA ASP D 362 -26.88 45.93 43.42
C ASP D 362 -26.71 46.41 44.85
N ILE D 363 -27.82 46.56 45.55
CA ILE D 363 -27.79 46.89 46.97
C ILE D 363 -28.11 45.65 47.79
N ILE D 364 -27.13 45.24 48.60
CA ILE D 364 -27.26 44.03 49.41
C ILE D 364 -27.17 44.37 50.90
N THR D 365 -27.72 43.51 51.74
CA THR D 365 -27.79 43.78 53.17
C THR D 365 -26.89 42.84 53.97
N ALA D 366 -25.96 43.41 54.72
CA ALA D 366 -25.05 42.61 55.54
C ALA D 366 -25.76 42.04 56.76
N SER D 367 -25.06 41.20 57.51
CA SER D 367 -25.65 40.52 58.66
C SER D 367 -25.81 41.45 59.86
N ASN D 368 -25.32 42.67 59.74
CA ASN D 368 -25.47 43.64 60.82
C ASN D 368 -26.54 44.68 60.51
N GLY D 369 -27.18 44.54 59.34
CA GLY D 369 -28.28 45.41 58.97
C GLY D 369 -27.91 46.53 58.02
N LYS D 370 -26.61 46.76 57.83
CA LYS D 370 -26.16 47.80 56.93
C LYS D 370 -26.38 47.42 55.46
N THR D 371 -26.97 48.34 54.70
CA THR D 371 -27.16 48.11 53.28
C THR D 371 -25.96 48.63 52.49
N ILE D 372 -25.51 47.85 51.51
CA ILE D 372 -24.29 48.15 50.78
C ILE D 372 -24.52 48.25 49.28
N GLU D 373 -24.18 49.39 48.69
CA GLU D 373 -24.32 49.57 47.26
C GLU D 373 -23.05 49.10 46.53
N VAL D 374 -23.19 48.02 45.77
CA VAL D 374 -22.06 47.45 45.04
C VAL D 374 -21.69 48.31 43.83
N GLY D 375 -20.50 48.90 43.86
CA GLY D 375 -20.03 49.73 42.77
C GLY D 375 -19.10 48.97 41.84
N ASN D 376 -18.58 47.86 42.34
CA ASN D 376 -17.63 47.05 41.58
C ASN D 376 -17.62 45.61 42.09
N THR D 377 -18.00 44.68 41.21
CA THR D 377 -18.09 43.28 41.58
C THR D 377 -16.73 42.65 41.88
N ASP D 378 -15.66 43.35 41.49
CA ASP D 378 -14.31 42.84 41.71
C ASP D 378 -13.80 43.21 43.11
N ALA D 379 -14.54 44.07 43.79
CA ALA D 379 -14.24 44.40 45.18
C ALA D 379 -15.09 43.54 46.10
N GLU D 380 -15.04 42.23 45.90
CA GLU D 380 -15.91 41.30 46.60
C GLU D 380 -15.36 40.85 47.95
N GLY D 381 -14.04 41.00 48.13
CA GLY D 381 -13.39 40.56 49.34
C GLY D 381 -13.88 41.28 50.57
N ARG D 382 -13.99 42.61 50.47
CA ARG D 382 -14.44 43.42 51.59
C ARG D 382 -15.89 43.10 51.93
N LEU D 383 -16.63 42.55 50.97
CA LEU D 383 -18.01 42.16 51.19
C LEU D 383 -18.08 40.89 52.03
N THR D 384 -17.31 39.88 51.64
CA THR D 384 -17.29 38.60 52.37
C THR D 384 -16.70 38.79 53.76
N LEU D 385 -15.68 39.63 53.87
CA LEU D 385 -15.06 39.93 55.15
C LEU D 385 -16.02 40.69 56.07
N ALA D 386 -16.87 41.52 55.47
CA ALA D 386 -17.83 42.32 56.23
C ALA D 386 -18.72 41.44 57.12
N ASP D 387 -19.33 40.43 56.51
CA ASP D 387 -20.15 39.49 57.26
C ASP D 387 -19.30 38.67 58.22
N ALA D 388 -18.07 38.38 57.81
CA ALA D 388 -17.13 37.63 58.64
C ALA D 388 -16.77 38.41 59.90
N LEU D 389 -16.55 39.70 59.74
CA LEU D 389 -16.19 40.56 60.87
C LEU D 389 -17.37 40.74 61.84
N VAL D 390 -18.57 40.77 61.28
CA VAL D 390 -19.79 40.84 62.10
C VAL D 390 -19.94 39.56 62.92
N TYR D 391 -19.64 38.43 62.27
CA TYR D 391 -19.64 37.14 62.93
C TYR D 391 -18.60 37.11 64.05
N ALA D 392 -17.40 37.59 63.72
CA ALA D 392 -16.27 37.58 64.63
C ALA D 392 -16.54 38.38 65.91
N GLU D 393 -17.19 39.53 65.75
CA GLU D 393 -17.46 40.39 66.89
C GLU D 393 -18.56 39.82 67.77
N LYS D 394 -19.38 38.94 67.20
CA LYS D 394 -20.46 38.30 67.95
C LYS D 394 -19.93 37.22 68.88
N LEU D 395 -18.71 36.75 68.62
CA LEU D 395 -18.10 35.73 69.45
C LEU D 395 -17.60 36.31 70.77
N GLY D 396 -17.53 37.64 70.83
CA GLY D 396 -17.07 38.33 72.03
C GLY D 396 -15.60 38.10 72.30
N VAL D 397 -14.76 38.47 71.36
CA VAL D 397 -13.32 38.29 71.48
C VAL D 397 -12.62 39.60 71.81
N ASP D 398 -11.37 39.50 72.26
CA ASP D 398 -10.60 40.68 72.61
C ASP D 398 -9.97 41.31 71.38
N TYR D 399 -9.42 40.46 70.50
CA TYR D 399 -8.77 40.92 69.29
C TYR D 399 -9.39 40.30 68.04
N ILE D 400 -9.64 41.13 67.03
CA ILE D 400 -10.04 40.63 65.72
C ILE D 400 -8.96 41.00 64.71
N VAL D 401 -8.37 40.00 64.08
CA VAL D 401 -7.38 40.25 63.04
C VAL D 401 -7.75 39.54 61.75
N ASP D 402 -8.05 40.32 60.70
CA ASP D 402 -8.34 39.74 59.41
C ASP D 402 -7.14 39.89 58.49
N ILE D 403 -6.93 38.90 57.62
CA ILE D 403 -5.82 38.91 56.67
C ILE D 403 -6.34 38.54 55.28
N ALA D 404 -6.00 39.35 54.28
CA ALA D 404 -6.64 39.22 52.98
C ALA D 404 -5.80 39.74 51.82
N THR D 405 -5.93 39.10 50.66
CA THR D 405 -5.38 39.63 49.42
C THR D 405 -6.41 40.62 48.86
N LEU D 406 -6.51 41.78 49.51
CA LEU D 406 -7.65 42.66 49.32
C LEU D 406 -7.52 43.62 48.14
N THR D 407 -6.46 44.43 48.11
CA THR D 407 -6.33 45.46 47.08
C THR D 407 -5.04 45.35 46.27
N GLY D 408 -5.15 45.54 44.96
CA GLY D 408 -4.00 45.51 44.07
C GLY D 408 -3.12 46.74 44.21
N ALA D 409 -3.64 47.76 44.88
CA ALA D 409 -2.89 49.00 45.11
C ALA D 409 -1.67 48.75 45.99
N MET D 410 -1.66 47.62 46.69
CA MET D 410 -0.54 47.26 47.54
C MET D 410 0.75 47.09 46.74
N LEU D 411 0.60 46.61 45.50
CA LEU D 411 1.75 46.44 44.61
C LEU D 411 2.37 47.79 44.26
N TYR D 412 1.57 48.84 44.32
CA TYR D 412 2.04 50.19 44.01
C TYR D 412 2.49 50.94 45.26
N SER D 413 2.11 50.44 46.43
CA SER D 413 2.44 51.11 47.67
C SER D 413 3.64 50.50 48.38
N LEU D 414 3.53 49.25 48.79
CA LEU D 414 4.61 48.59 49.53
C LEU D 414 5.36 47.58 48.67
N GLY D 415 4.72 47.11 47.61
CA GLY D 415 5.37 46.19 46.68
C GLY D 415 5.11 44.73 47.00
N THR D 416 6.12 43.90 46.77
CA THR D 416 5.96 42.45 46.88
C THR D 416 6.63 41.85 48.12
N SER D 417 7.20 42.69 48.96
CA SER D 417 7.91 42.20 50.15
C SER D 417 7.19 42.53 51.45
N TYR D 418 6.71 43.76 51.56
CA TYR D 418 6.06 44.22 52.79
C TYR D 418 4.55 44.24 52.68
N ALA D 419 3.88 43.63 53.65
CA ALA D 419 2.43 43.69 53.73
C ALA D 419 2.02 44.93 54.50
N GLY D 420 0.77 45.36 54.33
CA GLY D 420 0.27 46.52 55.04
C GLY D 420 -0.68 46.12 56.15
N VAL D 421 -0.60 46.82 57.28
CA VAL D 421 -1.54 46.57 58.37
C VAL D 421 -2.30 47.85 58.71
N PHE D 422 -3.62 47.72 58.80
CA PHE D 422 -4.50 48.83 59.17
C PHE D 422 -5.25 48.42 60.43
N GLY D 423 -5.76 49.41 61.17
CA GLY D 423 -6.48 49.08 62.39
C GLY D 423 -7.12 50.25 63.13
N ASN D 424 -7.94 49.91 64.11
CA ASN D 424 -8.62 50.90 64.94
C ASN D 424 -8.03 50.97 66.34
N ASN D 425 -7.03 50.14 66.60
CA ASN D 425 -6.41 50.05 67.91
C ASN D 425 -4.90 49.98 67.82
N GLU D 426 -4.22 51.03 68.29
CA GLU D 426 -2.78 51.16 68.15
C GLU D 426 -2.00 50.07 68.90
N GLU D 427 -2.52 49.65 70.04
CA GLU D 427 -1.86 48.61 70.82
C GLU D 427 -1.87 47.30 70.05
N LEU D 428 -2.97 47.03 69.36
CA LEU D 428 -3.08 45.84 68.53
C LEU D 428 -2.17 45.97 67.31
N ILE D 429 -2.04 47.19 66.80
CA ILE D 429 -1.13 47.44 65.68
C ILE D 429 0.30 47.14 66.12
N ASN D 430 0.66 47.57 67.31
CA ASN D 430 2.00 47.34 67.85
C ASN D 430 2.29 45.87 68.08
N LYS D 431 1.27 45.10 68.47
CA LYS D 431 1.43 43.67 68.69
C LYS D 431 1.69 42.94 67.38
N ILE D 432 1.01 43.37 66.32
CA ILE D 432 1.23 42.79 65.00
C ILE D 432 2.63 43.11 64.50
N LEU D 433 3.06 44.35 64.70
CA LEU D 433 4.38 44.79 64.27
C LEU D 433 5.49 44.07 65.03
N GLN D 434 5.27 43.84 66.32
CA GLN D 434 6.21 43.09 67.14
C GLN D 434 6.28 41.65 66.67
N SER D 435 5.12 41.12 66.26
CA SER D 435 5.04 39.77 65.73
C SER D 435 5.71 39.69 64.37
N SER D 436 5.67 40.78 63.62
CA SER D 436 6.34 40.85 62.33
C SER D 436 7.84 40.72 62.50
N LYS D 437 8.37 41.32 63.56
CA LYS D 437 9.80 41.29 63.83
C LYS D 437 10.30 39.89 64.21
N THR D 438 9.54 39.20 65.04
CA THR D 438 9.94 37.90 65.54
C THR D 438 9.69 36.77 64.54
N SER D 439 8.72 37.00 63.65
CA SER D 439 8.37 35.99 62.65
C SER D 439 9.13 36.20 61.34
N ASN D 440 9.78 37.37 61.23
CA ASN D 440 10.49 37.78 60.03
C ASN D 440 9.60 37.82 58.78
N GLU D 441 8.31 38.05 58.98
CA GLU D 441 7.41 38.33 57.88
C GLU D 441 7.07 39.81 57.89
N PRO D 442 7.76 40.59 57.05
CA PRO D 442 7.75 42.05 57.05
C PRO D 442 6.38 42.67 56.81
N VAL D 443 5.98 43.56 57.73
CA VAL D 443 4.69 44.24 57.66
C VAL D 443 4.89 45.72 58.01
N TRP D 444 4.20 46.61 57.31
CA TRP D 444 4.30 48.04 57.59
C TRP D 444 2.94 48.66 57.92
N TRP D 445 2.94 49.55 58.90
CA TRP D 445 1.72 50.22 59.37
C TRP D 445 1.29 51.32 58.40
N LEU D 446 0.07 51.22 57.89
CA LEU D 446 -0.49 52.24 57.02
C LEU D 446 -1.73 52.88 57.66
N PRO D 447 -1.98 54.16 57.35
CA PRO D 447 -3.04 54.89 58.07
C PRO D 447 -4.45 54.65 57.54
N ILE D 448 -5.43 54.69 58.44
CA ILE D 448 -6.82 54.77 58.05
C ILE D 448 -7.22 56.25 58.11
N ILE D 449 -7.19 56.91 56.96
CA ILE D 449 -7.47 58.34 56.89
C ILE D 449 -8.98 58.59 56.85
N ASN D 450 -9.49 59.19 57.92
CA ASN D 450 -10.93 59.39 58.09
C ASN D 450 -11.51 60.44 57.15
N GLU D 451 -10.65 61.20 56.49
CA GLU D 451 -11.13 62.21 55.55
C GLU D 451 -11.67 61.56 54.29
N TYR D 452 -11.26 60.32 54.04
CA TYR D 452 -11.73 59.58 52.87
C TYR D 452 -13.07 58.90 53.14
N ARG D 453 -13.47 58.84 54.41
CA ARG D 453 -14.71 58.16 54.79
C ARG D 453 -15.93 58.72 54.04
N ALA D 454 -15.93 60.02 53.78
CA ALA D 454 -17.06 60.68 53.12
C ALA D 454 -17.28 60.18 51.69
N THR D 455 -16.26 59.55 51.11
CA THR D 455 -16.36 59.08 49.73
C THR D 455 -17.18 57.79 49.66
N LEU D 456 -17.52 57.25 50.82
CA LEU D 456 -18.31 56.02 50.90
C LEU D 456 -19.79 56.30 51.14
N ASN D 457 -20.15 57.58 51.21
CA ASN D 457 -21.54 57.96 51.39
C ASN D 457 -22.38 57.67 50.14
N SER D 458 -23.23 56.66 50.24
CA SER D 458 -24.10 56.28 49.13
C SER D 458 -25.34 57.16 49.08
N LYS D 459 -25.83 57.42 47.88
CA LYS D 459 -27.02 58.23 47.69
C LYS D 459 -28.26 57.48 48.17
N TYR D 460 -28.23 56.16 48.06
CA TYR D 460 -29.41 55.35 48.36
C TYR D 460 -29.17 54.31 49.46
N ALA D 461 -28.02 53.67 49.45
CA ALA D 461 -27.70 52.66 50.46
C ALA D 461 -27.10 53.32 51.71
N ASP D 462 -26.78 52.50 52.70
CA ASP D 462 -26.16 53.00 53.92
C ASP D 462 -24.71 53.38 53.67
N ILE D 463 -24.07 52.66 52.75
CA ILE D 463 -22.65 52.85 52.49
C ILE D 463 -22.28 52.36 51.09
N ASN D 464 -21.26 52.97 50.50
CA ASN D 464 -20.71 52.50 49.24
C ASN D 464 -19.71 51.37 49.45
N GLN D 465 -19.67 50.44 48.49
CA GLN D 465 -18.68 49.39 48.50
C GLN D 465 -17.30 49.96 48.19
N ILE D 466 -17.24 50.79 47.15
CA ILE D 466 -15.99 51.42 46.73
C ILE D 466 -16.10 52.94 46.65
N SER D 467 -15.00 53.57 46.26
CA SER D 467 -14.92 55.02 46.20
C SER D 467 -15.18 55.56 44.79
N SER D 468 -15.48 56.85 44.71
CA SER D 468 -15.54 57.54 43.43
C SER D 468 -14.17 57.45 42.79
N SER D 469 -13.17 57.97 43.49
CA SER D 469 -11.76 57.76 43.19
C SER D 469 -10.90 58.47 44.24
N LYS D 471 -8.89 56.22 44.81
CA LYS D 471 -7.46 56.33 44.58
C LYS D 471 -6.69 55.50 45.59
N ALA D 472 -6.69 55.95 46.85
CA ALA D 472 -6.10 55.19 47.93
C ALA D 472 -7.01 54.03 48.31
N SER D 473 -7.12 53.05 47.42
CA SER D 473 -8.10 51.98 47.55
C SER D 473 -7.85 51.09 48.77
N SER D 474 -6.58 50.97 49.17
CA SER D 474 -6.24 50.17 50.33
C SER D 474 -6.73 50.82 51.63
N ILE D 475 -6.72 52.14 51.65
CA ILE D 475 -7.21 52.89 52.80
C ILE D 475 -8.73 52.95 52.79
N VAL D 476 -9.31 53.08 51.59
CA VAL D 476 -10.76 53.09 51.43
C VAL D 476 -11.36 51.74 51.84
N ALA D 477 -10.70 50.65 51.43
CA ALA D 477 -11.13 49.31 51.78
C ALA D 477 -11.09 49.09 53.29
N SER D 478 -10.09 49.69 53.95
CA SER D 478 -9.99 49.61 55.41
C SER D 478 -11.13 50.38 56.05
N LEU D 479 -11.45 51.54 55.49
CA LEU D 479 -12.55 52.37 55.99
C LEU D 479 -13.89 51.63 55.89
N PHE D 480 -14.01 50.79 54.87
CA PHE D 480 -15.22 49.99 54.69
C PHE D 480 -15.31 48.90 55.75
N LEU D 481 -14.22 48.17 55.93
CA LEU D 481 -14.17 47.09 56.91
C LEU D 481 -14.32 47.63 58.34
N LYS D 482 -13.83 48.84 58.56
CA LYS D 482 -13.90 49.49 59.86
C LYS D 482 -15.35 49.72 60.29
N GLU D 483 -16.25 49.78 59.31
CA GLU D 483 -17.67 50.01 59.58
C GLU D 483 -18.38 48.78 60.11
N PHE D 484 -17.68 47.64 60.14
CA PHE D 484 -18.31 46.39 60.55
C PHE D 484 -17.68 45.83 61.81
N VAL D 485 -16.88 46.65 62.49
CA VAL D 485 -16.38 46.34 63.82
C VAL D 485 -16.71 47.50 64.74
N GLN D 486 -17.67 47.28 65.64
CA GLN D 486 -18.26 48.37 66.41
C GLN D 486 -17.48 48.74 67.67
N ASN D 487 -17.13 47.76 68.47
CA ASN D 487 -16.45 48.04 69.74
C ASN D 487 -15.43 46.97 70.12
N THR D 488 -14.59 46.58 69.16
CA THR D 488 -13.55 45.59 69.40
C THR D 488 -12.25 46.03 68.74
N ALA D 489 -11.13 45.79 69.43
CA ALA D 489 -9.82 46.03 68.85
C ALA D 489 -9.68 45.19 67.58
N TRP D 490 -9.41 45.86 66.47
CA TRP D 490 -9.40 45.19 65.17
C TRP D 490 -8.24 45.64 64.29
N ALA D 491 -7.59 44.69 63.64
CA ALA D 491 -6.50 44.97 62.71
C ALA D 491 -6.73 44.27 61.38
N HIS D 492 -6.21 44.86 60.31
CA HIS D 492 -6.42 44.36 58.96
C HIS D 492 -5.10 44.23 58.21
N ILE D 493 -4.80 43.02 57.73
CA ILE D 493 -3.55 42.78 57.00
C ILE D 493 -3.80 42.50 55.53
N ASP D 494 -3.31 43.38 54.67
CA ASP D 494 -3.46 43.24 53.22
C ASP D 494 -2.22 42.61 52.61
N ILE D 495 -2.35 41.38 52.12
CA ILE D 495 -1.22 40.62 51.61
C ILE D 495 -1.28 40.40 50.10
N ALA D 496 -2.08 41.21 49.41
CA ALA D 496 -2.28 41.04 47.97
C ALA D 496 -0.97 41.12 47.18
N GLY D 497 -0.05 41.96 47.65
CA GLY D 497 1.21 42.15 46.96
C GLY D 497 2.28 41.14 47.35
N VAL D 498 2.18 40.61 48.57
CA VAL D 498 3.23 39.75 49.11
C VAL D 498 2.85 38.27 49.11
N SER D 499 1.61 37.97 48.75
CA SER D 499 1.13 36.58 48.81
C SER D 499 1.84 35.68 47.81
N TRP D 500 1.95 36.13 46.57
CA TRP D 500 2.52 35.31 45.51
C TRP D 500 3.97 35.66 45.22
N ASN D 501 4.82 34.64 45.19
CA ASN D 501 6.22 34.83 44.78
C ASN D 501 6.29 34.74 43.26
N PHE D 502 6.22 35.90 42.60
CA PHE D 502 6.14 35.96 41.15
C PHE D 502 7.41 35.45 40.48
N LYS D 503 8.56 35.73 41.08
CA LYS D 503 9.84 35.29 40.54
C LYS D 503 9.96 33.77 40.58
N ALA D 504 9.48 33.17 41.66
CA ALA D 504 9.60 31.73 41.87
C ALA D 504 8.38 30.96 41.37
N ARG D 505 7.35 31.69 40.97
CA ARG D 505 6.10 31.11 40.46
C ARG D 505 5.43 30.19 41.49
N LYS D 506 5.37 30.62 42.74
CA LYS D 506 4.76 29.82 43.79
C LYS D 506 4.31 30.72 44.95
N PRO D 507 3.46 30.21 45.85
CA PRO D 507 3.04 31.04 46.98
C PRO D 507 4.16 31.23 48.01
N LYS D 508 3.97 32.19 48.91
CA LYS D 508 4.91 32.40 50.00
C LYS D 508 4.36 31.83 51.30
N GLY D 509 3.04 31.70 51.36
CA GLY D 509 2.38 31.29 52.59
C GLY D 509 2.50 32.39 53.63
N PHE D 510 2.50 33.64 53.16
CA PHE D 510 2.69 34.80 54.02
C PHE D 510 1.56 34.93 55.04
N GLY D 511 1.94 35.12 56.30
CA GLY D 511 0.98 35.36 57.35
C GLY D 511 0.92 34.29 58.42
N VAL D 512 1.22 33.06 58.03
CA VAL D 512 1.13 31.92 58.94
C VAL D 512 1.99 32.12 60.19
N ARG D 513 3.28 32.40 59.97
CA ARG D 513 4.21 32.58 61.07
C ARG D 513 3.93 33.87 61.81
N LEU D 514 3.48 34.89 61.07
CA LEU D 514 3.14 36.17 61.67
C LEU D 514 2.00 36.05 62.67
N LEU D 515 0.92 35.39 62.25
CA LEU D 515 -0.26 35.22 63.09
C LEU D 515 0.02 34.31 64.28
N THR D 516 0.85 33.29 64.07
CA THR D 516 1.19 32.35 65.13
C THR D 516 2.03 33.01 66.22
N GLU D 517 3.01 33.80 65.81
CA GLU D 517 3.82 34.56 66.75
C GLU D 517 2.96 35.56 67.53
N PHE D 518 1.90 36.03 66.88
CA PHE D 518 0.99 36.98 67.48
C PHE D 518 0.23 36.37 68.66
N VAL D 519 -0.27 35.14 68.48
CA VAL D 519 -1.04 34.49 69.53
C VAL D 519 -0.14 33.85 70.58
N LEU D 520 1.08 33.48 70.19
CA LEU D 520 2.01 32.83 71.10
C LEU D 520 2.66 33.82 72.07
N ASN D 521 3.11 34.95 71.54
CA ASN D 521 3.80 35.95 72.36
C ASN D 521 2.85 36.99 72.94
N ASP D 522 1.56 36.65 73.00
CA ASP D 522 0.56 37.55 73.56
C ASP D 522 0.25 37.21 75.01
N SER E 5 -45.21 36.21 37.40
CA SER E 5 -45.79 36.51 38.71
C SER E 5 -44.77 36.37 39.83
N GLU E 6 -44.28 35.15 40.04
CA GLU E 6 -43.35 34.88 41.13
C GLU E 6 -41.92 35.20 40.74
N VAL E 7 -41.29 36.11 41.50
CA VAL E 7 -39.91 36.51 41.24
C VAL E 7 -38.94 35.42 41.70
N PRO E 8 -38.16 34.88 40.75
CA PRO E 8 -37.18 33.83 41.07
C PRO E 8 -36.04 34.33 41.96
N GLN E 9 -35.48 33.43 42.76
CA GLN E 9 -34.40 33.79 43.67
C GLN E 9 -33.23 32.82 43.57
N VAL E 10 -32.04 33.32 43.85
CA VAL E 10 -30.86 32.46 43.97
C VAL E 10 -30.69 32.05 45.43
N VAL E 11 -30.89 33.01 46.33
CA VAL E 11 -30.83 32.76 47.76
C VAL E 11 -32.05 33.36 48.46
N SER E 12 -32.25 32.97 49.72
CA SER E 12 -33.39 33.43 50.51
C SER E 12 -33.45 34.95 50.68
N LEU E 13 -32.29 35.61 50.56
CA LEU E 13 -32.19 37.02 50.91
C LEU E 13 -32.45 37.94 49.73
N ASP E 14 -32.62 37.37 48.54
CA ASP E 14 -32.92 38.15 47.35
C ASP E 14 -34.31 38.77 47.43
N PRO E 15 -34.40 40.08 47.18
CA PRO E 15 -35.68 40.81 47.18
C PRO E 15 -36.62 40.30 46.08
N THR E 16 -37.91 40.25 46.37
CA THR E 16 -38.88 39.71 45.43
C THR E 16 -39.86 40.77 44.93
N SER E 17 -39.58 42.03 45.24
CA SER E 17 -40.41 43.14 44.78
C SER E 17 -39.68 44.47 44.89
N ILE E 18 -40.10 45.42 44.06
CA ILE E 18 -39.55 46.77 44.12
C ILE E 18 -40.31 47.61 45.14
N PRO E 19 -39.61 48.12 46.15
CA PRO E 19 -40.27 49.02 47.10
C PRO E 19 -40.69 50.30 46.42
N ILE E 20 -41.96 50.69 46.59
CA ILE E 20 -42.47 51.91 45.96
C ILE E 20 -43.14 52.82 46.98
N GLU E 21 -42.74 54.09 46.98
CA GLU E 21 -43.40 55.09 47.80
C GLU E 21 -44.49 55.78 46.98
N TYR E 22 -45.74 55.61 47.41
CA TYR E 22 -46.86 56.27 46.74
C TYR E 22 -47.24 57.56 47.45
N ASN E 23 -47.29 57.52 48.77
CA ASN E 23 -47.62 58.70 49.56
C ASN E 23 -46.36 59.42 50.04
N THR E 24 -45.95 60.45 49.30
CA THR E 24 -44.76 61.22 49.63
C THR E 24 -45.13 62.44 50.47
N PRO E 25 -44.17 62.93 51.29
CA PRO E 25 -44.38 64.12 52.10
C PRO E 25 -44.77 65.36 51.29
N ILE E 26 -44.40 65.36 50.01
CA ILE E 26 -44.77 66.44 49.11
C ILE E 26 -46.29 66.54 48.98
N HIS E 27 -46.95 65.38 49.00
CA HIS E 27 -48.41 65.35 48.89
C HIS E 27 -49.09 65.95 50.11
N ASP E 28 -48.36 66.09 51.20
CA ASP E 28 -48.89 66.70 52.42
C ASP E 28 -48.72 68.22 52.42
N ILE E 29 -48.03 68.73 51.42
CA ILE E 29 -47.74 70.17 51.34
C ILE E 29 -48.93 70.95 50.80
N LYS E 30 -49.46 71.85 51.63
CA LYS E 30 -50.53 72.75 51.21
C LYS E 30 -49.95 73.94 50.47
N VAL E 31 -50.43 74.18 49.25
CA VAL E 31 -49.90 75.25 48.42
C VAL E 31 -50.88 76.41 48.25
N GLN E 32 -50.44 77.60 48.66
CA GLN E 32 -51.24 78.81 48.52
C GLN E 32 -50.56 79.78 47.54
N VAL E 33 -51.31 80.27 46.57
CA VAL E 33 -50.78 81.23 45.62
C VAL E 33 -51.44 82.60 45.79
N TYR E 34 -50.62 83.59 46.12
CA TYR E 34 -51.12 84.96 46.34
C TYR E 34 -50.64 85.90 45.25
N ASP E 35 -51.39 86.96 45.02
CA ASP E 35 -50.97 87.98 44.07
C ASP E 35 -49.96 88.90 44.77
N ILE E 36 -48.90 89.25 44.05
CA ILE E 36 -47.82 90.03 44.64
C ILE E 36 -48.26 91.46 44.92
N LYS E 37 -49.35 91.87 44.27
CA LYS E 37 -49.96 93.16 44.57
C LYS E 37 -50.65 93.11 45.92
N GLY E 38 -50.49 94.17 46.71
CA GLY E 38 -51.10 94.22 48.02
C GLY E 38 -50.11 93.98 49.15
N GLY E 39 -48.91 93.52 48.79
CA GLY E 39 -47.86 93.30 49.77
C GLY E 39 -47.70 91.85 50.16
N CYS E 40 -46.51 91.49 50.63
CA CYS E 40 -46.23 90.13 51.06
C CYS E 40 -46.26 90.03 52.59
N ASN E 41 -46.71 88.89 53.09
CA ASN E 41 -46.71 88.64 54.52
C ASN E 41 -45.56 87.75 54.96
N VAL E 42 -44.75 88.26 55.89
CA VAL E 42 -43.69 87.47 56.49
C VAL E 42 -44.05 87.17 57.93
N GLU E 43 -44.83 86.12 58.13
CA GLU E 43 -45.32 85.76 59.45
C GLU E 43 -44.55 84.59 60.03
N GLU E 44 -44.55 83.47 59.31
CA GLU E 44 -43.88 82.26 59.78
C GLU E 44 -42.88 81.73 58.76
N GLY E 45 -41.93 80.94 59.22
CA GLY E 45 -41.02 80.21 58.35
C GLY E 45 -40.06 81.03 57.52
N LEU E 46 -39.71 80.50 56.36
CA LEU E 46 -38.72 81.11 55.48
C LEU E 46 -39.36 81.79 54.27
N THR E 47 -39.00 83.05 54.05
CA THR E 47 -39.46 83.78 52.88
C THR E 47 -38.29 84.08 51.94
N ILE E 48 -38.36 83.55 50.73
CA ILE E 48 -37.28 83.72 49.75
C ILE E 48 -37.73 84.52 48.53
N PHE E 49 -36.97 85.55 48.20
CA PHE E 49 -37.24 86.37 47.03
C PHE E 49 -36.40 85.94 45.84
N LEU E 50 -37.04 85.74 44.70
CA LEU E 50 -36.31 85.40 43.47
C LEU E 50 -35.96 86.68 42.71
N VAL E 51 -34.70 87.06 42.76
CA VAL E 51 -34.27 88.38 42.26
C VAL E 51 -33.19 88.29 41.19
N ASN E 52 -33.31 89.13 40.17
CA ASN E 52 -32.25 89.30 39.17
C ASN E 52 -31.83 90.78 39.06
N ASN E 53 -30.88 91.07 38.18
CA ASN E 53 -30.48 92.45 37.93
C ASN E 53 -30.14 92.67 36.46
N PRO E 54 -31.17 92.99 35.65
CA PRO E 54 -31.01 93.29 34.23
C PRO E 54 -30.15 94.52 33.99
N LYS E 56 -25.74 95.46 36.57
CA LYS E 56 -26.20 94.43 35.65
C LYS E 56 -25.64 93.05 36.02
N GLU E 57 -24.63 92.60 35.28
CA GLU E 57 -24.03 91.29 35.50
C GLU E 57 -23.47 91.18 36.91
N ASN E 58 -23.94 90.17 37.65
CA ASN E 58 -23.60 89.98 39.05
C ASN E 58 -23.89 91.23 39.88
N GLY E 59 -24.95 91.95 39.50
CA GLY E 59 -25.31 93.19 40.15
C GLY E 59 -25.87 92.99 41.54
N PRO E 60 -26.10 94.10 42.25
CA PRO E 60 -26.61 94.08 43.63
C PRO E 60 -28.06 93.63 43.72
N VAL E 61 -28.47 93.14 44.89
CA VAL E 61 -29.84 92.71 45.10
C VAL E 61 -30.74 93.90 45.42
N LYS E 62 -31.90 93.96 44.78
CA LYS E 62 -32.89 94.97 45.06
C LYS E 62 -34.27 94.34 45.19
N ILE E 63 -34.90 94.50 46.35
CA ILE E 63 -36.22 93.95 46.58
C ILE E 63 -37.29 94.98 46.23
N SER E 64 -38.14 94.63 45.28
CA SER E 64 -39.17 95.54 44.79
C SER E 64 -40.45 95.46 45.62
N SER E 65 -40.80 94.25 46.06
CA SER E 65 -42.08 94.01 46.73
C SER E 65 -42.21 94.71 48.06
N LYS E 66 -43.40 95.23 48.34
CA LYS E 66 -43.71 95.83 49.62
C LYS E 66 -43.99 94.73 50.65
N VAL E 67 -43.33 94.81 51.79
CA VAL E 67 -43.52 93.81 52.84
C VAL E 67 -44.31 94.39 54.01
N ASN E 68 -45.43 93.76 54.33
CA ASN E 68 -46.31 94.23 55.40
C ASN E 68 -45.75 93.93 56.79
N ASP E 69 -44.46 94.21 56.96
CA ASP E 69 -43.79 94.03 58.24
C ASP E 69 -42.66 95.04 58.35
N LYS E 70 -42.68 95.86 59.39
CA LYS E 70 -41.71 96.93 59.56
C LYS E 70 -40.29 96.40 59.76
N GLN E 71 -40.15 95.35 60.56
CA GLN E 71 -38.84 94.77 60.86
C GLN E 71 -38.18 94.18 59.62
N VAL E 72 -38.95 93.39 58.86
CA VAL E 72 -38.43 92.75 57.66
C VAL E 72 -38.17 93.79 56.56
N SER E 73 -39.01 94.83 56.51
CA SER E 73 -38.83 95.90 55.55
C SER E 73 -37.50 96.62 55.75
N GLU E 74 -37.08 96.73 57.01
CA GLU E 74 -35.79 97.31 57.34
C GLU E 74 -34.66 96.42 56.84
N PHE E 75 -34.82 95.11 57.03
CA PHE E 75 -33.83 94.15 56.58
C PHE E 75 -33.70 94.14 55.06
N LEU E 76 -34.81 94.43 54.38
CA LEU E 76 -34.85 94.35 52.92
C LEU E 76 -34.64 95.70 52.25
N LYS E 77 -34.20 96.70 53.02
CA LYS E 77 -33.89 98.01 52.44
C LYS E 77 -32.69 97.89 51.51
N ASP E 78 -32.60 98.80 50.55
CA ASP E 78 -31.57 98.73 49.51
C ASP E 78 -30.16 98.78 50.08
N GLU E 79 -29.97 99.48 51.19
CA GLU E 79 -28.66 99.61 51.81
C GLU E 79 -28.11 98.27 52.28
N ASN E 80 -29.01 97.36 52.65
CA ASN E 80 -28.60 96.05 53.16
C ASN E 80 -28.48 94.99 52.09
N MET E 81 -29.39 95.01 51.12
CA MET E 81 -29.43 93.97 50.10
C MET E 81 -28.36 94.17 49.02
N GLU E 82 -27.87 95.39 48.89
CA GLU E 82 -26.85 95.69 47.89
C GLU E 82 -25.51 95.03 48.25
N LYS E 83 -25.41 94.56 49.48
CA LYS E 83 -24.23 93.83 49.95
C LYS E 83 -24.19 92.43 49.34
N PHE E 84 -25.34 91.97 48.85
CA PHE E 84 -25.43 90.68 48.19
C PHE E 84 -25.57 90.87 46.69
N ASN E 85 -25.18 89.86 45.92
CA ASN E 85 -25.27 89.95 44.46
C ASN E 85 -26.21 88.91 43.87
N VAL E 86 -26.55 89.07 42.60
CA VAL E 86 -27.59 88.26 41.98
C VAL E 86 -27.05 87.15 41.08
N LYS E 87 -25.80 86.77 41.28
CA LYS E 87 -25.20 85.68 40.50
C LYS E 87 -26.08 84.44 40.60
N LEU E 88 -26.39 83.85 39.45
CA LEU E 88 -27.32 82.74 39.37
C LEU E 88 -26.98 81.60 40.32
N GLY E 89 -27.86 81.36 41.29
CA GLY E 89 -27.68 80.29 42.25
C GLY E 89 -27.23 80.75 43.62
N THR E 90 -26.65 81.95 43.68
CA THR E 90 -26.17 82.50 44.94
C THR E 90 -27.33 82.78 45.89
N SER E 91 -27.17 82.39 47.15
CA SER E 91 -28.22 82.58 48.13
C SER E 91 -27.67 82.98 49.50
N LYS E 92 -28.45 83.81 50.20
CA LYS E 92 -28.17 84.18 51.57
C LYS E 92 -29.50 84.26 52.32
N HIS E 93 -29.54 83.77 53.56
CA HIS E 93 -30.75 83.90 54.36
C HIS E 93 -30.43 84.18 55.83
N PHE E 94 -31.22 85.05 56.44
CA PHE E 94 -30.98 85.51 57.80
C PHE E 94 -32.18 85.23 58.71
N TYR E 95 -31.89 84.81 59.93
CA TYR E 95 -32.94 84.61 60.94
C TYR E 95 -33.15 85.89 61.75
N MET E 96 -34.40 86.28 61.92
CA MET E 96 -34.72 87.52 62.61
C MET E 96 -36.11 87.48 63.24
N PHE E 97 -36.40 88.46 64.09
CA PHE E 97 -37.73 88.59 64.68
C PHE E 97 -38.58 89.58 63.90
N ASN E 98 -39.82 89.22 63.64
CA ASN E 98 -40.73 90.13 62.94
C ASN E 98 -41.39 91.10 63.91
N ASP E 99 -42.46 91.76 63.46
CA ASP E 99 -43.16 92.73 64.30
C ASP E 99 -43.77 92.08 65.53
N ASN E 100 -44.18 90.83 65.40
CA ASN E 100 -44.82 90.11 66.48
C ASN E 100 -43.80 89.38 67.37
N LYS E 101 -42.54 89.74 67.20
CA LYS E 101 -41.44 89.11 67.93
C LYS E 101 -41.41 87.59 67.72
N ASN E 102 -41.78 87.16 66.52
CA ASN E 102 -41.72 85.75 66.15
C ASN E 102 -40.52 85.49 65.25
N SER E 103 -39.92 84.31 65.39
CA SER E 103 -38.73 83.97 64.62
C SER E 103 -39.07 83.69 63.15
N VAL E 104 -38.47 84.47 62.26
CA VAL E 104 -38.63 84.25 60.83
C VAL E 104 -37.27 84.20 60.13
N ALA E 105 -37.26 83.64 58.93
CA ALA E 105 -36.05 83.61 58.13
C ALA E 105 -36.33 84.22 56.75
N VAL E 106 -35.51 85.21 56.36
CA VAL E 106 -35.72 85.92 55.11
C VAL E 106 -34.45 85.90 54.27
N GLY E 107 -34.60 85.66 52.97
CA GLY E 107 -33.45 85.61 52.09
C GLY E 107 -33.80 85.66 50.62
N TYR E 108 -32.82 85.34 49.77
CA TYR E 108 -33.01 85.42 48.33
C TYR E 108 -32.29 84.30 47.59
N VAL E 109 -32.64 84.12 46.33
CA VAL E 109 -31.89 83.29 45.41
C VAL E 109 -31.61 84.07 44.13
N GLY E 110 -30.34 84.23 43.80
CA GLY E 110 -29.95 85.00 42.63
C GLY E 110 -30.41 84.38 41.33
N CYS E 111 -31.05 85.19 40.49
CA CYS E 111 -31.58 84.71 39.21
C CYS E 111 -30.85 85.33 38.02
N GLY E 112 -29.58 85.68 38.23
CA GLY E 112 -28.74 86.17 37.15
C GLY E 112 -29.09 87.55 36.64
N SER E 113 -28.85 87.76 35.35
CA SER E 113 -29.09 89.06 34.72
C SER E 113 -29.96 88.93 33.48
N VAL E 114 -30.33 87.69 33.15
CA VAL E 114 -31.20 87.41 32.02
C VAL E 114 -32.66 87.43 32.46
N ALA E 115 -33.48 88.20 31.74
CA ALA E 115 -34.88 88.37 32.09
C ALA E 115 -35.70 87.11 31.89
N ASP E 116 -35.40 86.38 30.82
CA ASP E 116 -36.11 85.13 30.53
C ASP E 116 -35.25 83.92 30.89
N LEU E 117 -35.54 83.33 32.04
CA LEU E 117 -34.77 82.19 32.53
C LEU E 117 -34.94 80.95 31.67
N SER E 118 -33.82 80.29 31.37
CA SER E 118 -33.85 79.00 30.71
C SER E 118 -34.39 77.95 31.67
N GLU E 119 -34.67 76.76 31.14
CA GLU E 119 -35.12 75.66 31.96
C GLU E 119 -33.98 75.18 32.86
N ALA E 120 -32.77 75.30 32.34
CA ALA E 120 -31.57 74.95 33.10
C ALA E 120 -31.29 76.00 34.18
N ASP E 121 -31.64 77.25 33.90
CA ASP E 121 -31.48 78.33 34.85
C ASP E 121 -32.39 78.16 36.05
N MET E 122 -33.65 77.83 35.78
CA MET E 122 -34.64 77.62 36.82
C MET E 122 -34.23 76.46 37.73
N LYS E 123 -33.62 75.46 37.12
CA LYS E 123 -33.17 74.27 37.85
C LYS E 123 -32.09 74.64 38.87
N ARG E 124 -31.20 75.55 38.51
CA ARG E 124 -30.15 76.00 39.42
C ARG E 124 -30.73 76.85 40.55
N VAL E 125 -31.76 77.62 40.23
CA VAL E 125 -32.45 78.42 41.25
C VAL E 125 -33.10 77.49 42.27
N VAL E 126 -33.76 76.46 41.76
CA VAL E 126 -34.46 75.48 42.61
C VAL E 126 -33.49 74.74 43.53
N LEU E 127 -32.38 74.27 42.96
CA LEU E 127 -31.38 73.54 43.74
C LEU E 127 -30.83 74.39 44.89
N SER E 128 -30.68 75.69 44.63
CA SER E 128 -30.25 76.61 45.68
C SER E 128 -31.34 76.76 46.73
N LEU E 129 -32.59 76.76 46.28
CA LEU E 129 -33.73 76.88 47.17
C LEU E 129 -33.88 75.63 48.04
N VAL E 130 -33.68 74.46 47.44
CA VAL E 130 -33.82 73.19 48.13
C VAL E 130 -32.73 73.01 49.19
N THR E 131 -31.52 73.46 48.87
CA THR E 131 -30.40 73.38 49.80
C THR E 131 -30.75 74.06 51.12
N MET E 132 -31.44 75.19 51.04
CA MET E 132 -31.89 75.89 52.24
C MET E 132 -32.97 75.10 52.97
N LEU E 133 -33.81 74.41 52.21
CA LEU E 133 -34.88 73.61 52.80
C LEU E 133 -34.32 72.40 53.53
N HIS E 134 -33.29 71.78 52.96
CA HIS E 134 -32.69 70.59 53.55
C HIS E 134 -31.84 70.92 54.78
N ASP E 135 -31.37 72.16 54.86
CA ASP E 135 -30.53 72.58 55.97
C ASP E 135 -31.30 73.38 57.00
N ASN E 136 -32.63 73.34 56.91
CA ASN E 136 -33.47 74.08 57.85
C ASN E 136 -34.72 73.29 58.24
N LYS E 137 -35.07 73.32 59.52
CA LYS E 137 -36.27 72.64 60.01
C LYS E 137 -37.49 73.55 59.89
N LEU E 138 -37.87 73.84 58.65
CA LEU E 138 -38.96 74.77 58.38
C LEU E 138 -40.31 74.08 58.29
N SER E 139 -41.36 74.81 58.67
CA SER E 139 -42.72 74.30 58.57
C SER E 139 -43.42 74.92 57.37
N LYS E 140 -42.90 76.05 56.91
CA LYS E 140 -43.52 76.80 55.83
C LYS E 140 -42.47 77.49 54.95
N LEU E 141 -42.67 77.41 53.64
CA LEU E 141 -41.80 78.11 52.70
C LEU E 141 -42.59 79.12 51.88
N THR E 142 -42.08 80.36 51.82
CA THR E 142 -42.70 81.40 51.02
C THR E 142 -41.74 81.85 49.92
N VAL E 143 -42.17 81.72 48.67
CA VAL E 143 -41.37 82.15 47.55
C VAL E 143 -41.98 83.35 46.86
N VAL E 144 -41.26 84.46 46.83
CA VAL E 144 -41.73 85.67 46.19
C VAL E 144 -41.10 85.82 44.80
N PHE E 145 -41.93 85.68 43.77
CA PHE E 145 -41.45 85.79 42.39
C PHE E 145 -41.30 87.24 41.96
N GLU E 146 -40.06 87.72 41.93
CA GLU E 146 -39.76 89.05 41.40
C GLU E 146 -39.06 88.91 40.05
N ILE E 147 -39.35 87.80 39.38
CA ILE E 147 -38.84 87.55 38.03
C ILE E 147 -40.01 87.23 37.12
N ASN E 148 -39.77 87.25 35.81
CA ASN E 148 -40.84 87.00 34.86
C ASN E 148 -40.82 85.57 34.34
N VAL E 149 -41.95 84.89 34.56
CA VAL E 149 -42.06 83.46 34.29
C VAL E 149 -43.47 83.15 33.79
N ASP E 150 -43.56 82.43 32.67
CA ASP E 150 -44.86 82.06 32.12
C ASP E 150 -45.39 80.82 32.83
N LYS E 151 -46.63 80.46 32.51
CA LYS E 151 -47.33 79.36 33.20
C LYS E 151 -46.57 78.04 33.15
N ASN E 152 -46.00 77.72 32.00
CA ASN E 152 -45.24 76.48 31.84
C ASN E 152 -43.98 76.45 32.69
N LEU E 153 -43.29 77.57 32.78
CA LEU E 153 -42.06 77.64 33.56
C LEU E 153 -42.36 77.71 35.05
N PHE E 154 -43.52 78.27 35.40
CA PHE E 154 -43.96 78.32 36.79
C PHE E 154 -44.29 76.92 37.27
N ARG E 155 -44.97 76.17 36.41
CA ARG E 155 -45.27 74.77 36.71
C ARG E 155 -43.98 73.97 36.80
N PHE E 156 -43.01 74.31 35.95
CA PHE E 156 -41.72 73.63 35.97
C PHE E 156 -40.98 73.91 37.27
N PHE E 157 -41.13 75.12 37.78
CA PHE E 157 -40.52 75.49 39.06
C PHE E 157 -41.06 74.61 40.18
N LEU E 158 -42.38 74.42 40.21
CA LEU E 158 -43.02 73.62 41.25
C LEU E 158 -42.65 72.15 41.15
N GLU E 159 -42.63 71.63 39.93
CA GLU E 159 -42.28 70.24 39.69
C GLU E 159 -40.84 69.94 40.12
N THR E 160 -39.92 70.78 39.67
CA THR E 160 -38.52 70.61 39.99
C THR E 160 -38.27 70.79 41.48
N LEU E 161 -38.95 71.77 42.08
CA LEU E 161 -38.84 72.00 43.51
C LEU E 161 -39.24 70.77 44.29
N PHE E 162 -40.39 70.20 43.95
CA PHE E 162 -40.89 68.99 44.61
C PHE E 162 -39.97 67.80 44.41
N TYR E 163 -39.47 67.64 43.19
CA TYR E 163 -38.65 66.48 42.84
C TYR E 163 -37.31 66.49 43.56
N GLU E 164 -36.65 67.64 43.58
CA GLU E 164 -35.34 67.77 44.21
C GLU E 164 -35.47 67.78 45.74
N TYR E 165 -36.58 68.32 46.24
CA TYR E 165 -36.85 68.37 47.67
C TYR E 165 -37.00 66.96 48.24
N MET E 166 -37.68 66.10 47.49
CA MET E 166 -37.95 64.73 47.92
C MET E 166 -36.67 63.90 47.99
N THR E 167 -36.56 63.11 49.05
CA THR E 167 -35.39 62.26 49.25
C THR E 167 -35.78 60.78 49.33
N ASP E 168 -35.17 59.97 48.46
CA ASP E 168 -35.45 58.54 48.39
C ASP E 168 -34.67 57.77 49.45
N GLU E 169 -35.38 57.24 50.45
CA GLU E 169 -34.74 56.51 51.53
C GLU E 169 -35.21 55.07 51.61
N ARG E 170 -35.68 54.54 50.48
CA ARG E 170 -36.21 53.17 50.43
C ARG E 170 -35.16 52.13 50.80
N PHE E 171 -33.90 52.40 50.47
CA PHE E 171 -32.83 51.44 50.70
C PHE E 171 -31.93 51.85 51.86
N LYS E 172 -32.40 52.82 52.64
CA LYS E 172 -31.70 53.23 53.86
C LYS E 172 -32.15 52.36 55.04
N SER E 173 -31.36 52.33 56.10
CA SER E 173 -31.70 51.56 57.29
C SER E 173 -31.40 52.34 58.56
N GLU E 181 -37.74 66.51 58.77
CA GLU E 181 -39.16 66.83 58.68
C GLU E 181 -39.41 67.85 57.57
N TYR E 182 -40.32 67.52 56.67
CA TYR E 182 -40.64 68.39 55.54
C TYR E 182 -41.55 69.55 55.94
N ILE E 183 -41.58 70.58 55.11
CA ILE E 183 -42.50 71.69 55.31
C ILE E 183 -43.93 71.22 55.09
N LYS E 184 -44.89 71.95 55.64
CA LYS E 184 -46.30 71.58 55.51
C LYS E 184 -47.03 72.59 54.62
N HIS E 185 -46.44 73.76 54.45
CA HIS E 185 -47.07 74.83 53.69
C HIS E 185 -46.12 75.46 52.68
N LEU E 186 -46.63 75.72 51.48
CA LEU E 186 -45.88 76.43 50.45
C LEU E 186 -46.60 77.69 50.01
N GLY E 187 -46.01 78.84 50.30
CA GLY E 187 -46.57 80.11 49.89
C GLY E 187 -45.89 80.66 48.65
N VAL E 188 -46.68 81.10 47.69
CA VAL E 188 -46.13 81.66 46.45
C VAL E 188 -46.72 83.03 46.15
N TYR E 189 -45.88 84.06 46.22
CA TYR E 189 -46.27 85.40 45.80
C TYR E 189 -45.83 85.64 44.37
N ILE E 190 -46.77 86.01 43.51
CA ILE E 190 -46.47 86.24 42.10
C ILE E 190 -47.51 87.19 41.50
N ASN E 191 -47.10 87.98 40.52
CA ASN E 191 -48.02 88.89 39.85
C ASN E 191 -49.02 88.12 39.00
N ASN E 192 -50.27 88.55 39.02
CA ASN E 192 -51.37 87.85 38.35
C ASN E 192 -51.45 86.39 38.77
N ALA E 193 -51.70 86.17 40.06
CA ALA E 193 -51.68 84.83 40.64
C ALA E 193 -52.79 83.94 40.10
N ASP E 194 -53.92 84.53 39.71
CA ASP E 194 -55.07 83.79 39.26
C ASP E 194 -54.75 82.90 38.05
N THR E 195 -53.86 83.39 37.19
CA THR E 195 -53.48 82.64 35.99
C THR E 195 -52.60 81.44 36.33
N TYR E 196 -51.90 81.53 37.46
CA TYR E 196 -50.92 80.51 37.83
C TYR E 196 -51.47 79.42 38.74
N LYS E 197 -52.60 79.69 39.38
CA LYS E 197 -53.18 78.77 40.36
C LYS E 197 -53.50 77.40 39.78
N GLU E 198 -53.86 77.37 38.50
CA GLU E 198 -54.26 76.12 37.85
C GLU E 198 -53.09 75.15 37.67
N GLU E 199 -51.88 75.70 37.68
CA GLU E 199 -50.68 74.90 37.42
C GLU E 199 -50.22 74.10 38.65
N VAL E 200 -50.77 74.45 39.81
CA VAL E 200 -50.31 73.86 41.08
C VAL E 200 -50.54 72.36 41.16
N GLU E 201 -51.78 71.93 41.00
CA GLU E 201 -52.10 70.51 41.12
C GLU E 201 -51.62 69.71 39.91
N LYS E 202 -51.48 70.39 38.77
CA LYS E 202 -50.91 69.75 37.60
C LYS E 202 -49.45 69.42 37.87
N ALA E 203 -48.77 70.34 38.57
CA ALA E 203 -47.38 70.15 38.94
C ALA E 203 -47.21 68.99 39.90
N ARG E 204 -48.14 68.86 40.86
CA ARG E 204 -48.06 67.80 41.85
C ARG E 204 -48.20 66.43 41.20
N VAL E 205 -49.03 66.36 40.16
CA VAL E 205 -49.18 65.11 39.40
C VAL E 205 -47.95 64.83 38.57
N TYR E 206 -47.47 65.84 37.85
CA TYR E 206 -46.27 65.70 37.03
C TYR E 206 -45.06 65.35 37.90
N TYR E 207 -45.04 65.87 39.12
CA TYR E 207 -43.96 65.57 40.06
C TYR E 207 -43.88 64.07 40.35
N PHE E 208 -45.00 63.48 40.77
CA PHE E 208 -44.97 62.08 41.19
C PHE E 208 -44.72 61.15 40.01
N GLY E 209 -45.26 61.49 38.85
CA GLY E 209 -45.01 60.71 37.65
C GLY E 209 -43.52 60.64 37.35
N THR E 210 -42.84 61.75 37.60
CA THR E 210 -41.39 61.81 37.45
C THR E 210 -40.72 61.03 38.57
N TYR E 211 -41.18 61.24 39.79
CA TYR E 211 -40.59 60.58 40.96
C TYR E 211 -40.85 59.07 40.94
N TYR E 212 -42.04 58.67 40.48
CA TYR E 212 -42.35 57.25 40.37
C TYR E 212 -41.40 56.57 39.38
N ALA E 213 -41.20 57.21 38.23
CA ALA E 213 -40.25 56.73 37.24
C ALA E 213 -38.86 56.65 37.85
N SER E 214 -38.49 57.71 38.57
CA SER E 214 -37.22 57.78 39.26
C SER E 214 -37.02 56.61 40.23
N GLN E 215 -38.08 56.26 40.94
CA GLN E 215 -38.02 55.16 41.90
C GLN E 215 -37.69 53.83 41.21
N LEU E 216 -38.18 53.68 39.99
CA LEU E 216 -37.85 52.48 39.21
C LEU E 216 -36.43 52.56 38.67
N ILE E 217 -35.97 53.76 38.35
CA ILE E 217 -34.63 53.94 37.80
C ILE E 217 -33.58 53.95 38.91
N ALA E 218 -33.99 54.30 40.13
CA ALA E 218 -33.08 54.29 41.26
C ALA E 218 -32.89 52.88 41.81
N ALA E 219 -33.96 52.07 41.73
CA ALA E 219 -33.94 50.71 42.26
C ALA E 219 -32.94 49.83 41.51
N PRO E 220 -32.00 49.21 42.25
CA PRO E 220 -30.96 48.34 41.69
C PRO E 220 -31.53 47.11 40.98
N SER E 221 -30.69 46.42 40.23
CA SER E 221 -31.16 45.34 39.36
C SER E 221 -31.55 44.08 40.12
N ASN E 222 -31.11 43.95 41.37
CA ASN E 222 -31.54 42.83 42.19
C ASN E 222 -32.93 43.07 42.74
N TYR E 223 -33.31 44.35 42.84
CA TYR E 223 -34.67 44.73 43.21
C TYR E 223 -35.54 44.84 41.98
N CYS E 224 -35.06 45.56 40.97
CA CYS E 224 -35.81 45.79 39.75
C CYS E 224 -35.39 44.83 38.64
N ASN E 225 -36.15 43.74 38.50
CA ASN E 225 -35.91 42.76 37.45
C ASN E 225 -37.15 42.65 36.55
N PRO E 226 -37.06 41.95 35.40
CA PRO E 226 -38.22 41.89 34.49
C PRO E 226 -39.53 41.44 35.14
N VAL E 227 -39.45 40.59 36.15
CA VAL E 227 -40.66 40.11 36.82
C VAL E 227 -41.19 41.16 37.79
N SER E 228 -40.30 41.68 38.64
CA SER E 228 -40.70 42.65 39.65
C SER E 228 -41.14 43.98 39.03
N LEU E 229 -40.56 44.31 37.88
CA LEU E 229 -40.93 45.54 37.17
C LEU E 229 -42.31 45.38 36.53
N SER E 230 -42.55 44.21 35.94
CA SER E 230 -43.85 43.92 35.33
C SER E 230 -44.93 43.85 36.40
N ASN E 231 -44.58 43.31 37.57
CA ASN E 231 -45.50 43.27 38.69
C ASN E 231 -45.81 44.68 39.20
N ALA E 232 -44.80 45.54 39.14
CA ALA E 232 -44.96 46.92 39.57
C ALA E 232 -45.90 47.68 38.65
N ALA E 233 -45.85 47.35 37.37
CA ALA E 233 -46.69 47.99 36.36
C ALA E 233 -48.16 47.60 36.56
N VAL E 234 -48.38 46.32 36.85
CA VAL E 234 -49.73 45.81 37.09
C VAL E 234 -50.36 46.52 38.28
N GLU E 235 -49.61 46.61 39.38
CA GLU E 235 -50.09 47.28 40.58
C GLU E 235 -50.46 48.72 40.30
N LEU E 236 -49.66 49.39 39.50
CA LEU E 236 -49.92 50.78 39.11
C LEU E 236 -51.19 50.87 38.27
N ALA E 237 -51.34 49.93 37.35
CA ALA E 237 -52.51 49.90 36.47
C ALA E 237 -53.77 49.63 37.29
N GLN E 238 -53.64 48.82 38.32
CA GLN E 238 -54.76 48.50 39.19
C GLN E 238 -55.19 49.72 40.01
N LYS E 239 -54.22 50.52 40.42
CA LYS E 239 -54.51 51.72 41.20
C LYS E 239 -55.16 52.81 40.36
N LEU E 240 -54.87 52.81 39.07
CA LEU E 240 -55.41 53.80 38.15
C LEU E 240 -56.56 53.23 37.33
N ASN E 241 -56.90 51.97 37.60
CA ASN E 241 -57.89 51.23 36.84
C ASN E 241 -57.62 51.28 35.34
N LEU E 242 -56.36 51.08 34.98
CA LEU E 242 -55.96 50.97 33.59
C LEU E 242 -56.01 49.52 33.17
N GLU E 243 -56.37 49.28 31.90
CA GLU E 243 -56.33 47.93 31.35
C GLU E 243 -54.88 47.49 31.28
N TYR E 244 -54.62 46.22 31.60
CA TYR E 244 -53.25 45.72 31.56
C TYR E 244 -53.16 44.28 31.03
N LYS E 245 -52.03 43.97 30.40
CA LYS E 245 -51.77 42.64 29.87
C LYS E 245 -50.27 42.36 29.88
N ILE E 246 -49.86 41.34 30.63
CA ILE E 246 -48.46 40.98 30.70
C ILE E 246 -48.20 39.70 29.91
N LEU E 247 -47.41 39.83 28.84
CA LEU E 247 -47.11 38.69 27.98
C LEU E 247 -45.88 37.94 28.48
N GLY E 248 -46.04 36.64 28.68
CA GLY E 248 -44.94 35.79 29.13
C GLY E 248 -44.26 35.11 27.96
N VAL E 249 -43.26 34.30 28.25
CA VAL E 249 -42.47 33.62 27.22
C VAL E 249 -43.35 32.84 26.25
N LYS E 250 -44.34 32.13 26.77
CA LYS E 250 -45.26 31.35 25.94
C LYS E 250 -45.96 32.23 24.91
N GLU E 251 -46.48 33.37 25.36
CA GLU E 251 -47.19 34.29 24.47
C GLU E 251 -46.23 34.99 23.51
N LEU E 252 -45.02 35.27 23.99
CA LEU E 252 -44.01 35.93 23.18
C LEU E 252 -43.49 35.00 22.10
N GLU E 253 -43.39 33.72 22.41
CA GLU E 253 -42.94 32.71 21.44
C GLU E 253 -43.96 32.55 20.32
N GLU E 254 -45.25 32.58 20.67
CA GLU E 254 -46.31 32.43 19.68
C GLU E 254 -46.35 33.63 18.74
N LEU E 255 -45.90 34.79 19.23
CA LEU E 255 -45.83 35.99 18.42
C LEU E 255 -44.53 36.04 17.65
N LYS E 256 -43.71 35.02 17.82
CA LYS E 256 -42.44 34.86 17.10
C LYS E 256 -41.51 36.06 17.29
N MET E 257 -41.49 36.60 18.51
CA MET E 257 -40.64 37.74 18.82
C MET E 257 -39.21 37.29 19.14
N GLY E 258 -38.49 36.88 18.10
CA GLY E 258 -37.19 36.27 18.25
C GLY E 258 -36.06 37.21 18.64
N ALA E 259 -36.12 38.45 18.17
CA ALA E 259 -35.10 39.44 18.50
C ALA E 259 -35.14 39.77 19.99
N TYR E 260 -36.36 39.91 20.51
CA TYR E 260 -36.59 40.25 21.90
C TYR E 260 -36.29 39.06 22.82
N LEU E 261 -36.71 37.87 22.40
CA LEU E 261 -36.49 36.67 23.20
C LEU E 261 -35.04 36.25 23.26
N SER E 262 -34.29 36.53 22.19
CA SER E 262 -32.88 36.15 22.14
C SER E 262 -32.04 36.92 23.15
N VAL E 263 -32.40 38.19 23.36
CA VAL E 263 -31.67 39.04 24.30
C VAL E 263 -31.76 38.51 25.72
N GLY E 264 -32.95 38.08 26.12
CA GLY E 264 -33.19 37.63 27.48
C GLY E 264 -32.86 36.17 27.72
N LYS E 265 -32.29 35.51 26.71
CA LYS E 265 -31.94 34.10 26.81
C LYS E 265 -30.97 33.81 27.96
N GLY E 266 -30.03 34.71 28.19
CA GLY E 266 -29.01 34.50 29.20
C GLY E 266 -29.40 34.95 30.60
N SER E 267 -30.65 35.36 30.76
CA SER E 267 -31.11 35.83 32.06
C SER E 267 -31.80 34.73 32.85
N MET E 268 -31.78 34.85 34.18
CA MET E 268 -32.48 33.91 35.04
C MET E 268 -33.93 34.33 35.18
N TYR E 269 -34.22 35.58 34.84
CA TYR E 269 -35.58 36.09 34.86
C TYR E 269 -36.22 35.93 33.48
N PRO E 270 -37.41 35.33 33.43
CA PRO E 270 -38.14 35.17 32.17
C PRO E 270 -38.49 36.51 31.55
N ASN E 271 -38.54 36.57 30.22
CA ASN E 271 -38.93 37.80 29.53
C ASN E 271 -40.37 38.20 29.89
N LYS E 272 -40.58 39.49 30.09
CA LYS E 272 -41.91 39.99 30.42
C LYS E 272 -42.27 41.20 29.54
N PHE E 273 -43.43 41.12 28.90
CA PHE E 273 -43.89 42.19 28.03
C PHE E 273 -45.00 42.98 28.70
N ILE E 274 -44.77 44.27 28.91
CA ILE E 274 -45.72 45.13 29.58
C ILE E 274 -46.63 45.85 28.59
N HIS E 275 -47.93 45.73 28.79
CA HIS E 275 -48.93 46.37 27.93
C HIS E 275 -50.04 46.99 28.77
N LEU E 276 -49.93 48.28 29.03
CA LEU E 276 -50.97 49.02 29.74
C LEU E 276 -51.77 49.84 28.74
N THR E 277 -53.07 49.96 28.96
CA THR E 277 -53.92 50.68 28.03
C THR E 277 -54.85 51.67 28.73
N TYR E 278 -54.86 52.90 28.24
CA TYR E 278 -55.81 53.91 28.68
C TYR E 278 -56.79 54.22 27.56
N LYS E 279 -58.08 54.12 27.86
CA LYS E 279 -59.11 54.45 26.88
C LYS E 279 -60.04 55.52 27.44
N SER E 280 -60.35 56.52 26.61
CA SER E 280 -61.26 57.58 27.00
C SER E 280 -62.71 57.09 27.02
N LYS E 281 -63.55 57.74 27.80
CA LYS E 281 -64.94 57.31 27.96
C LYS E 281 -65.83 57.80 26.82
N GLY E 282 -65.24 58.49 25.85
CA GLY E 282 -65.99 59.00 24.72
C GLY E 282 -65.52 58.43 23.41
N ASP E 283 -65.80 59.14 22.31
CA ASP E 283 -65.33 58.74 21.00
C ASP E 283 -63.82 58.89 20.93
N VAL E 284 -63.13 57.84 20.49
CA VAL E 284 -61.67 57.89 20.37
C VAL E 284 -61.27 58.52 19.04
N LYS E 285 -60.61 59.66 19.12
CA LYS E 285 -60.23 60.41 17.92
C LYS E 285 -58.77 60.17 17.54
N LYS E 286 -57.94 59.85 18.52
CA LYS E 286 -56.52 59.61 18.28
C LYS E 286 -56.00 58.46 19.13
N LYS E 287 -55.27 57.54 18.50
CA LYS E 287 -54.72 56.38 19.19
C LYS E 287 -53.18 56.43 19.19
N ILE E 288 -52.60 56.40 20.38
CA ILE E 288 -51.16 56.57 20.54
C ILE E 288 -50.51 55.39 21.26
N ALA E 289 -49.40 54.90 20.71
CA ALA E 289 -48.61 53.87 21.38
C ALA E 289 -47.29 54.45 21.86
N LEU E 290 -47.00 54.28 23.15
CA LEU E 290 -45.73 54.71 23.72
C LEU E 290 -44.89 53.49 24.07
N VAL E 291 -43.73 53.37 23.45
CA VAL E 291 -42.85 52.23 23.67
C VAL E 291 -41.60 52.62 24.46
N GLY E 292 -41.32 51.88 25.53
CA GLY E 292 -40.15 52.18 26.34
C GLY E 292 -39.16 51.03 26.38
N LYS E 293 -37.88 51.37 26.25
CA LYS E 293 -36.82 50.37 26.40
C LYS E 293 -36.73 49.96 27.87
N GLY E 294 -36.89 48.66 28.12
CA GLY E 294 -36.89 48.16 29.49
C GLY E 294 -35.88 47.07 29.75
N ILE E 295 -34.60 47.40 29.66
CA ILE E 295 -33.55 46.47 30.02
C ILE E 295 -33.16 46.69 31.47
N THR E 296 -33.63 45.80 32.35
CA THR E 296 -33.44 45.97 33.79
C THR E 296 -31.97 46.02 34.18
N PHE E 297 -31.13 45.28 33.46
CA PHE E 297 -29.69 45.43 33.58
C PHE E 297 -28.99 45.05 32.29
N ASP E 298 -28.01 45.86 31.91
CA ASP E 298 -27.28 45.65 30.67
C ASP E 298 -25.80 45.39 30.96
N SER E 299 -25.42 44.13 31.01
CA SER E 299 -24.03 43.75 31.19
C SER E 299 -23.28 43.87 29.88
N GLY E 300 -24.04 43.98 28.80
CA GLY E 300 -23.47 44.05 27.46
C GLY E 300 -23.46 42.68 26.80
N GLY E 301 -23.78 41.66 27.58
CA GLY E 301 -23.74 40.29 27.09
C GLY E 301 -22.30 39.86 26.89
N TYR E 302 -22.07 39.00 25.91
CA TYR E 302 -20.73 38.53 25.60
C TYR E 302 -19.84 39.66 25.09
N ASN E 303 -20.46 40.70 24.54
CA ASN E 303 -19.76 41.95 24.30
C ASN E 303 -19.75 42.78 25.58
N LEU E 304 -19.15 42.21 26.62
CA LEU E 304 -19.20 42.76 27.97
C LEU E 304 -18.70 44.20 28.04
N LYS E 305 -19.34 44.98 28.91
CA LYS E 305 -18.92 46.37 29.14
C LYS E 305 -17.67 46.40 30.02
N ALA E 306 -16.53 46.12 29.40
CA ALA E 306 -15.27 46.00 30.14
C ALA E 306 -14.33 47.18 29.87
N ALA E 307 -14.53 47.85 28.74
CA ALA E 307 -13.71 49.01 28.39
C ALA E 307 -13.91 50.14 29.39
N PRO E 308 -12.86 50.95 29.61
CA PRO E 308 -12.95 52.09 30.53
C PRO E 308 -14.01 53.09 30.10
N GLY E 309 -14.87 53.49 31.04
CA GLY E 309 -15.92 54.45 30.76
C GLY E 309 -17.20 53.80 30.24
N SER E 310 -17.30 52.48 30.40
CA SER E 310 -18.49 51.76 29.95
C SER E 310 -19.62 51.90 30.96
N MET E 311 -19.30 52.37 32.15
CA MET E 311 -20.28 52.69 33.18
C MET E 311 -21.19 51.51 33.53
N ILE E 312 -20.60 50.34 33.72
CA ILE E 312 -21.37 49.13 33.94
C ILE E 312 -22.13 49.15 35.28
N ASP E 313 -21.66 49.99 36.21
CA ASP E 313 -22.28 50.08 37.52
C ASP E 313 -23.52 50.97 37.52
N LEU E 314 -23.78 51.61 36.38
CA LEU E 314 -24.95 52.47 36.25
C LEU E 314 -25.95 51.86 35.29
N MET E 315 -25.69 50.63 34.84
CA MET E 315 -26.49 49.98 33.82
C MET E 315 -27.84 49.46 34.31
N LYS E 316 -28.25 49.91 35.50
CA LYS E 316 -29.61 49.71 35.95
C LYS E 316 -30.49 50.78 35.33
N PHE E 317 -29.83 51.83 34.84
CA PHE E 317 -30.51 52.97 34.21
C PHE E 317 -31.17 52.58 32.89
N ASP E 318 -30.85 51.39 32.40
CA ASP E 318 -31.19 51.01 31.03
C ASP E 318 -32.65 50.62 30.87
N MET E 319 -33.46 50.91 31.88
CA MET E 319 -34.91 50.70 31.79
C MET E 319 -35.63 52.03 32.02
N SER E 320 -34.88 53.12 31.91
CA SER E 320 -35.41 54.46 32.08
C SER E 320 -36.49 54.77 31.05
N GLY E 321 -36.36 54.19 29.87
CA GLY E 321 -37.36 54.34 28.83
C GLY E 321 -38.69 53.75 29.27
N CYS E 322 -38.62 52.56 29.87
CA CYS E 322 -39.82 51.91 30.38
C CYS E 322 -40.40 52.67 31.56
N ALA E 323 -39.52 53.16 32.43
CA ALA E 323 -39.95 53.91 33.61
C ALA E 323 -40.62 55.22 33.22
N ALA E 324 -40.10 55.86 32.17
CA ALA E 324 -40.67 57.11 31.67
C ALA E 324 -42.08 56.88 31.15
N VAL E 325 -42.28 55.77 30.45
CA VAL E 325 -43.57 55.41 29.91
C VAL E 325 -44.59 55.16 31.03
N LEU E 326 -44.17 54.40 32.04
CA LEU E 326 -45.02 54.09 33.17
C LEU E 326 -45.33 55.34 33.98
N GLY E 327 -44.35 56.23 34.10
CA GLY E 327 -44.55 57.49 34.79
C GLY E 327 -45.56 58.34 34.06
N CYS E 328 -45.55 58.25 32.74
CA CYS E 328 -46.53 58.95 31.91
C CYS E 328 -47.90 58.31 32.08
N ALA E 329 -47.92 56.99 32.22
CA ALA E 329 -49.16 56.25 32.42
C ALA E 329 -49.84 56.69 33.71
N TYR E 330 -49.04 57.04 34.71
CA TYR E 330 -49.59 57.58 35.95
C TYR E 330 -50.27 58.91 35.70
N CYS E 331 -49.57 59.81 34.99
CA CYS E 331 -50.08 61.14 34.72
C CYS E 331 -51.35 61.10 33.89
N VAL E 332 -51.34 60.26 32.85
CA VAL E 332 -52.50 60.10 31.98
C VAL E 332 -53.67 59.50 32.74
N GLY E 333 -53.38 58.49 33.56
CA GLY E 333 -54.42 57.83 34.34
C GLY E 333 -55.02 58.71 35.43
N THR E 334 -54.27 59.74 35.83
CA THR E 334 -54.70 60.64 36.88
C THR E 334 -55.46 61.85 36.32
N LEU E 335 -54.91 62.43 35.26
CA LEU E 335 -55.50 63.64 34.68
C LEU E 335 -56.64 63.32 33.71
N LYS E 336 -56.68 62.09 33.23
CA LYS E 336 -57.76 61.58 32.38
C LYS E 336 -58.04 62.45 31.15
N PRO E 337 -57.18 62.36 30.13
CA PRO E 337 -57.41 63.11 28.89
C PRO E 337 -58.63 62.60 28.11
N GLU E 338 -59.13 63.41 27.19
CA GLU E 338 -60.34 63.07 26.44
C GLU E 338 -60.05 62.64 25.01
N ASN E 339 -60.96 61.81 24.48
CA ASN E 339 -60.93 61.41 23.08
C ASN E 339 -59.61 60.80 22.62
N VAL E 340 -58.98 60.02 23.48
CA VAL E 340 -57.69 59.45 23.16
C VAL E 340 -57.54 58.04 23.76
N GLU E 341 -56.80 57.18 23.05
CA GLU E 341 -56.50 55.84 23.54
C GLU E 341 -54.99 55.62 23.53
N ILE E 342 -54.42 55.38 24.71
CA ILE E 342 -52.98 55.24 24.82
C ILE E 342 -52.57 53.82 25.20
N HIS E 343 -51.61 53.27 24.45
CA HIS E 343 -51.02 51.99 24.78
C HIS E 343 -49.61 52.17 25.32
N PHE E 344 -49.39 51.72 26.55
CA PHE E 344 -48.08 51.81 27.18
C PHE E 344 -47.36 50.48 27.07
N LEU E 345 -46.31 50.44 26.24
CA LEU E 345 -45.63 49.20 25.92
C LEU E 345 -44.17 49.18 26.35
N SER E 346 -43.68 47.98 26.69
CA SER E 346 -42.27 47.78 27.02
C SER E 346 -41.89 46.31 26.97
N ALA E 347 -40.88 46.00 26.15
CA ALA E 347 -40.34 44.65 26.08
C ALA E 347 -39.24 44.49 27.11
N VAL E 348 -39.61 44.01 28.29
CA VAL E 348 -38.68 44.00 29.43
C VAL E 348 -37.88 42.70 29.54
N CYS E 349 -36.57 42.84 29.70
CA CYS E 349 -35.69 41.70 29.91
C CYS E 349 -34.37 42.13 30.54
N GLU E 350 -33.42 41.21 30.63
CA GLU E 350 -32.11 41.51 31.21
C GLU E 350 -31.00 40.93 30.33
N ASN E 351 -29.99 41.76 30.04
CA ASN E 351 -28.89 41.35 29.17
C ASN E 351 -27.70 40.85 29.97
N MET E 352 -27.55 39.53 30.05
CA MET E 352 -26.56 38.92 30.94
C MET E 352 -25.64 37.94 30.22
N VAL E 353 -24.57 37.54 30.89
CA VAL E 353 -23.61 36.57 30.37
C VAL E 353 -23.85 35.19 30.97
N SER E 354 -24.11 34.21 30.10
CA SER E 354 -24.40 32.85 30.54
C SER E 354 -24.11 31.86 29.41
N LYS E 355 -24.31 30.58 29.68
CA LYS E 355 -24.17 29.58 28.64
C LYS E 355 -25.39 29.63 27.72
N ASN E 356 -26.45 30.27 28.19
CA ASN E 356 -27.68 30.39 27.44
C ASN E 356 -27.78 31.71 26.68
N SER E 357 -26.84 32.61 26.93
CA SER E 357 -26.83 33.90 26.25
C SER E 357 -26.69 33.75 24.75
N TYR E 358 -27.17 34.73 23.99
CA TYR E 358 -26.96 34.72 22.55
C TYR E 358 -25.58 35.27 22.25
N ARG E 359 -24.97 34.76 21.19
CA ARG E 359 -23.59 35.09 20.86
C ARG E 359 -23.50 36.16 19.77
N PRO E 360 -22.37 36.87 19.74
CA PRO E 360 -22.10 37.77 18.60
C PRO E 360 -21.96 36.95 17.31
N GLY E 361 -22.72 37.33 16.28
CA GLY E 361 -22.70 36.61 15.02
C GLY E 361 -23.98 35.84 14.78
N ASP E 362 -24.76 35.63 15.85
CA ASP E 362 -26.01 34.91 15.76
C ASP E 362 -27.02 35.63 14.86
N ILE E 363 -27.69 34.89 14.00
CA ILE E 363 -28.74 35.44 13.16
C ILE E 363 -30.10 35.08 13.72
N ILE E 364 -30.87 36.11 14.07
CA ILE E 364 -32.17 35.92 14.71
C ILE E 364 -33.30 36.51 13.87
N THR E 365 -34.52 35.99 14.06
CA THR E 365 -35.66 36.42 13.27
C THR E 365 -36.64 37.23 14.10
N ALA E 366 -36.92 38.46 13.66
CA ALA E 366 -37.89 39.32 14.33
C ALA E 366 -39.31 38.85 14.04
N SER E 367 -40.28 39.42 14.74
CA SER E 367 -41.67 39.00 14.61
C SER E 367 -42.29 39.42 13.29
N ASN E 368 -41.58 40.25 12.54
CA ASN E 368 -42.05 40.65 11.21
C ASN E 368 -41.37 39.84 10.11
N GLY E 369 -40.61 38.84 10.51
CA GLY E 369 -40.01 37.90 9.57
C GLY E 369 -38.60 38.26 9.13
N LYS E 370 -38.11 39.42 9.57
CA LYS E 370 -36.77 39.86 9.19
C LYS E 370 -35.69 39.10 9.96
N THR E 371 -34.71 38.57 9.22
CA THR E 371 -33.57 37.92 9.84
C THR E 371 -32.50 38.95 10.17
N ILE E 372 -31.99 38.91 11.40
CA ILE E 372 -31.06 39.92 11.88
C ILE E 372 -29.74 39.31 12.34
N GLU E 373 -28.64 39.75 11.76
CA GLU E 373 -27.31 39.31 12.22
C GLU E 373 -26.83 40.19 13.36
N VAL E 374 -26.60 39.57 14.52
CA VAL E 374 -26.11 40.30 15.68
C VAL E 374 -24.61 40.56 15.56
N GLY E 375 -24.22 41.81 15.60
CA GLY E 375 -22.82 42.19 15.51
C GLY E 375 -22.27 42.63 16.86
N ASN E 376 -23.17 42.94 17.78
CA ASN E 376 -22.79 43.39 19.11
C ASN E 376 -23.92 43.14 20.11
N THR E 377 -23.66 42.27 21.08
CA THR E 377 -24.70 41.88 22.04
C THR E 377 -25.03 43.02 23.01
N ASP E 378 -24.22 44.07 23.00
CA ASP E 378 -24.46 45.23 23.86
C ASP E 378 -25.37 46.22 23.17
N ALA E 379 -25.68 45.96 21.91
CA ALA E 379 -26.66 46.77 21.18
C ALA E 379 -28.02 46.11 21.26
N GLU E 380 -28.37 45.62 22.44
CA GLU E 380 -29.57 44.81 22.63
C GLU E 380 -30.86 45.61 22.60
N GLY E 381 -30.76 46.92 22.87
CA GLY E 381 -31.92 47.77 22.95
C GLY E 381 -32.73 47.80 21.67
N ARG E 382 -32.05 47.96 20.54
CA ARG E 382 -32.72 48.02 19.25
C ARG E 382 -33.36 46.69 18.87
N LEU E 383 -32.85 45.61 19.44
CA LEU E 383 -33.39 44.28 19.17
C LEU E 383 -34.73 44.09 19.88
N THR E 384 -34.79 44.51 21.15
CA THR E 384 -36.03 44.42 21.92
C THR E 384 -37.05 45.44 21.40
N LEU E 385 -36.56 46.60 21.00
CA LEU E 385 -37.41 47.65 20.46
C LEU E 385 -38.01 47.26 19.12
N ALA E 386 -37.24 46.52 18.33
CA ALA E 386 -37.68 46.08 17.00
C ALA E 386 -38.99 45.31 17.09
N ASP E 387 -39.01 44.27 17.91
CA ASP E 387 -40.21 43.45 18.08
C ASP E 387 -41.32 44.23 18.77
N ALA E 388 -40.96 45.14 19.65
CA ALA E 388 -41.93 45.99 20.33
C ALA E 388 -42.62 46.92 19.34
N LEU E 389 -41.85 47.43 18.38
CA LEU E 389 -42.38 48.31 17.35
C LEU E 389 -43.31 47.57 16.40
N VAL E 390 -42.95 46.33 16.06
CA VAL E 390 -43.79 45.49 15.23
C VAL E 390 -45.11 45.21 15.93
N TYR E 391 -45.02 44.86 17.21
CA TYR E 391 -46.19 44.66 18.06
C TYR E 391 -47.05 45.92 18.08
N ALA E 392 -46.41 47.07 18.25
CA ALA E 392 -47.11 48.33 18.39
C ALA E 392 -47.88 48.72 17.13
N GLU E 393 -47.27 48.51 15.97
CA GLU E 393 -47.90 48.90 14.71
C GLU E 393 -49.10 48.01 14.39
N LYS E 394 -49.09 46.80 14.93
CA LYS E 394 -50.21 45.87 14.74
C LYS E 394 -51.45 46.31 15.49
N LEU E 395 -51.28 47.24 16.43
CA LEU E 395 -52.41 47.75 17.21
C LEU E 395 -53.25 48.73 16.42
N GLY E 396 -52.72 49.22 15.30
CA GLY E 396 -53.42 50.17 14.46
C GLY E 396 -53.54 51.53 15.14
N VAL E 397 -52.40 52.17 15.37
CA VAL E 397 -52.38 53.46 16.03
C VAL E 397 -51.99 54.57 15.05
N ASP E 398 -52.15 55.81 15.49
CA ASP E 398 -51.80 56.96 14.67
C ASP E 398 -50.33 57.32 14.85
N TYR E 399 -49.87 57.31 16.10
CA TYR E 399 -48.49 57.66 16.41
C TYR E 399 -47.80 56.59 17.24
N ILE E 400 -46.56 56.27 16.87
CA ILE E 400 -45.72 55.40 17.69
C ILE E 400 -44.51 56.19 18.16
N VAL E 401 -44.40 56.39 19.47
CA VAL E 401 -43.28 57.14 20.03
C VAL E 401 -42.50 56.29 21.02
N ASP E 402 -41.24 56.02 20.71
CA ASP E 402 -40.42 55.25 21.63
C ASP E 402 -39.39 56.14 22.32
N ILE E 403 -39.05 55.78 23.56
CA ILE E 403 -38.07 56.52 24.33
C ILE E 403 -37.10 55.53 24.96
N ALA E 404 -35.81 55.77 24.81
CA ALA E 404 -34.82 54.77 25.15
C ALA E 404 -33.44 55.34 25.47
N THR E 405 -32.71 54.65 26.33
CA THR E 405 -31.31 54.93 26.56
C THR E 405 -30.49 54.09 25.59
N LEU E 406 -30.53 54.48 24.31
CA LEU E 406 -30.10 53.59 23.24
C LEU E 406 -28.61 53.65 22.92
N THR E 407 -28.07 54.85 22.74
CA THR E 407 -26.66 54.98 22.33
C THR E 407 -25.86 55.90 23.23
N GLY E 408 -24.66 55.47 23.60
CA GLY E 408 -23.77 56.28 24.39
C GLY E 408 -23.19 57.43 23.58
N ALA E 409 -23.37 57.37 22.26
CA ALA E 409 -22.89 58.41 21.37
C ALA E 409 -23.62 59.73 21.61
N MET E 410 -24.79 59.65 22.25
CA MET E 410 -25.57 60.85 22.57
C MET E 410 -24.78 61.76 23.52
N LEU E 411 -23.92 61.15 24.33
CA LEU E 411 -23.04 61.91 25.21
C LEU E 411 -22.02 62.68 24.39
N TYR E 412 -21.84 62.27 23.13
CA TYR E 412 -20.89 62.92 22.24
C TYR E 412 -21.56 63.88 21.26
N SER E 413 -22.88 63.75 21.12
CA SER E 413 -23.61 64.62 20.19
C SER E 413 -24.26 65.80 20.91
N LEU E 414 -25.18 65.51 21.83
CA LEU E 414 -25.93 66.56 22.50
C LEU E 414 -25.55 66.71 23.98
N GLY E 415 -24.97 65.67 24.56
CA GLY E 415 -24.50 65.73 25.92
C GLY E 415 -25.49 65.24 26.96
N THR E 416 -25.46 65.86 28.13
CA THR E 416 -26.27 65.40 29.26
C THR E 416 -27.51 66.25 29.51
N SER E 417 -27.76 67.23 28.65
CA SER E 417 -28.89 68.13 28.86
C SER E 417 -30.01 67.92 27.85
N TYR E 418 -29.64 67.76 26.58
CA TYR E 418 -30.63 67.62 25.52
C TYR E 418 -30.76 66.19 25.04
N ALA E 419 -31.99 65.69 24.99
CA ALA E 419 -32.26 64.40 24.39
C ALA E 419 -32.37 64.56 22.88
N GLY E 420 -32.12 63.49 22.15
CA GLY E 420 -32.23 63.53 20.70
C GLY E 420 -33.50 62.86 20.24
N VAL E 421 -34.12 63.42 19.21
CA VAL E 421 -35.32 62.79 18.64
C VAL E 421 -35.12 62.50 17.15
N PHE E 422 -35.46 61.29 16.76
CA PHE E 422 -35.41 60.86 15.37
C PHE E 422 -36.81 60.45 14.96
N GLY E 423 -37.13 60.50 13.67
CA GLY E 423 -38.46 60.15 13.22
C GLY E 423 -38.61 59.97 11.73
N ASN E 424 -39.75 59.38 11.33
CA ASN E 424 -40.05 59.18 9.92
C ASN E 424 -41.16 60.11 9.47
N ASN E 425 -41.65 60.93 10.40
CA ASN E 425 -42.75 61.84 10.12
C ASN E 425 -42.54 63.21 10.78
N GLU E 426 -42.46 64.25 9.95
CA GLU E 426 -42.10 65.58 10.41
C GLU E 426 -43.15 66.20 11.32
N GLU E 427 -44.43 65.94 11.04
CA GLU E 427 -45.51 66.47 11.86
C GLU E 427 -45.42 65.94 13.29
N LEU E 428 -45.13 64.65 13.43
CA LEU E 428 -45.01 64.02 14.73
C LEU E 428 -43.82 64.56 15.50
N ILE E 429 -42.69 64.73 14.81
CA ILE E 429 -41.47 65.25 15.42
C ILE E 429 -41.70 66.65 15.98
N ASN E 430 -42.39 67.49 15.23
CA ASN E 430 -42.67 68.87 15.65
C ASN E 430 -43.63 68.91 16.83
N LYS E 431 -44.52 67.92 16.93
CA LYS E 431 -45.42 67.81 18.06
C LYS E 431 -44.62 67.53 19.33
N ILE E 432 -43.63 66.66 19.21
CA ILE E 432 -42.77 66.31 20.34
C ILE E 432 -41.89 67.48 20.74
N LEU E 433 -41.43 68.23 19.75
CA LEU E 433 -40.62 69.42 20.00
C LEU E 433 -41.43 70.46 20.75
N GLN E 434 -42.70 70.60 20.38
CA GLN E 434 -43.60 71.51 21.07
C GLN E 434 -43.83 71.05 22.51
N SER E 435 -43.93 69.74 22.67
CA SER E 435 -44.09 69.14 24.00
C SER E 435 -42.86 69.44 24.85
N SER E 436 -41.70 69.46 24.20
CA SER E 436 -40.45 69.74 24.89
C SER E 436 -40.42 71.16 25.45
N LYS E 437 -41.02 72.10 24.71
CA LYS E 437 -41.04 73.50 25.12
C LYS E 437 -41.98 73.72 26.30
N THR E 438 -43.14 73.08 26.27
CA THR E 438 -44.15 73.28 27.30
C THR E 438 -43.85 72.47 28.57
N SER E 439 -43.20 71.31 28.40
CA SER E 439 -42.84 70.48 29.54
C SER E 439 -41.48 70.88 30.10
N ASN E 440 -40.77 71.71 29.35
CA ASN E 440 -39.40 72.11 29.69
C ASN E 440 -38.45 70.92 29.84
N GLU E 441 -38.71 69.86 29.08
CA GLU E 441 -37.76 68.76 28.97
C GLU E 441 -37.11 68.79 27.60
N PRO E 442 -35.92 69.41 27.52
CA PRO E 442 -35.23 69.78 26.27
C PRO E 442 -34.95 68.61 25.33
N VAL E 443 -35.40 68.75 24.09
CA VAL E 443 -35.16 67.76 23.05
C VAL E 443 -34.75 68.46 21.76
N TRP E 444 -33.74 67.93 21.07
CA TRP E 444 -33.30 68.50 19.81
C TRP E 444 -33.51 67.51 18.66
N TRP E 445 -33.94 68.02 17.51
CA TRP E 445 -34.18 67.18 16.35
C TRP E 445 -32.87 66.75 15.69
N LEU E 446 -32.69 65.45 15.55
CA LEU E 446 -31.53 64.90 14.84
C LEU E 446 -32.01 64.12 13.62
N PRO E 447 -31.20 64.10 12.56
CA PRO E 447 -31.63 63.53 11.29
C PRO E 447 -31.45 62.01 11.18
N ILE E 448 -32.31 61.35 10.43
CA ILE E 448 -32.10 59.97 10.03
C ILE E 448 -31.52 59.98 8.62
N ILE E 449 -30.19 59.91 8.55
CA ILE E 449 -29.51 60.04 7.26
C ILE E 449 -29.56 58.74 6.46
N ASN E 450 -30.36 58.74 5.39
CA ASN E 450 -30.61 57.55 4.60
C ASN E 450 -29.38 57.02 3.88
N GLU E 451 -28.37 57.86 3.72
CA GLU E 451 -27.14 57.45 3.05
C GLU E 451 -26.41 56.37 3.84
N TYR E 452 -26.66 56.30 5.15
CA TYR E 452 -25.97 55.34 6.01
C TYR E 452 -26.65 53.97 6.03
N ARG E 453 -27.83 53.88 5.41
CA ARG E 453 -28.61 52.64 5.41
C ARG E 453 -27.83 51.46 4.82
N ALA E 454 -26.98 51.75 3.85
CA ALA E 454 -26.24 50.70 3.16
C ALA E 454 -25.23 49.99 4.07
N THR E 455 -24.93 50.62 5.21
CA THR E 455 -23.99 50.04 6.16
C THR E 455 -24.63 48.94 6.99
N LEU E 456 -25.94 48.79 6.87
CA LEU E 456 -26.68 47.75 7.59
C LEU E 456 -27.01 46.56 6.69
N ASN E 457 -26.50 46.60 5.46
CA ASN E 457 -26.70 45.49 4.54
C ASN E 457 -25.87 44.27 4.93
N SER E 458 -26.55 43.22 5.38
CA SER E 458 -25.86 42.01 5.82
C SER E 458 -25.56 41.08 4.65
N LYS E 459 -24.48 40.33 4.77
CA LYS E 459 -24.07 39.38 3.74
C LYS E 459 -24.97 38.14 3.75
N TYR E 460 -25.48 37.78 4.92
CA TYR E 460 -26.25 36.55 5.08
C TYR E 460 -27.67 36.78 5.59
N ALA E 461 -27.83 37.68 6.56
CA ALA E 461 -29.15 38.00 7.08
C ALA E 461 -29.80 39.09 6.23
N ASP E 462 -31.05 39.41 6.54
CA ASP E 462 -31.75 40.48 5.84
C ASP E 462 -31.14 41.85 6.17
N ILE E 463 -30.66 41.99 7.39
CA ILE E 463 -30.14 43.27 7.85
C ILE E 463 -29.18 43.09 9.01
N ASN E 464 -28.20 44.00 9.11
CA ASN E 464 -27.28 44.02 10.24
C ASN E 464 -27.87 44.76 11.43
N GLN E 465 -27.52 44.30 12.63
CA GLN E 465 -27.91 44.99 13.85
C GLN E 465 -27.15 46.30 13.96
N ILE E 466 -25.85 46.24 13.73
CA ILE E 466 -24.98 47.41 13.77
C ILE E 466 -24.12 47.48 12.51
N SER E 467 -23.39 48.57 12.35
CA SER E 467 -22.45 48.72 11.25
C SER E 467 -21.04 48.36 11.72
N SER E 468 -20.21 47.83 10.83
CA SER E 468 -18.82 47.56 11.14
C SER E 468 -18.19 48.84 11.69
N SER E 469 -18.45 49.95 11.00
CA SER E 469 -18.21 51.29 11.53
C SER E 469 -18.82 52.37 10.63
N VAL E 470 -19.85 53.01 11.15
CA VAL E 470 -20.34 54.28 10.64
C VAL E 470 -20.63 55.11 11.87
N LYS E 471 -19.55 55.57 12.51
CA LYS E 471 -19.52 56.02 13.91
C LYS E 471 -20.71 56.86 14.42
N ALA E 472 -21.61 57.25 13.53
CA ALA E 472 -22.83 57.95 13.95
C ALA E 472 -23.87 56.95 14.44
N SER E 473 -23.58 56.29 15.55
CA SER E 473 -24.39 55.21 16.08
C SER E 473 -25.83 55.60 16.39
N SER E 474 -26.04 56.84 16.84
CA SER E 474 -27.37 57.30 17.18
C SER E 474 -28.26 57.41 15.94
N ILE E 475 -27.64 57.73 14.81
CA ILE E 475 -28.36 57.82 13.54
C ILE E 475 -28.54 56.44 12.93
N VAL E 476 -27.49 55.61 13.01
CA VAL E 476 -27.54 54.26 12.46
C VAL E 476 -28.58 53.41 13.18
N ALA E 477 -28.66 53.55 14.50
CA ALA E 477 -29.63 52.82 15.30
C ALA E 477 -31.06 53.20 14.91
N SER E 478 -31.26 54.48 14.60
CA SER E 478 -32.57 54.96 14.17
C SER E 478 -32.95 54.33 12.83
N LEU E 479 -31.97 54.23 11.94
CA LEU E 479 -32.18 53.59 10.65
C LEU E 479 -32.61 52.14 10.81
N PHE E 480 -32.05 51.48 11.83
CA PHE E 480 -32.39 50.09 12.10
C PHE E 480 -33.84 49.97 12.55
N LEU E 481 -34.24 50.83 13.48
CA LEU E 481 -35.60 50.82 14.01
C LEU E 481 -36.60 51.23 12.94
N LYS E 482 -36.17 52.05 12.00
CA LYS E 482 -37.03 52.53 10.92
C LYS E 482 -37.51 51.37 10.06
N GLU E 483 -36.71 50.32 10.00
CA GLU E 483 -37.03 49.14 9.20
C GLU E 483 -38.17 48.32 9.79
N PHE E 484 -38.59 48.66 11.01
CA PHE E 484 -39.64 47.90 11.68
C PHE E 484 -40.91 48.73 11.88
N VAL E 485 -41.01 49.82 11.13
CA VAL E 485 -42.24 50.61 11.07
C VAL E 485 -42.58 50.86 9.60
N GLN E 486 -43.62 50.19 9.11
CA GLN E 486 -43.93 50.21 7.70
C GLN E 486 -44.84 51.36 7.28
N ASN E 487 -45.91 51.60 8.04
CA ASN E 487 -46.87 52.62 7.65
C ASN E 487 -47.49 53.34 8.84
N THR E 488 -46.66 53.87 9.72
CA THR E 488 -47.13 54.64 10.87
C THR E 488 -46.17 55.76 11.21
N ALA E 489 -46.70 56.93 11.54
CA ALA E 489 -45.88 58.05 12.01
C ALA E 489 -45.15 57.64 13.28
N TRP E 490 -43.83 57.60 13.22
CA TRP E 490 -43.02 57.10 14.32
C TRP E 490 -41.87 58.03 14.67
N ALA E 491 -41.60 58.16 15.97
CA ALA E 491 -40.50 58.98 16.44
C ALA E 491 -39.71 58.27 17.54
N HIS E 492 -38.41 58.54 17.59
CA HIS E 492 -37.51 57.87 18.52
C HIS E 492 -36.73 58.88 19.36
N ILE E 493 -36.91 58.82 20.67
CA ILE E 493 -36.21 59.73 21.57
C ILE E 493 -35.11 59.02 22.33
N ASP E 494 -33.87 59.41 22.09
CA ASP E 494 -32.71 58.79 22.74
C ASP E 494 -32.33 59.59 23.99
N ILE E 495 -32.55 58.99 25.16
CA ILE E 495 -32.32 59.68 26.42
C ILE E 495 -31.12 59.14 27.19
N ALA E 496 -30.24 58.41 26.50
CA ALA E 496 -29.07 57.80 27.13
C ALA E 496 -28.20 58.83 27.84
N GLY E 497 -28.07 60.01 27.24
CA GLY E 497 -27.23 61.05 27.80
C GLY E 497 -27.89 61.85 28.91
N VAL E 498 -29.22 61.91 28.89
CA VAL E 498 -29.94 62.77 29.83
C VAL E 498 -30.65 61.99 30.94
N SER E 499 -30.61 60.67 30.85
CA SER E 499 -31.37 59.83 31.78
C SER E 499 -30.83 59.92 33.22
N TRP E 500 -29.53 59.79 33.38
CA TRP E 500 -28.92 59.79 34.70
C TRP E 500 -28.22 61.11 35.00
N ASN E 501 -28.54 61.69 36.16
CA ASN E 501 -27.83 62.88 36.64
C ASN E 501 -26.54 62.46 37.32
N PHE E 502 -25.43 62.54 36.59
CA PHE E 502 -24.14 62.10 37.09
C PHE E 502 -23.66 62.96 38.26
N LYS E 503 -23.94 64.26 38.20
CA LYS E 503 -23.50 65.18 39.23
C LYS E 503 -24.22 64.92 40.56
N ALA E 504 -25.53 64.70 40.47
CA ALA E 504 -26.35 64.50 41.66
C ALA E 504 -26.43 63.03 42.05
N ARG E 505 -25.90 62.17 41.19
CA ARG E 505 -25.89 60.72 41.41
C ARG E 505 -27.29 60.14 41.59
N LYS E 506 -28.22 60.58 40.75
CA LYS E 506 -29.60 60.12 40.82
C LYS E 506 -30.31 60.29 39.47
N PRO E 507 -31.43 59.59 39.27
CA PRO E 507 -32.16 59.75 37.99
C PRO E 507 -32.81 61.13 37.87
N LYS E 508 -33.13 61.53 36.63
CA LYS E 508 -33.84 62.77 36.39
C LYS E 508 -35.34 62.54 36.24
N GLY E 509 -35.70 61.32 35.88
CA GLY E 509 -37.08 61.01 35.54
C GLY E 509 -37.43 61.66 34.22
N PHE E 510 -36.42 61.82 33.38
CA PHE E 510 -36.57 62.46 32.07
C PHE E 510 -37.55 61.71 31.18
N GLY E 511 -38.48 62.44 30.57
CA GLY E 511 -39.39 61.85 29.60
C GLY E 511 -40.85 61.83 30.03
N VAL E 512 -41.09 61.68 31.34
CA VAL E 512 -42.44 61.57 31.86
C VAL E 512 -43.31 62.79 31.49
N ARG E 513 -42.81 63.97 31.81
CA ARG E 513 -43.55 65.20 31.54
C ARG E 513 -43.58 65.50 30.04
N LEU E 514 -42.52 65.08 29.34
CA LEU E 514 -42.45 65.23 27.89
C LEU E 514 -43.56 64.43 27.21
N LEU E 515 -43.66 63.15 27.57
CA LEU E 515 -44.65 62.26 26.97
C LEU E 515 -46.07 62.66 27.34
N THR E 516 -46.24 63.17 28.56
CA THR E 516 -47.56 63.55 29.04
C THR E 516 -48.12 64.76 28.29
N GLU E 517 -47.28 65.78 28.11
CA GLU E 517 -47.68 66.98 27.38
C GLU E 517 -48.05 66.64 25.95
N PHE E 518 -47.35 65.67 25.38
CA PHE E 518 -47.61 65.21 24.03
C PHE E 518 -48.99 64.56 23.92
N VAL E 519 -49.36 63.79 24.94
CA VAL E 519 -50.65 63.11 24.98
C VAL E 519 -51.79 64.09 25.18
N LEU E 520 -51.59 65.08 26.05
CA LEU E 520 -52.61 66.06 26.37
C LEU E 520 -52.85 67.04 25.21
N ASN E 521 -51.77 67.58 24.66
CA ASN E 521 -51.88 68.53 23.56
C ASN E 521 -51.85 67.81 22.21
N SER F 5 -28.14 13.57 19.73
CA SER F 5 -28.41 14.12 18.42
C SER F 5 -29.52 15.17 18.46
N GLU F 6 -30.17 15.30 19.61
CA GLU F 6 -31.22 16.29 19.79
C GLU F 6 -30.65 17.61 20.30
N VAL F 7 -30.83 18.67 19.52
CA VAL F 7 -30.28 19.98 19.86
C VAL F 7 -31.09 20.68 20.94
N PRO F 8 -30.44 20.99 22.07
CA PRO F 8 -31.09 21.70 23.18
C PRO F 8 -31.47 23.13 22.81
N GLN F 9 -32.47 23.68 23.50
CA GLN F 9 -32.94 25.04 23.22
C GLN F 9 -33.17 25.83 24.49
N VAL F 10 -32.94 27.14 24.41
CA VAL F 10 -33.27 28.04 25.51
C VAL F 10 -34.70 28.56 25.32
N VAL F 11 -35.01 28.93 24.08
CA VAL F 11 -36.37 29.32 23.71
C VAL F 11 -36.81 28.46 22.53
N SER F 12 -38.12 28.44 22.27
CA SER F 12 -38.67 27.60 21.21
C SER F 12 -38.23 28.04 19.82
N LEU F 13 -37.80 29.29 19.70
CA LEU F 13 -37.44 29.87 18.41
C LEU F 13 -36.00 29.56 18.00
N ASP F 14 -35.26 28.93 18.91
CA ASP F 14 -33.88 28.54 18.62
C ASP F 14 -33.84 27.43 17.57
N PRO F 15 -33.03 27.62 16.51
CA PRO F 15 -32.89 26.62 15.45
C PRO F 15 -32.32 25.31 15.98
N THR F 16 -32.75 24.19 15.40
CA THR F 16 -32.30 22.88 15.87
C THR F 16 -31.47 22.15 14.81
N SER F 17 -31.12 22.86 13.75
CA SER F 17 -30.30 22.28 12.69
C SER F 17 -29.66 23.37 11.82
N ILE F 18 -28.58 23.00 11.14
CA ILE F 18 -27.94 23.89 10.19
C ILE F 18 -28.59 23.73 8.82
N PRO F 19 -29.15 24.82 8.27
CA PRO F 19 -29.69 24.74 6.91
C PRO F 19 -28.56 24.47 5.92
N ILE F 20 -28.69 23.41 5.13
CA ILE F 20 -27.65 23.05 4.17
C ILE F 20 -28.23 22.83 2.78
N GLU F 21 -27.62 23.48 1.79
CA GLU F 21 -28.01 23.28 0.39
C GLU F 21 -27.03 22.33 -0.28
N TYR F 22 -27.51 21.15 -0.67
CA TYR F 22 -26.66 20.17 -1.34
C TYR F 22 -26.69 20.35 -2.86
N ASN F 23 -27.89 20.53 -3.41
CA ASN F 23 -28.04 20.76 -4.85
C ASN F 23 -28.02 22.24 -5.18
N THR F 24 -26.88 22.71 -5.66
CA THR F 24 -26.70 24.12 -5.99
C THR F 24 -26.97 24.39 -7.47
N PRO F 25 -27.36 25.63 -7.82
CA PRO F 25 -27.53 26.02 -9.22
C PRO F 25 -26.28 25.77 -10.06
N ILE F 26 -25.12 25.78 -9.41
CA ILE F 26 -23.86 25.51 -10.08
C ILE F 26 -23.81 24.08 -10.62
N HIS F 27 -24.48 23.16 -9.94
CA HIS F 27 -24.50 21.76 -10.34
C HIS F 27 -25.30 21.52 -11.62
N ASP F 28 -26.08 22.52 -12.03
CA ASP F 28 -26.94 22.39 -13.20
C ASP F 28 -26.27 22.91 -14.48
N ILE F 29 -25.09 23.49 -14.34
CA ILE F 29 -24.39 24.06 -15.48
C ILE F 29 -23.65 23.00 -16.30
N LYS F 30 -24.06 22.83 -17.55
CA LYS F 30 -23.37 21.92 -18.47
C LYS F 30 -22.12 22.59 -19.01
N VAL F 31 -20.98 21.92 -18.89
CA VAL F 31 -19.70 22.51 -19.29
C VAL F 31 -19.08 21.81 -20.49
N GLN F 32 -18.84 22.56 -21.55
CA GLN F 32 -18.20 22.04 -22.75
C GLN F 32 -16.89 22.77 -23.02
N VAL F 33 -15.84 22.01 -23.34
CA VAL F 33 -14.53 22.59 -23.61
C VAL F 33 -14.14 22.43 -25.07
N TYR F 34 -13.82 23.55 -25.71
CA TYR F 34 -13.48 23.54 -27.13
C TYR F 34 -12.06 24.04 -27.36
N ASP F 35 -11.47 23.66 -28.50
CA ASP F 35 -10.13 24.12 -28.85
C ASP F 35 -10.22 25.46 -29.59
N ILE F 36 -9.34 26.38 -29.21
CA ILE F 36 -9.37 27.74 -29.74
C ILE F 36 -8.99 27.82 -31.22
N LYS F 37 -8.27 26.82 -31.70
CA LYS F 37 -7.82 26.80 -33.09
C LYS F 37 -8.99 26.57 -34.04
N GLY F 38 -10.00 25.86 -33.56
CA GLY F 38 -11.16 25.55 -34.37
C GLY F 38 -12.06 26.74 -34.63
N GLY F 39 -11.76 27.87 -33.99
CA GLY F 39 -12.57 29.07 -34.13
C GLY F 39 -13.67 29.11 -33.09
N CYS F 40 -14.12 30.32 -32.75
CA CYS F 40 -15.13 30.50 -31.72
C CYS F 40 -16.52 30.72 -32.32
N ASN F 41 -17.52 30.09 -31.72
CA ASN F 41 -18.90 30.30 -32.11
C ASN F 41 -19.61 31.23 -31.13
N VAL F 42 -20.14 32.33 -31.63
CA VAL F 42 -20.86 33.30 -30.80
C VAL F 42 -22.33 33.32 -31.17
N GLU F 43 -23.11 32.45 -30.52
CA GLU F 43 -24.53 32.34 -30.81
C GLU F 43 -25.38 32.91 -29.68
N GLU F 44 -25.30 32.30 -28.51
CA GLU F 44 -26.10 32.72 -27.36
C GLU F 44 -25.24 33.21 -26.21
N GLY F 45 -25.84 33.99 -25.31
CA GLY F 45 -25.20 34.38 -24.07
C GLY F 45 -24.02 35.31 -24.19
N LEU F 46 -23.17 35.28 -23.17
CA LEU F 46 -22.03 36.17 -23.06
C LEU F 46 -20.70 35.46 -23.35
N THR F 47 -19.87 36.09 -24.17
CA THR F 47 -18.55 35.55 -24.49
C THR F 47 -17.45 36.47 -23.99
N ILE F 48 -16.56 35.94 -23.16
CA ILE F 48 -15.48 36.73 -22.57
C ILE F 48 -14.11 36.18 -22.95
N PHE F 49 -13.26 37.07 -23.48
CA PHE F 49 -11.90 36.70 -23.83
C PHE F 49 -10.92 37.05 -22.70
N LEU F 50 -10.18 36.04 -22.24
CA LEU F 50 -9.14 36.26 -21.24
C LEU F 50 -7.82 36.56 -21.94
N VAL F 51 -7.48 37.84 -22.03
CA VAL F 51 -6.31 38.26 -22.78
C VAL F 51 -5.25 38.90 -21.90
N ASN F 52 -4.00 38.86 -22.37
CA ASN F 52 -2.91 39.57 -21.72
C ASN F 52 -2.05 40.29 -22.75
N ASN F 53 -1.05 41.03 -22.28
CA ASN F 53 -0.13 41.72 -23.18
C ASN F 53 1.26 41.79 -22.57
N PRO F 54 2.12 40.82 -22.90
CA PRO F 54 3.51 40.83 -22.44
C PRO F 54 4.25 42.08 -22.90
N GLY F 55 4.80 42.83 -21.94
CA GLY F 55 5.44 44.09 -22.24
C GLY F 55 4.41 45.20 -22.34
N LYS F 56 3.69 45.43 -21.25
CA LYS F 56 2.63 46.41 -21.22
C LYS F 56 2.40 46.95 -19.82
N ASN F 58 -2.11 48.82 -17.65
CA ASN F 58 -1.13 48.30 -18.60
C ASN F 58 -1.46 48.70 -20.04
N GLY F 59 -1.03 47.87 -20.98
CA GLY F 59 -1.19 48.16 -22.40
C GLY F 59 -2.52 47.73 -22.98
N PRO F 60 -2.73 48.01 -24.28
CA PRO F 60 -4.00 47.81 -24.99
C PRO F 60 -4.40 46.35 -25.21
N VAL F 61 -5.68 46.14 -25.53
CA VAL F 61 -6.24 44.81 -25.71
C VAL F 61 -6.17 44.37 -27.18
N LYS F 62 -5.73 43.14 -27.41
CA LYS F 62 -5.69 42.58 -28.75
C LYS F 62 -6.19 41.13 -28.76
N ILE F 63 -7.27 40.87 -29.47
CA ILE F 63 -7.85 39.53 -29.55
C ILE F 63 -7.26 38.77 -30.73
N SER F 64 -6.64 37.63 -30.44
CA SER F 64 -5.95 36.85 -31.47
C SER F 64 -6.82 35.76 -32.08
N SER F 65 -7.71 35.19 -31.27
CA SER F 65 -8.55 34.07 -31.71
C SER F 65 -9.51 34.47 -32.82
N LYS F 66 -9.80 33.53 -33.71
CA LYS F 66 -10.74 33.76 -34.81
C LYS F 66 -12.17 33.49 -34.35
N VAL F 67 -13.08 34.41 -34.70
CA VAL F 67 -14.48 34.28 -34.34
C VAL F 67 -15.34 34.06 -35.57
N ASN F 68 -16.13 33.00 -35.57
CA ASN F 68 -16.94 32.62 -36.73
C ASN F 68 -18.19 33.49 -36.94
N ASP F 69 -18.03 34.80 -36.79
CA ASP F 69 -19.12 35.74 -37.02
C ASP F 69 -18.54 37.07 -37.47
N LYS F 70 -19.09 37.60 -38.56
CA LYS F 70 -18.66 38.89 -39.10
C LYS F 70 -19.02 40.06 -38.17
N GLN F 71 -20.21 40.02 -37.59
CA GLN F 71 -20.69 41.12 -36.75
C GLN F 71 -19.82 41.28 -35.50
N VAL F 72 -19.52 40.16 -34.85
CA VAL F 72 -18.69 40.18 -33.65
C VAL F 72 -17.22 40.50 -34.01
N SER F 73 -16.80 40.07 -35.18
CA SER F 73 -15.41 40.28 -35.61
C SER F 73 -15.12 41.76 -35.88
N GLU F 74 -16.12 42.48 -36.37
CA GLU F 74 -15.98 43.91 -36.59
C GLU F 74 -15.79 44.62 -35.25
N PHE F 75 -16.50 44.12 -34.24
CA PHE F 75 -16.38 44.64 -32.88
C PHE F 75 -14.99 44.36 -32.31
N LEU F 76 -14.47 43.17 -32.61
CA LEU F 76 -13.19 42.73 -32.07
C LEU F 76 -12.00 43.16 -32.90
N LYS F 77 -12.22 44.13 -33.79
CA LYS F 77 -11.13 44.68 -34.60
C LYS F 77 -10.10 45.34 -33.70
N ASP F 78 -8.83 45.31 -34.13
CA ASP F 78 -7.74 45.84 -33.33
C ASP F 78 -7.89 47.34 -33.05
N GLU F 79 -8.43 48.06 -34.01
CA GLU F 79 -8.62 49.51 -33.87
C GLU F 79 -9.61 49.86 -32.78
N ASN F 80 -10.63 49.02 -32.61
CA ASN F 80 -11.66 49.26 -31.61
C ASN F 80 -11.24 48.78 -30.23
N MET F 81 -10.49 47.68 -30.19
CA MET F 81 -10.07 47.08 -28.92
C MET F 81 -8.83 47.76 -28.35
N GLU F 82 -8.16 48.56 -29.18
CA GLU F 82 -6.99 49.31 -28.72
C GLU F 82 -7.38 50.38 -27.73
N LYS F 83 -8.66 50.71 -27.69
CA LYS F 83 -9.18 51.75 -26.80
C LYS F 83 -9.26 51.26 -25.36
N PHE F 84 -9.17 49.95 -25.17
CA PHE F 84 -9.20 49.36 -23.84
C PHE F 84 -7.83 48.81 -23.46
N ASN F 85 -7.54 48.73 -22.16
CA ASN F 85 -6.26 48.21 -21.70
C ASN F 85 -6.40 46.91 -20.93
N VAL F 86 -5.27 46.26 -20.66
CA VAL F 86 -5.28 44.89 -20.16
C VAL F 86 -4.89 44.80 -18.67
N LYS F 87 -4.92 45.94 -17.98
CA LYS F 87 -4.67 46.00 -16.55
C LYS F 87 -5.48 44.95 -15.81
N LEU F 88 -4.81 44.16 -14.95
CA LEU F 88 -5.43 43.02 -14.29
C LEU F 88 -6.67 43.40 -13.51
N GLY F 89 -7.80 42.78 -13.84
CA GLY F 89 -9.05 43.05 -13.17
C GLY F 89 -9.99 43.90 -13.99
N THR F 90 -9.43 44.64 -14.95
CA THR F 90 -10.22 45.50 -15.82
C THR F 90 -11.11 44.68 -16.74
N SER F 91 -12.36 45.10 -16.89
CA SER F 91 -13.29 44.39 -17.76
C SER F 91 -14.20 45.35 -18.50
N LYS F 92 -14.55 44.97 -19.72
CA LYS F 92 -15.54 45.69 -20.53
C LYS F 92 -16.38 44.67 -21.27
N HIS F 93 -17.67 44.95 -21.44
CA HIS F 93 -18.52 44.07 -22.23
C HIS F 93 -19.68 44.84 -22.87
N PHE F 94 -19.93 44.54 -24.14
CA PHE F 94 -20.94 45.25 -24.92
C PHE F 94 -22.02 44.30 -25.42
N TYR F 95 -23.24 44.81 -25.56
CA TYR F 95 -24.33 44.07 -26.18
C TYR F 95 -24.47 44.47 -27.64
N MET F 96 -24.63 43.49 -28.51
CA MET F 96 -24.74 43.76 -29.94
C MET F 96 -25.50 42.64 -30.65
N PHE F 97 -25.85 42.87 -31.91
CA PHE F 97 -26.50 41.85 -32.71
C PHE F 97 -25.49 41.13 -33.58
N ASN F 98 -25.60 39.80 -33.62
CA ASN F 98 -24.69 38.98 -34.41
C ASN F 98 -25.19 38.81 -35.85
N ASP F 99 -24.57 37.91 -36.59
CA ASP F 99 -24.95 37.68 -37.99
C ASP F 99 -26.40 37.25 -38.14
N ASN F 100 -26.87 36.45 -37.18
CA ASN F 100 -28.24 35.95 -37.21
C ASN F 100 -29.21 36.88 -36.50
N LYS F 101 -28.79 38.14 -36.33
CA LYS F 101 -29.63 39.19 -35.77
C LYS F 101 -30.15 38.88 -34.36
N ASN F 102 -29.34 38.16 -33.58
CA ASN F 102 -29.70 37.89 -32.19
C ASN F 102 -28.81 38.65 -31.23
N SER F 103 -29.37 39.03 -30.08
CA SER F 103 -28.62 39.81 -29.10
C SER F 103 -27.55 38.99 -28.41
N VAL F 104 -26.30 39.38 -28.60
CA VAL F 104 -25.17 38.71 -27.94
C VAL F 104 -24.33 39.71 -27.17
N ALA F 105 -23.62 39.23 -26.16
CA ALA F 105 -22.74 40.09 -25.38
C ALA F 105 -21.30 39.62 -25.48
N VAL F 106 -20.41 40.53 -25.84
CA VAL F 106 -18.99 40.20 -26.00
C VAL F 106 -18.12 41.14 -25.19
N GLY F 107 -17.10 40.59 -24.54
CA GLY F 107 -16.19 41.40 -23.74
C GLY F 107 -14.88 40.71 -23.40
N TYR F 108 -14.11 41.33 -22.52
CA TYR F 108 -12.82 40.79 -22.11
C TYR F 108 -12.56 41.02 -20.63
N VAL F 109 -11.57 40.30 -20.10
CA VAL F 109 -11.04 40.57 -18.77
C VAL F 109 -9.52 40.64 -18.85
N GLY F 110 -8.96 41.75 -18.37
CA GLY F 110 -7.52 41.96 -18.42
C GLY F 110 -6.74 41.05 -17.50
N CYS F 111 -5.67 40.46 -18.02
CA CYS F 111 -4.86 39.52 -17.24
C CYS F 111 -3.42 40.01 -17.03
N GLY F 112 -3.22 41.31 -17.13
CA GLY F 112 -1.93 41.91 -16.87
C GLY F 112 -0.91 41.70 -17.97
N SER F 113 0.36 41.69 -17.59
CA SER F 113 1.46 41.58 -18.57
C SER F 113 2.38 40.38 -18.28
N VAL F 114 2.14 39.69 -17.18
CA VAL F 114 2.93 38.51 -16.84
C VAL F 114 2.33 37.26 -17.47
N ALA F 115 3.17 36.49 -18.16
CA ALA F 115 2.70 35.32 -18.90
C ALA F 115 2.30 34.17 -17.98
N ASP F 116 2.94 34.08 -16.83
CA ASP F 116 2.62 33.03 -15.86
C ASP F 116 1.79 33.59 -14.72
N LEU F 117 0.49 33.27 -14.73
CA LEU F 117 -0.45 33.83 -13.76
C LEU F 117 -0.44 33.07 -12.45
N SER F 118 -0.40 33.81 -11.34
CA SER F 118 -0.47 33.20 -10.01
C SER F 118 -1.92 32.84 -9.68
N GLU F 119 -2.13 32.21 -8.54
CA GLU F 119 -3.48 31.84 -8.12
C GLU F 119 -4.22 33.08 -7.61
N ALA F 120 -3.47 34.08 -7.17
CA ALA F 120 -4.07 35.31 -6.65
C ALA F 120 -4.51 36.20 -7.80
N ASP F 121 -3.72 36.24 -8.86
CA ASP F 121 -4.06 37.01 -10.05
C ASP F 121 -5.23 36.38 -10.78
N MET F 122 -5.21 35.06 -10.89
CA MET F 122 -6.31 34.31 -11.48
C MET F 122 -7.59 34.54 -10.69
N LYS F 123 -7.45 34.71 -9.38
CA LYS F 123 -8.57 35.02 -8.51
C LYS F 123 -9.17 36.38 -8.86
N ARG F 124 -8.31 37.34 -9.20
CA ARG F 124 -8.76 38.67 -9.58
C ARG F 124 -9.50 38.65 -10.91
N VAL F 125 -9.07 37.77 -11.81
CA VAL F 125 -9.72 37.61 -13.10
C VAL F 125 -11.14 37.07 -12.92
N VAL F 126 -11.26 36.04 -12.09
CA VAL F 126 -12.56 35.41 -11.82
C VAL F 126 -13.54 36.39 -11.18
N LEU F 127 -13.08 37.10 -10.15
CA LEU F 127 -13.92 38.06 -9.44
C LEU F 127 -14.48 39.12 -10.38
N SER F 128 -13.67 39.53 -11.35
CA SER F 128 -14.10 40.49 -12.36
C SER F 128 -15.10 39.83 -13.31
N LEU F 129 -14.86 38.56 -13.62
CA LEU F 129 -15.75 37.79 -14.48
C LEU F 129 -17.08 37.52 -13.81
N VAL F 130 -17.03 37.20 -12.51
CA VAL F 130 -18.23 36.91 -11.73
C VAL F 130 -19.11 38.16 -11.60
N THR F 131 -18.48 39.32 -11.50
CA THR F 131 -19.18 40.60 -11.40
C THR F 131 -20.14 40.79 -12.57
N MET F 132 -19.68 40.44 -13.77
CA MET F 132 -20.49 40.60 -14.97
C MET F 132 -21.66 39.62 -14.99
N LEU F 133 -21.45 38.45 -14.39
CA LEU F 133 -22.51 37.44 -14.31
C LEU F 133 -23.62 37.86 -13.35
N HIS F 134 -23.28 38.72 -12.39
CA HIS F 134 -24.22 39.11 -11.34
C HIS F 134 -25.15 40.25 -11.75
N ASP F 135 -24.85 40.90 -12.87
CA ASP F 135 -25.66 42.02 -13.36
C ASP F 135 -26.17 41.66 -14.76
N ASN F 136 -26.10 40.39 -15.11
CA ASN F 136 -26.60 39.97 -16.41
C ASN F 136 -27.38 38.66 -16.41
N LYS F 137 -28.63 38.75 -16.84
CA LYS F 137 -29.48 37.59 -17.04
C LYS F 137 -29.01 36.87 -18.29
N LEU F 138 -28.25 35.80 -18.08
CA LEU F 138 -27.64 35.09 -19.19
C LEU F 138 -27.97 33.60 -19.14
N SER F 139 -28.04 32.99 -20.31
CA SER F 139 -28.33 31.56 -20.41
C SER F 139 -27.04 30.76 -20.56
N LYS F 140 -26.01 31.41 -21.10
CA LYS F 140 -24.74 30.74 -21.37
C LYS F 140 -23.55 31.68 -21.22
N LEU F 141 -22.48 31.17 -20.64
CA LEU F 141 -21.22 31.90 -20.56
C LEU F 141 -20.16 31.19 -21.39
N THR F 142 -19.42 31.95 -22.18
CA THR F 142 -18.34 31.39 -22.98
C THR F 142 -17.02 32.06 -22.64
N VAL F 143 -16.04 31.26 -22.22
CA VAL F 143 -14.74 31.78 -21.84
C VAL F 143 -13.65 31.34 -22.83
N VAL F 144 -12.98 32.31 -23.44
CA VAL F 144 -11.92 32.03 -24.37
C VAL F 144 -10.56 32.36 -23.79
N PHE F 145 -9.73 31.34 -23.57
CA PHE F 145 -8.41 31.51 -22.99
C PHE F 145 -7.38 31.95 -24.02
N GLU F 146 -7.04 33.23 -24.00
CA GLU F 146 -5.96 33.74 -24.83
C GLU F 146 -4.71 33.90 -23.98
N ILE F 147 -4.65 33.10 -22.91
CA ILE F 147 -3.48 32.99 -22.05
C ILE F 147 -3.18 31.51 -21.84
N ASN F 148 -1.96 31.21 -21.39
CA ASN F 148 -1.58 29.82 -21.17
C ASN F 148 -1.66 29.41 -19.71
N VAL F 149 -2.45 28.39 -19.44
CA VAL F 149 -2.59 27.84 -18.09
C VAL F 149 -2.49 26.31 -18.14
N ASP F 150 -1.90 25.72 -17.11
CA ASP F 150 -1.80 24.27 -17.05
C ASP F 150 -3.08 23.69 -16.46
N LYS F 151 -3.15 22.36 -16.38
CA LYS F 151 -4.36 21.68 -15.92
C LYS F 151 -4.76 22.06 -14.50
N ASN F 152 -3.77 22.26 -13.63
CA ASN F 152 -4.04 22.61 -12.24
C ASN F 152 -4.58 24.03 -12.07
N LEU F 153 -4.05 24.96 -12.84
CA LEU F 153 -4.50 26.35 -12.77
C LEU F 153 -5.83 26.52 -13.49
N PHE F 154 -6.05 25.74 -14.54
CA PHE F 154 -7.32 25.75 -15.26
C PHE F 154 -8.45 25.26 -14.36
N ARG F 155 -8.19 24.18 -13.64
CA ARG F 155 -9.15 23.64 -12.69
C ARG F 155 -9.45 24.65 -11.61
N PHE F 156 -8.41 25.36 -11.17
CA PHE F 156 -8.53 26.39 -10.15
C PHE F 156 -9.44 27.52 -10.61
N PHE F 157 -9.37 27.83 -11.90
CA PHE F 157 -10.23 28.85 -12.50
C PHE F 157 -11.69 28.45 -12.38
N LEU F 158 -11.99 27.20 -12.73
CA LEU F 158 -13.36 26.69 -12.69
C LEU F 158 -13.91 26.63 -11.27
N GLU F 159 -13.08 26.16 -10.34
CA GLU F 159 -13.46 26.09 -8.93
C GLU F 159 -13.78 27.47 -8.37
N THR F 160 -12.88 28.41 -8.61
CA THR F 160 -13.05 29.77 -8.12
C THR F 160 -14.25 30.43 -8.78
N LEU F 161 -14.45 30.14 -10.07
CA LEU F 161 -15.61 30.65 -10.80
C LEU F 161 -16.90 30.15 -10.17
N PHE F 162 -16.98 28.84 -9.95
CA PHE F 162 -18.17 28.23 -9.36
C PHE F 162 -18.44 28.76 -7.94
N TYR F 163 -17.38 28.83 -7.14
CA TYR F 163 -17.50 29.25 -5.75
C TYR F 163 -17.95 30.70 -5.61
N GLU F 164 -17.32 31.60 -6.36
CA GLU F 164 -17.65 33.02 -6.28
C GLU F 164 -18.99 33.35 -6.91
N TYR F 165 -19.32 32.64 -7.99
CA TYR F 165 -20.61 32.82 -8.66
C TYR F 165 -21.75 32.52 -7.69
N MET F 166 -21.59 31.45 -6.93
CA MET F 166 -22.60 31.03 -5.97
C MET F 166 -22.75 32.03 -4.82
N THR F 167 -23.99 32.32 -4.45
CA THR F 167 -24.27 33.20 -3.32
C THR F 167 -25.16 32.48 -2.30
N ASP F 168 -24.76 32.54 -1.04
CA ASP F 168 -25.47 31.84 0.03
C ASP F 168 -26.66 32.66 0.52
N GLU F 169 -27.87 32.14 0.29
CA GLU F 169 -29.09 32.84 0.70
C GLU F 169 -29.90 32.05 1.72
N ARG F 170 -29.23 31.20 2.50
CA ARG F 170 -29.91 30.34 3.46
C ARG F 170 -30.57 31.13 4.60
N PHE F 171 -29.99 32.28 4.94
CA PHE F 171 -30.46 33.03 6.10
C PHE F 171 -31.18 34.32 5.69
N LYS F 172 -31.44 34.45 4.39
CA LYS F 172 -32.28 35.52 3.88
C LYS F 172 -33.74 35.10 3.99
N SER F 173 -34.62 36.07 4.24
CA SER F 173 -36.05 35.80 4.30
C SER F 173 -36.83 36.88 3.56
N THR F 174 -37.19 37.93 4.29
CA THR F 174 -37.92 39.07 3.73
C THR F 174 -37.93 40.23 4.70
N GLU F 181 -32.17 32.73 -13.02
CA GLU F 181 -31.14 33.57 -12.39
C GLU F 181 -29.75 33.19 -12.87
N TYR F 182 -29.35 31.96 -12.59
CA TYR F 182 -28.02 31.47 -12.97
C TYR F 182 -27.98 31.01 -14.43
N ILE F 183 -26.78 31.04 -15.01
CA ILE F 183 -26.58 30.50 -16.35
C ILE F 183 -26.77 28.98 -16.32
N LYS F 184 -27.03 28.40 -17.49
CA LYS F 184 -27.26 26.96 -17.56
C LYS F 184 -26.17 26.26 -18.35
N HIS F 185 -25.38 27.05 -19.09
CA HIS F 185 -24.33 26.49 -19.93
C HIS F 185 -23.03 27.28 -19.80
N LEU F 186 -21.91 26.56 -19.77
CA LEU F 186 -20.59 27.18 -19.73
C LEU F 186 -19.71 26.67 -20.85
N GLY F 187 -19.36 27.56 -21.77
CA GLY F 187 -18.48 27.21 -22.87
C GLY F 187 -17.06 27.64 -22.60
N VAL F 188 -16.11 26.76 -22.91
CA VAL F 188 -14.70 27.08 -22.69
C VAL F 188 -13.86 26.82 -23.95
N TYR F 189 -13.26 27.88 -24.47
CA TYR F 189 -12.33 27.75 -25.58
C TYR F 189 -10.90 27.87 -25.07
N ILE F 190 -10.11 26.82 -25.28
CA ILE F 190 -8.75 26.78 -24.76
C ILE F 190 -7.84 25.92 -25.65
N ASN F 191 -6.56 26.25 -25.69
CA ASN F 191 -5.60 25.50 -26.47
C ASN F 191 -5.41 24.09 -25.92
N ASN F 192 -5.32 23.11 -26.83
CA ASN F 192 -5.25 21.70 -26.45
C ASN F 192 -6.38 21.32 -25.51
N ALA F 193 -7.61 21.47 -25.99
CA ALA F 193 -8.80 21.30 -25.16
C ALA F 193 -8.94 19.91 -24.56
N ASP F 194 -8.47 18.89 -25.27
CA ASP F 194 -8.59 17.52 -24.83
C ASP F 194 -7.83 17.27 -23.52
N THR F 195 -6.82 18.09 -23.27
CA THR F 195 -5.97 17.96 -22.09
C THR F 195 -6.70 18.39 -20.82
N TYR F 196 -7.59 19.36 -20.94
CA TYR F 196 -8.22 19.99 -19.78
C TYR F 196 -9.59 19.40 -19.42
N LYS F 197 -10.11 18.50 -20.25
CA LYS F 197 -11.48 18.03 -20.09
C LYS F 197 -11.72 17.23 -18.81
N GLU F 198 -10.72 16.50 -18.35
CA GLU F 198 -10.87 15.69 -17.14
C GLU F 198 -10.95 16.59 -15.90
N GLU F 199 -10.38 17.78 -16.00
CA GLU F 199 -10.36 18.72 -14.88
C GLU F 199 -11.73 19.31 -14.56
N VAL F 200 -12.66 19.18 -15.50
CA VAL F 200 -13.97 19.82 -15.38
C VAL F 200 -14.78 19.29 -14.20
N GLU F 201 -15.01 17.99 -14.16
CA GLU F 201 -15.82 17.40 -13.09
C GLU F 201 -15.08 17.38 -11.76
N LYS F 202 -13.76 17.33 -11.82
CA LYS F 202 -12.95 17.41 -10.60
C LYS F 202 -13.11 18.77 -9.95
N ALA F 203 -13.23 19.80 -10.79
CA ALA F 203 -13.42 21.16 -10.32
C ALA F 203 -14.78 21.34 -9.67
N ARG F 204 -15.79 20.69 -10.25
CA ARG F 204 -17.15 20.76 -9.72
C ARG F 204 -17.23 20.09 -8.36
N VAL F 205 -16.50 18.98 -8.20
CA VAL F 205 -16.45 18.28 -6.93
C VAL F 205 -15.68 19.10 -5.90
N TYR F 206 -14.54 19.66 -6.30
CA TYR F 206 -13.74 20.50 -5.42
C TYR F 206 -14.52 21.75 -5.00
N TYR F 207 -15.39 22.22 -5.89
CA TYR F 207 -16.19 23.40 -5.61
C TYR F 207 -17.14 23.18 -4.44
N PHE F 208 -17.94 22.12 -4.52
CA PHE F 208 -18.95 21.90 -3.48
C PHE F 208 -18.31 21.53 -2.15
N GLY F 209 -17.17 20.83 -2.21
CA GLY F 209 -16.42 20.51 -1.01
C GLY F 209 -16.02 21.78 -0.29
N THR F 210 -15.60 22.77 -1.07
CA THR F 210 -15.25 24.09 -0.55
C THR F 210 -16.50 24.84 -0.10
N TYR F 211 -17.54 24.79 -0.91
CA TYR F 211 -18.77 25.52 -0.61
C TYR F 211 -19.52 24.92 0.58
N TYR F 212 -19.45 23.59 0.72
CA TYR F 212 -20.05 22.93 1.87
C TYR F 212 -19.37 23.38 3.16
N ALA F 213 -18.04 23.41 3.13
CA ALA F 213 -17.24 23.89 4.25
C ALA F 213 -17.63 25.33 4.58
N SER F 214 -17.78 26.14 3.53
CA SER F 214 -18.18 27.53 3.68
C SER F 214 -19.55 27.66 4.31
N GLN F 215 -20.47 26.76 3.96
CA GLN F 215 -21.81 26.77 4.52
C GLN F 215 -21.79 26.54 6.02
N LEU F 216 -20.92 25.64 6.46
CA LEU F 216 -20.78 25.34 7.88
C LEU F 216 -20.18 26.53 8.63
N ILE F 217 -19.16 27.14 8.03
CA ILE F 217 -18.47 28.26 8.66
C ILE F 217 -19.35 29.51 8.73
N ALA F 218 -20.02 29.81 7.63
CA ALA F 218 -20.86 31.01 7.55
C ALA F 218 -22.07 30.90 8.47
N ALA F 219 -22.50 29.67 8.73
CA ALA F 219 -23.63 29.42 9.62
C ALA F 219 -23.30 29.87 11.04
N PRO F 220 -24.11 30.77 11.59
CA PRO F 220 -23.92 31.33 12.94
C PRO F 220 -23.93 30.25 14.03
N SER F 221 -23.48 30.60 15.23
CA SER F 221 -23.27 29.64 16.30
C SER F 221 -24.56 29.12 16.91
N ASN F 222 -25.66 29.86 16.75
CA ASN F 222 -26.95 29.40 17.23
C ASN F 222 -27.52 28.34 16.29
N TYR F 223 -27.08 28.39 15.03
CA TYR F 223 -27.42 27.37 14.05
C TYR F 223 -26.40 26.23 14.11
N CYS F 224 -25.12 26.58 13.98
CA CYS F 224 -24.05 25.59 14.02
C CYS F 224 -23.48 25.43 15.42
N ASN F 225 -24.00 24.43 16.13
CA ASN F 225 -23.53 24.10 17.48
C ASN F 225 -22.91 22.71 17.47
N PRO F 226 -22.24 22.30 18.57
CA PRO F 226 -21.62 20.96 18.60
C PRO F 226 -22.56 19.84 18.20
N VAL F 227 -23.82 19.92 18.60
CA VAL F 227 -24.79 18.87 18.28
C VAL F 227 -25.27 18.95 16.83
N SER F 228 -25.59 20.16 16.39
CA SER F 228 -26.09 20.35 15.02
C SER F 228 -24.99 20.09 13.99
N LEU F 229 -23.75 20.39 14.36
CA LEU F 229 -22.62 20.14 13.48
C LEU F 229 -22.35 18.64 13.40
N SER F 230 -22.57 17.95 14.50
CA SER F 230 -22.43 16.50 14.55
C SER F 230 -23.48 15.85 13.66
N ASN F 231 -24.71 16.35 13.76
CA ASN F 231 -25.81 15.83 12.96
C ASN F 231 -25.58 16.04 11.47
N ALA F 232 -25.00 17.18 11.11
CA ALA F 232 -24.69 17.48 9.73
C ALA F 232 -23.58 16.57 9.22
N ALA F 233 -22.64 16.25 10.09
CA ALA F 233 -21.52 15.38 9.74
C ALA F 233 -22.00 13.94 9.50
N VAL F 234 -22.94 13.50 10.34
CA VAL F 234 -23.51 12.17 10.19
C VAL F 234 -24.28 12.04 8.87
N GLU F 235 -25.13 13.01 8.59
CA GLU F 235 -25.92 13.02 7.35
C GLU F 235 -25.00 13.01 6.13
N LEU F 236 -23.89 13.72 6.22
CA LEU F 236 -22.91 13.76 5.14
C LEU F 236 -22.30 12.39 4.90
N ALA F 237 -21.98 11.70 5.99
CA ALA F 237 -21.37 10.37 5.91
C ALA F 237 -22.34 9.36 5.29
N GLN F 238 -23.62 9.47 5.66
CA GLN F 238 -24.64 8.58 5.14
C GLN F 238 -24.83 8.74 3.63
N LYS F 239 -24.73 9.97 3.16
CA LYS F 239 -24.89 10.26 1.74
C LYS F 239 -23.67 9.81 0.94
N LEU F 240 -22.52 9.74 1.60
CA LEU F 240 -21.28 9.38 0.93
C LEU F 240 -20.87 7.94 1.21
N ASN F 241 -21.72 7.22 1.92
CA ASN F 241 -21.45 5.84 2.32
C ASN F 241 -20.15 5.71 3.11
N LEU F 242 -19.89 6.70 3.96
CA LEU F 242 -18.73 6.67 4.84
C LEU F 242 -19.13 6.14 6.20
N GLU F 243 -18.25 5.35 6.81
CA GLU F 243 -18.49 4.88 8.17
C GLU F 243 -18.42 6.05 9.14
N TYR F 244 -19.28 6.07 10.14
CA TYR F 244 -19.32 7.19 11.07
C TYR F 244 -19.49 6.77 12.52
N LYS F 245 -18.91 7.56 13.42
CA LYS F 245 -19.04 7.37 14.85
C LYS F 245 -19.03 8.72 15.56
N ILE F 246 -20.05 8.97 16.38
CA ILE F 246 -20.09 10.18 17.18
C ILE F 246 -19.92 9.86 18.65
N LEU F 247 -18.78 10.22 19.21
CA LEU F 247 -18.51 9.97 20.62
C LEU F 247 -19.13 11.05 21.48
N GLY F 248 -19.95 10.63 22.45
CA GLY F 248 -20.60 11.57 23.35
C GLY F 248 -19.82 11.75 24.63
N VAL F 249 -20.34 12.61 25.51
CA VAL F 249 -19.67 12.92 26.78
C VAL F 249 -19.35 11.68 27.58
N LYS F 250 -20.30 10.74 27.65
CA LYS F 250 -20.13 9.50 28.41
C LYS F 250 -18.93 8.70 27.93
N GLU F 251 -18.74 8.64 26.62
CA GLU F 251 -17.65 7.87 26.04
C GLU F 251 -16.35 8.66 26.07
N LEU F 252 -16.46 9.98 26.03
CA LEU F 252 -15.30 10.87 26.12
C LEU F 252 -14.69 10.78 27.52
N GLU F 253 -15.56 10.67 28.52
CA GLU F 253 -15.12 10.48 29.90
C GLU F 253 -14.46 9.12 30.04
N GLU F 254 -14.95 8.14 29.27
CA GLU F 254 -14.41 6.80 29.27
C GLU F 254 -13.02 6.78 28.63
N LEU F 255 -12.80 7.67 27.68
CA LEU F 255 -11.50 7.79 27.02
C LEU F 255 -10.60 8.78 27.76
N LYS F 256 -11.13 9.33 28.85
CA LYS F 256 -10.38 10.22 29.74
C LYS F 256 -9.82 11.47 29.04
N MET F 257 -10.59 12.01 28.10
CA MET F 257 -10.17 13.23 27.40
C MET F 257 -10.51 14.47 28.22
N GLY F 258 -9.70 14.74 29.24
CA GLY F 258 -9.97 15.83 30.16
C GLY F 258 -9.71 17.21 29.59
N ALA F 259 -8.70 17.35 28.75
CA ALA F 259 -8.38 18.63 28.15
C ALA F 259 -9.52 19.09 27.23
N TYR F 260 -9.99 18.16 26.40
CA TYR F 260 -11.08 18.43 25.47
C TYR F 260 -12.39 18.66 26.21
N LEU F 261 -12.68 17.84 27.21
CA LEU F 261 -13.92 17.95 27.97
C LEU F 261 -13.97 19.21 28.84
N SER F 262 -12.82 19.67 29.30
CA SER F 262 -12.77 20.86 30.15
C SER F 262 -13.22 22.10 29.38
N VAL F 263 -12.82 22.18 28.12
CA VAL F 263 -13.14 23.32 27.28
C VAL F 263 -14.64 23.52 27.12
N GLY F 264 -15.37 22.41 26.94
CA GLY F 264 -16.80 22.48 26.70
C GLY F 264 -17.65 22.51 27.95
N LYS F 265 -17.01 22.47 29.12
CA LYS F 265 -17.71 22.41 30.40
C LYS F 265 -18.75 23.51 30.59
N GLY F 266 -18.43 24.71 30.12
CA GLY F 266 -19.30 25.86 30.34
C GLY F 266 -20.34 26.10 29.27
N SER F 267 -20.49 25.14 28.36
CA SER F 267 -21.46 25.26 27.27
C SER F 267 -22.75 24.53 27.58
N MET F 268 -23.84 24.97 26.98
CA MET F 268 -25.13 24.31 27.13
C MET F 268 -25.22 23.13 26.16
N TYR F 269 -24.31 23.10 25.19
CA TYR F 269 -24.27 22.03 24.21
C TYR F 269 -23.22 21.01 24.60
N PRO F 270 -23.61 19.72 24.66
CA PRO F 270 -22.69 18.64 25.01
C PRO F 270 -21.56 18.49 24.01
N ASN F 271 -20.37 18.16 24.48
CA ASN F 271 -19.24 17.92 23.58
C ASN F 271 -19.52 16.73 22.66
N LYS F 272 -19.06 16.83 21.43
CA LYS F 272 -19.27 15.78 20.44
C LYS F 272 -18.01 15.54 19.63
N PHE F 273 -17.50 14.31 19.69
CA PHE F 273 -16.31 13.96 18.92
C PHE F 273 -16.71 13.28 17.61
N ILE F 274 -16.36 13.91 16.50
CA ILE F 274 -16.70 13.38 15.18
C ILE F 274 -15.61 12.48 14.63
N HIS F 275 -15.98 11.26 14.25
CA HIS F 275 -15.04 10.34 13.62
C HIS F 275 -15.64 9.76 12.35
N LEU F 276 -15.26 10.34 11.22
CA LEU F 276 -15.63 9.79 9.91
C LEU F 276 -14.42 9.05 9.35
N THR F 277 -14.67 7.95 8.66
CA THR F 277 -13.58 7.19 8.07
C THR F 277 -13.94 6.63 6.70
N TYR F 278 -13.00 6.75 5.76
CA TYR F 278 -13.17 6.26 4.40
C TYR F 278 -12.16 5.15 4.10
N LYS F 279 -12.64 4.05 3.56
CA LYS F 279 -11.79 2.92 3.23
C LYS F 279 -11.80 2.64 1.73
N SER F 280 -10.61 2.50 1.14
CA SER F 280 -10.51 2.28 -0.30
C SER F 280 -10.50 0.81 -0.65
N LYS F 281 -10.77 0.52 -1.93
CA LYS F 281 -10.65 -0.82 -2.47
C LYS F 281 -9.20 -1.11 -2.82
N GLY F 282 -8.86 -2.38 -3.03
CA GLY F 282 -7.48 -2.77 -3.26
C GLY F 282 -6.71 -2.69 -1.97
N ASP F 283 -5.40 -2.90 -2.01
CA ASP F 283 -4.60 -2.82 -0.79
C ASP F 283 -4.57 -1.39 -0.28
N VAL F 284 -4.47 -1.24 1.04
CA VAL F 284 -4.35 0.09 1.62
C VAL F 284 -2.88 0.34 1.98
N LYS F 285 -2.27 1.28 1.28
CA LYS F 285 -0.84 1.51 1.45
C LYS F 285 -0.56 2.71 2.36
N LYS F 286 -1.58 3.54 2.57
CA LYS F 286 -1.44 4.72 3.40
C LYS F 286 -2.68 4.99 4.24
N LYS F 287 -2.49 5.02 5.56
CA LYS F 287 -3.56 5.40 6.46
C LYS F 287 -3.32 6.81 6.99
N ILE F 288 -4.27 7.71 6.76
CA ILE F 288 -4.10 9.11 7.10
C ILE F 288 -5.19 9.61 8.05
N ALA F 289 -4.79 10.33 9.09
CA ALA F 289 -5.75 10.94 9.99
C ALA F 289 -5.77 12.45 9.81
N LEU F 290 -6.93 12.98 9.43
CA LEU F 290 -7.11 14.42 9.28
C LEU F 290 -7.92 14.97 10.46
N VAL F 291 -7.27 15.79 11.28
CA VAL F 291 -7.91 16.32 12.49
C VAL F 291 -8.26 17.80 12.32
N GLY F 292 -9.55 18.11 12.46
CA GLY F 292 -9.99 19.48 12.33
C GLY F 292 -10.46 20.09 13.63
N LYS F 293 -10.04 21.31 13.91
CA LYS F 293 -10.48 22.02 15.11
C LYS F 293 -11.93 22.44 14.97
N GLY F 294 -12.73 22.17 15.99
CA GLY F 294 -14.16 22.44 15.93
C GLY F 294 -14.73 23.17 17.12
N ILE F 295 -14.35 24.43 17.30
CA ILE F 295 -14.97 25.28 18.30
C ILE F 295 -16.07 26.10 17.64
N THR F 296 -17.32 25.70 17.86
CA THR F 296 -18.47 26.32 17.18
C THR F 296 -18.62 27.79 17.51
N PHE F 297 -18.23 28.16 18.73
CA PHE F 297 -18.08 29.58 19.08
C PHE F 297 -17.01 29.77 20.14
N ASP F 298 -16.18 30.79 19.94
CA ASP F 298 -15.07 31.05 20.84
C ASP F 298 -15.24 32.41 21.54
N SER F 299 -15.82 32.39 22.73
CA SER F 299 -15.95 33.60 23.52
C SER F 299 -14.63 33.96 24.17
N GLY F 300 -13.77 32.94 24.31
CA GLY F 300 -12.49 33.10 24.95
C GLY F 300 -12.48 32.57 26.37
N GLY F 301 -13.66 32.17 26.86
CA GLY F 301 -13.79 31.73 28.24
C GLY F 301 -13.67 32.91 29.17
N TYR F 302 -13.17 32.66 30.38
CA TYR F 302 -13.00 33.75 31.34
C TYR F 302 -11.90 34.72 30.91
N ASN F 303 -11.05 34.26 30.00
CA ASN F 303 -10.17 35.16 29.26
C ASN F 303 -10.94 35.72 28.07
N LEU F 304 -12.03 36.42 28.37
CA LEU F 304 -12.96 36.92 27.35
C LEU F 304 -12.28 37.75 26.27
N LYS F 305 -12.84 37.70 25.06
CA LYS F 305 -12.38 38.55 23.97
C LYS F 305 -12.99 39.93 24.12
N ALA F 306 -12.37 40.75 24.98
CA ALA F 306 -12.86 42.10 25.26
C ALA F 306 -11.86 43.15 24.78
N ALA F 307 -10.63 42.71 24.54
CA ALA F 307 -9.58 43.59 24.03
C ALA F 307 -9.91 44.04 22.61
N PRO F 308 -9.54 45.27 22.25
CA PRO F 308 -9.83 45.81 20.92
C PRO F 308 -9.18 44.99 19.81
N GLY F 309 -9.99 44.59 18.81
CA GLY F 309 -9.48 43.83 17.69
C GLY F 309 -9.47 42.34 17.92
N SER F 310 -10.14 41.88 18.96
CA SER F 310 -10.20 40.46 19.27
C SER F 310 -11.22 39.74 18.39
N MET F 311 -12.05 40.51 17.69
CA MET F 311 -12.98 40.00 16.68
C MET F 311 -13.96 38.95 17.22
N ILE F 312 -14.61 39.26 18.33
CA ILE F 312 -15.48 38.30 18.99
C ILE F 312 -16.73 37.94 18.17
N ASP F 313 -17.10 38.81 17.23
CA ASP F 313 -18.30 38.59 16.43
C ASP F 313 -18.05 37.69 15.22
N LEU F 314 -16.77 37.41 14.97
CA LEU F 314 -16.36 36.55 13.87
C LEU F 314 -16.17 35.12 14.36
N MET F 315 -16.23 34.96 15.68
CA MET F 315 -15.80 33.74 16.35
C MET F 315 -16.57 32.47 16.02
N LYS F 316 -17.45 32.53 15.02
CA LYS F 316 -18.09 31.33 14.49
C LYS F 316 -17.14 30.66 13.50
N PHE F 317 -16.12 31.41 13.09
CA PHE F 317 -15.07 30.93 12.19
C PHE F 317 -14.27 29.78 12.81
N ASP F 318 -14.34 29.68 14.13
CA ASP F 318 -13.39 28.88 14.91
C ASP F 318 -13.55 27.37 14.73
N MET F 319 -14.39 26.96 13.77
CA MET F 319 -14.52 25.55 13.45
C MET F 319 -14.20 25.29 11.97
N SER F 320 -13.50 26.24 11.36
CA SER F 320 -13.14 26.15 9.95
C SER F 320 -12.24 24.95 9.65
N GLY F 321 -11.43 24.57 10.63
CA GLY F 321 -10.58 23.40 10.48
C GLY F 321 -11.42 22.16 10.34
N CYS F 322 -12.41 22.03 11.22
CA CYS F 322 -13.36 20.93 11.15
C CYS F 322 -14.13 20.96 9.84
N ALA F 323 -14.52 22.17 9.42
CA ALA F 323 -15.26 22.35 8.17
C ALA F 323 -14.40 21.94 6.98
N ALA F 324 -13.12 22.27 7.04
CA ALA F 324 -12.20 21.92 5.97
C ALA F 324 -12.05 20.41 5.86
N VAL F 325 -12.02 19.74 7.02
CA VAL F 325 -11.92 18.28 7.06
C VAL F 325 -13.21 17.64 6.56
N LEU F 326 -14.35 18.19 6.99
CA LEU F 326 -15.65 17.69 6.55
C LEU F 326 -15.85 17.92 5.05
N GLY F 327 -15.37 19.06 4.56
CA GLY F 327 -15.45 19.37 3.15
C GLY F 327 -14.53 18.45 2.35
N CYS F 328 -13.41 18.08 2.97
CA CYS F 328 -12.47 17.15 2.36
C CYS F 328 -13.08 15.76 2.25
N ALA F 329 -13.86 15.39 3.26
CA ALA F 329 -14.53 14.10 3.29
C ALA F 329 -15.48 13.95 2.11
N TYR F 330 -16.10 15.06 1.71
CA TYR F 330 -16.98 15.06 0.54
C TYR F 330 -16.19 14.75 -0.73
N CYS F 331 -15.07 15.44 -0.90
CA CYS F 331 -14.26 15.28 -2.10
C CYS F 331 -13.67 13.88 -2.20
N VAL F 332 -13.18 13.37 -1.08
CA VAL F 332 -12.61 12.03 -1.03
C VAL F 332 -13.68 10.98 -1.23
N GLY F 333 -14.82 11.17 -0.58
CA GLY F 333 -15.93 10.23 -0.69
C GLY F 333 -16.54 10.20 -2.08
N THR F 334 -16.36 11.28 -2.84
CA THR F 334 -16.93 11.39 -4.17
C THR F 334 -15.94 10.92 -5.24
N LEU F 335 -14.73 11.47 -5.21
CA LEU F 335 -13.71 11.09 -6.17
C LEU F 335 -13.20 9.66 -5.94
N LYS F 336 -13.35 9.20 -4.71
CA LYS F 336 -13.00 7.82 -4.32
C LYS F 336 -11.58 7.43 -4.70
N PRO F 337 -10.57 8.00 -4.01
CA PRO F 337 -9.18 7.60 -4.28
C PRO F 337 -8.89 6.17 -3.83
N GLU F 338 -7.93 5.53 -4.48
CA GLU F 338 -7.62 4.13 -4.22
C GLU F 338 -6.40 4.01 -3.31
N ASN F 339 -6.26 2.86 -2.64
CA ASN F 339 -5.09 2.52 -1.86
C ASN F 339 -4.82 3.45 -0.68
N VAL F 340 -5.87 4.00 -0.10
CA VAL F 340 -5.73 4.92 1.02
C VAL F 340 -6.92 4.80 1.98
N GLU F 341 -6.64 4.93 3.27
CA GLU F 341 -7.69 4.98 4.27
C GLU F 341 -7.56 6.26 5.08
N ILE F 342 -8.61 7.08 5.09
CA ILE F 342 -8.55 8.38 5.74
C ILE F 342 -9.54 8.46 6.90
N HIS F 343 -9.06 8.93 8.04
CA HIS F 343 -9.93 9.16 9.20
C HIS F 343 -10.16 10.65 9.39
N PHE F 344 -11.42 11.06 9.36
CA PHE F 344 -11.78 12.46 9.52
C PHE F 344 -12.22 12.74 10.95
N LEU F 345 -11.36 13.43 11.70
CA LEU F 345 -11.58 13.65 13.12
C LEU F 345 -11.81 15.11 13.47
N SER F 346 -12.62 15.34 14.51
CA SER F 346 -12.82 16.68 15.04
C SER F 346 -13.40 16.66 16.45
N ALA F 347 -12.63 17.19 17.40
CA ALA F 347 -13.11 17.35 18.76
C ALA F 347 -13.94 18.61 18.86
N VAL F 348 -15.25 18.48 18.68
CA VAL F 348 -16.14 19.63 18.58
C VAL F 348 -16.72 20.03 19.93
N CYS F 349 -16.69 21.33 20.22
CA CYS F 349 -17.32 21.88 21.42
C CYS F 349 -17.49 23.39 21.29
N GLU F 350 -17.89 24.03 22.39
CA GLU F 350 -18.10 25.47 22.42
C GLU F 350 -17.43 26.08 23.64
N ASN F 351 -16.69 27.17 23.44
CA ASN F 351 -15.97 27.83 24.53
C ASN F 351 -16.72 29.02 25.07
N MET F 352 -17.46 28.82 26.16
CA MET F 352 -18.36 29.85 26.68
C MET F 352 -18.04 30.26 28.11
N VAL F 353 -18.72 31.33 28.56
CA VAL F 353 -18.57 31.81 29.93
C VAL F 353 -19.77 31.39 30.78
N SER F 354 -19.49 30.66 31.85
CA SER F 354 -20.54 30.17 32.73
C SER F 354 -19.98 29.81 34.10
N LYS F 355 -20.84 29.38 35.00
CA LYS F 355 -20.40 28.90 36.30
C LYS F 355 -19.75 27.53 36.15
N ASN F 356 -20.00 26.89 35.00
CA ASN F 356 -19.49 25.56 34.73
C ASN F 356 -18.17 25.59 33.99
N SER F 357 -17.77 26.77 33.52
CA SER F 357 -16.57 26.92 32.71
C SER F 357 -15.30 26.57 33.47
N TYR F 358 -14.28 26.13 32.73
CA TYR F 358 -12.97 25.91 33.32
C TYR F 358 -12.28 27.25 33.50
N ARG F 359 -11.50 27.37 34.57
CA ARG F 359 -10.93 28.65 34.96
C ARG F 359 -9.46 28.76 34.58
N PRO F 360 -8.98 30.00 34.39
CA PRO F 360 -7.54 30.20 34.22
C PRO F 360 -6.79 29.74 35.47
N GLY F 361 -5.79 28.88 35.30
CA GLY F 361 -5.06 28.33 36.43
C GLY F 361 -5.38 26.87 36.68
N ASP F 362 -6.54 26.43 36.19
CA ASP F 362 -6.97 25.05 36.33
C ASP F 362 -5.94 24.07 35.78
N ILE F 363 -5.76 22.95 36.48
CA ILE F 363 -4.90 21.88 35.99
C ILE F 363 -5.75 20.72 35.53
N ILE F 364 -5.67 20.41 34.24
CA ILE F 364 -6.48 19.37 33.65
C ILE F 364 -5.61 18.24 33.11
N THR F 365 -6.19 17.06 32.95
CA THR F 365 -5.43 15.88 32.52
C THR F 365 -5.85 15.42 31.14
N ALA F 366 -4.90 15.41 30.21
CA ALA F 366 -5.16 14.94 28.85
C ALA F 366 -5.38 13.42 28.83
N SER F 367 -5.81 12.91 27.69
CA SER F 367 -6.12 11.49 27.55
C SER F 367 -4.87 10.61 27.55
N ASN F 368 -3.70 11.24 27.52
CA ASN F 368 -2.45 10.49 27.58
C ASN F 368 -1.81 10.59 28.97
N GLY F 369 -2.52 11.22 29.90
CA GLY F 369 -2.10 11.28 31.29
C GLY F 369 -1.32 12.52 31.67
N LYS F 370 -0.95 13.33 30.68
CA LYS F 370 -0.20 14.55 30.95
C LYS F 370 -1.08 15.63 31.56
N THR F 371 -0.62 16.23 32.65
CA THR F 371 -1.34 17.31 33.30
C THR F 371 -1.00 18.65 32.64
N ILE F 372 -2.01 19.50 32.50
CA ILE F 372 -1.85 20.78 31.80
C ILE F 372 -2.32 21.95 32.65
N GLU F 373 -1.43 22.90 32.90
CA GLU F 373 -1.79 24.10 33.65
C GLU F 373 -2.32 25.18 32.71
N VAL F 374 -3.61 25.48 32.84
CA VAL F 374 -4.26 26.47 31.99
C VAL F 374 -3.85 27.88 32.36
N GLY F 375 -3.24 28.60 31.42
CA GLY F 375 -2.86 29.98 31.64
C GLY F 375 -3.79 30.95 30.93
N ASN F 376 -4.52 30.43 29.95
CA ASN F 376 -5.42 31.25 29.15
C ASN F 376 -6.56 30.41 28.59
N THR F 377 -7.79 30.71 28.99
CA THR F 377 -8.94 29.94 28.55
C THR F 377 -9.26 30.16 27.07
N ASP F 378 -8.65 31.17 26.45
CA ASP F 378 -8.87 31.43 25.04
C ASP F 378 -7.91 30.62 24.17
N ALA F 379 -6.95 29.96 24.80
CA ALA F 379 -6.09 29.02 24.10
C ALA F 379 -6.71 27.62 24.16
N GLU F 380 -8.00 27.55 23.86
CA GLU F 380 -8.76 26.32 24.02
C GLU F 380 -8.60 25.37 22.83
N GLY F 381 -8.11 25.91 21.71
CA GLY F 381 -7.94 25.12 20.50
C GLY F 381 -6.93 24.01 20.67
N ARG F 382 -5.78 24.34 21.24
CA ARG F 382 -4.71 23.38 21.45
C ARG F 382 -5.11 22.33 22.50
N LEU F 383 -6.02 22.71 23.38
CA LEU F 383 -6.50 21.79 24.41
C LEU F 383 -7.37 20.70 23.79
N THR F 384 -8.27 21.11 22.91
CA THR F 384 -9.14 20.16 22.22
C THR F 384 -8.35 19.36 21.19
N LEU F 385 -7.35 19.99 20.60
CA LEU F 385 -6.50 19.32 19.61
C LEU F 385 -5.63 18.27 20.28
N ALA F 386 -5.21 18.53 21.51
CA ALA F 386 -4.33 17.62 22.24
C ALA F 386 -4.97 16.24 22.42
N ASP F 387 -6.21 16.22 22.88
CA ASP F 387 -6.92 14.96 23.08
C ASP F 387 -7.25 14.31 21.74
N ALA F 388 -7.50 15.12 20.72
CA ALA F 388 -7.78 14.63 19.39
C ALA F 388 -6.57 13.93 18.79
N LEU F 389 -5.39 14.51 19.00
CA LEU F 389 -4.15 13.94 18.48
C LEU F 389 -3.80 12.62 19.15
N VAL F 390 -4.17 12.48 20.42
CA VAL F 390 -3.95 11.22 21.13
C VAL F 390 -4.86 10.14 20.55
N TYR F 391 -6.11 10.50 20.32
CA TYR F 391 -7.07 9.61 19.67
C TYR F 391 -6.58 9.23 18.28
N ALA F 392 -6.03 10.22 17.58
CA ALA F 392 -5.60 10.04 16.19
C ALA F 392 -4.47 9.03 16.06
N GLU F 393 -3.48 9.15 16.94
CA GLU F 393 -2.30 8.29 16.87
C GLU F 393 -2.65 6.85 17.27
N LYS F 394 -3.68 6.70 18.08
CA LYS F 394 -4.14 5.38 18.52
C LYS F 394 -4.80 4.61 17.37
N LEU F 395 -5.07 5.28 16.26
CA LEU F 395 -5.66 4.63 15.10
C LEU F 395 -4.58 3.92 14.28
N GLY F 396 -3.32 4.17 14.64
CA GLY F 396 -2.19 3.53 13.96
C GLY F 396 -2.07 3.94 12.51
N VAL F 397 -1.92 5.24 12.28
CA VAL F 397 -1.86 5.77 10.92
C VAL F 397 -0.45 6.17 10.53
N ASP F 398 -0.25 6.40 9.24
CA ASP F 398 1.06 6.79 8.72
C ASP F 398 1.27 8.29 8.82
N TYR F 399 0.23 9.05 8.49
CA TYR F 399 0.29 10.51 8.53
C TYR F 399 -0.82 11.11 9.38
N ILE F 400 -0.47 12.09 10.20
CA ILE F 400 -1.46 12.88 10.92
C ILE F 400 -1.35 14.34 10.52
N VAL F 401 -2.40 14.87 9.90
CA VAL F 401 -2.41 16.28 9.52
C VAL F 401 -3.58 17.00 10.18
N ASP F 402 -3.28 17.91 11.08
CA ASP F 402 -4.33 18.70 11.71
C ASP F 402 -4.40 20.09 11.09
N ILE F 403 -5.59 20.67 11.09
CA ILE F 403 -5.80 22.01 10.54
C ILE F 403 -6.70 22.80 11.49
N ALA F 404 -6.29 24.02 11.83
CA ALA F 404 -6.96 24.76 12.88
C ALA F 404 -6.81 26.28 12.76
N THR F 405 -7.83 27.00 13.20
CA THR F 405 -7.76 28.44 13.37
C THR F 405 -7.18 28.73 14.75
N LEU F 406 -5.92 28.39 14.94
CA LEU F 406 -5.32 28.30 16.27
C LEU F 406 -4.85 29.63 16.85
N THR F 407 -3.99 30.33 16.13
CA THR F 407 -3.36 31.53 16.66
C THR F 407 -3.56 32.76 15.79
N GLY F 408 -3.88 33.89 16.41
CA GLY F 408 -4.05 35.14 15.70
C GLY F 408 -2.72 35.72 15.23
N ALA F 409 -1.62 35.11 15.68
CA ALA F 409 -0.28 35.55 15.31
C ALA F 409 -0.01 35.32 13.82
N MET F 410 -0.81 34.45 13.20
CA MET F 410 -0.68 34.17 11.78
C MET F 410 -1.01 35.40 10.94
N LEU F 411 -1.83 36.28 11.48
CA LEU F 411 -2.19 37.52 10.81
C LEU F 411 -1.01 38.50 10.81
N TYR F 412 -0.10 38.33 11.77
CA TYR F 412 1.06 39.19 11.88
C TYR F 412 2.28 38.59 11.18
N SER F 413 2.21 37.29 10.88
CA SER F 413 3.34 36.60 10.26
C SER F 413 3.16 36.44 8.75
N LEU F 414 2.14 35.69 8.34
CA LEU F 414 1.92 35.42 6.93
C LEU F 414 0.78 36.25 6.36
N GLY F 415 -0.15 36.66 7.21
CA GLY F 415 -1.26 37.49 6.77
C GLY F 415 -2.52 36.69 6.45
N THR F 416 -3.22 37.12 5.41
CA THR F 416 -4.53 36.56 5.08
C THR F 416 -4.51 35.64 3.87
N SER F 417 -3.35 35.45 3.26
CA SER F 417 -3.25 34.68 2.03
C SER F 417 -2.60 33.32 2.24
N TYR F 418 -1.51 33.28 3.00
CA TYR F 418 -0.76 32.04 3.23
C TYR F 418 -1.04 31.43 4.58
N ALA F 419 -1.29 30.12 4.60
CA ALA F 419 -1.40 29.38 5.85
C ALA F 419 -0.02 28.85 6.23
N GLY F 420 0.21 28.66 7.52
CA GLY F 420 1.48 28.15 7.99
C GLY F 420 1.39 26.70 8.37
N VAL F 421 2.40 25.92 8.00
CA VAL F 421 2.43 24.51 8.35
C VAL F 421 3.65 24.19 9.22
N PHE F 422 3.40 23.50 10.32
CA PHE F 422 4.45 23.07 11.24
C PHE F 422 4.45 21.54 11.29
N GLY F 423 5.58 20.93 11.63
CA GLY F 423 5.64 19.49 11.68
C GLY F 423 6.87 18.90 12.34
N ASN F 424 6.84 17.58 12.53
CA ASN F 424 7.96 16.84 13.10
C ASN F 424 8.61 15.94 12.06
N ASN F 425 8.12 16.04 10.83
CA ASN F 425 8.57 15.19 9.74
C ASN F 425 8.57 15.96 8.42
N GLU F 426 9.76 16.18 7.86
CA GLU F 426 9.91 17.04 6.69
C GLU F 426 9.31 16.43 5.42
N GLU F 427 9.39 15.10 5.29
CA GLU F 427 8.82 14.43 4.13
C GLU F 427 7.31 14.69 4.08
N LEU F 428 6.67 14.63 5.23
CA LEU F 428 5.26 14.95 5.33
C LEU F 428 5.03 16.44 5.06
N ILE F 429 5.95 17.27 5.56
CA ILE F 429 5.85 18.71 5.38
C ILE F 429 5.86 19.12 3.91
N ASN F 430 6.82 18.59 3.15
CA ASN F 430 6.92 18.91 1.73
C ASN F 430 5.81 18.28 0.91
N LYS F 431 5.23 17.20 1.42
CA LYS F 431 4.05 16.61 0.79
C LYS F 431 2.89 17.60 0.86
N ILE F 432 2.74 18.22 2.03
CA ILE F 432 1.76 19.27 2.21
C ILE F 432 2.06 20.44 1.29
N LEU F 433 3.34 20.76 1.14
CA LEU F 433 3.78 21.86 0.28
C LEU F 433 3.52 21.57 -1.19
N GLN F 434 3.69 20.30 -1.57
CA GLN F 434 3.43 19.89 -2.95
C GLN F 434 1.93 19.96 -3.24
N SER F 435 1.13 19.59 -2.25
CA SER F 435 -0.31 19.67 -2.35
C SER F 435 -0.75 21.14 -2.45
N SER F 436 0.00 22.01 -1.78
CA SER F 436 -0.25 23.44 -1.83
C SER F 436 -0.06 23.99 -3.24
N LYS F 437 0.91 23.43 -3.95
CA LYS F 437 1.21 23.88 -5.31
C LYS F 437 0.13 23.48 -6.30
N THR F 438 -0.35 22.25 -6.19
CA THR F 438 -1.32 21.72 -7.14
C THR F 438 -2.75 22.19 -6.85
N SER F 439 -3.03 22.49 -5.58
CA SER F 439 -4.36 22.91 -5.19
C SER F 439 -4.53 24.43 -5.25
N ASN F 440 -3.40 25.13 -5.39
CA ASN F 440 -3.35 26.59 -5.40
C ASN F 440 -3.97 27.23 -4.15
N GLU F 441 -3.86 26.53 -3.03
CA GLU F 441 -4.15 27.11 -1.72
C GLU F 441 -2.82 27.29 -0.99
N PRO F 442 -2.26 28.51 -1.03
CA PRO F 442 -0.89 28.81 -0.62
C PRO F 442 -0.59 28.53 0.86
N VAL F 443 0.45 27.75 1.08
CA VAL F 443 0.89 27.41 2.43
C VAL F 443 2.41 27.58 2.53
N TRP F 444 2.88 28.11 3.66
CA TRP F 444 4.31 28.32 3.86
C TRP F 444 4.82 27.60 5.10
N TRP F 445 5.97 26.94 4.96
CA TRP F 445 6.56 26.18 6.05
C TRP F 445 7.17 27.09 7.11
N LEU F 446 6.74 26.89 8.36
CA LEU F 446 7.28 27.64 9.49
C LEU F 446 7.93 26.68 10.49
N PRO F 447 8.97 27.14 11.20
CA PRO F 447 9.74 26.24 12.04
C PRO F 447 9.14 25.97 13.42
N ILE F 448 9.39 24.78 13.95
CA ILE F 448 9.10 24.48 15.35
C ILE F 448 10.40 24.60 16.13
N ILE F 449 10.65 25.78 16.69
CA ILE F 449 11.91 26.07 17.36
C ILE F 449 11.94 25.47 18.76
N ASN F 450 12.71 24.41 18.92
CA ASN F 450 12.74 23.65 20.18
C ASN F 450 13.36 24.42 21.34
N GLU F 451 14.04 25.52 21.04
CA GLU F 451 14.64 26.34 22.09
C GLU F 451 13.55 27.03 22.93
N TYR F 452 12.36 27.13 22.37
CA TYR F 452 11.23 27.76 23.07
C TYR F 452 10.48 26.77 23.96
N ARG F 453 10.82 25.48 23.83
CA ARG F 453 10.11 24.42 24.54
C ARG F 453 10.16 24.59 26.06
N ALA F 454 11.27 25.11 26.57
CA ALA F 454 11.46 25.27 28.01
C ALA F 454 10.46 26.25 28.63
N THR F 455 9.86 27.09 27.80
CA THR F 455 8.92 28.10 28.29
C THR F 455 7.56 27.49 28.62
N LEU F 456 7.40 26.20 28.33
CA LEU F 456 6.17 25.49 28.64
C LEU F 456 6.33 24.63 29.88
N ASN F 457 7.50 24.73 30.52
CA ASN F 457 7.76 24.00 31.75
C ASN F 457 6.95 24.52 32.92
N SER F 458 5.94 23.76 33.32
CA SER F 458 5.04 24.19 34.39
C SER F 458 5.62 23.89 35.76
N LYS F 459 5.35 24.78 36.72
CA LYS F 459 5.84 24.62 38.08
C LYS F 459 5.12 23.48 38.80
N TYR F 460 3.86 23.27 38.46
CA TYR F 460 3.05 22.28 39.16
C TYR F 460 2.54 21.16 38.24
N ALA F 461 2.20 21.52 37.01
CA ALA F 461 1.73 20.53 36.04
C ALA F 461 2.89 19.98 35.24
N ASP F 462 2.62 19.01 34.37
CA ASP F 462 3.63 18.44 33.50
C ASP F 462 4.05 19.47 32.44
N ILE F 463 3.09 20.25 31.97
CA ILE F 463 3.35 21.22 30.92
C ILE F 463 2.38 22.40 31.00
N ASN F 464 2.83 23.56 30.55
CA ASN F 464 1.97 24.73 30.44
C ASN F 464 1.20 24.74 29.13
N GLN F 465 -0.04 25.22 29.19
CA GLN F 465 -0.86 25.40 28.01
C GLN F 465 -0.25 26.47 27.11
N ILE F 466 0.10 27.61 27.71
CA ILE F 466 0.74 28.71 27.00
C ILE F 466 2.05 29.08 27.66
N SER F 467 2.86 29.87 26.95
CA SER F 467 4.08 30.40 27.52
C SER F 467 3.89 31.88 27.87
N SER F 468 4.20 32.22 29.12
CA SER F 468 4.07 33.60 29.56
C SER F 468 5.44 34.20 29.85
N SER F 469 5.95 35.00 28.91
CA SER F 469 5.23 35.31 27.68
C SER F 469 6.10 35.38 26.43
N VAL F 470 5.87 34.44 25.52
CA VAL F 470 6.32 34.56 24.14
C VAL F 470 5.25 35.40 23.41
N LYS F 471 5.49 36.12 22.31
CA LYS F 471 6.63 36.09 21.34
C LYS F 471 6.58 34.85 20.45
N ALA F 472 5.76 34.95 19.41
CA ALA F 472 5.48 33.87 18.44
C ALA F 472 4.60 32.79 19.06
N SER F 473 3.31 33.09 19.14
CA SER F 473 2.33 32.17 19.71
C SER F 473 2.16 30.92 18.84
N SER F 474 2.35 31.08 17.54
CA SER F 474 2.15 29.99 16.60
C SER F 474 3.16 28.87 16.79
N ILE F 475 4.41 29.25 17.07
CA ILE F 475 5.47 28.27 17.27
C ILE F 475 5.30 27.56 18.61
N VAL F 476 5.02 28.34 19.66
CA VAL F 476 4.81 27.79 21.00
C VAL F 476 3.65 26.80 21.00
N ALA F 477 2.56 27.17 20.36
CA ALA F 477 1.38 26.31 20.27
C ALA F 477 1.71 25.00 19.55
N SER F 478 2.53 25.10 18.51
CA SER F 478 2.99 23.92 17.78
C SER F 478 3.87 23.04 18.66
N LEU F 479 4.70 23.68 19.49
CA LEU F 479 5.53 22.96 20.45
C LEU F 479 4.68 22.21 21.46
N PHE F 480 3.54 22.80 21.80
CA PHE F 480 2.59 22.18 22.71
C PHE F 480 1.95 20.95 22.06
N LEU F 481 1.47 21.12 20.83
CA LEU F 481 0.84 20.04 20.09
C LEU F 481 1.79 18.87 19.86
N LYS F 482 3.07 19.19 19.67
CA LYS F 482 4.09 18.19 19.42
C LYS F 482 4.23 17.22 20.60
N GLU F 483 3.92 17.71 21.80
CA GLU F 483 4.02 16.91 23.01
C GLU F 483 2.97 15.80 23.07
N PHE F 484 2.00 15.85 22.16
CA PHE F 484 0.90 14.89 22.17
C PHE F 484 0.90 14.01 20.92
N VAL F 485 2.02 14.00 20.21
CA VAL F 485 2.26 13.06 19.14
C VAL F 485 3.60 12.37 19.39
N GLN F 486 3.54 11.08 19.73
CA GLN F 486 4.73 10.39 20.23
C GLN F 486 5.61 9.77 19.14
N ASN F 487 4.99 9.03 18.23
CA ASN F 487 5.77 8.28 17.24
C ASN F 487 5.11 8.21 15.87
N THR F 488 4.59 9.33 15.39
CA THR F 488 3.96 9.38 14.08
C THR F 488 4.30 10.67 13.36
N ALA F 489 4.55 10.57 12.05
CA ALA F 489 4.74 11.74 11.22
C ALA F 489 3.51 12.64 11.29
N TRP F 490 3.72 13.90 11.68
CA TRP F 490 2.61 14.80 11.98
C TRP F 490 2.85 16.21 11.47
N ALA F 491 1.81 16.80 10.90
CA ALA F 491 1.89 18.17 10.39
C ALA F 491 0.72 19.01 10.91
N HIS F 492 0.97 20.30 11.14
CA HIS F 492 -0.03 21.20 11.70
C HIS F 492 -0.20 22.45 10.84
N ILE F 493 -1.39 22.63 10.28
CA ILE F 493 -1.67 23.78 9.43
C ILE F 493 -2.51 24.82 10.15
N ASP F 494 -1.91 25.99 10.40
CA ASP F 494 -2.61 27.07 11.08
C ASP F 494 -3.29 27.97 10.05
N ILE F 495 -4.62 27.95 10.03
CA ILE F 495 -5.38 28.68 9.03
C ILE F 495 -6.16 29.83 9.63
N ALA F 496 -5.72 30.29 10.79
CA ALA F 496 -6.43 31.36 11.50
C ALA F 496 -6.45 32.66 10.72
N GLY F 497 -5.47 32.85 9.85
CA GLY F 497 -5.38 34.08 9.07
C GLY F 497 -6.06 34.01 7.71
N VAL F 498 -6.09 32.81 7.14
CA VAL F 498 -6.59 32.63 5.79
C VAL F 498 -8.01 32.09 5.73
N SER F 499 -8.58 31.77 6.88
CA SER F 499 -9.90 31.17 6.94
C SER F 499 -11.00 32.11 6.45
N TRP F 500 -10.97 33.35 6.92
CA TRP F 500 -12.04 34.30 6.64
C TRP F 500 -11.63 35.37 5.63
N ASN F 501 -12.44 35.53 4.58
CA ASN F 501 -12.26 36.59 3.61
C ASN F 501 -12.87 37.88 4.16
N PHE F 502 -12.03 38.71 4.79
CA PHE F 502 -12.50 39.92 5.44
C PHE F 502 -13.09 40.94 4.45
N LYS F 503 -12.49 41.00 3.26
CA LYS F 503 -12.93 41.95 2.24
C LYS F 503 -14.29 41.59 1.67
N ALA F 504 -14.52 40.30 1.47
CA ALA F 504 -15.77 39.82 0.87
C ALA F 504 -16.80 39.42 1.92
N ARG F 505 -16.40 39.47 3.19
CA ARG F 505 -17.27 39.17 4.32
C ARG F 505 -17.88 37.77 4.24
N LYS F 506 -17.06 36.79 3.87
CA LYS F 506 -17.51 35.40 3.76
C LYS F 506 -16.34 34.45 3.99
N PRO F 507 -16.63 33.18 4.30
CA PRO F 507 -15.53 32.21 4.42
C PRO F 507 -14.86 31.93 3.08
N LYS F 508 -13.67 31.34 3.11
CA LYS F 508 -12.99 30.95 1.89
C LYS F 508 -13.12 29.44 1.66
N GLY F 509 -13.50 28.72 2.71
CA GLY F 509 -13.53 27.26 2.65
C GLY F 509 -12.12 26.74 2.48
N PHE F 510 -11.17 27.43 3.10
CA PHE F 510 -9.75 27.14 2.93
C PHE F 510 -9.37 25.78 3.51
N GLY F 511 -8.57 25.03 2.77
CA GLY F 511 -8.04 23.78 3.26
C GLY F 511 -8.58 22.53 2.57
N VAL F 512 -9.81 22.63 2.09
CA VAL F 512 -10.49 21.48 1.47
C VAL F 512 -9.73 20.92 0.28
N ARG F 513 -9.42 21.81 -0.67
CA ARG F 513 -8.72 21.40 -1.89
C ARG F 513 -7.29 20.97 -1.58
N LEU F 514 -6.69 21.60 -0.58
CA LEU F 514 -5.34 21.27 -0.16
C LEU F 514 -5.25 19.84 0.39
N LEU F 515 -6.17 19.51 1.29
CA LEU F 515 -6.18 18.20 1.93
C LEU F 515 -6.54 17.08 0.95
N THR F 516 -7.42 17.40 0.00
CA THR F 516 -7.84 16.40 -0.98
C THR F 516 -6.72 16.08 -1.95
N GLU F 517 -6.00 17.12 -2.37
CA GLU F 517 -4.82 16.93 -3.23
C GLU F 517 -3.75 16.13 -2.50
N PHE F 518 -3.67 16.30 -1.19
CA PHE F 518 -2.72 15.55 -0.37
C PHE F 518 -3.08 14.07 -0.34
N VAL F 519 -4.37 13.78 -0.15
CA VAL F 519 -4.86 12.41 -0.12
C VAL F 519 -4.74 11.75 -1.48
N LEU F 520 -5.12 12.49 -2.53
CA LEU F 520 -5.13 11.95 -3.88
C LEU F 520 -3.74 11.68 -4.44
N ASN F 521 -2.82 12.62 -4.22
CA ASN F 521 -1.46 12.49 -4.77
C ASN F 521 -0.50 11.78 -3.80
N ASP F 522 -1.05 10.98 -2.91
CA ASP F 522 -0.23 10.22 -1.97
C ASP F 522 -0.06 8.78 -2.42
N ALA G 4 48.66 -38.28 -42.06
CA ALA G 4 47.61 -38.63 -41.10
C ALA G 4 46.67 -37.46 -40.86
N SER G 5 45.44 -37.77 -40.47
CA SER G 5 44.45 -36.75 -40.18
C SER G 5 44.35 -36.48 -38.69
N GLU G 6 44.25 -35.21 -38.32
CA GLU G 6 44.14 -34.83 -36.91
C GLU G 6 42.72 -35.04 -36.40
N VAL G 7 42.58 -35.88 -35.38
CA VAL G 7 41.28 -36.21 -34.82
C VAL G 7 40.65 -35.03 -34.08
N PRO G 8 39.44 -34.64 -34.48
CA PRO G 8 38.71 -33.53 -33.85
C PRO G 8 38.31 -33.86 -32.41
N GLN G 9 38.16 -32.82 -31.59
CA GLN G 9 37.81 -32.99 -30.19
C GLN G 9 36.78 -31.96 -29.73
N VAL G 10 35.91 -32.37 -28.82
CA VAL G 10 34.98 -31.44 -28.18
C VAL G 10 35.63 -30.85 -26.94
N VAL G 11 36.29 -31.71 -26.16
CA VAL G 11 37.12 -31.28 -25.04
C VAL G 11 38.52 -31.86 -25.20
N SER G 12 39.48 -31.29 -24.51
CA SER G 12 40.87 -31.71 -24.65
C SER G 12 41.11 -33.13 -24.14
N LEU G 13 40.16 -33.63 -23.36
CA LEU G 13 40.28 -34.95 -22.76
C LEU G 13 39.83 -36.06 -23.73
N ASP G 14 39.23 -35.68 -24.84
CA ASP G 14 38.81 -36.64 -25.85
C ASP G 14 40.03 -37.32 -26.48
N PRO G 15 40.04 -38.66 -26.50
CA PRO G 15 41.14 -39.43 -27.07
C PRO G 15 41.29 -39.17 -28.57
N THR G 16 42.53 -39.21 -29.06
CA THR G 16 42.81 -38.90 -30.45
C THR G 16 43.42 -40.09 -31.20
N SER G 17 43.37 -41.26 -30.59
CA SER G 17 43.90 -42.47 -31.22
C SER G 17 43.39 -43.74 -30.55
N ILE G 18 43.35 -44.82 -31.32
CA ILE G 18 42.97 -46.13 -30.80
C ILE G 18 44.20 -46.82 -30.23
N PRO G 19 44.17 -47.17 -28.94
CA PRO G 19 45.28 -47.92 -28.35
C PRO G 19 45.39 -49.31 -28.95
N ILE G 20 46.54 -49.63 -29.54
CA ILE G 20 46.73 -50.93 -30.17
C ILE G 20 47.94 -51.65 -29.58
N GLU G 21 47.73 -52.90 -29.19
CA GLU G 21 48.83 -53.73 -28.69
C GLU G 21 49.30 -54.69 -29.78
N TYR G 22 50.45 -54.38 -30.38
CA TYR G 22 51.00 -55.21 -31.43
C TYR G 22 51.81 -56.36 -30.85
N ASN G 23 52.66 -56.05 -29.88
CA ASN G 23 53.46 -57.07 -29.21
C ASN G 23 52.75 -57.63 -27.99
N THR G 24 52.01 -58.72 -28.19
CA THR G 24 51.26 -59.35 -27.13
C THR G 24 52.08 -60.49 -26.49
N PRO G 25 51.79 -60.83 -25.23
CA PRO G 25 52.47 -61.92 -24.53
C PRO G 25 52.47 -63.24 -25.30
N ILE G 26 51.45 -63.45 -26.13
CA ILE G 26 51.36 -64.66 -26.94
C ILE G 26 52.54 -64.79 -27.89
N HIS G 27 52.97 -63.66 -28.45
CA HIS G 27 54.07 -63.64 -29.40
C HIS G 27 55.41 -64.00 -28.75
N ASP G 28 55.48 -63.87 -27.44
CA ASP G 28 56.71 -64.17 -26.72
C ASP G 28 56.78 -65.63 -26.29
N ILE G 29 55.69 -66.37 -26.53
CA ILE G 29 55.64 -67.78 -26.17
C ILE G 29 56.39 -68.63 -27.20
N LYS G 30 57.39 -69.36 -26.73
CA LYS G 30 58.12 -70.30 -27.58
C LYS G 30 57.36 -71.61 -27.69
N VAL G 31 57.08 -72.03 -28.92
CA VAL G 31 56.28 -73.23 -29.14
C VAL G 31 57.13 -74.38 -29.66
N GLN G 32 57.10 -75.50 -28.95
CA GLN G 32 57.83 -76.70 -29.34
C GLN G 32 56.86 -77.85 -29.61
N VAL G 33 57.03 -78.50 -30.76
CA VAL G 33 56.17 -79.62 -31.11
C VAL G 33 56.96 -80.93 -31.13
N TYR G 34 56.51 -81.90 -30.37
CA TYR G 34 57.19 -83.20 -30.29
C TYR G 34 56.30 -84.32 -30.80
N ASP G 35 56.93 -85.41 -31.25
CA ASP G 35 56.20 -86.59 -31.66
C ASP G 35 55.91 -87.45 -30.43
N ILE G 36 54.67 -87.93 -30.34
CA ILE G 36 54.23 -88.74 -29.21
C ILE G 36 55.02 -90.05 -29.13
N LYS G 37 55.46 -90.54 -30.28
CA LYS G 37 56.23 -91.78 -30.36
C LYS G 37 57.51 -91.75 -29.51
N GLY G 38 58.02 -90.55 -29.27
CA GLY G 38 59.23 -90.38 -28.49
C GLY G 38 59.01 -90.37 -26.99
N GLY G 39 57.74 -90.28 -26.58
CA GLY G 39 57.40 -90.22 -25.17
C GLY G 39 57.34 -88.80 -24.66
N CYS G 40 56.60 -88.60 -23.57
CA CYS G 40 56.40 -87.27 -23.01
C CYS G 40 57.32 -87.00 -21.82
N ASN G 41 57.92 -85.81 -21.81
CA ASN G 41 58.67 -85.36 -20.64
C ASN G 41 57.81 -84.45 -19.78
N VAL G 42 57.61 -84.85 -18.52
CA VAL G 42 56.79 -84.08 -17.60
C VAL G 42 57.64 -83.42 -16.54
N GLU G 43 57.99 -82.16 -16.76
CA GLU G 43 58.87 -81.45 -15.84
C GLU G 43 58.22 -80.16 -15.32
N GLU G 44 58.83 -79.02 -15.58
CA GLU G 44 58.33 -77.76 -15.04
C GLU G 44 56.98 -77.39 -15.63
N GLY G 45 56.25 -76.55 -14.90
CA GLY G 45 54.97 -76.05 -15.37
C GLY G 45 53.84 -77.05 -15.30
N LEU G 46 52.84 -76.87 -16.16
CA LEU G 46 51.66 -77.72 -16.16
C LEU G 46 51.59 -78.58 -17.43
N THR G 47 51.37 -79.87 -17.24
CA THR G 47 51.25 -80.81 -18.37
C THR G 47 49.84 -81.36 -18.47
N ILE G 48 49.17 -81.07 -19.58
CA ILE G 48 47.75 -81.43 -19.72
C ILE G 48 47.51 -82.42 -20.86
N PHE G 49 46.84 -83.53 -20.53
CA PHE G 49 46.51 -84.56 -21.50
C PHE G 49 45.09 -84.40 -22.02
N LEU G 50 44.94 -84.37 -23.35
CA LEU G 50 43.62 -84.33 -23.96
C LEU G 50 43.16 -85.73 -24.32
N VAL G 51 42.25 -86.29 -23.53
CA VAL G 51 41.82 -87.67 -23.73
C VAL G 51 40.31 -87.80 -23.94
N ASN G 52 39.90 -88.86 -24.61
CA ASN G 52 38.49 -89.18 -24.78
C ASN G 52 38.23 -90.68 -24.70
N ASN G 53 36.97 -91.07 -24.79
CA ASN G 53 36.59 -92.48 -24.80
C ASN G 53 35.44 -92.71 -25.76
N PRO G 54 35.77 -93.06 -27.02
CA PRO G 54 34.81 -93.18 -28.12
C PRO G 54 33.65 -94.13 -27.82
N GLY G 55 32.42 -93.64 -27.97
CA GLY G 55 31.24 -94.47 -27.80
C GLY G 55 30.78 -94.60 -26.36
N LYS G 56 31.68 -94.40 -25.42
CA LYS G 56 31.36 -94.50 -24.00
C LYS G 56 31.25 -93.14 -23.34
N GLU G 57 30.05 -92.58 -23.35
CA GLU G 57 29.81 -91.26 -22.77
C GLU G 57 30.09 -91.27 -21.27
N ASN G 58 30.81 -90.24 -20.81
CA ASN G 58 31.28 -90.14 -19.43
C ASN G 58 32.10 -91.35 -19.01
N GLY G 59 32.85 -91.91 -19.96
CA GLY G 59 33.67 -93.06 -19.70
C GLY G 59 34.93 -92.72 -18.93
N PRO G 60 35.68 -93.74 -18.48
CA PRO G 60 36.89 -93.56 -17.68
C PRO G 60 38.06 -92.99 -18.48
N VAL G 61 39.00 -92.37 -17.78
CA VAL G 61 40.19 -91.81 -18.41
C VAL G 61 41.30 -92.84 -18.53
N LYS G 62 41.90 -92.94 -19.71
CA LYS G 62 43.03 -93.82 -19.93
C LYS G 62 44.15 -93.11 -20.70
N ILE G 63 45.32 -93.04 -20.10
CA ILE G 63 46.47 -92.37 -20.72
C ILE G 63 47.25 -93.33 -21.60
N SER G 64 47.26 -93.06 -22.91
CA SER G 64 47.88 -93.95 -23.88
C SER G 64 49.34 -93.61 -24.12
N SER G 65 49.66 -92.32 -24.11
CA SER G 65 51.01 -91.85 -24.44
C SER G 65 52.06 -92.35 -23.45
N LYS G 66 53.24 -92.66 -23.97
CA LYS G 66 54.35 -93.06 -23.13
C LYS G 66 54.92 -91.86 -22.39
N VAL G 67 55.10 -91.99 -21.07
CA VAL G 67 55.71 -90.94 -20.28
C VAL G 67 57.10 -91.37 -19.83
N ASN G 68 58.11 -90.60 -20.22
CA ASN G 68 59.49 -90.95 -19.94
C ASN G 68 59.89 -90.70 -18.48
N ASP G 69 59.01 -91.10 -17.56
CA ASP G 69 59.27 -90.99 -16.14
C ASP G 69 58.52 -92.09 -15.40
N LYS G 70 59.26 -92.90 -14.64
CA LYS G 70 58.69 -94.05 -13.95
C LYS G 70 57.66 -93.63 -12.91
N GLN G 71 57.96 -92.56 -12.17
CA GLN G 71 57.07 -92.06 -11.13
C GLN G 71 55.77 -91.54 -11.73
N VAL G 72 55.87 -90.70 -12.74
CA VAL G 72 54.71 -90.10 -13.38
C VAL G 72 53.85 -91.14 -14.09
N SER G 73 54.51 -92.10 -14.73
CA SER G 73 53.80 -93.19 -15.42
C SER G 73 53.01 -94.05 -14.45
N GLU G 74 53.56 -94.25 -13.25
CA GLU G 74 52.89 -95.03 -12.22
C GLU G 74 51.65 -94.30 -11.72
N PHE G 75 51.76 -92.98 -11.59
CA PHE G 75 50.63 -92.15 -11.17
C PHE G 75 49.50 -92.23 -12.19
N LEU G 76 49.86 -92.21 -13.46
CA LEU G 76 48.88 -92.12 -14.54
C LEU G 76 48.44 -93.48 -15.06
N LYS G 77 48.71 -94.54 -14.30
CA LYS G 77 48.29 -95.87 -14.71
C LYS G 77 46.76 -95.97 -14.65
N ASP G 78 46.21 -96.90 -15.44
CA ASP G 78 44.77 -97.02 -15.60
C ASP G 78 44.01 -97.22 -14.29
N GLU G 79 44.63 -97.93 -13.36
CA GLU G 79 44.00 -98.20 -12.07
C GLU G 79 43.74 -96.90 -11.30
N ASN G 80 44.65 -95.94 -11.47
CA ASN G 80 44.53 -94.66 -10.78
C ASN G 80 43.65 -93.66 -11.53
N MET G 81 43.59 -93.80 -12.85
CA MET G 81 42.87 -92.85 -13.69
C MET G 81 41.40 -93.22 -13.89
N GLU G 82 41.03 -94.43 -13.48
CA GLU G 82 39.67 -94.93 -13.66
C GLU G 82 38.67 -94.08 -12.88
N LYS G 83 39.15 -93.43 -11.83
CA LYS G 83 38.34 -92.59 -10.96
C LYS G 83 37.77 -91.38 -11.68
N PHE G 84 38.49 -90.89 -12.69
CA PHE G 84 38.08 -89.68 -13.40
C PHE G 84 37.47 -90.02 -14.77
N ASN G 85 36.57 -89.16 -15.24
CA ASN G 85 35.88 -89.42 -16.51
C ASN G 85 36.21 -88.39 -17.59
N VAL G 86 35.83 -88.71 -18.83
CA VAL G 86 36.23 -87.93 -19.99
C VAL G 86 35.13 -86.97 -20.48
N LYS G 87 34.21 -86.64 -19.57
CA LYS G 87 33.15 -85.67 -19.85
C LYS G 87 33.70 -84.40 -20.49
N LEU G 88 33.06 -83.95 -21.57
CA LEU G 88 33.53 -82.77 -22.30
C LEU G 88 33.55 -81.53 -21.42
N GLY G 89 34.74 -80.99 -21.22
CA GLY G 89 34.91 -79.79 -20.42
C GLY G 89 35.46 -80.06 -19.03
N THR G 90 35.37 -81.32 -18.61
CA THR G 90 35.87 -81.71 -17.28
C THR G 90 37.39 -81.64 -17.23
N SER G 91 37.90 -81.07 -16.14
CA SER G 91 39.34 -80.96 -15.94
C SER G 91 39.73 -81.28 -14.50
N LYS G 92 40.92 -81.83 -14.32
CA LYS G 92 41.44 -82.14 -12.99
C LYS G 92 42.94 -81.90 -12.93
N HIS G 93 43.44 -81.52 -11.76
CA HIS G 93 44.86 -81.30 -11.56
C HIS G 93 45.49 -82.44 -10.75
N PHE G 94 46.70 -82.84 -11.13
CA PHE G 94 47.44 -83.87 -10.40
C PHE G 94 48.74 -83.29 -9.85
N TYR G 95 49.13 -83.73 -8.65
CA TYR G 95 50.40 -83.30 -8.05
C TYR G 95 51.22 -84.52 -7.62
N MET G 96 52.49 -84.54 -8.01
CA MET G 96 53.35 -85.68 -7.74
C MET G 96 54.83 -85.33 -7.86
N PHE G 97 55.69 -86.26 -7.47
CA PHE G 97 57.13 -86.11 -7.64
C PHE G 97 57.63 -87.05 -8.73
N ASN G 98 58.56 -86.56 -9.55
CA ASN G 98 59.10 -87.37 -10.64
C ASN G 98 60.36 -88.12 -10.24
N ASP G 99 61.05 -88.70 -11.23
CA ASP G 99 62.25 -89.50 -10.97
C ASP G 99 63.38 -88.67 -10.39
N ASN G 100 63.48 -87.41 -10.79
CA ASN G 100 64.52 -86.52 -10.27
C ASN G 100 64.11 -85.85 -8.97
N LYS G 101 63.12 -86.42 -8.29
CA LYS G 101 62.63 -85.92 -7.02
C LYS G 101 62.15 -84.46 -7.10
N ASN G 102 61.59 -84.10 -8.24
CA ASN G 102 61.02 -82.76 -8.42
C ASN G 102 59.49 -82.81 -8.45
N SER G 103 58.85 -81.81 -7.87
CA SER G 103 57.39 -81.73 -7.85
C SER G 103 56.88 -81.22 -9.19
N VAL G 104 55.97 -81.99 -9.80
CA VAL G 104 55.42 -81.61 -11.09
C VAL G 104 53.89 -81.53 -11.06
N ALA G 105 53.32 -80.78 -11.99
CA ALA G 105 51.88 -80.65 -12.11
C ALA G 105 51.39 -81.30 -13.40
N VAL G 106 50.45 -82.22 -13.26
CA VAL G 106 49.87 -82.91 -14.41
C VAL G 106 48.35 -82.79 -14.36
N GLY G 107 47.69 -82.91 -15.50
CA GLY G 107 46.24 -82.86 -15.54
C GLY G 107 45.69 -83.31 -16.86
N TYR G 108 44.37 -83.24 -17.00
CA TYR G 108 43.72 -83.62 -18.25
C TYR G 108 42.48 -82.79 -18.52
N VAL G 109 42.05 -82.78 -19.77
CA VAL G 109 40.78 -82.18 -20.15
C VAL G 109 39.96 -83.21 -20.93
N GLY G 110 38.74 -83.45 -20.46
CA GLY G 110 37.85 -84.40 -21.12
C GLY G 110 37.38 -83.89 -22.47
N CYS G 111 37.52 -84.71 -23.50
CA CYS G 111 37.12 -84.33 -24.84
C CYS G 111 35.90 -85.11 -25.32
N GLY G 112 35.10 -85.58 -24.37
CA GLY G 112 33.86 -86.26 -24.68
C GLY G 112 34.03 -87.69 -25.15
N SER G 113 33.04 -88.17 -25.92
CA SER G 113 33.04 -89.54 -26.40
C SER G 113 32.86 -89.61 -27.92
N VAL G 114 32.77 -88.46 -28.56
CA VAL G 114 32.70 -88.41 -30.01
C VAL G 114 34.11 -88.27 -30.59
N ALA G 115 34.41 -89.09 -31.59
CA ALA G 115 35.76 -89.17 -32.13
C ALA G 115 36.17 -87.91 -32.88
N ASP G 116 35.21 -87.27 -33.53
CA ASP G 116 35.49 -86.05 -34.29
C ASP G 116 34.93 -84.83 -33.59
N LEU G 117 35.80 -84.08 -32.92
CA LEU G 117 35.40 -82.85 -32.25
C LEU G 117 35.01 -81.77 -33.25
N SER G 118 33.87 -81.14 -33.02
CA SER G 118 33.46 -79.99 -33.83
C SER G 118 34.24 -78.76 -33.37
N GLU G 119 34.15 -77.67 -34.11
CA GLU G 119 34.85 -76.44 -33.75
C GLU G 119 34.26 -75.85 -32.48
N ALA G 120 33.00 -76.20 -32.20
CA ALA G 120 32.33 -75.74 -30.98
C ALA G 120 32.77 -76.58 -29.79
N ASP G 121 32.95 -77.88 -30.03
CA ASP G 121 33.45 -78.79 -28.99
C ASP G 121 34.87 -78.42 -28.61
N MET G 122 35.69 -78.16 -29.62
CA MET G 122 37.09 -77.79 -29.42
C MET G 122 37.23 -76.52 -28.60
N LYS G 123 36.30 -75.58 -28.78
CA LYS G 123 36.35 -74.32 -28.05
C LYS G 123 36.03 -74.55 -26.58
N ARG G 124 35.16 -75.50 -26.29
CA ARG G 124 34.86 -75.87 -24.92
C ARG G 124 36.07 -76.52 -24.26
N VAL G 125 36.77 -77.34 -25.03
CA VAL G 125 38.01 -77.96 -24.56
C VAL G 125 39.03 -76.89 -24.21
N VAL G 126 39.19 -75.94 -25.12
CA VAL G 126 40.12 -74.83 -24.94
C VAL G 126 39.74 -73.96 -23.75
N LEU G 127 38.46 -73.65 -23.64
CA LEU G 127 37.97 -72.83 -22.52
C LEU G 127 38.26 -73.49 -21.18
N SER G 128 38.18 -74.82 -21.14
CA SER G 128 38.53 -75.56 -19.93
C SER G 128 40.03 -75.49 -19.68
N LEU G 129 40.80 -75.50 -20.77
CA LEU G 129 42.26 -75.43 -20.67
C LEU G 129 42.70 -74.05 -20.21
N VAL G 130 41.99 -73.02 -20.64
CA VAL G 130 42.33 -71.64 -20.28
C VAL G 130 42.07 -71.39 -18.79
N THR G 131 41.01 -71.99 -18.24
CA THR G 131 40.71 -71.86 -16.82
C THR G 131 41.83 -72.43 -15.96
N MET G 132 42.52 -73.44 -16.49
CA MET G 132 43.65 -74.04 -15.78
C MET G 132 44.87 -73.14 -15.87
N LEU G 133 44.89 -72.28 -16.89
CA LEU G 133 45.99 -71.33 -17.06
C LEU G 133 45.77 -70.08 -16.21
N HIS G 134 44.51 -69.68 -16.07
CA HIS G 134 44.16 -68.52 -15.27
C HIS G 134 44.34 -68.78 -13.79
N ASP G 135 44.66 -67.73 -13.04
CA ASP G 135 44.85 -67.79 -11.59
C ASP G 135 45.92 -68.81 -11.18
N ASN G 136 46.85 -69.07 -12.09
CA ASN G 136 48.01 -69.90 -11.81
C ASN G 136 49.24 -69.29 -12.49
N LYS G 137 50.29 -69.05 -11.71
CA LYS G 137 51.47 -68.38 -12.24
C LYS G 137 52.47 -69.37 -12.83
N LEU G 138 52.06 -70.06 -13.89
CA LEU G 138 52.90 -71.05 -14.56
C LEU G 138 53.89 -70.40 -15.50
N SER G 139 54.96 -71.11 -15.82
CA SER G 139 55.95 -70.62 -16.76
C SER G 139 55.89 -71.39 -18.08
N LYS G 140 55.37 -72.62 -18.00
CA LYS G 140 55.28 -73.48 -19.16
C LYS G 140 54.02 -74.35 -19.15
N LEU G 141 53.38 -74.46 -20.31
CA LEU G 141 52.25 -75.36 -20.49
C LEU G 141 52.60 -76.43 -21.52
N THR G 142 52.27 -77.68 -21.22
CA THR G 142 52.53 -78.78 -22.13
C THR G 142 51.24 -79.52 -22.45
N VAL G 143 50.94 -79.67 -23.74
CA VAL G 143 49.69 -80.29 -24.16
C VAL G 143 49.94 -81.59 -24.94
N VAL G 144 49.36 -82.68 -24.47
CA VAL G 144 49.49 -83.98 -25.12
C VAL G 144 48.20 -84.40 -25.79
N PHE G 145 48.21 -84.48 -27.12
CA PHE G 145 47.03 -84.83 -27.89
C PHE G 145 46.80 -86.34 -27.95
N GLU G 146 45.92 -86.85 -27.09
CA GLU G 146 45.51 -88.25 -27.18
C GLU G 146 44.18 -88.35 -27.90
N ILE G 147 43.91 -87.37 -28.75
CA ILE G 147 42.74 -87.36 -29.62
C ILE G 147 43.20 -87.15 -31.05
N ASN G 148 42.36 -87.54 -32.02
CA ASN G 148 42.71 -87.37 -33.42
C ASN G 148 42.14 -86.07 -33.99
N VAL G 149 43.03 -85.22 -34.46
CA VAL G 149 42.65 -83.94 -35.06
C VAL G 149 43.44 -83.73 -36.35
N ASP G 150 42.82 -83.10 -37.35
CA ASP G 150 43.54 -82.79 -38.57
C ASP G 150 44.28 -81.47 -38.43
N LYS G 151 45.05 -81.11 -39.45
CA LYS G 151 45.90 -79.93 -39.41
C LYS G 151 45.09 -78.64 -39.17
N ASN G 152 43.91 -78.55 -39.79
CA ASN G 152 43.06 -77.38 -39.62
C ASN G 152 42.52 -77.25 -38.21
N LEU G 153 42.09 -78.38 -37.64
CA LEU G 153 41.52 -78.38 -36.29
C LEU G 153 42.63 -78.20 -35.25
N PHE G 154 43.81 -78.71 -35.56
CA PHE G 154 44.96 -78.51 -34.67
C PHE G 154 45.34 -77.04 -34.61
N ARG G 155 45.26 -76.38 -35.76
CA ARG G 155 45.56 -74.95 -35.84
C ARG G 155 44.49 -74.15 -35.10
N PHE G 156 43.23 -74.55 -35.26
CA PHE G 156 42.12 -73.89 -34.59
C PHE G 156 42.26 -73.98 -33.07
N PHE G 157 42.86 -75.06 -32.60
CA PHE G 157 43.13 -75.23 -31.18
C PHE G 157 44.10 -74.15 -30.70
N LEU G 158 45.21 -73.99 -31.41
CA LEU G 158 46.23 -73.02 -31.05
C LEU G 158 45.70 -71.59 -31.14
N GLU G 159 44.97 -71.29 -32.22
CA GLU G 159 44.36 -69.98 -32.40
C GLU G 159 43.43 -69.61 -31.25
N THR G 160 42.52 -70.52 -30.93
CA THR G 160 41.54 -70.29 -29.88
C THR G 160 42.20 -70.25 -28.51
N LEU G 161 43.19 -71.13 -28.29
CA LEU G 161 43.93 -71.13 -27.04
C LEU G 161 44.61 -69.78 -26.84
N PHE G 162 45.34 -69.34 -27.86
CA PHE G 162 46.00 -68.04 -27.83
C PHE G 162 44.99 -66.92 -27.61
N TYR G 163 43.87 -66.99 -28.33
CA TYR G 163 42.87 -65.93 -28.30
C TYR G 163 42.21 -65.78 -26.93
N GLU G 164 41.81 -66.89 -26.32
CA GLU G 164 41.12 -66.86 -25.04
C GLU G 164 42.08 -66.57 -23.90
N TYR G 165 43.32 -67.03 -24.04
CA TYR G 165 44.36 -66.82 -23.04
C TYR G 165 44.62 -65.34 -22.82
N MET G 166 44.61 -64.58 -23.92
CA MET G 166 44.93 -63.15 -23.89
C MET G 166 43.84 -62.35 -23.17
N THR G 167 44.26 -61.29 -22.49
CA THR G 167 43.33 -60.39 -21.81
C THR G 167 43.58 -58.93 -22.21
N ASP G 168 42.53 -58.25 -22.63
CA ASP G 168 42.63 -56.87 -23.09
C ASP G 168 42.53 -55.90 -21.92
N GLU G 169 43.63 -55.20 -21.61
CA GLU G 169 43.66 -54.28 -20.50
C GLU G 169 44.00 -52.85 -20.91
N ARG G 170 43.76 -52.53 -22.18
CA ARG G 170 44.09 -51.21 -22.70
C ARG G 170 43.33 -50.08 -21.99
N PHE G 171 42.14 -50.40 -21.49
CA PHE G 171 41.29 -49.39 -20.89
C PHE G 171 41.17 -49.56 -19.39
N LYS G 172 41.91 -50.53 -18.85
CA LYS G 172 42.03 -50.68 -17.41
C LYS G 172 43.02 -49.63 -16.88
N SER G 173 42.78 -49.15 -15.67
CA SER G 173 43.67 -48.15 -15.07
C SER G 173 43.97 -48.49 -13.62
N THR G 174 42.98 -48.28 -12.75
CA THR G 174 43.14 -48.56 -11.34
C THR G 174 42.68 -49.98 -11.00
N ASP G 175 42.26 -50.71 -12.02
CA ASP G 175 41.76 -52.07 -11.83
C ASP G 175 42.54 -53.06 -12.69
N LYS G 176 43.83 -52.81 -12.84
CA LYS G 176 44.70 -53.73 -13.56
C LYS G 176 44.91 -55.00 -12.75
N ASN G 177 44.80 -56.15 -13.40
CA ASN G 177 44.99 -57.43 -12.73
C ASN G 177 46.43 -57.57 -12.24
N VAL G 178 46.59 -57.67 -10.93
CA VAL G 178 47.91 -57.69 -10.31
C VAL G 178 48.64 -59.02 -10.50
N ASN G 179 47.92 -60.05 -10.95
CA ASN G 179 48.49 -61.39 -11.03
C ASN G 179 48.68 -61.90 -12.46
N MET G 180 48.33 -61.08 -13.44
CA MET G 180 48.44 -61.48 -14.85
C MET G 180 49.87 -61.85 -15.22
N GLU G 181 50.12 -63.14 -15.43
CA GLU G 181 51.44 -63.63 -15.76
C GLU G 181 51.36 -64.77 -16.77
N TYR G 182 51.56 -64.45 -18.04
CA TYR G 182 51.45 -65.43 -19.12
C TYR G 182 52.62 -66.40 -19.12
N ILE G 183 52.39 -67.60 -19.66
CA ILE G 183 53.45 -68.58 -19.83
C ILE G 183 54.43 -68.10 -20.88
N LYS G 184 55.64 -68.65 -20.86
CA LYS G 184 56.67 -68.27 -21.81
C LYS G 184 57.01 -69.43 -22.74
N HIS G 185 56.49 -70.61 -22.42
CA HIS G 185 56.76 -71.80 -23.21
C HIS G 185 55.51 -72.65 -23.41
N LEU G 186 55.35 -73.17 -24.62
CA LEU G 186 54.26 -74.08 -24.92
C LEU G 186 54.76 -75.35 -25.62
N GLY G 187 54.62 -76.49 -24.95
CA GLY G 187 55.02 -77.76 -25.51
C GLY G 187 53.83 -78.54 -26.04
N VAL G 188 53.99 -79.13 -27.22
CA VAL G 188 52.91 -79.91 -27.83
C VAL G 188 53.39 -81.29 -28.25
N TYR G 189 52.81 -82.32 -27.63
CA TYR G 189 53.06 -83.70 -28.02
C TYR G 189 51.91 -84.23 -28.87
N ILE G 190 52.22 -84.70 -30.07
CA ILE G 190 51.18 -85.16 -30.99
C ILE G 190 51.73 -86.18 -31.99
N ASN G 191 50.88 -87.06 -32.48
CA ASN G 191 51.28 -88.07 -33.46
C ASN G 191 51.57 -87.45 -34.82
N ASN G 192 52.62 -87.94 -35.47
CA ASN G 192 53.09 -87.41 -36.76
C ASN G 192 53.31 -85.91 -36.69
N ALA G 193 54.16 -85.50 -35.75
CA ALA G 193 54.33 -84.09 -35.40
C ALA G 193 54.84 -83.22 -36.54
N ASP G 194 55.65 -83.80 -37.43
CA ASP G 194 56.25 -83.03 -38.52
C ASP G 194 55.22 -82.39 -39.44
N THR G 195 54.06 -83.01 -39.56
CA THR G 195 52.99 -82.48 -40.41
C THR G 195 52.24 -81.35 -39.75
N TYR G 196 52.32 -81.28 -38.42
CA TYR G 196 51.59 -80.26 -37.66
C TYR G 196 52.45 -79.05 -37.32
N LYS G 197 53.77 -79.18 -37.48
CA LYS G 197 54.69 -78.10 -37.17
C LYS G 197 54.44 -76.87 -38.02
N GLU G 198 54.05 -77.08 -39.27
CA GLU G 198 53.82 -75.98 -40.20
C GLU G 198 52.62 -75.11 -39.80
N GLU G 199 51.73 -75.67 -39.00
CA GLU G 199 50.51 -74.99 -38.60
C GLU G 199 50.71 -73.96 -37.50
N VAL G 200 51.84 -74.07 -36.79
CA VAL G 200 52.06 -73.28 -35.58
C VAL G 200 52.11 -71.77 -35.82
N GLU G 201 53.02 -71.32 -36.68
CA GLU G 201 53.16 -69.90 -36.95
C GLU G 201 51.98 -69.36 -37.74
N LYS G 202 51.33 -70.23 -38.51
CA LYS G 202 50.10 -69.87 -39.20
C LYS G 202 49.01 -69.57 -38.17
N ALA G 203 49.01 -70.35 -37.10
CA ALA G 203 48.08 -70.16 -36.00
C ALA G 203 48.37 -68.85 -35.27
N ARG G 204 49.65 -68.54 -35.11
CA ARG G 204 50.06 -67.33 -34.40
C ARG G 204 49.67 -66.07 -35.18
N VAL G 205 49.73 -66.15 -36.50
CA VAL G 205 49.37 -65.02 -37.36
C VAL G 205 47.86 -64.86 -37.42
N TYR G 206 47.15 -65.98 -37.63
CA TYR G 206 45.69 -65.97 -37.61
C TYR G 206 45.18 -65.45 -36.27
N TYR G 207 45.90 -65.81 -35.22
CA TYR G 207 45.57 -65.34 -33.87
C TYR G 207 45.51 -63.82 -33.79
N PHE G 208 46.64 -63.16 -34.08
CA PHE G 208 46.73 -61.72 -33.90
C PHE G 208 45.83 -60.96 -34.86
N GLY G 209 45.61 -61.53 -36.05
CA GLY G 209 44.69 -60.94 -37.00
C GLY G 209 43.30 -60.85 -36.39
N THR G 210 42.92 -61.91 -35.68
CA THR G 210 41.65 -61.95 -34.98
C THR G 210 41.66 -61.00 -33.78
N TYR G 211 42.77 -61.00 -33.05
CA TYR G 211 42.88 -60.15 -31.85
C TYR G 211 42.99 -58.68 -32.21
N TYR G 212 43.67 -58.38 -33.32
CA TYR G 212 43.75 -57.01 -33.81
C TYR G 212 42.36 -56.50 -34.15
N ALA G 213 41.57 -57.36 -34.81
CA ALA G 213 40.19 -57.03 -35.12
C ALA G 213 39.40 -56.85 -33.83
N SER G 214 39.64 -57.72 -32.87
CA SER G 214 38.98 -57.67 -31.57
C SER G 214 39.28 -56.36 -30.84
N GLN G 215 40.52 -55.90 -30.92
CA GLN G 215 40.91 -54.65 -30.27
C GLN G 215 40.17 -53.46 -30.87
N LEU G 216 40.02 -53.46 -32.19
CA LEU G 216 39.32 -52.39 -32.89
C LEU G 216 37.84 -52.37 -32.55
N ILE G 217 37.21 -53.55 -32.53
CA ILE G 217 35.79 -53.66 -32.21
C ILE G 217 35.52 -53.25 -30.77
N ALA G 218 36.33 -53.77 -29.85
CA ALA G 218 36.15 -53.51 -28.43
C ALA G 218 36.43 -52.04 -28.07
N ALA G 219 37.23 -51.38 -28.90
CA ALA G 219 37.52 -49.97 -28.70
C ALA G 219 36.26 -49.14 -28.84
N PRO G 220 35.95 -48.33 -27.82
CA PRO G 220 34.73 -47.50 -27.77
C PRO G 220 34.72 -46.44 -28.86
N SER G 221 33.56 -45.84 -29.09
CA SER G 221 33.38 -44.93 -30.22
C SER G 221 34.01 -43.56 -30.00
N ASN G 222 34.33 -43.23 -28.75
CA ASN G 222 35.06 -42.00 -28.48
C ASN G 222 36.54 -42.19 -28.78
N TYR G 223 37.00 -43.44 -28.66
CA TYR G 223 38.35 -43.82 -29.05
C TYR G 223 38.40 -44.15 -30.54
N CYS G 224 37.52 -45.06 -30.95
CA CYS G 224 37.49 -45.52 -32.34
C CYS G 224 36.45 -44.76 -33.16
N ASN G 225 36.91 -43.79 -33.93
CA ASN G 225 36.07 -42.98 -34.79
C ASN G 225 36.57 -43.10 -36.23
N PRO G 226 35.80 -42.59 -37.22
CA PRO G 226 36.23 -42.70 -38.61
C PRO G 226 37.66 -42.20 -38.88
N VAL G 227 38.08 -41.17 -38.16
CA VAL G 227 39.42 -40.63 -38.35
C VAL G 227 40.48 -41.50 -37.68
N SER G 228 40.24 -41.87 -36.44
CA SER G 228 41.20 -42.67 -35.67
C SER G 228 41.29 -44.10 -36.20
N LEU G 229 40.18 -44.60 -36.73
CA LEU G 229 40.17 -45.94 -37.31
C LEU G 229 40.94 -45.97 -38.63
N SER G 230 40.80 -44.90 -39.40
CA SER G 230 41.53 -44.78 -40.65
C SER G 230 43.02 -44.56 -40.38
N ASN G 231 43.31 -43.79 -39.33
CA ASN G 231 44.70 -43.57 -38.91
C ASN G 231 45.37 -44.87 -38.51
N ALA G 232 44.62 -45.75 -37.86
CA ALA G 232 45.13 -47.05 -37.45
C ALA G 232 45.36 -47.94 -38.66
N ALA G 233 44.50 -47.81 -39.66
CA ALA G 233 44.62 -48.57 -40.90
C ALA G 233 45.89 -48.16 -41.64
N VAL G 234 46.18 -46.87 -41.64
CA VAL G 234 47.39 -46.34 -42.25
C VAL G 234 48.62 -46.88 -41.54
N GLU G 235 48.60 -46.84 -40.21
CA GLU G 235 49.71 -47.34 -39.39
C GLU G 235 49.98 -48.82 -39.68
N LEU G 236 48.90 -49.59 -39.81
CA LEU G 236 49.03 -51.02 -40.08
C LEU G 236 49.63 -51.27 -41.46
N ALA G 237 49.19 -50.51 -42.45
CA ALA G 237 49.70 -50.62 -43.81
C ALA G 237 51.18 -50.27 -43.85
N GLN G 238 51.57 -49.27 -43.07
CA GLN G 238 52.96 -48.86 -42.99
C GLN G 238 53.84 -49.94 -42.36
N LYS G 239 53.29 -50.65 -41.38
CA LYS G 239 54.00 -51.73 -40.73
C LYS G 239 54.08 -52.97 -41.62
N LEU G 240 53.12 -53.12 -42.52
CA LEU G 240 53.03 -54.31 -43.36
C LEU G 240 53.50 -54.05 -44.79
N ASN G 241 53.94 -52.81 -45.04
CA ASN G 241 54.36 -52.39 -46.38
C ASN G 241 53.26 -52.60 -47.42
N LEU G 242 52.03 -52.26 -47.04
CA LEU G 242 50.91 -52.31 -47.96
C LEU G 242 50.70 -50.95 -48.62
N GLU G 243 50.30 -50.95 -49.88
CA GLU G 243 49.88 -49.71 -50.52
C GLU G 243 48.59 -49.24 -49.87
N TYR G 244 48.47 -47.95 -49.61
CA TYR G 244 47.27 -47.42 -49.00
C TYR G 244 46.88 -46.04 -49.51
N LYS G 245 45.59 -45.77 -49.45
CA LYS G 245 45.07 -44.42 -49.67
C LYS G 245 43.82 -44.23 -48.82
N ILE G 246 43.70 -43.07 -48.20
CA ILE G 246 42.51 -42.72 -47.45
C ILE G 246 41.79 -41.56 -48.12
N LEU G 247 40.60 -41.83 -48.63
CA LEU G 247 39.84 -40.81 -49.34
C LEU G 247 39.04 -39.94 -48.38
N GLY G 248 39.21 -38.63 -48.51
CA GLY G 248 38.48 -37.69 -47.68
C GLY G 248 37.21 -37.22 -48.36
N VAL G 249 36.50 -36.29 -47.72
CA VAL G 249 35.22 -35.80 -48.22
C VAL G 249 35.32 -35.24 -49.63
N LYS G 250 36.36 -34.44 -49.88
CA LYS G 250 36.55 -33.80 -51.18
C LYS G 250 36.62 -34.82 -52.31
N GLU G 251 37.35 -35.91 -52.07
CA GLU G 251 37.51 -36.96 -53.07
C GLU G 251 36.24 -37.80 -53.19
N LEU G 252 35.55 -37.99 -52.08
CA LEU G 252 34.31 -38.75 -52.06
C LEU G 252 33.20 -37.96 -52.75
N GLU G 253 33.20 -36.65 -52.57
CA GLU G 253 32.25 -35.77 -53.26
C GLU G 253 32.49 -35.84 -54.77
N GLU G 254 33.76 -35.89 -55.16
CA GLU G 254 34.13 -35.92 -56.56
C GLU G 254 33.75 -37.25 -57.20
N LEU G 255 33.82 -38.32 -56.41
CA LEU G 255 33.40 -39.64 -56.88
C LEU G 255 31.89 -39.80 -56.74
N LYS G 256 31.25 -38.76 -56.22
CA LYS G 256 29.80 -38.68 -56.14
C LYS G 256 29.18 -39.80 -55.31
N MET G 257 29.84 -40.17 -54.22
CA MET G 257 29.33 -41.18 -53.31
C MET G 257 28.28 -40.57 -52.37
N GLY G 258 27.11 -40.25 -52.91
CA GLY G 258 26.08 -39.58 -52.15
C GLY G 258 25.46 -40.44 -51.06
N ALA G 259 25.37 -41.74 -51.30
CA ALA G 259 24.78 -42.66 -50.33
C ALA G 259 25.66 -42.75 -49.09
N TYR G 260 26.96 -42.94 -49.31
CA TYR G 260 27.93 -43.04 -48.23
C TYR G 260 28.08 -41.71 -47.49
N LEU G 261 28.12 -40.60 -48.25
CA LEU G 261 28.29 -39.28 -47.65
C LEU G 261 27.08 -38.84 -46.83
N SER G 262 25.88 -39.24 -47.25
CA SER G 262 24.66 -38.83 -46.58
C SER G 262 24.57 -39.38 -45.16
N VAL G 263 25.06 -40.61 -44.98
CA VAL G 263 25.05 -41.26 -43.67
C VAL G 263 25.89 -40.49 -42.65
N GLY G 264 27.06 -40.04 -43.07
CA GLY G 264 28.00 -39.38 -42.17
C GLY G 264 27.79 -37.89 -42.01
N LYS G 265 26.76 -37.35 -42.66
CA LYS G 265 26.49 -35.91 -42.62
C LYS G 265 26.34 -35.37 -41.20
N GLY G 266 25.71 -36.15 -40.33
CA GLY G 266 25.41 -35.70 -38.99
C GLY G 266 26.50 -35.97 -37.96
N SER G 267 27.68 -36.37 -38.44
CA SER G 267 28.78 -36.71 -37.54
C SER G 267 29.82 -35.60 -37.46
N MET G 268 30.52 -35.52 -36.34
CA MET G 268 31.60 -34.56 -36.16
C MET G 268 32.88 -35.08 -36.80
N TYR G 269 32.91 -36.38 -37.08
CA TYR G 269 34.06 -37.00 -37.72
C TYR G 269 33.84 -37.11 -39.22
N PRO G 270 34.77 -36.55 -40.01
CA PRO G 270 34.66 -36.58 -41.48
C PRO G 270 34.72 -38.00 -42.02
N ASN G 271 34.01 -38.25 -43.12
CA ASN G 271 34.03 -39.56 -43.75
C ASN G 271 35.43 -39.92 -44.24
N LYS G 272 35.86 -41.14 -43.95
CA LYS G 272 37.16 -41.62 -44.39
C LYS G 272 37.01 -42.97 -45.09
N PHE G 273 37.41 -43.03 -46.35
CA PHE G 273 37.34 -44.27 -47.11
C PHE G 273 38.69 -44.98 -47.09
N ILE G 274 38.72 -46.16 -46.49
CA ILE G 274 39.96 -46.92 -46.37
C ILE G 274 40.17 -47.82 -47.59
N HIS G 275 41.35 -47.68 -48.22
CA HIS G 275 41.72 -48.51 -49.35
C HIS G 275 43.14 -49.03 -49.20
N LEU G 276 43.25 -50.29 -48.76
CA LEU G 276 44.55 -50.95 -48.65
C LEU G 276 44.71 -51.93 -49.81
N THR G 277 45.95 -52.17 -50.22
CA THR G 277 46.21 -53.06 -51.34
C THR G 277 47.44 -53.94 -51.09
N TYR G 278 47.29 -55.23 -51.34
CA TYR G 278 48.42 -56.15 -51.36
C TYR G 278 48.59 -56.72 -52.76
N LYS G 279 49.79 -56.60 -53.31
CA LYS G 279 50.08 -57.19 -54.61
C LYS G 279 51.33 -58.06 -54.54
N SER G 280 51.25 -59.23 -55.18
CA SER G 280 52.36 -60.17 -55.17
C SER G 280 53.49 -59.68 -56.08
N LYS G 281 54.70 -60.18 -55.84
CA LYS G 281 55.87 -59.78 -56.63
C LYS G 281 55.95 -60.60 -57.91
N GLY G 282 54.98 -61.48 -58.12
CA GLY G 282 54.91 -62.29 -59.32
C GLY G 282 53.64 -62.01 -60.11
N ASP G 283 53.44 -62.78 -61.18
CA ASP G 283 52.28 -62.60 -62.05
C ASP G 283 50.96 -62.73 -61.30
N VAL G 284 50.16 -61.66 -61.35
CA VAL G 284 48.87 -61.65 -60.65
C VAL G 284 47.81 -62.38 -61.47
N LYS G 285 47.22 -63.41 -60.88
CA LYS G 285 46.26 -64.25 -61.57
C LYS G 285 44.83 -64.04 -61.08
N LYS G 286 44.69 -63.57 -59.85
CA LYS G 286 43.37 -63.34 -59.27
C LYS G 286 43.29 -61.98 -58.57
N LYS G 287 42.20 -61.27 -58.82
CA LYS G 287 41.98 -59.96 -58.21
C LYS G 287 40.79 -60.02 -57.27
N ILE G 288 41.00 -59.61 -56.03
CA ILE G 288 39.97 -59.74 -54.99
C ILE G 288 39.74 -58.43 -54.25
N ALA G 289 38.47 -58.09 -54.06
CA ALA G 289 38.10 -56.91 -53.27
C ALA G 289 37.33 -57.34 -52.02
N LEU G 290 37.85 -56.96 -50.86
CA LEU G 290 37.21 -57.26 -49.59
C LEU G 290 36.65 -56.00 -48.94
N VAL G 291 35.33 -55.94 -48.85
CA VAL G 291 34.67 -54.74 -48.35
C VAL G 291 34.09 -54.95 -46.96
N GLY G 292 34.45 -54.07 -46.03
CA GLY G 292 33.94 -54.17 -44.68
C GLY G 292 33.12 -52.97 -44.28
N LYS G 293 32.00 -53.22 -43.61
CA LYS G 293 31.14 -52.15 -43.10
C LYS G 293 31.80 -51.47 -41.91
N GLY G 294 31.93 -50.15 -41.97
CA GLY G 294 32.64 -49.42 -40.94
C GLY G 294 31.87 -48.30 -40.31
N ILE G 295 30.81 -48.64 -39.57
CA ILE G 295 30.10 -47.65 -38.78
C ILE G 295 30.63 -47.64 -37.35
N THR G 296 31.40 -46.61 -37.02
CA THR G 296 32.08 -46.54 -35.74
C THR G 296 31.10 -46.43 -34.58
N PHE G 297 29.96 -45.79 -34.83
CA PHE G 297 28.84 -45.86 -33.90
C PHE G 297 27.50 -45.73 -34.63
N ASP G 298 26.58 -46.62 -34.29
CA ASP G 298 25.26 -46.63 -34.91
C ASP G 298 24.20 -46.21 -33.90
N SER G 299 23.92 -44.91 -33.84
CA SER G 299 22.86 -44.41 -32.98
C SER G 299 21.51 -44.66 -33.65
N GLY G 300 21.56 -44.89 -34.96
CA GLY G 300 20.36 -45.12 -35.75
C GLY G 300 19.94 -43.89 -36.51
N GLY G 301 20.52 -42.74 -36.14
CA GLY G 301 20.12 -41.48 -36.72
C GLY G 301 18.77 -41.05 -36.16
N TYR G 302 17.99 -40.34 -36.98
CA TYR G 302 16.67 -39.88 -36.53
C TYR G 302 15.72 -41.06 -36.29
N ASN G 303 16.03 -42.20 -36.91
CA ASN G 303 15.42 -43.46 -36.51
C ASN G 303 16.21 -44.03 -35.34
N LEU G 304 16.21 -43.28 -34.23
CA LEU G 304 17.01 -43.61 -33.07
C LEU G 304 16.72 -45.01 -32.53
N LYS G 305 17.78 -45.69 -32.10
CA LYS G 305 17.63 -46.98 -31.43
C LYS G 305 17.13 -46.76 -30.01
N ALA G 306 15.81 -46.66 -29.85
CA ALA G 306 15.20 -46.40 -28.55
C ALA G 306 14.30 -47.54 -28.12
N ALA G 307 13.93 -48.39 -29.08
CA ALA G 307 13.10 -49.55 -28.80
C ALA G 307 13.87 -50.57 -27.94
N PRO G 308 13.15 -51.33 -27.10
CA PRO G 308 13.80 -52.36 -26.28
C PRO G 308 14.49 -53.42 -27.14
N GLY G 309 15.73 -53.76 -26.80
CA GLY G 309 16.46 -54.77 -27.52
C GLY G 309 17.24 -54.23 -28.70
N SER G 310 17.31 -52.91 -28.81
CA SER G 310 18.02 -52.26 -29.92
C SER G 310 19.53 -52.21 -29.68
N MET G 311 19.93 -52.46 -28.43
CA MET G 311 21.34 -52.62 -28.07
C MET G 311 22.23 -51.45 -28.49
N ILE G 312 21.80 -50.23 -28.16
CA ILE G 312 22.53 -49.03 -28.58
C ILE G 312 23.86 -48.91 -27.83
N ASP G 313 23.96 -49.54 -26.67
CA ASP G 313 25.19 -49.50 -25.88
C ASP G 313 26.24 -50.42 -26.48
N LEU G 314 25.83 -51.21 -27.46
CA LEU G 314 26.70 -52.21 -28.06
C LEU G 314 27.12 -51.83 -29.48
N MET G 315 26.65 -50.67 -29.95
CA MET G 315 26.79 -50.32 -31.36
C MET G 315 28.17 -49.80 -31.77
N LYS G 316 29.16 -49.90 -30.87
CA LYS G 316 30.54 -49.67 -31.27
C LYS G 316 30.99 -50.87 -32.10
N PHE G 317 30.24 -51.95 -31.94
CA PHE G 317 30.43 -53.24 -32.61
C PHE G 317 30.14 -53.17 -34.11
N ASP G 318 29.65 -52.01 -34.56
CA ASP G 318 29.14 -51.87 -35.92
C ASP G 318 30.20 -51.63 -37.00
N MET G 319 31.48 -51.66 -36.62
CA MET G 319 32.55 -51.58 -37.61
C MET G 319 33.28 -52.92 -37.69
N SER G 320 32.62 -53.97 -37.21
CA SER G 320 33.20 -55.31 -37.13
C SER G 320 33.61 -55.86 -38.49
N GLY G 321 32.86 -55.51 -39.53
CA GLY G 321 33.18 -55.95 -40.88
C GLY G 321 34.50 -55.34 -41.33
N CYS G 322 34.66 -54.06 -41.04
CA CYS G 322 35.90 -53.35 -41.31
C CYS G 322 37.06 -53.96 -40.53
N ALA G 323 36.76 -54.36 -39.29
CA ALA G 323 37.77 -54.96 -38.42
C ALA G 323 38.23 -56.31 -38.98
N ALA G 324 37.28 -57.07 -39.52
CA ALA G 324 37.60 -58.37 -40.10
C ALA G 324 38.46 -58.20 -41.34
N VAL G 325 38.21 -57.10 -42.07
CA VAL G 325 38.95 -56.80 -43.28
C VAL G 325 40.39 -56.39 -42.95
N LEU G 326 40.54 -55.50 -41.98
CA LEU G 326 41.86 -55.05 -41.56
C LEU G 326 42.67 -56.17 -40.93
N GLY G 327 42.00 -57.06 -40.21
CA GLY G 327 42.64 -58.21 -39.62
C GLY G 327 43.12 -59.18 -40.68
N CYS G 328 42.32 -59.33 -41.73
CA CYS G 328 42.69 -60.14 -42.88
C CYS G 328 43.88 -59.52 -43.59
N ALA G 329 43.89 -58.20 -43.67
CA ALA G 329 44.99 -57.48 -44.29
C ALA G 329 46.30 -57.78 -43.58
N TYR G 330 46.23 -57.95 -42.27
CA TYR G 330 47.40 -58.32 -41.47
C TYR G 330 47.92 -59.69 -41.87
N CYS G 331 47.02 -60.67 -41.90
CA CYS G 331 47.39 -62.04 -42.22
C CYS G 331 47.95 -62.14 -43.63
N VAL G 332 47.33 -61.44 -44.56
CA VAL G 332 47.77 -61.44 -45.95
C VAL G 332 49.12 -60.75 -46.09
N GLY G 333 49.27 -59.60 -45.41
CA GLY G 333 50.51 -58.86 -45.44
C GLY G 333 51.65 -59.58 -44.74
N THR G 334 51.30 -60.50 -43.85
CA THR G 334 52.29 -61.26 -43.10
C THR G 334 52.66 -62.56 -43.83
N LEU G 335 51.65 -63.34 -44.18
CA LEU G 335 51.88 -64.62 -44.85
C LEU G 335 52.32 -64.42 -46.29
N LYS G 336 51.93 -63.29 -46.88
CA LYS G 336 52.31 -62.92 -48.24
C LYS G 336 51.97 -64.01 -49.26
N PRO G 337 50.68 -64.15 -49.61
CA PRO G 337 50.27 -65.11 -50.64
C PRO G 337 50.74 -64.69 -52.02
N GLU G 338 50.90 -65.64 -52.93
CA GLU G 338 51.45 -65.35 -54.25
C GLU G 338 50.39 -65.30 -55.34
N ASN G 339 50.71 -64.61 -56.43
CA ASN G 339 49.85 -64.52 -57.61
C ASN G 339 48.48 -63.92 -57.34
N VAL G 340 48.38 -63.04 -56.36
CA VAL G 340 47.10 -62.43 -56.01
C VAL G 340 47.23 -60.93 -55.72
N GLU G 341 46.17 -60.19 -56.03
CA GLU G 341 46.07 -58.78 -55.68
C GLU G 341 44.80 -58.55 -54.88
N ILE G 342 44.95 -58.14 -53.63
CA ILE G 342 43.80 -57.99 -52.74
C ILE G 342 43.55 -56.53 -52.39
N HIS G 343 42.29 -56.11 -52.50
CA HIS G 343 41.90 -54.76 -52.13
C HIS G 343 41.06 -54.78 -50.86
N PHE G 344 41.56 -54.12 -49.83
CA PHE G 344 40.86 -54.04 -48.55
C PHE G 344 40.13 -52.70 -48.44
N LEU G 345 38.80 -52.75 -48.53
CA LEU G 345 38.01 -51.53 -48.59
C LEU G 345 37.07 -51.39 -47.39
N SER G 346 36.80 -50.14 -47.02
CA SER G 346 35.82 -49.84 -45.98
C SER G 346 35.37 -48.38 -46.05
N ALA G 347 34.07 -48.18 -46.22
CA ALA G 347 33.49 -46.85 -46.18
C ALA G 347 33.15 -46.49 -44.74
N VAL G 348 34.11 -45.88 -44.05
CA VAL G 348 33.99 -45.64 -42.61
C VAL G 348 33.33 -44.31 -42.30
N CYS G 349 32.34 -44.35 -41.40
CA CYS G 349 31.65 -43.14 -40.94
C CYS G 349 30.91 -43.39 -39.64
N GLU G 350 30.20 -42.38 -39.16
CA GLU G 350 29.44 -42.46 -37.92
C GLU G 350 28.00 -42.00 -38.15
N ASN G 351 27.04 -42.79 -37.68
CA ASN G 351 25.63 -42.49 -37.87
C ASN G 351 25.02 -41.82 -36.64
N MET G 352 24.86 -40.50 -36.70
CA MET G 352 24.49 -39.73 -35.52
C MET G 352 23.24 -38.87 -35.72
N VAL G 353 22.76 -38.27 -34.64
CA VAL G 353 21.61 -37.37 -34.68
C VAL G 353 22.08 -35.93 -34.57
N SER G 354 21.69 -35.10 -35.54
CA SER G 354 22.13 -33.70 -35.58
C SER G 354 21.24 -32.86 -36.48
N LYS G 355 21.51 -31.56 -36.50
CA LYS G 355 20.87 -30.66 -37.45
C LYS G 355 21.37 -30.97 -38.86
N ASN G 356 22.55 -31.56 -38.93
CA ASN G 356 23.21 -31.85 -40.19
C ASN G 356 22.92 -33.27 -40.68
N SER G 357 22.26 -34.06 -39.82
CA SER G 357 21.95 -35.45 -40.15
C SER G 357 21.00 -35.55 -41.34
N TYR G 358 21.04 -36.67 -42.04
CA TYR G 358 20.10 -36.92 -43.12
C TYR G 358 18.79 -37.43 -42.54
N ARG G 359 17.68 -37.06 -43.18
CA ARG G 359 16.36 -37.34 -42.65
C ARG G 359 15.71 -38.55 -43.33
N PRO G 360 14.79 -39.20 -42.62
CA PRO G 360 13.95 -40.24 -43.23
C PRO G 360 13.08 -39.64 -44.33
N GLY G 361 13.08 -40.27 -45.51
CA GLY G 361 12.32 -39.76 -46.64
C GLY G 361 13.21 -39.10 -47.68
N ASP G 362 14.41 -38.73 -47.25
CA ASP G 362 15.39 -38.10 -48.14
C ASP G 362 15.73 -39.01 -49.31
N ILE G 363 15.86 -38.42 -50.50
CA ILE G 363 16.29 -39.15 -51.68
C ILE G 363 17.73 -38.78 -52.03
N ILE G 364 18.60 -39.78 -52.04
CA ILE G 364 20.02 -39.56 -52.27
C ILE G 364 20.51 -40.35 -53.49
N THR G 365 21.61 -39.91 -54.08
CA THR G 365 22.12 -40.51 -55.30
C THR G 365 23.41 -41.27 -55.05
N ALA G 366 23.43 -42.55 -55.40
CA ALA G 366 24.64 -43.36 -55.28
C ALA G 366 25.64 -42.98 -56.37
N SER G 367 26.86 -43.51 -56.25
CA SER G 367 27.93 -43.15 -57.17
C SER G 367 27.76 -43.77 -58.56
N ASN G 368 26.78 -44.67 -58.70
CA ASN G 368 26.50 -45.28 -59.99
C ASN G 368 25.26 -44.68 -60.64
N GLY G 369 24.79 -43.56 -60.09
CA GLY G 369 23.67 -42.84 -60.68
C GLY G 369 22.32 -43.15 -60.10
N LYS G 370 22.20 -44.28 -59.41
CA LYS G 370 20.92 -44.68 -58.83
C LYS G 370 20.47 -43.75 -57.71
N THR G 371 19.22 -43.32 -57.77
CA THR G 371 18.63 -42.53 -56.70
C THR G 371 17.98 -43.44 -55.68
N ILE G 372 18.17 -43.13 -54.40
CA ILE G 372 17.71 -44.01 -53.33
C ILE G 372 16.79 -43.26 -52.38
N GLU G 373 15.61 -43.84 -52.11
CA GLU G 373 14.70 -43.25 -51.14
C GLU G 373 14.94 -43.83 -49.75
N VAL G 374 15.43 -43.00 -48.86
CA VAL G 374 15.70 -43.42 -47.48
C VAL G 374 14.41 -43.55 -46.69
N GLY G 375 14.09 -44.78 -46.28
CA GLY G 375 12.89 -45.03 -45.51
C GLY G 375 13.18 -45.21 -44.04
N ASN G 376 14.47 -45.39 -43.72
CA ASN G 376 14.90 -45.61 -42.35
C ASN G 376 16.38 -45.30 -42.19
N THR G 377 16.70 -44.27 -41.42
CA THR G 377 18.08 -43.83 -41.24
C THR G 377 18.93 -44.84 -40.48
N ASP G 378 18.27 -45.81 -39.85
CA ASP G 378 18.97 -46.84 -39.09
C ASP G 378 19.40 -48.00 -39.99
N ALA G 379 19.07 -47.91 -41.27
CA ALA G 379 19.54 -48.88 -42.25
C ALA G 379 20.67 -48.27 -43.07
N GLU G 380 21.66 -47.72 -42.38
CA GLU G 380 22.70 -46.93 -43.00
C GLU G 380 23.82 -47.78 -43.59
N GLY G 381 23.93 -49.02 -43.14
CA GLY G 381 24.98 -49.91 -43.58
C GLY G 381 24.94 -50.19 -45.06
N ARG G 382 23.76 -50.48 -45.58
CA ARG G 382 23.57 -50.78 -47.00
C ARG G 382 23.81 -49.54 -47.86
N LEU G 383 23.60 -48.37 -47.28
CA LEU G 383 23.85 -47.11 -47.97
C LEU G 383 25.35 -46.93 -48.22
N THR G 384 26.13 -47.15 -47.16
CA THR G 384 27.58 -47.02 -47.26
C THR G 384 28.17 -48.13 -48.10
N LEU G 385 27.63 -49.33 -47.96
CA LEU G 385 28.12 -50.49 -48.71
C LEU G 385 27.86 -50.36 -50.20
N ALA G 386 26.76 -49.69 -50.55
CA ALA G 386 26.39 -49.50 -51.95
C ALA G 386 27.49 -48.79 -52.73
N ASP G 387 27.91 -47.63 -52.21
CA ASP G 387 28.98 -46.86 -52.85
C ASP G 387 30.31 -47.60 -52.80
N ALA G 388 30.51 -48.38 -51.74
CA ALA G 388 31.73 -49.17 -51.59
C ALA G 388 31.80 -50.26 -52.64
N LEU G 389 30.64 -50.86 -52.95
CA LEU G 389 30.56 -51.90 -53.95
C LEU G 389 30.76 -51.35 -55.37
N VAL G 390 30.27 -50.13 -55.60
CA VAL G 390 30.48 -49.47 -56.89
C VAL G 390 31.95 -49.16 -57.08
N TYR G 391 32.56 -48.61 -56.04
CA TYR G 391 34.01 -48.38 -56.01
C TYR G 391 34.75 -49.68 -56.27
N ALA G 392 34.35 -50.73 -55.57
CA ALA G 392 35.00 -52.04 -55.65
C ALA G 392 34.98 -52.62 -57.05
N GLU G 393 33.83 -52.51 -57.71
CA GLU G 393 33.69 -53.08 -59.06
C GLU G 393 34.45 -52.25 -60.08
N LYS G 394 34.66 -50.97 -59.78
CA LYS G 394 35.44 -50.10 -60.66
C LYS G 394 36.91 -50.49 -60.67
N LEU G 395 37.33 -51.21 -59.65
CA LEU G 395 38.72 -51.66 -59.55
C LEU G 395 39.01 -52.78 -60.55
N GLY G 396 37.94 -53.40 -61.06
CA GLY G 396 38.08 -54.50 -62.01
C GLY G 396 38.65 -55.73 -61.36
N VAL G 397 37.89 -56.32 -60.45
CA VAL G 397 38.34 -57.51 -59.73
C VAL G 397 37.59 -58.76 -60.19
N ASP G 398 38.09 -59.92 -59.79
CA ASP G 398 37.44 -61.18 -60.12
C ASP G 398 36.37 -61.53 -59.10
N TYR G 399 36.64 -61.23 -57.84
CA TYR G 399 35.67 -61.47 -56.77
C TYR G 399 35.47 -60.23 -55.91
N ILE G 400 34.22 -60.00 -55.52
CA ILE G 400 33.92 -59.03 -54.48
C ILE G 400 33.26 -59.75 -53.31
N VAL G 401 33.87 -59.64 -52.13
CA VAL G 401 33.30 -60.23 -50.94
C VAL G 401 33.13 -59.16 -49.86
N ASP G 402 31.89 -58.88 -49.49
CA ASP G 402 31.65 -57.94 -48.41
C ASP G 402 31.25 -58.67 -47.15
N ILE G 403 31.55 -58.07 -46.00
CA ILE G 403 31.22 -58.67 -44.71
C ILE G 403 30.75 -57.56 -43.78
N ALA G 404 29.60 -57.75 -43.14
CA ALA G 404 28.95 -56.66 -42.43
C ALA G 404 28.00 -57.09 -41.33
N THR G 405 27.91 -56.26 -40.30
CA THR G 405 26.90 -56.41 -39.26
C THR G 405 25.66 -55.65 -39.69
N LEU G 406 24.95 -56.21 -40.67
CA LEU G 406 23.91 -55.47 -41.37
C LEU G 406 22.54 -55.54 -40.70
N THR G 407 21.99 -56.74 -40.58
CA THR G 407 20.61 -56.88 -40.09
C THR G 407 20.53 -57.58 -38.74
N GLY G 408 19.76 -56.99 -37.82
CA GLY G 408 19.53 -57.58 -36.52
C GLY G 408 18.66 -58.83 -36.62
N ALA G 409 18.10 -59.04 -37.80
CA ALA G 409 17.28 -60.22 -38.07
C ALA G 409 18.13 -61.48 -38.13
N MET G 410 19.44 -61.31 -38.27
CA MET G 410 20.36 -62.45 -38.33
C MET G 410 20.29 -63.28 -37.05
N LEU G 411 20.09 -62.61 -35.93
CA LEU G 411 19.88 -63.28 -34.65
C LEU G 411 18.62 -64.14 -34.72
N TYR G 412 17.60 -63.63 -35.41
CA TYR G 412 16.32 -64.31 -35.55
C TYR G 412 16.43 -65.52 -36.48
N SER G 413 17.44 -65.52 -37.36
CA SER G 413 17.54 -66.56 -38.38
C SER G 413 18.56 -67.63 -38.03
N LEU G 414 19.83 -67.24 -37.91
CA LEU G 414 20.89 -68.21 -37.69
C LEU G 414 21.45 -68.20 -36.26
N GLY G 415 21.21 -67.12 -35.54
CA GLY G 415 21.65 -67.03 -34.15
C GLY G 415 23.00 -66.38 -33.98
N THR G 416 23.77 -66.87 -33.00
CA THR G 416 25.03 -66.24 -32.62
C THR G 416 26.26 -67.07 -32.99
N SER G 417 26.04 -68.20 -33.67
CA SER G 417 27.14 -69.09 -34.01
C SER G 417 27.46 -69.09 -35.50
N TYR G 418 26.41 -69.07 -36.32
CA TYR G 418 26.57 -69.15 -37.77
C TYR G 418 26.28 -67.82 -38.45
N ALA G 419 27.22 -67.37 -39.29
CA ALA G 419 27.00 -66.19 -40.11
C ALA G 419 26.29 -66.61 -41.39
N GLY G 420 25.54 -65.69 -41.98
CA GLY G 420 24.84 -65.97 -43.22
C GLY G 420 25.58 -65.39 -44.41
N VAL G 421 25.63 -66.14 -45.50
CA VAL G 421 26.26 -65.66 -46.72
C VAL G 421 25.27 -65.60 -47.89
N PHE G 422 25.28 -64.48 -48.59
CA PHE G 422 24.43 -64.27 -49.76
C PHE G 422 25.32 -63.96 -50.95
N GLY G 423 24.84 -64.25 -52.16
CA GLY G 423 25.65 -64.00 -53.34
C GLY G 423 24.92 -64.08 -54.66
N ASN G 424 25.59 -63.66 -55.73
CA ASN G 424 25.04 -63.74 -57.07
C ASN G 424 25.73 -64.83 -57.89
N ASN G 425 26.72 -65.47 -57.26
CA ASN G 425 27.52 -66.49 -57.92
C ASN G 425 27.72 -67.70 -57.02
N GLU G 426 27.23 -68.86 -57.48
CA GLU G 426 27.20 -70.05 -56.64
C GLU G 426 28.58 -70.61 -56.30
N GLU G 427 29.51 -70.58 -57.25
CA GLU G 427 30.83 -71.14 -57.02
C GLU G 427 31.66 -70.26 -56.10
N LEU G 428 31.43 -68.95 -56.16
CA LEU G 428 32.06 -68.04 -55.21
C LEU G 428 31.53 -68.31 -53.81
N ILE G 429 30.23 -68.55 -53.72
CA ILE G 429 29.59 -68.90 -52.46
C ILE G 429 30.18 -70.20 -51.91
N ASN G 430 30.42 -71.15 -52.82
CA ASN G 430 31.03 -72.42 -52.44
C ASN G 430 32.45 -72.25 -51.94
N LYS G 431 33.17 -71.27 -52.51
CA LYS G 431 34.52 -70.95 -52.05
C LYS G 431 34.49 -70.38 -50.64
N ILE G 432 33.46 -69.57 -50.37
CA ILE G 432 33.27 -69.00 -49.04
C ILE G 432 32.95 -70.10 -48.03
N LEU G 433 32.12 -71.05 -48.45
CA LEU G 433 31.74 -72.16 -47.57
C LEU G 433 32.92 -73.09 -47.34
N GLN G 434 33.73 -73.30 -48.37
CA GLN G 434 34.92 -74.12 -48.25
C GLN G 434 35.91 -73.48 -47.29
N SER G 435 36.01 -72.15 -47.36
CA SER G 435 36.86 -71.39 -46.46
C SER G 435 36.33 -71.47 -45.04
N SER G 436 35.00 -71.54 -44.92
CA SER G 436 34.35 -71.66 -43.61
C SER G 436 34.74 -72.96 -42.93
N LYS G 437 34.85 -74.03 -43.72
CA LYS G 437 35.22 -75.34 -43.19
C LYS G 437 36.67 -75.37 -42.72
N THR G 438 37.56 -74.79 -43.51
CA THR G 438 38.99 -74.82 -43.22
C THR G 438 39.38 -73.86 -42.10
N SER G 439 38.64 -72.76 -41.99
CA SER G 439 38.92 -71.77 -40.95
C SER G 439 38.17 -72.08 -39.66
N ASN G 440 37.25 -73.03 -39.75
CA ASN G 440 36.37 -73.39 -38.65
C ASN G 440 35.57 -72.22 -38.10
N GLU G 441 35.26 -71.27 -38.99
CA GLU G 441 34.34 -70.18 -38.66
C GLU G 441 33.03 -70.40 -39.42
N PRO G 442 32.00 -70.87 -38.70
CA PRO G 442 30.71 -71.33 -39.25
C PRO G 442 30.00 -70.31 -40.14
N VAL G 443 29.66 -70.73 -41.35
CA VAL G 443 28.93 -69.90 -42.29
C VAL G 443 27.83 -70.73 -42.96
N TRP G 444 26.66 -70.14 -43.16
CA TRP G 444 25.56 -70.85 -43.81
C TRP G 444 25.04 -70.09 -45.02
N TRP G 445 24.79 -70.82 -46.10
CA TRP G 445 24.26 -70.23 -47.33
C TRP G 445 22.79 -69.88 -47.18
N LEU G 446 22.46 -68.62 -47.39
CA LEU G 446 21.07 -68.16 -47.36
C LEU G 446 20.67 -67.58 -48.71
N PRO G 447 19.38 -67.68 -49.08
CA PRO G 447 18.96 -67.32 -50.44
C PRO G 447 18.68 -65.84 -50.64
N ILE G 448 18.98 -65.34 -51.84
CA ILE G 448 18.55 -64.02 -52.27
C ILE G 448 17.26 -64.18 -53.09
N ILE G 449 16.12 -64.07 -52.41
CA ILE G 449 14.83 -64.33 -53.03
C ILE G 449 14.39 -63.16 -53.91
N ASN G 450 14.47 -63.35 -55.23
CA ASN G 450 14.18 -62.30 -56.19
C ASN G 450 12.72 -61.82 -56.16
N GLU G 451 11.86 -62.63 -55.55
CA GLU G 451 10.43 -62.28 -55.47
C GLU G 451 10.20 -61.07 -54.58
N TYR G 452 11.15 -60.79 -53.69
CA TYR G 452 11.03 -59.67 -52.75
C TYR G 452 11.48 -58.35 -53.36
N ARG G 453 12.13 -58.42 -54.53
CA ARG G 453 12.69 -57.24 -55.18
C ARG G 453 11.63 -56.17 -55.45
N ALA G 454 10.42 -56.61 -55.77
CA ALA G 454 9.33 -55.69 -56.09
C ALA G 454 8.98 -54.76 -54.92
N THR G 455 9.31 -55.19 -53.71
CA THR G 455 9.02 -54.38 -52.52
C THR G 455 10.02 -53.25 -52.36
N LEU G 456 11.04 -53.23 -53.22
CA LEU G 456 12.04 -52.17 -53.21
C LEU G 456 11.78 -51.13 -54.30
N ASN G 457 10.66 -51.29 -55.00
CA ASN G 457 10.29 -50.34 -56.05
C ASN G 457 9.75 -49.04 -55.47
N SER G 458 10.52 -47.96 -55.64
CA SER G 458 10.13 -46.67 -55.11
C SER G 458 9.22 -45.92 -56.09
N LYS G 459 8.26 -45.18 -55.54
CA LYS G 459 7.34 -44.40 -56.35
C LYS G 459 8.04 -43.20 -56.98
N TYR G 460 9.08 -42.70 -56.30
CA TYR G 460 9.76 -41.49 -56.74
C TYR G 460 11.22 -41.72 -57.09
N ALA G 461 11.94 -42.45 -56.24
CA ALA G 461 13.35 -42.75 -56.49
C ALA G 461 13.48 -43.99 -57.36
N ASP G 462 14.71 -44.29 -57.76
CA ASP G 462 14.99 -45.48 -58.54
C ASP G 462 14.72 -46.75 -57.72
N ILE G 463 15.02 -46.67 -56.43
CA ILE G 463 14.94 -47.84 -55.58
C ILE G 463 14.74 -47.46 -54.11
N ASN G 464 14.08 -48.35 -53.36
CA ASN G 464 13.91 -48.17 -51.93
C ASN G 464 15.11 -48.68 -51.15
N GLN G 465 15.45 -47.97 -50.08
CA GLN G 465 16.48 -48.43 -49.16
C GLN G 465 16.03 -49.68 -48.43
N ILE G 466 14.82 -49.61 -47.87
CA ILE G 466 14.25 -50.73 -47.14
C ILE G 466 12.98 -51.24 -47.82
N SER G 467 12.45 -52.34 -47.31
CA SER G 467 11.24 -52.93 -47.88
C SER G 467 9.98 -52.38 -47.22
N SER G 468 8.89 -52.40 -47.97
CA SER G 468 7.61 -51.89 -47.48
C SER G 468 6.97 -52.87 -46.49
N SER G 469 7.50 -54.08 -46.42
CA SER G 469 6.91 -55.11 -45.59
C SER G 469 7.91 -56.22 -45.22
N VAL G 470 7.68 -57.40 -45.80
CA VAL G 470 8.49 -58.62 -45.64
C VAL G 470 9.05 -58.96 -44.25
N LYS G 471 9.61 -57.98 -43.53
CA LYS G 471 10.34 -58.21 -42.27
C LYS G 471 11.56 -59.12 -42.42
N ALA G 472 11.75 -59.69 -43.61
CA ALA G 472 12.91 -60.55 -43.88
C ALA G 472 14.12 -59.70 -44.29
N SER G 473 14.59 -58.88 -43.35
CA SER G 473 15.58 -57.84 -43.62
C SER G 473 16.88 -58.34 -44.25
N SER G 474 17.34 -59.51 -43.81
CA SER G 474 18.62 -60.05 -44.27
C SER G 474 18.62 -60.32 -45.78
N ILE G 475 17.52 -60.87 -46.28
CA ILE G 475 17.39 -61.18 -47.69
C ILE G 475 17.18 -59.91 -48.51
N VAL G 476 16.35 -59.01 -47.98
CA VAL G 476 16.04 -57.75 -48.66
C VAL G 476 17.26 -56.85 -48.75
N ALA G 477 18.05 -56.79 -47.69
CA ALA G 477 19.29 -56.03 -47.69
C ALA G 477 20.23 -56.57 -48.77
N SER G 478 20.23 -57.89 -48.94
CA SER G 478 21.03 -58.53 -49.96
C SER G 478 20.55 -58.13 -51.36
N LEU G 479 19.23 -58.07 -51.54
CA LEU G 479 18.64 -57.65 -52.80
C LEU G 479 19.02 -56.22 -53.15
N PHE G 480 19.11 -55.37 -52.13
CA PHE G 480 19.51 -53.99 -52.32
C PHE G 480 20.96 -53.89 -52.76
N LEU G 481 21.84 -54.63 -52.07
CA LEU G 481 23.26 -54.63 -52.39
C LEU G 481 23.52 -55.18 -53.79
N LYS G 482 22.75 -56.17 -54.20
CA LYS G 482 22.89 -56.81 -55.49
C LYS G 482 22.71 -55.80 -56.62
N GLU G 483 21.91 -54.77 -56.36
CA GLU G 483 21.62 -53.74 -57.35
C GLU G 483 22.82 -52.83 -57.61
N PHE G 484 23.90 -53.01 -56.85
CA PHE G 484 25.07 -52.17 -56.98
C PHE G 484 26.30 -52.95 -57.40
N VAL G 485 26.09 -54.19 -57.83
CA VAL G 485 27.13 -54.99 -58.46
C VAL G 485 26.61 -55.45 -59.81
N GLN G 486 27.16 -54.85 -60.87
CA GLN G 486 26.60 -55.03 -62.21
C GLN G 486 27.05 -56.32 -62.90
N ASN G 487 28.35 -56.58 -62.87
CA ASN G 487 28.90 -57.70 -63.65
C ASN G 487 30.12 -58.35 -63.00
N THR G 488 30.02 -58.64 -61.70
CA THR G 488 31.11 -59.26 -60.97
C THR G 488 30.58 -60.27 -59.95
N ALA G 489 31.27 -61.41 -59.85
CA ALA G 489 30.94 -62.39 -58.82
C ALA G 489 31.05 -61.74 -57.46
N TRP G 490 29.95 -61.78 -56.70
CA TRP G 490 29.88 -61.05 -55.44
C TRP G 490 29.20 -61.86 -54.34
N ALA G 491 29.74 -61.77 -53.13
CA ALA G 491 29.16 -62.45 -51.98
C ALA G 491 29.05 -61.50 -50.78
N HIS G 492 28.03 -61.72 -49.96
CA HIS G 492 27.75 -60.86 -48.82
C HIS G 492 27.60 -61.66 -47.53
N ILE G 493 28.48 -61.42 -46.57
CA ILE G 493 28.46 -62.15 -45.30
C ILE G 493 27.92 -61.28 -44.17
N ASP G 494 26.73 -61.61 -43.68
CA ASP G 494 26.11 -60.86 -42.60
C ASP G 494 26.56 -61.43 -41.25
N ILE G 495 27.28 -60.62 -40.49
CA ILE G 495 27.85 -61.08 -39.22
C ILE G 495 27.28 -60.32 -38.03
N ALA G 496 26.07 -59.77 -38.17
CA ALA G 496 25.45 -58.97 -37.14
C ALA G 496 25.11 -59.78 -35.88
N GLY G 497 25.01 -61.09 -36.04
CA GLY G 497 24.62 -61.95 -34.93
C GLY G 497 25.78 -62.66 -34.26
N VAL G 498 26.81 -62.97 -35.03
CA VAL G 498 27.88 -63.83 -34.53
C VAL G 498 29.14 -63.09 -34.11
N SER G 499 29.24 -61.81 -34.43
CA SER G 499 30.49 -61.10 -34.25
C SER G 499 30.75 -60.67 -32.79
N TRP G 500 29.70 -60.39 -32.03
CA TRP G 500 29.87 -60.10 -30.62
C TRP G 500 29.51 -61.29 -29.74
N ASN G 501 30.42 -61.64 -28.83
CA ASN G 501 30.19 -62.72 -27.87
C ASN G 501 29.50 -62.17 -26.63
N PHE G 502 28.20 -62.39 -26.53
CA PHE G 502 27.40 -61.85 -25.43
C PHE G 502 27.74 -62.49 -24.09
N LYS G 503 27.99 -63.79 -24.12
CA LYS G 503 28.33 -64.53 -22.89
C LYS G 503 29.66 -64.06 -22.31
N ALA G 504 30.66 -63.87 -23.18
CA ALA G 504 31.99 -63.47 -22.74
C ALA G 504 32.15 -61.95 -22.70
N ARG G 505 31.12 -61.24 -23.13
CA ARG G 505 31.10 -59.77 -23.13
C ARG G 505 32.27 -59.17 -23.91
N LYS G 506 32.61 -59.79 -25.04
CA LYS G 506 33.76 -59.35 -25.83
C LYS G 506 33.56 -59.67 -27.30
N PRO G 507 34.35 -59.04 -28.19
CA PRO G 507 34.24 -59.39 -29.62
C PRO G 507 34.80 -60.77 -29.92
N LYS G 508 34.44 -61.33 -31.08
CA LYS G 508 34.98 -62.61 -31.51
C LYS G 508 36.07 -62.44 -32.56
N GLY G 509 36.08 -61.29 -33.22
CA GLY G 509 36.97 -61.07 -34.34
C GLY G 509 36.59 -61.99 -35.49
N PHE G 510 35.28 -62.25 -35.60
CA PHE G 510 34.75 -63.14 -36.63
C PHE G 510 35.03 -62.58 -38.03
N GLY G 511 35.47 -63.46 -38.92
CA GLY G 511 35.64 -63.09 -40.31
C GLY G 511 37.08 -63.07 -40.79
N VAL G 512 38.00 -62.76 -39.89
CA VAL G 512 39.42 -62.64 -40.24
C VAL G 512 39.95 -63.95 -40.83
N ARG G 513 39.85 -65.03 -40.06
CA ARG G 513 40.35 -66.32 -40.49
C ARG G 513 39.60 -66.84 -41.71
N LEU G 514 38.31 -66.52 -41.78
CA LEU G 514 37.48 -66.91 -42.91
C LEU G 514 37.95 -66.30 -44.21
N LEU G 515 38.18 -64.98 -44.19
CA LEU G 515 38.59 -64.26 -45.39
C LEU G 515 40.01 -64.60 -45.80
N THR G 516 40.88 -64.81 -44.83
CA THR G 516 42.28 -65.14 -45.11
C THR G 516 42.38 -66.52 -45.78
N GLU G 517 41.65 -67.49 -45.26
CA GLU G 517 41.60 -68.82 -45.85
C GLU G 517 41.04 -68.77 -47.27
N PHE G 518 40.12 -67.84 -47.50
CA PHE G 518 39.54 -67.65 -48.82
C PHE G 518 40.60 -67.16 -49.81
N VAL G 519 41.34 -66.14 -49.41
CA VAL G 519 42.39 -65.55 -50.24
C VAL G 519 43.53 -66.54 -50.46
N LEU G 520 43.92 -67.24 -49.40
CA LEU G 520 45.07 -68.14 -49.44
C LEU G 520 44.83 -69.38 -50.32
N ASN G 521 43.67 -70.01 -50.15
CA ASN G 521 43.35 -71.21 -50.91
C ASN G 521 42.86 -70.90 -52.32
N ASP G 522 43.21 -69.72 -52.82
CA ASP G 522 42.78 -69.28 -54.14
C ASP G 522 43.94 -68.74 -54.95
N SER H 5 18.54 -16.63 -49.34
CA SER H 5 18.25 -17.24 -50.63
C SER H 5 19.20 -18.39 -50.93
N GLU H 6 20.40 -18.33 -50.36
CA GLU H 6 21.39 -19.38 -50.54
C GLU H 6 21.10 -20.56 -49.61
N VAL H 7 20.92 -21.74 -50.19
CA VAL H 7 20.65 -22.94 -49.41
C VAL H 7 21.92 -23.49 -48.79
N PRO H 8 21.98 -23.55 -47.46
CA PRO H 8 23.15 -24.10 -46.77
C PRO H 8 23.34 -25.58 -47.06
N GLN H 9 24.58 -26.04 -47.04
CA GLN H 9 24.89 -27.43 -47.35
C GLN H 9 25.84 -28.03 -46.32
N VAL H 10 25.76 -29.34 -46.14
CA VAL H 10 26.75 -30.05 -45.33
C VAL H 10 27.84 -30.58 -46.24
N VAL H 11 27.41 -31.18 -47.35
CA VAL H 11 28.33 -31.60 -48.41
C VAL H 11 27.89 -31.01 -49.74
N SER H 12 28.76 -31.05 -50.73
CA SER H 12 28.50 -30.44 -52.03
C SER H 12 27.39 -31.14 -52.80
N LEU H 13 27.11 -32.39 -52.42
CA LEU H 13 26.11 -33.19 -53.13
C LEU H 13 24.69 -32.89 -52.65
N ASP H 14 24.58 -32.11 -51.57
CA ASP H 14 23.29 -31.69 -51.08
C ASP H 14 22.64 -30.73 -52.08
N PRO H 15 21.41 -31.03 -52.50
CA PRO H 15 20.68 -30.19 -53.46
C PRO H 15 20.45 -28.78 -52.93
N THR H 16 20.38 -27.80 -53.83
CA THR H 16 20.19 -26.41 -53.44
C THR H 16 18.92 -25.83 -54.02
N SER H 17 18.07 -26.69 -54.58
CA SER H 17 16.81 -26.25 -55.15
C SER H 17 15.83 -27.41 -55.34
N ILE H 18 14.54 -27.09 -55.25
CA ILE H 18 13.49 -28.06 -55.52
C ILE H 18 13.23 -28.14 -57.03
N PRO H 19 13.43 -29.33 -57.62
CA PRO H 19 13.06 -29.49 -59.03
C PRO H 19 11.56 -29.32 -59.21
N ILE H 20 11.16 -28.41 -60.08
CA ILE H 20 9.75 -28.16 -60.34
C ILE H 20 9.43 -28.20 -61.82
N GLU H 21 8.50 -29.07 -62.20
CA GLU H 21 8.04 -29.16 -63.57
C GLU H 21 6.81 -28.29 -63.78
N TYR H 22 6.96 -27.21 -64.54
CA TYR H 22 5.86 -26.27 -64.76
C TYR H 22 5.03 -26.66 -65.98
N ASN H 23 5.70 -26.95 -67.10
CA ASN H 23 5.01 -27.41 -68.29
C ASN H 23 4.95 -28.94 -68.31
N THR H 24 3.82 -29.48 -67.87
CA THR H 24 3.61 -30.92 -67.84
C THR H 24 3.10 -31.40 -69.19
N PRO H 25 3.25 -32.71 -69.48
CA PRO H 25 2.68 -33.28 -70.70
C PRO H 25 1.17 -33.05 -70.82
N ILE H 26 0.50 -32.89 -69.67
CA ILE H 26 -0.92 -32.60 -69.66
C ILE H 26 -1.23 -31.27 -70.34
N HIS H 27 -0.32 -30.31 -70.17
CA HIS H 27 -0.50 -28.98 -70.76
C HIS H 27 -0.41 -29.00 -72.28
N ASP H 28 0.22 -30.03 -72.82
CA ASP H 28 0.37 -30.17 -74.27
C ASP H 28 -0.79 -30.93 -74.89
N ILE H 29 -1.69 -31.42 -74.03
CA ILE H 29 -2.88 -32.11 -74.51
C ILE H 29 -3.91 -31.10 -75.00
N LYS H 30 -4.23 -31.15 -76.28
CA LYS H 30 -5.27 -30.30 -76.84
C LYS H 30 -6.64 -30.89 -76.53
N VAL H 31 -7.51 -30.08 -75.92
CA VAL H 31 -8.82 -30.57 -75.49
C VAL H 31 -9.95 -29.95 -76.31
N GLN H 32 -10.77 -30.81 -76.91
CA GLN H 32 -11.90 -30.37 -77.70
C GLN H 32 -13.22 -30.89 -77.12
N VAL H 33 -14.18 -29.99 -76.97
CA VAL H 33 -15.50 -30.37 -76.48
C VAL H 33 -16.54 -30.26 -77.59
N TYR H 34 -17.18 -31.39 -77.90
CA TYR H 34 -18.21 -31.42 -78.92
C TYR H 34 -19.57 -31.69 -78.29
N ASP H 35 -20.64 -31.23 -78.94
CA ASP H 35 -21.97 -31.53 -78.45
C ASP H 35 -22.38 -32.93 -78.87
N ILE H 36 -22.88 -33.71 -77.92
CA ILE H 36 -23.20 -35.11 -78.15
C ILE H 36 -24.32 -35.25 -79.17
N LYS H 37 -25.15 -34.22 -79.30
CA LYS H 37 -26.16 -34.16 -80.34
C LYS H 37 -25.48 -33.76 -81.65
N GLY H 38 -25.49 -34.68 -82.61
CA GLY H 38 -24.80 -34.47 -83.86
C GLY H 38 -23.96 -35.68 -84.21
N GLY H 39 -23.79 -36.55 -83.23
CA GLY H 39 -23.08 -37.81 -83.44
C GLY H 39 -21.61 -37.77 -83.07
N CYS H 40 -21.07 -38.94 -82.73
CA CYS H 40 -19.65 -39.07 -82.41
C CYS H 40 -18.87 -39.61 -83.60
N ASN H 41 -17.69 -39.05 -83.83
CA ASN H 41 -16.80 -39.55 -84.87
C ASN H 41 -15.72 -40.44 -84.26
N VAL H 42 -15.65 -41.69 -84.73
CA VAL H 42 -14.69 -42.64 -84.21
C VAL H 42 -13.61 -42.96 -85.24
N GLU H 43 -12.50 -42.22 -85.17
CA GLU H 43 -11.44 -42.36 -86.16
C GLU H 43 -10.12 -42.87 -85.57
N GLU H 44 -9.45 -42.01 -84.81
CA GLU H 44 -8.12 -42.36 -84.29
C GLU H 44 -8.11 -42.56 -82.77
N GLY H 45 -7.07 -43.22 -82.29
CA GLY H 45 -6.85 -43.41 -80.87
C GLY H 45 -7.85 -44.31 -80.18
N LEU H 46 -8.16 -44.00 -78.93
CA LEU H 46 -9.11 -44.77 -78.14
C LEU H 46 -10.37 -43.96 -77.86
N THR H 47 -11.53 -44.58 -78.08
CA THR H 47 -12.80 -43.92 -77.81
C THR H 47 -13.53 -44.64 -76.68
N ILE H 48 -13.77 -43.92 -75.59
CA ILE H 48 -14.39 -44.51 -74.40
C ILE H 48 -15.73 -43.88 -74.08
N PHE H 49 -16.76 -44.73 -73.94
CA PHE H 49 -18.08 -44.28 -73.56
C PHE H 49 -18.29 -44.44 -72.05
N LEU H 50 -18.74 -43.38 -71.40
CA LEU H 50 -19.06 -43.44 -69.97
C LEU H 50 -20.55 -43.78 -69.81
N VAL H 51 -20.85 -45.04 -69.55
CA VAL H 51 -22.23 -45.48 -69.49
C VAL H 51 -22.66 -46.00 -68.12
N ASN H 52 -23.96 -45.90 -67.85
CA ASN H 52 -24.55 -46.46 -66.64
C ASN H 52 -25.88 -47.13 -66.98
N ASN H 53 -26.50 -47.73 -65.98
CA ASN H 53 -27.83 -48.30 -66.16
C ASN H 53 -28.64 -48.12 -64.88
N PRO H 54 -29.41 -47.02 -64.81
CA PRO H 54 -30.22 -46.67 -63.65
C PRO H 54 -31.17 -47.79 -63.22
N GLY H 55 -31.12 -48.17 -61.95
CA GLY H 55 -32.00 -49.19 -61.42
C GLY H 55 -31.34 -50.55 -61.33
N LYS H 56 -31.05 -51.14 -62.49
CA LYS H 56 -30.44 -52.47 -62.55
C LYS H 56 -29.04 -52.44 -61.94
N GLU H 57 -28.80 -53.36 -61.01
CA GLU H 57 -27.51 -53.46 -60.31
C GLU H 57 -26.34 -53.51 -61.29
N ASN H 58 -26.18 -54.66 -61.95
CA ASN H 58 -25.20 -54.79 -63.02
C ASN H 58 -25.90 -54.97 -64.35
N GLY H 59 -26.69 -53.98 -64.75
CA GLY H 59 -27.45 -54.03 -65.99
C GLY H 59 -26.55 -53.93 -67.21
N PRO H 60 -27.10 -54.27 -68.38
CA PRO H 60 -26.35 -54.25 -69.65
C PRO H 60 -25.97 -52.84 -70.06
N VAL H 61 -24.89 -52.71 -70.84
CA VAL H 61 -24.48 -51.40 -71.33
C VAL H 61 -25.30 -51.03 -72.55
N LYS H 62 -25.65 -49.74 -72.65
CA LYS H 62 -26.47 -49.26 -73.77
C LYS H 62 -25.94 -47.91 -74.25
N ILE H 63 -25.57 -47.87 -75.53
CA ILE H 63 -24.99 -46.66 -76.11
C ILE H 63 -26.08 -45.72 -76.62
N SER H 64 -26.23 -44.59 -75.95
CA SER H 64 -27.28 -43.63 -76.27
C SER H 64 -26.88 -42.77 -77.48
N SER H 65 -25.60 -42.43 -77.55
CA SER H 65 -25.09 -41.49 -78.54
C SER H 65 -25.20 -42.00 -79.96
N LYS H 66 -25.41 -41.08 -80.89
CA LYS H 66 -25.35 -41.43 -82.31
C LYS H 66 -23.89 -41.53 -82.72
N VAL H 67 -23.56 -42.56 -83.49
CA VAL H 67 -22.19 -42.72 -83.96
C VAL H 67 -22.14 -42.55 -85.48
N ASN H 68 -21.37 -41.57 -85.93
CA ASN H 68 -21.30 -41.22 -87.34
C ASN H 68 -20.47 -42.21 -88.16
N ASP H 69 -20.64 -43.50 -87.88
CA ASP H 69 -19.96 -44.55 -88.62
C ASP H 69 -20.84 -45.79 -88.65
N LYS H 70 -21.09 -46.31 -89.85
CA LYS H 70 -21.99 -47.44 -90.03
C LYS H 70 -21.50 -48.69 -89.32
N GLN H 71 -20.21 -48.99 -89.45
CA GLN H 71 -19.64 -50.19 -88.86
C GLN H 71 -19.52 -50.09 -87.34
N VAL H 72 -19.09 -48.93 -86.86
CA VAL H 72 -18.97 -48.70 -85.42
C VAL H 72 -20.33 -48.80 -84.74
N SER H 73 -21.33 -48.19 -85.36
CA SER H 73 -22.69 -48.23 -84.83
C SER H 73 -23.27 -49.64 -84.90
N GLU H 74 -22.91 -50.38 -85.95
CA GLU H 74 -23.33 -51.77 -86.07
C GLU H 74 -22.66 -52.62 -85.00
N PHE H 75 -21.40 -52.30 -84.72
CA PHE H 75 -20.65 -52.99 -83.67
C PHE H 75 -21.26 -52.70 -82.31
N LEU H 76 -21.67 -51.45 -82.10
CA LEU H 76 -22.18 -51.01 -80.80
C LEU H 76 -23.68 -51.26 -80.65
N LYS H 77 -24.22 -52.18 -81.47
CA LYS H 77 -25.63 -52.54 -81.38
C LYS H 77 -25.92 -53.18 -80.02
N ASP H 78 -27.17 -53.05 -79.57
CA ASP H 78 -27.58 -53.55 -78.26
C ASP H 78 -27.34 -55.05 -78.11
N GLU H 79 -27.52 -55.79 -79.20
CA GLU H 79 -27.34 -57.24 -79.19
C GLU H 79 -25.89 -57.61 -78.87
N ASN H 80 -24.96 -56.81 -79.35
CA ASN H 80 -23.54 -57.05 -79.12
C ASN H 80 -23.08 -56.62 -77.74
N MET H 81 -23.74 -55.58 -77.20
CA MET H 81 -23.30 -54.96 -75.96
C MET H 81 -23.91 -55.60 -74.71
N GLU H 82 -24.87 -56.50 -74.91
CA GLU H 82 -25.62 -57.08 -73.81
C GLU H 82 -24.78 -57.99 -72.90
N LYS H 83 -23.69 -58.52 -73.43
CA LYS H 83 -22.84 -59.43 -72.65
C LYS H 83 -21.95 -58.67 -71.67
N PHE H 84 -21.96 -57.34 -71.78
CA PHE H 84 -21.21 -56.50 -70.86
C PHE H 84 -22.15 -55.79 -69.90
N ASN H 85 -21.67 -55.46 -68.71
CA ASN H 85 -22.49 -54.75 -67.73
C ASN H 85 -21.87 -53.43 -67.30
N VAL H 86 -22.63 -52.65 -66.55
CA VAL H 86 -22.23 -51.28 -66.19
C VAL H 86 -21.68 -51.14 -64.78
N LYS H 87 -21.22 -52.24 -64.19
CA LYS H 87 -20.68 -52.21 -62.84
C LYS H 87 -19.58 -51.16 -62.73
N LEU H 88 -19.65 -50.35 -61.69
CA LEU H 88 -18.73 -49.23 -61.49
C LEU H 88 -17.27 -49.68 -61.49
N GLY H 89 -16.50 -49.19 -62.45
CA GLY H 89 -15.09 -49.51 -62.54
C GLY H 89 -14.76 -50.48 -63.65
N THR H 90 -15.78 -51.17 -64.16
CA THR H 90 -15.59 -52.17 -65.20
C THR H 90 -15.24 -51.51 -66.53
N SER H 91 -14.26 -52.07 -67.23
CA SER H 91 -13.85 -51.55 -68.53
C SER H 91 -13.50 -52.67 -69.51
N LYS H 92 -13.88 -52.48 -70.77
CA LYS H 92 -13.56 -53.44 -71.83
C LYS H 92 -13.01 -52.73 -73.06
N HIS H 93 -12.21 -53.44 -73.85
CA HIS H 93 -11.62 -52.88 -75.07
C HIS H 93 -12.17 -53.55 -76.31
N PHE H 94 -12.46 -52.76 -77.34
CA PHE H 94 -12.98 -53.26 -78.61
C PHE H 94 -12.06 -52.91 -79.77
N TYR H 95 -11.94 -53.81 -80.73
CA TYR H 95 -11.19 -53.57 -81.96
C TYR H 95 -12.08 -53.78 -83.17
N MET H 96 -12.06 -52.82 -84.10
CA MET H 96 -12.92 -52.91 -85.29
C MET H 96 -12.44 -52.02 -86.42
N PHE H 97 -13.02 -52.21 -87.60
CA PHE H 97 -12.75 -51.38 -88.76
C PHE H 97 -13.92 -50.44 -89.03
N ASN H 98 -13.63 -49.20 -89.39
CA ASN H 98 -14.69 -48.24 -89.68
C ASN H 98 -15.11 -48.28 -91.15
N ASP H 99 -15.88 -47.28 -91.57
CA ASP H 99 -16.39 -47.23 -92.95
C ASP H 99 -15.25 -47.13 -93.97
N ASN H 100 -14.17 -46.45 -93.60
CA ASN H 100 -13.01 -46.31 -94.47
C ASN H 100 -12.05 -47.50 -94.38
N LYS H 101 -12.56 -48.60 -93.84
CA LYS H 101 -11.78 -49.82 -93.64
C LYS H 101 -10.52 -49.56 -92.82
N ASN H 102 -10.62 -48.60 -91.88
CA ASN H 102 -9.51 -48.30 -90.99
C ASN H 102 -9.75 -48.87 -89.59
N SER H 103 -8.70 -49.41 -88.99
CA SER H 103 -8.80 -50.00 -87.66
C SER H 103 -8.92 -48.92 -86.58
N VAL H 104 -9.91 -49.06 -85.72
CA VAL H 104 -10.12 -48.11 -84.62
C VAL H 104 -10.26 -48.83 -83.29
N ALA H 105 -10.06 -48.10 -82.20
CA ALA H 105 -10.15 -48.67 -80.85
C ALA H 105 -11.28 -48.02 -80.05
N VAL H 106 -12.21 -48.84 -79.57
CA VAL H 106 -13.36 -48.36 -78.82
C VAL H 106 -13.49 -49.15 -77.51
N GLY H 107 -14.10 -48.54 -76.49
CA GLY H 107 -14.33 -49.21 -75.23
C GLY H 107 -15.32 -48.48 -74.35
N TYR H 108 -15.54 -48.99 -73.13
CA TYR H 108 -16.46 -48.35 -72.20
C TYR H 108 -15.97 -48.47 -70.75
N VAL H 109 -16.48 -47.59 -69.90
CA VAL H 109 -16.23 -47.65 -68.47
C VAL H 109 -17.55 -47.60 -67.71
N GLY H 110 -17.79 -48.58 -66.85
CA GLY H 110 -19.02 -48.66 -66.10
C GLY H 110 -19.15 -47.59 -65.03
N CYS H 111 -20.30 -46.92 -65.03
CA CYS H 111 -20.56 -45.86 -64.05
C CYS H 111 -21.68 -46.23 -63.07
N GLY H 112 -21.85 -47.53 -62.86
CA GLY H 112 -22.80 -48.02 -61.87
C GLY H 112 -24.26 -47.89 -62.27
N SER H 113 -25.12 -47.81 -61.27
CA SER H 113 -26.57 -47.75 -61.49
C SER H 113 -27.20 -46.51 -60.87
N VAL H 114 -26.41 -45.78 -60.09
CA VAL H 114 -26.91 -44.55 -59.47
C VAL H 114 -26.81 -43.38 -60.46
N ALA H 115 -27.89 -42.60 -60.54
CA ALA H 115 -27.97 -41.50 -61.50
C ALA H 115 -27.02 -40.37 -61.14
N ASP H 116 -26.76 -40.19 -59.85
CA ASP H 116 -25.86 -39.14 -59.38
C ASP H 116 -24.60 -39.74 -58.79
N LEU H 117 -23.52 -39.71 -59.57
CA LEU H 117 -22.23 -40.25 -59.13
C LEU H 117 -21.59 -39.34 -58.09
N SER H 118 -21.08 -39.94 -57.02
CA SER H 118 -20.43 -39.17 -55.96
C SER H 118 -19.01 -38.79 -56.35
N GLU H 119 -18.33 -38.07 -55.47
CA GLU H 119 -16.96 -37.62 -55.73
C GLU H 119 -15.97 -38.78 -55.69
N ALA H 120 -16.26 -39.79 -54.88
CA ALA H 120 -15.39 -40.95 -54.76
C ALA H 120 -15.66 -41.94 -55.90
N ASP H 121 -16.91 -42.03 -56.32
CA ASP H 121 -17.29 -42.91 -57.41
C ASP H 121 -16.77 -42.37 -58.74
N MET H 122 -16.84 -41.06 -58.92
CA MET H 122 -16.28 -40.41 -60.10
C MET H 122 -14.77 -40.60 -60.14
N LYS H 123 -14.16 -40.63 -58.97
CA LYS H 123 -12.72 -40.85 -58.86
C LYS H 123 -12.37 -42.26 -59.32
N ARG H 124 -13.24 -43.22 -58.99
CA ARG H 124 -13.03 -44.60 -59.41
C ARG H 124 -13.19 -44.75 -60.92
N VAL H 125 -14.07 -43.94 -61.51
CA VAL H 125 -14.27 -43.92 -62.95
C VAL H 125 -12.98 -43.48 -63.64
N VAL H 126 -12.41 -42.37 -63.17
CA VAL H 126 -11.17 -41.84 -63.71
C VAL H 126 -10.02 -42.85 -63.58
N LEU H 127 -9.87 -43.42 -62.40
CA LEU H 127 -8.83 -44.41 -62.14
C LEU H 127 -8.93 -45.58 -63.11
N SER H 128 -10.15 -46.01 -63.40
CA SER H 128 -10.39 -47.07 -64.36
C SER H 128 -10.04 -46.60 -65.77
N LEU H 129 -10.30 -45.32 -66.03
CA LEU H 129 -10.00 -44.72 -67.31
C LEU H 129 -8.50 -44.57 -67.53
N VAL H 130 -7.79 -44.18 -66.47
CA VAL H 130 -6.35 -44.00 -66.52
C VAL H 130 -5.63 -45.32 -66.81
N THR H 131 -6.16 -46.41 -66.26
CA THR H 131 -5.62 -47.74 -66.49
C THR H 131 -5.57 -48.06 -67.98
N MET H 132 -6.58 -47.60 -68.71
CA MET H 132 -6.65 -47.80 -70.14
C MET H 132 -5.62 -46.94 -70.87
N LEU H 133 -5.24 -45.83 -70.25
CA LEU H 133 -4.24 -44.92 -70.83
C LEU H 133 -2.83 -45.44 -70.60
N HIS H 134 -2.63 -46.13 -69.49
CA HIS H 134 -1.33 -46.71 -69.16
C HIS H 134 -1.03 -47.94 -70.01
N ASP H 135 0.26 -48.20 -70.19
CA ASP H 135 0.72 -49.37 -70.93
C ASP H 135 0.12 -49.50 -72.33
N ASN H 136 -0.41 -48.40 -72.86
CA ASN H 136 -0.89 -48.42 -74.24
C ASN H 136 -0.53 -47.19 -75.07
N LYS H 137 0.01 -47.45 -76.26
CA LYS H 137 0.45 -46.40 -77.22
C LYS H 137 -0.69 -45.58 -77.84
N LEU H 138 -1.33 -44.69 -77.09
CA LEU H 138 -2.40 -43.86 -77.67
C LEU H 138 -1.96 -42.42 -78.00
N SER H 139 -2.41 -41.95 -79.16
CA SER H 139 -2.16 -40.59 -79.63
C SER H 139 -3.31 -39.66 -79.28
N LYS H 140 -4.50 -40.24 -79.15
CA LYS H 140 -5.70 -39.46 -78.84
C LYS H 140 -6.71 -40.27 -78.02
N LEU H 141 -7.30 -39.62 -77.02
CA LEU H 141 -8.36 -40.22 -76.23
C LEU H 141 -9.66 -39.46 -76.41
N THR H 142 -10.74 -40.19 -76.66
CA THR H 142 -12.05 -39.58 -76.82
C THR H 142 -13.02 -40.13 -75.76
N VAL H 143 -13.59 -39.23 -74.96
CA VAL H 143 -14.49 -39.64 -73.90
C VAL H 143 -15.92 -39.16 -74.14
N VAL H 144 -16.84 -40.10 -74.24
CA VAL H 144 -18.24 -39.78 -74.49
C VAL H 144 -19.08 -39.90 -73.22
N PHE H 145 -19.65 -38.79 -72.79
CA PHE H 145 -20.46 -38.76 -71.58
C PHE H 145 -21.89 -39.20 -71.85
N GLU H 146 -22.20 -40.46 -71.51
CA GLU H 146 -23.56 -40.95 -71.56
C GLU H 146 -24.12 -41.02 -70.15
N ILE H 147 -23.62 -40.14 -69.29
CA ILE H 147 -24.11 -40.01 -67.93
C ILE H 147 -24.38 -38.55 -67.62
N ASN H 148 -25.08 -38.28 -66.53
CA ASN H 148 -25.40 -36.91 -66.15
C ASN H 148 -24.38 -36.34 -65.16
N VAL H 149 -23.72 -35.28 -65.56
CA VAL H 149 -22.76 -34.59 -64.69
C VAL H 149 -22.96 -33.08 -64.79
N ASP H 150 -23.01 -32.42 -63.64
CA ASP H 150 -23.09 -30.96 -63.64
C ASP H 150 -21.68 -30.40 -63.90
N LYS H 151 -21.60 -29.09 -64.09
CA LYS H 151 -20.34 -28.46 -64.48
C LYS H 151 -19.23 -28.67 -63.45
N ASN H 152 -19.61 -28.73 -62.17
CA ASN H 152 -18.63 -28.98 -61.12
C ASN H 152 -18.06 -30.40 -61.19
N LEU H 153 -18.92 -31.37 -61.46
CA LEU H 153 -18.48 -32.77 -61.53
C LEU H 153 -17.71 -33.03 -62.81
N PHE H 154 -18.08 -32.34 -63.89
CA PHE H 154 -17.37 -32.45 -65.15
C PHE H 154 -15.96 -31.90 -65.02
N ARG H 155 -15.83 -30.76 -64.38
CA ARG H 155 -14.53 -30.15 -64.14
C ARG H 155 -13.70 -31.05 -63.23
N PHE H 156 -14.36 -31.62 -62.23
CA PHE H 156 -13.70 -32.53 -61.29
C PHE H 156 -13.18 -33.78 -62.01
N PHE H 157 -13.92 -34.20 -63.03
CA PHE H 157 -13.51 -35.34 -63.85
C PHE H 157 -12.18 -35.05 -64.51
N LEU H 158 -12.08 -33.89 -65.15
CA LEU H 158 -10.86 -33.50 -65.86
C LEU H 158 -9.69 -33.30 -64.91
N GLU H 159 -9.93 -32.61 -63.79
CA GLU H 159 -8.91 -32.40 -62.77
C GLU H 159 -8.33 -33.72 -62.29
N THR H 160 -9.22 -34.65 -61.94
CA THR H 160 -8.80 -35.95 -61.44
C THR H 160 -8.14 -36.75 -62.56
N LEU H 161 -8.67 -36.61 -63.78
CA LEU H 161 -8.10 -37.28 -64.93
C LEU H 161 -6.66 -36.82 -65.15
N PHE H 162 -6.47 -35.50 -65.20
CA PHE H 162 -5.15 -34.92 -65.41
C PHE H 162 -4.17 -35.31 -64.32
N TYR H 163 -4.58 -35.15 -63.06
CA TYR H 163 -3.72 -35.40 -61.91
C TYR H 163 -3.27 -36.85 -61.80
N GLU H 164 -4.20 -37.78 -61.97
CA GLU H 164 -3.88 -39.20 -61.86
C GLU H 164 -3.12 -39.70 -63.07
N TYR H 165 -3.36 -39.08 -64.23
CA TYR H 165 -2.66 -39.45 -65.46
C TYR H 165 -1.18 -39.12 -65.37
N MET H 166 -0.86 -38.04 -64.66
CA MET H 166 0.52 -37.58 -64.58
C MET H 166 1.38 -38.45 -63.68
N THR H 167 2.65 -38.57 -64.06
CA THR H 167 3.62 -39.35 -63.32
C THR H 167 4.84 -38.49 -62.98
N ASP H 168 5.12 -38.36 -61.68
CA ASP H 168 6.23 -37.54 -61.22
C ASP H 168 7.54 -38.33 -61.31
N GLU H 169 8.45 -37.86 -62.16
CA GLU H 169 9.71 -38.55 -62.37
C GLU H 169 10.92 -37.66 -62.09
N ARG H 170 10.71 -36.59 -61.32
CA ARG H 170 11.78 -35.64 -61.00
C ARG H 170 12.96 -36.31 -60.31
N PHE H 171 12.69 -37.33 -59.51
CA PHE H 171 13.73 -37.97 -58.72
C PHE H 171 14.10 -39.34 -59.25
N LYS H 172 13.71 -39.60 -60.50
CA LYS H 172 14.12 -40.80 -61.21
C LYS H 172 15.41 -40.54 -61.99
N SER H 173 16.18 -41.59 -62.23
CA SER H 173 17.40 -41.48 -63.03
C SER H 173 17.71 -42.80 -63.73
N THR H 174 17.51 -43.89 -63.00
CA THR H 174 17.81 -45.24 -63.48
C THR H 174 19.29 -45.40 -63.82
N LYS H 176 13.58 -44.53 -64.78
CA LYS H 176 12.66 -43.80 -65.63
C LYS H 176 11.89 -44.74 -66.56
N ASN H 177 10.58 -44.56 -66.63
CA ASN H 177 9.74 -45.37 -67.50
C ASN H 177 10.08 -45.12 -68.97
N VAL H 178 10.62 -46.16 -69.62
CA VAL H 178 11.03 -46.06 -71.01
C VAL H 178 9.84 -46.15 -71.96
N ASN H 179 8.69 -46.55 -71.42
CA ASN H 179 7.50 -46.78 -72.24
C ASN H 179 6.43 -45.71 -72.08
N MET H 180 6.70 -44.73 -71.22
CA MET H 180 5.71 -43.68 -70.94
C MET H 180 5.64 -42.63 -72.05
N GLU H 181 4.44 -42.46 -72.60
CA GLU H 181 4.19 -41.44 -73.62
C GLU H 181 2.75 -40.96 -73.53
N TYR H 182 2.57 -39.67 -73.31
CA TYR H 182 1.24 -39.10 -73.09
C TYR H 182 0.51 -38.80 -74.39
N ILE H 183 -0.82 -38.82 -74.33
CA ILE H 183 -1.64 -38.45 -75.48
C ILE H 183 -1.47 -36.97 -75.79
N LYS H 184 -1.84 -36.57 -77.00
CA LYS H 184 -1.71 -35.18 -77.42
C LYS H 184 -3.07 -34.54 -77.68
N HIS H 185 -4.12 -35.36 -77.73
CA HIS H 185 -5.47 -34.85 -77.94
C HIS H 185 -6.48 -35.51 -77.01
N LEU H 186 -7.40 -34.72 -76.49
CA LEU H 186 -8.50 -35.26 -75.68
C LEU H 186 -9.84 -34.75 -76.20
N GLY H 187 -10.68 -35.67 -76.66
CA GLY H 187 -12.00 -35.31 -77.15
C GLY H 187 -13.09 -35.64 -76.15
N VAL H 188 -14.03 -34.72 -75.98
CA VAL H 188 -15.13 -34.92 -75.04
C VAL H 188 -16.49 -34.66 -75.70
N TYR H 189 -17.31 -35.70 -75.74
CA TYR H 189 -18.68 -35.57 -76.24
C TYR H 189 -19.66 -35.49 -75.08
N ILE H 190 -20.45 -34.42 -75.05
CA ILE H 190 -21.39 -34.19 -73.96
C ILE H 190 -22.56 -33.31 -74.42
N ASN H 191 -23.73 -33.53 -73.82
CA ASN H 191 -24.90 -32.73 -74.14
C ASN H 191 -24.76 -31.32 -73.57
N ASN H 192 -25.24 -30.33 -74.34
CA ASN H 192 -25.10 -28.92 -73.98
C ASN H 192 -23.64 -28.60 -73.70
N ALA H 193 -22.78 -28.86 -74.68
CA ALA H 193 -21.34 -28.75 -74.53
C ALA H 193 -20.89 -27.30 -74.30
N ASP H 194 -21.65 -26.35 -74.83
CA ASP H 194 -21.27 -24.94 -74.76
C ASP H 194 -21.12 -24.43 -73.34
N THR H 195 -21.91 -24.99 -72.42
CA THR H 195 -21.83 -24.59 -71.01
C THR H 195 -20.65 -25.25 -70.30
N TYR H 196 -20.21 -26.38 -70.83
CA TYR H 196 -19.12 -27.13 -70.23
C TYR H 196 -17.75 -26.73 -70.79
N LYS H 197 -17.76 -26.00 -71.90
CA LYS H 197 -16.53 -25.57 -72.54
C LYS H 197 -15.70 -24.67 -71.62
N GLU H 198 -16.39 -23.88 -70.79
CA GLU H 198 -15.71 -22.95 -69.89
C GLU H 198 -14.99 -23.68 -68.76
N GLU H 199 -15.41 -24.91 -68.48
CA GLU H 199 -14.85 -25.68 -67.39
C GLU H 199 -13.50 -26.29 -67.74
N VAL H 200 -13.17 -26.29 -69.03
CA VAL H 200 -11.95 -26.94 -69.50
C VAL H 200 -10.68 -26.29 -68.93
N GLU H 201 -10.53 -25.00 -69.12
CA GLU H 201 -9.33 -24.31 -68.69
C GLU H 201 -9.29 -24.11 -67.18
N LYS H 202 -10.46 -24.09 -66.55
CA LYS H 202 -10.52 -24.00 -65.10
C LYS H 202 -10.01 -25.30 -64.48
N ALA H 203 -10.26 -26.41 -65.17
CA ALA H 203 -9.76 -27.72 -64.75
C ALA H 203 -8.24 -27.75 -64.82
N ARG H 204 -7.69 -27.23 -65.92
CA ARG H 204 -6.25 -27.20 -66.12
C ARG H 204 -5.54 -26.37 -65.05
N VAL H 205 -6.11 -25.22 -64.73
CA VAL H 205 -5.55 -24.36 -63.69
C VAL H 205 -5.65 -25.03 -62.33
N TYR H 206 -6.82 -25.60 -62.05
CA TYR H 206 -7.03 -26.32 -60.80
C TYR H 206 -6.13 -27.55 -60.72
N TYR H 207 -5.90 -28.18 -61.86
CA TYR H 207 -5.06 -29.37 -61.89
C TYR H 207 -3.61 -29.05 -61.52
N PHE H 208 -3.01 -28.06 -62.17
CA PHE H 208 -1.61 -27.78 -61.92
C PHE H 208 -1.40 -27.18 -60.54
N GLY H 209 -2.36 -26.37 -60.10
CA GLY H 209 -2.31 -25.81 -58.75
C GLY H 209 -2.22 -26.94 -57.74
N THR H 210 -2.99 -27.99 -57.98
CA THR H 210 -2.96 -29.19 -57.16
C THR H 210 -1.66 -29.95 -57.35
N TYR H 211 -1.25 -30.11 -58.60
CA TYR H 211 -0.04 -30.86 -58.93
C TYR H 211 1.22 -30.12 -58.47
N TYR H 212 1.18 -28.79 -58.53
CA TYR H 212 2.29 -27.99 -58.03
C TYR H 212 2.48 -28.21 -56.54
N ALA H 213 1.37 -28.25 -55.81
CA ALA H 213 1.40 -28.55 -54.38
C ALA H 213 1.89 -29.97 -54.16
N SER H 214 1.47 -30.89 -55.03
CA SER H 214 1.88 -32.28 -54.95
C SER H 214 3.39 -32.43 -55.16
N GLN H 215 3.93 -31.67 -56.12
CA GLN H 215 5.36 -31.71 -56.42
C GLN H 215 6.19 -31.28 -55.21
N LEU H 216 5.74 -30.24 -54.53
CA LEU H 216 6.43 -29.74 -53.36
C LEU H 216 6.41 -30.77 -52.23
N ILE H 217 5.23 -31.31 -51.95
CA ILE H 217 5.07 -32.26 -50.86
C ILE H 217 5.89 -33.54 -51.10
N ALA H 218 5.83 -34.07 -52.31
CA ALA H 218 6.57 -35.28 -52.65
C ALA H 218 8.07 -35.10 -52.52
N ALA H 219 8.54 -33.88 -52.82
CA ALA H 219 9.97 -33.57 -52.76
C ALA H 219 10.51 -33.76 -51.36
N PRO H 220 11.52 -34.63 -51.20
CA PRO H 220 12.10 -34.99 -49.90
C PRO H 220 12.65 -33.79 -49.14
N SER H 221 12.99 -34.01 -47.87
CA SER H 221 13.36 -32.91 -46.98
C SER H 221 14.75 -32.36 -47.26
N ASN H 222 15.60 -33.13 -47.90
CA ASN H 222 16.92 -32.64 -48.28
C ASN H 222 16.83 -31.73 -49.50
N TYR H 223 15.74 -31.90 -50.26
CA TYR H 223 15.45 -31.03 -51.39
C TYR H 223 14.60 -29.84 -50.94
N CYS H 224 13.49 -30.14 -50.27
CA CYS H 224 12.57 -29.11 -49.81
C CYS H 224 12.89 -28.68 -48.38
N ASN H 225 13.63 -27.60 -48.25
CA ASN H 225 13.97 -27.02 -46.96
C ASN H 225 13.42 -25.61 -46.86
N PRO H 226 13.44 -24.99 -45.67
CA PRO H 226 12.92 -23.62 -45.53
C PRO H 226 13.47 -22.63 -46.55
N VAL H 227 14.72 -22.79 -46.95
CA VAL H 227 15.33 -21.87 -47.92
C VAL H 227 14.85 -22.19 -49.33
N SER H 228 14.87 -23.46 -49.71
CA SER H 228 14.50 -23.86 -51.06
C SER H 228 13.00 -23.68 -51.30
N LEU H 229 12.20 -23.85 -50.25
CA LEU H 229 10.76 -23.68 -50.37
C LEU H 229 10.42 -22.19 -50.50
N SER H 230 11.11 -21.36 -49.73
CA SER H 230 10.90 -19.92 -49.78
C SER H 230 11.38 -19.35 -51.10
N ASN H 231 12.45 -19.91 -51.64
CA ASN H 231 12.96 -19.53 -52.95
C ASN H 231 11.94 -19.86 -54.04
N ALA H 232 11.28 -21.01 -53.88
CA ALA H 232 10.28 -21.45 -54.85
C ALA H 232 9.06 -20.55 -54.83
N ALA H 233 8.69 -20.09 -53.64
CA ALA H 233 7.55 -19.19 -53.48
C ALA H 233 7.80 -17.87 -54.18
N VAL H 234 9.05 -17.39 -54.10
CA VAL H 234 9.46 -16.18 -54.79
C VAL H 234 9.32 -16.34 -56.29
N GLU H 235 9.87 -17.42 -56.81
CA GLU H 235 9.81 -17.74 -58.23
C GLU H 235 8.37 -17.85 -58.71
N LEU H 236 7.53 -18.46 -57.88
CA LEU H 236 6.11 -18.58 -58.18
C LEU H 236 5.47 -17.20 -58.22
N ALA H 237 5.81 -16.37 -57.24
CA ALA H 237 5.31 -15.00 -57.19
C ALA H 237 5.81 -14.18 -58.37
N GLN H 238 7.05 -14.46 -58.79
CA GLN H 238 7.64 -13.77 -59.92
C GLN H 238 6.99 -14.17 -61.24
N LYS H 239 6.66 -15.45 -61.38
CA LYS H 239 6.00 -15.95 -62.59
C LYS H 239 4.56 -15.45 -62.70
N LEU H 240 3.92 -15.22 -61.55
CA LEU H 240 2.50 -14.87 -61.53
C LEU H 240 2.27 -13.39 -61.28
N ASN H 241 3.34 -12.62 -61.20
CA ASN H 241 3.28 -11.20 -60.86
C ASN H 241 2.54 -10.95 -59.55
N LEU H 242 2.90 -11.71 -58.52
CA LEU H 242 2.38 -11.48 -57.18
C LEU H 242 3.42 -10.73 -56.35
N GLU H 243 2.96 -9.80 -55.53
CA GLU H 243 3.84 -9.13 -54.60
C GLU H 243 4.34 -10.14 -53.57
N TYR H 244 5.62 -10.08 -53.23
CA TYR H 244 6.19 -11.06 -52.32
C TYR H 244 7.24 -10.47 -51.39
N LYS H 245 7.34 -11.03 -50.20
CA LYS H 245 8.42 -10.69 -49.28
C LYS H 245 8.77 -11.92 -48.45
N ILE H 246 10.06 -12.20 -48.32
CA ILE H 246 10.51 -13.30 -47.49
C ILE H 246 11.24 -12.76 -46.28
N LEU H 247 10.63 -12.97 -45.11
CA LEU H 247 11.19 -12.47 -43.87
C LEU H 247 12.24 -13.41 -43.33
N GLY H 248 13.44 -12.88 -43.08
CA GLY H 248 14.53 -13.65 -42.52
C GLY H 248 14.54 -13.59 -41.02
N VAL H 249 15.53 -14.21 -40.40
CA VAL H 249 15.60 -14.32 -38.94
C VAL H 249 15.59 -12.96 -38.23
N LYS H 250 16.38 -12.01 -38.73
CA LYS H 250 16.48 -10.69 -38.11
C LYS H 250 15.15 -9.97 -38.01
N GLU H 251 14.36 -10.05 -39.08
CA GLU H 251 13.05 -9.40 -39.11
C GLU H 251 12.05 -10.15 -38.23
N LEU H 252 12.13 -11.47 -38.25
CA LEU H 252 11.29 -12.30 -37.39
C LEU H 252 11.62 -12.03 -35.92
N GLU H 253 12.90 -11.83 -35.64
CA GLU H 253 13.34 -11.43 -34.31
C GLU H 253 12.79 -10.04 -33.99
N GLU H 254 12.79 -9.16 -34.99
CA GLU H 254 12.31 -7.80 -34.83
C GLU H 254 10.80 -7.77 -34.62
N LEU H 255 10.11 -8.78 -35.15
CA LEU H 255 8.66 -8.90 -34.99
C LEU H 255 8.34 -9.80 -33.79
N LYS H 256 9.38 -10.23 -33.08
CA LYS H 256 9.24 -10.96 -31.83
C LYS H 256 8.46 -12.27 -31.95
N MET H 257 8.69 -13.01 -33.03
CA MET H 257 8.03 -14.31 -33.20
C MET H 257 8.79 -15.40 -32.46
N GLY H 258 8.67 -15.39 -31.13
CA GLY H 258 9.41 -16.33 -30.30
C GLY H 258 8.95 -17.78 -30.44
N ALA H 259 7.66 -17.97 -30.71
CA ALA H 259 7.12 -19.31 -30.84
C ALA H 259 7.62 -19.97 -32.13
N TYR H 260 7.60 -19.19 -33.21
CA TYR H 260 8.02 -19.68 -34.51
C TYR H 260 9.54 -19.86 -34.59
N LEU H 261 10.28 -18.90 -34.04
CA LEU H 261 11.74 -18.97 -34.06
C LEU H 261 12.28 -20.12 -33.23
N SER H 262 11.60 -20.44 -32.13
CA SER H 262 12.04 -21.52 -31.25
C SER H 262 12.00 -22.87 -31.96
N VAL H 263 10.95 -23.11 -32.72
CA VAL H 263 10.80 -24.37 -33.46
C VAL H 263 11.96 -24.60 -34.42
N GLY H 264 12.41 -23.52 -35.06
CA GLY H 264 13.48 -23.63 -36.04
C GLY H 264 14.87 -23.49 -35.47
N LYS H 265 14.98 -23.35 -34.15
CA LYS H 265 16.26 -23.14 -33.49
C LYS H 265 17.26 -24.28 -33.75
N GLY H 266 16.75 -25.50 -33.80
CA GLY H 266 17.60 -26.67 -33.94
C GLY H 266 17.92 -27.05 -35.37
N SER H 267 17.52 -26.20 -36.32
CA SER H 267 17.71 -26.52 -37.73
C SER H 267 18.92 -25.81 -38.33
N MET H 268 19.57 -26.47 -39.30
CA MET H 268 20.69 -25.88 -40.00
C MET H 268 20.22 -24.89 -41.05
N TYR H 269 18.91 -24.93 -41.34
CA TYR H 269 18.31 -23.99 -42.27
C TYR H 269 17.61 -22.86 -41.49
N PRO H 270 17.97 -21.61 -41.82
CA PRO H 270 17.35 -20.44 -41.17
C PRO H 270 15.84 -20.36 -41.45
N ASN H 271 15.08 -19.82 -40.51
CA ASN H 271 13.65 -19.65 -40.69
C ASN H 271 13.33 -18.69 -41.83
N LYS H 272 12.31 -19.01 -42.62
CA LYS H 272 11.88 -18.16 -43.72
C LYS H 272 10.37 -18.01 -43.71
N PHE H 273 9.89 -16.77 -43.61
CA PHE H 273 8.46 -16.52 -43.58
C PHE H 273 7.97 -16.06 -44.96
N ILE H 274 7.07 -16.84 -45.54
CA ILE H 274 6.55 -16.57 -46.88
C ILE H 274 5.33 -15.65 -46.84
N HIS H 275 5.39 -14.57 -47.61
CA HIS H 275 4.26 -13.65 -47.70
C HIS H 275 4.04 -13.21 -49.15
N LEU H 276 3.08 -13.86 -49.81
CA LEU H 276 2.67 -13.49 -51.16
C LEU H 276 1.37 -12.71 -51.08
N THR H 277 1.15 -11.82 -52.05
CA THR H 277 -0.05 -11.01 -52.05
C THR H 277 -0.63 -10.82 -53.45
N TYR H 278 -1.93 -11.10 -53.58
CA TYR H 278 -2.67 -10.78 -54.80
C TYR H 278 -3.69 -9.69 -54.49
N LYS H 279 -3.69 -8.65 -55.31
CA LYS H 279 -4.68 -7.58 -55.14
C LYS H 279 -5.38 -7.28 -56.46
N SER H 280 -6.70 -7.19 -56.42
CA SER H 280 -7.49 -6.89 -57.60
C SER H 280 -7.35 -5.44 -58.00
N LYS H 281 -8.05 -5.05 -59.07
CA LYS H 281 -7.97 -3.68 -59.58
C LYS H 281 -8.85 -2.72 -58.79
N GLY H 282 -9.49 -3.21 -57.74
CA GLY H 282 -10.38 -2.39 -56.93
C GLY H 282 -11.75 -2.28 -57.56
N ASP H 283 -12.76 -2.01 -56.74
CA ASP H 283 -12.60 -1.81 -55.31
C ASP H 283 -12.54 -3.13 -54.56
N VAL H 284 -11.60 -3.22 -53.60
CA VAL H 284 -11.43 -4.43 -52.81
C VAL H 284 -12.45 -4.47 -51.68
N LYS H 285 -13.33 -5.45 -51.71
CA LYS H 285 -14.40 -5.57 -50.72
C LYS H 285 -14.12 -6.64 -49.69
N LYS H 286 -13.21 -7.55 -50.01
CA LYS H 286 -12.83 -8.61 -49.08
C LYS H 286 -11.32 -8.84 -49.06
N LYS H 287 -10.75 -8.78 -47.86
CA LYS H 287 -9.34 -9.08 -47.66
C LYS H 287 -9.20 -10.42 -46.94
N ILE H 288 -8.44 -11.33 -47.54
CA ILE H 288 -8.35 -12.70 -47.05
C ILE H 288 -6.90 -13.14 -46.80
N ALA H 289 -6.66 -13.74 -45.63
CA ALA H 289 -5.36 -14.29 -45.31
C ALA H 289 -5.40 -15.82 -45.32
N LEU H 290 -4.59 -16.43 -46.18
CA LEU H 290 -4.45 -17.88 -46.18
C LEU H 290 -3.12 -18.28 -45.52
N VAL H 291 -3.22 -18.98 -44.40
CA VAL H 291 -2.05 -19.35 -43.63
C VAL H 291 -1.76 -20.84 -43.71
N GLY H 292 -0.55 -21.19 -44.15
CA GLY H 292 -0.19 -22.58 -44.29
C GLY H 292 0.89 -23.04 -43.31
N LYS H 293 0.68 -24.20 -42.71
CA LYS H 293 1.70 -24.83 -41.88
C LYS H 293 2.85 -25.30 -42.78
N GLY H 294 4.06 -24.88 -42.47
CA GLY H 294 5.20 -25.17 -43.33
C GLY H 294 6.39 -25.78 -42.62
N ILE H 295 6.20 -26.99 -42.09
CA ILE H 295 7.31 -27.73 -41.50
C ILE H 295 7.89 -28.68 -42.55
N THR H 296 9.03 -28.30 -43.12
CA THR H 296 9.62 -29.05 -44.23
C THR H 296 10.01 -30.47 -43.81
N PHE H 297 10.35 -30.63 -42.54
CA PHE H 297 10.48 -31.96 -41.96
C PHE H 297 10.24 -31.92 -40.46
N ASP H 298 9.46 -32.88 -39.96
CA ASP H 298 9.13 -32.93 -38.55
C ASP H 298 9.68 -34.21 -37.91
N SER H 299 10.81 -34.08 -37.23
CA SER H 299 11.40 -35.19 -36.50
C SER H 299 10.67 -35.39 -35.18
N GLY H 300 10.03 -34.33 -34.71
CA GLY H 300 9.33 -34.34 -33.44
C GLY H 300 10.13 -33.60 -32.38
N GLY H 301 11.35 -33.24 -32.72
CA GLY H 301 12.24 -32.58 -31.77
C GLY H 301 12.71 -33.56 -30.72
N TYR H 302 12.96 -33.07 -29.51
CA TYR H 302 13.40 -33.94 -28.42
C TYR H 302 12.27 -34.88 -28.01
N ASN H 303 11.05 -34.52 -28.35
CA ASN H 303 9.94 -35.48 -28.30
C ASN H 303 9.92 -36.28 -29.59
N LEU H 304 11.02 -36.94 -29.86
CA LEU H 304 11.27 -37.62 -31.14
C LEU H 304 10.18 -38.62 -31.51
N LYS H 305 9.87 -38.69 -32.80
CA LYS H 305 8.93 -39.68 -33.32
C LYS H 305 9.61 -41.06 -33.34
N ALA H 306 9.71 -41.67 -32.17
CA ALA H 306 10.35 -42.98 -32.05
C ALA H 306 9.32 -44.06 -31.76
N ALA H 307 8.14 -43.64 -31.31
CA ALA H 307 7.05 -44.55 -31.00
C ALA H 307 6.54 -45.24 -32.27
N PRO H 308 6.11 -46.50 -32.13
CA PRO H 308 5.57 -47.28 -33.26
C PRO H 308 4.37 -46.61 -33.92
N GLY H 309 4.38 -46.50 -35.24
CA GLY H 309 3.27 -45.94 -35.97
C GLY H 309 3.31 -44.42 -36.07
N SER H 310 4.43 -43.83 -35.67
CA SER H 310 4.57 -42.38 -35.72
C SER H 310 4.85 -41.89 -37.14
N MET H 311 5.17 -42.83 -38.02
CA MET H 311 5.36 -42.55 -39.45
C MET H 311 6.39 -41.45 -39.71
N ILE H 312 7.57 -41.59 -39.11
CA ILE H 312 8.59 -40.56 -39.24
C ILE H 312 9.19 -40.50 -40.66
N ASP H 313 9.11 -41.62 -41.38
CA ASP H 313 9.68 -41.70 -42.72
C ASP H 313 8.84 -40.94 -43.74
N LEU H 314 7.68 -40.49 -43.29
CA LEU H 314 6.71 -39.84 -44.17
C LEU H 314 6.61 -38.35 -43.88
N MET H 315 7.32 -37.90 -42.85
CA MET H 315 7.13 -36.57 -42.28
C MET H 315 7.69 -35.41 -43.12
N LYS H 316 7.84 -35.63 -44.41
CA LYS H 316 8.18 -34.54 -45.32
C LYS H 316 6.90 -33.79 -45.69
N PHE H 317 5.76 -34.43 -45.48
CA PHE H 317 4.47 -33.89 -45.88
C PHE H 317 3.91 -32.91 -44.85
N ASP H 318 4.73 -32.54 -43.88
CA ASP H 318 4.32 -31.59 -42.85
C ASP H 318 4.38 -30.17 -43.41
N MET H 319 4.51 -30.08 -44.73
CA MET H 319 4.52 -28.82 -45.46
C MET H 319 3.19 -28.56 -46.14
N SER H 320 2.38 -29.62 -46.25
CA SER H 320 1.13 -29.63 -47.01
C SER H 320 0.28 -28.38 -46.88
N GLY H 321 0.26 -27.77 -45.70
CA GLY H 321 -0.48 -26.54 -45.50
C GLY H 321 0.11 -25.41 -46.32
N CYS H 322 1.43 -25.34 -46.36
CA CYS H 322 2.14 -24.35 -47.15
C CYS H 322 1.97 -24.62 -48.64
N ALA H 323 2.09 -25.89 -49.02
CA ALA H 323 1.95 -26.30 -50.42
C ALA H 323 0.56 -25.99 -50.95
N ALA H 324 -0.45 -26.23 -50.12
CA ALA H 324 -1.84 -25.97 -50.50
C ALA H 324 -2.08 -24.48 -50.72
N VAL H 325 -1.49 -23.67 -49.85
CA VAL H 325 -1.62 -22.23 -49.95
C VAL H 325 -0.90 -21.69 -51.20
N LEU H 326 0.30 -22.21 -51.45
CA LEU H 326 1.07 -21.81 -52.63
C LEU H 326 0.40 -22.27 -53.92
N GLY H 327 -0.16 -23.47 -53.90
CA GLY H 327 -0.87 -24.00 -55.05
C GLY H 327 -2.10 -23.17 -55.35
N CYS H 328 -2.71 -22.63 -54.31
CA CYS H 328 -3.85 -21.74 -54.44
C CYS H 328 -3.41 -20.43 -55.08
N ALA H 329 -2.21 -19.99 -54.74
CA ALA H 329 -1.67 -18.75 -55.28
C ALA H 329 -1.52 -18.84 -56.79
N TYR H 330 -1.21 -20.03 -57.29
CA TYR H 330 -1.11 -20.25 -58.72
C TYR H 330 -2.47 -20.04 -59.37
N CYS H 331 -3.49 -20.66 -58.81
CA CYS H 331 -4.84 -20.59 -59.35
C CYS H 331 -5.38 -19.17 -59.31
N VAL H 332 -5.19 -18.49 -58.18
CA VAL H 332 -5.65 -17.12 -58.04
C VAL H 332 -4.88 -16.18 -58.97
N GLY H 333 -3.57 -16.36 -59.04
CA GLY H 333 -2.73 -15.54 -59.91
C GLY H 333 -3.03 -15.72 -61.37
N THR H 334 -3.55 -16.90 -61.72
CA THR H 334 -3.88 -17.23 -63.10
C THR H 334 -5.28 -16.76 -63.47
N LEU H 335 -6.25 -17.09 -62.62
CA LEU H 335 -7.64 -16.76 -62.89
C LEU H 335 -7.94 -15.28 -62.67
N LYS H 336 -7.12 -14.63 -61.85
CA LYS H 336 -7.24 -13.21 -61.54
C LYS H 336 -8.66 -12.81 -61.15
N PRO H 337 -9.08 -13.18 -59.93
CA PRO H 337 -10.43 -12.82 -59.44
C PRO H 337 -10.56 -11.33 -59.19
N GLU H 338 -11.80 -10.85 -59.11
CA GLU H 338 -12.05 -9.43 -58.89
C GLU H 338 -12.46 -9.13 -57.44
N ASN H 339 -12.32 -7.87 -57.06
CA ASN H 339 -12.81 -7.36 -55.78
C ASN H 339 -12.26 -8.08 -54.55
N VAL H 340 -11.06 -8.62 -54.65
CA VAL H 340 -10.49 -9.38 -53.54
C VAL H 340 -8.98 -9.14 -53.38
N GLU H 341 -8.53 -9.13 -52.12
CA GLU H 341 -7.11 -9.04 -51.81
C GLU H 341 -6.70 -10.22 -50.94
N ILE H 342 -5.80 -11.06 -51.45
CA ILE H 342 -5.43 -12.28 -50.75
C ILE H 342 -3.97 -12.30 -50.33
N HIS H 343 -3.74 -12.62 -49.06
CA HIS H 343 -2.39 -12.76 -48.53
C HIS H 343 -2.07 -14.23 -48.29
N PHE H 344 -1.07 -14.72 -49.01
CA PHE H 344 -0.64 -16.12 -48.87
C PHE H 344 0.51 -16.22 -47.87
N LEU H 345 0.24 -16.81 -46.71
CA LEU H 345 1.20 -16.82 -45.62
C LEU H 345 1.66 -18.23 -45.23
N SER H 346 2.92 -18.34 -44.82
CA SER H 346 3.47 -19.60 -44.32
C SER H 346 4.73 -19.37 -43.52
N ALA H 347 4.71 -19.79 -42.25
CA ALA H 347 5.90 -19.75 -41.40
C ALA H 347 6.70 -21.02 -41.59
N VAL H 348 7.68 -20.98 -42.48
CA VAL H 348 8.41 -22.18 -42.87
C VAL H 348 9.66 -22.39 -42.02
N CYS H 349 9.80 -23.60 -41.50
CA CYS H 349 10.98 -23.99 -40.72
C CYS H 349 11.08 -25.50 -40.63
N GLU H 350 12.07 -25.98 -39.88
CA GLU H 350 12.31 -27.41 -39.74
C GLU H 350 12.46 -27.80 -38.28
N ASN H 351 11.78 -28.89 -37.89
CA ASN H 351 11.82 -29.36 -36.50
C ASN H 351 12.84 -30.49 -36.33
N MET H 352 14.01 -30.14 -35.80
CA MET H 352 15.12 -31.08 -35.72
C MET H 352 15.64 -31.29 -34.30
N VAL H 353 16.57 -32.24 -34.16
CA VAL H 353 17.20 -32.52 -32.87
C VAL H 353 18.65 -32.04 -32.88
N SER H 354 18.94 -31.10 -32.00
CA SER H 354 20.25 -30.47 -31.96
C SER H 354 20.56 -29.92 -30.57
N LYS H 355 21.78 -29.42 -30.40
CA LYS H 355 22.15 -28.73 -29.18
C LYS H 355 21.40 -27.39 -29.12
N ASN H 356 21.00 -26.90 -30.29
CA ASN H 356 20.34 -25.62 -30.41
C ASN H 356 18.83 -25.75 -30.38
N SER H 357 18.33 -26.98 -30.44
CA SER H 357 16.90 -27.24 -30.36
C SER H 357 16.34 -26.72 -29.04
N TYR H 358 15.09 -26.28 -29.04
CA TYR H 358 14.44 -25.89 -27.80
C TYR H 358 13.86 -27.14 -27.15
N ARG H 359 13.79 -27.14 -25.83
CA ARG H 359 13.48 -28.33 -25.06
C ARG H 359 12.04 -28.35 -24.55
N PRO H 360 11.55 -29.54 -24.20
CA PRO H 360 10.26 -29.63 -23.50
C PRO H 360 10.34 -28.94 -22.14
N GLY H 361 9.36 -28.10 -21.83
CA GLY H 361 9.36 -27.35 -20.59
C GLY H 361 9.67 -25.88 -20.81
N ASP H 362 10.28 -25.56 -21.94
CA ASP H 362 10.65 -24.20 -22.28
C ASP H 362 9.44 -23.26 -22.34
N ILE H 363 9.61 -22.05 -21.81
CA ILE H 363 8.58 -21.02 -21.90
C ILE H 363 9.00 -19.95 -22.90
N ILE H 364 8.24 -19.84 -23.99
CA ILE H 364 8.57 -18.91 -25.07
C ILE H 364 7.50 -17.83 -25.21
N THR H 365 7.90 -16.68 -25.75
CA THR H 365 6.99 -15.56 -25.90
C THR H 365 6.57 -15.33 -27.35
N ALA H 366 5.28 -15.43 -27.62
CA ALA H 366 4.76 -15.21 -28.95
C ALA H 366 4.77 -13.73 -29.30
N SER H 367 4.50 -13.41 -30.56
CA SER H 367 4.55 -12.03 -31.04
C SER H 367 3.42 -11.17 -30.51
N ASN H 368 2.43 -11.80 -29.88
CA ASN H 368 1.32 -11.06 -29.28
C ASN H 368 1.51 -10.87 -27.78
N GLY H 369 2.68 -11.25 -27.29
CA GLY H 369 3.03 -11.06 -25.89
C GLY H 369 2.72 -12.23 -24.99
N LYS H 370 1.94 -13.19 -25.50
CA LYS H 370 1.54 -14.33 -24.69
C LYS H 370 2.67 -15.34 -24.55
N THR H 371 2.90 -15.78 -23.31
CA THR H 371 3.94 -16.77 -23.02
C THR H 371 3.37 -18.18 -23.09
N ILE H 372 4.16 -19.10 -23.64
CA ILE H 372 3.70 -20.47 -23.88
C ILE H 372 4.65 -21.50 -23.31
N GLU H 373 4.13 -22.39 -22.48
CA GLU H 373 4.94 -23.48 -21.93
C GLU H 373 4.88 -24.69 -22.86
N VAL H 374 6.03 -25.05 -23.41
CA VAL H 374 6.13 -26.21 -24.30
C VAL H 374 6.08 -27.51 -23.52
N GLY H 375 5.10 -28.35 -23.84
CA GLY H 375 4.98 -29.64 -23.19
C GLY H 375 5.38 -30.78 -24.10
N ASN H 376 5.38 -30.50 -25.41
CA ASN H 376 5.74 -31.50 -26.40
C ASN H 376 6.29 -30.82 -27.66
N THR H 377 7.56 -31.06 -27.96
CA THR H 377 8.21 -30.43 -29.11
C THR H 377 7.64 -30.92 -30.44
N ASP H 378 6.88 -32.00 -30.40
CA ASP H 378 6.30 -32.57 -31.62
C ASP H 378 4.96 -31.91 -31.94
N ALA H 379 4.51 -31.04 -31.04
CA ALA H 379 3.34 -30.22 -31.30
C ALA H 379 3.78 -28.81 -31.68
N GLU H 380 4.68 -28.75 -32.66
CA GLU H 380 5.35 -27.51 -33.03
C GLU H 380 4.57 -26.68 -34.05
N GLY H 381 3.65 -27.34 -34.75
CA GLY H 381 2.87 -26.69 -35.79
C GLY H 381 2.04 -25.54 -35.25
N ARG H 382 1.39 -25.76 -34.12
CA ARG H 382 0.55 -24.74 -33.50
C ARG H 382 1.39 -23.58 -32.99
N LEU H 383 2.66 -23.84 -32.72
CA LEU H 383 3.59 -22.80 -32.30
C LEU H 383 3.93 -21.88 -33.46
N THR H 384 4.22 -22.47 -34.61
CA THR H 384 4.51 -21.69 -35.81
C THR H 384 3.24 -21.01 -36.33
N LEU H 385 2.12 -21.71 -36.24
CA LEU H 385 0.84 -21.16 -36.67
C LEU H 385 0.40 -19.98 -35.80
N ALA H 386 0.77 -20.04 -34.52
CA ALA H 386 0.41 -18.98 -33.58
C ALA H 386 0.94 -17.63 -34.04
N ASP H 387 2.25 -17.55 -34.27
CA ASP H 387 2.88 -16.33 -34.73
C ASP H 387 2.40 -15.94 -36.12
N ALA H 388 2.04 -16.95 -36.91
CA ALA H 388 1.51 -16.71 -38.25
C ALA H 388 0.13 -16.09 -38.19
N LEU H 389 -0.70 -16.55 -37.26
CA LEU H 389 -2.05 -16.02 -37.09
C LEU H 389 -2.02 -14.60 -36.53
N VAL H 390 -1.04 -14.32 -35.68
CA VAL H 390 -0.86 -12.98 -35.13
C VAL H 390 -0.49 -12.01 -36.24
N TYR H 391 0.44 -12.43 -37.09
CA TYR H 391 0.85 -11.68 -38.27
C TYR H 391 -0.34 -11.37 -39.16
N ALA H 392 -1.13 -12.41 -39.44
CA ALA H 392 -2.28 -12.30 -40.33
C ALA H 392 -3.30 -11.28 -39.84
N GLU H 393 -3.60 -11.31 -38.54
CA GLU H 393 -4.60 -10.42 -37.98
C GLU H 393 -4.12 -8.96 -38.00
N LYS H 394 -2.81 -8.77 -38.01
CA LYS H 394 -2.22 -7.43 -38.03
C LYS H 394 -2.36 -6.79 -39.41
N LEU H 395 -2.68 -7.60 -40.41
CA LEU H 395 -2.86 -7.10 -41.77
C LEU H 395 -4.23 -6.44 -41.95
N GLY H 396 -5.13 -6.69 -41.01
CA GLY H 396 -6.47 -6.14 -41.06
C GLY H 396 -7.31 -6.75 -42.15
N VAL H 397 -7.53 -8.06 -42.06
CA VAL H 397 -8.30 -8.79 -43.06
C VAL H 397 -9.69 -9.15 -42.56
N ASP H 398 -10.53 -9.65 -43.47
CA ASP H 398 -11.88 -10.06 -43.12
C ASP H 398 -11.93 -11.52 -42.72
N TYR H 399 -11.16 -12.34 -43.43
CA TYR H 399 -11.12 -13.77 -43.17
C TYR H 399 -9.70 -14.27 -42.94
N ILE H 400 -9.53 -15.14 -41.94
CA ILE H 400 -8.28 -15.86 -41.76
C ILE H 400 -8.54 -17.37 -41.80
N VAL H 401 -7.98 -18.05 -42.79
CA VAL H 401 -8.16 -19.48 -42.90
C VAL H 401 -6.81 -20.18 -42.93
N ASP H 402 -6.56 -21.03 -41.93
CA ASP H 402 -5.33 -21.80 -41.91
C ASP H 402 -5.60 -23.25 -42.31
N ILE H 403 -4.58 -23.89 -42.88
CA ILE H 403 -4.66 -25.28 -43.29
C ILE H 403 -3.37 -25.98 -42.87
N ALA H 404 -3.50 -27.13 -42.21
CA ALA H 404 -2.35 -27.73 -41.55
C ALA H 404 -2.49 -29.23 -41.31
N THR H 405 -1.38 -29.95 -41.40
CA THR H 405 -1.31 -31.33 -40.97
C THR H 405 -1.00 -31.34 -39.47
N LEU H 406 -1.95 -30.87 -38.68
CA LEU H 406 -1.70 -30.54 -37.28
C LEU H 406 -1.70 -31.73 -36.35
N THR H 407 -2.77 -32.52 -36.38
CA THR H 407 -2.92 -33.62 -35.41
C THR H 407 -3.17 -34.97 -36.07
N GLY H 408 -2.42 -35.98 -35.63
CA GLY H 408 -2.61 -37.34 -36.12
C GLY H 408 -3.92 -37.96 -35.65
N ALA H 409 -4.59 -37.27 -34.74
CA ALA H 409 -5.88 -37.74 -34.22
C ALA H 409 -6.96 -37.66 -35.30
N MET H 410 -6.70 -36.91 -36.35
CA MET H 410 -7.64 -36.81 -37.47
C MET H 410 -7.85 -38.17 -38.13
N LEU H 411 -6.80 -38.99 -38.12
CA LEU H 411 -6.89 -40.34 -38.66
C LEU H 411 -7.88 -41.19 -37.88
N TYR H 412 -8.10 -40.83 -36.62
CA TYR H 412 -9.01 -41.56 -35.75
C TYR H 412 -10.44 -40.98 -35.80
N SER H 413 -10.56 -39.73 -36.22
CA SER H 413 -11.86 -39.06 -36.22
C SER H 413 -12.56 -39.16 -37.57
N LEU H 414 -11.99 -38.56 -38.60
CA LEU H 414 -12.61 -38.54 -39.91
C LEU H 414 -11.89 -39.45 -40.90
N GLY H 415 -10.66 -39.82 -40.57
CA GLY H 415 -9.90 -40.74 -41.40
C GLY H 415 -9.13 -40.07 -42.52
N THR H 416 -9.09 -40.75 -43.67
CA THR H 416 -8.24 -40.33 -44.78
C THR H 416 -9.00 -39.66 -45.92
N SER H 417 -10.32 -39.55 -45.79
CA SER H 417 -11.14 -38.96 -46.85
C SER H 417 -11.62 -37.56 -46.51
N TYR H 418 -12.07 -37.36 -45.27
CA TYR H 418 -12.62 -36.08 -44.87
C TYR H 418 -11.66 -35.29 -44.00
N ALA H 419 -11.44 -34.03 -44.37
CA ALA H 419 -10.65 -33.14 -43.54
C ALA H 419 -11.53 -32.51 -42.49
N GLY H 420 -10.94 -32.08 -41.38
CA GLY H 420 -11.69 -31.44 -40.33
C GLY H 420 -11.54 -29.93 -40.37
N VAL H 421 -12.64 -29.22 -40.24
CA VAL H 421 -12.58 -27.77 -40.17
C VAL H 421 -13.08 -27.28 -38.81
N PHE H 422 -12.32 -26.38 -38.20
CA PHE H 422 -12.69 -25.76 -36.94
C PHE H 422 -12.75 -24.25 -37.16
N GLY H 423 -13.51 -23.55 -36.34
CA GLY H 423 -13.61 -22.11 -36.50
C GLY H 423 -14.25 -21.35 -35.36
N ASN H 424 -14.13 -20.03 -35.40
CA ASN H 424 -14.74 -19.16 -34.41
C ASN H 424 -15.89 -18.37 -35.01
N ASN H 425 -16.22 -18.68 -36.26
CA ASN H 425 -17.24 -17.94 -36.99
C ASN H 425 -18.10 -18.85 -37.86
N GLU H 426 -19.39 -18.87 -37.57
CA GLU H 426 -20.34 -19.75 -38.25
C GLU H 426 -20.47 -19.45 -39.74
N GLU H 427 -20.44 -18.15 -40.08
CA GLU H 427 -20.56 -17.74 -41.47
C GLU H 427 -19.38 -18.19 -42.31
N LEU H 428 -18.19 -18.08 -41.75
CA LEU H 428 -16.96 -18.45 -42.46
C LEU H 428 -16.85 -19.96 -42.66
N ILE H 429 -17.27 -20.71 -41.65
CA ILE H 429 -17.18 -22.17 -41.69
C ILE H 429 -18.03 -22.76 -42.80
N ASN H 430 -19.26 -22.27 -42.95
CA ASN H 430 -20.16 -22.78 -43.98
C ASN H 430 -19.67 -22.43 -45.38
N LYS H 431 -18.99 -21.29 -45.51
CA LYS H 431 -18.39 -20.91 -46.79
C LYS H 431 -17.32 -21.93 -47.17
N ILE H 432 -16.56 -22.37 -46.18
CA ILE H 432 -15.56 -23.42 -46.38
C ILE H 432 -16.26 -24.72 -46.78
N LEU H 433 -17.40 -25.00 -46.16
CA LEU H 433 -18.17 -26.20 -46.48
C LEU H 433 -18.78 -26.08 -47.87
N GLN H 434 -19.23 -24.88 -48.23
CA GLN H 434 -19.71 -24.63 -49.59
C GLN H 434 -18.58 -24.80 -50.59
N SER H 435 -17.40 -24.30 -50.22
CA SER H 435 -16.22 -24.44 -51.04
C SER H 435 -15.84 -25.91 -51.18
N SER H 436 -16.08 -26.67 -50.10
CA SER H 436 -15.81 -28.10 -50.10
C SER H 436 -16.72 -28.83 -51.07
N LYS H 437 -17.96 -28.34 -51.17
CA LYS H 437 -18.95 -28.95 -52.05
C LYS H 437 -18.65 -28.70 -53.52
N THR H 438 -18.22 -27.49 -53.83
CA THR H 438 -17.96 -27.10 -55.22
C THR H 438 -16.60 -27.60 -55.70
N SER H 439 -15.65 -27.71 -54.77
CA SER H 439 -14.30 -28.18 -55.11
C SER H 439 -14.19 -29.70 -55.02
N ASN H 440 -15.22 -30.32 -54.46
CA ASN H 440 -15.26 -31.77 -54.26
C ASN H 440 -14.08 -32.31 -53.47
N GLU H 441 -13.57 -31.50 -52.55
CA GLU H 441 -12.61 -31.97 -51.56
C GLU H 441 -13.31 -31.98 -50.21
N PRO H 442 -13.77 -33.17 -49.79
CA PRO H 442 -14.66 -33.38 -48.64
C PRO H 442 -14.10 -32.87 -47.31
N VAL H 443 -14.89 -32.06 -46.63
CA VAL H 443 -14.53 -31.49 -45.33
C VAL H 443 -15.71 -31.58 -44.38
N TRP H 444 -15.45 -32.00 -43.14
CA TRP H 444 -16.52 -32.09 -42.14
C TRP H 444 -16.27 -31.12 -40.99
N TRP H 445 -17.34 -30.48 -40.52
CA TRP H 445 -17.26 -29.50 -39.45
C TRP H 445 -17.15 -30.15 -38.08
N LEU H 446 -16.05 -29.88 -37.38
CA LEU H 446 -15.85 -30.40 -36.04
C LEU H 446 -15.85 -29.26 -35.02
N PRO H 447 -16.27 -29.54 -33.78
CA PRO H 447 -16.48 -28.48 -32.80
C PRO H 447 -15.23 -28.09 -32.01
N ILE H 448 -15.14 -26.80 -31.66
CA ILE H 448 -14.14 -26.34 -30.70
C ILE H 448 -14.78 -26.29 -29.32
N ILE H 449 -14.57 -27.34 -28.55
CA ILE H 449 -15.22 -27.50 -27.25
C ILE H 449 -14.50 -26.71 -26.16
N ASN H 450 -15.14 -25.64 -25.70
CA ASN H 450 -14.52 -24.71 -24.76
C ASN H 450 -14.28 -25.28 -23.36
N GLU H 451 -14.89 -26.44 -23.08
CA GLU H 451 -14.72 -27.07 -21.78
C GLU H 451 -13.29 -27.57 -21.60
N TYR H 452 -12.59 -27.78 -22.72
CA TYR H 452 -11.23 -28.30 -22.67
C TYR H 452 -10.19 -27.19 -22.53
N ARG H 453 -10.64 -25.94 -22.59
CA ARG H 453 -9.75 -24.79 -22.53
C ARG H 453 -8.99 -24.72 -21.21
N ALA H 454 -9.65 -25.12 -20.13
CA ALA H 454 -9.04 -25.08 -18.80
C ALA H 454 -7.83 -26.01 -18.70
N THR H 455 -7.78 -27.01 -19.58
CA THR H 455 -6.68 -27.95 -19.61
C THR H 455 -5.42 -27.34 -20.23
N LEU H 456 -5.52 -26.08 -20.65
CA LEU H 456 -4.38 -25.36 -21.20
C LEU H 456 -3.89 -24.29 -20.23
N ASN H 457 -4.45 -24.28 -19.03
CA ASN H 457 -4.01 -23.34 -18.00
C ASN H 457 -2.64 -23.71 -17.45
N SER H 458 -1.65 -22.87 -17.70
CA SER H 458 -0.29 -23.13 -17.26
C SER H 458 -0.02 -22.51 -15.89
N LYS H 459 0.78 -23.20 -15.08
CA LYS H 459 1.11 -22.73 -13.74
C LYS H 459 2.06 -21.54 -13.76
N TYR H 460 2.89 -21.46 -14.79
CA TYR H 460 3.89 -20.39 -14.86
C TYR H 460 3.74 -19.52 -16.11
N ALA H 461 3.48 -20.13 -17.25
CA ALA H 461 3.27 -19.39 -18.49
C ALA H 461 1.82 -18.93 -18.62
N ASP H 462 1.54 -18.16 -19.66
CA ASP H 462 0.17 -17.71 -19.91
C ASP H 462 -0.72 -18.85 -20.35
N ILE H 463 -0.15 -19.80 -21.09
CA ILE H 463 -0.93 -20.90 -21.65
C ILE H 463 -0.02 -22.09 -21.96
N ASN H 464 -0.61 -23.28 -21.91
CA ASN H 464 0.11 -24.50 -22.29
C ASN H 464 0.03 -24.76 -23.79
N GLN H 465 1.10 -25.33 -24.33
CA GLN H 465 1.13 -25.74 -25.74
C GLN H 465 0.17 -26.90 -25.97
N ILE H 466 0.24 -27.91 -25.12
CA ILE H 466 -0.62 -29.09 -25.24
C ILE H 466 -1.46 -29.31 -23.99
N SER H 467 -2.35 -30.30 -24.07
CA SER H 467 -3.20 -30.66 -22.95
C SER H 467 -2.61 -31.85 -22.20
N SER H 468 -2.71 -31.80 -20.88
CA SER H 468 -2.30 -32.92 -20.04
C SER H 468 -3.36 -34.00 -20.02
N SER H 469 -4.62 -33.58 -19.87
CA SER H 469 -5.73 -34.49 -19.70
C SER H 469 -6.35 -34.95 -21.02
N VAL H 470 -7.10 -34.04 -21.65
CA VAL H 470 -7.88 -34.33 -22.85
C VAL H 470 -7.06 -34.93 -23.99
N LYS H 471 -7.58 -36.00 -24.57
CA LYS H 471 -6.91 -36.69 -25.68
C LYS H 471 -7.44 -36.24 -27.04
N ALA H 472 -8.44 -35.36 -27.01
CA ALA H 472 -9.00 -34.79 -28.24
C ALA H 472 -8.11 -33.66 -28.74
N SER H 473 -6.89 -34.02 -29.15
CA SER H 473 -5.86 -33.04 -29.49
C SER H 473 -6.26 -32.09 -30.62
N SER H 474 -7.02 -32.59 -31.58
CA SER H 474 -7.46 -31.78 -32.72
C SER H 474 -8.28 -30.57 -32.25
N ILE H 475 -9.09 -30.81 -31.23
CA ILE H 475 -9.91 -29.75 -30.65
C ILE H 475 -9.07 -28.86 -29.76
N VAL H 476 -8.23 -29.48 -28.93
CA VAL H 476 -7.34 -28.75 -28.03
C VAL H 476 -6.41 -27.83 -28.81
N ALA H 477 -5.89 -28.32 -29.93
CA ALA H 477 -5.02 -27.52 -30.79
C ALA H 477 -5.77 -26.33 -31.38
N SER H 478 -7.03 -26.56 -31.74
CA SER H 478 -7.87 -25.47 -32.24
C SER H 478 -8.11 -24.44 -31.15
N LEU H 479 -8.33 -24.92 -29.92
CA LEU H 479 -8.48 -24.05 -28.76
C LEU H 479 -7.26 -23.19 -28.54
N PHE H 480 -6.09 -23.76 -28.82
CA PHE H 480 -4.83 -23.04 -28.66
C PHE H 480 -4.70 -21.92 -29.69
N LEU H 481 -4.97 -22.24 -30.95
CA LEU H 481 -4.91 -21.27 -32.04
C LEU H 481 -5.90 -20.12 -31.84
N LYS H 482 -7.05 -20.46 -31.26
CA LYS H 482 -8.10 -19.49 -31.01
C LYS H 482 -7.63 -18.34 -30.11
N GLU H 483 -6.64 -18.62 -29.27
CA GLU H 483 -6.08 -17.63 -28.37
C GLU H 483 -5.23 -16.59 -29.09
N PHE H 484 -4.94 -16.84 -30.36
CA PHE H 484 -4.09 -15.94 -31.13
C PHE H 484 -4.85 -15.23 -32.24
N VAL H 485 -6.17 -15.27 -32.15
CA VAL H 485 -7.03 -14.47 -33.02
C VAL H 485 -7.97 -13.64 -32.13
N GLN H 486 -7.70 -12.34 -32.05
CA GLN H 486 -8.35 -11.49 -31.07
C GLN H 486 -9.78 -11.09 -31.45
N ASN H 487 -9.97 -10.68 -32.70
CA ASN H 487 -11.28 -10.23 -33.15
C ASN H 487 -11.48 -10.35 -34.66
N THR H 488 -11.16 -11.51 -35.21
CA THR H 488 -11.29 -11.73 -36.65
C THR H 488 -11.87 -13.11 -36.94
N ALA H 489 -12.73 -13.19 -37.95
CA ALA H 489 -13.30 -14.47 -38.38
C ALA H 489 -12.19 -15.42 -38.82
N TRP H 490 -12.16 -16.60 -38.22
CA TRP H 490 -11.07 -17.53 -38.46
C TRP H 490 -11.54 -18.98 -38.55
N ALA H 491 -10.95 -19.73 -39.47
CA ALA H 491 -11.24 -21.15 -39.62
C ALA H 491 -9.95 -21.95 -39.74
N HIS H 492 -9.98 -23.20 -39.27
CA HIS H 492 -8.80 -24.05 -39.25
C HIS H 492 -9.08 -25.41 -39.88
N ILE H 493 -8.37 -25.72 -40.96
CA ILE H 493 -8.56 -26.99 -41.66
C ILE H 493 -7.42 -27.96 -41.34
N ASP H 494 -7.74 -29.03 -40.62
CA ASP H 494 -6.73 -30.04 -40.29
C ASP H 494 -6.71 -31.14 -41.35
N ILE H 495 -5.64 -31.17 -42.14
CA ILE H 495 -5.54 -32.12 -43.25
C ILE H 495 -4.50 -33.20 -42.98
N ALA H 496 -4.21 -33.44 -41.71
CA ALA H 496 -3.20 -34.42 -41.32
C ALA H 496 -3.57 -35.82 -41.78
N GLY H 497 -4.86 -36.07 -41.94
CA GLY H 497 -5.34 -37.39 -42.32
C GLY H 497 -5.55 -37.56 -43.81
N VAL H 498 -5.80 -36.46 -44.52
CA VAL H 498 -6.17 -36.54 -45.94
C VAL H 498 -5.06 -36.08 -46.89
N SER H 499 -4.00 -35.51 -46.34
CA SER H 499 -2.95 -34.95 -47.19
C SER H 499 -2.24 -36.01 -48.04
N TRP H 500 -1.83 -37.09 -47.40
CA TRP H 500 -1.08 -38.15 -48.09
C TRP H 500 -1.98 -39.32 -48.48
N ASN H 501 -1.93 -39.69 -49.75
CA ASN H 501 -2.65 -40.87 -50.23
C ASN H 501 -1.82 -42.12 -49.96
N PHE H 502 -2.09 -42.76 -48.83
CA PHE H 502 -1.33 -43.93 -48.40
C PHE H 502 -1.44 -45.09 -49.39
N LYS H 503 -2.60 -45.20 -50.04
CA LYS H 503 -2.84 -46.27 -51.00
C LYS H 503 -2.00 -46.08 -52.26
N ALA H 504 -1.93 -44.84 -52.73
CA ALA H 504 -1.21 -44.53 -53.98
C ALA H 504 0.24 -44.13 -53.71
N ARG H 505 0.60 -44.03 -52.43
CA ARG H 505 1.95 -43.66 -52.00
C ARG H 505 2.39 -42.32 -52.58
N LYS H 506 1.48 -41.36 -52.60
CA LYS H 506 1.77 -40.03 -53.14
C LYS H 506 0.86 -38.99 -52.48
N PRO H 507 1.25 -37.70 -52.56
CA PRO H 507 0.35 -36.67 -52.02
C PRO H 507 -0.94 -36.56 -52.81
N LYS H 508 -1.94 -35.91 -52.25
CA LYS H 508 -3.19 -35.68 -52.96
C LYS H 508 -3.23 -34.26 -53.52
N GLY H 509 -2.44 -33.38 -52.90
CA GLY H 509 -2.50 -31.96 -53.21
C GLY H 509 -3.78 -31.40 -52.64
N PHE H 510 -4.23 -31.98 -51.53
CA PHE H 510 -5.48 -31.59 -50.88
C PHE H 510 -5.44 -30.13 -50.44
N GLY H 511 -6.52 -29.41 -50.75
CA GLY H 511 -6.67 -28.05 -50.28
C GLY H 511 -6.60 -26.98 -51.36
N VAL H 512 -5.90 -27.30 -52.45
CA VAL H 512 -5.71 -26.32 -53.53
C VAL H 512 -7.04 -25.92 -54.17
N ARG H 513 -7.79 -26.93 -54.63
CA ARG H 513 -9.07 -26.69 -55.26
C ARG H 513 -10.07 -26.12 -54.26
N LEU H 514 -9.92 -26.52 -53.01
CA LEU H 514 -10.80 -26.06 -51.93
C LEU H 514 -10.63 -24.57 -51.66
N LEU H 515 -9.39 -24.12 -51.54
CA LEU H 515 -9.11 -22.73 -51.20
C LEU H 515 -9.45 -21.77 -52.33
N THR H 516 -9.29 -22.23 -53.56
CA THR H 516 -9.55 -21.38 -54.72
C THR H 516 -11.04 -21.12 -54.86
N GLU H 517 -11.85 -22.16 -54.66
CA GLU H 517 -13.30 -22.01 -54.68
C GLU H 517 -13.75 -21.05 -53.59
N PHE H 518 -13.00 -21.00 -52.50
CA PHE H 518 -13.32 -20.14 -51.37
C PHE H 518 -13.12 -18.66 -51.70
N VAL H 519 -12.01 -18.35 -52.34
CA VAL H 519 -11.68 -16.96 -52.65
C VAL H 519 -12.44 -16.47 -53.89
N LEU H 520 -12.79 -17.41 -54.78
CA LEU H 520 -13.44 -17.05 -56.03
C LEU H 520 -14.90 -16.66 -55.85
N ASN H 521 -15.64 -17.49 -55.13
CA ASN H 521 -17.09 -17.29 -55.00
C ASN H 521 -17.47 -16.48 -53.77
N ASP H 522 -16.54 -15.67 -53.28
CA ASP H 522 -16.78 -14.82 -52.12
C ASP H 522 -16.96 -13.36 -52.55
N SER I 5 30.46 -16.13 -18.39
CA SER I 5 29.47 -15.21 -17.86
C SER I 5 28.50 -14.75 -18.95
N GLU I 6 28.93 -14.82 -20.21
CA GLU I 6 28.08 -14.44 -21.33
C GLU I 6 27.27 -15.63 -21.82
N VAL I 7 25.95 -15.55 -21.68
CA VAL I 7 25.07 -16.63 -22.08
C VAL I 7 24.89 -16.67 -23.60
N PRO I 8 25.25 -17.81 -24.21
CA PRO I 8 25.11 -18.00 -25.66
C PRO I 8 23.65 -18.07 -26.10
N GLN I 9 23.38 -17.62 -27.32
CA GLN I 9 22.03 -17.60 -27.85
C GLN I 9 21.95 -18.25 -29.23
N VAL I 10 20.79 -18.80 -29.56
CA VAL I 10 20.54 -19.31 -30.91
C VAL I 10 19.86 -18.20 -31.72
N VAL I 11 18.91 -17.53 -31.09
CA VAL I 11 18.27 -16.35 -31.65
C VAL I 11 18.34 -15.22 -30.63
N SER I 12 18.05 -14.00 -31.06
CA SER I 12 18.15 -12.84 -30.18
C SER I 12 17.10 -12.87 -29.07
N LEU I 13 16.00 -13.59 -29.31
CA LEU I 13 14.91 -13.64 -28.35
C LEU I 13 15.18 -14.60 -27.21
N ASP I 14 16.23 -15.41 -27.34
CA ASP I 14 16.62 -16.33 -26.27
C ASP I 14 17.04 -15.56 -25.03
N PRO I 15 16.43 -15.90 -23.88
CA PRO I 15 16.76 -15.27 -22.60
C PRO I 15 18.21 -15.49 -22.20
N THR I 16 18.82 -14.48 -21.57
CA THR I 16 20.23 -14.55 -21.21
C THR I 16 20.43 -14.53 -19.69
N SER I 17 19.35 -14.71 -18.94
CA SER I 17 19.44 -14.76 -17.49
C SER I 17 18.18 -15.37 -16.88
N ILE I 18 18.32 -15.89 -15.67
CA ILE I 18 17.17 -16.38 -14.93
C ILE I 18 16.53 -15.24 -14.15
N PRO I 19 15.27 -14.90 -14.47
CA PRO I 19 14.56 -13.89 -13.69
C PRO I 19 14.39 -14.35 -12.24
N ILE I 20 14.91 -13.57 -11.31
CA ILE I 20 14.85 -13.94 -9.90
C ILE I 20 14.25 -12.82 -9.05
N GLU I 21 13.24 -13.19 -8.27
CA GLU I 21 12.59 -12.25 -7.36
C GLU I 21 13.16 -12.40 -5.95
N TYR I 22 13.90 -11.39 -5.51
CA TYR I 22 14.52 -11.41 -4.19
C TYR I 22 13.59 -10.80 -3.14
N ASN I 23 13.03 -9.65 -3.45
CA ASN I 23 12.04 -9.02 -2.58
C ASN I 23 10.64 -9.52 -2.88
N THR I 24 10.23 -10.56 -2.17
CA THR I 24 8.89 -11.12 -2.31
C THR I 24 7.92 -10.38 -1.40
N PRO I 25 6.62 -10.39 -1.73
CA PRO I 25 5.59 -9.78 -0.87
C PRO I 25 5.63 -10.30 0.57
N ILE I 26 6.12 -11.52 0.76
CA ILE I 26 6.23 -12.11 2.09
C ILE I 26 7.18 -11.30 2.96
N HIS I 27 8.23 -10.75 2.36
CA HIS I 27 9.21 -9.94 3.08
C HIS I 27 8.60 -8.61 3.56
N ASP I 28 7.47 -8.23 2.97
CA ASP I 28 6.80 -6.99 3.34
C ASP I 28 5.75 -7.22 4.42
N ILE I 29 5.61 -8.47 4.85
CA ILE I 29 4.63 -8.80 5.88
C ILE I 29 5.19 -8.59 7.27
N LYS I 30 4.57 -7.70 8.04
CA LYS I 30 4.95 -7.46 9.42
C LYS I 30 4.38 -8.54 10.32
N VAL I 31 5.23 -9.22 11.07
CA VAL I 31 4.80 -10.30 11.93
C VAL I 31 4.90 -9.95 13.40
N GLN I 32 3.76 -10.00 14.10
CA GLN I 32 3.72 -9.74 15.54
C GLN I 32 3.32 -11.00 16.29
N VAL I 33 4.07 -11.32 17.35
CA VAL I 33 3.75 -12.49 18.16
C VAL I 33 3.31 -12.06 19.57
N TYR I 34 2.10 -12.44 19.94
CA TYR I 34 1.54 -12.09 21.24
C TYR I 34 1.28 -13.34 22.06
N ASP I 35 1.27 -13.19 23.38
CA ASP I 35 0.95 -14.32 24.25
C ASP I 35 -0.56 -14.47 24.33
N ILE I 36 -1.03 -15.71 24.21
CA ILE I 36 -2.44 -15.99 24.11
C ILE I 36 -3.17 -15.78 25.44
N LYS I 37 -2.41 -15.73 26.53
CA LYS I 37 -2.99 -15.53 27.85
C LYS I 37 -3.36 -14.07 28.06
N GLY I 38 -2.91 -13.21 27.15
CA GLY I 38 -3.19 -11.80 27.23
C GLY I 38 -4.50 -11.43 26.55
N GLY I 39 -5.07 -12.37 25.81
CA GLY I 39 -6.34 -12.15 25.13
C GLY I 39 -6.15 -11.67 23.71
N CYS I 40 -7.12 -11.98 22.85
CA CYS I 40 -7.05 -11.60 21.44
C CYS I 40 -7.82 -10.31 21.16
N ASN I 41 -7.22 -9.43 20.38
CA ASN I 41 -7.92 -8.24 19.90
C ASN I 41 -8.39 -8.46 18.47
N VAL I 42 -9.69 -8.29 18.24
CA VAL I 42 -10.27 -8.53 16.92
C VAL I 42 -10.83 -7.23 16.35
N GLU I 43 -10.02 -6.52 15.57
CA GLU I 43 -10.39 -5.18 15.09
C GLU I 43 -10.43 -5.07 13.56
N GLU I 44 -9.37 -5.54 12.90
CA GLU I 44 -9.29 -5.46 11.45
C GLU I 44 -8.88 -6.79 10.84
N GLY I 45 -9.18 -6.96 9.55
CA GLY I 45 -8.76 -8.12 8.81
C GLY I 45 -9.45 -9.42 9.18
N LEU I 46 -8.76 -10.53 8.94
CA LEU I 46 -9.29 -11.86 9.22
C LEU I 46 -8.59 -12.51 10.41
N THR I 47 -9.38 -13.09 11.32
CA THR I 47 -8.83 -13.78 12.48
C THR I 47 -9.19 -15.27 12.45
N ILE I 48 -8.18 -16.11 12.40
CA ILE I 48 -8.39 -17.56 12.28
C ILE I 48 -7.88 -18.31 13.51
N PHE I 49 -8.75 -19.14 14.09
CA PHE I 49 -8.40 -19.96 15.24
C PHE I 49 -8.01 -21.37 14.82
N LEU I 50 -6.86 -21.84 15.29
CA LEU I 50 -6.45 -23.22 15.04
C LEU I 50 -6.92 -24.11 16.19
N VAL I 51 -8.01 -24.83 15.98
CA VAL I 51 -8.60 -25.63 17.04
C VAL I 51 -8.64 -27.12 16.72
N ASN I 52 -8.71 -27.93 17.77
CA ASN I 52 -8.88 -29.37 17.64
C ASN I 52 -9.74 -29.90 18.78
N ASN I 53 -10.01 -31.20 18.77
CA ASN I 53 -10.77 -31.82 19.85
C ASN I 53 -10.22 -33.21 20.17
N PRO I 54 -9.31 -33.28 21.15
CA PRO I 54 -8.62 -34.51 21.53
C PRO I 54 -9.56 -35.65 21.92
N GLY I 55 -9.45 -36.78 21.23
CA GLY I 55 -10.23 -37.95 21.56
C GLY I 55 -11.58 -38.03 20.87
N LYS I 56 -12.11 -36.88 20.48
CA LYS I 56 -13.40 -36.82 19.83
C LYS I 56 -13.27 -36.46 18.35
N GLU I 57 -13.13 -37.48 17.51
CA GLU I 57 -13.04 -37.29 16.06
C GLU I 57 -14.30 -36.61 15.54
N ASN I 58 -14.10 -35.61 14.67
CA ASN I 58 -15.19 -34.78 14.17
C ASN I 58 -15.96 -34.12 15.31
N GLY I 59 -15.27 -33.85 16.41
CA GLY I 59 -15.88 -33.22 17.57
C GLY I 59 -16.12 -31.74 17.35
N PRO I 60 -16.99 -31.14 18.16
CA PRO I 60 -17.40 -29.74 17.97
C PRO I 60 -16.28 -28.72 18.19
N VAL I 61 -16.44 -27.54 17.60
CA VAL I 61 -15.47 -26.46 17.77
C VAL I 61 -15.72 -25.72 19.08
N LYS I 62 -14.63 -25.43 19.79
CA LYS I 62 -14.66 -24.86 21.12
C LYS I 62 -13.56 -23.83 21.29
N ILE I 63 -13.94 -22.56 21.34
CA ILE I 63 -12.94 -21.50 21.45
C ILE I 63 -12.59 -21.23 22.91
N SER I 64 -11.37 -21.59 23.29
CA SER I 64 -10.93 -21.47 24.67
C SER I 64 -10.32 -20.10 24.98
N SER I 65 -9.69 -19.49 23.99
CA SER I 65 -8.98 -18.22 24.19
C SER I 65 -9.91 -17.10 24.62
N LYS I 66 -9.42 -16.24 25.51
CA LYS I 66 -10.17 -15.06 25.91
C LYS I 66 -10.07 -14.00 24.82
N VAL I 67 -11.23 -13.49 24.40
CA VAL I 67 -11.27 -12.46 23.38
C VAL I 67 -11.66 -11.12 24.00
N ASN I 68 -10.81 -10.11 23.80
CA ASN I 68 -11.03 -8.80 24.39
C ASN I 68 -12.10 -8.00 23.66
N ASP I 69 -13.20 -8.66 23.34
CA ASP I 69 -14.33 -8.02 22.68
C ASP I 69 -15.62 -8.71 23.12
N LYS I 70 -16.56 -7.93 23.65
CA LYS I 70 -17.80 -8.48 24.17
C LYS I 70 -18.64 -9.12 23.07
N GLN I 71 -18.73 -8.44 21.93
CA GLN I 71 -19.55 -8.91 20.82
C GLN I 71 -18.98 -10.17 20.18
N VAL I 72 -17.67 -10.18 19.93
CA VAL I 72 -17.03 -11.32 19.29
C VAL I 72 -17.06 -12.55 20.20
N SER I 73 -16.89 -12.34 21.50
CA SER I 73 -16.95 -13.43 22.47
C SER I 73 -18.33 -14.06 22.49
N GLU I 74 -19.36 -13.24 22.33
CA GLU I 74 -20.73 -13.73 22.30
C GLU I 74 -21.01 -14.53 21.03
N PHE I 75 -20.45 -14.08 19.91
CA PHE I 75 -20.55 -14.81 18.66
C PHE I 75 -19.80 -16.14 18.79
N LEU I 76 -18.67 -16.11 19.49
CA LEU I 76 -17.85 -17.29 19.67
C LEU I 76 -18.24 -18.08 20.92
N LYS I 77 -19.46 -17.86 21.39
CA LYS I 77 -19.97 -18.66 22.49
C LYS I 77 -20.05 -20.12 22.09
N ASP I 78 -19.97 -20.97 23.11
CA ASP I 78 -20.03 -22.43 23.00
C ASP I 78 -21.24 -22.89 22.20
N GLU I 79 -22.39 -22.29 22.54
CA GLU I 79 -23.66 -22.65 21.96
C GLU I 79 -23.70 -22.38 20.47
N ASN I 80 -22.95 -21.36 20.05
CA ASN I 80 -22.91 -20.97 18.64
C ASN I 80 -21.99 -21.85 17.80
N MET I 81 -20.88 -22.28 18.40
CA MET I 81 -19.85 -23.02 17.67
C MET I 81 -20.15 -24.51 17.56
N GLU I 82 -21.16 -24.96 18.30
CA GLU I 82 -21.50 -26.39 18.37
C GLU I 82 -21.82 -27.00 17.01
N LYS I 83 -22.35 -26.19 16.10
CA LYS I 83 -22.74 -26.68 14.78
C LYS I 83 -21.54 -27.02 13.89
N PHE I 84 -20.35 -26.56 14.30
CA PHE I 84 -19.13 -26.81 13.53
C PHE I 84 -18.23 -27.85 14.19
N ASN I 85 -17.48 -28.59 13.38
CA ASN I 85 -16.58 -29.61 13.90
C ASN I 85 -15.11 -29.36 13.54
N VAL I 86 -14.22 -30.14 14.15
CA VAL I 86 -12.79 -29.88 14.06
C VAL I 86 -12.04 -30.80 13.10
N LYS I 87 -12.75 -31.44 12.19
CA LYS I 87 -12.14 -32.37 11.24
C LYS I 87 -11.00 -31.69 10.45
N LEU I 88 -9.86 -32.36 10.39
CA LEU I 88 -8.64 -31.82 9.78
C LEU I 88 -8.84 -31.30 8.37
N GLY I 89 -8.56 -30.01 8.16
CA GLY I 89 -8.68 -29.40 6.85
C GLY I 89 -9.92 -28.55 6.72
N THR I 90 -10.91 -28.80 7.57
CA THR I 90 -12.16 -28.06 7.55
C THR I 90 -11.96 -26.62 8.02
N SER I 91 -12.54 -25.68 7.28
CA SER I 91 -12.48 -24.27 7.64
C SER I 91 -13.85 -23.63 7.54
N LYS I 92 -14.09 -22.59 8.32
CA LYS I 92 -15.33 -21.83 8.25
C LYS I 92 -15.06 -20.33 8.36
N HIS I 93 -15.93 -19.54 7.74
CA HIS I 93 -15.82 -18.09 7.79
C HIS I 93 -16.96 -17.47 8.59
N PHE I 94 -16.63 -16.52 9.47
CA PHE I 94 -17.65 -15.83 10.25
C PHE I 94 -17.62 -14.33 10.00
N TYR I 95 -18.78 -13.71 10.00
CA TYR I 95 -18.90 -12.26 9.80
C TYR I 95 -19.69 -11.63 10.94
N MET I 96 -19.16 -10.56 11.51
CA MET I 96 -19.79 -9.94 12.68
C MET I 96 -19.30 -8.52 12.93
N PHE I 97 -19.95 -7.85 13.88
CA PHE I 97 -19.57 -6.51 14.31
C PHE I 97 -19.02 -6.53 15.72
N ASN I 98 -17.92 -5.80 15.96
CA ASN I 98 -17.28 -5.79 17.26
C ASN I 98 -17.77 -4.66 18.17
N ASP I 99 -17.07 -4.44 19.27
CA ASP I 99 -17.51 -3.52 20.33
C ASP I 99 -17.64 -2.07 19.87
N ASN I 100 -16.69 -1.63 19.06
CA ASN I 100 -16.71 -0.26 18.55
C ASN I 100 -17.38 -0.18 17.18
N LYS I 101 -18.33 -1.08 16.94
CA LYS I 101 -19.19 -1.07 15.76
C LYS I 101 -18.44 -1.17 14.44
N ASN I 102 -17.36 -1.96 14.42
CA ASN I 102 -16.62 -2.21 13.19
C ASN I 102 -16.89 -3.60 12.65
N SER I 103 -16.98 -3.70 11.33
CA SER I 103 -17.17 -4.99 10.66
C SER I 103 -15.88 -5.82 10.73
N VAL I 104 -16.01 -7.10 11.04
CA VAL I 104 -14.84 -7.95 11.24
C VAL I 104 -15.07 -9.39 10.79
N ALA I 105 -14.01 -10.04 10.32
CA ALA I 105 -14.07 -11.43 9.87
C ALA I 105 -13.31 -12.37 10.80
N VAL I 106 -13.99 -13.42 11.24
CA VAL I 106 -13.40 -14.41 12.12
C VAL I 106 -13.61 -15.80 11.51
N GLY I 107 -12.77 -16.77 11.88
CA GLY I 107 -12.91 -18.12 11.38
C GLY I 107 -12.04 -19.12 12.10
N TYR I 108 -12.09 -20.38 11.67
CA TYR I 108 -11.24 -21.41 12.27
C TYR I 108 -10.76 -22.41 11.22
N VAL I 109 -9.77 -23.21 11.59
CA VAL I 109 -9.31 -24.32 10.76
C VAL I 109 -9.20 -25.58 11.62
N GLY I 110 -9.85 -26.65 11.19
CA GLY I 110 -9.85 -27.89 11.93
C GLY I 110 -8.51 -28.59 11.95
N CYS I 111 -8.12 -29.10 13.12
CA CYS I 111 -6.84 -29.75 13.28
C CYS I 111 -6.98 -31.20 13.75
N GLY I 112 -8.15 -31.79 13.50
CA GLY I 112 -8.39 -33.19 13.82
C GLY I 112 -8.59 -33.46 15.30
N SER I 113 -8.27 -34.68 15.72
CA SER I 113 -8.48 -35.10 17.10
C SER I 113 -7.18 -35.56 17.76
N VAL I 114 -6.11 -35.62 16.98
CA VAL I 114 -4.81 -36.03 17.48
C VAL I 114 -4.08 -34.83 18.09
N ALA I 115 -3.60 -34.98 19.32
CA ALA I 115 -2.95 -33.90 20.04
C ALA I 115 -1.60 -33.52 19.43
N ASP I 116 -0.86 -34.53 18.97
CA ASP I 116 0.41 -34.30 18.31
C ASP I 116 0.24 -34.31 16.80
N LEU I 117 0.28 -33.13 16.20
CA LEU I 117 0.03 -32.99 14.77
C LEU I 117 1.21 -33.42 13.92
N SER I 118 0.98 -34.32 12.97
CA SER I 118 1.96 -34.61 11.94
C SER I 118 2.12 -33.37 11.09
N GLU I 119 3.23 -33.26 10.37
CA GLU I 119 3.43 -32.08 9.54
C GLU I 119 2.97 -32.35 8.11
N ALA I 120 2.54 -33.59 7.87
CA ALA I 120 1.74 -33.88 6.70
C ALA I 120 0.35 -33.35 6.98
N ASP I 121 -0.01 -33.38 8.27
CA ASP I 121 -1.26 -32.81 8.75
C ASP I 121 -1.16 -31.28 8.85
N MET I 122 -0.03 -30.79 9.36
CA MET I 122 0.17 -29.36 9.51
C MET I 122 0.20 -28.67 8.15
N LYS I 123 0.75 -29.36 7.15
CA LYS I 123 0.73 -28.84 5.79
C LYS I 123 -0.71 -28.78 5.29
N ARG I 124 -1.53 -29.74 5.73
CA ARG I 124 -2.93 -29.78 5.34
C ARG I 124 -3.72 -28.66 6.02
N VAL I 125 -3.31 -28.32 7.24
CA VAL I 125 -3.89 -27.18 7.96
C VAL I 125 -3.55 -25.89 7.25
N VAL I 126 -2.28 -25.74 6.88
CA VAL I 126 -1.78 -24.55 6.20
C VAL I 126 -2.46 -24.37 4.84
N LEU I 127 -2.56 -25.46 4.09
CA LEU I 127 -3.18 -25.41 2.76
C LEU I 127 -4.63 -24.92 2.83
N SER I 128 -5.34 -25.33 3.87
CA SER I 128 -6.71 -24.87 4.07
C SER I 128 -6.72 -23.40 4.47
N LEU I 129 -5.70 -22.99 5.23
CA LEU I 129 -5.58 -21.60 5.65
C LEU I 129 -5.29 -20.69 4.47
N VAL I 130 -4.49 -21.18 3.53
CA VAL I 130 -4.11 -20.42 2.34
C VAL I 130 -5.33 -20.16 1.46
N THR I 131 -6.25 -21.12 1.40
CA THR I 131 -7.47 -20.99 0.63
C THR I 131 -8.29 -19.79 1.10
N MET I 132 -8.26 -19.53 2.40
CA MET I 132 -8.98 -18.39 2.97
C MET I 132 -8.31 -17.09 2.56
N LEU I 133 -7.01 -17.16 2.27
CA LEU I 133 -6.25 -15.99 1.85
C LEU I 133 -6.38 -15.76 0.34
N HIS I 134 -6.61 -16.83 -0.40
CA HIS I 134 -6.82 -16.74 -1.84
C HIS I 134 -8.20 -16.20 -2.16
N ASP I 135 -8.27 -15.40 -3.22
CA ASP I 135 -9.53 -14.82 -3.71
C ASP I 135 -10.23 -13.97 -2.66
N ASN I 136 -9.46 -13.43 -1.73
CA ASN I 136 -9.98 -12.51 -0.72
C ASN I 136 -8.99 -11.37 -0.52
N LYS I 137 -9.47 -10.15 -0.59
CA LYS I 137 -8.61 -8.98 -0.49
C LYS I 137 -8.47 -8.51 0.96
N LEU I 138 -7.71 -9.27 1.74
CA LEU I 138 -7.47 -8.94 3.15
C LEU I 138 -6.19 -8.13 3.30
N SER I 139 -6.14 -7.30 4.34
CA SER I 139 -4.97 -6.48 4.61
C SER I 139 -4.18 -7.03 5.80
N LYS I 140 -4.84 -7.84 6.62
CA LYS I 140 -4.21 -8.39 7.82
C LYS I 140 -4.75 -9.76 8.17
N LEU I 141 -3.85 -10.67 8.52
CA LEU I 141 -4.24 -12.02 8.95
C LEU I 141 -3.76 -12.30 10.37
N THR I 142 -4.64 -12.86 11.18
CA THR I 142 -4.30 -13.22 12.55
C THR I 142 -4.55 -14.70 12.81
N VAL I 143 -3.52 -15.39 13.28
CA VAL I 143 -3.63 -16.82 13.58
C VAL I 143 -3.53 -17.06 15.08
N VAL I 144 -4.59 -17.62 15.65
CA VAL I 144 -4.62 -17.91 17.08
C VAL I 144 -4.43 -19.39 17.35
N PHE I 145 -3.30 -19.72 17.97
CA PHE I 145 -2.94 -21.11 18.23
C PHE I 145 -3.63 -21.66 19.47
N GLU I 146 -4.69 -22.43 19.26
CA GLU I 146 -5.35 -23.13 20.36
C GLU I 146 -4.98 -24.60 20.34
N ILE I 147 -3.81 -24.90 19.77
CA ILE I 147 -3.28 -26.26 19.76
C ILE I 147 -1.84 -26.25 20.29
N ASN I 148 -1.33 -27.42 20.65
CA ASN I 148 0.03 -27.54 21.15
C ASN I 148 1.03 -27.87 20.05
N VAL I 149 1.99 -26.97 19.86
CA VAL I 149 3.05 -27.16 18.86
C VAL I 149 4.41 -26.80 19.47
N ASP I 150 5.45 -27.53 19.08
CA ASP I 150 6.79 -27.16 19.52
C ASP I 150 7.35 -26.09 18.59
N LYS I 151 8.55 -25.60 18.90
CA LYS I 151 9.14 -24.51 18.15
C LYS I 151 9.43 -24.91 16.70
N ASN I 152 9.80 -26.18 16.50
CA ASN I 152 10.04 -26.69 15.15
C ASN I 152 8.76 -26.74 14.33
N LEU I 153 7.66 -27.13 14.97
CA LEU I 153 6.38 -27.22 14.29
C LEU I 153 5.80 -25.83 14.05
N PHE I 154 6.02 -24.92 14.99
CA PHE I 154 5.57 -23.54 14.83
C PHE I 154 6.31 -22.88 13.68
N ARG I 155 7.62 -23.12 13.59
CA ARG I 155 8.43 -22.56 12.52
C ARG I 155 8.02 -23.16 11.18
N PHE I 156 7.81 -24.48 11.17
CA PHE I 156 7.38 -25.18 9.97
C PHE I 156 6.05 -24.64 9.47
N PHE I 157 5.18 -24.25 10.39
CA PHE I 157 3.90 -23.64 10.05
C PHE I 157 4.12 -22.37 9.23
N LEU I 158 5.00 -21.50 9.73
CA LEU I 158 5.29 -20.23 9.07
C LEU I 158 6.00 -20.44 7.73
N GLU I 159 6.98 -21.35 7.71
CA GLU I 159 7.68 -21.69 6.47
C GLU I 159 6.69 -22.12 5.39
N THR I 160 5.82 -23.05 5.75
CA THR I 160 4.84 -23.60 4.82
C THR I 160 3.79 -22.56 4.46
N LEU I 161 3.40 -21.74 5.44
CA LEU I 161 2.45 -20.67 5.20
C LEU I 161 2.97 -19.70 4.15
N PHE I 162 4.21 -19.27 4.33
CA PHE I 162 4.83 -18.33 3.40
C PHE I 162 4.99 -18.94 2.01
N TYR I 163 5.48 -20.17 1.96
CA TYR I 163 5.77 -20.84 0.70
C TYR I 163 4.52 -21.03 -0.17
N GLU I 164 3.44 -21.49 0.43
CA GLU I 164 2.21 -21.77 -0.30
C GLU I 164 1.44 -20.50 -0.65
N TYR I 165 1.54 -19.50 0.22
CA TYR I 165 0.88 -18.22 -0.01
C TYR I 165 1.46 -17.50 -1.22
N MET I 166 2.79 -17.57 -1.35
CA MET I 166 3.48 -16.89 -2.43
C MET I 166 3.15 -17.50 -3.80
N THR I 167 2.93 -16.63 -4.78
CA THR I 167 2.65 -17.07 -6.14
C THR I 167 3.71 -16.54 -7.10
N ASP I 168 4.33 -17.46 -7.84
CA ASP I 168 5.38 -17.11 -8.79
C ASP I 168 4.77 -16.66 -10.12
N GLU I 169 4.99 -15.40 -10.47
CA GLU I 169 4.46 -14.86 -11.72
C GLU I 169 5.55 -14.28 -12.60
N ARG I 170 6.75 -14.85 -12.52
CA ARG I 170 7.87 -14.39 -13.32
C ARG I 170 7.64 -14.59 -14.81
N PHE I 171 6.96 -15.68 -15.17
CA PHE I 171 6.80 -16.04 -16.57
C PHE I 171 5.39 -15.77 -17.08
N LYS I 172 4.59 -15.08 -16.27
CA LYS I 172 3.30 -14.58 -16.71
C LYS I 172 3.48 -13.25 -17.42
N SER I 173 2.62 -12.98 -18.41
CA SER I 173 2.72 -11.74 -19.16
C SER I 173 1.35 -11.07 -19.29
N THR I 174 0.46 -11.71 -20.05
CA THR I 174 -0.88 -11.19 -20.25
C THR I 174 -1.89 -11.93 -19.37
N ASP I 175 -1.38 -12.79 -18.49
CA ASP I 175 -2.24 -13.61 -17.65
C ASP I 175 -1.82 -13.52 -16.18
N LYS I 176 -1.29 -12.37 -15.79
CA LYS I 176 -1.01 -12.12 -14.38
C LYS I 176 -2.33 -11.95 -13.64
N ASN I 177 -2.46 -12.59 -12.49
CA ASN I 177 -3.69 -12.51 -11.71
C ASN I 177 -3.98 -11.09 -11.26
N VAL I 178 -5.07 -10.52 -11.76
CA VAL I 178 -5.42 -9.14 -11.50
C VAL I 178 -5.86 -8.90 -10.06
N ASN I 179 -6.14 -9.98 -9.33
CA ASN I 179 -6.63 -9.88 -7.97
C ASN I 179 -5.57 -10.21 -6.92
N MET I 180 -4.37 -10.54 -7.40
CA MET I 180 -3.26 -10.88 -6.51
C MET I 180 -2.95 -9.76 -5.52
N GLU I 181 -3.29 -9.98 -4.26
CA GLU I 181 -3.07 -8.98 -3.22
C GLU I 181 -2.69 -9.63 -1.90
N TYR I 182 -1.43 -9.51 -1.52
CA TYR I 182 -0.91 -10.15 -0.31
C TYR I 182 -1.20 -9.32 0.93
N ILE I 183 -1.39 -10.01 2.06
CA ILE I 183 -1.58 -9.34 3.34
C ILE I 183 -0.35 -8.55 3.72
N LYS I 184 -0.52 -7.53 4.55
CA LYS I 184 0.58 -6.67 4.96
C LYS I 184 0.97 -6.88 6.41
N HIS I 185 0.09 -7.53 7.17
CA HIS I 185 0.35 -7.78 8.58
C HIS I 185 -0.03 -9.20 8.97
N LEU I 186 0.77 -9.81 9.84
CA LEU I 186 0.49 -11.14 10.35
C LEU I 186 0.56 -11.16 11.87
N GLY I 187 -0.57 -11.40 12.51
CA GLY I 187 -0.62 -11.50 13.97
C GLY I 187 -0.69 -12.94 14.42
N VAL I 188 0.10 -13.28 15.43
CA VAL I 188 0.10 -14.64 15.96
C VAL I 188 -0.05 -14.66 17.48
N TYR I 189 -1.16 -15.25 17.94
CA TYR I 189 -1.38 -15.45 19.36
C TYR I 189 -1.04 -16.88 19.74
N ILE I 190 -0.19 -17.05 20.74
CA ILE I 190 0.23 -18.37 21.16
C ILE I 190 0.61 -18.34 22.62
N ASN I 191 0.26 -19.37 23.37
CA ASN I 191 0.94 -19.55 24.65
C ASN I 191 2.45 -19.60 24.41
N ASN I 192 3.23 -19.21 25.42
CA ASN I 192 4.70 -19.19 25.35
C ASN I 192 5.29 -18.25 24.25
N ALA I 193 4.65 -17.10 24.08
CA ALA I 193 4.94 -16.19 22.96
C ALA I 193 6.43 -15.84 22.83
N ASP I 194 7.06 -15.44 23.92
CA ASP I 194 8.47 -15.03 23.89
C ASP I 194 9.39 -16.15 23.45
N THR I 195 8.95 -17.40 23.64
CA THR I 195 9.73 -18.56 23.23
C THR I 195 9.71 -18.71 21.71
N TYR I 196 8.63 -18.27 21.08
CA TYR I 196 8.42 -18.49 19.65
C TYR I 196 8.86 -17.32 18.77
N LYS I 197 9.03 -16.14 19.36
CA LYS I 197 9.36 -14.93 18.60
C LYS I 197 10.64 -15.07 17.78
N GLU I 198 11.58 -15.87 18.28
CA GLU I 198 12.84 -16.08 17.57
C GLU I 198 12.62 -16.88 16.29
N GLU I 199 11.62 -17.76 16.28
CA GLU I 199 11.35 -18.63 15.15
C GLU I 199 10.82 -17.88 13.92
N VAL I 200 10.35 -16.65 14.13
CA VAL I 200 9.73 -15.87 13.06
C VAL I 200 10.69 -15.56 11.91
N GLU I 201 11.79 -14.89 12.22
CA GLU I 201 12.73 -14.47 11.19
C GLU I 201 13.54 -15.65 10.65
N LYS I 202 13.66 -16.71 11.44
CA LYS I 202 14.31 -17.93 10.97
C LYS I 202 13.44 -18.59 9.92
N ALA I 203 12.13 -18.59 10.16
CA ALA I 203 11.17 -19.13 9.21
C ALA I 203 11.19 -18.35 7.90
N ARG I 204 11.33 -17.03 8.02
CA ARG I 204 11.39 -16.17 6.84
C ARG I 204 12.63 -16.46 6.02
N VAL I 205 13.73 -16.77 6.70
CA VAL I 205 14.97 -17.13 6.02
C VAL I 205 14.85 -18.49 5.34
N TYR I 206 14.39 -19.49 6.10
CA TYR I 206 14.16 -20.82 5.57
C TYR I 206 13.18 -20.79 4.40
N TYR I 207 12.21 -19.89 4.49
CA TYR I 207 11.22 -19.75 3.43
C TYR I 207 11.84 -19.36 2.11
N PHE I 208 12.63 -18.27 2.11
CA PHE I 208 13.21 -17.79 0.87
C PHE I 208 14.22 -18.78 0.30
N GLY I 209 15.00 -19.39 1.18
CA GLY I 209 15.96 -20.41 0.77
C GLY I 209 15.26 -21.50 -0.01
N THR I 210 14.09 -21.90 0.49
CA THR I 210 13.26 -22.88 -0.20
C THR I 210 12.65 -22.27 -1.47
N TYR I 211 12.17 -21.05 -1.35
CA TYR I 211 11.51 -20.38 -2.47
C TYR I 211 12.50 -19.98 -3.56
N TYR I 212 13.72 -19.61 -3.15
CA TYR I 212 14.77 -19.28 -4.10
C TYR I 212 15.11 -20.50 -4.95
N ALA I 213 15.24 -21.65 -4.28
CA ALA I 213 15.46 -22.91 -4.97
C ALA I 213 14.32 -23.18 -5.92
N SER I 214 13.09 -23.00 -5.44
CA SER I 214 11.89 -23.21 -6.24
C SER I 214 11.88 -22.34 -7.50
N GLN I 215 12.29 -21.08 -7.34
CA GLN I 215 12.36 -20.15 -8.48
C GLN I 215 13.35 -20.64 -9.51
N LEU I 216 14.49 -21.14 -9.04
CA LEU I 216 15.47 -21.73 -9.94
C LEU I 216 14.83 -22.94 -10.64
N ILE I 217 14.28 -23.85 -9.84
CA ILE I 217 13.73 -25.09 -10.38
C ILE I 217 12.56 -24.86 -11.36
N ALA I 218 11.66 -23.97 -11.01
CA ALA I 218 10.50 -23.68 -11.86
C ALA I 218 10.92 -23.07 -13.20
N ALA I 219 12.01 -22.32 -13.20
CA ALA I 219 12.51 -21.68 -14.40
C ALA I 219 12.95 -22.70 -15.44
N PRO I 220 12.36 -22.63 -16.65
CA PRO I 220 12.61 -23.58 -17.74
C PRO I 220 14.06 -23.62 -18.21
N SER I 221 14.38 -24.57 -19.08
CA SER I 221 15.76 -24.82 -19.48
C SER I 221 16.31 -23.82 -20.49
N ASN I 222 15.43 -23.02 -21.08
CA ASN I 222 15.89 -21.98 -21.98
C ASN I 222 16.25 -20.73 -21.19
N TYR I 223 15.69 -20.61 -19.98
CA TYR I 223 16.04 -19.54 -19.07
C TYR I 223 17.18 -19.99 -18.15
N CYS I 224 17.02 -21.19 -17.57
CA CYS I 224 17.99 -21.72 -16.63
C CYS I 224 18.97 -22.68 -17.31
N ASN I 225 20.13 -22.15 -17.69
CA ASN I 225 21.17 -22.93 -18.35
C ASN I 225 22.43 -22.96 -17.48
N PRO I 226 23.41 -23.83 -17.83
CA PRO I 226 24.65 -23.88 -17.03
C PRO I 226 25.32 -22.52 -16.80
N VAL I 227 25.24 -21.62 -17.78
CA VAL I 227 25.87 -20.30 -17.65
C VAL I 227 25.03 -19.37 -16.77
N SER I 228 23.73 -19.32 -17.03
CA SER I 228 22.84 -18.43 -16.31
C SER I 228 22.69 -18.83 -14.84
N LEU I 229 22.72 -20.13 -14.59
CA LEU I 229 22.60 -20.64 -13.23
C LEU I 229 23.85 -20.31 -12.41
N SER I 230 25.01 -20.49 -13.04
CA SER I 230 26.28 -20.19 -12.38
C SER I 230 26.43 -18.70 -12.11
N ASN I 231 25.93 -17.89 -13.04
CA ASN I 231 25.95 -16.44 -12.88
C ASN I 231 25.03 -16.02 -11.74
N ALA I 232 23.95 -16.77 -11.54
CA ALA I 232 23.02 -16.51 -10.45
C ALA I 232 23.67 -16.86 -9.11
N ALA I 233 24.50 -17.89 -9.12
CA ALA I 233 25.21 -18.31 -7.91
C ALA I 233 26.21 -17.25 -7.47
N VAL I 234 26.88 -16.63 -8.45
CA VAL I 234 27.82 -15.56 -8.19
C VAL I 234 27.10 -14.36 -7.58
N GLU I 235 26.02 -13.95 -8.21
CA GLU I 235 25.21 -12.83 -7.75
C GLU I 235 24.73 -13.04 -6.32
N LEU I 236 24.33 -14.26 -6.01
CA LEU I 236 23.92 -14.61 -4.65
C LEU I 236 25.09 -14.54 -3.68
N ALA I 237 26.21 -15.13 -4.09
CA ALA I 237 27.42 -15.14 -3.27
C ALA I 237 27.90 -13.73 -2.99
N GLN I 238 27.72 -12.84 -3.96
CA GLN I 238 28.11 -11.44 -3.79
C GLN I 238 27.19 -10.73 -2.80
N LYS I 239 25.93 -11.12 -2.78
CA LYS I 239 24.95 -10.53 -1.86
C LYS I 239 25.17 -11.00 -0.43
N LEU I 240 25.68 -12.22 -0.28
CA LEU I 240 25.87 -12.82 1.04
C LEU I 240 27.30 -12.67 1.52
N ASN I 241 28.11 -11.98 0.74
CA ASN I 241 29.54 -11.81 1.02
C ASN I 241 30.22 -13.16 1.21
N LEU I 242 29.87 -14.12 0.35
CA LEU I 242 30.50 -15.43 0.35
C LEU I 242 31.60 -15.47 -0.69
N GLU I 243 32.68 -16.19 -0.40
CA GLU I 243 33.70 -16.44 -1.40
C GLU I 243 33.11 -17.34 -2.47
N TYR I 244 33.44 -17.07 -3.73
CA TYR I 244 32.91 -17.89 -4.82
C TYR I 244 33.95 -18.13 -5.91
N LYS I 245 33.78 -19.23 -6.63
CA LYS I 245 34.67 -19.59 -7.71
C LYS I 245 33.92 -20.41 -8.76
N ILE I 246 33.97 -19.94 -10.01
CA ILE I 246 33.30 -20.63 -11.10
C ILE I 246 34.33 -21.20 -12.07
N LEU I 247 34.43 -22.53 -12.10
CA LEU I 247 35.40 -23.20 -12.95
C LEU I 247 34.89 -23.40 -14.37
N GLY I 248 35.64 -22.89 -15.33
CA GLY I 248 35.30 -23.07 -16.73
C GLY I 248 35.88 -24.35 -17.30
N VAL I 249 35.61 -24.62 -18.57
CA VAL I 249 36.01 -25.85 -19.21
C VAL I 249 37.51 -26.12 -19.13
N LYS I 250 38.31 -25.10 -19.43
CA LYS I 250 39.77 -25.24 -19.44
C LYS I 250 40.32 -25.69 -18.10
N GLU I 251 39.76 -25.16 -17.01
CA GLU I 251 40.17 -25.54 -15.67
C GLU I 251 39.70 -26.96 -15.34
N LEU I 252 38.53 -27.31 -15.83
CA LEU I 252 38.01 -28.67 -15.68
C LEU I 252 38.89 -29.65 -16.44
N GLU I 253 39.41 -29.20 -17.58
CA GLU I 253 40.33 -30.00 -18.37
C GLU I 253 41.64 -30.21 -17.61
N GLU I 254 42.06 -29.17 -16.88
CA GLU I 254 43.28 -29.24 -16.09
C GLU I 254 43.11 -30.19 -14.92
N LEU I 255 41.90 -30.20 -14.35
CA LEU I 255 41.60 -31.07 -13.22
C LEU I 255 41.20 -32.46 -13.67
N LYS I 256 41.23 -32.68 -14.99
CA LYS I 256 41.01 -33.99 -15.60
C LYS I 256 39.64 -34.59 -15.25
N MET I 257 38.61 -33.74 -15.20
CA MET I 257 37.26 -34.22 -14.92
C MET I 257 36.59 -34.75 -16.17
N GLY I 258 37.00 -35.95 -16.61
CA GLY I 258 36.49 -36.53 -17.83
C GLY I 258 35.03 -36.93 -17.78
N ALA I 259 34.59 -37.46 -16.65
CA ALA I 259 33.22 -37.93 -16.49
C ALA I 259 32.22 -36.78 -16.56
N TYR I 260 32.52 -35.70 -15.86
CA TYR I 260 31.66 -34.51 -15.83
C TYR I 260 31.67 -33.79 -17.18
N LEU I 261 32.85 -33.66 -17.78
CA LEU I 261 32.98 -32.97 -19.06
C LEU I 261 32.34 -33.74 -20.20
N SER I 262 32.32 -35.07 -20.10
CA SER I 262 31.75 -35.91 -21.15
C SER I 262 30.23 -35.74 -21.25
N VAL I 263 29.59 -35.51 -20.11
CA VAL I 263 28.15 -35.34 -20.04
C VAL I 263 27.69 -34.10 -20.80
N GLY I 264 28.47 -33.03 -20.71
CA GLY I 264 28.11 -31.76 -21.33
C GLY I 264 28.68 -31.51 -22.71
N LYS I 265 29.33 -32.53 -23.27
CA LYS I 265 29.96 -32.42 -24.59
C LYS I 265 28.98 -32.04 -25.69
N GLY I 266 27.75 -32.54 -25.60
CA GLY I 266 26.76 -32.32 -26.63
C GLY I 266 25.96 -31.04 -26.46
N SER I 267 26.27 -30.28 -25.41
CA SER I 267 25.51 -29.07 -25.11
C SER I 267 26.12 -27.82 -25.75
N MET I 268 25.27 -26.85 -26.07
CA MET I 268 25.72 -25.57 -26.60
C MET I 268 26.21 -24.69 -25.46
N TYR I 269 25.92 -25.10 -24.24
CA TYR I 269 26.36 -24.37 -23.06
C TYR I 269 27.60 -25.02 -22.46
N PRO I 270 28.65 -24.22 -22.26
CA PRO I 270 29.89 -24.70 -21.65
C PRO I 270 29.66 -25.13 -20.20
N ASN I 271 30.37 -26.17 -19.76
CA ASN I 271 30.26 -26.63 -18.38
C ASN I 271 30.66 -25.54 -17.40
N LYS I 272 29.96 -25.47 -16.28
CA LYS I 272 30.27 -24.51 -15.22
C LYS I 272 30.21 -25.18 -13.86
N PHE I 273 31.32 -25.17 -13.14
CA PHE I 273 31.39 -25.76 -11.81
C PHE I 273 31.24 -24.68 -10.74
N ILE I 274 30.18 -24.77 -9.96
CA ILE I 274 29.90 -23.79 -8.92
C ILE I 274 30.57 -24.13 -7.60
N HIS I 275 31.34 -23.19 -7.06
CA HIS I 275 31.99 -23.40 -5.77
C HIS I 275 31.86 -22.16 -4.89
N LEU I 276 30.88 -22.21 -3.98
CA LEU I 276 30.71 -21.16 -2.98
C LEU I 276 31.21 -21.65 -1.63
N THR I 277 31.80 -20.75 -0.84
CA THR I 277 32.33 -21.13 0.46
C THR I 277 31.95 -20.14 1.55
N TYR I 278 31.41 -20.67 2.65
CA TYR I 278 31.19 -19.89 3.85
C TYR I 278 32.12 -20.36 4.96
N LYS I 279 32.86 -19.43 5.56
CA LYS I 279 33.69 -19.76 6.71
C LYS I 279 33.36 -18.84 7.88
N SER I 280 33.23 -19.41 9.06
CA SER I 280 32.86 -18.65 10.25
C SER I 280 34.03 -17.80 10.74
N LYS I 281 33.71 -16.69 11.42
CA LYS I 281 34.73 -15.88 12.05
C LYS I 281 35.13 -16.53 13.38
N GLY I 282 36.28 -17.19 13.36
CA GLY I 282 36.74 -17.93 14.52
C GLY I 282 37.13 -19.35 14.17
N ASP I 283 37.45 -20.14 15.18
CA ASP I 283 37.94 -21.51 14.99
C ASP I 283 36.91 -22.39 14.28
N VAL I 284 37.34 -23.05 13.21
CA VAL I 284 36.50 -23.98 12.48
C VAL I 284 36.57 -25.38 13.07
N LYS I 285 35.44 -25.90 13.52
CA LYS I 285 35.41 -27.22 14.15
C LYS I 285 34.86 -28.29 13.20
N LYS I 286 34.15 -27.86 12.17
CA LYS I 286 33.65 -28.79 11.17
C LYS I 286 33.78 -28.24 9.76
N LYS I 287 34.30 -29.06 8.86
CA LYS I 287 34.38 -28.73 7.44
C LYS I 287 33.41 -29.60 6.66
N ILE I 288 32.48 -28.97 5.95
CA ILE I 288 31.41 -29.69 5.28
C ILE I 288 31.32 -29.33 3.79
N ALA I 289 31.20 -30.34 2.95
CA ALA I 289 30.97 -30.12 1.52
C ALA I 289 29.58 -30.58 1.13
N LEU I 290 28.79 -29.67 0.55
CA LEU I 290 27.47 -29.99 0.05
C LEU I 290 27.50 -30.05 -1.48
N VAL I 291 27.25 -31.23 -2.03
CA VAL I 291 27.28 -31.43 -3.47
C VAL I 291 25.88 -31.65 -4.05
N GLY I 292 25.52 -30.84 -5.03
CA GLY I 292 24.21 -30.95 -5.66
C GLY I 292 24.27 -31.23 -7.14
N LYS I 293 23.41 -32.12 -7.60
CA LYS I 293 23.32 -32.45 -9.02
C LYS I 293 22.80 -31.26 -9.81
N GLY I 294 23.53 -30.88 -10.86
CA GLY I 294 23.19 -29.71 -11.63
C GLY I 294 23.01 -29.94 -13.12
N ILE I 295 22.05 -30.79 -13.47
CA ILE I 295 21.68 -30.98 -14.86
C ILE I 295 20.52 -30.06 -15.21
N THR I 296 20.82 -28.96 -15.90
CA THR I 296 19.81 -27.95 -16.19
C THR I 296 18.70 -28.50 -17.07
N PHE I 297 19.03 -29.44 -17.94
CA PHE I 297 18.01 -30.21 -18.64
C PHE I 297 18.52 -31.59 -18.97
N ASP I 298 17.71 -32.60 -18.69
CA ASP I 298 18.09 -33.97 -18.95
C ASP I 298 17.24 -34.58 -20.06
N SER I 299 17.73 -34.48 -21.29
CA SER I 299 17.05 -35.08 -22.42
C SER I 299 17.27 -36.59 -22.42
N GLY I 300 18.36 -37.02 -21.77
CA GLY I 300 18.69 -38.43 -21.69
C GLY I 300 19.85 -38.81 -22.59
N GLY I 301 20.22 -37.90 -23.49
CA GLY I 301 21.28 -38.18 -24.45
C GLY I 301 20.78 -39.13 -25.53
N TYR I 302 21.68 -39.93 -26.08
CA TYR I 302 21.32 -40.86 -27.14
C TYR I 302 20.42 -41.98 -26.62
N ASN I 303 20.51 -42.25 -25.32
CA ASN I 303 19.49 -43.05 -24.66
C ASN I 303 18.31 -42.14 -24.32
N LEU I 304 17.73 -41.55 -25.37
CA LEU I 304 16.70 -40.52 -25.23
C LEU I 304 15.52 -41.00 -24.38
N LYS I 305 14.98 -40.09 -23.59
CA LYS I 305 13.76 -40.36 -22.84
C LYS I 305 12.57 -40.38 -23.79
N ALA I 306 12.41 -41.50 -24.51
CA ALA I 306 11.35 -41.62 -25.49
C ALA I 306 10.28 -42.61 -25.03
N ALA I 307 10.63 -43.44 -24.06
CA ALA I 307 9.70 -44.40 -23.49
C ALA I 307 8.56 -43.69 -22.77
N PRO I 308 7.37 -44.30 -22.75
CA PRO I 308 6.22 -43.72 -22.05
C PRO I 308 6.46 -43.56 -20.56
N GLY I 309 6.19 -42.38 -20.02
CA GLY I 309 6.35 -42.13 -18.60
C GLY I 309 7.73 -41.67 -18.20
N SER I 310 8.51 -41.23 -19.17
CA SER I 310 9.87 -40.76 -18.91
C SER I 310 9.89 -39.33 -18.40
N MET I 311 8.77 -38.63 -18.56
CA MET I 311 8.57 -37.28 -18.04
C MET I 311 9.61 -36.27 -18.56
N ILE I 312 9.88 -36.31 -19.86
CA ILE I 312 10.90 -35.46 -20.45
C ILE I 312 10.48 -33.98 -20.42
N ASP I 313 9.18 -33.74 -20.38
CA ASP I 313 8.66 -32.37 -20.42
C ASP I 313 8.90 -31.64 -19.11
N LEU I 314 9.32 -32.38 -18.09
CA LEU I 314 9.57 -31.79 -16.79
C LEU I 314 11.05 -31.78 -16.46
N MET I 315 11.83 -32.60 -17.17
CA MET I 315 13.25 -32.81 -16.90
C MET I 315 14.13 -31.57 -16.72
N LYS I 316 13.53 -30.40 -16.53
CA LYS I 316 14.26 -29.24 -16.08
C LYS I 316 14.62 -29.42 -14.60
N PHE I 317 13.80 -30.18 -13.88
CA PHE I 317 13.96 -30.31 -12.43
C PHE I 317 15.17 -31.17 -12.02
N ASP I 318 15.99 -31.54 -12.99
CA ASP I 318 17.23 -32.27 -12.72
C ASP I 318 18.28 -31.27 -12.21
N MET I 319 17.76 -30.12 -11.79
CA MET I 319 18.51 -28.95 -11.39
C MET I 319 18.44 -28.84 -9.87
N SER I 320 17.48 -29.54 -9.30
CA SER I 320 17.01 -29.31 -7.93
C SER I 320 18.03 -29.59 -6.84
N GLY I 321 18.94 -30.52 -7.07
CA GLY I 321 20.00 -30.80 -6.12
C GLY I 321 20.88 -29.57 -5.98
N CYS I 322 21.19 -28.96 -7.11
CA CYS I 322 21.98 -27.74 -7.14
C CYS I 322 21.24 -26.59 -6.47
N ALA I 323 19.93 -26.52 -6.72
CA ALA I 323 19.11 -25.44 -6.17
C ALA I 323 18.98 -25.56 -4.65
N ALA I 324 18.92 -26.80 -4.17
CA ALA I 324 18.83 -27.05 -2.74
C ALA I 324 20.10 -26.60 -2.04
N VAL I 325 21.24 -26.86 -2.67
CA VAL I 325 22.53 -26.45 -2.14
C VAL I 325 22.66 -24.92 -2.15
N LEU I 326 22.23 -24.31 -3.24
CA LEU I 326 22.25 -22.85 -3.35
C LEU I 326 21.25 -22.21 -2.40
N GLY I 327 20.11 -22.88 -2.23
CA GLY I 327 19.11 -22.42 -1.27
C GLY I 327 19.66 -22.49 0.14
N CYS I 328 20.42 -23.54 0.43
CA CYS I 328 21.06 -23.70 1.73
C CYS I 328 22.12 -22.62 1.94
N ALA I 329 22.82 -22.27 0.87
CA ALA I 329 23.85 -21.23 0.92
C ALA I 329 23.27 -19.91 1.38
N TYR I 330 22.06 -19.60 0.91
CA TYR I 330 21.37 -18.40 1.35
C TYR I 330 21.09 -18.44 2.85
N CYS I 331 20.62 -19.59 3.32
CA CYS I 331 20.28 -19.75 4.73
C CYS I 331 21.52 -19.69 5.62
N VAL I 332 22.59 -20.34 5.16
CA VAL I 332 23.86 -20.33 5.89
C VAL I 332 24.51 -18.95 5.84
N GLY I 333 24.45 -18.32 4.67
CA GLY I 333 25.04 -17.01 4.48
C GLY I 333 24.33 -15.88 5.20
N THR I 334 23.06 -16.11 5.55
CA THR I 334 22.26 -15.09 6.21
C THR I 334 22.30 -15.23 7.73
N LEU I 335 22.08 -16.45 8.22
CA LEU I 335 22.06 -16.71 9.66
C LEU I 335 23.48 -16.71 10.24
N LYS I 336 24.45 -17.03 9.39
CA LYS I 336 25.87 -16.98 9.76
C LYS I 336 26.21 -17.80 11.00
N PRO I 337 26.21 -19.14 10.86
CA PRO I 337 26.53 -20.05 11.97
C PRO I 337 27.99 -19.98 12.37
N GLU I 338 28.31 -20.47 13.57
CA GLU I 338 29.67 -20.41 14.09
C GLU I 338 30.41 -21.74 13.97
N ASN I 339 31.74 -21.65 13.95
CA ASN I 339 32.61 -22.82 14.04
C ASN I 339 32.43 -23.84 12.91
N VAL I 340 32.02 -23.37 11.73
CA VAL I 340 31.83 -24.26 10.60
C VAL I 340 32.39 -23.66 9.30
N GLU I 341 32.86 -24.54 8.43
CA GLU I 341 33.23 -24.16 7.07
C GLU I 341 32.45 -25.01 6.08
N ILE I 342 31.68 -24.34 5.21
CA ILE I 342 30.83 -25.05 4.26
C ILE I 342 31.24 -24.78 2.83
N HIS I 343 31.33 -25.85 2.04
CA HIS I 343 31.62 -25.72 0.62
C HIS I 343 30.40 -26.13 -0.20
N PHE I 344 29.81 -25.15 -0.90
CA PHE I 344 28.65 -25.40 -1.74
C PHE I 344 29.09 -25.71 -3.17
N LEU I 345 28.99 -26.97 -3.56
CA LEU I 345 29.51 -27.43 -4.84
C LEU I 345 28.42 -27.88 -5.80
N SER I 346 28.63 -27.65 -7.08
CA SER I 346 27.73 -28.13 -8.12
C SER I 346 28.40 -28.18 -9.48
N ALA I 347 28.48 -29.37 -10.04
CA ALA I 347 28.97 -29.55 -11.40
C ALA I 347 27.81 -29.39 -12.37
N VAL I 348 27.64 -28.17 -12.89
CA VAL I 348 26.47 -27.83 -13.68
C VAL I 348 26.72 -28.04 -15.18
N CYS I 349 25.79 -28.75 -15.83
CA CYS I 349 25.86 -28.98 -17.27
C CYS I 349 24.49 -29.36 -17.83
N GLU I 350 24.46 -29.70 -19.12
CA GLU I 350 23.22 -30.09 -19.78
C GLU I 350 23.40 -31.34 -20.62
N ASN I 351 22.47 -32.29 -20.48
CA ASN I 351 22.54 -33.56 -21.19
C ASN I 351 21.70 -33.53 -22.46
N MET I 352 22.34 -33.33 -23.60
CA MET I 352 21.63 -33.13 -24.87
C MET I 352 22.03 -34.12 -25.96
N VAL I 353 21.28 -34.10 -27.05
CA VAL I 353 21.58 -34.93 -28.21
C VAL I 353 22.20 -34.10 -29.33
N SER I 354 23.42 -34.45 -29.71
CA SER I 354 24.15 -33.70 -30.72
C SER I 354 25.20 -34.59 -31.38
N LYS I 355 25.91 -34.04 -32.35
CA LYS I 355 27.01 -34.77 -32.97
C LYS I 355 28.22 -34.76 -32.03
N ASN I 356 28.19 -33.86 -31.07
CA ASN I 356 29.26 -33.75 -30.08
C ASN I 356 28.98 -34.53 -28.81
N SER I 357 27.77 -35.08 -28.71
CA SER I 357 27.35 -35.79 -27.51
C SER I 357 28.18 -37.03 -27.22
N TYR I 358 28.26 -37.40 -25.94
CA TYR I 358 28.90 -38.65 -25.55
C TYR I 358 27.95 -39.81 -25.84
N ARG I 359 28.52 -40.93 -26.25
CA ARG I 359 27.73 -42.05 -26.75
C ARG I 359 27.66 -43.19 -25.74
N PRO I 360 26.61 -44.03 -25.84
CA PRO I 360 26.58 -45.27 -25.08
C PRO I 360 27.75 -46.17 -25.48
N GLY I 361 28.48 -46.69 -24.51
CA GLY I 361 29.61 -47.55 -24.80
C GLY I 361 30.95 -46.84 -24.62
N ASP I 362 30.92 -45.51 -24.66
CA ASP I 362 32.13 -44.72 -24.48
C ASP I 362 32.79 -44.99 -23.13
N ILE I 363 34.11 -45.10 -23.14
CA ILE I 363 34.88 -45.25 -21.91
C ILE I 363 35.57 -43.93 -21.58
N ILE I 364 35.22 -43.37 -20.43
CA ILE I 364 35.73 -42.07 -20.01
C ILE I 364 36.56 -42.19 -18.74
N THR I 365 37.43 -41.21 -18.50
CA THR I 365 38.31 -41.25 -17.34
C THR I 365 37.97 -40.18 -16.31
N ALA I 366 37.63 -40.61 -15.10
CA ALA I 366 37.30 -39.69 -14.02
C ALA I 366 38.54 -38.97 -13.53
N SER I 367 38.35 -37.99 -12.65
CA SER I 367 39.47 -37.18 -12.14
C SER I 367 40.30 -37.93 -11.10
N ASN I 368 39.86 -39.14 -10.75
CA ASN I 368 40.63 -39.96 -9.83
C ASN I 368 41.34 -41.10 -10.56
N GLY I 369 41.28 -41.05 -11.88
CA GLY I 369 42.01 -42.00 -12.71
C GLY I 369 41.19 -43.21 -13.15
N LYS I 370 40.02 -43.40 -12.54
CA LYS I 370 39.18 -44.55 -12.85
C LYS I 370 38.49 -44.41 -14.20
N THR I 371 38.64 -45.43 -15.03
CA THR I 371 37.95 -45.48 -16.31
C THR I 371 36.53 -45.99 -16.12
N ILE I 372 35.57 -45.34 -16.77
CA ILE I 372 34.17 -45.68 -16.62
C ILE I 372 33.54 -46.03 -17.97
N GLU I 373 32.94 -47.21 -18.07
CA GLU I 373 32.26 -47.60 -19.29
C GLU I 373 30.79 -47.18 -19.24
N VAL I 374 30.42 -46.26 -20.12
CA VAL I 374 29.07 -45.75 -20.18
C VAL I 374 28.12 -46.78 -20.80
N GLY I 375 27.15 -47.24 -20.02
CA GLY I 375 26.18 -48.20 -20.52
C GLY I 375 24.87 -47.53 -20.87
N ASN I 376 24.69 -46.31 -20.36
CA ASN I 376 23.47 -45.55 -20.59
C ASN I 376 23.72 -44.06 -20.37
N THR I 377 23.55 -43.28 -21.43
CA THR I 377 23.81 -41.84 -21.37
C THR I 377 22.79 -41.10 -20.52
N ASP I 378 21.71 -41.78 -20.16
CA ASP I 378 20.66 -41.16 -19.35
C ASP I 378 20.97 -41.28 -17.86
N ALA I 379 22.04 -42.01 -17.55
CA ALA I 379 22.54 -42.08 -16.18
C ALA I 379 23.70 -41.11 -16.01
N GLU I 380 23.46 -39.85 -16.39
CA GLU I 380 24.52 -38.86 -16.45
C GLU I 380 24.79 -38.21 -15.09
N GLY I 381 23.81 -38.27 -14.20
CA GLY I 381 23.92 -37.65 -12.90
C GLY I 381 25.08 -38.17 -12.07
N ARG I 382 25.24 -39.49 -12.06
CA ARG I 382 26.29 -40.13 -11.28
C ARG I 382 27.67 -39.83 -11.84
N LEU I 383 27.74 -39.52 -13.14
CA LEU I 383 29.01 -39.20 -13.78
C LEU I 383 29.49 -37.82 -13.36
N THR I 384 28.57 -36.85 -13.35
CA THR I 384 28.91 -35.49 -12.96
C THR I 384 29.22 -35.41 -11.47
N LEU I 385 28.46 -36.16 -10.67
CA LEU I 385 28.67 -36.21 -9.23
C LEU I 385 30.00 -36.87 -8.89
N ALA I 386 30.40 -37.84 -9.69
CA ALA I 386 31.66 -38.57 -9.48
C ALA I 386 32.84 -37.61 -9.41
N ASP I 387 32.97 -36.77 -10.42
CA ASP I 387 34.03 -35.76 -10.44
C ASP I 387 33.82 -34.72 -9.36
N ALA I 388 32.55 -34.44 -9.06
CA ALA I 388 32.21 -33.47 -8.02
C ALA I 388 32.64 -33.98 -6.65
N LEU I 389 32.48 -35.28 -6.41
CA LEU I 389 32.84 -35.87 -5.14
C LEU I 389 34.36 -35.91 -4.95
N VAL I 390 35.09 -36.18 -6.03
CA VAL I 390 36.55 -36.19 -5.98
C VAL I 390 37.07 -34.80 -5.65
N TYR I 391 36.53 -33.80 -6.34
CA TYR I 391 36.83 -32.40 -6.06
C TYR I 391 36.53 -32.08 -4.59
N ALA I 392 35.41 -32.59 -4.10
CA ALA I 392 34.97 -32.36 -2.74
C ALA I 392 35.95 -32.94 -1.73
N GLU I 393 36.40 -34.16 -1.97
CA GLU I 393 37.29 -34.85 -1.05
C GLU I 393 38.67 -34.18 -1.05
N LYS I 394 39.05 -33.59 -2.18
CA LYS I 394 40.32 -32.87 -2.29
C LYS I 394 40.31 -31.59 -1.45
N LEU I 395 39.12 -31.17 -1.02
CA LEU I 395 39.01 -30.02 -0.12
C LEU I 395 39.38 -30.44 1.29
N GLY I 396 39.48 -31.75 1.50
CA GLY I 396 39.84 -32.29 2.80
C GLY I 396 38.82 -31.93 3.85
N VAL I 397 37.59 -32.43 3.68
CA VAL I 397 36.50 -32.10 4.58
C VAL I 397 36.19 -33.25 5.52
N ASP I 398 35.38 -32.96 6.54
CA ASP I 398 34.94 -33.97 7.49
C ASP I 398 33.73 -34.72 6.95
N TYR I 399 32.81 -33.97 6.36
CA TYR I 399 31.58 -34.55 5.81
C TYR I 399 31.36 -34.17 4.35
N ILE I 400 30.95 -35.14 3.55
CA ILE I 400 30.47 -34.88 2.20
C ILE I 400 29.01 -35.29 2.10
N VAL I 401 28.12 -34.32 1.91
CA VAL I 401 26.70 -34.62 1.79
C VAL I 401 26.22 -34.37 0.36
N ASP I 402 25.74 -35.44 -0.28
CA ASP I 402 25.31 -35.38 -1.67
C ASP I 402 23.79 -35.34 -1.78
N ILE I 403 23.29 -34.58 -2.75
CA ILE I 403 21.85 -34.49 -2.98
C ILE I 403 21.56 -34.41 -4.49
N ALA I 404 20.63 -35.24 -4.95
CA ALA I 404 20.42 -35.38 -6.40
C ALA I 404 19.07 -35.99 -6.76
N THR I 405 18.54 -35.57 -7.91
CA THR I 405 17.43 -36.26 -8.55
C THR I 405 18.01 -37.35 -9.42
N LEU I 406 18.52 -38.40 -8.77
CA LEU I 406 19.39 -39.36 -9.44
C LEU I 406 18.64 -40.49 -10.14
N THR I 407 17.70 -41.13 -9.45
CA THR I 407 17.03 -42.30 -9.99
C THR I 407 15.52 -42.21 -9.92
N GLY I 408 14.86 -42.63 -11.00
CA GLY I 408 13.40 -42.63 -11.04
C GLY I 408 12.81 -43.77 -10.23
N ALA I 409 13.66 -44.70 -9.81
CA ALA I 409 13.23 -45.85 -9.03
C ALA I 409 12.74 -45.44 -7.64
N MET I 410 13.13 -44.24 -7.21
CA MET I 410 12.73 -43.72 -5.92
C MET I 410 11.22 -43.53 -5.83
N LEU I 411 10.59 -43.26 -6.97
CA LEU I 411 9.15 -43.15 -7.05
C LEU I 411 8.49 -44.50 -6.73
N TYR I 412 9.21 -45.57 -7.00
CA TYR I 412 8.70 -46.93 -6.77
C TYR I 412 9.05 -47.46 -5.38
N SER I 413 10.05 -46.86 -4.75
CA SER I 413 10.53 -47.35 -3.45
C SER I 413 9.91 -46.59 -2.28
N LEU I 414 10.07 -45.27 -2.28
CA LEU I 414 9.55 -44.45 -1.19
C LEU I 414 8.40 -43.56 -1.65
N GLY I 415 8.31 -43.35 -2.95
CA GLY I 415 7.21 -42.56 -3.51
C GLY I 415 7.52 -41.08 -3.61
N THR I 416 6.51 -40.27 -3.31
CA THR I 416 6.59 -38.82 -3.55
C THR I 416 6.75 -37.98 -2.27
N SER I 417 6.73 -38.63 -1.11
CA SER I 417 6.79 -37.90 0.14
C SER I 417 8.17 -37.98 0.81
N TYR I 418 8.76 -39.18 0.82
CA TYR I 418 10.01 -39.40 1.53
C TYR I 418 11.19 -39.54 0.59
N ALA I 419 12.28 -38.86 0.90
CA ALA I 419 13.53 -39.01 0.16
C ALA I 419 14.35 -40.15 0.77
N GLY I 420 15.24 -40.72 -0.03
CA GLY I 420 16.09 -41.79 0.46
C GLY I 420 17.50 -41.30 0.73
N VAL I 421 18.11 -41.78 1.81
CA VAL I 421 19.49 -41.43 2.11
C VAL I 421 20.37 -42.68 2.16
N PHE I 422 21.49 -42.62 1.44
CA PHE I 422 22.49 -43.67 1.47
C PHE I 422 23.78 -43.09 2.04
N GLY I 423 24.68 -43.95 2.49
CA GLY I 423 25.94 -43.46 3.05
C GLY I 423 26.99 -44.53 3.30
N ASN I 424 28.21 -44.07 3.55
CA ASN I 424 29.30 -44.97 3.91
C ASN I 424 29.66 -44.82 5.37
N ASN I 425 28.93 -43.95 6.06
CA ASN I 425 29.19 -43.62 7.46
C ASN I 425 27.89 -43.46 8.23
N GLU I 426 27.67 -44.31 9.22
CA GLU I 426 26.38 -44.36 9.91
C GLU I 426 26.17 -43.22 10.92
N GLU I 427 27.25 -42.60 11.36
CA GLU I 427 27.12 -41.44 12.22
C GLU I 427 26.59 -40.26 11.42
N LEU I 428 27.07 -40.13 10.19
CA LEU I 428 26.64 -39.06 9.30
C LEU I 428 25.18 -39.27 8.88
N ILE I 429 24.81 -40.52 8.64
CA ILE I 429 23.45 -40.85 8.22
C ILE I 429 22.45 -40.44 9.31
N ASN I 430 22.80 -40.70 10.57
CA ASN I 430 21.94 -40.32 11.68
C ASN I 430 21.78 -38.81 11.81
N LYS I 431 22.84 -38.07 11.48
CA LYS I 431 22.78 -36.61 11.52
C LYS I 431 21.84 -36.08 10.46
N ILE I 432 21.83 -36.74 9.29
CA ILE I 432 20.92 -36.39 8.22
C ILE I 432 19.48 -36.70 8.64
N LEU I 433 19.30 -37.85 9.27
CA LEU I 433 17.98 -38.27 9.74
C LEU I 433 17.46 -37.33 10.83
N GLN I 434 18.36 -36.90 11.72
CA GLN I 434 17.99 -35.98 12.78
C GLN I 434 17.63 -34.62 12.20
N SER I 435 18.33 -34.23 11.14
CA SER I 435 18.05 -32.98 10.45
C SER I 435 16.69 -33.06 9.77
N SER I 436 16.35 -34.25 9.28
CA SER I 436 15.06 -34.48 8.64
C SER I 436 13.90 -34.26 9.62
N LYS I 437 14.13 -34.62 10.88
CA LYS I 437 13.11 -34.47 11.91
C LYS I 437 12.88 -33.00 12.26
N THR I 438 13.97 -32.25 12.41
CA THR I 438 13.90 -30.86 12.82
C THR I 438 13.52 -29.92 11.67
N SER I 439 13.90 -30.29 10.46
CA SER I 439 13.53 -29.50 9.28
C SER I 439 12.17 -29.92 8.76
N ASN I 440 11.69 -31.06 9.24
CA ASN I 440 10.41 -31.63 8.84
C ASN I 440 10.32 -31.88 7.34
N GLU I 441 11.46 -32.17 6.72
CA GLU I 441 11.51 -32.67 5.35
C GLU I 441 11.90 -34.14 5.39
N PRO I 442 10.91 -35.03 5.26
CA PRO I 442 11.03 -36.48 5.53
C PRO I 442 12.07 -37.19 4.67
N VAL I 443 12.90 -37.99 5.34
CA VAL I 443 13.95 -38.77 4.68
C VAL I 443 14.03 -40.16 5.31
N TRP I 444 14.15 -41.18 4.48
CA TRP I 444 14.24 -42.56 4.98
C TRP I 444 15.58 -43.20 4.61
N TRP I 445 16.15 -43.94 5.55
CA TRP I 445 17.44 -44.59 5.34
C TRP I 445 17.30 -45.83 4.47
N LEU I 446 18.03 -45.84 3.36
CA LEU I 446 18.07 -46.99 2.46
C LEU I 446 19.50 -47.55 2.40
N PRO I 447 19.63 -48.86 2.16
CA PRO I 447 20.95 -49.51 2.24
C PRO I 447 21.77 -49.47 0.96
N ILE I 448 23.08 -49.48 1.11
CA ILE I 448 23.99 -49.70 -0.01
C ILE I 448 24.41 -51.17 0.01
N ILE I 449 23.77 -51.97 -0.83
CA ILE I 449 23.98 -53.42 -0.81
C ILE I 449 25.23 -53.82 -1.61
N ASN I 450 26.26 -54.24 -0.89
CA ASN I 450 27.56 -54.54 -1.51
C ASN I 450 27.54 -55.77 -2.40
N GLU I 451 26.51 -56.60 -2.28
CA GLU I 451 26.41 -57.79 -3.11
C GLU I 451 26.19 -57.43 -4.58
N TYR I 452 25.65 -56.24 -4.82
CA TYR I 452 25.37 -55.80 -6.19
C TYR I 452 26.60 -55.19 -6.86
N ARG I 453 27.63 -54.92 -6.09
CA ARG I 453 28.85 -54.29 -6.58
C ARG I 453 29.49 -55.03 -7.75
N ALA I 454 29.37 -56.36 -7.75
CA ALA I 454 29.99 -57.19 -8.77
C ALA I 454 29.39 -56.97 -10.15
N THR I 455 28.18 -56.41 -10.20
CA THR I 455 27.50 -56.18 -11.47
C THR I 455 27.99 -54.91 -12.15
N LEU I 456 28.87 -54.17 -11.47
CA LEU I 456 29.46 -52.97 -12.02
C LEU I 456 30.88 -53.24 -12.54
N ASN I 457 31.26 -54.52 -12.55
CA ASN I 457 32.55 -54.92 -13.06
C ASN I 457 32.57 -54.88 -14.59
N SER I 458 33.40 -54.00 -15.14
CA SER I 458 33.51 -53.87 -16.59
C SER I 458 34.56 -54.82 -17.15
N LYS I 459 34.32 -55.32 -18.35
CA LYS I 459 35.25 -56.22 -19.02
C LYS I 459 36.48 -55.46 -19.52
N TYR I 460 36.32 -54.16 -19.72
CA TYR I 460 37.39 -53.35 -20.30
C TYR I 460 37.76 -52.13 -19.44
N ALA I 461 36.76 -51.47 -18.89
CA ALA I 461 37.01 -50.33 -18.01
C ALA I 461 37.22 -50.80 -16.58
N ASP I 462 37.56 -49.87 -15.69
CA ASP I 462 37.71 -50.19 -14.27
C ASP I 462 36.35 -50.50 -13.66
N ILE I 463 35.33 -49.82 -14.15
CA ILE I 463 33.98 -49.95 -13.59
C ILE I 463 32.92 -49.60 -14.62
N ASN I 464 31.74 -50.21 -14.48
CA ASN I 464 30.59 -49.85 -15.29
C ASN I 464 29.85 -48.66 -14.70
N GLN I 465 29.19 -47.89 -15.55
CA GLN I 465 28.38 -46.77 -15.10
C GLN I 465 27.09 -47.28 -14.48
N ILE I 466 26.45 -48.22 -15.17
CA ILE I 466 25.23 -48.85 -14.67
C ILE I 466 25.39 -50.35 -14.61
N SER I 467 24.45 -51.00 -13.94
CA SER I 467 24.45 -52.45 -13.88
C SER I 467 23.61 -53.02 -15.02
N SER I 468 23.93 -54.24 -15.41
CA SER I 468 23.15 -54.93 -16.44
C SER I 468 22.60 -56.24 -15.88
N SER I 469 22.15 -56.23 -14.63
CA SER I 469 21.61 -57.43 -13.98
C SER I 469 21.02 -57.23 -12.58
N VAL I 470 20.34 -56.11 -12.30
CA VAL I 470 19.71 -55.93 -10.99
C VAL I 470 18.35 -55.20 -11.00
N LYS I 471 18.28 -54.08 -11.73
CA LYS I 471 17.11 -53.19 -11.75
C LYS I 471 16.85 -52.45 -10.43
N ALA I 472 17.82 -52.49 -9.51
CA ALA I 472 17.74 -51.71 -8.28
C ALA I 472 18.58 -50.44 -8.39
N SER I 473 18.08 -49.49 -9.17
CA SER I 473 18.87 -48.34 -9.62
C SER I 473 19.39 -47.42 -8.50
N SER I 474 18.56 -47.18 -7.48
CA SER I 474 18.94 -46.27 -6.40
C SER I 474 20.13 -46.81 -5.63
N ILE I 475 20.17 -48.12 -5.44
CA ILE I 475 21.25 -48.77 -4.70
C ILE I 475 22.52 -48.85 -5.53
N VAL I 476 22.35 -49.18 -6.81
CA VAL I 476 23.50 -49.32 -7.71
C VAL I 476 24.17 -47.97 -7.97
N ALA I 477 23.37 -46.93 -8.10
CA ALA I 477 23.89 -45.58 -8.29
C ALA I 477 24.73 -45.18 -7.08
N SER I 478 24.26 -45.55 -5.90
CA SER I 478 24.98 -45.29 -4.66
C SER I 478 26.30 -46.06 -4.61
N LEU I 479 26.26 -47.32 -5.04
CA LEU I 479 27.46 -48.15 -5.13
C LEU I 479 28.49 -47.53 -6.06
N PHE I 480 28.02 -46.91 -7.14
CA PHE I 480 28.90 -46.25 -8.10
C PHE I 480 29.57 -45.04 -7.47
N LEU I 481 28.78 -44.19 -6.83
CA LEU I 481 29.31 -42.98 -6.18
C LEU I 481 30.25 -43.33 -5.03
N LYS I 482 30.04 -44.50 -4.44
CA LYS I 482 30.86 -44.98 -3.34
C LYS I 482 32.31 -45.18 -3.79
N GLU I 483 32.48 -45.49 -5.07
CA GLU I 483 33.81 -45.77 -5.62
C GLU I 483 34.66 -44.52 -5.80
N PHE I 484 34.07 -43.36 -5.51
CA PHE I 484 34.78 -42.09 -5.71
C PHE I 484 34.93 -41.29 -4.42
N VAL I 485 34.68 -41.94 -3.30
CA VAL I 485 34.98 -41.38 -1.99
C VAL I 485 35.86 -42.35 -1.22
N GLN I 486 37.12 -41.98 -1.05
CA GLN I 486 38.13 -42.90 -0.51
C GLN I 486 38.14 -42.99 1.01
N ASN I 487 38.25 -41.85 1.69
CA ASN I 487 38.36 -41.84 3.14
C ASN I 487 37.64 -40.68 3.80
N THR I 488 36.40 -40.43 3.40
CA THR I 488 35.61 -39.36 4.00
C THR I 488 34.19 -39.82 4.27
N ALA I 489 33.64 -39.39 5.40
CA ALA I 489 32.24 -39.66 5.71
C ALA I 489 31.35 -39.06 4.62
N TRP I 490 30.56 -39.90 3.98
CA TRP I 490 29.77 -39.47 2.84
C TRP I 490 28.34 -39.99 2.89
N ALA I 491 27.39 -39.14 2.54
CA ALA I 491 25.98 -39.51 2.48
C ALA I 491 25.36 -39.03 1.17
N HIS I 492 24.43 -39.82 0.64
CA HIS I 492 23.79 -39.50 -0.65
C HIS I 492 22.27 -39.45 -0.52
N ILE I 493 21.71 -38.26 -0.72
CA ILE I 493 20.27 -38.06 -0.64
C ILE I 493 19.64 -38.02 -2.03
N ASP I 494 18.79 -38.99 -2.32
CA ASP I 494 18.10 -39.06 -3.60
C ASP I 494 16.73 -38.39 -3.48
N ILE I 495 16.53 -37.31 -4.21
CA ILE I 495 15.30 -36.53 -4.10
C ILE I 495 14.50 -36.50 -5.41
N ALA I 496 14.75 -37.48 -6.27
CA ALA I 496 14.11 -37.52 -7.59
C ALA I 496 12.59 -37.62 -7.49
N GLY I 497 12.10 -38.28 -6.44
CA GLY I 497 10.67 -38.49 -6.29
C GLY I 497 9.95 -37.42 -5.51
N VAL I 498 10.69 -36.69 -4.67
CA VAL I 498 10.07 -35.72 -3.77
C VAL I 498 10.30 -34.27 -4.18
N SER I 499 11.17 -34.06 -5.18
CA SER I 499 11.51 -32.70 -5.58
C SER I 499 10.31 -31.96 -6.17
N TRP I 500 9.59 -32.63 -7.08
CA TRP I 500 8.49 -31.98 -7.78
C TRP I 500 7.14 -32.36 -7.21
N ASN I 501 6.33 -31.35 -6.89
CA ASN I 501 4.95 -31.58 -6.44
C ASN I 501 4.04 -31.74 -7.64
N PHE I 502 3.77 -32.99 -8.01
CA PHE I 502 2.99 -33.29 -9.21
C PHE I 502 1.55 -32.80 -9.10
N LYS I 503 0.96 -32.89 -7.91
CA LYS I 503 -0.43 -32.48 -7.72
C LYS I 503 -0.57 -30.96 -7.85
N ALA I 504 0.37 -30.22 -7.28
CA ALA I 504 0.32 -28.76 -7.29
C ALA I 504 1.04 -28.17 -8.50
N ARG I 505 1.68 -29.03 -9.29
CA ARG I 505 2.39 -28.63 -10.51
C ARG I 505 3.47 -27.58 -10.25
N LYS I 506 4.27 -27.79 -9.21
CA LYS I 506 5.32 -26.84 -8.85
C LYS I 506 6.41 -27.53 -8.00
N PRO I 507 7.61 -26.93 -7.96
CA PRO I 507 8.69 -27.51 -7.13
C PRO I 507 8.37 -27.43 -5.64
N LYS I 508 9.07 -28.25 -4.85
CA LYS I 508 8.92 -28.20 -3.40
C LYS I 508 10.08 -27.43 -2.76
N GLY I 509 11.19 -27.34 -3.47
CA GLY I 509 12.40 -26.77 -2.91
C GLY I 509 12.94 -27.71 -1.84
N PHE I 510 12.73 -29.00 -2.05
CA PHE I 510 13.12 -30.03 -1.10
C PHE I 510 14.63 -30.04 -0.87
N GLY I 511 15.03 -30.07 0.40
CA GLY I 511 16.43 -30.20 0.74
C GLY I 511 17.05 -28.97 1.37
N VAL I 512 16.51 -27.80 1.07
CA VAL I 512 17.06 -26.54 1.57
C VAL I 512 17.06 -26.49 3.10
N ARG I 513 15.89 -26.68 3.70
CA ARG I 513 15.77 -26.65 5.15
C ARG I 513 16.50 -27.83 5.78
N LEU I 514 16.47 -28.98 5.11
CA LEU I 514 17.14 -30.18 5.60
C LEU I 514 18.64 -29.97 5.72
N LEU I 515 19.25 -29.39 4.70
CA LEU I 515 20.69 -29.17 4.68
C LEU I 515 21.12 -28.07 5.63
N THR I 516 20.27 -27.05 5.79
CA THR I 516 20.60 -25.93 6.68
C THR I 516 20.57 -26.37 8.14
N GLU I 517 19.53 -27.09 8.53
CA GLU I 517 19.43 -27.63 9.88
C GLU I 517 20.60 -28.57 10.17
N PHE I 518 21.05 -29.28 9.15
CA PHE I 518 22.20 -30.16 9.27
C PHE I 518 23.47 -29.37 9.57
N VAL I 519 23.63 -28.23 8.89
CA VAL I 519 24.79 -27.38 9.07
C VAL I 519 24.72 -26.62 10.40
N LEU I 520 23.51 -26.22 10.77
CA LEU I 520 23.31 -25.40 11.96
C LEU I 520 23.37 -26.19 13.27
N ASN I 521 22.64 -27.30 13.33
CA ASN I 521 22.58 -28.09 14.55
C ASN I 521 23.67 -29.17 14.62
N ASP I 522 24.73 -28.99 13.86
CA ASP I 522 25.83 -29.94 13.82
C ASP I 522 26.58 -29.93 15.15
N ALA J 4 -7.64 -85.96 4.07
CA ALA J 4 -7.10 -85.27 2.91
C ALA J 4 -8.13 -85.24 1.78
N SER J 5 -7.97 -84.28 0.87
CA SER J 5 -8.89 -84.13 -0.25
C SER J 5 -8.30 -84.68 -1.54
N GLU J 6 -9.18 -85.10 -2.46
CA GLU J 6 -8.75 -85.60 -3.76
C GLU J 6 -8.61 -84.44 -4.74
N VAL J 7 -7.42 -84.31 -5.35
CA VAL J 7 -7.18 -83.23 -6.29
C VAL J 7 -7.83 -83.57 -7.64
N PRO J 8 -8.53 -82.59 -8.23
CA PRO J 8 -9.22 -82.77 -9.50
C PRO J 8 -8.28 -82.88 -10.69
N GLN J 9 -8.72 -83.53 -11.75
CA GLN J 9 -7.90 -83.72 -12.94
C GLN J 9 -8.69 -83.38 -14.21
N VAL J 10 -7.98 -82.87 -15.20
CA VAL J 10 -8.56 -82.66 -16.52
C VAL J 10 -8.34 -83.93 -17.35
N VAL J 11 -7.11 -84.45 -17.26
CA VAL J 11 -6.77 -85.73 -17.86
C VAL J 11 -6.16 -86.64 -16.80
N SER J 12 -6.15 -87.95 -17.06
CA SER J 12 -5.66 -88.92 -16.09
C SER J 12 -4.16 -88.77 -15.84
N LEU J 13 -3.47 -88.10 -16.76
CA LEU J 13 -2.03 -87.92 -16.67
C LEU J 13 -1.65 -86.77 -15.75
N ASP J 14 -2.65 -85.99 -15.33
CA ASP J 14 -2.40 -84.91 -14.38
C ASP J 14 -2.00 -85.48 -13.03
N PRO J 15 -0.91 -84.95 -12.45
CA PRO J 15 -0.40 -85.40 -11.15
C PRO J 15 -1.37 -85.08 -10.03
N THR J 16 -1.42 -85.94 -9.01
CA THR J 16 -2.37 -85.79 -7.92
C THR J 16 -1.68 -85.55 -6.57
N SER J 17 -0.36 -85.38 -6.60
CA SER J 17 0.38 -85.12 -5.38
C SER J 17 1.77 -84.54 -5.67
N ILE J 18 2.28 -83.76 -4.74
CA ILE J 18 3.62 -83.20 -4.85
C ILE J 18 4.64 -84.22 -4.36
N PRO J 19 5.61 -84.57 -5.20
CA PRO J 19 6.70 -85.44 -4.77
C PRO J 19 7.56 -84.75 -3.71
N ILE J 20 7.78 -85.41 -2.57
CA ILE J 20 8.54 -84.81 -1.48
C ILE J 20 9.64 -85.75 -0.99
N GLU J 21 10.87 -85.24 -0.98
CA GLU J 21 11.99 -85.98 -0.39
C GLU J 21 12.17 -85.56 1.06
N TYR J 22 11.99 -86.50 1.98
CA TYR J 22 12.22 -86.22 3.39
C TYR J 22 13.61 -86.67 3.81
N ASN J 23 14.01 -87.85 3.36
CA ASN J 23 15.35 -88.38 3.66
C ASN J 23 16.35 -88.04 2.57
N THR J 24 17.07 -86.94 2.75
CA THR J 24 18.07 -86.51 1.78
C THR J 24 19.45 -87.02 2.18
N PRO J 25 20.35 -87.19 1.19
CA PRO J 25 21.73 -87.61 1.45
C PRO J 25 22.45 -86.75 2.48
N ILE J 26 22.03 -85.50 2.60
CA ILE J 26 22.61 -84.58 3.57
C ILE J 26 22.43 -85.08 5.01
N HIS J 27 21.28 -85.70 5.26
CA HIS J 27 20.97 -86.22 6.58
C HIS J 27 21.86 -87.40 6.96
N ASP J 28 22.53 -87.98 5.97
CA ASP J 28 23.37 -89.15 6.19
C ASP J 28 24.85 -88.79 6.31
N ILE J 29 25.16 -87.50 6.27
CA ILE J 29 26.54 -87.05 6.37
C ILE J 29 26.97 -86.87 7.83
N LYS J 30 27.98 -87.61 8.25
CA LYS J 30 28.53 -87.48 9.60
C LYS J 30 29.40 -86.23 9.70
N VAL J 31 29.10 -85.36 10.66
CA VAL J 31 29.81 -84.10 10.78
C VAL J 31 30.71 -84.08 12.01
N GLN J 32 32.01 -83.85 11.79
CA GLN J 32 32.98 -83.76 12.87
C GLN J 32 33.63 -82.38 12.92
N VAL J 33 33.72 -81.82 14.11
CA VAL J 33 34.34 -80.51 14.29
C VAL J 33 35.59 -80.63 15.17
N TYR J 34 36.74 -80.25 14.60
CA TYR J 34 38.01 -80.32 15.30
C TYR J 34 38.56 -78.93 15.54
N ASP J 35 39.38 -78.77 16.57
CA ASP J 35 40.01 -77.48 16.83
C ASP J 35 41.26 -77.34 15.96
N ILE J 36 41.45 -76.16 15.40
CA ILE J 36 42.52 -75.92 14.43
C ILE J 36 43.88 -75.78 15.10
N LYS J 37 43.89 -75.63 16.42
CA LYS J 37 45.13 -75.48 17.17
C LYS J 37 45.93 -76.77 17.23
N GLY J 38 45.26 -77.90 17.00
CA GLY J 38 45.90 -79.20 17.10
C GLY J 38 46.54 -79.69 15.82
N GLY J 39 46.30 -78.98 14.72
CA GLY J 39 46.81 -79.40 13.43
C GLY J 39 45.83 -80.29 12.71
N CYS J 40 46.01 -80.44 11.40
CA CYS J 40 45.05 -81.15 10.56
C CYS J 40 45.53 -82.53 10.14
N ASN J 41 44.62 -83.50 10.16
CA ASN J 41 44.89 -84.82 9.62
C ASN J 41 44.28 -84.97 8.23
N VAL J 42 45.14 -85.19 7.24
CA VAL J 42 44.69 -85.28 5.85
C VAL J 42 45.04 -86.64 5.26
N GLU J 43 44.15 -87.61 5.43
CA GLU J 43 44.40 -88.96 4.96
C GLU J 43 43.30 -89.47 4.04
N GLU J 44 42.08 -88.96 4.25
CA GLU J 44 40.94 -89.41 3.47
C GLU J 44 40.24 -88.24 2.77
N GLY J 45 39.69 -88.52 1.59
CA GLY J 45 38.83 -87.58 0.89
C GLY J 45 39.45 -86.28 0.42
N LEU J 46 38.64 -85.23 0.41
CA LEU J 46 39.03 -83.92 -0.08
C LEU J 46 39.22 -82.92 1.05
N THR J 47 40.38 -82.28 1.10
CA THR J 47 40.66 -81.27 2.12
C THR J 47 40.77 -79.89 1.49
N ILE J 48 39.91 -78.97 1.95
CA ILE J 48 39.89 -77.62 1.40
C ILE J 48 40.17 -76.59 2.48
N PHE J 49 41.11 -75.68 2.19
CA PHE J 49 41.46 -74.62 3.11
C PHE J 49 40.77 -73.32 2.74
N LEU J 50 40.09 -72.69 3.70
CA LEU J 50 39.51 -71.38 3.48
C LEU J 50 40.50 -70.30 3.92
N VAL J 51 41.19 -69.72 2.95
CA VAL J 51 42.27 -68.78 3.25
C VAL J 51 41.96 -67.37 2.72
N ASN J 52 42.54 -66.37 3.38
CA ASN J 52 42.45 -65.00 2.91
C ASN J 52 43.79 -64.30 2.99
N ASN J 53 43.83 -63.05 2.57
CA ASN J 53 45.03 -62.23 2.64
C ASN J 53 44.66 -60.79 2.95
N PRO J 54 44.53 -60.45 4.25
CA PRO J 54 44.14 -59.12 4.71
C PRO J 54 45.04 -58.03 4.14
N GLY J 55 44.44 -56.99 3.58
CA GLY J 55 45.20 -55.91 2.97
C GLY J 55 45.55 -56.17 1.53
N LYS J 56 46.49 -57.08 1.31
CA LYS J 56 46.95 -57.42 -0.04
C LYS J 56 45.82 -57.94 -0.92
N GLU J 57 45.15 -57.03 -1.62
CA GLU J 57 44.05 -57.39 -2.50
C GLU J 57 44.52 -58.33 -3.62
N ASN J 58 43.78 -59.42 -3.81
CA ASN J 58 44.17 -60.48 -4.74
C ASN J 58 45.56 -61.02 -4.43
N GLY J 59 45.92 -61.00 -3.15
CA GLY J 59 47.23 -61.44 -2.71
C GLY J 59 47.41 -62.94 -2.83
N PRO J 60 48.64 -63.42 -2.59
CA PRO J 60 48.97 -64.84 -2.72
C PRO J 60 48.35 -65.70 -1.62
N VAL J 61 48.23 -67.00 -1.88
CA VAL J 61 47.69 -67.95 -0.91
C VAL J 61 48.80 -68.46 0.00
N LYS J 62 48.54 -68.45 1.31
CA LYS J 62 49.49 -68.97 2.28
C LYS J 62 48.80 -69.82 3.35
N ILE J 63 49.18 -71.09 3.43
CA ILE J 63 48.60 -72.01 4.40
C ILE J 63 49.41 -72.03 5.69
N SER J 64 48.78 -71.66 6.80
CA SER J 64 49.48 -71.55 8.08
C SER J 64 49.40 -72.84 8.89
N SER J 65 48.27 -73.54 8.79
CA SER J 65 48.02 -74.74 9.59
C SER J 65 49.03 -75.85 9.33
N LYS J 66 49.41 -76.55 10.39
CA LYS J 66 50.32 -77.68 10.27
C LYS J 66 49.53 -78.95 9.99
N VAL J 67 49.91 -79.68 8.95
CA VAL J 67 49.21 -80.91 8.59
C VAL J 67 50.09 -82.12 8.85
N ASN J 68 49.50 -83.17 9.41
CA ASN J 68 50.24 -84.35 9.81
C ASN J 68 50.53 -85.31 8.67
N ASP J 69 50.96 -84.76 7.54
CA ASP J 69 51.32 -85.56 6.38
C ASP J 69 52.45 -84.89 5.59
N LYS J 70 53.53 -85.63 5.38
CA LYS J 70 54.71 -85.08 4.72
C LYS J 70 54.45 -84.69 3.28
N GLN J 71 53.70 -85.52 2.56
CA GLN J 71 53.42 -85.28 1.14
C GLN J 71 52.57 -84.02 0.94
N VAL J 72 51.54 -83.88 1.76
CA VAL J 72 50.65 -82.71 1.67
C VAL J 72 51.37 -81.44 2.12
N SER J 73 52.26 -81.58 3.08
CA SER J 73 52.99 -80.45 3.64
C SER J 73 53.88 -79.77 2.59
N GLU J 74 54.51 -80.57 1.75
CA GLU J 74 55.38 -80.04 0.70
C GLU J 74 54.54 -79.33 -0.35
N PHE J 75 53.34 -79.83 -0.57
CA PHE J 75 52.39 -79.23 -1.48
C PHE J 75 51.94 -77.86 -0.98
N LEU J 76 51.78 -77.74 0.33
CA LEU J 76 51.24 -76.52 0.93
C LEU J 76 52.30 -75.49 1.30
N LYS J 77 53.55 -75.73 0.93
CA LYS J 77 54.61 -74.78 1.23
C LYS J 77 54.40 -73.50 0.44
N ASP J 78 54.94 -72.39 0.95
CA ASP J 78 54.66 -71.07 0.40
C ASP J 78 55.08 -70.91 -1.06
N GLU J 79 56.16 -71.57 -1.45
CA GLU J 79 56.67 -71.47 -2.82
C GLU J 79 55.67 -72.03 -3.83
N ASN J 80 54.92 -73.03 -3.43
CA ASN J 80 53.90 -73.63 -4.30
C ASN J 80 52.57 -72.88 -4.24
N MET J 81 52.21 -72.43 -3.05
CA MET J 81 50.90 -71.82 -2.83
C MET J 81 50.85 -70.35 -3.23
N GLU J 82 52.00 -69.71 -3.36
CA GLU J 82 52.05 -68.29 -3.74
C GLU J 82 51.65 -68.12 -5.21
N LYS J 83 51.59 -69.23 -5.93
CA LYS J 83 51.21 -69.21 -7.33
C LYS J 83 49.72 -68.96 -7.50
N PHE J 84 48.97 -69.15 -6.42
CA PHE J 84 47.52 -68.92 -6.43
C PHE J 84 47.18 -67.66 -5.64
N ASN J 85 46.01 -67.08 -5.91
CA ASN J 85 45.60 -65.87 -5.22
C ASN J 85 44.27 -66.05 -4.48
N VAL J 86 43.95 -65.09 -3.62
CA VAL J 86 42.82 -65.22 -2.70
C VAL J 86 41.57 -64.46 -3.15
N LYS J 87 41.50 -64.11 -4.43
CA LYS J 87 40.32 -63.44 -4.97
C LYS J 87 39.08 -64.24 -4.63
N LEU J 88 38.08 -63.56 -4.05
CA LEU J 88 36.89 -64.22 -3.51
C LEU J 88 36.22 -65.16 -4.51
N GLY J 89 36.22 -66.44 -4.20
CA GLY J 89 35.58 -67.43 -5.04
C GLY J 89 36.57 -68.27 -5.83
N THR J 90 37.79 -67.74 -5.99
CA THR J 90 38.82 -68.45 -6.75
C THR J 90 39.19 -69.76 -6.06
N SER J 91 39.20 -70.84 -6.84
CA SER J 91 39.43 -72.16 -6.29
C SER J 91 40.45 -72.96 -7.09
N LYS J 92 41.26 -73.73 -6.36
CA LYS J 92 42.18 -74.68 -6.96
C LYS J 92 42.21 -75.93 -6.09
N HIS J 93 42.35 -77.10 -6.71
CA HIS J 93 42.52 -78.32 -5.95
C HIS J 93 43.24 -79.39 -6.78
N PHE J 94 44.16 -80.09 -6.13
CA PHE J 94 45.01 -81.07 -6.79
C PHE J 94 44.82 -82.46 -6.19
N TYR J 95 44.90 -83.48 -7.04
CA TYR J 95 44.87 -84.86 -6.59
C TYR J 95 46.28 -85.41 -6.43
N MET J 96 46.55 -86.07 -5.32
CA MET J 96 47.89 -86.56 -5.03
C MET J 96 47.88 -87.75 -4.08
N PHE J 97 49.05 -88.36 -3.89
CA PHE J 97 49.21 -89.46 -2.94
C PHE J 97 49.83 -88.96 -1.64
N ASN J 98 49.27 -89.37 -0.51
CA ASN J 98 49.79 -88.97 0.78
C ASN J 98 50.94 -89.87 1.23
N ASP J 99 51.30 -89.78 2.51
CA ASP J 99 52.39 -90.58 3.06
C ASP J 99 52.11 -92.08 2.96
N ASN J 100 50.84 -92.44 3.02
CA ASN J 100 50.43 -93.84 3.02
C ASN J 100 50.07 -94.36 1.63
N LYS J 101 50.54 -93.65 0.60
CA LYS J 101 50.27 -94.00 -0.79
C LYS J 101 48.76 -94.09 -1.07
N ASN J 102 47.98 -93.31 -0.33
CA ASN J 102 46.54 -93.24 -0.54
C ASN J 102 46.15 -92.04 -1.37
N SER J 103 45.08 -92.17 -2.15
CA SER J 103 44.63 -91.11 -3.03
C SER J 103 43.86 -90.02 -2.25
N VAL J 104 44.43 -88.82 -2.21
CA VAL J 104 43.78 -87.69 -1.57
C VAL J 104 43.65 -86.51 -2.51
N ALA J 105 42.84 -85.53 -2.13
CA ALA J 105 42.70 -84.30 -2.89
C ALA J 105 42.80 -83.10 -1.96
N VAL J 106 43.67 -82.16 -2.31
CA VAL J 106 43.91 -80.98 -1.48
C VAL J 106 43.78 -79.70 -2.30
N GLY J 107 43.15 -78.69 -1.71
CA GLY J 107 42.97 -77.42 -2.39
C GLY J 107 42.53 -76.30 -1.46
N TYR J 108 42.09 -75.19 -2.06
CA TYR J 108 41.69 -74.01 -1.30
C TYR J 108 40.54 -73.28 -1.95
N VAL J 109 39.90 -72.40 -1.18
CA VAL J 109 38.94 -71.44 -1.71
C VAL J 109 39.28 -70.05 -1.19
N GLY J 110 39.44 -69.09 -2.09
CA GLY J 110 39.80 -67.74 -1.70
C GLY J 110 38.68 -66.99 -1.00
N CYS J 111 39.02 -66.31 0.09
CA CYS J 111 38.03 -65.57 0.86
C CYS J 111 38.31 -64.07 0.87
N GLY J 112 39.02 -63.60 -0.15
CA GLY J 112 39.24 -62.18 -0.32
C GLY J 112 40.28 -61.59 0.61
N SER J 113 40.16 -60.30 0.89
CA SER J 113 41.12 -59.59 1.71
C SER J 113 40.45 -58.89 2.89
N VAL J 114 39.13 -58.99 2.96
CA VAL J 114 38.38 -58.43 4.09
C VAL J 114 38.20 -59.50 5.17
N ALA J 115 38.54 -59.14 6.40
CA ALA J 115 38.55 -60.10 7.50
C ALA J 115 37.15 -60.63 7.86
N ASP J 116 36.13 -59.80 7.63
CA ASP J 116 34.78 -60.18 8.00
C ASP J 116 33.92 -60.51 6.78
N LEU J 117 33.69 -61.80 6.57
CA LEU J 117 32.87 -62.26 5.45
C LEU J 117 31.40 -61.95 5.69
N SER J 118 30.77 -61.30 4.71
CA SER J 118 29.34 -61.07 4.76
C SER J 118 28.62 -62.39 4.50
N GLU J 119 27.30 -62.39 4.59
CA GLU J 119 26.53 -63.59 4.26
C GLU J 119 26.62 -63.83 2.76
N ALA J 120 26.79 -62.76 2.00
CA ALA J 120 26.90 -62.85 0.54
C ALA J 120 28.26 -63.36 0.12
N ASP J 121 29.29 -62.95 0.86
CA ASP J 121 30.65 -63.41 0.59
C ASP J 121 30.79 -64.89 0.91
N MET J 122 30.23 -65.30 2.04
CA MET J 122 30.25 -66.70 2.44
C MET J 122 29.49 -67.54 1.41
N LYS J 123 28.43 -66.95 0.86
CA LYS J 123 27.66 -67.61 -0.20
C LYS J 123 28.53 -67.92 -1.41
N ARG J 124 29.38 -66.97 -1.79
CA ARG J 124 30.28 -67.14 -2.92
C ARG J 124 31.39 -68.13 -2.60
N VAL J 125 31.82 -68.14 -1.34
CA VAL J 125 32.82 -69.10 -0.87
C VAL J 125 32.26 -70.51 -0.94
N VAL J 126 31.06 -70.69 -0.41
CA VAL J 126 30.39 -71.99 -0.40
C VAL J 126 30.14 -72.50 -1.82
N LEU J 127 29.58 -71.64 -2.67
CA LEU J 127 29.26 -72.02 -4.04
C LEU J 127 30.48 -72.51 -4.80
N SER J 128 31.64 -71.91 -4.52
CA SER J 128 32.88 -72.34 -5.13
C SER J 128 33.26 -73.74 -4.65
N LEU J 129 32.98 -74.00 -3.38
CA LEU J 129 33.23 -75.32 -2.80
C LEU J 129 32.27 -76.37 -3.35
N VAL J 130 31.02 -75.96 -3.54
CA VAL J 130 30.00 -76.85 -4.07
C VAL J 130 30.33 -77.30 -5.49
N THR J 131 30.94 -76.41 -6.26
CA THR J 131 31.37 -76.72 -7.62
C THR J 131 32.35 -77.89 -7.62
N MET J 132 33.21 -77.93 -6.61
CA MET J 132 34.18 -79.03 -6.48
C MET J 132 33.51 -80.31 -5.99
N LEU J 133 32.50 -80.17 -5.14
CA LEU J 133 31.79 -81.33 -4.59
C LEU J 133 30.93 -82.00 -5.66
N HIS J 134 30.43 -81.21 -6.61
CA HIS J 134 29.65 -81.76 -7.71
C HIS J 134 30.54 -82.50 -8.69
N ASP J 135 31.85 -82.38 -8.48
CA ASP J 135 32.83 -83.08 -9.31
C ASP J 135 33.73 -83.95 -8.44
N ASN J 136 33.15 -84.50 -7.38
CA ASN J 136 33.91 -85.33 -6.44
C ASN J 136 33.24 -86.66 -6.17
N LYS J 137 34.02 -87.74 -6.28
CA LYS J 137 33.51 -89.07 -5.97
C LYS J 137 33.96 -89.51 -4.57
N LEU J 138 34.92 -88.79 -4.01
CA LEU J 138 35.47 -89.14 -2.71
C LEU J 138 34.40 -89.14 -1.62
N SER J 139 34.68 -89.82 -0.52
CA SER J 139 33.69 -90.06 0.51
C SER J 139 33.75 -89.06 1.66
N LYS J 140 34.76 -88.20 1.66
CA LYS J 140 34.97 -87.29 2.78
C LYS J 140 35.41 -85.91 2.35
N LEU J 141 34.83 -84.89 2.97
CA LEU J 141 35.23 -83.51 2.75
C LEU J 141 35.73 -82.88 4.04
N THR J 142 36.88 -82.20 3.97
CA THR J 142 37.43 -81.52 5.12
C THR J 142 37.60 -80.03 4.83
N VAL J 143 37.03 -79.19 5.70
CA VAL J 143 37.10 -77.75 5.52
C VAL J 143 37.87 -77.09 6.65
N VAL J 144 38.98 -76.44 6.31
CA VAL J 144 39.84 -75.79 7.30
C VAL J 144 39.64 -74.28 7.29
N PHE J 145 39.07 -73.75 8.37
CA PHE J 145 38.81 -72.32 8.47
C PHE J 145 40.04 -71.55 8.95
N GLU J 146 40.76 -70.94 8.01
CA GLU J 146 41.84 -70.02 8.37
C GLU J 146 41.32 -68.60 8.24
N ILE J 147 40.03 -68.44 8.47
CA ILE J 147 39.37 -67.14 8.46
C ILE J 147 38.51 -67.00 9.72
N ASN J 148 38.08 -65.78 10.02
CA ASN J 148 37.26 -65.53 11.20
C ASN J 148 35.77 -65.63 10.92
N VAL J 149 35.09 -66.52 11.62
CA VAL J 149 33.64 -66.63 11.54
C VAL J 149 33.06 -66.82 12.95
N ASP J 150 31.93 -66.16 13.21
CA ASP J 150 31.26 -66.35 14.48
C ASP J 150 30.31 -67.55 14.39
N LYS J 151 29.65 -67.87 15.50
CA LYS J 151 28.78 -69.04 15.56
C LYS J 151 27.66 -68.99 14.53
N ASN J 152 27.09 -67.81 14.32
CA ASN J 152 26.01 -67.64 13.35
C ASN J 152 26.47 -67.86 11.92
N LEU J 153 27.62 -67.30 11.56
CA LEU J 153 28.13 -67.41 10.20
C LEU J 153 28.58 -68.83 9.90
N PHE J 154 29.08 -69.53 10.92
CA PHE J 154 29.50 -70.91 10.75
C PHE J 154 28.29 -71.82 10.50
N ARG J 155 27.22 -71.57 11.23
CA ARG J 155 25.99 -72.32 11.03
C ARG J 155 25.44 -72.02 9.65
N PHE J 156 25.53 -70.75 9.26
CA PHE J 156 25.11 -70.31 7.93
C PHE J 156 25.94 -71.00 6.85
N PHE J 157 27.23 -71.20 7.13
CA PHE J 157 28.11 -71.92 6.21
C PHE J 157 27.60 -73.34 5.97
N LEU J 158 27.27 -74.04 7.06
CA LEU J 158 26.77 -75.40 6.97
C LEU J 158 25.42 -75.46 6.28
N GLU J 159 24.50 -74.58 6.68
CA GLU J 159 23.19 -74.48 6.07
C GLU J 159 23.29 -74.30 4.57
N THR J 160 24.06 -73.29 4.16
CA THR J 160 24.26 -72.96 2.76
C THR J 160 24.92 -74.12 2.03
N LEU J 161 25.98 -74.68 2.64
CA LEU J 161 26.68 -75.81 2.06
C LEU J 161 25.73 -76.97 1.82
N PHE J 162 24.96 -77.33 2.84
CA PHE J 162 23.99 -78.41 2.73
C PHE J 162 22.95 -78.12 1.65
N TYR J 163 22.42 -76.90 1.64
CA TYR J 163 21.37 -76.52 0.71
C TYR J 163 21.84 -76.55 -0.74
N GLU J 164 22.98 -75.92 -1.01
CA GLU J 164 23.51 -75.82 -2.37
C GLU J 164 24.02 -77.18 -2.88
N TYR J 165 24.57 -77.98 -1.98
CA TYR J 165 25.07 -79.31 -2.31
C TYR J 165 23.95 -80.20 -2.82
N MET J 166 22.78 -80.07 -2.21
CA MET J 166 21.64 -80.93 -2.52
C MET J 166 21.01 -80.59 -3.87
N THR J 167 20.71 -81.62 -4.66
CA THR J 167 20.13 -81.44 -5.98
C THR J 167 18.74 -82.05 -6.09
N ASP J 168 17.77 -81.24 -6.49
CA ASP J 168 16.38 -81.67 -6.63
C ASP J 168 16.14 -82.36 -7.97
N GLU J 169 16.01 -83.68 -7.94
CA GLU J 169 15.80 -84.44 -9.17
C GLU J 169 14.45 -85.16 -9.20
N ARG J 170 13.47 -84.59 -8.50
CA ARG J 170 12.12 -85.17 -8.43
C ARG J 170 11.46 -85.24 -9.81
N PHE J 171 11.77 -84.28 -10.67
CA PHE J 171 11.12 -84.19 -11.96
C PHE J 171 12.05 -84.59 -13.11
N LYS J 172 13.19 -85.17 -12.76
CA LYS J 172 14.08 -85.76 -13.75
C LYS J 172 13.63 -87.19 -14.03
N SER J 173 13.93 -87.70 -15.22
CA SER J 173 13.57 -89.07 -15.56
C SER J 173 14.72 -89.77 -16.28
N MET J 180 29.24 -88.18 -9.78
CA MET J 180 29.66 -87.92 -8.40
C MET J 180 28.84 -88.73 -7.41
N GLU J 181 29.23 -88.64 -6.14
CA GLU J 181 28.45 -89.20 -5.04
C GLU J 181 28.46 -88.21 -3.89
N TYR J 182 27.43 -88.26 -3.05
CA TYR J 182 27.41 -87.43 -1.85
C TYR J 182 28.40 -87.98 -0.83
N ILE J 183 29.12 -87.08 -0.17
CA ILE J 183 30.07 -87.46 0.85
C ILE J 183 29.35 -88.10 2.04
N LYS J 184 30.08 -88.90 2.81
CA LYS J 184 29.51 -89.55 3.99
C LYS J 184 30.04 -88.90 5.26
N HIS J 185 31.11 -88.12 5.12
CA HIS J 185 31.71 -87.44 6.27
C HIS J 185 32.09 -86.00 5.94
N LEU J 186 31.91 -85.12 6.90
CA LEU J 186 32.34 -83.73 6.79
C LEU J 186 33.17 -83.32 7.99
N GLY J 187 34.47 -83.08 7.77
CA GLY J 187 35.34 -82.64 8.83
C GLY J 187 35.55 -81.14 8.78
N VAL J 188 35.48 -80.48 9.93
CA VAL J 188 35.68 -79.04 10.01
C VAL J 188 36.70 -78.67 11.07
N TYR J 189 37.80 -78.06 10.62
CA TYR J 189 38.81 -77.54 11.54
C TYR J 189 38.60 -76.05 11.76
N ILE J 190 38.39 -75.65 13.00
CA ILE J 190 38.06 -74.26 13.30
C ILE J 190 38.46 -73.91 14.74
N ASN J 191 38.75 -72.63 14.97
CA ASN J 191 39.09 -72.15 16.31
C ASN J 191 37.90 -72.28 17.27
N ASN J 192 38.18 -72.73 18.49
CA ASN J 192 37.14 -72.98 19.48
C ASN J 192 36.06 -73.93 19.00
N ALA J 193 36.48 -75.11 18.54
CA ALA J 193 35.57 -76.11 18.00
C ALA J 193 34.45 -76.47 18.98
N ASP J 194 34.76 -76.44 20.26
CA ASP J 194 33.79 -76.81 21.30
C ASP J 194 32.55 -75.91 21.30
N THR J 195 32.74 -74.64 20.96
CA THR J 195 31.62 -73.70 20.97
C THR J 195 30.76 -73.82 19.71
N TYR J 196 31.34 -74.33 18.63
CA TYR J 196 30.64 -74.42 17.36
C TYR J 196 29.94 -75.77 17.17
N LYS J 197 30.20 -76.71 18.08
CA LYS J 197 29.65 -78.06 17.98
C LYS J 197 28.12 -78.09 17.97
N GLU J 198 27.51 -77.20 18.74
CA GLU J 198 26.06 -77.17 18.88
C GLU J 198 25.37 -76.66 17.61
N GLU J 199 26.11 -75.91 16.80
CA GLU J 199 25.55 -75.29 15.61
C GLU J 199 25.28 -76.30 14.50
N VAL J 200 25.90 -77.47 14.59
CA VAL J 200 25.83 -78.47 13.53
C VAL J 200 24.40 -78.99 13.31
N GLU J 201 23.78 -79.51 14.35
CA GLU J 201 22.46 -80.10 14.22
C GLU J 201 21.37 -79.05 14.06
N LYS J 202 21.62 -77.85 14.55
CA LYS J 202 20.69 -76.74 14.32
C LYS J 202 20.74 -76.37 12.85
N ALA J 203 21.93 -76.44 12.27
CA ALA J 203 22.12 -76.15 10.85
C ALA J 203 21.41 -77.17 9.98
N ARG J 204 21.50 -78.45 10.37
CA ARG J 204 20.90 -79.53 9.61
C ARG J 204 19.37 -79.40 9.60
N VAL J 205 18.82 -78.93 10.72
CA VAL J 205 17.39 -78.68 10.81
C VAL J 205 17.00 -77.47 9.96
N TYR J 206 17.78 -76.39 10.10
CA TYR J 206 17.55 -75.19 9.31
C TYR J 206 17.69 -75.48 7.82
N TYR J 207 18.56 -76.44 7.49
CA TYR J 207 18.75 -76.84 6.10
C TYR J 207 17.47 -77.41 5.50
N PHE J 208 16.92 -78.44 6.14
CA PHE J 208 15.80 -79.16 5.56
C PHE J 208 14.55 -78.29 5.48
N GLY J 209 14.34 -77.47 6.49
CA GLY J 209 13.21 -76.54 6.50
C GLY J 209 13.28 -75.65 5.27
N THR J 210 14.48 -75.23 4.92
CA THR J 210 14.70 -74.42 3.73
C THR J 210 14.53 -75.26 2.47
N TYR J 211 15.09 -76.46 2.46
CA TYR J 211 15.02 -77.34 1.29
C TYR J 211 13.61 -77.88 1.07
N TYR J 212 12.87 -78.09 2.16
CA TYR J 212 11.48 -78.53 2.06
C TYR J 212 10.64 -77.43 1.42
N ALA J 213 10.85 -76.20 1.88
CA ALA J 213 10.19 -75.04 1.29
C ALA J 213 10.59 -74.90 -0.18
N SER J 214 11.86 -75.17 -0.46
CA SER J 214 12.37 -75.13 -1.82
C SER J 214 11.67 -76.14 -2.72
N GLN J 215 11.37 -77.31 -2.16
CA GLN J 215 10.73 -78.37 -2.92
C GLN J 215 9.31 -78.00 -3.32
N LEU J 216 8.61 -77.30 -2.45
CA LEU J 216 7.23 -76.90 -2.73
C LEU J 216 7.18 -75.77 -3.75
N ILE J 217 8.09 -74.81 -3.61
CA ILE J 217 8.16 -73.68 -4.54
C ILE J 217 8.56 -74.13 -5.94
N ALA J 218 9.63 -74.91 -6.03
CA ALA J 218 10.15 -75.37 -7.31
C ALA J 218 9.17 -76.28 -8.04
N ALA J 219 8.33 -76.98 -7.27
CA ALA J 219 7.31 -77.84 -7.85
C ALA J 219 6.33 -77.02 -8.68
N PRO J 220 6.15 -77.41 -9.94
CA PRO J 220 5.30 -76.69 -10.90
C PRO J 220 3.84 -76.65 -10.46
N SER J 221 3.05 -75.77 -11.09
CA SER J 221 1.69 -75.52 -10.65
C SER J 221 0.71 -76.63 -11.01
N ASN J 222 1.11 -77.53 -11.90
CA ASN J 222 0.30 -78.71 -12.17
C ASN J 222 0.52 -79.76 -11.08
N TYR J 223 1.70 -79.72 -10.48
CA TYR J 223 2.01 -80.58 -9.34
C TYR J 223 1.55 -79.95 -8.04
N CYS J 224 1.89 -78.68 -7.84
CA CYS J 224 1.56 -77.98 -6.62
C CYS J 224 0.32 -77.11 -6.79
N ASN J 225 -0.83 -77.64 -6.37
CA ASN J 225 -2.10 -76.93 -6.43
C ASN J 225 -2.67 -76.77 -5.01
N PRO J 226 -3.73 -75.95 -4.84
CA PRO J 226 -4.33 -75.77 -3.51
C PRO J 226 -4.67 -77.07 -2.77
N VAL J 227 -5.05 -78.11 -3.51
CA VAL J 227 -5.40 -79.38 -2.89
C VAL J 227 -4.15 -80.17 -2.51
N SER J 228 -3.20 -80.26 -3.43
CA SER J 228 -1.99 -81.04 -3.20
C SER J 228 -1.08 -80.38 -2.16
N LEU J 229 -1.06 -79.06 -2.14
CA LEU J 229 -0.22 -78.33 -1.19
C LEU J 229 -0.76 -78.48 0.22
N SER J 230 -2.08 -78.45 0.34
CA SER J 230 -2.73 -78.60 1.64
C SER J 230 -2.58 -80.03 2.15
N ASN J 231 -2.68 -81.00 1.24
CA ASN J 231 -2.45 -82.39 1.58
C ASN J 231 -1.03 -82.62 2.07
N ALA J 232 -0.09 -81.93 1.44
CA ALA J 232 1.32 -82.03 1.83
C ALA J 232 1.55 -81.41 3.20
N ALA J 233 0.83 -80.33 3.48
CA ALA J 233 0.92 -79.67 4.78
C ALA J 233 0.38 -80.57 5.88
N VAL J 234 -0.67 -81.32 5.56
CA VAL J 234 -1.26 -82.27 6.49
C VAL J 234 -0.26 -83.37 6.82
N GLU J 235 0.36 -83.92 5.78
CA GLU J 235 1.37 -84.96 5.95
C GLU J 235 2.55 -84.47 6.80
N LEU J 236 2.91 -83.21 6.62
CA LEU J 236 3.99 -82.60 7.39
C LEU J 236 3.60 -82.47 8.86
N ALA J 237 2.38 -82.01 9.10
CA ALA J 237 1.88 -81.82 10.46
C ALA J 237 1.76 -83.14 11.21
N GLN J 238 1.43 -84.20 10.47
CA GLN J 238 1.28 -85.53 11.06
C GLN J 238 2.62 -86.12 11.46
N LYS J 239 3.65 -85.88 10.64
CA LYS J 239 4.98 -86.40 10.92
C LYS J 239 5.62 -85.67 12.09
N LEU J 240 5.23 -84.42 12.31
CA LEU J 240 5.80 -83.62 13.38
C LEU J 240 4.88 -83.54 14.59
N ASN J 241 3.77 -84.28 14.53
CA ASN J 241 2.76 -84.30 15.58
C ASN J 241 2.21 -82.92 15.89
N LEU J 242 1.95 -82.15 14.84
CA LEU J 242 1.30 -80.85 14.99
C LEU J 242 -0.20 -80.98 14.82
N GLU J 243 -0.97 -80.17 15.55
CA GLU J 243 -2.40 -80.09 15.32
C GLU J 243 -2.63 -79.40 13.98
N TYR J 244 -3.59 -79.87 13.22
CA TYR J 244 -3.82 -79.33 11.88
C TYR J 244 -5.29 -79.23 11.53
N LYS J 245 -5.61 -78.27 10.67
CA LYS J 245 -6.98 -78.03 10.23
C LYS J 245 -7.00 -77.42 8.84
N ILE J 246 -7.65 -78.09 7.90
CA ILE J 246 -7.81 -77.55 6.55
C ILE J 246 -9.24 -77.08 6.34
N LEU J 247 -9.41 -75.79 6.15
CA LEU J 247 -10.73 -75.21 5.96
C LEU J 247 -11.13 -75.21 4.49
N GLY J 248 -12.24 -75.86 4.18
CA GLY J 248 -12.74 -75.94 2.81
C GLY J 248 -13.66 -74.80 2.46
N VAL J 249 -14.11 -74.77 1.21
CA VAL J 249 -14.95 -73.69 0.69
C VAL J 249 -16.19 -73.46 1.53
N LYS J 250 -16.85 -74.53 1.95
CA LYS J 250 -18.08 -74.44 2.72
C LYS J 250 -17.88 -73.70 4.04
N GLU J 251 -16.79 -73.99 4.74
CA GLU J 251 -16.47 -73.31 6.00
C GLU J 251 -16.00 -71.89 5.74
N LEU J 252 -15.29 -71.69 4.64
CA LEU J 252 -14.79 -70.37 4.27
C LEU J 252 -15.95 -69.43 3.96
N GLU J 253 -17.00 -69.97 3.37
CA GLU J 253 -18.20 -69.20 3.10
C GLU J 253 -18.86 -68.81 4.42
N GLU J 254 -18.82 -69.72 5.39
CA GLU J 254 -19.41 -69.48 6.70
C GLU J 254 -18.65 -68.42 7.47
N LEU J 255 -17.35 -68.32 7.21
CA LEU J 255 -16.51 -67.31 7.85
C LEU J 255 -16.53 -66.00 7.07
N LYS J 256 -17.28 -66.00 5.98
CA LYS J 256 -17.48 -64.81 5.14
C LYS J 256 -16.19 -64.24 4.56
N MET J 257 -15.29 -65.12 4.13
CA MET J 257 -14.02 -64.67 3.54
C MET J 257 -14.19 -64.38 2.05
N GLY J 258 -14.88 -63.29 1.74
CA GLY J 258 -15.20 -62.94 0.36
C GLY J 258 -14.01 -62.56 -0.50
N ALA J 259 -13.04 -61.86 0.08
CA ALA J 259 -11.86 -61.44 -0.67
C ALA J 259 -11.01 -62.64 -1.08
N TYR J 260 -10.83 -63.57 -0.15
CA TYR J 260 -10.03 -64.77 -0.40
C TYR J 260 -10.77 -65.72 -1.35
N LEU J 261 -12.08 -65.85 -1.17
CA LEU J 261 -12.87 -66.72 -2.01
C LEU J 261 -12.99 -66.19 -3.44
N SER J 262 -12.92 -64.86 -3.59
CA SER J 262 -13.05 -64.24 -4.90
C SER J 262 -11.87 -64.58 -5.81
N VAL J 263 -10.67 -64.60 -5.24
CA VAL J 263 -9.46 -64.88 -6.00
C VAL J 263 -9.49 -66.29 -6.60
N GLY J 264 -10.02 -67.24 -5.85
CA GLY J 264 -10.03 -68.64 -6.27
C GLY J 264 -11.22 -69.06 -7.11
N LYS J 265 -12.13 -68.12 -7.37
CA LYS J 265 -13.35 -68.40 -8.12
C LYS J 265 -13.06 -68.99 -9.51
N GLY J 266 -12.04 -68.46 -10.17
CA GLY J 266 -11.73 -68.87 -11.54
C GLY J 266 -10.91 -70.13 -11.67
N SER J 267 -10.50 -70.70 -10.53
CA SER J 267 -9.66 -71.90 -10.55
C SER J 267 -10.50 -73.18 -10.55
N MET J 268 -9.92 -74.25 -11.08
CA MET J 268 -10.57 -75.56 -11.07
C MET J 268 -10.35 -76.23 -9.72
N TYR J 269 -9.41 -75.70 -8.96
CA TYR J 269 -9.08 -76.23 -7.64
C TYR J 269 -9.81 -75.44 -6.56
N PRO J 270 -10.51 -76.16 -5.66
CA PRO J 270 -11.21 -75.52 -4.54
C PRO J 270 -10.22 -74.85 -3.58
N ASN J 271 -10.61 -73.73 -2.98
CA ASN J 271 -9.78 -73.04 -2.02
C ASN J 271 -9.51 -73.89 -0.79
N LYS J 272 -8.27 -73.86 -0.31
CA LYS J 272 -7.89 -74.62 0.87
C LYS J 272 -7.11 -73.74 1.84
N PHE J 273 -7.64 -73.56 3.05
CA PHE J 273 -7.00 -72.73 4.06
C PHE J 273 -6.25 -73.60 5.07
N ILE J 274 -4.95 -73.38 5.17
CA ILE J 274 -4.10 -74.18 6.06
C ILE J 274 -3.94 -73.54 7.43
N HIS J 275 -4.23 -74.32 8.48
CA HIS J 275 -4.06 -73.86 9.86
C HIS J 275 -3.32 -74.91 10.68
N LEU J 276 -2.01 -74.72 10.81
CA LEU J 276 -1.20 -75.59 11.67
C LEU J 276 -0.95 -74.88 12.99
N THR J 277 -0.78 -75.66 14.07
CA THR J 277 -0.51 -75.09 15.38
C THR J 277 0.51 -75.90 16.16
N TYR J 278 1.53 -75.22 16.66
CA TYR J 278 2.47 -75.83 17.60
C TYR J 278 2.27 -75.24 18.98
N LYS J 279 2.02 -76.10 19.97
CA LYS J 279 1.87 -75.64 21.34
C LYS J 279 2.93 -76.29 22.23
N SER J 280 3.55 -75.48 23.09
CA SER J 280 4.59 -75.97 23.98
C SER J 280 3.99 -76.81 25.11
N LYS J 281 4.84 -77.63 25.73
CA LYS J 281 4.41 -78.46 26.84
C LYS J 281 4.21 -77.63 28.10
N GLY J 282 5.08 -76.64 28.27
CA GLY J 282 5.01 -75.76 29.44
C GLY J 282 3.93 -74.71 29.30
N ASP J 283 3.90 -73.77 30.24
CA ASP J 283 2.94 -72.68 30.21
C ASP J 283 3.23 -71.76 29.02
N VAL J 284 2.18 -71.40 28.29
CA VAL J 284 2.33 -70.56 27.11
C VAL J 284 2.39 -69.08 27.49
N LYS J 285 3.48 -68.41 27.11
CA LYS J 285 3.69 -67.02 27.51
C LYS J 285 3.68 -66.07 26.32
N LYS J 286 3.82 -66.62 25.12
CA LYS J 286 3.76 -65.83 23.90
C LYS J 286 3.06 -66.62 22.79
N LYS J 287 2.10 -65.98 22.14
CA LYS J 287 1.37 -66.61 21.04
C LYS J 287 1.64 -65.88 19.73
N ILE J 288 2.04 -66.64 18.72
CA ILE J 288 2.45 -66.06 17.43
C ILE J 288 1.65 -66.64 16.26
N ALA J 289 1.27 -65.78 15.32
CA ALA J 289 0.64 -66.24 14.09
C ALA J 289 1.51 -65.90 12.89
N LEU J 290 1.94 -66.94 12.16
CA LEU J 290 2.72 -66.74 10.95
C LEU J 290 1.83 -66.94 9.72
N VAL J 291 1.72 -65.89 8.90
CA VAL J 291 0.82 -65.92 7.76
C VAL J 291 1.57 -65.92 6.43
N GLY J 292 1.30 -66.93 5.61
CA GLY J 292 1.97 -67.04 4.31
C GLY J 292 1.02 -66.86 3.14
N LYS J 293 1.47 -66.11 2.14
CA LYS J 293 0.74 -65.98 0.89
C LYS J 293 0.86 -67.28 0.10
N GLY J 294 -0.27 -67.87 -0.26
CA GLY J 294 -0.28 -69.16 -0.91
C GLY J 294 -0.97 -69.20 -2.25
N ILE J 295 -0.45 -68.43 -3.21
CA ILE J 295 -0.98 -68.47 -4.56
C ILE J 295 -0.17 -69.49 -5.38
N THR J 296 -0.75 -70.66 -5.60
CA THR J 296 -0.04 -71.75 -6.27
C THR J 296 0.37 -71.37 -7.68
N PHE J 297 -0.45 -70.56 -8.34
CA PHE J 297 -0.08 -69.97 -9.62
C PHE J 297 -0.79 -68.64 -9.80
N ASP J 298 -0.05 -67.64 -10.30
CA ASP J 298 -0.60 -66.31 -10.48
C ASP J 298 -0.55 -65.89 -11.96
N SER J 299 -1.63 -66.14 -12.67
CA SER J 299 -1.73 -65.71 -14.07
C SER J 299 -2.00 -64.22 -14.15
N GLY J 300 -2.45 -63.65 -13.04
CA GLY J 300 -2.80 -62.25 -12.98
C GLY J 300 -4.30 -62.04 -13.11
N GLY J 301 -5.00 -63.10 -13.48
CA GLY J 301 -6.43 -63.03 -13.71
C GLY J 301 -6.70 -62.33 -15.03
N TYR J 302 -7.83 -61.62 -15.10
CA TYR J 302 -8.17 -60.89 -16.32
C TYR J 302 -7.18 -59.75 -16.56
N ASN J 303 -6.51 -59.32 -15.51
CA ASN J 303 -5.32 -58.47 -15.66
C ASN J 303 -4.11 -59.36 -15.91
N LEU J 304 -4.18 -60.13 -16.99
CA LEU J 304 -3.19 -61.14 -17.32
C LEU J 304 -1.77 -60.59 -17.43
N LYS J 305 -0.82 -61.31 -16.87
CA LYS J 305 0.59 -60.94 -16.97
C LYS J 305 1.09 -61.14 -18.39
N ALA J 306 0.84 -60.15 -19.25
CA ALA J 306 1.19 -60.25 -20.66
C ALA J 306 2.31 -59.28 -21.05
N ALA J 307 2.56 -58.30 -20.19
CA ALA J 307 3.63 -57.34 -20.42
C ALA J 307 4.99 -58.03 -20.37
N PRO J 308 5.98 -57.49 -21.11
CA PRO J 308 7.32 -58.07 -21.08
C PRO J 308 7.95 -58.05 -19.70
N GLY J 309 8.50 -59.18 -19.28
CA GLY J 309 9.15 -59.27 -17.98
C GLY J 309 8.19 -59.46 -16.83
N SER J 310 6.94 -59.80 -17.15
CA SER J 310 5.93 -60.06 -16.13
C SER J 310 6.18 -61.41 -15.47
N MET J 311 7.08 -62.19 -16.05
CA MET J 311 7.55 -63.45 -15.47
C MET J 311 6.43 -64.43 -15.15
N ILE J 312 5.57 -64.68 -16.13
CA ILE J 312 4.41 -65.55 -15.91
C ILE J 312 4.85 -67.01 -15.75
N ASP J 313 5.98 -67.37 -16.32
CA ASP J 313 6.50 -68.73 -16.20
C ASP J 313 7.16 -68.94 -14.84
N LEU J 314 7.24 -67.87 -14.06
CA LEU J 314 7.85 -67.89 -12.75
C LEU J 314 6.80 -67.99 -11.64
N MET J 315 5.56 -67.67 -12.00
CA MET J 315 4.50 -67.43 -11.04
C MET J 315 4.04 -68.66 -10.23
N LYS J 316 4.80 -69.75 -10.30
CA LYS J 316 4.60 -70.85 -9.38
C LYS J 316 5.26 -70.50 -8.06
N PHE J 317 6.12 -69.48 -8.09
CA PHE J 317 6.86 -69.02 -6.93
C PHE J 317 5.97 -68.26 -5.96
N ASP J 318 4.75 -67.97 -6.40
CA ASP J 318 3.85 -67.08 -5.67
C ASP J 318 3.25 -67.75 -4.43
N MET J 319 3.95 -68.76 -3.94
CA MET J 319 3.53 -69.52 -2.77
C MET J 319 4.60 -69.47 -1.71
N SER J 320 5.75 -68.92 -2.07
CA SER J 320 6.95 -68.93 -1.26
C SER J 320 6.71 -68.51 0.20
N GLY J 321 5.81 -67.55 0.39
CA GLY J 321 5.42 -67.13 1.71
C GLY J 321 4.80 -68.27 2.50
N CYS J 322 4.01 -69.09 1.81
CA CYS J 322 3.40 -70.26 2.43
C CYS J 322 4.43 -71.36 2.66
N ALA J 323 5.35 -71.51 1.70
CA ALA J 323 6.40 -72.51 1.80
C ALA J 323 7.36 -72.19 2.95
N ALA J 324 7.61 -70.90 3.15
CA ALA J 324 8.47 -70.45 4.23
C ALA J 324 7.83 -70.76 5.58
N VAL J 325 6.50 -70.58 5.64
CA VAL J 325 5.75 -70.85 6.86
C VAL J 325 5.74 -72.35 7.18
N LEU J 326 5.53 -73.16 6.15
CA LEU J 326 5.55 -74.62 6.31
C LEU J 326 6.96 -75.09 6.63
N GLY J 327 7.95 -74.46 6.01
CA GLY J 327 9.34 -74.78 6.28
C GLY J 327 9.70 -74.43 7.70
N CYS J 328 9.15 -73.31 8.18
CA CYS J 328 9.33 -72.90 9.57
C CYS J 328 8.66 -73.89 10.51
N ALA J 329 7.51 -74.41 10.09
CA ALA J 329 6.76 -75.39 10.89
C ALA J 329 7.58 -76.64 11.13
N TYR J 330 8.40 -77.02 10.15
CA TYR J 330 9.29 -78.16 10.31
C TYR J 330 10.31 -77.88 11.40
N CYS J 331 11.01 -76.75 11.26
CA CYS J 331 12.07 -76.38 12.20
C CYS J 331 11.55 -76.22 13.62
N VAL J 332 10.40 -75.58 13.77
CA VAL J 332 9.80 -75.38 15.08
C VAL J 332 9.33 -76.71 15.67
N GLY J 333 8.68 -77.52 14.84
CA GLY J 333 8.15 -78.80 15.27
C GLY J 333 9.23 -79.81 15.61
N THR J 334 10.44 -79.59 15.09
CA THR J 334 11.56 -80.48 15.34
C THR J 334 12.36 -80.02 16.55
N LEU J 335 12.66 -78.73 16.62
CA LEU J 335 13.45 -78.19 17.72
C LEU J 335 12.61 -78.05 18.99
N LYS J 336 11.31 -77.87 18.81
CA LYS J 336 10.36 -77.84 19.92
C LYS J 336 10.70 -76.80 20.99
N PRO J 337 10.48 -75.51 20.68
CA PRO J 337 10.73 -74.42 21.64
C PRO J 337 9.76 -74.44 22.81
N GLU J 338 10.12 -73.75 23.90
CA GLU J 338 9.31 -73.75 25.11
C GLU J 338 8.48 -72.49 25.27
N ASN J 339 7.37 -72.62 26.01
CA ASN J 339 6.54 -71.48 26.40
C ASN J 339 6.02 -70.63 25.25
N VAL J 340 5.74 -71.26 24.12
CA VAL J 340 5.26 -70.53 22.96
C VAL J 340 4.18 -71.32 22.19
N GLU J 341 3.18 -70.61 21.70
CA GLU J 341 2.14 -71.21 20.86
C GLU J 341 2.10 -70.51 19.50
N ILE J 342 2.41 -71.27 18.45
CA ILE J 342 2.54 -70.68 17.11
C ILE J 342 1.50 -71.21 16.14
N HIS J 343 0.82 -70.29 15.47
CA HIS J 343 -0.16 -70.65 14.44
C HIS J 343 0.42 -70.42 13.05
N PHE J 344 0.47 -71.49 12.26
CA PHE J 344 0.99 -71.42 10.90
C PHE J 344 -0.16 -71.37 9.91
N LEU J 345 -0.38 -70.20 9.31
CA LEU J 345 -1.55 -69.98 8.48
C LEU J 345 -1.20 -69.73 7.01
N SER J 346 -2.09 -70.15 6.12
CA SER J 346 -1.95 -69.86 4.70
C SER J 346 -3.27 -70.01 3.96
N ALA J 347 -3.70 -68.93 3.31
CA ALA J 347 -4.90 -68.98 2.47
C ALA J 347 -4.50 -69.38 1.05
N VAL J 348 -4.60 -70.66 0.75
CA VAL J 348 -4.10 -71.18 -0.52
C VAL J 348 -5.19 -71.22 -1.60
N CYS J 349 -4.86 -70.66 -2.77
CA CYS J 349 -5.75 -70.71 -3.92
C CYS J 349 -4.93 -70.49 -5.20
N GLU J 350 -5.63 -70.38 -6.32
CA GLU J 350 -4.98 -70.21 -7.62
C GLU J 350 -5.67 -69.10 -8.41
N ASN J 351 -4.86 -68.20 -8.97
CA ASN J 351 -5.40 -67.07 -9.72
C ASN J 351 -5.39 -67.34 -11.22
N MET J 352 -6.57 -67.69 -11.75
CA MET J 352 -6.66 -68.12 -13.15
C MET J 352 -7.67 -67.30 -13.95
N VAL J 353 -7.68 -67.51 -15.26
CA VAL J 353 -8.63 -66.85 -16.15
C VAL J 353 -9.71 -67.82 -16.58
N SER J 354 -10.96 -67.49 -16.31
CA SER J 354 -12.08 -68.37 -16.60
C SER J 354 -13.38 -67.58 -16.75
N LYS J 355 -14.46 -68.30 -17.03
CA LYS J 355 -15.77 -67.69 -17.05
C LYS J 355 -16.21 -67.39 -15.63
N ASN J 356 -15.60 -68.08 -14.67
CA ASN J 356 -15.97 -67.96 -13.27
C ASN J 356 -15.05 -67.01 -12.49
N SER J 357 -14.06 -66.46 -13.17
CA SER J 357 -13.09 -65.58 -12.52
C SER J 357 -13.72 -64.27 -12.05
N TYR J 358 -13.08 -63.62 -11.09
CA TYR J 358 -13.51 -62.32 -10.61
C TYR J 358 -12.99 -61.23 -11.56
N ARG J 359 -13.75 -60.16 -11.70
CA ARG J 359 -13.43 -59.11 -12.67
C ARG J 359 -12.90 -57.85 -12.02
N PRO J 360 -12.09 -57.09 -12.79
CA PRO J 360 -11.69 -55.74 -12.36
C PRO J 360 -12.91 -54.84 -12.16
N GLY J 361 -12.96 -54.14 -11.04
CA GLY J 361 -14.08 -53.27 -10.75
C GLY J 361 -15.04 -53.87 -9.75
N ASP J 362 -14.93 -55.18 -9.54
CA ASP J 362 -15.78 -55.90 -8.59
C ASP J 362 -15.60 -55.39 -7.17
N ILE J 363 -16.71 -55.28 -6.44
CA ILE J 363 -16.66 -54.92 -5.03
C ILE J 363 -16.98 -56.14 -4.18
N ILE J 364 -15.99 -56.57 -3.40
CA ILE J 364 -16.13 -57.77 -2.59
C ILE J 364 -16.02 -57.43 -1.10
N THR J 365 -16.55 -58.31 -0.26
CA THR J 365 -16.57 -58.06 1.18
C THR J 365 -15.64 -59.00 1.93
N ALA J 366 -14.73 -58.44 2.72
CA ALA J 366 -13.83 -59.25 3.54
C ALA J 366 -14.57 -59.82 4.75
N SER J 367 -13.88 -60.65 5.53
CA SER J 367 -14.50 -61.32 6.67
C SER J 367 -14.72 -60.37 7.84
N ASN J 368 -14.20 -59.15 7.75
CA ASN J 368 -14.42 -58.15 8.79
C ASN J 368 -15.51 -57.16 8.40
N GLY J 369 -16.12 -57.38 7.23
CA GLY J 369 -17.21 -56.56 6.78
C GLY J 369 -16.82 -55.45 5.83
N LYS J 370 -15.52 -55.21 5.70
CA LYS J 370 -15.03 -54.16 4.80
C LYS J 370 -15.24 -54.52 3.34
N THR J 371 -15.81 -53.60 2.58
CA THR J 371 -16.00 -53.79 1.15
C THR J 371 -14.78 -53.26 0.38
N ILE J 372 -14.34 -54.02 -0.62
CA ILE J 372 -13.13 -53.68 -1.36
C ILE J 372 -13.39 -53.60 -2.87
N GLU J 373 -13.01 -52.48 -3.48
CA GLU J 373 -13.13 -52.34 -4.93
C GLU J 373 -11.87 -52.82 -5.63
N VAL J 374 -12.00 -53.92 -6.37
CA VAL J 374 -10.86 -54.50 -7.07
C VAL J 374 -10.49 -53.67 -8.30
N GLY J 375 -9.29 -53.09 -8.28
CA GLY J 375 -8.81 -52.28 -9.38
C GLY J 375 -7.85 -53.05 -10.27
N ASN J 376 -7.35 -54.16 -9.76
CA ASN J 376 -6.41 -55.01 -10.49
C ASN J 376 -6.44 -56.43 -9.96
N THR J 377 -6.82 -57.38 -10.82
CA THR J 377 -6.93 -58.78 -10.40
C THR J 377 -5.57 -59.41 -10.15
N ASP J 378 -4.51 -58.76 -10.60
CA ASP J 378 -3.16 -59.28 -10.39
C ASP J 378 -2.62 -58.86 -9.03
N ALA J 379 -3.38 -58.03 -8.31
CA ALA J 379 -3.05 -57.69 -6.94
C ALA J 379 -3.86 -58.57 -5.99
N GLU J 380 -3.82 -59.86 -6.23
CA GLU J 380 -4.70 -60.81 -5.54
C GLU J 380 -4.14 -61.23 -4.18
N GLY J 381 -2.84 -61.11 -4.01
CA GLY J 381 -2.18 -61.52 -2.78
C GLY J 381 -2.71 -60.81 -1.55
N ARG J 382 -2.84 -59.49 -1.65
CA ARG J 382 -3.30 -58.69 -0.52
C ARG J 382 -4.76 -59.00 -0.18
N LEU J 383 -5.49 -59.54 -1.15
CA LEU J 383 -6.87 -59.94 -0.93
C LEU J 383 -6.94 -61.21 -0.09
N THR J 384 -6.12 -62.20 -0.45
CA THR J 384 -6.06 -63.44 0.31
C THR J 384 -5.50 -63.19 1.70
N LEU J 385 -4.50 -62.34 1.79
CA LEU J 385 -3.89 -61.98 3.06
C LEU J 385 -4.86 -61.20 3.94
N ALA J 386 -5.76 -60.45 3.31
CA ALA J 386 -6.74 -59.65 4.03
C ALA J 386 -7.59 -60.51 4.95
N ASP J 387 -8.19 -61.55 4.38
CA ASP J 387 -9.01 -62.48 5.15
C ASP J 387 -8.16 -63.30 6.10
N ALA J 388 -6.93 -63.60 5.69
CA ALA J 388 -6.02 -64.38 6.50
C ALA J 388 -5.63 -63.64 7.77
N LEU J 389 -5.39 -62.34 7.65
CA LEU J 389 -5.02 -61.52 8.80
C LEU J 389 -6.18 -61.33 9.76
N VAL J 390 -7.39 -61.25 9.22
CA VAL J 390 -8.59 -61.17 10.04
C VAL J 390 -8.76 -62.47 10.82
N TYR J 391 -8.51 -63.59 10.15
CA TYR J 391 -8.54 -64.90 10.76
C TYR J 391 -7.46 -65.01 11.83
N ALA J 392 -6.30 -64.44 11.55
CA ALA J 392 -5.15 -64.51 12.44
C ALA J 392 -5.40 -63.74 13.73
N GLU J 393 -5.99 -62.55 13.60
CA GLU J 393 -6.21 -61.68 14.75
C GLU J 393 -7.31 -62.22 15.67
N LYS J 394 -8.21 -63.04 15.11
CA LYS J 394 -9.27 -63.63 15.90
C LYS J 394 -8.74 -64.73 16.82
N LEU J 395 -7.53 -65.19 16.55
CA LEU J 395 -6.90 -66.22 17.36
C LEU J 395 -6.38 -65.65 18.68
N GLY J 396 -6.37 -64.32 18.78
CA GLY J 396 -5.90 -63.64 19.98
C GLY J 396 -4.43 -63.87 20.26
N VAL J 397 -3.58 -63.51 19.30
CA VAL J 397 -2.15 -63.70 19.43
C VAL J 397 -1.44 -62.40 19.79
N ASP J 398 -0.18 -62.51 20.20
CA ASP J 398 0.61 -61.35 20.55
C ASP J 398 1.24 -60.73 19.30
N TYR J 399 1.67 -61.60 18.40
CA TYR J 399 2.35 -61.17 17.17
C TYR J 399 1.71 -61.80 15.93
N ILE J 400 1.50 -60.98 14.91
CA ILE J 400 1.11 -61.46 13.60
C ILE J 400 2.18 -61.10 12.58
N VAL J 401 2.81 -62.11 12.00
CA VAL J 401 3.85 -61.87 11.01
C VAL J 401 3.49 -62.54 9.68
N ASP J 402 3.32 -61.72 8.64
CA ASP J 402 3.03 -62.29 7.33
C ASP J 402 4.24 -62.19 6.41
N ILE J 403 4.34 -63.15 5.49
CA ILE J 403 5.44 -63.19 4.54
C ILE J 403 4.88 -63.51 3.15
N ALA J 404 5.21 -62.69 2.16
CA ALA J 404 4.54 -62.78 0.86
C ALA J 404 5.38 -62.28 -0.30
N THR J 405 5.19 -62.92 -1.45
CA THR J 405 5.70 -62.40 -2.72
C THR J 405 4.66 -61.42 -3.26
N LEU J 406 4.63 -60.24 -2.65
CA LEU J 406 3.50 -59.33 -2.83
C LEU J 406 3.63 -58.39 -4.03
N THR J 407 4.71 -57.61 -4.08
CA THR J 407 4.86 -56.59 -5.10
C THR J 407 6.15 -56.70 -5.89
N GLY J 408 6.06 -56.56 -7.20
CA GLY J 408 7.22 -56.62 -8.07
C GLY J 408 8.12 -55.41 -7.91
N ALA J 409 7.60 -54.36 -7.28
CA ALA J 409 8.34 -53.13 -7.06
C ALA J 409 9.56 -53.34 -6.16
N MET J 410 9.57 -54.46 -5.44
CA MET J 410 10.69 -54.79 -4.56
C MET J 410 11.97 -55.00 -5.37
N LEU J 411 11.80 -55.43 -6.62
CA LEU J 411 12.94 -55.62 -7.52
C LEU J 411 13.58 -54.29 -7.89
N TYR J 412 12.81 -53.21 -7.79
CA TYR J 412 13.30 -51.89 -8.10
C TYR J 412 13.72 -51.11 -6.86
N SER J 413 13.31 -51.59 -5.68
CA SER J 413 13.61 -50.88 -4.44
C SER J 413 14.81 -51.48 -3.70
N LEU J 414 14.69 -52.74 -3.27
CA LEU J 414 15.76 -53.37 -2.52
C LEU J 414 16.52 -54.41 -3.36
N GLY J 415 15.90 -54.88 -4.43
CA GLY J 415 16.55 -55.81 -5.33
C GLY J 415 16.32 -57.27 -4.98
N THR J 416 17.33 -58.10 -5.25
CA THR J 416 17.18 -59.54 -5.12
C THR J 416 17.86 -60.12 -3.88
N SER J 417 18.47 -59.25 -3.07
CA SER J 417 19.20 -59.71 -1.90
C SER J 417 18.48 -59.41 -0.59
N TYR J 418 17.93 -58.20 -0.49
CA TYR J 418 17.27 -57.76 0.74
C TYR J 418 15.76 -57.75 0.61
N ALA J 419 15.09 -58.38 1.57
CA ALA J 419 13.64 -58.33 1.65
C ALA J 419 13.21 -57.09 2.43
N GLY J 420 11.97 -56.66 2.23
CA GLY J 420 11.46 -55.50 2.93
C GLY J 420 10.51 -55.89 4.05
N VAL J 421 10.58 -55.17 5.16
CA VAL J 421 9.64 -55.41 6.26
C VAL J 421 8.85 -54.14 6.58
N PHE J 422 7.54 -54.29 6.66
CA PHE J 422 6.65 -53.20 7.02
C PHE J 422 5.90 -53.60 8.30
N GLY J 423 5.41 -52.62 9.05
CA GLY J 423 4.68 -52.95 10.26
C GLY J 423 4.01 -51.79 10.97
N ASN J 424 3.19 -52.13 11.96
CA ASN J 424 2.51 -51.13 12.79
C ASN J 424 3.11 -51.08 14.19
N ASN J 425 4.13 -51.89 14.42
CA ASN J 425 4.74 -52.01 15.74
C ASN J 425 6.27 -52.05 15.65
N GLU J 426 6.91 -50.99 16.16
CA GLU J 426 8.35 -50.85 16.07
C GLU J 426 9.08 -51.92 16.88
N GLU J 427 8.49 -52.35 17.98
CA GLU J 427 9.07 -53.39 18.81
C GLU J 427 9.17 -54.69 18.03
N LEU J 428 8.08 -55.08 17.39
CA LEU J 428 8.03 -56.31 16.60
C LEU J 428 8.99 -56.25 15.43
N ILE J 429 9.08 -55.08 14.80
CA ILE J 429 9.96 -54.89 13.64
C ILE J 429 11.42 -55.08 14.01
N ASN J 430 11.83 -54.49 15.14
CA ASN J 430 13.20 -54.67 15.62
C ASN J 430 13.49 -56.13 15.94
N LYS J 431 12.49 -56.84 16.43
CA LYS J 431 12.63 -58.26 16.70
C LYS J 431 12.84 -59.04 15.40
N ILE J 432 12.14 -58.62 14.35
CA ILE J 432 12.31 -59.21 13.03
C ILE J 432 13.71 -58.94 12.48
N LEU J 433 14.16 -57.70 12.64
CA LEU J 433 15.47 -57.29 12.13
C LEU J 433 16.61 -57.99 12.85
N GLN J 434 16.45 -58.21 14.15
CA GLN J 434 17.44 -58.92 14.93
C GLN J 434 17.47 -60.38 14.49
N SER J 435 16.29 -60.90 14.15
CA SER J 435 16.17 -62.26 13.63
C SER J 435 16.85 -62.37 12.28
N SER J 436 16.85 -61.28 11.53
CA SER J 436 17.50 -61.23 10.22
C SER J 436 19.02 -61.31 10.36
N LYS J 437 19.55 -60.76 11.45
CA LYS J 437 20.99 -60.75 11.68
C LYS J 437 21.51 -62.14 12.04
N THR J 438 20.79 -62.84 12.91
CA THR J 438 21.23 -64.13 13.41
C THR J 438 20.97 -65.25 12.39
N SER J 439 19.94 -65.08 11.57
CA SER J 439 19.62 -66.05 10.55
C SER J 439 20.40 -65.76 9.27
N ASN J 440 20.95 -64.55 9.19
CA ASN J 440 21.69 -64.07 8.01
C ASN J 440 20.86 -64.07 6.73
N GLU J 441 19.54 -63.95 6.87
CA GLU J 441 18.66 -63.69 5.74
C GLU J 441 18.30 -62.21 5.76
N PRO J 442 19.00 -61.42 4.93
CA PRO J 442 18.95 -59.94 4.96
C PRO J 442 17.58 -59.34 4.71
N VAL J 443 17.19 -58.42 5.60
CA VAL J 443 15.91 -57.72 5.53
C VAL J 443 16.12 -56.24 5.86
N TRP J 444 15.46 -55.36 5.12
CA TRP J 444 15.55 -53.93 5.40
C TRP J 444 14.19 -53.33 5.76
N TRP J 445 14.19 -52.42 6.72
CA TRP J 445 12.97 -51.79 7.19
C TRP J 445 12.49 -50.70 6.24
N LEU J 446 11.27 -50.86 5.72
CA LEU J 446 10.67 -49.86 4.85
C LEU J 446 9.43 -49.25 5.52
N PRO J 447 9.18 -47.95 5.29
CA PRO J 447 8.15 -47.23 6.03
C PRO J 447 6.73 -47.43 5.50
N ILE J 448 5.77 -47.31 6.40
CA ILE J 448 4.36 -47.20 6.00
C ILE J 448 3.99 -45.72 6.05
N ILE J 449 4.02 -45.07 4.89
CA ILE J 449 3.77 -43.64 4.80
C ILE J 449 2.27 -43.35 4.77
N ASN J 450 1.75 -42.85 5.88
CA ASN J 450 0.31 -42.63 6.03
C ASN J 450 -0.24 -41.54 5.12
N GLU J 451 0.65 -40.77 4.52
CA GLU J 451 0.24 -39.70 3.60
C GLU J 451 -0.33 -40.29 2.32
N TYR J 452 -0.05 -41.57 2.08
CA TYR J 452 -0.53 -42.25 0.89
C TYR J 452 -1.90 -42.88 1.10
N ARG J 453 -2.34 -42.97 2.35
CA ARG J 453 -3.57 -43.66 2.71
C ARG J 453 -4.79 -43.19 1.91
N ALA J 454 -4.81 -41.89 1.57
CA ALA J 454 -5.93 -41.31 0.85
C ALA J 454 -6.11 -41.91 -0.55
N THR J 455 -5.08 -42.57 -1.06
CA THR J 455 -5.15 -43.16 -2.40
C THR J 455 -5.95 -44.46 -2.40
N LEU J 456 -6.30 -44.93 -1.21
CA LEU J 456 -7.06 -46.16 -1.08
C LEU J 456 -8.53 -45.88 -0.85
N ASN J 457 -8.90 -44.60 -0.85
CA ASN J 457 -10.29 -44.21 -0.69
C ASN J 457 -11.10 -44.49 -1.96
N SER J 458 -11.96 -45.51 -1.90
CA SER J 458 -12.81 -45.86 -3.02
C SER J 458 -14.03 -44.96 -3.06
N LYS J 459 -14.53 -44.69 -4.26
CA LYS J 459 -15.70 -43.85 -4.43
C LYS J 459 -16.96 -44.58 -3.94
N TYR J 460 -16.96 -45.90 -4.06
CA TYR J 460 -18.15 -46.68 -3.74
C TYR J 460 -17.95 -47.67 -2.60
N ALA J 461 -16.79 -48.32 -2.56
CA ALA J 461 -16.51 -49.28 -1.51
C ALA J 461 -15.92 -48.61 -0.28
N ASP J 462 -15.59 -49.40 0.73
CA ASP J 462 -14.97 -48.87 1.93
C ASP J 462 -13.50 -48.54 1.68
N ILE J 463 -12.89 -49.28 0.75
CA ILE J 463 -11.46 -49.13 0.50
C ILE J 463 -11.09 -49.64 -0.89
N ASN J 464 -10.03 -49.07 -1.46
CA ASN J 464 -9.47 -49.55 -2.73
C ASN J 464 -8.50 -50.70 -2.52
N GLN J 465 -8.48 -51.63 -3.46
CA GLN J 465 -7.50 -52.70 -3.46
C GLN J 465 -6.12 -52.14 -3.80
N ILE J 466 -6.06 -51.38 -4.89
CA ILE J 466 -4.82 -50.74 -5.31
C ILE J 466 -4.97 -49.23 -5.38
N SER J 467 -3.89 -48.56 -5.76
CA SER J 467 -3.88 -47.12 -5.92
C SER J 467 -4.16 -46.71 -7.36
N SER J 468 -4.50 -45.45 -7.56
CA SER J 468 -4.65 -44.89 -8.89
C SER J 468 -3.34 -45.04 -9.66
N SER J 469 -2.28 -44.47 -9.10
CA SER J 469 -0.90 -44.66 -9.57
C SER J 469 0.06 -43.91 -8.67
N VAL J 470 0.29 -44.41 -7.46
CA VAL J 470 1.24 -43.78 -6.54
C VAL J 470 2.56 -44.57 -6.61
N LYS J 471 2.73 -45.31 -7.70
CA LYS J 471 3.98 -46.00 -8.02
C LYS J 471 4.50 -46.90 -6.90
N ALA J 472 4.79 -46.32 -5.74
CA ALA J 472 5.24 -47.07 -4.57
C ALA J 472 4.21 -48.10 -4.13
N SER J 473 4.09 -49.17 -4.91
CA SER J 473 3.07 -50.18 -4.68
C SER J 473 3.33 -50.99 -3.41
N SER J 474 4.60 -51.09 -3.04
CA SER J 474 4.98 -51.86 -1.85
C SER J 474 4.44 -51.21 -0.57
N ILE J 475 4.52 -49.89 -0.51
CA ILE J 475 4.02 -49.15 0.64
C ILE J 475 2.49 -49.16 0.65
N VAL J 476 1.89 -48.98 -0.52
CA VAL J 476 0.45 -48.97 -0.66
C VAL J 476 -0.15 -50.32 -0.26
N ALA J 477 0.50 -51.40 -0.67
CA ALA J 477 0.04 -52.75 -0.36
C ALA J 477 0.04 -53.00 1.14
N SER J 478 1.04 -52.47 1.83
CA SER J 478 1.12 -52.60 3.28
C SER J 478 0.01 -51.81 3.97
N LEU J 479 -0.25 -50.61 3.46
CA LEU J 479 -1.34 -49.77 3.96
C LEU J 479 -2.68 -50.49 3.83
N PHE J 480 -2.83 -51.27 2.77
CA PHE J 480 -4.04 -52.05 2.58
C PHE J 480 -4.15 -53.15 3.63
N LEU J 481 -3.04 -53.84 3.86
CA LEU J 481 -3.00 -54.92 4.85
C LEU J 481 -3.24 -54.40 6.26
N LYS J 482 -2.71 -53.20 6.54
CA LYS J 482 -2.84 -52.56 7.84
C LYS J 482 -4.31 -52.35 8.21
N GLU J 483 -5.17 -52.27 7.21
CA GLU J 483 -6.59 -52.07 7.42
C GLU J 483 -7.29 -53.34 7.89
N PHE J 484 -6.56 -54.45 7.93
CA PHE J 484 -7.13 -55.73 8.34
C PHE J 484 -6.48 -56.25 9.61
N VAL J 485 -5.70 -55.40 10.26
CA VAL J 485 -5.17 -55.67 11.58
C VAL J 485 -5.60 -54.55 12.52
N GLN J 486 -6.55 -54.84 13.40
CA GLN J 486 -7.21 -53.80 14.17
C GLN J 486 -6.46 -53.42 15.45
N ASN J 487 -6.01 -54.41 16.21
CA ASN J 487 -5.42 -54.14 17.51
C ASN J 487 -4.35 -55.14 17.91
N THR J 488 -3.45 -55.46 16.98
CA THR J 488 -2.39 -56.42 17.24
C THR J 488 -1.08 -55.98 16.58
N ALA J 489 0.03 -56.19 17.28
CA ALA J 489 1.35 -55.95 16.71
C ALA J 489 1.53 -56.81 15.46
N TRP J 490 1.79 -56.17 14.33
CA TRP J 490 1.83 -56.86 13.05
C TRP J 490 2.99 -56.38 12.18
N ALA J 491 3.66 -57.33 11.54
CA ALA J 491 4.76 -57.02 10.63
C ALA J 491 4.58 -57.76 9.30
N HIS J 492 4.98 -57.10 8.22
CA HIS J 492 4.78 -57.65 6.88
C HIS J 492 6.11 -57.75 6.13
N ILE J 493 6.47 -58.97 5.73
CA ILE J 493 7.71 -59.20 5.00
C ILE J 493 7.45 -59.49 3.53
N ASP J 494 7.91 -58.59 2.67
CA ASP J 494 7.73 -58.72 1.22
C ASP J 494 8.98 -59.33 0.59
N ILE J 495 8.82 -60.55 0.06
CA ILE J 495 9.97 -61.30 -0.45
C ILE J 495 9.92 -61.54 -1.96
N ALA J 496 9.11 -60.75 -2.65
CA ALA J 496 8.89 -60.94 -4.09
C ALA J 496 10.19 -60.84 -4.90
N GLY J 497 11.14 -60.06 -4.41
CA GLY J 497 12.40 -59.87 -5.12
C GLY J 497 13.49 -60.86 -4.73
N VAL J 498 13.40 -61.40 -3.52
CA VAL J 498 14.46 -62.26 -2.98
C VAL J 498 14.11 -63.74 -3.00
N SER J 499 12.86 -64.06 -3.30
CA SER J 499 12.39 -65.44 -3.22
C SER J 499 13.05 -66.35 -4.25
N TRP J 500 13.17 -65.87 -5.47
CA TRP J 500 13.71 -66.70 -6.56
C TRP J 500 15.15 -66.32 -6.90
N ASN J 501 16.01 -67.33 -6.97
CA ASN J 501 17.38 -67.14 -7.43
C ASN J 501 17.41 -67.18 -8.96
N PHE J 502 17.29 -66.01 -9.58
CA PHE J 502 17.19 -65.91 -11.03
C PHE J 502 18.44 -66.43 -11.73
N LYS J 503 19.59 -66.24 -11.11
CA LYS J 503 20.85 -66.66 -11.71
C LYS J 503 21.02 -68.17 -11.63
N ALA J 504 20.62 -68.77 -10.51
CA ALA J 504 20.76 -70.20 -10.31
C ALA J 504 19.55 -70.99 -10.77
N ARG J 505 18.50 -70.28 -11.17
CA ARG J 505 17.27 -70.89 -11.68
C ARG J 505 16.62 -71.83 -10.65
N LYS J 506 16.51 -71.36 -9.41
CA LYS J 506 15.97 -72.18 -8.33
C LYS J 506 15.46 -71.29 -7.20
N PRO J 507 14.61 -71.84 -6.31
CA PRO J 507 14.20 -71.04 -5.16
C PRO J 507 15.32 -70.89 -4.15
N LYS J 508 15.19 -69.91 -3.26
CA LYS J 508 16.15 -69.74 -2.17
C LYS J 508 15.62 -70.37 -0.89
N GLY J 509 14.30 -70.54 -0.83
CA GLY J 509 13.65 -70.97 0.39
C GLY J 509 13.76 -69.86 1.42
N PHE J 510 13.71 -68.62 0.94
CA PHE J 510 13.87 -67.44 1.78
C PHE J 510 12.76 -67.34 2.80
N GLY J 511 13.14 -67.09 4.06
CA GLY J 511 12.17 -66.85 5.10
C GLY J 511 12.13 -67.91 6.20
N VAL J 512 12.42 -69.15 5.82
CA VAL J 512 12.35 -70.27 6.76
C VAL J 512 13.23 -70.06 7.98
N ARG J 513 14.51 -69.79 7.74
CA ARG J 513 15.46 -69.60 8.82
C ARG J 513 15.21 -68.30 9.58
N LEU J 514 14.70 -67.29 8.88
CA LEU J 514 14.37 -66.03 9.50
C LEU J 514 13.24 -66.19 10.51
N LEU J 515 12.17 -66.85 10.07
CA LEU J 515 10.98 -67.02 10.91
C LEU J 515 11.25 -67.92 12.12
N THR J 516 12.07 -68.94 11.91
CA THR J 516 12.41 -69.87 13.00
C THR J 516 13.24 -69.16 14.06
N GLU J 517 14.14 -68.28 13.63
CA GLU J 517 14.93 -67.49 14.55
C GLU J 517 14.06 -66.50 15.31
N PHE J 518 12.97 -66.08 14.68
CA PHE J 518 12.05 -65.14 15.29
C PHE J 518 11.32 -65.75 16.49
N VAL J 519 10.84 -66.96 16.33
CA VAL J 519 10.06 -67.62 17.39
C VAL J 519 10.97 -68.22 18.47
N LEU J 520 12.20 -68.55 18.10
CA LEU J 520 13.15 -69.18 19.03
C LEU J 520 13.81 -68.16 19.93
N ASN J 521 14.30 -67.07 19.35
CA ASN J 521 14.98 -66.04 20.11
C ASN J 521 14.01 -65.03 20.70
N SER K 5 -34.18 -65.80 -14.28
CA SER K 5 -34.31 -64.91 -13.13
C SER K 5 -33.35 -65.29 -12.01
N GLU K 6 -33.00 -66.57 -11.93
CA GLU K 6 -32.08 -67.04 -10.91
C GLU K 6 -30.63 -66.76 -11.31
N VAL K 7 -30.00 -65.83 -10.59
CA VAL K 7 -28.62 -65.48 -10.87
C VAL K 7 -27.68 -66.59 -10.41
N PRO K 8 -26.90 -67.16 -11.35
CA PRO K 8 -25.95 -68.22 -11.01
C PRO K 8 -24.82 -67.71 -10.11
N GLN K 9 -24.28 -68.60 -9.29
CA GLN K 9 -23.22 -68.23 -8.36
C GLN K 9 -22.02 -69.17 -8.46
N VAL K 10 -20.83 -68.64 -8.20
CA VAL K 10 -19.63 -69.46 -8.09
C VAL K 10 -19.45 -69.85 -6.63
N VAL K 11 -19.67 -68.88 -5.75
CA VAL K 11 -19.65 -69.10 -4.31
C VAL K 11 -20.91 -68.50 -3.70
N SER K 12 -21.22 -68.89 -2.46
CA SER K 12 -22.45 -68.45 -1.82
C SER K 12 -22.44 -66.95 -1.51
N LEU K 13 -21.25 -66.36 -1.53
CA LEU K 13 -21.10 -64.94 -1.20
C LEU K 13 -21.30 -64.05 -2.42
N ASP K 14 -21.45 -64.66 -3.59
CA ASP K 14 -21.72 -63.91 -4.81
C ASP K 14 -23.11 -63.28 -4.76
N PRO K 15 -23.19 -61.96 -5.00
CA PRO K 15 -24.46 -61.23 -4.97
C PRO K 15 -25.45 -61.73 -6.02
N THR K 16 -26.74 -61.64 -5.72
CA THR K 16 -27.77 -62.16 -6.61
C THR K 16 -28.76 -61.09 -7.06
N SER K 17 -28.46 -59.83 -6.74
CA SER K 17 -29.29 -58.73 -7.19
C SER K 17 -28.54 -57.40 -7.10
N ILE K 18 -28.95 -56.44 -7.91
CA ILE K 18 -28.39 -55.10 -7.87
C ILE K 18 -29.14 -54.24 -6.87
N PRO K 19 -28.44 -53.70 -5.86
CA PRO K 19 -29.10 -52.79 -4.93
C PRO K 19 -29.52 -51.50 -5.62
N ILE K 20 -30.81 -51.18 -5.53
CA ILE K 20 -31.33 -49.95 -6.14
C ILE K 20 -32.06 -49.10 -5.11
N GLU K 21 -31.64 -47.86 -4.95
CA GLU K 21 -32.33 -46.92 -4.10
C GLU K 21 -33.33 -46.10 -4.93
N TYR K 22 -34.62 -46.33 -4.69
CA TYR K 22 -35.66 -45.63 -5.42
C TYR K 22 -36.05 -44.33 -4.71
N ASN K 23 -36.18 -44.40 -3.39
CA ASN K 23 -36.48 -43.21 -2.60
C ASN K 23 -35.21 -42.54 -2.09
N THR K 24 -34.79 -41.48 -2.80
CA THR K 24 -33.60 -40.74 -2.42
C THR K 24 -33.96 -39.55 -1.54
N PRO K 25 -33.00 -39.06 -0.73
CA PRO K 25 -33.23 -37.90 0.14
C PRO K 25 -33.67 -36.65 -0.62
N ILE K 26 -33.35 -36.57 -1.91
CA ILE K 26 -33.71 -35.41 -2.72
C ILE K 26 -35.22 -35.28 -2.90
N HIS K 27 -35.91 -36.42 -2.95
CA HIS K 27 -37.36 -36.43 -3.14
C HIS K 27 -38.09 -35.78 -1.96
N ASP K 28 -37.40 -35.63 -0.84
CA ASP K 28 -37.97 -35.00 0.35
C ASP K 28 -37.66 -33.52 0.42
N ILE K 29 -36.98 -33.01 -0.61
CA ILE K 29 -36.67 -31.59 -0.68
C ILE K 29 -37.88 -30.80 -1.17
N LYS K 30 -38.35 -29.87 -0.35
CA LYS K 30 -39.43 -28.98 -0.75
C LYS K 30 -38.85 -27.80 -1.52
N VAL K 31 -39.31 -27.62 -2.76
CA VAL K 31 -38.75 -26.58 -3.62
C VAL K 31 -39.74 -25.44 -3.87
N GLN K 32 -39.37 -24.24 -3.43
CA GLN K 32 -40.17 -23.05 -3.67
C GLN K 32 -39.44 -22.07 -4.57
N VAL K 33 -40.14 -21.57 -5.59
CA VAL K 33 -39.55 -20.58 -6.49
C VAL K 33 -40.21 -19.22 -6.29
N TYR K 34 -39.40 -18.24 -5.87
CA TYR K 34 -39.89 -16.89 -5.66
C TYR K 34 -39.48 -15.97 -6.81
N ASP K 35 -40.24 -14.90 -7.02
CA ASP K 35 -39.83 -13.87 -7.97
C ASP K 35 -38.89 -12.91 -7.27
N ILE K 36 -37.81 -12.54 -7.95
CA ILE K 36 -36.77 -11.73 -7.35
C ILE K 36 -37.25 -10.31 -7.06
N LYS K 37 -38.32 -9.90 -7.74
CA LYS K 37 -38.93 -8.60 -7.49
C LYS K 37 -39.67 -8.61 -6.16
N GLY K 38 -39.34 -7.66 -5.29
CA GLY K 38 -39.95 -7.60 -3.98
C GLY K 38 -38.95 -7.82 -2.86
N GLY K 39 -37.73 -8.21 -3.24
CA GLY K 39 -36.67 -8.42 -2.28
C GLY K 39 -36.47 -9.88 -1.90
N CYS K 40 -35.25 -10.23 -1.52
CA CYS K 40 -34.95 -11.59 -1.08
C CYS K 40 -35.01 -11.70 0.44
N ASN K 41 -35.41 -12.86 0.94
CA ASN K 41 -35.63 -13.06 2.36
C ASN K 41 -34.67 -14.07 2.97
N VAL K 42 -33.71 -13.57 3.75
CA VAL K 42 -32.69 -14.43 4.35
C VAL K 42 -33.02 -14.70 5.81
N GLU K 43 -33.77 -15.78 6.06
CA GLU K 43 -34.22 -16.11 7.40
C GLU K 43 -33.40 -17.24 8.01
N GLU K 44 -33.41 -18.38 7.34
CA GLU K 44 -32.69 -19.56 7.83
C GLU K 44 -31.76 -20.12 6.77
N GLY K 45 -30.80 -20.94 7.21
CA GLY K 45 -29.95 -21.68 6.30
C GLY K 45 -29.01 -20.86 5.44
N LEU K 46 -28.71 -21.39 4.26
CA LEU K 46 -27.71 -20.81 3.37
C LEU K 46 -28.33 -20.12 2.16
N THR K 47 -27.92 -18.87 1.93
CA THR K 47 -28.36 -18.13 0.76
C THR K 47 -27.17 -17.82 -0.15
N ILE K 48 -27.23 -18.29 -1.39
CA ILE K 48 -26.13 -18.10 -2.33
C ILE K 48 -26.56 -17.31 -3.56
N PHE K 49 -25.84 -16.23 -3.83
CA PHE K 49 -26.10 -15.40 -5.02
C PHE K 49 -25.23 -15.83 -6.19
N LEU K 50 -25.85 -16.06 -7.34
CA LEU K 50 -25.09 -16.36 -8.55
C LEU K 50 -24.80 -15.07 -9.30
N VAL K 51 -23.52 -14.67 -9.29
CA VAL K 51 -23.14 -13.35 -9.76
C VAL K 51 -22.09 -13.43 -10.89
N ASN K 52 -22.23 -12.56 -11.88
CA ASN K 52 -21.25 -12.43 -12.94
C ASN K 52 -20.78 -10.99 -13.10
N ASN K 53 -19.82 -10.77 -13.99
CA ASN K 53 -19.37 -9.42 -14.32
C ASN K 53 -19.03 -9.32 -15.81
N PRO K 54 -20.03 -8.93 -16.62
CA PRO K 54 -19.90 -8.80 -18.08
C PRO K 54 -19.02 -7.61 -18.48
N LYS K 56 -14.45 -6.60 -15.42
CA LYS K 56 -14.96 -7.59 -16.37
C LYS K 56 -14.47 -9.00 -16.02
N GLU K 57 -13.47 -9.47 -16.76
CA GLU K 57 -12.91 -10.79 -16.53
C GLU K 57 -12.31 -10.87 -15.13
N ASN K 58 -12.83 -11.79 -14.33
CA ASN K 58 -12.49 -11.91 -12.91
C ASN K 58 -12.73 -10.61 -12.17
N GLY K 59 -13.79 -9.91 -12.54
CA GLY K 59 -14.15 -8.65 -11.91
C GLY K 59 -14.74 -8.84 -10.54
N PRO K 60 -14.97 -7.74 -9.80
CA PRO K 60 -15.48 -7.79 -8.44
C PRO K 60 -16.93 -8.27 -8.36
N VAL K 61 -17.32 -8.78 -7.21
CA VAL K 61 -18.69 -9.23 -6.99
C VAL K 61 -19.57 -8.05 -6.59
N LYS K 62 -20.72 -7.94 -7.24
CA LYS K 62 -21.71 -6.95 -6.84
C LYS K 62 -23.09 -7.57 -6.75
N ILE K 63 -23.72 -7.46 -5.59
CA ILE K 63 -25.07 -7.99 -5.40
C ILE K 63 -26.10 -6.94 -5.81
N SER K 64 -26.95 -7.30 -6.76
CA SER K 64 -27.95 -6.38 -7.30
C SER K 64 -29.25 -6.44 -6.52
N SER K 65 -29.61 -7.65 -6.07
CA SER K 65 -30.90 -7.88 -5.44
C SER K 65 -31.06 -7.19 -4.10
N LYS K 66 -32.27 -6.72 -3.84
CA LYS K 66 -32.63 -6.18 -2.54
C LYS K 66 -32.85 -7.32 -1.56
N VAL K 67 -32.27 -7.21 -0.37
CA VAL K 67 -32.42 -8.24 0.65
C VAL K 67 -33.18 -7.67 1.84
N ASN K 68 -34.31 -8.28 2.18
CA ASN K 68 -35.14 -7.78 3.26
C ASN K 68 -34.57 -8.12 4.63
N ASP K 69 -33.28 -7.88 4.81
CA ASP K 69 -32.62 -8.04 6.10
C ASP K 69 -31.50 -7.03 6.20
N LYS K 70 -31.56 -6.19 7.22
CA LYS K 70 -30.61 -5.09 7.38
C LYS K 70 -29.19 -5.59 7.63
N GLN K 71 -29.06 -6.62 8.47
CA GLN K 71 -27.77 -7.19 8.80
C GLN K 71 -27.07 -7.77 7.58
N VAL K 72 -27.82 -8.54 6.79
CA VAL K 72 -27.27 -9.18 5.60
C VAL K 72 -27.00 -8.14 4.50
N SER K 73 -27.85 -7.14 4.40
CA SER K 73 -27.69 -6.09 3.40
C SER K 73 -26.41 -5.29 3.63
N GLU K 74 -26.07 -5.08 4.90
CA GLU K 74 -24.81 -4.40 5.25
C GLU K 74 -23.63 -5.27 4.82
N PHE K 75 -23.79 -6.58 4.94
CA PHE K 75 -22.76 -7.53 4.53
C PHE K 75 -22.62 -7.56 3.01
N LEU K 76 -23.74 -7.38 2.32
CA LEU K 76 -23.76 -7.50 0.86
C LEU K 76 -23.52 -6.17 0.15
N LYS K 77 -23.18 -5.13 0.90
CA LYS K 77 -22.89 -3.84 0.27
C LYS K 77 -21.63 -3.97 -0.58
N ASP K 78 -21.53 -3.12 -1.60
CA ASP K 78 -20.49 -3.26 -2.62
C ASP K 78 -19.07 -3.15 -2.07
N GLU K 79 -18.88 -2.38 -1.01
CA GLU K 79 -17.56 -2.20 -0.41
C GLU K 79 -16.99 -3.51 0.12
N ASN K 80 -17.87 -4.40 0.57
CA ASN K 80 -17.44 -5.69 1.10
C ASN K 80 -17.28 -6.75 0.01
N MET K 81 -18.25 -6.80 -0.90
CA MET K 81 -18.29 -7.86 -1.90
C MET K 81 -17.22 -7.70 -2.98
N GLU K 82 -16.75 -6.47 -3.18
CA GLU K 82 -15.75 -6.21 -4.21
C GLU K 82 -14.39 -6.81 -3.83
N LYS K 83 -14.26 -7.20 -2.57
CA LYS K 83 -13.07 -7.90 -2.11
C LYS K 83 -13.04 -9.32 -2.69
N PHE K 84 -14.21 -9.76 -3.16
CA PHE K 84 -14.32 -11.06 -3.81
C PHE K 84 -14.50 -10.87 -5.31
N ASN K 85 -14.15 -11.88 -6.10
CA ASN K 85 -14.29 -11.78 -7.56
C ASN K 85 -15.18 -12.88 -8.14
N VAL K 86 -15.60 -12.69 -9.39
CA VAL K 86 -16.63 -13.53 -9.99
C VAL K 86 -16.09 -14.61 -10.91
N LYS K 87 -14.82 -14.98 -10.75
CA LYS K 87 -14.22 -16.04 -11.55
C LYS K 87 -15.06 -17.31 -11.46
N LEU K 88 -15.33 -17.93 -12.61
CA LEU K 88 -16.21 -19.09 -12.70
C LEU K 88 -15.81 -20.21 -11.73
N GLY K 89 -16.67 -20.48 -10.76
CA GLY K 89 -16.42 -21.54 -9.79
C GLY K 89 -15.97 -21.02 -8.44
N THR K 90 -15.43 -19.82 -8.41
CA THR K 90 -14.95 -19.22 -7.17
C THR K 90 -16.11 -18.94 -6.23
N SER K 91 -15.94 -19.32 -4.97
CA SER K 91 -17.01 -19.12 -3.99
C SER K 91 -16.48 -18.74 -2.60
N LYS K 92 -17.27 -17.95 -1.90
CA LYS K 92 -17.01 -17.60 -0.50
C LYS K 92 -18.35 -17.57 0.22
N HIS K 93 -18.40 -18.10 1.43
CA HIS K 93 -19.62 -17.99 2.23
C HIS K 93 -19.31 -17.79 3.71
N PHE K 94 -20.01 -16.83 4.32
CA PHE K 94 -19.76 -16.44 5.70
C PHE K 94 -20.98 -16.72 6.57
N TYR K 95 -20.74 -17.06 7.84
CA TYR K 95 -21.81 -17.23 8.81
C TYR K 95 -22.00 -15.96 9.62
N MET K 96 -23.25 -15.56 9.82
CA MET K 96 -23.55 -14.33 10.55
C MET K 96 -24.94 -14.39 11.16
N PHE K 97 -25.24 -13.41 12.02
CA PHE K 97 -26.58 -13.30 12.59
C PHE K 97 -27.39 -12.26 11.83
N ASN K 98 -28.64 -12.59 11.52
CA ASN K 98 -29.52 -11.65 10.83
C ASN K 98 -30.21 -10.72 11.83
N ASP K 99 -31.27 -10.05 11.39
CA ASP K 99 -31.99 -9.13 12.25
C ASP K 99 -32.62 -9.85 13.43
N ASN K 100 -33.01 -11.11 13.21
CA ASN K 100 -33.69 -11.89 14.23
C ASN K 100 -32.73 -12.63 15.15
N LYS K 101 -31.45 -12.27 15.08
CA LYS K 101 -30.39 -12.92 15.85
C LYS K 101 -30.37 -14.42 15.61
N ASN K 102 -30.67 -14.83 14.38
CA ASN K 102 -30.59 -16.22 13.97
C ASN K 102 -29.36 -16.44 13.09
N SER K 103 -28.71 -17.59 13.26
CA SER K 103 -27.51 -17.90 12.49
C SER K 103 -27.85 -18.17 11.03
N VAL K 104 -27.30 -17.35 10.15
CA VAL K 104 -27.49 -17.53 8.71
C VAL K 104 -26.15 -17.59 8.00
N ALA K 105 -26.13 -18.24 6.84
CA ALA K 105 -24.93 -18.31 6.03
C ALA K 105 -25.21 -17.71 4.66
N VAL K 106 -24.41 -16.72 4.27
CA VAL K 106 -24.59 -16.03 3.00
C VAL K 106 -23.30 -16.07 2.19
N GLY K 107 -23.42 -16.32 0.90
CA GLY K 107 -22.27 -16.35 0.02
C GLY K 107 -22.63 -16.25 -1.45
N TYR K 108 -21.66 -16.51 -2.31
CA TYR K 108 -21.87 -16.42 -3.75
C TYR K 108 -21.12 -17.51 -4.50
N VAL K 109 -21.48 -17.68 -5.77
CA VAL K 109 -20.72 -18.53 -6.68
C VAL K 109 -20.43 -17.74 -7.95
N GLY K 110 -19.16 -17.66 -8.32
CA GLY K 110 -18.76 -16.93 -9.52
C GLY K 110 -19.29 -17.56 -10.78
N CYS K 111 -19.90 -16.75 -11.64
CA CYS K 111 -20.47 -17.23 -12.89
C CYS K 111 -19.73 -16.67 -14.10
N GLY K 112 -18.48 -16.28 -13.88
CA GLY K 112 -17.63 -15.80 -14.96
C GLY K 112 -18.03 -14.44 -15.50
N SER K 113 -17.71 -14.21 -16.77
CA SER K 113 -17.98 -12.93 -17.42
C SER K 113 -18.83 -13.08 -18.66
N VAL K 114 -19.17 -14.33 -19.00
CA VAL K 114 -20.03 -14.60 -20.15
C VAL K 114 -21.49 -14.59 -19.71
N ALA K 115 -22.32 -13.83 -20.43
CA ALA K 115 -23.72 -13.63 -20.07
C ALA K 115 -24.56 -14.90 -20.23
N ASP K 116 -24.28 -15.66 -21.30
CA ASP K 116 -25.03 -16.89 -21.56
C ASP K 116 -24.19 -18.12 -21.22
N LEU K 117 -24.45 -18.72 -20.07
CA LEU K 117 -23.67 -19.87 -19.60
C LEU K 117 -23.97 -21.13 -20.40
N SER K 118 -22.90 -21.86 -20.73
CA SER K 118 -23.05 -23.15 -21.38
C SER K 118 -23.43 -24.21 -20.35
N GLU K 119 -23.67 -25.44 -20.81
CA GLU K 119 -23.99 -26.52 -19.90
C GLU K 119 -22.75 -26.93 -19.10
N ALA K 120 -21.57 -26.67 -19.66
CA ALA K 120 -20.33 -26.98 -18.98
C ALA K 120 -20.04 -25.95 -17.90
N ASP K 121 -20.36 -24.69 -18.18
CA ASP K 121 -20.20 -23.63 -17.20
C ASP K 121 -21.15 -23.81 -16.03
N MET K 122 -22.42 -24.10 -16.35
CA MET K 122 -23.43 -24.32 -15.34
C MET K 122 -23.07 -25.51 -14.46
N LYS K 123 -22.43 -26.52 -15.06
CA LYS K 123 -21.99 -27.70 -14.33
C LYS K 123 -20.93 -27.33 -13.30
N ARG K 124 -20.07 -26.37 -13.65
CA ARG K 124 -19.03 -25.93 -12.73
C ARG K 124 -19.61 -25.03 -11.64
N VAL K 125 -20.63 -24.25 -11.98
CA VAL K 125 -21.33 -23.44 -11.01
C VAL K 125 -22.00 -24.33 -9.96
N VAL K 126 -22.63 -25.41 -10.43
CA VAL K 126 -23.31 -26.36 -9.56
C VAL K 126 -22.33 -27.10 -8.65
N LEU K 127 -21.22 -27.58 -9.22
CA LEU K 127 -20.23 -28.32 -8.47
C LEU K 127 -19.62 -27.51 -7.33
N SER K 128 -19.48 -26.21 -7.56
CA SER K 128 -19.01 -25.31 -6.52
C SER K 128 -20.06 -25.16 -5.44
N LEU K 129 -21.32 -25.14 -5.87
CA LEU K 129 -22.45 -25.00 -4.96
C LEU K 129 -22.62 -26.24 -4.09
N VAL K 130 -22.43 -27.41 -4.70
CA VAL K 130 -22.58 -28.69 -4.00
C VAL K 130 -21.51 -28.85 -2.92
N THR K 131 -20.31 -28.35 -3.20
CA THR K 131 -19.20 -28.41 -2.24
C THR K 131 -19.58 -27.76 -0.91
N MET K 132 -20.29 -26.64 -0.98
CA MET K 132 -20.73 -25.94 0.22
C MET K 132 -21.83 -26.70 0.93
N LEU K 133 -22.62 -27.47 0.18
CA LEU K 133 -23.69 -28.27 0.77
C LEU K 133 -23.13 -29.47 1.52
N HIS K 134 -22.09 -30.08 0.96
CA HIS K 134 -21.49 -31.26 1.56
C HIS K 134 -20.65 -30.93 2.79
N ASP K 135 -20.35 -29.65 2.97
CA ASP K 135 -19.51 -29.22 4.08
C ASP K 135 -20.25 -28.35 5.08
N ASN K 136 -21.57 -28.36 5.02
CA ASN K 136 -22.40 -27.59 5.94
C ASN K 136 -23.66 -28.35 6.34
N LYS K 137 -23.91 -28.44 7.64
CA LYS K 137 -25.09 -29.15 8.15
C LYS K 137 -26.32 -28.27 8.08
N LEU K 138 -26.73 -27.94 6.85
CA LEU K 138 -27.84 -27.03 6.63
C LEU K 138 -29.18 -27.74 6.52
N SER K 139 -30.24 -27.01 6.81
CA SER K 139 -31.60 -27.53 6.68
C SER K 139 -32.26 -26.99 5.41
N LYS K 140 -31.71 -25.89 4.89
CA LYS K 140 -32.30 -25.21 3.75
C LYS K 140 -31.25 -24.50 2.90
N LEU K 141 -31.39 -24.65 1.58
CA LEU K 141 -30.53 -23.94 0.64
C LEU K 141 -31.35 -22.98 -0.21
N THR K 142 -30.85 -21.75 -0.35
CA THR K 142 -31.51 -20.77 -1.20
C THR K 142 -30.55 -20.25 -2.25
N VAL K 143 -30.95 -20.36 -3.52
CA VAL K 143 -30.12 -19.91 -4.63
C VAL K 143 -30.76 -18.71 -5.32
N VAL K 144 -30.06 -17.59 -5.31
CA VAL K 144 -30.56 -16.37 -5.94
C VAL K 144 -29.92 -16.14 -7.30
N PHE K 145 -30.76 -16.14 -8.34
CA PHE K 145 -30.28 -15.99 -9.71
C PHE K 145 -30.13 -14.52 -10.12
N GLU K 146 -28.90 -14.04 -10.15
CA GLU K 146 -28.62 -12.73 -10.71
C GLU K 146 -27.93 -12.89 -12.06
N ILE K 147 -28.28 -13.96 -12.76
CA ILE K 147 -27.76 -14.24 -14.09
C ILE K 147 -28.90 -14.62 -15.03
N ASN K 148 -28.61 -14.68 -16.33
CA ASN K 148 -29.61 -15.05 -17.32
C ASN K 148 -29.63 -16.54 -17.61
N VAL K 149 -30.78 -17.16 -17.39
CA VAL K 149 -30.96 -18.58 -17.70
C VAL K 149 -32.33 -18.81 -18.31
N ASP K 150 -32.40 -19.60 -19.37
CA ASP K 150 -33.69 -19.96 -19.95
C ASP K 150 -34.26 -21.15 -19.19
N LYS K 151 -35.46 -21.58 -19.56
CA LYS K 151 -36.14 -22.66 -18.86
C LYS K 151 -35.36 -23.97 -18.93
N ASN K 152 -34.75 -24.24 -20.08
CA ASN K 152 -33.95 -25.45 -20.26
C ASN K 152 -32.69 -25.46 -19.39
N LEU K 153 -32.07 -24.29 -19.22
CA LEU K 153 -30.87 -24.18 -18.42
C LEU K 153 -31.22 -24.17 -16.94
N PHE K 154 -32.36 -23.58 -16.59
CA PHE K 154 -32.81 -23.57 -15.21
C PHE K 154 -33.14 -24.98 -14.74
N ARG K 155 -33.80 -25.75 -15.61
CA ARG K 155 -34.10 -27.14 -15.29
C ARG K 155 -32.80 -27.93 -15.20
N PHE K 156 -31.87 -27.64 -16.10
CA PHE K 156 -30.57 -28.28 -16.11
C PHE K 156 -29.81 -27.99 -14.81
N PHE K 157 -30.01 -26.80 -14.28
CA PHE K 157 -29.42 -26.42 -13.01
C PHE K 157 -29.93 -27.30 -11.88
N LEU K 158 -31.25 -27.47 -11.81
CA LEU K 158 -31.86 -28.29 -10.77
C LEU K 158 -31.47 -29.76 -10.91
N GLU K 159 -31.49 -30.26 -12.14
CA GLU K 159 -31.13 -31.64 -12.41
C GLU K 159 -29.70 -31.96 -11.98
N THR K 160 -28.77 -31.13 -12.45
CA THR K 160 -27.36 -31.32 -12.14
C THR K 160 -27.12 -31.16 -10.64
N LEU K 161 -27.76 -30.16 -10.04
CA LEU K 161 -27.66 -29.94 -8.61
C LEU K 161 -28.07 -31.19 -7.83
N PHE K 162 -29.27 -31.69 -8.12
CA PHE K 162 -29.78 -32.89 -7.46
C PHE K 162 -28.86 -34.08 -7.67
N TYR K 163 -28.35 -34.24 -8.89
CA TYR K 163 -27.52 -35.39 -9.24
C TYR K 163 -26.18 -35.35 -8.50
N GLU K 164 -25.55 -34.19 -8.47
CA GLU K 164 -24.24 -34.06 -7.83
C GLU K 164 -24.36 -34.04 -6.31
N TYR K 165 -25.48 -33.53 -5.81
CA TYR K 165 -25.75 -33.47 -4.38
C TYR K 165 -25.88 -34.87 -3.80
N MET K 166 -26.56 -35.75 -4.54
CA MET K 166 -26.79 -37.12 -4.11
C MET K 166 -25.50 -37.93 -4.05
N THR K 167 -25.38 -38.79 -3.04
CA THR K 167 -24.22 -39.64 -2.89
C THR K 167 -24.60 -41.11 -2.82
N ASP K 168 -23.97 -41.91 -3.66
CA ASP K 168 -24.24 -43.34 -3.75
C ASP K 168 -23.47 -44.12 -2.68
N GLU K 169 -24.17 -44.65 -1.69
CA GLU K 169 -23.53 -45.42 -0.63
C GLU K 169 -24.08 -46.83 -0.52
N ARG K 170 -24.53 -47.38 -1.64
CA ARG K 170 -25.08 -48.73 -1.67
C ARG K 170 -24.03 -49.77 -1.29
N PHE K 171 -22.77 -49.51 -1.65
CA PHE K 171 -21.71 -50.48 -1.46
C PHE K 171 -20.76 -50.07 -0.32
N LYS K 172 -21.18 -49.09 0.47
CA LYS K 172 -20.45 -48.70 1.67
C LYS K 172 -20.88 -49.58 2.83
N SER K 173 -19.96 -49.84 3.75
CA SER K 173 -20.27 -50.66 4.92
C SER K 173 -19.60 -50.10 6.18
N GLU K 181 -26.98 -35.80 6.40
CA GLU K 181 -28.06 -34.86 6.67
C GLU K 181 -28.26 -33.89 5.50
N TYR K 182 -29.12 -34.28 4.56
CA TYR K 182 -29.43 -33.44 3.41
C TYR K 182 -30.37 -32.31 3.82
N ILE K 183 -30.41 -31.26 3.01
CA ILE K 183 -31.37 -30.18 3.22
C ILE K 183 -32.79 -30.69 2.98
N LYS K 184 -33.77 -30.00 3.56
CA LYS K 184 -35.16 -30.39 3.38
C LYS K 184 -35.89 -29.37 2.53
N HIS K 185 -35.29 -28.20 2.36
CA HIS K 185 -35.93 -27.12 1.62
C HIS K 185 -34.97 -26.47 0.61
N LEU K 186 -35.50 -26.13 -0.57
CA LEU K 186 -34.73 -25.43 -1.58
C LEU K 186 -35.46 -24.20 -2.08
N GLY K 187 -34.89 -23.03 -1.84
CA GLY K 187 -35.48 -21.78 -2.29
C GLY K 187 -34.76 -21.26 -3.52
N VAL K 188 -35.53 -20.72 -4.46
CA VAL K 188 -34.95 -20.15 -5.68
C VAL K 188 -35.55 -18.77 -5.97
N TYR K 189 -34.69 -17.75 -5.96
CA TYR K 189 -35.10 -16.41 -6.37
C TYR K 189 -34.67 -16.16 -7.81
N ILE K 190 -35.62 -15.81 -8.65
CA ILE K 190 -35.34 -15.59 -10.07
C ILE K 190 -36.40 -14.65 -10.66
N ASN K 191 -36.02 -13.90 -11.69
CA ASN K 191 -36.95 -13.02 -12.38
C ASN K 191 -37.94 -13.84 -13.21
N ASN K 192 -39.19 -13.41 -13.22
CA ASN K 192 -40.27 -14.14 -13.89
C ASN K 192 -40.36 -15.57 -13.39
N ALA K 193 -40.53 -15.73 -12.09
CA ALA K 193 -40.50 -17.03 -11.42
C ALA K 193 -41.62 -17.97 -11.89
N ASP K 194 -42.76 -17.40 -12.23
CA ASP K 194 -43.92 -18.20 -12.63
C ASP K 194 -43.64 -19.05 -13.86
N THR K 195 -42.74 -18.57 -14.72
CA THR K 195 -42.39 -19.29 -15.94
C THR K 195 -41.53 -20.52 -15.65
N TYR K 196 -40.76 -20.46 -14.56
CA TYR K 196 -39.80 -21.52 -14.24
C TYR K 196 -40.37 -22.62 -13.36
N LYS K 197 -41.53 -22.37 -12.74
CA LYS K 197 -42.08 -23.29 -11.75
C LYS K 197 -42.42 -24.67 -12.32
N GLU K 198 -42.77 -24.73 -13.60
CA GLU K 198 -43.15 -25.99 -14.24
C GLU K 198 -41.95 -26.93 -14.41
N GLU K 199 -40.76 -26.36 -14.44
CA GLU K 199 -39.55 -27.14 -14.71
C GLU K 199 -39.09 -27.94 -13.49
N VAL K 200 -39.55 -27.54 -12.30
CA VAL K 200 -39.08 -28.13 -11.05
C VAL K 200 -39.33 -29.63 -10.95
N GLU K 201 -40.58 -30.05 -11.09
CA GLU K 201 -40.92 -31.46 -10.94
C GLU K 201 -40.46 -32.27 -12.14
N LYS K 202 -40.33 -31.63 -13.29
CA LYS K 202 -39.78 -32.28 -14.47
C LYS K 202 -38.30 -32.59 -14.22
N ALA K 203 -37.63 -31.66 -13.56
CA ALA K 203 -36.22 -31.83 -13.21
C ALA K 203 -36.03 -33.01 -12.27
N ARG K 204 -36.92 -33.15 -11.30
CA ARG K 204 -36.84 -34.22 -10.32
C ARG K 204 -36.98 -35.59 -10.99
N VAL K 205 -37.80 -35.65 -12.04
CA VAL K 205 -37.97 -36.88 -12.80
C VAL K 205 -36.73 -37.16 -13.65
N TYR K 206 -36.28 -36.15 -14.38
CA TYR K 206 -35.06 -36.26 -15.17
C TYR K 206 -33.87 -36.61 -14.28
N TYR K 207 -33.89 -36.06 -13.07
CA TYR K 207 -32.84 -36.33 -12.09
C TYR K 207 -32.75 -37.82 -11.76
N PHE K 208 -33.84 -38.41 -11.29
CA PHE K 208 -33.80 -39.80 -10.86
C PHE K 208 -33.53 -40.75 -12.01
N GLY K 209 -34.06 -40.43 -13.19
CA GLY K 209 -33.80 -41.23 -14.37
C GLY K 209 -32.32 -41.31 -14.65
N THR K 210 -31.66 -40.16 -14.52
CA THR K 210 -30.21 -40.07 -14.68
C THR K 210 -29.50 -40.81 -13.55
N TYR K 211 -30.00 -40.62 -12.33
CA TYR K 211 -29.38 -41.24 -11.16
C TYR K 211 -29.60 -42.74 -11.14
N TYR K 212 -30.78 -43.18 -11.58
CA TYR K 212 -31.08 -44.60 -11.69
C TYR K 212 -30.12 -45.28 -12.65
N ALA K 213 -29.93 -44.68 -13.82
CA ALA K 213 -28.96 -45.17 -14.80
C ALA K 213 -27.57 -45.19 -14.18
N SER K 214 -27.24 -44.11 -13.47
CA SER K 214 -25.96 -44.00 -12.78
C SER K 214 -25.76 -45.16 -11.79
N GLN K 215 -26.84 -45.57 -11.13
CA GLN K 215 -26.77 -46.67 -10.17
C GLN K 215 -26.44 -47.99 -10.84
N LEU K 216 -27.00 -48.21 -12.04
CA LEU K 216 -26.75 -49.44 -12.77
C LEU K 216 -25.33 -49.50 -13.29
N ILE K 217 -24.83 -48.36 -13.78
CA ILE K 217 -23.48 -48.29 -14.31
C ILE K 217 -22.43 -48.46 -13.21
N ALA K 218 -22.63 -47.75 -12.10
CA ALA K 218 -21.69 -47.79 -10.98
C ALA K 218 -21.61 -49.18 -10.36
N ALA K 219 -22.72 -49.91 -10.43
CA ALA K 219 -22.77 -51.27 -9.89
C ALA K 219 -21.78 -52.17 -10.63
N PRO K 220 -20.87 -52.80 -9.88
CA PRO K 220 -19.84 -53.69 -10.44
C PRO K 220 -20.42 -54.89 -11.17
N SER K 221 -19.58 -55.61 -11.91
CA SER K 221 -20.05 -56.67 -12.78
C SER K 221 -20.39 -57.96 -12.04
N ASN K 222 -20.03 -58.05 -10.77
CA ASN K 222 -20.44 -59.20 -9.97
C ASN K 222 -21.83 -58.97 -9.42
N TYR K 223 -22.21 -57.69 -9.30
CA TYR K 223 -23.57 -57.32 -8.95
C TYR K 223 -24.43 -57.17 -10.19
N CYS K 224 -23.95 -56.39 -11.16
CA CYS K 224 -24.69 -56.13 -12.38
C CYS K 224 -24.29 -57.11 -13.48
N ASN K 225 -25.06 -58.17 -13.63
CA ASN K 225 -24.82 -59.19 -14.65
C ASN K 225 -26.05 -59.29 -15.57
N PRO K 226 -25.92 -59.99 -16.72
CA PRO K 226 -27.06 -60.13 -17.64
C PRO K 226 -28.35 -60.62 -16.98
N VAL K 227 -28.23 -61.46 -15.95
CA VAL K 227 -29.40 -61.99 -15.27
C VAL K 227 -29.97 -60.96 -14.28
N SER K 228 -29.08 -60.36 -13.49
CA SER K 228 -29.51 -59.42 -12.46
C SER K 228 -29.97 -58.09 -13.07
N LEU K 229 -29.36 -57.70 -14.19
CA LEU K 229 -29.73 -56.47 -14.87
C LEU K 229 -31.11 -56.59 -15.49
N SER K 230 -31.39 -57.74 -16.09
CA SER K 230 -32.69 -58.01 -16.70
C SER K 230 -33.78 -58.09 -15.63
N ASN K 231 -33.42 -58.64 -14.47
CA ASN K 231 -34.35 -58.68 -13.34
C ASN K 231 -34.68 -57.28 -12.84
N ALA K 232 -33.68 -56.40 -12.87
CA ALA K 232 -33.89 -55.01 -12.49
C ALA K 232 -34.81 -54.31 -13.47
N ALA K 233 -34.69 -54.69 -14.74
CA ALA K 233 -35.54 -54.13 -15.79
C ALA K 233 -36.98 -54.55 -15.60
N VAL K 234 -37.19 -55.83 -15.27
CA VAL K 234 -38.53 -56.35 -15.01
C VAL K 234 -39.16 -55.66 -13.82
N GLU K 235 -38.37 -55.49 -12.77
CA GLU K 235 -38.85 -54.83 -11.55
C GLU K 235 -39.24 -53.38 -11.83
N LEU K 236 -38.45 -52.70 -12.65
CA LEU K 236 -38.73 -51.32 -13.00
C LEU K 236 -40.01 -51.21 -13.81
N ALA K 237 -40.19 -52.13 -14.75
CA ALA K 237 -41.37 -52.16 -15.60
C ALA K 237 -42.64 -52.37 -14.77
N GLN K 238 -42.54 -53.25 -13.78
CA GLN K 238 -43.67 -53.53 -12.91
C GLN K 238 -44.10 -52.29 -12.12
N LYS K 239 -43.12 -51.50 -11.70
CA LYS K 239 -43.40 -50.29 -10.93
C LYS K 239 -43.97 -49.18 -11.81
N LEU K 240 -43.74 -49.28 -13.11
CA LEU K 240 -44.17 -48.23 -14.04
C LEU K 240 -45.35 -48.68 -14.90
N ASN K 241 -45.85 -49.89 -14.63
CA ASN K 241 -46.91 -50.49 -15.43
C ASN K 241 -46.56 -50.54 -16.91
N LEU K 242 -45.30 -50.86 -17.19
CA LEU K 242 -44.84 -51.05 -18.56
C LEU K 242 -44.89 -52.53 -18.94
N GLU K 243 -45.26 -52.81 -20.18
CA GLU K 243 -45.19 -54.16 -20.68
C GLU K 243 -43.72 -54.57 -20.81
N TYR K 244 -43.42 -55.81 -20.45
CA TYR K 244 -42.04 -56.28 -20.50
C TYR K 244 -41.93 -57.72 -20.97
N LYS K 245 -40.78 -58.04 -21.57
CA LYS K 245 -40.51 -59.37 -22.10
C LYS K 245 -39.01 -59.65 -22.09
N ILE K 246 -38.61 -60.72 -21.41
CA ILE K 246 -37.20 -61.10 -21.36
C ILE K 246 -36.96 -62.35 -22.19
N LEU K 247 -36.17 -62.21 -23.25
CA LEU K 247 -35.86 -63.33 -24.14
C LEU K 247 -34.63 -64.09 -23.67
N GLY K 248 -34.81 -65.39 -23.45
CA GLY K 248 -33.71 -66.24 -23.01
C GLY K 248 -33.03 -66.94 -24.18
N VAL K 249 -32.01 -67.74 -23.87
CA VAL K 249 -31.20 -68.41 -24.88
C VAL K 249 -32.04 -69.26 -25.85
N LYS K 250 -33.00 -70.00 -25.31
CA LYS K 250 -33.87 -70.85 -26.11
C LYS K 250 -34.60 -70.05 -27.18
N GLU K 251 -35.17 -68.91 -26.78
CA GLU K 251 -35.90 -68.06 -27.72
C GLU K 251 -34.96 -67.36 -28.70
N LEU K 252 -33.80 -66.93 -28.20
CA LEU K 252 -32.82 -66.23 -29.02
C LEU K 252 -32.22 -67.17 -30.07
N GLU K 253 -32.10 -68.44 -29.73
CA GLU K 253 -31.56 -69.43 -30.65
C GLU K 253 -32.47 -69.62 -31.86
N GLU K 254 -33.78 -69.70 -31.63
CA GLU K 254 -34.73 -69.90 -32.71
C GLU K 254 -34.96 -68.62 -33.49
N LEU K 255 -34.70 -67.48 -32.87
CA LEU K 255 -34.73 -66.20 -33.57
C LEU K 255 -33.42 -65.99 -34.33
N LYS K 256 -32.52 -66.94 -34.18
CA LYS K 256 -31.26 -67.01 -34.94
C LYS K 256 -30.37 -65.79 -34.71
N MET K 257 -30.40 -65.23 -33.51
CA MET K 257 -29.53 -64.12 -33.16
C MET K 257 -28.12 -64.60 -32.83
N GLY K 258 -27.39 -64.98 -33.87
CA GLY K 258 -26.07 -65.58 -33.69
C GLY K 258 -24.97 -64.60 -33.32
N ALA K 259 -25.07 -63.37 -33.80
CA ALA K 259 -24.07 -62.35 -33.47
C ALA K 259 -24.12 -61.99 -32.00
N TYR K 260 -25.34 -61.89 -31.47
CA TYR K 260 -25.55 -61.56 -30.07
C TYR K 260 -25.20 -62.74 -29.16
N LEU K 261 -25.55 -63.94 -29.60
CA LEU K 261 -25.30 -65.13 -28.80
C LEU K 261 -23.82 -65.52 -28.77
N SER K 262 -23.10 -65.22 -29.85
CA SER K 262 -21.69 -65.57 -29.94
C SER K 262 -20.86 -64.81 -28.91
N VAL K 263 -21.20 -63.55 -28.69
CA VAL K 263 -20.49 -62.71 -27.74
C VAL K 263 -20.60 -63.26 -26.31
N GLY K 264 -21.80 -63.72 -25.94
CA GLY K 264 -22.05 -64.18 -24.59
C GLY K 264 -21.72 -65.64 -24.33
N LYS K 265 -21.15 -66.31 -25.33
CA LYS K 265 -20.82 -67.73 -25.22
C LYS K 265 -19.84 -68.02 -24.08
N GLY K 266 -18.94 -67.08 -23.81
CA GLY K 266 -17.89 -67.29 -22.82
C GLY K 266 -18.28 -66.89 -21.41
N SER K 267 -19.53 -66.49 -21.23
CA SER K 267 -20.00 -66.04 -19.92
C SER K 267 -20.66 -67.16 -19.12
N MET K 268 -20.65 -67.03 -17.80
CA MET K 268 -21.34 -67.97 -16.92
C MET K 268 -22.81 -67.56 -16.80
N TYR K 269 -23.10 -66.33 -17.22
CA TYR K 269 -24.48 -65.83 -17.23
C TYR K 269 -25.07 -65.99 -18.63
N PRO K 270 -26.25 -66.62 -18.71
CA PRO K 270 -26.96 -66.77 -19.99
C PRO K 270 -27.38 -65.41 -20.56
N ASN K 271 -27.36 -65.28 -21.88
CA ASN K 271 -27.79 -64.05 -22.53
C ASN K 271 -29.26 -63.73 -22.23
N LYS K 272 -29.53 -62.46 -21.98
CA LYS K 272 -30.90 -62.01 -21.70
C LYS K 272 -31.23 -60.76 -22.52
N PHE K 273 -32.26 -60.87 -23.36
CA PHE K 273 -32.72 -59.75 -24.17
C PHE K 273 -33.84 -59.01 -23.46
N ILE K 274 -33.64 -57.72 -23.22
CA ILE K 274 -34.64 -56.90 -22.55
C ILE K 274 -35.55 -56.19 -23.55
N HIS K 275 -36.86 -56.34 -23.38
CA HIS K 275 -37.83 -55.67 -24.24
C HIS K 275 -38.95 -55.04 -23.39
N LEU K 276 -38.82 -53.76 -23.12
CA LEU K 276 -39.84 -53.01 -22.41
C LEU K 276 -40.64 -52.16 -23.40
N THR K 277 -41.91 -51.91 -23.08
CA THR K 277 -42.75 -51.12 -23.97
C THR K 277 -43.66 -50.16 -23.22
N TYR K 278 -43.64 -48.90 -23.65
CA TYR K 278 -44.63 -47.92 -23.19
C TYR K 278 -45.58 -47.58 -24.34
N LYS K 279 -46.87 -47.74 -24.10
CA LYS K 279 -47.87 -47.37 -25.10
C LYS K 279 -48.87 -46.38 -24.52
N SER K 280 -49.22 -45.38 -25.32
CA SER K 280 -50.20 -44.37 -24.90
C SER K 280 -51.61 -44.93 -24.93
N LYS K 281 -52.49 -44.33 -24.14
CA LYS K 281 -53.87 -44.78 -24.08
C LYS K 281 -54.66 -44.36 -25.33
N GLY K 282 -54.19 -43.30 -25.98
CA GLY K 282 -54.86 -42.79 -27.17
C GLY K 282 -54.27 -43.32 -28.45
N ASP K 283 -54.64 -42.69 -29.57
CA ASP K 283 -54.15 -43.10 -30.89
C ASP K 283 -52.63 -43.00 -30.98
N VAL K 284 -52.00 -44.08 -31.41
CA VAL K 284 -50.55 -44.08 -31.58
C VAL K 284 -50.17 -43.49 -32.93
N LYS K 285 -49.36 -42.43 -32.91
CA LYS K 285 -49.02 -41.70 -34.13
C LYS K 285 -47.55 -41.89 -34.49
N LYS K 286 -46.73 -42.24 -33.50
CA LYS K 286 -45.32 -42.47 -33.73
C LYS K 286 -44.82 -43.66 -32.91
N LYS K 287 -44.12 -44.57 -33.58
CA LYS K 287 -43.52 -45.72 -32.91
C LYS K 287 -42.00 -45.58 -32.92
N ILE K 288 -41.40 -45.63 -31.73
CA ILE K 288 -39.96 -45.43 -31.59
C ILE K 288 -39.31 -46.58 -30.85
N ALA K 289 -38.17 -47.05 -31.36
CA ALA K 289 -37.39 -48.09 -30.69
C ALA K 289 -36.06 -47.53 -30.21
N LEU K 290 -35.81 -47.64 -28.91
CA LEU K 290 -34.53 -47.25 -28.32
C LEU K 290 -33.70 -48.48 -28.01
N VAL K 291 -32.53 -48.59 -28.63
CA VAL K 291 -31.67 -49.75 -28.45
C VAL K 291 -30.44 -49.40 -27.62
N GLY K 292 -30.24 -50.13 -26.53
CA GLY K 292 -29.11 -49.88 -25.66
C GLY K 292 -28.10 -51.02 -25.64
N LYS K 293 -26.83 -50.67 -25.73
CA LYS K 293 -25.76 -51.64 -25.61
C LYS K 293 -25.65 -52.08 -24.15
N GLY K 294 -25.73 -53.39 -23.93
CA GLY K 294 -25.74 -53.91 -22.57
C GLY K 294 -24.68 -54.95 -22.27
N ILE K 295 -23.42 -54.55 -22.37
CA ILE K 295 -22.32 -55.44 -21.98
C ILE K 295 -21.97 -55.19 -20.52
N THR K 296 -22.36 -56.10 -19.66
CA THR K 296 -22.19 -55.91 -18.21
C THR K 296 -20.71 -55.86 -17.82
N PHE K 297 -19.88 -56.62 -18.54
CA PHE K 297 -18.44 -56.48 -18.43
C PHE K 297 -17.75 -56.87 -19.73
N ASP K 298 -16.81 -56.04 -20.17
CA ASP K 298 -16.09 -56.31 -21.40
C ASP K 298 -14.61 -56.53 -21.12
N SER K 299 -14.21 -57.79 -21.03
CA SER K 299 -12.80 -58.13 -20.88
C SER K 299 -12.10 -57.98 -22.22
N GLY K 300 -12.89 -57.92 -23.29
CA GLY K 300 -12.36 -57.85 -24.63
C GLY K 300 -12.36 -59.21 -25.28
N GLY K 301 -12.62 -60.25 -24.48
CA GLY K 301 -12.56 -61.61 -24.96
C GLY K 301 -11.11 -62.03 -25.18
N TYR K 302 -10.88 -62.90 -26.15
CA TYR K 302 -9.52 -63.36 -26.45
C TYR K 302 -8.65 -62.25 -27.00
N ASN K 303 -9.27 -61.22 -27.55
CA ASN K 303 -8.57 -59.96 -27.82
C ASN K 303 -8.56 -59.12 -26.56
N LEU K 304 -7.97 -59.69 -25.50
CA LEU K 304 -8.03 -59.13 -24.16
C LEU K 304 -7.57 -57.68 -24.07
N LYS K 305 -8.22 -56.92 -23.20
CA LYS K 305 -7.81 -55.56 -22.91
C LYS K 305 -6.57 -55.58 -22.02
N ALA K 306 -5.42 -55.89 -22.63
CA ALA K 306 -4.17 -56.03 -21.90
C ALA K 306 -3.25 -54.85 -22.16
N ALA K 307 -3.48 -54.15 -23.27
CA ALA K 307 -2.67 -52.99 -23.63
C ALA K 307 -2.80 -51.88 -22.58
N PRO K 308 -1.72 -51.12 -22.37
CA PRO K 308 -1.76 -50.00 -21.42
C PRO K 308 -2.79 -48.94 -21.81
N GLY K 309 -3.65 -48.56 -20.87
CA GLY K 309 -4.66 -47.55 -21.12
C GLY K 309 -5.93 -48.12 -21.71
N SER K 310 -6.09 -49.44 -21.65
CA SER K 310 -7.28 -50.08 -22.18
C SER K 310 -8.46 -49.96 -21.20
N MET K 311 -8.14 -49.50 -19.98
CA MET K 311 -9.16 -49.19 -18.96
C MET K 311 -10.08 -50.37 -18.65
N ILE K 312 -9.49 -51.51 -18.30
CA ILE K 312 -10.28 -52.72 -18.09
C ILE K 312 -11.03 -52.70 -16.74
N ASP K 313 -10.58 -51.86 -15.82
CA ASP K 313 -11.22 -51.79 -14.50
C ASP K 313 -12.43 -50.87 -14.53
N LEU K 314 -12.65 -50.21 -15.67
CA LEU K 314 -13.81 -49.34 -15.84
C LEU K 314 -14.84 -49.99 -16.74
N MET K 315 -14.53 -51.19 -17.24
CA MET K 315 -15.33 -51.84 -18.27
C MET K 315 -16.70 -52.34 -17.80
N LYS K 316 -17.06 -52.01 -16.57
CA LYS K 316 -18.43 -52.24 -16.11
C LYS K 316 -19.34 -51.20 -16.74
N PHE K 317 -18.73 -50.15 -17.29
CA PHE K 317 -19.44 -49.05 -17.91
C PHE K 317 -20.07 -49.44 -19.24
N ASP K 318 -19.72 -50.62 -19.74
CA ASP K 318 -20.06 -51.00 -21.11
C ASP K 318 -21.54 -51.36 -21.27
N MET K 319 -22.34 -51.10 -20.25
CA MET K 319 -23.78 -51.26 -20.35
C MET K 319 -24.47 -49.92 -20.11
N SER K 320 -23.71 -48.84 -20.25
CA SER K 320 -24.23 -47.50 -20.08
C SER K 320 -25.29 -47.18 -21.13
N GLY K 321 -25.17 -47.80 -22.29
CA GLY K 321 -26.17 -47.67 -23.33
C GLY K 321 -27.50 -48.21 -22.88
N CYS K 322 -27.47 -49.37 -22.23
CA CYS K 322 -28.67 -49.98 -21.67
C CYS K 322 -29.24 -49.13 -20.55
N ALA K 323 -28.38 -48.68 -19.65
CA ALA K 323 -28.79 -47.88 -18.50
C ALA K 323 -29.49 -46.59 -18.93
N ALA K 324 -28.97 -45.97 -19.98
CA ALA K 324 -29.56 -44.75 -20.51
C ALA K 324 -30.97 -45.00 -21.03
N VAL K 325 -31.15 -46.15 -21.69
CA VAL K 325 -32.45 -46.55 -22.21
C VAL K 325 -33.41 -46.86 -21.08
N LEU K 326 -32.94 -47.62 -20.08
CA LEU K 326 -33.75 -47.96 -18.92
C LEU K 326 -34.05 -46.73 -18.08
N GLY K 327 -33.09 -45.80 -18.02
CA GLY K 327 -33.30 -44.55 -17.33
C GLY K 327 -34.35 -43.72 -18.06
N CYS K 328 -34.33 -43.80 -19.39
CA CYS K 328 -35.32 -43.14 -20.20
C CYS K 328 -36.69 -43.80 -20.01
N ALA K 329 -36.67 -45.12 -19.86
CA ALA K 329 -37.89 -45.88 -19.63
C ALA K 329 -38.60 -45.43 -18.37
N TYR K 330 -37.83 -45.00 -17.37
CA TYR K 330 -38.41 -44.47 -16.14
C TYR K 330 -39.08 -43.13 -16.40
N CYS K 331 -38.38 -42.25 -17.11
CA CYS K 331 -38.88 -40.90 -17.36
C CYS K 331 -40.13 -40.92 -18.24
N VAL K 332 -40.12 -41.78 -19.26
CA VAL K 332 -41.25 -41.90 -20.16
C VAL K 332 -42.44 -42.50 -19.43
N GLY K 333 -42.18 -43.51 -18.61
CA GLY K 333 -43.23 -44.19 -17.86
C GLY K 333 -43.83 -43.31 -16.78
N THR K 334 -43.10 -42.29 -16.37
CA THR K 334 -43.55 -41.40 -15.31
C THR K 334 -44.28 -40.18 -15.87
N LEU K 335 -43.67 -39.55 -16.87
CA LEU K 335 -44.22 -38.32 -17.45
C LEU K 335 -45.37 -38.64 -18.41
N LYS K 336 -45.37 -39.86 -18.94
CA LYS K 336 -46.45 -40.35 -19.79
C LYS K 336 -46.78 -39.45 -20.99
N PRO K 337 -45.91 -39.44 -22.01
CA PRO K 337 -46.21 -38.71 -23.24
C PRO K 337 -47.37 -39.34 -24.00
N GLU K 338 -48.06 -38.56 -24.83
CA GLU K 338 -49.22 -39.05 -25.54
C GLU K 338 -48.94 -39.35 -27.02
N ASN K 339 -49.81 -40.15 -27.62
CA ASN K 339 -49.73 -40.49 -29.04
C ASN K 339 -48.39 -41.07 -29.44
N VAL K 340 -47.79 -41.84 -28.55
CA VAL K 340 -46.48 -42.42 -28.82
C VAL K 340 -46.40 -43.86 -28.30
N GLU K 341 -45.61 -44.68 -28.98
CA GLU K 341 -45.34 -46.04 -28.54
C GLU K 341 -43.84 -46.28 -28.56
N ILE K 342 -43.25 -46.46 -27.38
CA ILE K 342 -41.81 -46.62 -27.27
C ILE K 342 -41.41 -48.05 -26.89
N HIS K 343 -40.46 -48.61 -27.63
CA HIS K 343 -39.91 -49.92 -27.31
C HIS K 343 -38.49 -49.79 -26.79
N PHE K 344 -38.29 -50.20 -25.55
CA PHE K 344 -36.97 -50.14 -24.93
C PHE K 344 -36.26 -51.47 -25.06
N LEU K 345 -35.21 -51.51 -25.89
CA LEU K 345 -34.52 -52.75 -26.19
C LEU K 345 -33.07 -52.74 -25.72
N SER K 346 -32.57 -53.91 -25.34
CA SER K 346 -31.17 -54.08 -24.94
C SER K 346 -30.77 -55.55 -24.97
N ALA K 347 -29.83 -55.88 -25.84
CA ALA K 347 -29.27 -57.22 -25.90
C ALA K 347 -28.14 -57.35 -24.89
N VAL K 348 -28.47 -57.86 -23.71
CA VAL K 348 -27.54 -57.87 -22.59
C VAL K 348 -26.74 -59.17 -22.48
N CYS K 349 -25.43 -59.05 -22.37
CA CYS K 349 -24.55 -60.20 -22.19
C CYS K 349 -23.21 -59.80 -21.59
N GLU K 350 -22.29 -60.76 -21.51
CA GLU K 350 -20.97 -60.53 -20.94
C GLU K 350 -19.88 -61.11 -21.85
N ASN K 351 -18.87 -60.31 -22.13
CA ASN K 351 -17.77 -60.75 -22.99
C ASN K 351 -16.55 -61.18 -22.17
N MET K 352 -16.41 -62.50 -21.99
CA MET K 352 -15.40 -63.04 -21.10
C MET K 352 -14.45 -64.01 -21.81
N VAL K 353 -13.41 -64.42 -21.10
CA VAL K 353 -12.44 -65.37 -21.65
C VAL K 353 -12.66 -66.76 -21.05
N SER K 354 -12.92 -67.73 -21.93
CA SER K 354 -13.23 -69.08 -21.52
C SER K 354 -12.91 -70.10 -22.61
N LYS K 355 -13.14 -71.37 -22.33
CA LYS K 355 -13.00 -72.40 -23.35
C LYS K 355 -14.18 -72.33 -24.31
N ASN K 356 -15.26 -71.71 -23.84
CA ASN K 356 -16.49 -71.60 -24.62
C ASN K 356 -16.59 -70.28 -25.39
N SER K 357 -15.63 -69.39 -25.15
CA SER K 357 -15.63 -68.08 -25.81
C SER K 357 -15.47 -68.22 -27.31
N TYR K 358 -15.98 -67.23 -28.04
CA TYR K 358 -15.76 -67.19 -29.49
C TYR K 358 -14.37 -66.65 -29.77
N ARG K 359 -13.77 -67.10 -30.86
CA ARG K 359 -12.39 -66.77 -31.17
C ARG K 359 -12.29 -65.71 -32.26
N PRO K 360 -11.15 -65.01 -32.31
CA PRO K 360 -10.87 -64.13 -33.45
C PRO K 360 -10.75 -64.97 -34.72
N GLY K 361 -11.44 -64.57 -35.78
CA GLY K 361 -11.44 -65.32 -37.02
C GLY K 361 -12.75 -66.05 -37.26
N ASP K 362 -13.54 -66.19 -36.20
CA ASP K 362 -14.84 -66.86 -36.27
C ASP K 362 -15.80 -66.19 -37.24
N ILE K 363 -16.50 -67.00 -38.03
CA ILE K 363 -17.56 -66.50 -38.90
C ILE K 363 -18.92 -66.85 -38.32
N ILE K 364 -19.69 -65.83 -37.98
CA ILE K 364 -20.98 -66.02 -37.34
C ILE K 364 -22.12 -65.45 -38.19
N THR K 365 -23.32 -66.03 -38.03
CA THR K 365 -24.47 -65.62 -38.82
C THR K 365 -25.47 -64.83 -37.98
N ALA K 366 -25.73 -63.59 -38.38
CA ALA K 366 -26.71 -62.76 -37.70
C ALA K 366 -28.12 -63.22 -38.01
N SER K 367 -29.11 -62.59 -37.37
CA SER K 367 -30.50 -63.00 -37.50
C SER K 367 -31.10 -62.65 -38.86
N ASN K 368 -30.41 -61.84 -39.65
CA ASN K 368 -30.89 -61.48 -40.98
C ASN K 368 -30.19 -62.28 -42.08
N GLY K 369 -29.42 -63.28 -41.67
CA GLY K 369 -28.79 -64.20 -42.62
C GLY K 369 -27.41 -63.78 -43.06
N LYS K 370 -26.98 -62.58 -42.68
CA LYS K 370 -25.64 -62.09 -43.04
C LYS K 370 -24.55 -62.78 -42.23
N THR K 371 -23.58 -63.37 -42.91
CA THR K 371 -22.44 -63.99 -42.24
C THR K 371 -21.37 -62.95 -41.94
N ILE K 372 -20.89 -62.95 -40.70
CA ILE K 372 -19.92 -61.96 -40.25
C ILE K 372 -18.61 -62.62 -39.81
N GLU K 373 -17.50 -62.17 -40.37
CA GLU K 373 -16.20 -62.66 -39.94
C GLU K 373 -15.65 -61.81 -38.80
N VAL K 374 -15.50 -62.41 -37.64
CA VAL K 374 -14.97 -61.72 -36.46
C VAL K 374 -13.46 -61.52 -36.58
N GLY K 375 -13.04 -60.26 -36.61
CA GLY K 375 -11.62 -59.95 -36.70
C GLY K 375 -11.06 -59.50 -35.36
N ASN K 376 -11.95 -59.19 -34.43
CA ASN K 376 -11.57 -58.72 -33.10
C ASN K 376 -12.71 -58.94 -32.12
N THR K 377 -12.49 -59.79 -31.12
CA THR K 377 -13.54 -60.12 -30.17
C THR K 377 -13.86 -58.96 -29.22
N ASP K 378 -12.99 -57.94 -29.21
CA ASP K 378 -13.20 -56.78 -28.37
C ASP K 378 -14.13 -55.78 -29.06
N ALA K 379 -14.49 -56.08 -30.30
CA ALA K 379 -15.49 -55.29 -31.01
C ALA K 379 -16.84 -55.98 -30.94
N GLU K 380 -17.21 -56.40 -29.73
CA GLU K 380 -18.39 -57.22 -29.52
C GLU K 380 -19.68 -56.39 -29.49
N GLY K 381 -19.55 -55.10 -29.22
CA GLY K 381 -20.70 -54.22 -29.11
C GLY K 381 -21.53 -54.17 -30.38
N ARG K 382 -20.86 -54.01 -31.51
CA ARG K 382 -21.56 -53.91 -32.79
C ARG K 382 -22.21 -55.24 -33.17
N LEU K 383 -21.69 -56.33 -32.63
CA LEU K 383 -22.27 -57.65 -32.88
C LEU K 383 -23.61 -57.81 -32.18
N THR K 384 -23.64 -57.41 -30.91
CA THR K 384 -24.88 -57.49 -30.14
C THR K 384 -25.88 -56.46 -30.63
N LEU K 385 -25.38 -55.30 -31.03
CA LEU K 385 -26.24 -54.24 -31.56
C LEU K 385 -26.81 -54.62 -32.93
N ALA K 386 -26.06 -55.42 -33.68
CA ALA K 386 -26.49 -55.84 -35.01
C ALA K 386 -27.81 -56.61 -34.96
N ASP K 387 -27.86 -57.62 -34.10
CA ASP K 387 -29.06 -58.44 -33.96
C ASP K 387 -30.19 -57.67 -33.28
N ALA K 388 -29.83 -56.74 -32.41
CA ALA K 388 -30.82 -55.91 -31.72
C ALA K 388 -31.51 -54.97 -32.70
N LEU K 389 -30.75 -54.49 -33.69
CA LEU K 389 -31.30 -53.61 -34.72
C LEU K 389 -32.27 -54.36 -35.63
N VAL K 390 -31.93 -55.60 -35.95
CA VAL K 390 -32.81 -56.44 -36.75
C VAL K 390 -34.11 -56.69 -36.02
N TYR K 391 -34.00 -57.01 -34.73
CA TYR K 391 -35.16 -57.19 -33.86
C TYR K 391 -35.98 -55.91 -33.81
N ALA K 392 -35.29 -54.78 -33.72
CA ALA K 392 -35.93 -53.48 -33.62
C ALA K 392 -36.72 -53.14 -34.88
N GLU K 393 -36.13 -53.40 -36.04
CA GLU K 393 -36.75 -53.05 -37.31
C GLU K 393 -37.95 -53.96 -37.60
N LYS K 394 -37.90 -55.18 -37.08
CA LYS K 394 -39.01 -56.12 -37.26
C LYS K 394 -40.27 -55.66 -36.54
N LEU K 395 -40.10 -54.73 -35.61
CA LEU K 395 -41.22 -54.20 -34.84
C LEU K 395 -42.05 -53.21 -35.66
N GLY K 396 -41.47 -52.73 -36.77
CA GLY K 396 -42.15 -51.77 -37.61
C GLY K 396 -42.30 -50.43 -36.93
N VAL K 397 -41.17 -49.78 -36.65
CA VAL K 397 -41.16 -48.48 -36.00
C VAL K 397 -40.80 -47.37 -36.96
N ASP K 398 -40.98 -46.13 -36.53
CA ASP K 398 -40.62 -44.98 -37.34
C ASP K 398 -39.15 -44.62 -37.15
N TYR K 399 -38.70 -44.68 -35.90
CA TYR K 399 -37.32 -44.34 -35.56
C TYR K 399 -36.65 -45.46 -34.79
N ILE K 400 -35.41 -45.75 -35.15
CA ILE K 400 -34.56 -46.63 -34.37
C ILE K 400 -33.35 -45.83 -33.88
N VAL K 401 -33.26 -45.63 -32.56
CA VAL K 401 -32.15 -44.88 -32.00
C VAL K 401 -31.36 -45.73 -31.04
N ASP K 402 -30.09 -45.99 -31.36
CA ASP K 402 -29.24 -46.75 -30.46
C ASP K 402 -28.25 -45.82 -29.76
N ILE K 403 -27.92 -46.16 -28.52
CA ILE K 403 -26.94 -45.42 -27.74
C ILE K 403 -25.97 -46.42 -27.11
N ALA K 404 -24.68 -46.19 -27.30
CA ALA K 404 -23.69 -47.21 -26.95
C ALA K 404 -22.30 -46.66 -26.67
N THR K 405 -21.58 -47.35 -25.79
CA THR K 405 -20.16 -47.10 -25.59
C THR K 405 -19.38 -47.97 -26.57
N LEU K 406 -19.40 -47.58 -27.83
CA LEU K 406 -19.01 -48.48 -28.92
C LEU K 406 -17.53 -48.46 -29.27
N THR K 407 -16.95 -47.28 -29.46
CA THR K 407 -15.55 -47.17 -29.88
C THR K 407 -14.73 -46.24 -29.00
N GLY K 408 -13.55 -46.72 -28.60
CA GLY K 408 -12.64 -45.92 -27.80
C GLY K 408 -12.04 -44.76 -28.56
N ALA K 409 -12.22 -44.77 -29.88
CA ALA K 409 -11.71 -43.70 -30.75
C ALA K 409 -12.38 -42.37 -30.46
N MET K 410 -13.55 -42.42 -29.83
CA MET K 410 -14.32 -41.22 -29.50
C MET K 410 -13.54 -40.28 -28.58
N LEU K 411 -12.70 -40.86 -27.72
CA LEU K 411 -11.86 -40.06 -26.82
C LEU K 411 -10.88 -39.20 -27.60
N TYR K 412 -10.59 -39.61 -28.83
CA TYR K 412 -9.63 -38.90 -29.67
C TYR K 412 -10.31 -37.94 -30.65
N SER K 413 -11.61 -38.13 -30.86
CA SER K 413 -12.35 -37.30 -31.81
C SER K 413 -13.10 -36.17 -31.11
N LEU K 414 -13.99 -36.51 -30.19
CA LEU K 414 -14.80 -35.50 -29.52
C LEU K 414 -14.40 -35.31 -28.06
N GLY K 415 -13.82 -36.36 -27.46
CA GLY K 415 -13.35 -36.27 -26.10
C GLY K 415 -14.34 -36.77 -25.07
N THR K 416 -14.39 -36.09 -23.92
CA THR K 416 -15.18 -36.55 -22.79
C THR K 416 -16.43 -35.71 -22.54
N SER K 417 -16.70 -34.77 -23.44
CA SER K 417 -17.83 -33.86 -23.26
C SER K 417 -18.93 -34.08 -24.27
N TYR K 418 -18.55 -34.26 -25.54
CA TYR K 418 -19.53 -34.40 -26.61
C TYR K 418 -19.61 -35.84 -27.11
N ALA K 419 -20.83 -36.36 -27.21
CA ALA K 419 -21.05 -37.65 -27.82
C ALA K 419 -21.19 -37.48 -29.33
N GLY K 420 -20.94 -38.56 -30.07
CA GLY K 420 -21.07 -38.53 -31.52
C GLY K 420 -22.32 -39.25 -31.97
N VAL K 421 -23.03 -38.67 -32.93
CA VAL K 421 -24.21 -39.31 -33.49
C VAL K 421 -24.03 -39.60 -34.98
N PHE K 422 -24.34 -40.84 -35.36
CA PHE K 422 -24.30 -41.26 -36.75
C PHE K 422 -25.70 -41.70 -37.15
N GLY K 423 -26.01 -41.66 -38.44
CA GLY K 423 -27.33 -42.06 -38.89
C GLY K 423 -27.49 -42.20 -40.39
N ASN K 424 -28.63 -42.72 -40.81
CA ASN K 424 -28.95 -42.86 -42.22
C ASN K 424 -30.02 -41.86 -42.65
N ASN K 425 -30.50 -41.07 -41.69
CA ASN K 425 -31.60 -40.14 -41.93
C ASN K 425 -31.32 -38.77 -41.32
N GLU K 426 -31.28 -37.75 -42.16
CA GLU K 426 -30.95 -36.39 -41.75
C GLU K 426 -31.99 -35.80 -40.79
N GLU K 427 -33.27 -36.10 -41.04
CA GLU K 427 -34.35 -35.59 -40.21
C GLU K 427 -34.22 -36.09 -38.77
N LEU K 428 -33.89 -37.37 -38.63
CA LEU K 428 -33.77 -37.99 -37.32
C LEU K 428 -32.57 -37.43 -36.55
N ILE K 429 -31.48 -37.20 -37.26
CA ILE K 429 -30.26 -36.70 -36.67
C ILE K 429 -30.45 -35.30 -36.06
N ASN K 430 -31.13 -34.42 -36.80
CA ASN K 430 -31.39 -33.08 -36.31
C ASN K 430 -32.39 -33.08 -35.16
N LYS K 431 -33.26 -34.09 -35.13
CA LYS K 431 -34.18 -34.26 -34.01
C LYS K 431 -33.40 -34.58 -32.74
N ILE K 432 -32.38 -35.42 -32.89
CA ILE K 432 -31.51 -35.78 -31.78
C ILE K 432 -30.64 -34.58 -31.38
N LEU K 433 -30.16 -33.86 -32.37
CA LEU K 433 -29.38 -32.66 -32.12
C LEU K 433 -30.23 -31.61 -31.40
N GLN K 434 -31.50 -31.52 -31.79
CA GLN K 434 -32.43 -30.63 -31.13
C GLN K 434 -32.64 -31.09 -29.69
N SER K 435 -32.72 -32.40 -29.50
CA SER K 435 -32.85 -32.99 -28.19
C SER K 435 -31.63 -32.68 -27.35
N SER K 436 -30.46 -32.66 -27.99
CA SER K 436 -29.21 -32.34 -27.32
C SER K 436 -29.21 -30.92 -26.77
N LYS K 437 -29.83 -30.01 -27.52
CA LYS K 437 -29.89 -28.61 -27.12
C LYS K 437 -30.81 -28.42 -25.91
N THR K 438 -31.96 -29.07 -25.94
CA THR K 438 -32.96 -28.91 -24.88
C THR K 438 -32.62 -29.72 -23.63
N SER K 439 -31.95 -30.86 -23.81
CA SER K 439 -31.57 -31.70 -22.68
C SER K 439 -30.23 -31.27 -22.09
N ASN K 440 -29.55 -30.38 -22.78
CA ASN K 440 -28.22 -29.91 -22.41
C ASN K 440 -27.21 -31.06 -22.25
N GLU K 441 -27.47 -32.16 -22.95
CA GLU K 441 -26.50 -33.23 -23.08
C GLU K 441 -25.89 -33.16 -24.49
N PRO K 442 -24.71 -32.53 -24.59
CA PRO K 442 -24.07 -32.17 -25.87
C PRO K 442 -23.75 -33.36 -26.76
N VAL K 443 -24.21 -33.28 -28.01
CA VAL K 443 -23.96 -34.30 -29.01
C VAL K 443 -23.56 -33.63 -30.33
N TRP K 444 -22.59 -34.21 -31.03
CA TRP K 444 -22.13 -33.64 -32.29
C TRP K 444 -22.32 -34.63 -33.44
N TRP K 445 -22.80 -34.14 -34.57
CA TRP K 445 -23.03 -34.99 -35.74
C TRP K 445 -21.73 -35.39 -36.41
N LEU K 446 -21.54 -36.69 -36.59
CA LEU K 446 -20.38 -37.21 -37.31
C LEU K 446 -20.84 -38.01 -38.53
N PRO K 447 -20.05 -38.00 -39.60
CA PRO K 447 -20.48 -38.57 -40.88
C PRO K 447 -20.20 -40.06 -41.04
N ILE K 448 -21.06 -40.75 -41.79
CA ILE K 448 -20.79 -42.12 -42.19
C ILE K 448 -20.21 -42.12 -43.60
N ILE K 449 -18.88 -42.20 -43.69
CA ILE K 449 -18.20 -42.07 -44.97
C ILE K 449 -18.21 -43.38 -45.76
N ASN K 450 -18.94 -43.37 -46.88
CA ASN K 450 -19.19 -44.58 -47.64
C ASN K 450 -17.96 -45.17 -48.34
N GLU K 451 -16.91 -44.37 -48.47
CA GLU K 451 -15.68 -44.84 -49.12
C GLU K 451 -14.99 -45.89 -48.26
N TYR K 452 -15.31 -45.91 -46.97
CA TYR K 452 -14.69 -46.84 -46.04
C TYR K 452 -15.41 -48.18 -46.00
N ARG K 453 -16.59 -48.24 -46.62
CA ARG K 453 -17.40 -49.46 -46.64
C ARG K 453 -16.65 -50.63 -47.29
N ALA K 454 -15.80 -50.29 -48.27
CA ALA K 454 -15.05 -51.30 -49.00
C ALA K 454 -14.01 -52.02 -48.12
N THR K 455 -13.60 -51.38 -47.04
CA THR K 455 -12.64 -51.98 -46.12
C THR K 455 -13.28 -53.13 -45.38
N LEU K 456 -14.60 -53.20 -45.46
CA LEU K 456 -15.32 -54.26 -44.78
C LEU K 456 -15.69 -55.45 -45.66
N ASN K 457 -15.30 -55.56 -46.92
CA ASN K 457 -15.82 -56.75 -47.55
C ASN K 457 -14.80 -57.85 -47.37
N SER K 458 -15.32 -58.95 -46.84
CA SER K 458 -14.59 -60.11 -46.41
C SER K 458 -14.33 -61.03 -47.59
N LYS K 459 -13.23 -61.77 -47.50
CA LYS K 459 -12.87 -62.74 -48.51
C LYS K 459 -13.79 -63.96 -48.43
N TYR K 460 -14.34 -64.20 -47.24
CA TYR K 460 -15.11 -65.42 -46.99
C TYR K 460 -16.52 -65.16 -46.45
N ALA K 461 -16.67 -64.17 -45.59
CA ALA K 461 -17.99 -63.83 -45.05
C ALA K 461 -18.66 -62.78 -45.92
N ASP K 462 -19.92 -62.47 -45.60
CA ASP K 462 -20.64 -61.43 -46.30
C ASP K 462 -20.06 -60.07 -45.95
N ILE K 463 -19.58 -59.93 -44.72
CA ILE K 463 -19.07 -58.65 -44.24
C ILE K 463 -18.07 -58.85 -43.10
N ASN K 464 -17.07 -57.98 -43.05
CA ASN K 464 -16.11 -57.99 -41.95
C ASN K 464 -16.66 -57.28 -40.72
N GLN K 465 -16.28 -57.77 -39.55
CA GLN K 465 -16.65 -57.14 -38.30
C GLN K 465 -15.94 -55.80 -38.13
N ILE K 466 -14.66 -55.76 -38.51
CA ILE K 466 -13.84 -54.57 -38.34
C ILE K 466 -13.00 -54.25 -39.56
N SER K 467 -12.53 -53.01 -39.63
CA SER K 467 -11.43 -52.65 -40.52
C SER K 467 -10.19 -53.30 -39.86
N SER K 468 -9.20 -53.88 -40.58
CA SER K 468 -8.71 -53.69 -41.96
C SER K 468 -7.80 -52.47 -41.99
N SER K 469 -8.37 -51.30 -41.74
CA SER K 469 -7.60 -50.05 -41.62
C SER K 469 -6.76 -49.77 -42.87
N LYS K 471 -8.27 -46.91 -38.29
CA LYS K 471 -8.61 -45.82 -39.20
C LYS K 471 -10.06 -45.38 -39.03
N ALA K 472 -10.27 -44.39 -38.16
CA ALA K 472 -11.61 -43.83 -37.89
C ALA K 472 -12.60 -44.92 -37.52
N SER K 473 -12.35 -45.58 -36.39
CA SER K 473 -13.14 -46.74 -35.96
C SER K 473 -14.60 -46.42 -35.73
N SER K 474 -14.88 -45.20 -35.27
CA SER K 474 -16.25 -44.80 -34.95
C SER K 474 -17.13 -44.72 -36.20
N ILE K 475 -16.54 -44.28 -37.30
CA ILE K 475 -17.26 -44.20 -38.57
C ILE K 475 -17.43 -45.60 -39.16
N VAL K 476 -16.38 -46.41 -39.08
CA VAL K 476 -16.42 -47.78 -39.60
C VAL K 476 -17.45 -48.62 -38.85
N ALA K 477 -17.52 -48.43 -37.54
CA ALA K 477 -18.49 -49.13 -36.71
C ALA K 477 -19.92 -48.80 -37.14
N SER K 478 -20.13 -47.54 -37.49
CA SER K 478 -21.44 -47.09 -37.96
C SER K 478 -21.76 -47.68 -39.32
N LEU K 479 -20.75 -47.83 -40.17
CA LEU K 479 -20.91 -48.48 -41.46
C LEU K 479 -21.37 -49.92 -41.28
N PHE K 480 -20.88 -50.56 -40.22
CA PHE K 480 -21.27 -51.93 -39.92
C PHE K 480 -22.73 -52.00 -39.47
N LEU K 481 -23.10 -51.12 -38.53
CA LEU K 481 -24.43 -51.12 -37.96
C LEU K 481 -25.51 -50.80 -38.98
N LYS K 482 -25.17 -49.96 -39.96
CA LYS K 482 -26.13 -49.53 -40.97
C LYS K 482 -26.56 -50.70 -41.86
N GLU K 483 -25.71 -51.70 -41.98
CA GLU K 483 -26.00 -52.87 -42.79
C GLU K 483 -27.10 -53.74 -42.17
N PHE K 484 -27.53 -53.40 -40.97
CA PHE K 484 -28.55 -54.19 -40.27
C PHE K 484 -29.83 -53.39 -40.06
N VAL K 485 -29.90 -52.23 -40.70
CA VAL K 485 -31.14 -51.47 -40.78
C VAL K 485 -31.43 -51.21 -42.26
N GLN K 486 -32.44 -51.89 -42.78
CA GLN K 486 -32.64 -51.95 -44.22
C GLN K 486 -33.38 -50.74 -44.80
N ASN K 487 -34.52 -50.38 -44.22
CA ASN K 487 -35.28 -49.24 -44.71
C ASN K 487 -36.04 -48.50 -43.61
N THR K 488 -35.36 -48.26 -42.50
CA THR K 488 -35.94 -47.52 -41.39
C THR K 488 -35.01 -46.38 -40.98
N ALA K 489 -35.58 -45.24 -40.62
CA ALA K 489 -34.80 -44.13 -40.10
C ALA K 489 -34.08 -44.57 -38.83
N TRP K 490 -32.75 -44.53 -38.86
CA TRP K 490 -31.94 -45.03 -37.76
C TRP K 490 -30.78 -44.12 -37.42
N ALA K 491 -30.53 -43.95 -36.13
CA ALA K 491 -29.42 -43.14 -35.67
C ALA K 491 -28.63 -43.84 -34.57
N HIS K 492 -27.34 -43.53 -34.47
CA HIS K 492 -26.44 -44.20 -33.55
C HIS K 492 -25.62 -43.21 -32.73
N ILE K 493 -25.86 -43.18 -31.43
CA ILE K 493 -25.14 -42.27 -30.54
C ILE K 493 -24.03 -42.99 -29.78
N ASP K 494 -22.79 -42.61 -30.06
CA ASP K 494 -21.62 -43.22 -29.42
C ASP K 494 -21.22 -42.41 -28.18
N ILE K 495 -21.37 -43.02 -27.01
CA ILE K 495 -21.10 -42.33 -25.75
C ILE K 495 -19.91 -42.93 -25.00
N ALA K 496 -19.03 -43.60 -25.74
CA ALA K 496 -17.89 -44.29 -25.13
C ALA K 496 -16.97 -43.33 -24.38
N GLY K 497 -16.86 -42.10 -24.86
CA GLY K 497 -15.97 -41.13 -24.25
C GLY K 497 -16.62 -40.28 -23.18
N VAL K 498 -17.92 -40.11 -23.26
CA VAL K 498 -18.62 -39.17 -22.39
C VAL K 498 -19.40 -39.83 -21.25
N SER K 499 -19.46 -41.16 -21.26
CA SER K 499 -20.28 -41.87 -20.28
C SER K 499 -19.73 -41.77 -18.86
N TRP K 500 -18.42 -41.91 -18.73
CA TRP K 500 -17.78 -41.95 -17.41
C TRP K 500 -17.10 -40.62 -17.07
N ASN K 501 -17.39 -40.12 -15.88
CA ASN K 501 -16.73 -38.92 -15.36
C ASN K 501 -15.41 -39.31 -14.69
N PHE K 502 -14.33 -39.26 -15.46
CA PHE K 502 -13.02 -39.71 -14.98
C PHE K 502 -12.51 -38.89 -13.80
N LYS K 503 -12.72 -37.59 -13.84
CA LYS K 503 -12.25 -36.70 -12.78
C LYS K 503 -12.99 -36.94 -11.47
N ALA K 504 -14.29 -37.21 -11.57
CA ALA K 504 -15.12 -37.40 -10.38
C ALA K 504 -15.24 -38.88 -10.00
N ARG K 505 -14.74 -39.75 -10.86
CA ARG K 505 -14.74 -41.20 -10.63
C ARG K 505 -16.16 -41.75 -10.44
N LYS K 506 -17.06 -41.39 -11.34
CA LYS K 506 -18.45 -41.85 -11.28
C LYS K 506 -19.13 -41.69 -12.63
N PRO K 507 -20.24 -42.42 -12.86
CA PRO K 507 -20.96 -42.27 -14.13
C PRO K 507 -21.63 -40.90 -14.25
N LYS K 508 -22.04 -40.54 -15.47
CA LYS K 508 -22.76 -39.29 -15.69
C LYS K 508 -24.26 -39.53 -15.84
N GLY K 509 -24.64 -40.75 -16.19
CA GLY K 509 -26.01 -41.05 -16.52
C GLY K 509 -26.36 -40.39 -17.83
N PHE K 510 -25.35 -40.25 -18.68
CA PHE K 510 -25.48 -39.59 -19.98
C PHE K 510 -26.49 -40.31 -20.86
N GLY K 511 -27.39 -39.56 -21.48
CA GLY K 511 -28.33 -40.11 -22.44
C GLY K 511 -29.77 -40.14 -21.97
N VAL K 512 -29.98 -40.24 -20.66
CA VAL K 512 -31.32 -40.32 -20.11
C VAL K 512 -32.17 -39.11 -20.50
N ARG K 513 -31.67 -37.92 -20.21
CA ARG K 513 -32.39 -36.69 -20.51
C ARG K 513 -32.43 -36.43 -22.02
N LEU K 514 -31.38 -36.85 -22.73
CA LEU K 514 -31.33 -36.69 -24.18
C LEU K 514 -32.42 -37.48 -24.86
N LEU K 515 -32.55 -38.76 -24.50
CA LEU K 515 -33.53 -39.64 -25.12
C LEU K 515 -34.95 -39.29 -24.71
N THR K 516 -35.12 -38.80 -23.49
CA THR K 516 -36.44 -38.44 -22.99
C THR K 516 -36.98 -37.21 -23.71
N GLU K 517 -36.14 -36.19 -23.85
CA GLU K 517 -36.51 -34.98 -24.58
C GLU K 517 -36.85 -35.30 -26.03
N PHE K 518 -36.17 -36.30 -26.59
CA PHE K 518 -36.43 -36.76 -27.94
C PHE K 518 -37.82 -37.38 -28.06
N VAL K 519 -38.20 -38.13 -27.03
CA VAL K 519 -39.52 -38.77 -26.99
C VAL K 519 -40.62 -37.75 -26.68
N LEU K 520 -40.33 -36.85 -25.75
CA LEU K 520 -41.31 -35.86 -25.33
C LEU K 520 -41.52 -34.77 -26.37
N ASN K 521 -40.43 -34.18 -26.84
CA ASN K 521 -40.51 -33.11 -27.84
C ASN K 521 -40.48 -33.65 -29.26
N SER L 5 -17.66 -88.52 -32.37
CA SER L 5 -17.74 -87.81 -33.64
C SER L 5 -18.62 -86.57 -33.52
N GLU L 6 -19.38 -86.48 -32.44
CA GLU L 6 -20.25 -85.34 -32.21
C GLU L 6 -19.50 -84.14 -31.66
N VAL L 7 -19.51 -83.05 -32.42
CA VAL L 7 -18.93 -81.80 -31.98
C VAL L 7 -19.75 -81.18 -30.86
N PRO L 8 -19.10 -80.80 -29.75
CA PRO L 8 -19.83 -80.12 -28.67
C PRO L 8 -20.24 -78.70 -29.06
N GLN L 9 -21.35 -78.22 -28.52
CA GLN L 9 -21.84 -76.89 -28.84
C GLN L 9 -22.15 -76.07 -27.58
N VAL L 10 -21.87 -74.78 -27.63
CA VAL L 10 -22.26 -73.87 -26.55
C VAL L 10 -23.69 -73.40 -26.79
N VAL L 11 -23.99 -73.09 -28.04
CA VAL L 11 -25.34 -72.75 -28.46
C VAL L 11 -25.75 -73.63 -29.63
N SER L 12 -27.04 -73.68 -29.93
CA SER L 12 -27.55 -74.53 -31.00
C SER L 12 -27.10 -74.07 -32.38
N LEU L 13 -26.70 -72.80 -32.46
CA LEU L 13 -26.29 -72.21 -33.74
C LEU L 13 -24.83 -72.52 -34.08
N ASP L 14 -24.14 -73.20 -33.16
CA ASP L 14 -22.76 -73.60 -33.40
C ASP L 14 -22.69 -74.64 -34.52
N PRO L 15 -21.83 -74.40 -35.52
CA PRO L 15 -21.63 -75.34 -36.62
C PRO L 15 -21.09 -76.68 -36.14
N THR L 16 -21.52 -77.76 -36.79
CA THR L 16 -21.14 -79.11 -36.34
C THR L 16 -20.32 -79.85 -37.39
N SER L 17 -19.97 -79.16 -38.48
CA SER L 17 -19.15 -79.76 -39.51
C SER L 17 -18.49 -78.71 -40.39
N ILE L 18 -17.38 -79.06 -41.01
CA ILE L 18 -16.71 -78.19 -41.97
C ILE L 18 -17.31 -78.38 -43.35
N PRO L 19 -17.84 -77.30 -43.94
CA PRO L 19 -18.35 -77.37 -45.31
C PRO L 19 -17.22 -77.64 -46.30
N ILE L 20 -17.36 -78.67 -47.12
CA ILE L 20 -16.32 -79.04 -48.08
C ILE L 20 -16.86 -79.23 -49.48
N GLU L 21 -16.27 -78.52 -50.44
CA GLU L 21 -16.59 -78.72 -51.85
C GLU L 21 -15.67 -79.74 -52.47
N TYR L 22 -16.22 -80.86 -52.91
CA TYR L 22 -15.44 -81.89 -53.59
C TYR L 22 -15.55 -81.73 -55.09
N ASN L 23 -16.75 -81.37 -55.55
CA ASN L 23 -16.99 -81.11 -56.97
C ASN L 23 -16.89 -79.62 -57.28
N THR L 24 -15.75 -79.19 -57.79
CA THR L 24 -15.53 -77.79 -58.13
C THR L 24 -15.74 -77.57 -59.63
N PRO L 25 -16.13 -76.35 -60.01
CA PRO L 25 -16.29 -75.98 -61.43
C PRO L 25 -15.03 -76.26 -62.25
N ILE L 26 -13.88 -76.28 -61.59
CA ILE L 26 -12.61 -76.58 -62.23
C ILE L 26 -12.59 -78.01 -62.76
N HIS L 27 -13.22 -78.92 -62.04
CA HIS L 27 -13.28 -80.32 -62.44
C HIS L 27 -14.13 -80.52 -63.70
N ASP L 28 -14.89 -79.50 -64.07
CA ASP L 28 -15.76 -79.57 -65.25
C ASP L 28 -15.11 -78.95 -66.48
N ILE L 29 -13.95 -78.33 -66.30
CA ILE L 29 -13.23 -77.70 -67.40
C ILE L 29 -12.50 -78.75 -68.24
N LYS L 30 -12.89 -78.87 -69.50
CA LYS L 30 -12.22 -79.80 -70.42
C LYS L 30 -10.98 -79.15 -71.02
N VAL L 31 -9.85 -79.83 -70.91
CA VAL L 31 -8.57 -79.26 -71.34
C VAL L 31 -8.00 -79.97 -72.56
N GLN L 32 -7.72 -79.19 -73.61
CA GLN L 32 -7.14 -79.72 -74.83
C GLN L 32 -5.77 -79.11 -75.09
N VAL L 33 -4.81 -79.94 -75.49
CA VAL L 33 -3.45 -79.47 -75.75
C VAL L 33 -3.09 -79.63 -77.22
N TYR L 34 -2.79 -78.51 -77.87
CA TYR L 34 -2.45 -78.52 -79.29
C TYR L 34 -1.02 -78.05 -79.50
N ASP L 35 -0.45 -78.37 -80.66
CA ASP L 35 0.90 -77.93 -80.99
C ASP L 35 0.85 -76.58 -81.69
N ILE L 36 1.78 -75.71 -81.34
CA ILE L 36 1.80 -74.34 -81.86
C ILE L 36 2.17 -74.29 -83.33
N LYS L 37 2.82 -75.35 -83.81
CA LYS L 37 3.27 -75.41 -85.20
C LYS L 37 2.10 -75.52 -86.17
N GLY L 38 1.00 -76.09 -85.71
CA GLY L 38 -0.17 -76.30 -86.55
C GLY L 38 -1.00 -75.04 -86.75
N GLY L 39 -0.63 -73.96 -86.06
CA GLY L 39 -1.37 -72.73 -86.14
C GLY L 39 -2.48 -72.66 -85.11
N CYS L 40 -2.93 -71.45 -84.80
CA CYS L 40 -3.95 -71.27 -83.78
C CYS L 40 -5.31 -70.98 -84.39
N ASN L 41 -6.35 -71.63 -83.85
CA ASN L 41 -7.72 -71.38 -84.26
C ASN L 41 -8.43 -70.47 -83.27
N VAL L 42 -9.01 -69.39 -83.78
CA VAL L 42 -9.73 -68.44 -82.94
C VAL L 42 -11.22 -68.44 -83.27
N GLU L 43 -11.98 -69.28 -82.56
CA GLU L 43 -13.41 -69.40 -82.82
C GLU L 43 -14.24 -68.87 -81.66
N GLU L 44 -14.15 -69.52 -80.51
CA GLU L 44 -14.94 -69.13 -79.35
C GLU L 44 -14.06 -68.66 -78.20
N GLY L 45 -14.66 -67.90 -77.28
CA GLY L 45 -14.01 -67.50 -76.05
C GLY L 45 -12.82 -66.57 -76.20
N LEU L 46 -11.92 -66.64 -75.23
CA LEU L 46 -10.75 -65.76 -75.16
C LEU L 46 -9.47 -66.50 -75.53
N THR L 47 -8.63 -65.83 -76.32
CA THR L 47 -7.32 -66.37 -76.67
C THR L 47 -6.23 -65.43 -76.17
N ILE L 48 -5.40 -65.94 -75.27
CA ILE L 48 -4.33 -65.14 -74.68
C ILE L 48 -2.95 -65.66 -75.05
N PHE L 49 -2.11 -64.77 -75.57
CA PHE L 49 -0.74 -65.13 -75.93
C PHE L 49 0.23 -64.76 -74.82
N LEU L 50 0.97 -65.74 -74.33
CA LEU L 50 2.00 -65.48 -73.34
C LEU L 50 3.33 -65.20 -74.04
N VAL L 51 3.71 -63.93 -74.12
CA VAL L 51 4.92 -63.54 -74.84
C VAL L 51 5.92 -62.81 -73.96
N ASN L 52 7.19 -62.90 -74.33
CA ASN L 52 8.25 -62.13 -73.66
C ASN L 52 9.20 -61.50 -74.66
N ASN L 53 10.19 -60.79 -74.14
CA ASN L 53 11.14 -60.07 -74.98
C ASN L 53 12.52 -60.08 -74.35
N PRO L 54 13.36 -61.05 -74.75
CA PRO L 54 14.75 -61.08 -74.24
C PRO L 54 15.49 -59.81 -74.61
N GLY L 55 15.98 -59.08 -73.61
CA GLY L 55 16.58 -57.78 -73.84
C GLY L 55 15.49 -56.75 -74.07
N LYS L 56 14.86 -56.30 -72.98
CA LYS L 56 13.72 -55.41 -73.09
C LYS L 56 13.58 -54.45 -71.91
N GLU L 57 12.94 -53.32 -72.17
CA GLU L 57 12.80 -52.22 -71.21
C GLU L 57 11.83 -52.35 -70.01
N ASN L 58 10.71 -53.09 -70.06
CA ASN L 58 10.32 -54.04 -71.11
C ASN L 58 9.88 -53.40 -72.43
N GLY L 59 10.18 -54.10 -73.51
CA GLY L 59 9.92 -53.62 -74.86
C GLY L 59 8.62 -54.16 -75.42
N PRO L 60 8.42 -53.98 -76.73
CA PRO L 60 7.15 -54.21 -77.43
C PRO L 60 6.74 -55.68 -77.55
N VAL L 61 5.46 -55.89 -77.83
CA VAL L 61 4.89 -57.22 -77.99
C VAL L 61 4.99 -57.69 -79.44
N LYS L 62 5.41 -58.95 -79.63
CA LYS L 62 5.49 -59.53 -80.96
C LYS L 62 5.00 -60.98 -80.94
N ILE L 63 3.95 -61.27 -81.72
CA ILE L 63 3.36 -62.60 -81.74
C ILE L 63 3.97 -63.46 -82.84
N SER L 64 4.55 -64.59 -82.44
CA SER L 64 5.25 -65.47 -83.37
C SER L 64 4.30 -66.43 -84.08
N SER L 65 3.33 -66.97 -83.36
CA SER L 65 2.46 -68.01 -83.88
C SER L 65 1.57 -67.52 -85.02
N LYS L 66 1.31 -68.41 -85.97
CA LYS L 66 0.38 -68.12 -87.06
C LYS L 66 -1.05 -68.41 -86.61
N VAL L 67 -1.92 -67.41 -86.75
CA VAL L 67 -3.32 -67.60 -86.39
C VAL L 67 -4.17 -67.74 -87.65
N ASN L 68 -5.01 -68.78 -87.67
CA ASN L 68 -5.80 -69.10 -88.85
C ASN L 68 -7.04 -68.25 -89.00
N ASP L 69 -6.87 -66.94 -88.84
CA ASP L 69 -7.97 -65.99 -88.95
C ASP L 69 -7.47 -64.66 -89.47
N LYS L 70 -8.02 -64.22 -90.59
CA LYS L 70 -7.58 -62.98 -91.24
C LYS L 70 -7.87 -61.76 -90.38
N GLN L 71 -9.01 -61.77 -89.70
CA GLN L 71 -9.42 -60.65 -88.86
C GLN L 71 -8.51 -60.51 -87.64
N VAL L 72 -8.19 -61.62 -87.01
CA VAL L 72 -7.36 -61.61 -85.81
C VAL L 72 -5.89 -61.32 -86.13
N SER L 73 -5.44 -61.79 -87.30
CA SER L 73 -4.07 -61.54 -87.74
C SER L 73 -3.84 -60.06 -88.00
N GLU L 74 -4.90 -59.39 -88.47
CA GLU L 74 -4.85 -57.96 -88.68
C GLU L 74 -4.65 -57.26 -87.33
N PHE L 75 -5.29 -57.80 -86.30
CA PHE L 75 -5.13 -57.30 -84.95
C PHE L 75 -3.73 -57.61 -84.42
N LEU L 76 -3.26 -58.82 -84.70
CA LEU L 76 -2.00 -59.30 -84.14
C LEU L 76 -0.78 -58.94 -85.00
N LYS L 77 -0.96 -57.98 -85.91
CA LYS L 77 0.16 -57.53 -86.73
C LYS L 77 1.17 -56.79 -85.87
N ASP L 78 2.43 -56.81 -86.29
CA ASP L 78 3.52 -56.23 -85.49
C ASP L 78 3.34 -54.75 -85.23
N GLU L 79 2.80 -54.04 -86.22
CA GLU L 79 2.60 -52.59 -86.11
C GLU L 79 1.59 -52.25 -85.02
N ASN L 80 0.60 -53.14 -84.83
CA ASN L 80 -0.44 -52.92 -83.84
C ASN L 80 -0.04 -53.42 -82.45
N MET L 81 0.75 -54.50 -82.42
CA MET L 81 1.16 -55.10 -81.15
C MET L 81 2.35 -54.43 -80.44
N GLU L 82 3.06 -53.55 -81.19
CA GLU L 82 4.16 -52.67 -80.65
C GLU L 82 3.58 -51.71 -79.66
N LYS L 83 2.30 -51.37 -79.86
CA LYS L 83 1.46 -50.63 -78.84
C LYS L 83 1.68 -51.09 -77.39
N PHE L 84 1.96 -52.38 -77.16
CA PHE L 84 1.91 -52.91 -75.77
C PHE L 84 3.30 -53.38 -75.40
N ASN L 85 3.63 -53.44 -74.13
CA ASN L 85 4.95 -53.91 -73.73
C ASN L 85 4.82 -55.21 -72.98
N VAL L 86 5.94 -55.88 -72.75
CA VAL L 86 5.89 -57.23 -72.20
C VAL L 86 6.27 -57.28 -70.74
N LYS L 87 6.12 -56.15 -70.05
CA LYS L 87 6.44 -56.09 -68.62
C LYS L 87 5.67 -57.16 -67.87
N LEU L 88 6.37 -57.92 -67.03
CA LEU L 88 5.80 -59.07 -66.35
C LEU L 88 4.52 -58.71 -65.59
N GLY L 89 3.41 -59.33 -66.00
CA GLY L 89 2.13 -59.09 -65.36
C GLY L 89 1.20 -58.20 -66.18
N THR L 90 1.78 -57.42 -67.08
CA THR L 90 1.01 -56.52 -67.92
C THR L 90 0.14 -57.29 -68.92
N SER L 91 -1.12 -56.89 -69.03
CA SER L 91 -2.04 -57.54 -69.95
C SER L 91 -2.96 -56.54 -70.63
N LYS L 92 -3.35 -56.87 -71.86
CA LYS L 92 -4.37 -56.13 -72.60
C LYS L 92 -5.19 -57.15 -73.38
N HIS L 93 -6.50 -56.92 -73.50
CA HIS L 93 -7.33 -57.80 -74.31
C HIS L 93 -8.47 -57.03 -74.98
N PHE L 94 -8.70 -57.35 -76.25
CA PHE L 94 -9.69 -56.64 -77.05
C PHE L 94 -10.78 -57.57 -77.55
N TYR L 95 -11.97 -57.02 -77.77
CA TYR L 95 -13.07 -57.76 -78.39
C TYR L 95 -13.21 -57.39 -79.85
N MET L 96 -13.50 -58.39 -80.68
CA MET L 96 -13.64 -58.14 -82.11
C MET L 96 -14.44 -59.26 -82.79
N PHE L 97 -14.80 -59.05 -84.05
CA PHE L 97 -15.43 -60.08 -84.84
C PHE L 97 -14.39 -60.80 -85.70
N ASN L 98 -14.43 -62.13 -85.69
CA ASN L 98 -13.51 -62.90 -86.50
C ASN L 98 -14.05 -63.06 -87.92
N ASP L 99 -13.47 -64.00 -88.67
CA ASP L 99 -13.86 -64.21 -90.07
C ASP L 99 -15.32 -64.65 -90.21
N ASN L 100 -15.80 -65.44 -89.24
CA ASN L 100 -17.17 -65.93 -89.27
C ASN L 100 -18.12 -65.02 -88.51
N LYS L 101 -17.69 -63.77 -88.32
CA LYS L 101 -18.51 -62.75 -87.67
C LYS L 101 -18.98 -63.14 -86.27
N ASN L 102 -18.14 -63.89 -85.56
CA ASN L 102 -18.42 -64.22 -84.16
C ASN L 102 -17.63 -63.30 -83.23
N SER L 103 -18.22 -62.98 -82.09
CA SER L 103 -17.54 -62.14 -81.10
C SER L 103 -16.44 -62.92 -80.40
N VAL L 104 -15.20 -62.50 -80.61
CA VAL L 104 -14.06 -63.13 -79.96
C VAL L 104 -13.26 -62.10 -79.15
N ALA L 105 -12.50 -62.59 -78.18
CA ALA L 105 -11.64 -61.72 -77.38
C ALA L 105 -10.19 -62.17 -77.51
N VAL L 106 -9.32 -61.24 -77.88
CA VAL L 106 -7.91 -61.55 -78.09
C VAL L 106 -7.02 -60.64 -77.26
N GLY L 107 -6.00 -61.21 -76.63
CA GLY L 107 -5.09 -60.44 -75.82
C GLY L 107 -3.78 -61.13 -75.51
N TYR L 108 -3.03 -60.56 -74.57
CA TYR L 108 -1.73 -61.10 -74.19
C TYR L 108 -1.44 -60.89 -72.71
N VAL L 109 -0.43 -61.60 -72.21
CA VAL L 109 0.10 -61.36 -70.88
C VAL L 109 1.62 -61.28 -70.95
N GLY L 110 2.18 -60.19 -70.41
CA GLY L 110 3.62 -59.97 -70.46
C GLY L 110 4.41 -60.92 -69.59
N CYS L 111 5.49 -61.48 -70.15
CA CYS L 111 6.30 -62.45 -69.43
C CYS L 111 7.72 -61.94 -69.18
N GLY L 112 7.86 -60.62 -69.06
CA GLY L 112 9.14 -60.02 -68.73
C GLY L 112 10.20 -60.13 -69.81
N SER L 113 11.46 -60.13 -69.39
CA SER L 113 12.58 -60.16 -70.33
C SER L 113 13.49 -61.36 -70.07
N VAL L 114 13.26 -62.05 -68.97
CA VAL L 114 14.03 -63.25 -68.64
C VAL L 114 13.39 -64.47 -69.32
N ALA L 115 14.22 -65.29 -69.94
CA ALA L 115 13.73 -66.42 -70.73
C ALA L 115 13.29 -67.59 -69.86
N ASP L 116 13.93 -67.76 -68.71
CA ASP L 116 13.60 -68.84 -67.80
C ASP L 116 12.84 -68.32 -66.58
N LEU L 117 11.54 -68.58 -66.54
CA LEU L 117 10.68 -68.06 -65.49
C LEU L 117 10.76 -68.86 -64.20
N SER L 118 10.79 -68.15 -63.08
CA SER L 118 10.70 -68.78 -61.77
C SER L 118 9.23 -69.10 -61.48
N GLU L 119 8.96 -69.71 -60.33
CA GLU L 119 7.59 -70.03 -59.97
C GLU L 119 6.85 -68.75 -59.58
N ALA L 120 7.60 -67.75 -59.13
CA ALA L 120 7.02 -66.49 -58.68
C ALA L 120 6.58 -65.64 -59.87
N ASP L 121 7.40 -65.64 -60.92
CA ASP L 121 7.07 -64.92 -62.15
C ASP L 121 5.84 -65.54 -62.80
N MET L 122 5.80 -66.87 -62.82
CA MET L 122 4.69 -67.60 -63.40
C MET L 122 3.39 -67.31 -62.65
N LYS L 123 3.49 -67.12 -61.34
CA LYS L 123 2.34 -66.78 -60.53
C LYS L 123 1.77 -65.42 -60.92
N ARG L 124 2.65 -64.47 -61.19
CA ARG L 124 2.22 -63.14 -61.62
C ARG L 124 1.54 -63.20 -62.98
N VAL L 125 2.03 -64.09 -63.84
CA VAL L 125 1.44 -64.29 -65.16
C VAL L 125 0.03 -64.88 -65.03
N VAL L 126 -0.10 -65.89 -64.19
CA VAL L 126 -1.38 -66.56 -63.96
C VAL L 126 -2.41 -65.62 -63.36
N LEU L 127 -2.00 -64.88 -62.33
CA LEU L 127 -2.88 -63.92 -61.67
C LEU L 127 -3.43 -62.89 -62.64
N SER L 128 -2.60 -62.50 -63.61
CA SER L 128 -3.04 -61.56 -64.65
C SER L 128 -4.08 -62.20 -65.54
N LEU L 129 -3.92 -63.49 -65.84
CA LEU L 129 -4.91 -64.25 -66.60
C LEU L 129 -6.22 -64.34 -65.83
N VAL L 130 -6.12 -64.70 -64.55
CA VAL L 130 -7.29 -64.91 -63.71
C VAL L 130 -8.09 -63.63 -63.52
N THR L 131 -7.39 -62.49 -63.51
CA THR L 131 -8.04 -61.19 -63.40
C THR L 131 -9.01 -60.97 -64.56
N MET L 132 -8.61 -61.40 -65.76
CA MET L 132 -9.45 -61.27 -66.94
C MET L 132 -10.57 -62.30 -66.95
N LEU L 133 -10.30 -63.48 -66.39
CA LEU L 133 -11.31 -64.53 -66.31
C LEU L 133 -12.44 -64.14 -65.35
N HIS L 134 -12.09 -63.42 -64.29
CA HIS L 134 -13.04 -63.03 -63.27
C HIS L 134 -14.00 -61.95 -63.74
N ASP L 135 -13.57 -61.17 -64.73
CA ASP L 135 -14.40 -60.08 -65.22
C ASP L 135 -14.90 -60.32 -66.64
N ASN L 136 -15.03 -61.59 -67.02
CA ASN L 136 -15.59 -61.95 -68.33
C ASN L 136 -16.40 -63.24 -68.23
N LYS L 137 -17.49 -63.29 -68.99
CA LYS L 137 -18.33 -64.48 -69.08
C LYS L 137 -17.89 -65.36 -70.26
N LEU L 138 -16.73 -65.99 -70.12
CA LEU L 138 -16.19 -66.84 -71.17
C LEU L 138 -16.76 -68.25 -71.15
N SER L 139 -16.79 -68.89 -72.31
CA SER L 139 -17.13 -70.30 -72.43
C SER L 139 -15.85 -71.11 -72.59
N LYS L 140 -14.83 -70.46 -73.13
CA LYS L 140 -13.57 -71.13 -73.44
C LYS L 140 -12.37 -70.21 -73.28
N LEU L 141 -11.31 -70.73 -72.69
CA LEU L 141 -10.04 -70.01 -72.61
C LEU L 141 -8.97 -70.72 -73.42
N THR L 142 -8.27 -69.97 -74.26
CA THR L 142 -7.18 -70.52 -75.05
C THR L 142 -5.87 -69.83 -74.71
N VAL L 143 -4.87 -70.61 -74.32
CA VAL L 143 -3.57 -70.06 -73.95
C VAL L 143 -2.49 -70.48 -74.95
N VAL L 144 -1.83 -69.49 -75.54
CA VAL L 144 -0.75 -69.76 -76.49
C VAL L 144 0.61 -69.45 -75.85
N PHE L 145 1.40 -70.49 -75.62
CA PHE L 145 2.71 -70.34 -75.01
C PHE L 145 3.78 -69.98 -76.02
N GLU L 146 4.09 -68.68 -76.12
CA GLU L 146 5.19 -68.24 -76.95
C GLU L 146 6.43 -68.01 -76.09
N ILE L 147 6.47 -68.75 -74.97
CA ILE L 147 7.61 -68.75 -74.07
C ILE L 147 8.01 -70.20 -73.80
N ASN L 148 9.17 -70.39 -73.19
CA ASN L 148 9.66 -71.74 -72.91
C ASN L 148 9.42 -72.19 -71.48
N VAL L 149 8.75 -73.32 -71.33
CA VAL L 149 8.49 -73.93 -70.03
C VAL L 149 8.71 -75.43 -70.11
N ASP L 150 9.22 -76.04 -69.04
CA ASP L 150 9.38 -77.49 -69.02
C ASP L 150 8.08 -78.14 -68.54
N LYS L 151 8.07 -79.47 -68.51
CA LYS L 151 6.87 -80.22 -68.14
C LYS L 151 6.41 -79.88 -66.72
N ASN L 152 7.36 -79.68 -65.82
CA ASN L 152 7.05 -79.34 -64.43
C ASN L 152 6.47 -77.94 -64.29
N LEU L 153 7.03 -76.98 -65.02
CA LEU L 153 6.56 -75.60 -64.96
C LEU L 153 5.21 -75.46 -65.65
N PHE L 154 4.98 -76.27 -66.67
CA PHE L 154 3.71 -76.27 -67.38
C PHE L 154 2.59 -76.78 -66.46
N ARG L 155 2.92 -77.78 -65.65
CA ARG L 155 1.96 -78.33 -64.70
C ARG L 155 1.66 -77.30 -63.62
N PHE L 156 2.70 -76.60 -63.18
CA PHE L 156 2.57 -75.56 -62.16
C PHE L 156 1.66 -74.44 -62.64
N PHE L 157 1.71 -74.14 -63.94
CA PHE L 157 0.88 -73.11 -64.55
C PHE L 157 -0.60 -73.46 -64.40
N LEU L 158 -0.97 -74.67 -64.78
CA LEU L 158 -2.35 -75.12 -64.71
C LEU L 158 -2.86 -75.14 -63.28
N GLU L 159 -2.04 -75.67 -62.37
CA GLU L 159 -2.39 -75.72 -60.95
C GLU L 159 -2.71 -74.35 -60.38
N THR L 160 -1.79 -73.41 -60.57
CA THR L 160 -1.97 -72.05 -60.11
C THR L 160 -3.17 -71.42 -60.79
N LEU L 161 -3.33 -71.70 -62.08
CA LEU L 161 -4.49 -71.23 -62.83
C LEU L 161 -5.78 -71.72 -62.19
N PHE L 162 -5.86 -73.03 -62.00
CA PHE L 162 -7.03 -73.66 -61.39
C PHE L 162 -7.29 -73.15 -59.97
N TYR L 163 -6.23 -73.07 -59.17
CA TYR L 163 -6.35 -72.68 -57.77
C TYR L 163 -6.80 -71.23 -57.60
N GLU L 164 -6.22 -70.32 -58.37
CA GLU L 164 -6.55 -68.91 -58.26
C GLU L 164 -7.90 -68.58 -58.91
N TYR L 165 -8.23 -69.31 -59.97
CA TYR L 165 -9.50 -69.15 -60.66
C TYR L 165 -10.66 -69.50 -59.73
N MET L 166 -10.48 -70.58 -58.97
CA MET L 166 -11.50 -71.07 -58.06
C MET L 166 -11.72 -70.11 -56.89
N THR L 167 -12.99 -69.87 -56.57
CA THR L 167 -13.33 -68.95 -55.47
C THR L 167 -14.13 -69.68 -54.39
N ASP L 168 -13.71 -69.49 -53.14
CA ASP L 168 -14.35 -70.13 -52.00
C ASP L 168 -15.50 -69.29 -51.45
N GLU L 169 -16.73 -69.76 -51.66
CA GLU L 169 -17.90 -69.03 -51.17
C GLU L 169 -18.75 -69.88 -50.23
N ARG L 170 -18.10 -70.74 -49.46
CA ARG L 170 -18.80 -71.63 -48.53
C ARG L 170 -19.46 -70.87 -47.39
N PHE L 171 -18.92 -69.70 -47.06
CA PHE L 171 -19.43 -68.93 -45.93
C PHE L 171 -20.13 -67.66 -46.39
N LYS L 172 -20.36 -67.57 -47.71
CA LYS L 172 -21.15 -66.48 -48.28
C LYS L 172 -22.63 -66.84 -48.25
N SER L 173 -23.48 -65.83 -48.15
CA SER L 173 -24.92 -66.05 -48.15
C SER L 173 -25.65 -65.09 -49.09
N GLU L 181 -20.84 -69.55 -64.37
CA GLU L 181 -19.98 -68.38 -64.32
C GLU L 181 -18.57 -68.71 -64.83
N TYR L 182 -18.12 -69.92 -64.54
CA TYR L 182 -16.79 -70.37 -64.92
C TYR L 182 -16.72 -70.84 -66.37
N ILE L 183 -15.53 -70.84 -66.94
CA ILE L 183 -15.30 -71.38 -68.27
C ILE L 183 -15.53 -72.89 -68.26
N LYS L 184 -15.77 -73.45 -69.44
CA LYS L 184 -16.03 -74.89 -69.54
C LYS L 184 -14.97 -75.59 -70.38
N HIS L 185 -14.18 -74.81 -71.10
CA HIS L 185 -13.14 -75.35 -71.96
C HIS L 185 -11.82 -74.59 -71.83
N LEU L 186 -10.72 -75.33 -71.81
CA LEU L 186 -9.39 -74.71 -71.79
C LEU L 186 -8.55 -75.24 -72.94
N GLY L 187 -8.12 -74.34 -73.82
CA GLY L 187 -7.27 -74.71 -74.93
C GLY L 187 -5.84 -74.29 -74.69
N VAL L 188 -4.90 -75.19 -74.99
CA VAL L 188 -3.48 -74.91 -74.79
C VAL L 188 -2.67 -75.19 -76.06
N TYR L 189 -2.03 -74.15 -76.58
CA TYR L 189 -1.13 -74.30 -77.72
C TYR L 189 0.32 -74.20 -77.25
N ILE L 190 1.10 -75.22 -77.54
CA ILE L 190 2.50 -75.27 -77.09
C ILE L 190 3.32 -76.19 -78.00
N ASN L 191 4.60 -75.85 -78.18
CA ASN L 191 5.49 -76.68 -78.99
C ASN L 191 5.75 -78.03 -78.31
N ASN L 192 5.81 -79.08 -79.12
CA ASN L 192 5.89 -80.46 -78.62
C ASN L 192 4.80 -80.73 -77.59
N ALA L 193 3.56 -80.56 -78.02
CA ALA L 193 2.41 -80.64 -77.11
C ALA L 193 2.24 -82.02 -76.49
N ASP L 194 2.63 -83.07 -77.23
CA ASP L 194 2.46 -84.44 -76.77
C ASP L 194 3.22 -84.72 -75.47
N THR L 195 4.32 -84.00 -75.27
CA THR L 195 5.13 -84.16 -74.07
C THR L 195 4.41 -83.61 -72.84
N TYR L 196 3.59 -82.58 -73.06
CA TYR L 196 2.94 -81.88 -71.95
C TYR L 196 1.55 -82.44 -71.60
N LYS L 197 1.04 -83.33 -72.45
CA LYS L 197 -0.33 -83.84 -72.28
C LYS L 197 -0.51 -84.64 -70.99
N GLU L 198 0.51 -85.37 -70.59
CA GLU L 198 0.42 -86.20 -69.39
C GLU L 198 0.40 -85.37 -68.10
N GLU L 199 0.83 -84.12 -68.21
CA GLU L 199 0.92 -83.24 -67.04
C GLU L 199 -0.43 -82.65 -66.65
N VAL L 200 -1.38 -82.68 -67.58
CA VAL L 200 -2.66 -81.98 -67.43
C VAL L 200 -3.50 -82.46 -66.25
N GLU L 201 -3.83 -83.75 -66.24
CA GLU L 201 -4.71 -84.30 -65.21
C GLU L 201 -4.00 -84.41 -63.86
N LYS L 202 -2.67 -84.52 -63.90
CA LYS L 202 -1.88 -84.49 -62.68
C LYS L 202 -2.04 -83.14 -62.00
N ALA L 203 -2.12 -82.09 -62.81
CA ALA L 203 -2.31 -80.73 -62.31
C ALA L 203 -3.69 -80.55 -61.70
N ARG L 204 -4.69 -81.22 -62.29
CA ARG L 204 -6.05 -81.14 -61.79
C ARG L 204 -6.14 -81.82 -60.42
N VAL L 205 -5.36 -82.88 -60.23
CA VAL L 205 -5.30 -83.57 -58.96
C VAL L 205 -4.55 -82.73 -57.93
N TYR L 206 -3.42 -82.17 -58.34
CA TYR L 206 -2.64 -81.30 -57.47
C TYR L 206 -3.43 -80.05 -57.10
N TYR L 207 -4.28 -79.60 -58.01
CA TYR L 207 -5.13 -78.45 -57.75
C TYR L 207 -6.04 -78.69 -56.54
N PHE L 208 -6.80 -79.78 -56.59
CA PHE L 208 -7.77 -80.05 -55.55
C PHE L 208 -7.09 -80.38 -54.23
N GLY L 209 -5.95 -81.06 -54.30
CA GLY L 209 -5.18 -81.36 -53.11
C GLY L 209 -4.79 -80.08 -52.40
N THR L 210 -4.41 -79.08 -53.19
CA THR L 210 -4.06 -77.77 -52.64
C THR L 210 -5.31 -77.02 -52.21
N TYR L 211 -6.36 -77.13 -53.00
CA TYR L 211 -7.61 -76.42 -52.70
C TYR L 211 -8.34 -77.03 -51.51
N TYR L 212 -8.26 -78.36 -51.37
CA TYR L 212 -8.85 -79.04 -50.22
C TYR L 212 -8.18 -78.56 -48.93
N ALA L 213 -6.85 -78.50 -48.96
CA ALA L 213 -6.07 -78.02 -47.82
C ALA L 213 -6.45 -76.58 -47.50
N SER L 214 -6.60 -75.77 -48.53
CA SER L 214 -6.96 -74.37 -48.38
C SER L 214 -8.34 -74.21 -47.73
N GLN L 215 -9.26 -75.09 -48.08
CA GLN L 215 -10.61 -75.06 -47.51
C GLN L 215 -10.58 -75.33 -46.01
N LEU L 216 -9.73 -76.26 -45.59
CA LEU L 216 -9.60 -76.60 -44.17
C LEU L 216 -8.96 -75.45 -43.39
N ILE L 217 -7.98 -74.80 -44.00
CA ILE L 217 -7.28 -73.70 -43.36
C ILE L 217 -8.16 -72.46 -43.27
N ALA L 218 -8.81 -72.11 -44.37
CA ALA L 218 -9.68 -70.94 -44.42
C ALA L 218 -10.87 -71.09 -43.50
N ALA L 219 -11.30 -72.34 -43.28
CA ALA L 219 -12.43 -72.62 -42.39
C ALA L 219 -12.11 -72.13 -40.98
N PRO L 220 -12.98 -71.25 -40.44
CA PRO L 220 -12.82 -70.68 -39.10
C PRO L 220 -12.78 -71.74 -38.00
N SER L 221 -12.35 -71.33 -36.81
CA SER L 221 -12.11 -72.28 -35.72
C SER L 221 -13.39 -72.78 -35.06
N ASN L 222 -14.49 -72.07 -35.27
CA ASN L 222 -15.78 -72.54 -34.77
C ASN L 222 -16.35 -73.62 -35.70
N TYR L 223 -15.99 -73.52 -36.97
CA TYR L 223 -16.33 -74.55 -37.94
C TYR L 223 -15.30 -75.67 -37.88
N CYS L 224 -14.04 -75.29 -37.92
CA CYS L 224 -12.96 -76.27 -37.91
C CYS L 224 -12.39 -76.44 -36.49
N ASN L 225 -12.79 -77.53 -35.85
CA ASN L 225 -12.35 -77.87 -34.51
C ASN L 225 -11.71 -79.26 -34.53
N PRO L 226 -11.05 -79.66 -33.43
CA PRO L 226 -10.44 -81.01 -33.38
C PRO L 226 -11.40 -82.13 -33.78
N VAL L 227 -12.67 -82.01 -33.40
CA VAL L 227 -13.63 -83.06 -33.71
C VAL L 227 -14.07 -82.99 -35.17
N SER L 228 -14.43 -81.80 -35.64
CA SER L 228 -14.92 -81.64 -37.00
C SER L 228 -13.82 -81.90 -38.04
N LEU L 229 -12.58 -81.57 -37.70
CA LEU L 229 -11.47 -81.79 -38.60
C LEU L 229 -11.16 -83.28 -38.71
N SER L 230 -11.24 -83.98 -37.58
CA SER L 230 -11.03 -85.42 -37.57
C SER L 230 -12.14 -86.13 -38.33
N ASN L 231 -13.35 -85.58 -38.23
CA ASN L 231 -14.49 -86.11 -38.98
C ASN L 231 -14.27 -85.97 -40.48
N ALA L 232 -13.67 -84.86 -40.89
CA ALA L 232 -13.40 -84.60 -42.30
C ALA L 232 -12.33 -85.55 -42.83
N ALA L 233 -11.35 -85.87 -41.99
CA ALA L 233 -10.28 -86.78 -42.37
C ALA L 233 -10.83 -88.18 -42.63
N VAL L 234 -11.74 -88.63 -41.77
CA VAL L 234 -12.39 -89.91 -41.95
C VAL L 234 -13.19 -89.94 -43.24
N GLU L 235 -14.00 -88.90 -43.45
CA GLU L 235 -14.80 -88.76 -44.67
C GLU L 235 -13.91 -88.76 -45.91
N LEU L 236 -12.75 -88.10 -45.81
CA LEU L 236 -11.81 -88.07 -46.92
C LEU L 236 -11.20 -89.44 -47.16
N ALA L 237 -10.88 -90.14 -46.06
CA ALA L 237 -10.29 -91.47 -46.15
C ALA L 237 -11.29 -92.45 -46.74
N GLN L 238 -12.56 -92.31 -46.37
CA GLN L 238 -13.61 -93.19 -46.85
C GLN L 238 -13.84 -93.03 -48.36
N LYS L 239 -13.72 -91.79 -48.83
CA LYS L 239 -13.89 -91.50 -50.25
C LYS L 239 -12.70 -91.99 -51.07
N LEU L 240 -11.54 -92.09 -50.43
CA LEU L 240 -10.32 -92.50 -51.10
C LEU L 240 -9.97 -93.96 -50.84
N ASN L 241 -10.83 -94.63 -50.08
CA ASN L 241 -10.59 -96.01 -49.65
C ASN L 241 -9.26 -96.16 -48.93
N LEU L 242 -8.97 -95.22 -48.04
CA LEU L 242 -7.75 -95.26 -47.25
C LEU L 242 -8.01 -95.83 -45.86
N GLU L 243 -7.06 -96.60 -45.36
CA GLU L 243 -7.15 -97.12 -43.99
C GLU L 243 -7.03 -95.96 -43.01
N TYR L 244 -7.88 -95.94 -41.99
CA TYR L 244 -7.92 -94.81 -41.08
C TYR L 244 -8.28 -95.20 -39.65
N LYS L 245 -7.77 -94.43 -38.70
CA LYS L 245 -8.15 -94.58 -37.29
C LYS L 245 -7.99 -93.24 -36.57
N ILE L 246 -8.98 -92.89 -35.76
CA ILE L 246 -8.94 -91.66 -34.98
C ILE L 246 -8.85 -91.97 -33.50
N LEU L 247 -7.75 -91.57 -32.87
CA LEU L 247 -7.53 -91.87 -31.47
C LEU L 247 -8.08 -90.77 -30.57
N GLY L 248 -8.87 -91.17 -29.58
CA GLY L 248 -9.47 -90.23 -28.65
C GLY L 248 -8.70 -90.13 -27.36
N VAL L 249 -9.19 -89.29 -26.45
CA VAL L 249 -8.51 -88.99 -25.19
C VAL L 249 -8.15 -90.24 -24.39
N LYS L 250 -9.12 -91.15 -24.25
CA LYS L 250 -8.92 -92.37 -23.47
C LYS L 250 -7.75 -93.21 -24.01
N GLU L 251 -7.65 -93.28 -25.33
CA GLU L 251 -6.59 -94.05 -25.96
C GLU L 251 -5.26 -93.28 -25.93
N LEU L 252 -5.35 -91.96 -25.98
CA LEU L 252 -4.18 -91.10 -25.90
C LEU L 252 -3.53 -91.19 -24.53
N GLU L 253 -4.37 -91.28 -23.49
CA GLU L 253 -3.87 -91.37 -22.12
C GLU L 253 -3.11 -92.67 -21.90
N GLU L 254 -3.57 -93.75 -22.53
CA GLU L 254 -2.91 -95.05 -22.40
C GLU L 254 -1.56 -95.06 -23.12
N LEU L 255 -1.44 -94.25 -24.15
CA LEU L 255 -0.18 -94.11 -24.87
C LEU L 255 0.72 -93.07 -24.20
N LYS L 256 0.20 -92.47 -23.13
CA LYS L 256 0.94 -91.53 -22.28
C LYS L 256 1.43 -90.29 -23.03
N MET L 257 0.62 -89.78 -23.94
CA MET L 257 0.97 -88.58 -24.69
C MET L 257 0.68 -87.32 -23.89
N GLY L 258 1.43 -87.14 -22.80
CA GLY L 258 1.22 -86.01 -21.89
C GLY L 258 1.47 -84.65 -22.50
N ALA L 259 2.43 -84.57 -23.42
CA ALA L 259 2.75 -83.30 -24.06
C ALA L 259 1.60 -82.84 -24.97
N TYR L 260 1.07 -83.79 -25.75
CA TYR L 260 -0.04 -83.50 -26.65
C TYR L 260 -1.32 -83.23 -25.87
N LEU L 261 -1.59 -84.05 -24.86
CA LEU L 261 -2.81 -83.92 -24.07
C LEU L 261 -2.84 -82.67 -23.21
N SER L 262 -1.66 -82.20 -22.79
CA SER L 262 -1.58 -81.00 -21.97
C SER L 262 -2.07 -79.78 -22.74
N VAL L 263 -1.69 -79.69 -24.01
CA VAL L 263 -2.05 -78.56 -24.85
C VAL L 263 -3.57 -78.45 -25.00
N GLY L 264 -4.23 -79.59 -25.12
CA GLY L 264 -5.67 -79.61 -25.34
C GLY L 264 -6.51 -79.59 -24.07
N LYS L 265 -5.85 -79.57 -22.92
CA LYS L 265 -6.53 -79.60 -21.62
C LYS L 265 -7.56 -78.49 -21.45
N GLY L 266 -7.26 -77.32 -21.97
CA GLY L 266 -8.10 -76.15 -21.77
C GLY L 266 -9.18 -75.96 -22.83
N SER L 267 -9.29 -76.93 -23.73
CA SER L 267 -10.25 -76.84 -24.82
C SER L 267 -11.54 -77.60 -24.52
N MET L 268 -12.64 -77.12 -25.09
CA MET L 268 -13.94 -77.79 -24.96
C MET L 268 -14.03 -78.94 -25.96
N TYR L 269 -13.12 -78.96 -26.91
CA TYR L 269 -13.05 -80.03 -27.89
C TYR L 269 -12.01 -81.07 -27.50
N PRO L 270 -12.40 -82.35 -27.45
CA PRO L 270 -11.47 -83.44 -27.12
C PRO L 270 -10.36 -83.57 -28.16
N ASN L 271 -9.17 -83.96 -27.71
CA ASN L 271 -8.05 -84.18 -28.62
C ASN L 271 -8.35 -85.33 -29.59
N LYS L 272 -7.92 -85.16 -30.83
CA LYS L 272 -8.12 -86.19 -31.85
C LYS L 272 -6.83 -86.43 -32.64
N PHE L 273 -6.31 -87.65 -32.57
CA PHE L 273 -5.13 -88.00 -33.35
C PHE L 273 -5.55 -88.67 -34.64
N ILE L 274 -5.20 -88.06 -35.76
CA ILE L 274 -5.56 -88.59 -37.08
C ILE L 274 -4.46 -89.51 -37.61
N HIS L 275 -4.85 -90.71 -38.01
CA HIS L 275 -3.90 -91.67 -38.58
C HIS L 275 -4.50 -92.34 -39.82
N LEU L 276 -4.14 -91.81 -40.98
CA LEU L 276 -4.54 -92.38 -42.25
C LEU L 276 -3.37 -93.14 -42.86
N THR L 277 -3.65 -94.15 -43.66
CA THR L 277 -2.58 -94.94 -44.26
C THR L 277 -2.86 -95.32 -45.71
N TYR L 278 -1.88 -95.06 -46.57
CA TYR L 278 -1.91 -95.55 -47.93
C TYR L 278 -0.81 -96.57 -48.13
N LYS L 279 -1.16 -97.75 -48.64
CA LYS L 279 -0.17 -98.74 -49.00
C LYS L 279 -0.30 -99.07 -50.48
N SER L 280 0.82 -99.07 -51.19
CA SER L 280 0.82 -99.35 -52.62
C SER L 280 0.53 -100.82 -52.90
N LYS L 281 -0.06 -101.08 -54.06
CA LYS L 281 -0.27 -102.45 -54.51
C LYS L 281 1.07 -103.08 -54.86
N GLY L 282 1.29 -104.30 -54.39
CA GLY L 282 2.55 -104.98 -54.63
C GLY L 282 3.57 -104.70 -53.54
N ASP L 283 4.81 -105.12 -53.79
CA ASP L 283 5.88 -105.01 -52.81
C ASP L 283 6.18 -103.57 -52.41
N VAL L 284 6.34 -103.34 -51.11
CA VAL L 284 6.65 -102.02 -50.57
C VAL L 284 8.15 -101.86 -50.37
N LYS L 285 8.72 -100.79 -50.95
CA LYS L 285 10.15 -100.56 -50.86
C LYS L 285 10.51 -99.42 -49.91
N LYS L 286 9.57 -98.51 -49.69
CA LYS L 286 9.82 -97.36 -48.82
C LYS L 286 8.67 -97.11 -47.85
N LYS L 287 9.01 -96.82 -46.61
CA LYS L 287 8.02 -96.59 -45.57
C LYS L 287 8.12 -95.16 -45.07
N ILE L 288 7.06 -94.37 -45.23
CA ILE L 288 7.11 -92.94 -44.91
C ILE L 288 5.99 -92.51 -43.98
N ALA L 289 6.34 -91.68 -43.00
CA ALA L 289 5.35 -91.07 -42.11
C ALA L 289 5.34 -89.55 -42.29
N LEU L 290 4.18 -89.01 -42.64
CA LEU L 290 4.04 -87.56 -42.80
C LEU L 290 3.25 -86.98 -41.62
N VAL L 291 3.91 -86.12 -40.86
CA VAL L 291 3.30 -85.55 -39.65
C VAL L 291 2.92 -84.09 -39.87
N GLY L 292 1.67 -83.76 -39.57
CA GLY L 292 1.21 -82.39 -39.73
C GLY L 292 0.76 -81.78 -38.41
N LYS L 293 1.17 -80.54 -38.17
CA LYS L 293 0.72 -79.81 -36.99
C LYS L 293 -0.74 -79.41 -37.16
N GLY L 294 -1.55 -79.72 -36.15
CA GLY L 294 -2.98 -79.49 -36.25
C GLY L 294 -3.59 -78.74 -35.09
N ILE L 295 -3.20 -77.48 -34.92
CA ILE L 295 -3.83 -76.62 -33.93
C ILE L 295 -4.96 -75.84 -34.59
N THR L 296 -6.20 -76.25 -34.33
CA THR L 296 -7.37 -75.66 -35.00
C THR L 296 -7.52 -74.19 -34.66
N PHE L 297 -7.12 -73.81 -33.45
CA PHE L 297 -6.95 -72.40 -33.10
C PHE L 297 -5.88 -72.22 -32.05
N ASP L 298 -5.02 -71.23 -32.26
CA ASP L 298 -3.93 -70.95 -31.34
C ASP L 298 -4.10 -69.58 -30.69
N SER L 299 -4.66 -69.56 -29.49
CA SER L 299 -4.80 -68.33 -28.74
C SER L 299 -3.47 -67.96 -28.10
N GLY L 300 -2.62 -68.97 -27.93
CA GLY L 300 -1.33 -68.80 -27.29
C GLY L 300 -1.34 -69.33 -25.88
N GLY L 301 -2.51 -69.72 -25.40
CA GLY L 301 -2.67 -70.19 -24.05
C GLY L 301 -2.53 -69.03 -23.08
N TYR L 302 -2.01 -69.31 -21.88
CA TYR L 302 -1.84 -68.26 -20.89
C TYR L 302 -0.74 -67.29 -21.29
N ASN L 303 0.12 -67.71 -22.22
CA ASN L 303 1.00 -66.79 -22.92
C ASN L 303 0.24 -66.18 -24.09
N LEU L 304 -0.83 -65.45 -23.77
CA LEU L 304 -1.78 -64.95 -24.75
C LEU L 304 -1.12 -64.08 -25.82
N LYS L 305 -1.62 -64.20 -27.05
CA LYS L 305 -1.17 -63.35 -28.14
C LYS L 305 -1.78 -61.96 -28.02
N ALA L 306 -1.16 -61.13 -27.19
CA ALA L 306 -1.66 -59.78 -26.93
C ALA L 306 -0.70 -58.73 -27.45
N ALA L 307 0.56 -59.14 -27.62
CA ALA L 307 1.59 -58.26 -28.15
C ALA L 307 1.27 -57.86 -29.59
N PRO L 308 1.65 -56.64 -29.98
CA PRO L 308 1.40 -56.15 -31.35
C PRO L 308 2.05 -57.04 -32.41
N GLY L 309 1.28 -57.41 -33.43
CA GLY L 309 1.80 -58.22 -34.52
C GLY L 309 1.79 -59.71 -34.25
N SER L 310 1.09 -60.12 -33.20
CA SER L 310 1.00 -61.54 -32.86
C SER L 310 -0.02 -62.25 -33.75
N MET L 311 -0.82 -61.46 -34.47
CA MET L 311 -1.74 -61.99 -35.49
C MET L 311 -2.72 -63.04 -34.97
N ILE L 312 -3.38 -62.75 -33.85
CA ILE L 312 -4.26 -63.73 -33.23
C ILE L 312 -5.53 -63.96 -34.05
N ASP L 313 -5.93 -62.95 -34.84
CA ASP L 313 -7.14 -63.06 -35.64
C ASP L 313 -6.96 -63.97 -36.84
N LEU L 314 -5.71 -64.39 -37.06
CA LEU L 314 -5.35 -65.22 -38.19
C LEU L 314 -5.15 -66.67 -37.76
N MET L 315 -5.02 -66.89 -36.46
CA MET L 315 -4.56 -68.15 -35.90
C MET L 315 -5.47 -69.36 -36.11
N LYS L 316 -6.35 -69.30 -37.11
CA LYS L 316 -7.09 -70.48 -37.54
C LYS L 316 -6.24 -71.26 -38.55
N PHE L 317 -5.21 -70.60 -39.06
CA PHE L 317 -4.33 -71.17 -40.07
C PHE L 317 -3.31 -72.13 -39.48
N ASP L 318 -3.35 -72.28 -38.16
CA ASP L 318 -2.31 -73.00 -37.43
C ASP L 318 -2.43 -74.52 -37.57
N MET L 319 -3.20 -74.96 -38.55
CA MET L 319 -3.35 -76.38 -38.85
C MET L 319 -3.02 -76.63 -40.31
N SER L 320 -2.30 -75.67 -40.90
CA SER L 320 -1.87 -75.75 -42.29
C SER L 320 -1.05 -77.00 -42.54
N GLY L 321 -0.27 -77.41 -41.54
CA GLY L 321 0.53 -78.61 -41.62
C GLY L 321 -0.34 -79.83 -41.77
N CYS L 322 -1.36 -79.94 -40.92
CA CYS L 322 -2.32 -81.02 -41.01
C CYS L 322 -3.06 -80.97 -42.34
N ALA L 323 -3.47 -79.78 -42.73
CA ALA L 323 -4.18 -79.57 -43.98
C ALA L 323 -3.34 -79.99 -45.18
N ALA L 324 -2.06 -79.66 -45.14
CA ALA L 324 -1.13 -80.02 -46.21
C ALA L 324 -1.00 -81.53 -46.31
N VAL L 325 -0.96 -82.19 -45.15
CA VAL L 325 -0.83 -83.64 -45.11
C VAL L 325 -2.11 -84.32 -45.61
N LEU L 326 -3.26 -83.80 -45.18
CA LEU L 326 -4.54 -84.32 -45.64
C LEU L 326 -4.73 -84.05 -47.12
N GLY L 327 -4.30 -82.88 -47.57
CA GLY L 327 -4.36 -82.53 -48.98
C GLY L 327 -3.44 -83.44 -49.77
N CYS L 328 -2.31 -83.79 -49.17
CA CYS L 328 -1.37 -84.74 -49.77
C CYS L 328 -2.00 -86.13 -49.84
N ALA L 329 -2.74 -86.47 -48.79
CA ALA L 329 -3.42 -87.76 -48.72
C ALA L 329 -4.37 -87.94 -49.90
N TYR L 330 -4.99 -86.84 -50.32
CA TYR L 330 -5.87 -86.87 -51.48
C TYR L 330 -5.08 -87.20 -52.75
N CYS L 331 -3.99 -86.46 -52.96
CA CYS L 331 -3.17 -86.63 -54.16
C CYS L 331 -2.60 -88.04 -54.26
N VAL L 332 -2.07 -88.54 -53.15
CA VAL L 332 -1.49 -89.87 -53.11
C VAL L 332 -2.58 -90.93 -53.30
N GLY L 333 -3.70 -90.75 -52.62
CA GLY L 333 -4.80 -91.68 -52.71
C GLY L 333 -5.49 -91.68 -54.07
N THR L 334 -5.26 -90.62 -54.84
CA THR L 334 -5.87 -90.49 -56.16
C THR L 334 -4.94 -90.99 -57.26
N LEU L 335 -3.67 -90.57 -57.21
CA LEU L 335 -2.70 -90.95 -58.21
C LEU L 335 -2.20 -92.38 -58.01
N LYS L 336 -2.26 -92.85 -56.76
CA LYS L 336 -1.86 -94.21 -56.40
C LYS L 336 -0.44 -94.56 -56.82
N PRO L 337 0.57 -94.02 -56.12
CA PRO L 337 1.97 -94.34 -56.42
C PRO L 337 2.31 -95.77 -56.02
N GLU L 338 3.38 -96.33 -56.59
CA GLU L 338 3.74 -97.71 -56.33
C GLU L 338 4.93 -97.87 -55.38
N ASN L 339 5.04 -99.07 -54.80
CA ASN L 339 6.17 -99.46 -53.97
C ASN L 339 6.40 -98.57 -52.76
N VAL L 340 5.32 -98.01 -52.21
CA VAL L 340 5.46 -97.11 -51.08
C VAL L 340 4.29 -97.23 -50.11
N GLU L 341 4.56 -97.02 -48.82
CA GLU L 341 3.53 -97.01 -47.79
C GLU L 341 3.61 -95.71 -46.99
N ILE L 342 2.51 -94.96 -46.98
CA ILE L 342 2.51 -93.64 -46.36
C ILE L 342 1.61 -93.58 -45.13
N HIS L 343 2.11 -92.95 -44.07
CA HIS L 343 1.31 -92.68 -42.89
C HIS L 343 1.04 -91.19 -42.75
N PHE L 344 -0.23 -90.82 -42.79
CA PHE L 344 -0.64 -89.43 -42.64
C PHE L 344 -1.06 -89.17 -41.20
N LEU L 345 -0.20 -88.49 -40.44
CA LEU L 345 -0.44 -88.29 -39.01
C LEU L 345 -0.64 -86.82 -38.66
N SER L 346 -1.47 -86.58 -37.63
CA SER L 346 -1.64 -85.24 -37.10
C SER L 346 -2.28 -85.26 -35.72
N ALA L 347 -1.57 -84.72 -34.74
CA ALA L 347 -2.10 -84.58 -33.39
C ALA L 347 -2.91 -83.29 -33.29
N VAL L 348 -4.22 -83.41 -33.45
CA VAL L 348 -5.09 -82.24 -33.55
C VAL L 348 -5.65 -81.83 -32.20
N CYS L 349 -5.59 -80.53 -31.90
CA CYS L 349 -6.18 -79.97 -30.69
C CYS L 349 -6.31 -78.45 -30.80
N GLU L 350 -6.73 -77.82 -29.70
CA GLU L 350 -6.92 -76.38 -29.67
C GLU L 350 -6.28 -75.77 -28.42
N ASN L 351 -5.52 -74.69 -28.60
CA ASN L 351 -4.82 -74.04 -27.49
C ASN L 351 -5.61 -72.84 -26.97
N MET L 352 -6.30 -73.04 -25.85
CA MET L 352 -7.22 -72.02 -25.32
C MET L 352 -6.90 -71.59 -23.89
N VAL L 353 -7.60 -70.56 -23.43
CA VAL L 353 -7.45 -70.07 -22.07
C VAL L 353 -8.62 -70.51 -21.21
N SER L 354 -8.33 -71.24 -20.15
CA SER L 354 -9.37 -71.79 -19.28
C SER L 354 -8.82 -72.08 -17.90
N LYS L 355 -9.69 -72.53 -17.00
CA LYS L 355 -9.25 -72.98 -15.68
C LYS L 355 -8.54 -74.31 -15.83
N ASN L 356 -8.83 -75.00 -16.93
CA ASN L 356 -8.29 -76.34 -17.17
C ASN L 356 -7.02 -76.32 -18.01
N SER L 357 -6.61 -75.14 -18.45
CA SER L 357 -5.43 -75.00 -19.29
C SER L 357 -4.15 -75.30 -18.51
N TYR L 358 -3.11 -75.73 -19.23
CA TYR L 358 -1.80 -75.90 -18.64
C TYR L 358 -1.13 -74.53 -18.47
N ARG L 359 -0.32 -74.41 -17.44
CA ARG L 359 0.29 -73.12 -17.09
C ARG L 359 1.75 -73.07 -17.49
N PRO L 360 2.29 -71.85 -17.68
CA PRO L 360 3.73 -71.70 -17.87
C PRO L 360 4.47 -72.17 -16.62
N GLY L 361 5.48 -73.02 -16.81
CA GLY L 361 6.22 -73.57 -15.69
C GLY L 361 5.86 -75.01 -15.40
N ASP L 362 4.72 -75.46 -15.94
CA ASP L 362 4.27 -76.83 -15.75
C ASP L 362 5.25 -77.84 -16.33
N ILE L 363 5.43 -78.95 -15.62
CA ILE L 363 6.28 -80.03 -16.10
C ILE L 363 5.42 -81.21 -16.54
N ILE L 364 5.56 -81.58 -17.81
CA ILE L 364 4.74 -82.64 -18.39
C ILE L 364 5.63 -83.77 -18.92
N THR L 365 5.04 -84.94 -19.07
CA THR L 365 5.81 -86.11 -19.50
C THR L 365 5.37 -86.59 -20.88
N ALA L 366 6.32 -86.61 -21.82
CA ALA L 366 6.05 -87.11 -23.17
C ALA L 366 5.89 -88.62 -23.17
N SER L 367 5.46 -89.17 -24.30
CA SER L 367 5.16 -90.60 -24.39
C SER L 367 6.40 -91.47 -24.41
N ASN L 368 7.58 -90.86 -24.52
CA ASN L 368 8.82 -91.62 -24.48
C ASN L 368 9.53 -91.48 -23.14
N GLY L 369 8.88 -90.80 -22.20
CA GLY L 369 9.38 -90.69 -20.84
C GLY L 369 10.05 -89.37 -20.51
N LYS L 370 10.39 -88.60 -21.53
CA LYS L 370 11.06 -87.32 -21.33
C LYS L 370 10.16 -86.31 -20.64
N THR L 371 10.63 -85.76 -19.53
CA THR L 371 9.91 -84.69 -18.84
C THR L 371 10.23 -83.35 -19.49
N ILE L 372 9.22 -82.51 -19.64
CA ILE L 372 9.37 -81.23 -20.32
C ILE L 372 8.90 -80.07 -19.45
N GLU L 373 9.78 -79.09 -19.24
CA GLU L 373 9.40 -77.88 -18.52
C GLU L 373 8.85 -76.85 -19.50
N VAL L 374 7.56 -76.55 -19.36
CA VAL L 374 6.90 -75.59 -20.25
C VAL L 374 7.23 -74.16 -19.86
N GLY L 375 7.95 -73.47 -20.74
CA GLY L 375 8.33 -72.08 -20.50
C GLY L 375 7.42 -71.12 -21.22
N ASN L 376 6.68 -71.63 -22.20
CA ASN L 376 5.79 -70.80 -23.00
C ASN L 376 4.64 -71.62 -23.58
N THR L 377 3.41 -71.30 -23.16
CA THR L 377 2.23 -72.02 -23.63
C THR L 377 1.93 -71.74 -25.10
N ASP L 378 2.50 -70.66 -25.62
CA ASP L 378 2.30 -70.27 -27.01
C ASP L 378 3.28 -71.03 -27.92
N ALA L 379 4.12 -71.85 -27.31
CA ALA L 379 5.01 -72.74 -28.06
C ALA L 379 4.46 -74.16 -27.98
N GLU L 380 3.18 -74.31 -28.27
CA GLU L 380 2.47 -75.56 -28.08
C GLU L 380 2.61 -76.52 -29.27
N GLY L 381 3.05 -75.99 -30.40
CA GLY L 381 3.18 -76.79 -31.61
C GLY L 381 4.18 -77.93 -31.47
N ARG L 382 5.34 -77.62 -30.90
CA ARG L 382 6.40 -78.60 -30.73
C ARG L 382 6.03 -79.65 -29.70
N LEU L 383 5.17 -79.28 -28.75
CA LEU L 383 4.73 -80.20 -27.72
C LEU L 383 3.87 -81.30 -28.36
N THR L 384 2.90 -80.89 -29.17
CA THR L 384 2.04 -81.82 -29.86
C THR L 384 2.85 -82.64 -30.87
N LEU L 385 3.81 -81.98 -31.52
CA LEU L 385 4.67 -82.66 -32.49
C LEU L 385 5.58 -83.69 -31.82
N ALA L 386 5.97 -83.42 -30.58
CA ALA L 386 6.86 -84.32 -29.85
C ALA L 386 6.24 -85.71 -29.68
N ASP L 387 4.99 -85.76 -29.26
CA ASP L 387 4.29 -87.03 -29.08
C ASP L 387 3.91 -87.63 -30.43
N ALA L 388 3.67 -86.77 -31.42
CA ALA L 388 3.38 -87.23 -32.76
C ALA L 388 4.60 -87.94 -33.37
N LEU L 389 5.79 -87.39 -33.10
CA LEU L 389 7.02 -87.96 -33.61
C LEU L 389 7.37 -89.29 -32.95
N VAL L 390 7.06 -89.42 -31.66
CA VAL L 390 7.27 -90.68 -30.94
C VAL L 390 6.34 -91.75 -31.51
N TYR L 391 5.08 -91.37 -31.73
CA TYR L 391 4.10 -92.26 -32.37
C TYR L 391 4.56 -92.61 -33.78
N ALA L 392 5.10 -91.63 -34.48
CA ALA L 392 5.54 -91.80 -35.87
C ALA L 392 6.69 -92.79 -35.98
N GLU L 393 7.64 -92.69 -35.07
CA GLU L 393 8.83 -93.55 -35.12
C GLU L 393 8.50 -94.98 -34.72
N LYS L 394 7.44 -95.16 -33.94
CA LYS L 394 7.03 -96.49 -33.52
C LYS L 394 6.38 -97.28 -34.66
N LEU L 395 6.06 -96.59 -35.75
CA LEU L 395 5.46 -97.23 -36.90
C LEU L 395 6.49 -97.99 -37.73
N GLY L 396 7.76 -97.73 -37.46
CA GLY L 396 8.85 -98.38 -38.17
C GLY L 396 8.95 -97.92 -39.61
N VAL L 397 9.14 -96.61 -39.80
CA VAL L 397 9.22 -96.03 -41.13
C VAL L 397 10.67 -95.71 -41.51
N ASP L 398 10.91 -95.49 -42.80
CA ASP L 398 12.25 -95.14 -43.27
C ASP L 398 12.46 -93.63 -43.23
N TYR L 399 11.40 -92.88 -43.48
CA TYR L 399 11.47 -91.43 -43.44
C TYR L 399 10.34 -90.84 -42.57
N ILE L 400 10.69 -89.83 -41.78
CA ILE L 400 9.69 -89.05 -41.06
C ILE L 400 9.79 -87.58 -41.46
N VAL L 401 8.72 -87.05 -42.05
CA VAL L 401 8.71 -85.64 -42.44
C VAL L 401 7.54 -84.93 -41.78
N ASP L 402 7.85 -83.94 -40.93
CA ASP L 402 6.80 -83.15 -40.32
C ASP L 402 6.73 -81.76 -40.94
N ILE L 403 5.53 -81.21 -41.01
CA ILE L 403 5.32 -79.87 -41.55
C ILE L 403 4.45 -79.07 -40.57
N ALA L 404 4.87 -77.84 -40.27
CA ALA L 404 4.23 -77.09 -39.20
C ALA L 404 4.45 -75.59 -39.31
N THR L 405 3.42 -74.83 -38.94
CA THR L 405 3.56 -73.39 -38.75
C THR L 405 4.12 -73.16 -37.35
N LEU L 406 5.39 -73.47 -37.18
CA LEU L 406 5.99 -73.60 -35.85
C LEU L 406 6.44 -72.28 -35.23
N THR L 407 7.30 -71.54 -35.94
CA THR L 407 7.87 -70.32 -35.37
C THR L 407 7.66 -69.09 -36.24
N GLY L 408 7.25 -67.98 -35.62
CA GLY L 408 7.04 -66.74 -36.32
C GLY L 408 8.34 -66.05 -36.72
N ALA L 409 9.46 -66.63 -36.31
CA ALA L 409 10.78 -66.09 -36.66
C ALA L 409 11.08 -66.33 -38.14
N MET L 410 10.34 -67.26 -38.74
CA MET L 410 10.51 -67.57 -40.16
C MET L 410 10.21 -66.36 -41.03
N LEU L 411 9.30 -65.51 -40.56
CA LEU L 411 8.95 -64.28 -41.26
C LEU L 411 10.15 -63.33 -41.33
N TYR L 412 11.05 -63.46 -40.36
CA TYR L 412 12.26 -62.65 -40.32
C TYR L 412 13.44 -63.38 -40.97
N SER L 413 13.27 -64.67 -41.18
CA SER L 413 14.34 -65.51 -41.71
C SER L 413 14.27 -65.63 -43.23
N LEU L 414 13.26 -66.34 -43.72
CA LEU L 414 13.11 -66.56 -45.15
C LEU L 414 12.00 -65.70 -45.73
N GLY L 415 11.09 -65.26 -44.88
CA GLY L 415 9.99 -64.40 -45.31
C GLY L 415 8.73 -65.18 -45.63
N THR L 416 8.01 -64.73 -46.65
CA THR L 416 6.70 -65.27 -46.97
C THR L 416 6.71 -66.18 -48.19
N SER L 417 7.87 -66.33 -48.82
CA SER L 417 7.96 -67.10 -50.06
C SER L 417 8.60 -68.47 -49.87
N TYR L 418 9.69 -68.52 -49.11
CA TYR L 418 10.41 -69.78 -48.90
C TYR L 418 10.13 -70.36 -47.52
N ALA L 419 9.83 -71.66 -47.48
CA ALA L 419 9.72 -72.38 -46.22
C ALA L 419 11.09 -72.90 -45.83
N GLY L 420 11.29 -73.12 -44.54
CA GLY L 420 12.56 -73.64 -44.06
C GLY L 420 12.47 -75.11 -43.74
N VAL L 421 13.50 -75.87 -44.10
CA VAL L 421 13.55 -77.28 -43.77
C VAL L 421 14.74 -77.59 -42.87
N PHE L 422 14.50 -78.36 -41.81
CA PHE L 422 15.53 -78.80 -40.89
C PHE L 422 15.52 -80.32 -40.86
N GLY L 423 16.63 -80.93 -40.47
CA GLY L 423 16.70 -82.38 -40.44
C GLY L 423 17.90 -82.99 -39.75
N ASN L 424 17.90 -84.31 -39.65
CA ASN L 424 19.01 -85.04 -39.04
C ASN L 424 19.69 -85.96 -40.06
N ASN L 425 19.25 -85.87 -41.30
CA ASN L 425 19.75 -86.73 -42.36
C ASN L 425 19.90 -85.98 -43.68
N GLU L 426 21.12 -85.94 -44.20
CA GLU L 426 21.43 -85.16 -45.40
C GLU L 426 20.72 -85.70 -46.65
N GLU L 427 20.57 -87.02 -46.74
CA GLU L 427 19.94 -87.64 -47.90
C GLU L 427 18.47 -87.26 -47.97
N LEU L 428 17.80 -87.25 -46.82
CA LEU L 428 16.39 -86.90 -46.76
C LEU L 428 16.18 -85.42 -47.08
N ILE L 429 17.08 -84.57 -46.59
CA ILE L 429 17.01 -83.14 -46.86
C ILE L 429 17.11 -82.87 -48.37
N ASN L 430 18.02 -83.58 -49.03
CA ASN L 430 18.22 -83.41 -50.46
C ASN L 430 16.99 -83.85 -51.27
N LYS L 431 16.28 -84.86 -50.78
CA LYS L 431 15.07 -85.32 -51.44
C LYS L 431 13.99 -84.25 -51.36
N ILE L 432 13.87 -83.63 -50.18
CA ILE L 432 12.92 -82.55 -49.98
C ILE L 432 13.23 -81.37 -50.91
N LEU L 433 14.52 -81.08 -51.06
CA LEU L 433 14.96 -80.01 -51.94
C LEU L 433 14.65 -80.33 -53.40
N GLN L 434 14.86 -81.59 -53.78
CA GLN L 434 14.55 -82.02 -55.14
C GLN L 434 13.05 -81.99 -55.39
N SER L 435 12.28 -82.34 -54.36
CA SER L 435 10.83 -82.28 -54.44
C SER L 435 10.36 -80.84 -54.55
N SER L 436 11.12 -79.94 -53.94
CA SER L 436 10.82 -78.51 -54.01
C SER L 436 11.00 -77.96 -55.41
N LYS L 437 11.95 -78.54 -56.14
CA LYS L 437 12.26 -78.09 -57.49
C LYS L 437 11.18 -78.52 -58.48
N THR L 438 10.76 -79.79 -58.39
CA THR L 438 9.79 -80.34 -59.32
C THR L 438 8.36 -79.87 -59.03
N SER L 439 8.10 -79.54 -57.76
CA SER L 439 6.77 -79.08 -57.36
C SER L 439 6.64 -77.56 -57.48
N ASN L 440 7.79 -76.90 -57.61
CA ASN L 440 7.86 -75.44 -57.62
C ASN L 440 7.26 -74.80 -56.38
N GLU L 441 7.35 -75.51 -55.26
CA GLU L 441 7.08 -74.93 -53.95
C GLU L 441 8.41 -74.75 -53.22
N PRO L 442 8.89 -73.49 -53.17
CA PRO L 442 10.25 -73.16 -52.70
C PRO L 442 10.49 -73.48 -51.23
N VAL L 443 11.57 -74.21 -50.96
CA VAL L 443 11.97 -74.56 -49.61
C VAL L 443 13.48 -74.40 -49.47
N TRP L 444 13.94 -73.80 -48.38
CA TRP L 444 15.37 -73.59 -48.17
C TRP L 444 15.90 -74.34 -46.96
N TRP L 445 17.06 -74.96 -47.11
CA TRP L 445 17.68 -75.73 -46.05
C TRP L 445 18.31 -74.83 -44.98
N LEU L 446 17.88 -75.03 -43.74
CA LEU L 446 18.44 -74.30 -42.61
C LEU L 446 19.09 -75.29 -41.64
N PRO L 447 20.15 -74.85 -40.93
CA PRO L 447 20.90 -75.77 -40.09
C PRO L 447 20.31 -75.96 -38.69
N ILE L 448 20.44 -77.17 -38.16
CA ILE L 448 20.16 -77.41 -36.75
C ILE L 448 21.47 -77.30 -35.98
N ILE L 449 21.70 -76.13 -35.38
CA ILE L 449 22.96 -75.84 -34.73
C ILE L 449 23.03 -76.44 -33.32
N ASN L 450 23.84 -77.49 -33.18
CA ASN L 450 23.91 -78.26 -31.94
C ASN L 450 24.48 -77.48 -30.76
N GLU L 451 25.13 -76.36 -31.03
CA GLU L 451 25.72 -75.55 -29.98
C GLU L 451 24.64 -74.93 -29.09
N TYR L 452 23.44 -74.76 -29.65
CA TYR L 452 22.34 -74.13 -28.93
C TYR L 452 21.59 -75.11 -28.03
N ARG L 453 21.94 -76.39 -28.14
CA ARG L 453 21.24 -77.45 -27.42
C ARG L 453 21.27 -77.27 -25.91
N ALA L 454 22.40 -76.79 -25.40
CA ALA L 454 22.60 -76.63 -23.97
C ALA L 454 21.60 -75.66 -23.33
N THR L 455 21.00 -74.81 -24.15
CA THR L 455 20.06 -73.81 -23.65
C THR L 455 18.69 -74.42 -23.37
N LEU L 456 18.52 -75.69 -23.73
CA LEU L 456 17.27 -76.39 -23.44
C LEU L 456 17.41 -77.25 -22.20
N ASN L 457 18.56 -77.16 -21.54
CA ASN L 457 18.80 -77.88 -20.29
C ASN L 457 17.92 -77.37 -19.16
N SER L 458 16.96 -78.18 -18.75
CA SER L 458 16.08 -77.81 -17.64
C SER L 458 16.73 -78.10 -16.29
N LYS L 459 16.53 -77.20 -15.35
CA LYS L 459 17.07 -77.37 -14.00
C LYS L 459 16.39 -78.53 -13.29
N TYR L 460 15.11 -78.74 -13.59
CA TYR L 460 14.31 -79.74 -12.90
C TYR L 460 13.82 -80.86 -13.81
N ALA L 461 13.42 -80.52 -15.02
CA ALA L 461 12.96 -81.52 -15.98
C ALA L 461 14.13 -82.04 -16.80
N ASP L 462 13.85 -82.98 -17.69
CA ASP L 462 14.88 -83.52 -18.58
C ASP L 462 15.28 -82.48 -19.62
N ILE L 463 14.32 -81.68 -20.05
CA ILE L 463 14.56 -80.71 -21.11
C ILE L 463 13.58 -79.53 -21.05
N ASN L 464 14.05 -78.37 -21.50
CA ASN L 464 13.19 -77.20 -21.62
C ASN L 464 12.41 -77.21 -22.94
N GLN L 465 11.17 -76.76 -22.88
CA GLN L 465 10.35 -76.60 -24.08
C GLN L 465 10.96 -75.52 -24.98
N ILE L 466 11.22 -74.36 -24.40
CA ILE L 466 11.84 -73.26 -25.11
C ILE L 466 13.15 -72.86 -24.46
N SER L 467 13.86 -71.92 -25.07
CA SER L 467 15.08 -71.39 -24.49
C SER L 467 14.83 -70.03 -23.84
N SER L 468 15.11 -69.93 -22.55
CA SER L 468 15.18 -68.62 -21.92
C SER L 468 16.38 -67.91 -22.52
N SER L 469 16.17 -66.66 -22.93
CA SER L 469 17.12 -65.94 -23.78
C SER L 469 17.27 -66.65 -25.12
N VAL L 470 18.52 -66.99 -25.47
CA VAL L 470 18.97 -67.44 -26.81
C VAL L 470 17.91 -67.48 -27.90
N LYS L 471 18.09 -66.63 -28.91
CA LYS L 471 17.12 -66.51 -29.97
C LYS L 471 17.46 -67.42 -31.12
N ALA L 472 16.93 -67.09 -32.29
CA ALA L 472 16.82 -67.99 -33.42
C ALA L 472 15.90 -69.13 -32.98
N SER L 473 14.62 -68.78 -32.83
CA SER L 473 13.59 -69.68 -32.30
C SER L 473 13.39 -70.91 -33.18
N SER L 474 13.55 -70.73 -34.48
CA SER L 474 13.31 -71.80 -35.44
C SER L 474 14.32 -72.94 -35.28
N ILE L 475 15.57 -72.58 -34.99
CA ILE L 475 16.62 -73.57 -34.84
C ILE L 475 16.49 -74.28 -33.49
N VAL L 476 16.19 -73.51 -32.46
CA VAL L 476 16.00 -74.07 -31.12
C VAL L 476 14.83 -75.05 -31.11
N ALA L 477 13.74 -74.67 -31.78
CA ALA L 477 12.56 -75.53 -31.88
C ALA L 477 12.89 -76.85 -32.56
N SER L 478 13.76 -76.79 -33.57
CA SER L 478 14.20 -77.99 -34.28
C SER L 478 15.05 -78.86 -33.39
N LEU L 479 15.84 -78.23 -32.53
CA LEU L 479 16.67 -78.96 -31.56
C LEU L 479 15.80 -79.72 -30.58
N PHE L 480 14.62 -79.19 -30.29
CA PHE L 480 13.69 -79.83 -29.38
C PHE L 480 13.04 -81.04 -30.01
N LEU L 481 12.55 -80.89 -31.24
CA LEU L 481 11.91 -81.98 -31.96
C LEU L 481 12.89 -83.12 -32.21
N LYS L 482 14.15 -82.77 -32.43
CA LYS L 482 15.20 -83.74 -32.70
C LYS L 482 15.38 -84.71 -31.54
N GLU L 483 15.04 -84.26 -30.34
CA GLU L 483 15.17 -85.07 -29.14
C GLU L 483 14.14 -86.20 -29.07
N PHE L 484 13.15 -86.16 -29.97
CA PHE L 484 12.08 -87.16 -29.97
C PHE L 484 12.12 -88.07 -31.20
N VAL L 485 13.24 -88.02 -31.92
CA VAL L 485 13.51 -88.96 -33.00
C VAL L 485 14.87 -89.61 -32.75
N GLN L 486 14.86 -90.89 -32.38
CA GLN L 486 16.06 -91.55 -31.87
C GLN L 486 16.96 -92.14 -32.96
N ASN L 487 16.37 -92.86 -33.90
CA ASN L 487 17.16 -93.53 -34.92
C ASN L 487 16.42 -93.65 -36.25
N THR L 488 15.86 -92.55 -36.71
CA THR L 488 15.13 -92.52 -37.98
C THR L 488 15.45 -91.25 -38.75
N ALA L 489 15.58 -91.37 -40.07
CA ALA L 489 15.77 -90.20 -40.93
C ALA L 489 14.55 -89.28 -40.80
N TRP L 490 14.80 -88.05 -40.38
CA TRP L 490 13.71 -87.13 -40.06
C TRP L 490 13.96 -85.71 -40.57
N ALA L 491 12.90 -85.09 -41.08
CA ALA L 491 12.98 -83.71 -41.58
C ALA L 491 11.84 -82.87 -41.04
N HIS L 492 12.11 -81.57 -40.88
CA HIS L 492 11.13 -80.65 -40.31
C HIS L 492 10.95 -79.41 -41.20
N ILE L 493 9.75 -79.22 -41.72
CA ILE L 493 9.47 -78.09 -42.59
C ILE L 493 8.64 -77.03 -41.86
N ASP L 494 9.22 -75.85 -41.69
CA ASP L 494 8.54 -74.76 -41.00
C ASP L 494 7.86 -73.84 -42.01
N ILE L 495 6.53 -73.85 -42.02
CA ILE L 495 5.77 -73.09 -43.01
C ILE L 495 5.01 -71.93 -42.41
N ALA L 496 5.45 -71.46 -41.24
CA ALA L 496 4.74 -70.40 -40.53
C ALA L 496 4.69 -69.10 -41.33
N GLY L 497 5.69 -68.87 -42.16
CA GLY L 497 5.76 -67.64 -42.94
C GLY L 497 5.08 -67.73 -44.29
N VAL L 498 5.04 -68.93 -44.85
CA VAL L 498 4.56 -69.12 -46.22
C VAL L 498 3.16 -69.71 -46.31
N SER L 499 2.59 -70.08 -45.17
CA SER L 499 1.28 -70.73 -45.15
C SER L 499 0.16 -69.81 -45.64
N TRP L 500 0.15 -68.58 -45.14
CA TRP L 500 -0.93 -67.65 -45.44
C TRP L 500 -0.51 -66.59 -46.45
N ASN L 501 -1.28 -66.46 -47.52
CA ASN L 501 -1.08 -65.39 -48.49
C ASN L 501 -1.64 -64.10 -47.93
N PHE L 502 -0.77 -63.27 -47.36
CA PHE L 502 -1.19 -62.05 -46.69
C PHE L 502 -1.75 -61.02 -47.67
N LYS L 503 -1.21 -61.01 -48.89
CA LYS L 503 -1.66 -60.08 -49.91
C LYS L 503 -3.07 -60.42 -50.40
N ALA L 504 -3.30 -61.69 -50.67
CA ALA L 504 -4.58 -62.14 -51.22
C ALA L 504 -5.60 -62.47 -50.14
N ARG L 505 -5.17 -62.42 -48.88
CA ARG L 505 -6.03 -62.69 -47.72
C ARG L 505 -6.64 -64.08 -47.73
N LYS L 506 -5.86 -65.08 -48.14
CA LYS L 506 -6.34 -66.45 -48.20
C LYS L 506 -5.18 -67.43 -48.05
N PRO L 507 -5.49 -68.71 -47.72
CA PRO L 507 -4.41 -69.70 -47.61
C PRO L 507 -3.74 -69.98 -48.95
N LYS L 508 -2.56 -70.59 -48.90
CA LYS L 508 -1.87 -71.00 -50.13
C LYS L 508 -2.04 -72.50 -50.36
N GLY L 509 -2.37 -73.23 -49.30
CA GLY L 509 -2.40 -74.67 -49.35
C GLY L 509 -0.99 -75.19 -49.56
N PHE L 510 -0.03 -74.48 -48.98
CA PHE L 510 1.39 -74.77 -49.18
C PHE L 510 1.79 -76.11 -48.56
N GLY L 511 2.55 -76.90 -49.32
CA GLY L 511 3.07 -78.16 -48.81
C GLY L 511 2.48 -79.39 -49.46
N VAL L 512 1.27 -79.26 -50.00
CA VAL L 512 0.57 -80.40 -50.60
C VAL L 512 1.35 -80.96 -51.79
N ARG L 513 1.67 -80.10 -52.75
CA ARG L 513 2.39 -80.52 -53.95
C ARG L 513 3.82 -80.90 -53.62
N LEU L 514 4.39 -80.25 -52.62
CA LEU L 514 5.74 -80.54 -52.15
C LEU L 514 5.85 -81.95 -51.61
N LEU L 515 4.93 -82.32 -50.71
CA LEU L 515 4.94 -83.63 -50.10
C LEU L 515 4.61 -84.74 -51.11
N THR L 516 3.70 -84.44 -52.03
CA THR L 516 3.28 -85.41 -53.04
C THR L 516 4.42 -85.73 -53.98
N GLU L 517 5.16 -84.71 -54.40
CA GLU L 517 6.32 -84.91 -55.26
C GLU L 517 7.39 -85.72 -54.54
N PHE L 518 7.43 -85.59 -53.21
CA PHE L 518 8.40 -86.33 -52.41
C PHE L 518 8.11 -87.82 -52.41
N VAL L 519 6.85 -88.19 -52.21
CA VAL L 519 6.47 -89.60 -52.14
C VAL L 519 6.43 -90.22 -53.54
N LEU L 520 6.21 -89.40 -54.57
CA LEU L 520 6.10 -89.89 -55.93
C LEU L 520 7.48 -90.14 -56.55
N ASN L 521 8.36 -89.17 -56.41
CA ASN L 521 9.68 -89.23 -57.03
C ASN L 521 10.71 -89.99 -56.20
N ASP L 522 10.24 -90.81 -55.26
CA ASP L 522 11.12 -91.60 -54.41
C ASP L 522 11.26 -93.03 -54.92
#